data_4AKI
#
_entry.id   4AKI
#
_cell.length_a   175.769
_cell.length_b   118.186
_cell.length_c   202.679
_cell.angle_alpha   90.00
_cell.angle_beta   90.91
_cell.angle_gamma   90.00
#
_symmetry.space_group_name_H-M   'P 1 21 1'
#
loop_
_entity.id
_entity.type
_entity.pdbx_description
1 polymer 'GLUTATHIONE S-TRANSFERASE CLASS-MU 26 KDA ISOZYME, DYNEIN HEAVY CHAIN CYTOPLASMIC'
2 non-polymer "ADENOSINE-5'-TRIPHOSPHATE"
3 non-polymer 'SULFATE ION'
4 non-polymer 'MAGNESIUM ION'
#
_entity_poly.entity_id   1
_entity_poly.type   'polypeptide(L)'
_entity_poly.pdbx_seq_one_letter_code
;SPILGYWKIKGLVQPTRLLLEYLEEKYEEHLYERDEGDKWRNKKFELGLEFPNLPYYIDGDVKLTQSMAIIRYIADKHNM
LGGCPKERAEISMLEGAVLDIRYGVSRIAYSKDFETLKVDFLSKLPEMLKMFEDRLCHKTYLNGDHVTHPDFMLYDALDV
VLYMDPMCLDAFPKLVCFKKRIEAIPQIDKYLKSSKYIAWPLQGWQATFGGGDHPPKSDEFVIEKSLNRIKKFWKEAQYE
VIEHSSGLKLVREWDVLEQACKEDLEELVSMKASNYYKIFEQDCLDLESKLTKLSEIQVNWVEVQFYWLDLYGILGENLD
IQNFLPLETSKFKSLTSEYKMITTRAFQLDTTIEVIHIPNFDTTLKLTIDSLKMIKSSLSTFLERQRRQFPRFYFLGNDD
LLKIIGSGKHHDQVSKFMKKMFGSIESIIFLEDFITGVRSVEGEVLNLNEKIELKDSIQAQEWLNILDTEIKLSVFTQFR
DCLGQIKDGTDIEVVVSKYIFQAILLSAQVMWTELVEKCLQTNQFSKYWKEVDMKIKGLLDKLNKSSDNVKKKIEALLVE
YLHFNNVIGQLKNCSTKEEARLLWAKVQKFYQKNDTLDDLNSVFISQSGYLLQYKFEYIGIPERLIYTPLLLIGFATLTD
SLHQKYGGCFFGPAGTGKTETVKAFGQNLGRVVVVFNCDDSFDYQVLSRLLVGITQIGAWGCFDEFNRLDEKVLSAVSAN
IQQIQNGLQVGKSHITLLEEETPLSPHTAVFITLNPGYNGRSELPENLKKSFREFSMKSPQSGTIAEMILQIMGFEDSKS
LASKIVHFLELLSSKCSSMNHYHFGLRTLKGVLRNCSPLISEFGEGEKTVVESLKRVILPSLGDTDELVFKDELSKIFDS
AGTPLNSKAIVQCLKDAGQRSGFSMSEEFLKKCMQFYYMQKTQQALILVGKAGCGKTATWKTVIDAMAIFDGHANVVYVI
DTKVLTKESLYGSMLKATLEWRDGLFTSILRRVNDDITGTFKNSRIWVVFDSDLDPEYVEAMNSVLDDNKILTLPNGERL
PIPPNFRILFETDNLDHTTPATITRCGLLWFSTDVCSISSKIDHLLNKSYEALDNKLSMFELDKLKDLISDSFDMASLTN
IFTCSNDLVHILGVRTFNKLETAVQLAVHLISSYRQWFQNLDDKSLKDVITLLIKRSLLYALAGDSTGESQRAFIQTINT
YFGHDSQELSDYSTIVIANDKLSFSSFCSEIPSVSLEAHEVMRPDIVIPTIDTIKHEKIFYDLLNSKRGIILCGPPGSGK
TMIMNNALRNSSLYDVVGINFSKDTTTEHILSALHRHTNYVTTSKGLTLLPKSDIKNLVLFCDEINLPKLDKYGSQNVVL
FLRQLMEKQGFWKTPENKWVTIERIHIVGACNPPTDPGRIPMSERFTRHAAILYLGYPSGKSLSQIYEIYYKAIFKLVPE
FRSYTEPFARASVHLYNECKARYSTGLQSHYLFSPRELTRLVRGVYTAINTGPRQTLRSLIRLWAYEAWRIFADRLVGVK
EKNSFEQLLYETVDKYLPNQDLGNISSTSLLFSGLLSLDFKEVNKTDLVNFIEERFKTFCDEELEVPMVIHESMVDHILR
IDRALKQVQGHMMLIGASRTGKTILTRFVAWLNGLKIVQPKIHRHSNLSDFDMILKKAISDCSLKESRTCLIIDESNILE
TAFLERMNTLLANADIPDLFQGEEYDKLLNNLRNKTRSLGLLLDTEQELYDWFVGEIAKNLHVVFTICDPTNNKSSAMIS
SPALFNRCIINWMGDWDTKTMSQVANNMVDVIPMEFTDFIVPEVNKELVFTEPIQTIRDAVVNILIHFDRNFYQKMKVGV
NPRSPGYFIDGLRALVKLVTAKYQDLQENQRFVNVGLEKLNESVLKVNELNKTLSISLVKSLTFEKERWLNTTKQFSKTS
QELIGNCIISSIYETYFGHLNERERADMLVILKRLLGKFAVKYDVNYRFIDYLVTLDEKMKWLECGLDKNDYFLENMSIV
MNSQDAVPFLLDPSSHMITVISNYYGNKTVLLSFLEEGFVKRLENAIRFGSVVIIQDGEFFDPIISRLISREFNHAGNRV
TVEIGDHEVDVSGDFKLFIHSCDPSGDIPIFLRSRVRLVHFVTNKESIETRIFDITLTEENAEMQRKREDLIKLNTEYKL
KLKNLEKRLLEELNNSQGNMLENDELMVTLNNLKKEAMNIEKKLSESEEFFPQFDNLVEEYSIIGKHSVKIFSMLEKFGQ
FHWFYGISIGQFLSCFKRVFIKKSRETRAARTRVDEILWLLYQEVYCQFSTALDKKFKMIMAMTMFCLYKFDIESEQYKE
AVLTMIGVLSESSDGVPKLTVDTNNDLRYLWDYVTTKSYISALNWFKNEFFVDEWNIADVVANSDNNYFTMASERDVDGT
FKLIELAKASKESLKIIPLGSIENLNYAQEEISKSKIEGGWILLQNIQMSLSWVKTYLHKHVEETKAAEEHEKFKMFMTC
HLTGDKLPAPLLQRTDRFVYEDIPGILDTVKDLWGSQFFTGKISGVWSVYCTFLLSWFHALITARTRLVPHGFSKKYYFN
DCDFQFASVYLENVLATNSTNNIPWAQVRDHIATIVYGGKIDEEKDLEVVAKLCAHVFCGSDNLQIVPGVRIPQPLLQQS
EEEERARLTAILSNTIEPADSLSSWLQLPRESILNYERLQAKEVASSTEQLLQEM
;
_entity_poly.pdbx_strand_id   A,B
#
loop_
_chem_comp.id
_chem_comp.type
_chem_comp.name
_chem_comp.formula
ATP non-polymer ADENOSINE-5'-TRIPHOSPHATE 'C10 H16 N5 O13 P3'
MG non-polymer 'MAGNESIUM ION' 'Mg 2'
SO4 non-polymer 'SULFATE ION' 'O4 S -2'
#
# COMPACT_ATOMS: atom_id res chain seq x y z
N SER A 1 8.49 -36.82 -31.14
CA SER A 1 7.89 -36.38 -29.86
C SER A 1 8.36 -34.97 -29.47
N PRO A 2 7.44 -33.99 -29.50
CA PRO A 2 7.70 -32.58 -29.20
C PRO A 2 8.25 -32.36 -27.79
N ILE A 3 8.92 -31.22 -27.60
CA ILE A 3 9.54 -30.85 -26.32
C ILE A 3 9.01 -29.51 -25.81
N LEU A 4 8.37 -29.56 -24.64
CA LEU A 4 7.64 -28.43 -24.11
C LEU A 4 8.24 -27.94 -22.81
N GLY A 5 8.61 -26.67 -22.78
CA GLY A 5 9.09 -26.03 -21.55
C GLY A 5 8.06 -25.12 -20.91
N TYR A 6 7.80 -25.33 -19.62
CA TYR A 6 6.86 -24.48 -18.88
C TYR A 6 6.94 -24.73 -17.38
N TRP A 7 6.22 -23.88 -16.64
CA TRP A 7 6.03 -24.08 -15.21
C TRP A 7 5.30 -25.39 -14.94
N LYS A 8 5.60 -26.00 -13.80
CA LYS A 8 4.90 -27.20 -13.34
C LYS A 8 3.58 -26.82 -12.69
N ILE A 9 2.76 -26.06 -13.42
CA ILE A 9 1.46 -25.56 -12.96
C ILE A 9 0.58 -25.49 -14.21
N LYS A 10 -0.71 -25.26 -14.07
CA LYS A 10 -1.55 -25.16 -15.26
C LYS A 10 -1.13 -23.96 -16.13
N GLY A 11 -1.07 -22.78 -15.53
CA GLY A 11 -0.49 -21.59 -16.14
C GLY A 11 -0.65 -21.50 -17.65
N LEU A 12 0.48 -21.27 -18.34
CA LEU A 12 0.46 -20.96 -19.78
C LEU A 12 0.46 -22.15 -20.74
N VAL A 13 0.49 -23.37 -20.23
CA VAL A 13 0.53 -24.53 -21.13
C VAL A 13 -0.75 -25.39 -21.19
N GLN A 14 -1.66 -25.20 -20.23
CA GLN A 14 -2.76 -26.16 -20.00
C GLN A 14 -3.55 -26.54 -21.25
N PRO A 15 -4.11 -25.54 -21.95
CA PRO A 15 -4.91 -25.84 -23.13
C PRO A 15 -4.13 -26.74 -24.10
N THR A 16 -2.94 -26.28 -24.47
CA THR A 16 -2.03 -27.00 -25.35
C THR A 16 -1.88 -28.45 -24.89
N ARG A 17 -1.49 -28.63 -23.62
CA ARG A 17 -1.35 -29.96 -23.03
C ARG A 17 -2.59 -30.83 -23.30
N LEU A 18 -3.78 -30.24 -23.17
CA LEU A 18 -5.00 -31.01 -23.39
C LEU A 18 -5.15 -31.43 -24.85
N LEU A 19 -5.09 -30.46 -25.76
CA LEU A 19 -5.15 -30.74 -27.19
C LEU A 19 -4.19 -31.90 -27.56
N LEU A 20 -2.91 -31.75 -27.21
CA LEU A 20 -1.96 -32.83 -27.40
C LEU A 20 -2.52 -34.16 -26.89
N GLU A 21 -2.96 -34.21 -25.64
CA GLU A 21 -3.51 -35.44 -25.07
C GLU A 21 -4.77 -35.89 -25.81
N TYR A 22 -5.50 -34.95 -26.40
CA TYR A 22 -6.66 -35.27 -27.22
C TYR A 22 -6.27 -36.07 -28.46
N LEU A 23 -5.22 -35.62 -29.15
CA LEU A 23 -4.68 -36.34 -30.32
C LEU A 23 -3.69 -37.44 -29.90
N GLU A 24 -3.74 -37.81 -28.63
CA GLU A 24 -3.01 -38.97 -28.17
C GLU A 24 -1.58 -38.87 -28.69
N GLU A 25 -1.13 -37.64 -28.94
CA GLU A 25 0.24 -37.41 -29.36
C GLU A 25 1.18 -37.37 -28.15
N LYS A 26 2.29 -38.11 -28.21
CA LYS A 26 3.27 -38.14 -27.13
C LYS A 26 4.13 -36.86 -27.10
N TYR A 27 4.68 -36.51 -25.94
CA TYR A 27 5.65 -35.41 -25.82
C TYR A 27 6.54 -35.53 -24.57
N GLU A 28 7.57 -34.68 -24.47
CA GLU A 28 8.48 -34.66 -23.30
C GLU A 28 8.65 -33.23 -22.75
N GLU A 29 8.94 -33.08 -21.46
CA GLU A 29 8.79 -31.77 -20.80
C GLU A 29 10.03 -31.24 -20.07
N HIS A 30 10.16 -29.92 -20.04
CA HIS A 30 11.09 -29.25 -19.15
C HIS A 30 10.26 -28.51 -18.12
N LEU A 31 10.10 -29.10 -16.94
CA LEU A 31 9.26 -28.51 -15.87
C LEU A 31 10.01 -27.60 -14.89
N TYR A 32 9.62 -26.32 -14.86
CA TYR A 32 10.22 -25.38 -13.93
C TYR A 32 9.36 -25.25 -12.66
N GLU A 33 9.90 -25.63 -11.50
CA GLU A 33 9.16 -25.43 -10.22
C GLU A 33 8.97 -23.92 -9.92
N ARG A 34 8.13 -23.58 -8.94
CA ARG A 34 7.84 -22.17 -8.65
C ARG A 34 9.07 -21.42 -8.11
N ASP A 35 9.87 -22.08 -7.28
CA ASP A 35 11.06 -21.46 -6.68
C ASP A 35 12.40 -21.80 -7.37
N GLU A 36 12.32 -22.47 -8.52
CA GLU A 36 13.49 -22.84 -9.34
C GLU A 36 13.72 -21.79 -10.45
N GLY A 37 13.54 -20.54 -10.05
CA GLY A 37 13.67 -19.40 -10.96
C GLY A 37 15.03 -19.35 -11.64
N ASP A 38 16.00 -20.04 -11.05
CA ASP A 38 17.36 -20.10 -11.58
C ASP A 38 17.44 -21.06 -12.76
N LYS A 39 17.11 -22.33 -12.50
CA LYS A 39 17.11 -23.40 -13.51
C LYS A 39 16.56 -22.91 -14.86
N TRP A 40 15.55 -22.04 -14.79
CA TRP A 40 14.94 -21.46 -15.99
C TRP A 40 15.91 -20.47 -16.67
N ARG A 41 16.34 -19.46 -15.92
CA ARG A 41 17.29 -18.47 -16.43
C ARG A 41 18.55 -19.16 -16.92
N ASN A 42 18.78 -20.37 -16.41
CA ASN A 42 19.92 -21.19 -16.84
C ASN A 42 19.72 -21.73 -18.25
N LYS A 43 18.47 -22.02 -18.62
CA LYS A 43 18.16 -22.56 -19.93
C LYS A 43 17.38 -21.56 -20.79
N LYS A 44 17.00 -20.43 -20.21
CA LYS A 44 16.26 -19.38 -20.92
C LYS A 44 16.86 -19.07 -22.30
N PHE A 45 18.18 -19.06 -22.37
CA PHE A 45 18.90 -18.70 -23.60
C PHE A 45 19.62 -19.87 -24.28
N GLU A 46 19.60 -21.04 -23.67
CA GLU A 46 20.32 -22.19 -24.20
C GLU A 46 19.41 -23.14 -24.98
N LEU A 47 18.30 -22.61 -25.51
CA LEU A 47 17.29 -23.44 -26.16
C LEU A 47 17.01 -23.05 -27.61
N GLY A 48 17.35 -21.81 -27.97
CA GLY A 48 17.05 -21.31 -29.31
C GLY A 48 15.55 -21.19 -29.59
N LEU A 49 14.84 -20.54 -28.66
CA LEU A 49 13.41 -20.26 -28.82
C LEU A 49 13.22 -18.89 -29.48
N GLU A 50 12.24 -18.78 -30.37
CA GLU A 50 12.00 -17.55 -31.13
C GLU A 50 11.49 -16.38 -30.30
N PHE A 51 10.89 -16.68 -29.14
CA PHE A 51 10.53 -15.68 -28.13
C PHE A 51 10.73 -16.25 -26.72
N PRO A 52 11.99 -16.41 -26.31
CA PRO A 52 12.30 -17.11 -25.07
C PRO A 52 11.44 -16.63 -23.92
N ASN A 53 10.82 -17.59 -23.24
CA ASN A 53 9.86 -17.34 -22.19
C ASN A 53 9.20 -18.68 -21.88
N LEU A 54 8.12 -18.66 -21.10
CA LEU A 54 7.35 -19.86 -20.89
C LEU A 54 5.88 -19.67 -21.28
N PRO A 55 5.30 -20.66 -21.98
CA PRO A 55 6.03 -21.85 -22.41
C PRO A 55 6.73 -21.71 -23.77
N TYR A 56 7.58 -22.69 -24.10
CA TYR A 56 8.24 -22.78 -25.40
C TYR A 56 8.19 -24.24 -25.87
N TYR A 57 7.91 -24.42 -27.15
CA TYR A 57 7.72 -25.76 -27.71
C TYR A 57 8.64 -25.94 -28.91
N ILE A 58 9.24 -27.12 -29.02
CA ILE A 58 10.14 -27.45 -30.11
C ILE A 58 9.82 -28.83 -30.67
N ASP A 59 9.66 -28.92 -31.99
CA ASP A 59 9.37 -30.21 -32.63
C ASP A 59 10.34 -30.50 -33.77
N GLY A 60 9.82 -30.64 -34.98
CA GLY A 60 10.64 -30.81 -36.18
C GLY A 60 11.19 -29.49 -36.69
N ASP A 61 12.10 -28.92 -35.91
CA ASP A 61 12.64 -27.57 -36.14
C ASP A 61 11.53 -26.51 -36.18
N VAL A 62 10.43 -26.76 -35.46
CA VAL A 62 9.38 -25.80 -35.31
C VAL A 62 9.61 -25.24 -33.92
N LYS A 63 10.25 -24.09 -33.86
CA LYS A 63 10.49 -23.45 -32.56
C LYS A 63 9.41 -22.41 -32.27
N LEU A 64 8.69 -22.64 -31.18
CA LEU A 64 7.53 -21.82 -30.83
C LEU A 64 7.51 -21.33 -29.38
N THR A 65 7.02 -20.11 -29.22
CA THR A 65 6.67 -19.58 -27.93
C THR A 65 5.43 -18.77 -28.21
N GLN A 66 4.68 -18.46 -27.16
CA GLN A 66 3.32 -17.91 -27.30
C GLN A 66 2.35 -19.07 -27.38
N SER A 67 1.60 -19.27 -26.31
CA SER A 67 0.65 -20.38 -26.20
C SER A 67 -0.19 -20.59 -27.46
N MET A 68 -0.64 -19.49 -28.06
CA MET A 68 -1.50 -19.56 -29.24
C MET A 68 -0.78 -20.08 -30.47
N ALA A 69 0.38 -19.48 -30.78
CA ALA A 69 1.19 -19.90 -31.92
C ALA A 69 1.54 -21.38 -31.80
N ILE A 70 1.83 -21.80 -30.57
CA ILE A 70 2.19 -23.19 -30.32
C ILE A 70 1.01 -24.11 -30.58
N ILE A 71 -0.05 -23.94 -29.79
CA ILE A 71 -1.23 -24.80 -29.91
C ILE A 71 -1.72 -24.86 -31.36
N ARG A 72 -1.83 -23.71 -32.01
CA ARG A 72 -2.29 -23.65 -33.40
C ARG A 72 -1.41 -24.50 -34.31
N TYR A 73 -0.10 -24.46 -34.06
CA TYR A 73 0.87 -25.25 -34.83
C TYR A 73 0.52 -26.73 -34.76
N ILE A 74 0.58 -27.29 -33.56
CA ILE A 74 0.24 -28.68 -33.35
C ILE A 74 -1.09 -28.98 -34.02
N ALA A 75 -2.06 -28.09 -33.83
CA ALA A 75 -3.40 -28.26 -34.41
C ALA A 75 -3.35 -28.34 -35.92
N ASP A 76 -2.62 -27.40 -36.52
CA ASP A 76 -2.51 -27.29 -37.98
C ASP A 76 -1.73 -28.45 -38.59
N LYS A 77 -0.75 -28.94 -37.84
CA LYS A 77 0.06 -30.06 -38.30
C LYS A 77 -0.78 -31.35 -38.38
N HIS A 78 -2.02 -31.27 -37.90
CA HIS A 78 -2.96 -32.40 -37.94
C HIS A 78 -4.29 -32.02 -38.59
N ASN A 79 -4.25 -30.97 -39.41
CA ASN A 79 -5.43 -30.48 -40.11
C ASN A 79 -6.59 -30.33 -39.14
N MET A 80 -6.53 -29.26 -38.34
CA MET A 80 -7.58 -28.94 -37.36
C MET A 80 -7.88 -27.44 -37.34
N LEU A 81 -7.54 -26.75 -38.42
CA LEU A 81 -7.76 -25.30 -38.52
C LEU A 81 -9.17 -24.93 -38.99
N GLY A 82 -9.80 -25.82 -39.75
CA GLY A 82 -11.13 -25.53 -40.30
C GLY A 82 -11.29 -25.90 -41.76
N GLY A 83 -12.53 -26.14 -42.17
CA GLY A 83 -12.83 -26.69 -43.49
C GLY A 83 -13.22 -25.70 -44.57
N CYS A 84 -13.29 -24.42 -44.21
CA CYS A 84 -13.53 -23.34 -45.16
C CYS A 84 -13.10 -22.02 -44.52
N PRO A 85 -13.00 -20.94 -45.33
CA PRO A 85 -12.71 -19.62 -44.77
C PRO A 85 -13.58 -19.34 -43.53
N LYS A 86 -14.89 -19.50 -43.70
CA LYS A 86 -15.88 -19.32 -42.63
C LYS A 86 -15.58 -20.14 -41.35
N GLU A 87 -15.49 -21.47 -41.48
CA GLU A 87 -15.23 -22.31 -40.31
C GLU A 87 -13.83 -22.11 -39.75
N ARG A 88 -12.90 -21.64 -40.58
CA ARG A 88 -11.53 -21.36 -40.15
C ARG A 88 -11.47 -20.06 -39.33
N ALA A 89 -12.21 -19.06 -39.80
CA ALA A 89 -12.28 -17.78 -39.11
C ALA A 89 -13.07 -17.91 -37.80
N GLU A 90 -14.06 -18.80 -37.82
CA GLU A 90 -14.89 -19.08 -36.66
C GLU A 90 -14.05 -19.68 -35.56
N ILE A 91 -13.18 -20.61 -35.93
CA ILE A 91 -12.28 -21.26 -34.98
C ILE A 91 -11.28 -20.27 -34.38
N SER A 92 -10.91 -19.24 -35.15
CA SER A 92 -9.98 -18.20 -34.67
C SER A 92 -10.67 -17.24 -33.71
N MET A 93 -11.94 -16.96 -34.00
CA MET A 93 -12.76 -16.11 -33.15
C MET A 93 -12.98 -16.79 -31.81
N LEU A 94 -13.05 -18.12 -31.81
CA LEU A 94 -13.16 -18.88 -30.55
C LEU A 94 -11.87 -18.73 -29.78
N GLU A 95 -10.75 -18.88 -30.48
CA GLU A 95 -9.43 -18.66 -29.90
C GLU A 95 -9.41 -17.34 -29.15
N GLY A 96 -9.80 -16.27 -29.85
CA GLY A 96 -9.85 -14.92 -29.29
C GLY A 96 -10.71 -14.77 -28.04
N ALA A 97 -11.98 -15.18 -28.13
CA ALA A 97 -12.92 -15.08 -27.01
C ALA A 97 -12.48 -15.89 -25.80
N VAL A 98 -11.76 -16.99 -26.03
CA VAL A 98 -11.21 -17.78 -24.94
C VAL A 98 -10.11 -17.02 -24.21
N LEU A 99 -9.24 -16.36 -24.97
CA LEU A 99 -8.18 -15.55 -24.37
C LEU A 99 -8.74 -14.30 -23.66
N ASP A 100 -9.86 -13.78 -24.17
CA ASP A 100 -10.52 -12.64 -23.55
C ASP A 100 -11.08 -13.04 -22.19
N ILE A 101 -10.99 -14.34 -21.87
CA ILE A 101 -11.37 -14.84 -20.57
C ILE A 101 -10.13 -15.22 -19.80
N ARG A 102 -9.20 -15.95 -20.42
CA ARG A 102 -7.93 -16.32 -19.78
C ARG A 102 -7.14 -15.09 -19.34
N TYR A 103 -7.05 -14.10 -20.22
CA TYR A 103 -6.37 -12.85 -19.91
C TYR A 103 -7.15 -12.00 -18.89
N GLY A 104 -8.46 -11.95 -19.07
CA GLY A 104 -9.34 -11.23 -18.16
C GLY A 104 -9.05 -11.62 -16.74
N VAL A 105 -8.77 -12.90 -16.52
CA VAL A 105 -8.43 -13.42 -15.21
C VAL A 105 -7.17 -12.76 -14.70
N SER A 106 -6.07 -12.87 -15.47
CA SER A 106 -4.74 -12.38 -15.07
C SER A 106 -4.65 -10.87 -14.79
N ARG A 107 -5.49 -10.07 -15.44
CA ARG A 107 -5.47 -8.63 -15.19
C ARG A 107 -6.02 -8.22 -13.81
N ILE A 108 -6.92 -9.01 -13.23
CA ILE A 108 -7.47 -8.71 -11.90
C ILE A 108 -6.87 -9.63 -10.82
N ALA A 109 -5.98 -10.51 -11.24
CA ALA A 109 -5.41 -11.56 -10.39
C ALA A 109 -4.13 -11.15 -9.67
N TYR A 110 -3.33 -10.30 -10.31
CA TYR A 110 -2.09 -9.87 -9.70
C TYR A 110 -2.35 -8.67 -8.79
N SER A 111 -3.50 -8.01 -9.00
CA SER A 111 -3.87 -6.82 -8.24
C SER A 111 -3.97 -7.11 -6.75
N LYS A 112 -3.51 -6.14 -5.97
CA LYS A 112 -3.65 -6.16 -4.53
C LYS A 112 -5.11 -5.86 -4.21
N ASP A 113 -5.80 -5.28 -5.17
CA ASP A 113 -7.21 -4.97 -5.04
C ASP A 113 -8.11 -6.09 -5.54
N PHE A 114 -7.70 -7.34 -5.34
CA PHE A 114 -8.45 -8.49 -5.85
C PHE A 114 -9.89 -8.66 -5.31
N GLU A 115 -10.09 -8.72 -3.97
CA GLU A 115 -11.41 -8.98 -3.31
C GLU A 115 -12.59 -8.16 -3.86
N THR A 116 -12.30 -7.09 -4.61
CA THR A 116 -13.33 -6.26 -5.23
C THR A 116 -13.17 -6.17 -6.74
N LEU A 117 -12.04 -6.63 -7.27
CA LEU A 117 -11.79 -6.58 -8.72
C LEU A 117 -12.36 -7.80 -9.42
N LYS A 118 -12.30 -8.95 -8.76
CA LYS A 118 -12.88 -10.18 -9.32
C LYS A 118 -14.37 -9.98 -9.56
N VAL A 119 -14.99 -9.15 -8.72
CA VAL A 119 -16.38 -8.80 -8.88
C VAL A 119 -16.67 -8.24 -10.26
N ASP A 120 -15.82 -7.36 -10.76
CA ASP A 120 -16.01 -6.80 -12.09
C ASP A 120 -15.58 -7.78 -13.20
N PHE A 121 -14.76 -8.77 -12.86
CA PHE A 121 -14.35 -9.80 -13.83
C PHE A 121 -15.50 -10.80 -14.07
N LEU A 122 -16.10 -11.23 -12.97
CA LEU A 122 -17.21 -12.18 -12.97
C LEU A 122 -18.49 -11.58 -13.56
N SER A 123 -18.58 -10.25 -13.58
CA SER A 123 -19.74 -9.60 -14.17
C SER A 123 -19.59 -9.55 -15.68
N LYS A 124 -18.36 -9.46 -16.18
CA LYS A 124 -18.11 -9.50 -17.62
C LYS A 124 -18.15 -10.94 -18.12
N LEU A 125 -17.65 -11.85 -17.29
CA LEU A 125 -17.59 -13.28 -17.59
C LEU A 125 -18.90 -13.87 -18.10
N PRO A 126 -20.03 -13.44 -17.50
CA PRO A 126 -21.35 -13.94 -17.87
C PRO A 126 -21.61 -13.73 -19.35
N GLU A 127 -21.43 -12.51 -19.83
CA GLU A 127 -21.60 -12.19 -21.26
C GLU A 127 -20.80 -13.14 -22.16
N MET A 128 -19.63 -13.57 -21.68
CA MET A 128 -18.78 -14.50 -22.43
C MET A 128 -19.33 -15.93 -22.36
N LEU A 129 -19.65 -16.38 -21.15
CA LEU A 129 -20.24 -17.71 -20.94
C LEU A 129 -21.55 -17.86 -21.68
N LYS A 130 -22.40 -16.83 -21.61
CA LYS A 130 -23.70 -16.83 -22.26
C LYS A 130 -23.60 -17.23 -23.74
N MET A 131 -22.72 -16.55 -24.47
CA MET A 131 -22.51 -16.83 -25.89
C MET A 131 -22.31 -18.31 -26.14
N PHE A 132 -21.61 -18.98 -25.22
CA PHE A 132 -21.37 -20.42 -25.31
C PHE A 132 -22.62 -21.22 -24.98
N GLU A 133 -23.44 -20.73 -24.05
CA GLU A 133 -24.69 -21.41 -23.71
C GLU A 133 -25.61 -21.45 -24.92
N ASP A 134 -25.66 -20.34 -25.65
CA ASP A 134 -26.45 -20.25 -26.88
C ASP A 134 -25.89 -21.18 -27.95
N ARG A 135 -24.61 -21.00 -28.28
CA ARG A 135 -23.93 -21.86 -29.23
C ARG A 135 -24.23 -23.32 -28.96
N LEU A 136 -24.40 -23.67 -27.68
CA LEU A 136 -24.66 -25.05 -27.29
C LEU A 136 -26.12 -25.48 -27.41
N CYS A 137 -26.98 -24.58 -27.86
CA CYS A 137 -28.38 -24.90 -28.16
C CYS A 137 -28.47 -25.47 -29.57
N HIS A 138 -28.83 -26.75 -29.70
CA HIS A 138 -28.83 -27.45 -30.98
C HIS A 138 -27.43 -27.80 -31.52
N LYS A 139 -26.42 -27.70 -30.67
CA LYS A 139 -25.08 -28.26 -30.96
C LYS A 139 -24.53 -29.10 -29.79
N THR A 140 -23.62 -30.02 -30.10
CA THR A 140 -23.07 -30.98 -29.12
C THR A 140 -21.89 -30.41 -28.34
N TYR A 141 -21.09 -29.62 -29.05
CA TYR A 141 -19.97 -28.88 -28.49
C TYR A 141 -20.01 -27.51 -29.15
N LEU A 142 -19.34 -26.52 -28.55
CA LEU A 142 -19.23 -25.22 -29.18
C LEU A 142 -18.66 -25.44 -30.57
N ASN A 143 -19.09 -24.62 -31.52
CA ASN A 143 -18.65 -24.77 -32.90
C ASN A 143 -18.80 -26.21 -33.43
N GLY A 144 -19.99 -26.79 -33.29
CA GLY A 144 -20.35 -28.03 -34.02
C GLY A 144 -20.43 -29.39 -33.35
N ASP A 145 -20.38 -30.45 -34.17
CA ASP A 145 -20.54 -31.85 -33.72
C ASP A 145 -19.22 -32.47 -33.27
N HIS A 146 -18.12 -31.83 -33.61
CA HIS A 146 -16.81 -32.23 -33.13
C HIS A 146 -16.26 -31.24 -32.08
N VAL A 147 -15.73 -31.78 -30.98
CA VAL A 147 -15.06 -30.96 -29.96
C VAL A 147 -13.84 -30.22 -30.51
N THR A 148 -13.69 -28.94 -30.18
CA THR A 148 -12.62 -28.12 -30.72
C THR A 148 -11.53 -27.79 -29.68
N HIS A 149 -10.37 -27.31 -30.14
CA HIS A 149 -9.28 -26.99 -29.21
C HIS A 149 -9.61 -25.76 -28.33
N PRO A 150 -10.37 -24.80 -28.88
CA PRO A 150 -10.76 -23.66 -28.05
C PRO A 150 -11.56 -24.09 -26.80
N ASP A 151 -12.18 -25.26 -26.84
CA ASP A 151 -12.90 -25.79 -25.70
C ASP A 151 -11.92 -26.17 -24.60
N PHE A 152 -10.70 -26.55 -24.97
CA PHE A 152 -9.65 -26.88 -24.00
C PHE A 152 -9.01 -25.62 -23.42
N MET A 153 -9.15 -24.52 -24.13
CA MET A 153 -8.66 -23.24 -23.67
C MET A 153 -9.61 -22.69 -22.59
N LEU A 154 -10.88 -22.60 -22.95
CA LEU A 154 -11.95 -22.20 -22.04
C LEU A 154 -11.96 -23.06 -20.77
N TYR A 155 -11.61 -24.34 -20.90
CA TYR A 155 -11.51 -25.22 -19.75
C TYR A 155 -10.42 -24.80 -18.77
N ASP A 156 -9.28 -24.32 -19.27
CA ASP A 156 -8.22 -23.81 -18.38
C ASP A 156 -8.71 -22.55 -17.64
N ALA A 157 -9.28 -21.65 -18.42
CA ALA A 157 -9.88 -20.45 -17.90
C ALA A 157 -10.91 -20.79 -16.80
N LEU A 158 -11.91 -21.59 -17.17
CA LEU A 158 -12.95 -22.04 -16.26
C LEU A 158 -12.31 -22.55 -14.97
N ASP A 159 -11.38 -23.51 -15.07
CA ASP A 159 -10.67 -24.07 -13.91
C ASP A 159 -10.17 -22.98 -12.96
N VAL A 160 -9.70 -21.88 -13.54
CA VAL A 160 -9.18 -20.77 -12.75
C VAL A 160 -10.28 -19.88 -12.14
N VAL A 161 -11.30 -19.56 -12.93
CA VAL A 161 -12.38 -18.67 -12.50
C VAL A 161 -13.30 -19.28 -11.43
N LEU A 162 -13.30 -20.60 -11.33
CA LEU A 162 -14.17 -21.31 -10.38
C LEU A 162 -13.69 -21.13 -8.94
N TYR A 163 -12.37 -20.96 -8.81
CA TYR A 163 -11.70 -20.73 -7.52
C TYR A 163 -12.08 -19.35 -7.01
N MET A 164 -12.11 -18.39 -7.93
CA MET A 164 -12.47 -17.01 -7.61
C MET A 164 -13.97 -16.86 -7.38
N ASP A 165 -14.74 -17.59 -8.17
CA ASP A 165 -16.17 -17.73 -7.99
C ASP A 165 -16.53 -19.19 -8.25
N PRO A 166 -17.10 -19.84 -7.24
CA PRO A 166 -17.68 -21.16 -7.40
C PRO A 166 -19.02 -21.12 -8.17
N MET A 167 -19.72 -19.99 -8.16
CA MET A 167 -21.03 -19.89 -8.84
C MET A 167 -21.01 -19.16 -10.19
N CYS A 168 -19.82 -19.03 -10.80
CA CYS A 168 -19.70 -18.41 -12.13
C CYS A 168 -20.55 -19.08 -13.20
N LEU A 169 -20.73 -20.40 -13.09
CA LEU A 169 -21.40 -21.20 -14.12
C LEU A 169 -22.91 -21.38 -13.89
N ASP A 170 -23.35 -21.26 -12.63
CA ASP A 170 -24.77 -21.40 -12.29
C ASP A 170 -25.69 -20.63 -13.23
N ALA A 171 -25.19 -19.54 -13.80
CA ALA A 171 -25.95 -18.72 -14.75
C ALA A 171 -25.89 -19.28 -16.17
N PHE A 172 -25.09 -20.31 -16.37
CA PHE A 172 -24.90 -20.92 -17.68
C PHE A 172 -24.80 -22.42 -17.48
N PRO A 173 -25.94 -23.11 -17.34
CA PRO A 173 -25.86 -24.54 -17.03
C PRO A 173 -25.37 -25.34 -18.24
N LYS A 174 -25.57 -24.78 -19.43
CA LYS A 174 -25.14 -25.47 -20.64
C LYS A 174 -23.62 -25.49 -20.76
N LEU A 175 -22.95 -24.57 -20.06
CA LEU A 175 -21.48 -24.55 -20.01
C LEU A 175 -20.99 -25.47 -18.90
N VAL A 176 -21.68 -25.46 -17.76
CA VAL A 176 -21.36 -26.37 -16.66
C VAL A 176 -21.39 -27.79 -17.21
N CYS A 177 -22.27 -28.02 -18.18
CA CYS A 177 -22.36 -29.29 -18.86
C CYS A 177 -21.14 -29.47 -19.74
N PHE A 178 -20.94 -28.55 -20.68
CA PHE A 178 -19.86 -28.69 -21.63
C PHE A 178 -18.58 -28.98 -20.85
N LYS A 179 -18.46 -28.38 -19.67
CA LYS A 179 -17.28 -28.62 -18.84
C LYS A 179 -17.16 -30.08 -18.42
N LYS A 180 -18.24 -30.67 -17.92
CA LYS A 180 -18.25 -32.09 -17.57
C LYS A 180 -18.08 -32.95 -18.82
N ARG A 181 -18.66 -32.50 -19.93
CA ARG A 181 -18.53 -33.19 -21.20
C ARG A 181 -17.06 -33.30 -21.58
N ILE A 182 -16.32 -32.20 -21.55
CA ILE A 182 -14.90 -32.23 -21.86
C ILE A 182 -14.18 -33.23 -20.96
N GLU A 183 -14.40 -33.12 -19.65
CA GLU A 183 -13.81 -34.04 -18.68
C GLU A 183 -14.19 -35.49 -18.98
N ALA A 184 -15.25 -35.68 -19.75
CA ALA A 184 -15.73 -37.02 -20.11
C ALA A 184 -15.01 -37.62 -21.33
N ILE A 185 -14.52 -36.75 -22.22
CA ILE A 185 -13.86 -37.16 -23.46
C ILE A 185 -12.75 -38.09 -23.07
N PRO A 186 -12.85 -39.36 -23.52
CA PRO A 186 -12.00 -40.50 -23.12
C PRO A 186 -10.52 -40.15 -22.93
N GLN A 187 -9.93 -39.53 -23.95
CA GLN A 187 -8.52 -39.15 -23.91
C GLN A 187 -8.23 -38.20 -22.76
N ILE A 188 -9.01 -37.11 -22.68
CA ILE A 188 -8.91 -36.09 -21.63
C ILE A 188 -9.05 -36.68 -20.23
N ASP A 189 -10.17 -37.37 -19.98
CA ASP A 189 -10.46 -38.03 -18.69
C ASP A 189 -9.35 -38.98 -18.25
N LYS A 190 -8.83 -39.74 -19.22
CA LYS A 190 -7.77 -40.68 -18.94
C LYS A 190 -6.50 -39.92 -18.57
N TYR A 191 -6.36 -38.73 -19.14
CA TYR A 191 -5.21 -37.86 -18.90
C TYR A 191 -5.24 -37.26 -17.51
N LEU A 192 -6.36 -36.64 -17.14
CA LEU A 192 -6.50 -36.04 -15.82
C LEU A 192 -6.19 -37.06 -14.72
N LYS A 193 -6.47 -38.33 -14.99
CA LYS A 193 -6.17 -39.39 -14.03
C LYS A 193 -4.73 -39.90 -14.15
N SER A 194 -4.06 -39.50 -15.23
CA SER A 194 -2.70 -39.97 -15.52
C SER A 194 -1.64 -39.20 -14.76
N SER A 195 -0.38 -39.61 -14.96
CA SER A 195 0.79 -38.96 -14.39
C SER A 195 1.09 -37.61 -15.06
N LYS A 196 0.73 -37.48 -16.33
CA LYS A 196 0.97 -36.27 -17.12
C LYS A 196 0.27 -35.00 -16.60
N TYR A 197 -0.72 -35.17 -15.73
CA TYR A 197 -1.53 -34.05 -15.24
C TYR A 197 -0.76 -33.18 -14.22
N ILE A 198 -0.59 -31.89 -14.53
CA ILE A 198 -0.04 -30.93 -13.56
C ILE A 198 -1.19 -30.25 -12.81
N ALA A 199 -1.46 -30.70 -11.59
CA ALA A 199 -2.75 -30.44 -10.92
C ALA A 199 -2.94 -29.04 -10.33
N TRP A 200 -1.87 -28.42 -9.84
CA TRP A 200 -2.00 -27.18 -9.07
C TRP A 200 -0.67 -26.46 -8.88
N PRO A 201 -0.69 -25.12 -8.86
CA PRO A 201 -1.82 -24.18 -8.93
C PRO A 201 -2.33 -23.89 -10.34
N LEU A 202 -3.30 -22.98 -10.44
CA LEU A 202 -3.87 -22.55 -11.72
C LEU A 202 -2.98 -21.47 -12.36
N GLN A 203 -2.51 -20.54 -11.54
CA GLN A 203 -1.55 -19.54 -11.99
C GLN A 203 -0.17 -19.77 -11.34
N GLY A 204 0.75 -18.83 -11.54
CA GLY A 204 2.00 -18.84 -10.80
C GLY A 204 1.70 -18.67 -9.32
N TRP A 205 2.42 -19.40 -8.48
CA TRP A 205 2.15 -19.38 -7.04
C TRP A 205 1.89 -17.96 -6.55
N GLN A 206 2.69 -17.03 -7.09
CA GLN A 206 2.63 -15.61 -6.75
C GLN A 206 1.24 -14.97 -6.87
N ALA A 207 0.43 -15.46 -7.80
CA ALA A 207 -0.86 -14.83 -8.13
C ALA A 207 -1.83 -14.78 -6.93
N THR A 208 -2.65 -13.72 -6.84
CA THR A 208 -3.68 -13.66 -5.80
C THR A 208 -4.73 -14.72 -6.14
N PHE A 209 -5.33 -14.64 -7.33
CA PHE A 209 -6.27 -15.68 -7.79
C PHE A 209 -5.54 -16.96 -8.20
N GLY A 210 -6.13 -18.13 -7.88
CA GLY A 210 -5.55 -19.43 -8.26
C GLY A 210 -4.06 -19.61 -7.99
N GLY A 211 -3.60 -19.03 -6.89
CA GLY A 211 -2.20 -19.18 -6.44
C GLY A 211 -2.07 -20.22 -5.34
N GLY A 212 -0.92 -20.21 -4.66
CA GLY A 212 -0.65 -21.08 -3.52
C GLY A 212 -0.71 -22.57 -3.77
N ASP A 213 -0.12 -23.35 -2.87
CA ASP A 213 -0.16 -24.80 -2.96
C ASP A 213 -1.62 -25.27 -3.02
N HIS A 214 -2.48 -24.64 -2.23
CA HIS A 214 -3.91 -24.94 -2.25
C HIS A 214 -4.73 -23.78 -2.83
N PRO A 215 -5.55 -24.07 -3.85
CA PRO A 215 -6.36 -23.07 -4.55
C PRO A 215 -7.40 -22.42 -3.65
N PRO A 216 -8.07 -23.21 -2.78
CA PRO A 216 -9.10 -22.70 -1.87
C PRO A 216 -10.34 -23.59 -1.81
N PHE A 221 -10.73 -22.95 5.08
CA PHE A 221 -10.77 -21.53 5.43
C PHE A 221 -12.19 -21.08 5.73
N VAL A 222 -12.71 -20.20 4.85
CA VAL A 222 -14.07 -19.69 4.99
C VAL A 222 -14.09 -18.56 6.02
N ILE A 223 -12.92 -18.13 6.47
CA ILE A 223 -12.82 -17.06 7.47
C ILE A 223 -13.00 -15.70 6.79
N GLU A 224 -12.21 -15.44 5.75
CA GLU A 224 -12.31 -14.21 4.97
C GLU A 224 -13.73 -13.95 4.44
N LYS A 225 -14.30 -14.98 3.80
CA LYS A 225 -15.63 -14.93 3.20
C LYS A 225 -16.70 -14.56 4.23
N SER A 226 -16.55 -15.06 5.44
CA SER A 226 -17.46 -14.79 6.57
C SER A 226 -17.26 -13.40 7.16
N LEU A 227 -16.01 -13.06 7.50
CA LEU A 227 -15.64 -11.74 8.02
C LEU A 227 -16.00 -10.59 7.07
N ASN A 228 -15.96 -10.84 5.75
CA ASN A 228 -16.44 -9.89 4.72
C ASN A 228 -17.95 -9.65 4.86
N ARG A 229 -18.71 -10.72 5.11
CA ARG A 229 -20.17 -10.63 5.31
C ARG A 229 -20.55 -10.04 6.69
N ILE A 230 -19.67 -10.19 7.68
CA ILE A 230 -19.87 -9.60 9.03
C ILE A 230 -19.69 -8.09 8.96
N LYS A 231 -18.56 -7.66 8.40
CA LYS A 231 -18.30 -6.26 8.22
C LYS A 231 -19.31 -5.58 7.31
N LYS A 232 -19.76 -6.23 6.23
CA LYS A 232 -20.83 -5.72 5.34
C LYS A 232 -22.13 -5.42 6.09
N PHE A 233 -22.51 -6.33 7.00
CA PHE A 233 -23.72 -6.23 7.82
C PHE A 233 -23.66 -5.07 8.81
N TRP A 234 -22.47 -4.77 9.33
CA TRP A 234 -22.33 -3.74 10.36
C TRP A 234 -22.21 -2.33 9.80
N LYS A 235 -22.05 -2.22 8.49
CA LYS A 235 -22.02 -0.92 7.83
C LYS A 235 -23.38 -0.61 7.14
N GLU A 236 -24.39 -1.38 7.50
CA GLU A 236 -25.76 -1.24 6.96
C GLU A 236 -26.76 -1.21 8.12
N ALA A 237 -26.24 -1.27 9.35
CA ALA A 237 -27.07 -1.35 10.56
C ALA A 237 -28.00 -0.14 10.60
N GLN A 238 -29.27 -0.44 10.80
CA GLN A 238 -30.32 0.56 10.91
C GLN A 238 -31.16 0.29 12.14
N TYR A 239 -31.41 1.34 12.91
CA TYR A 239 -32.38 1.29 13.98
C TYR A 239 -33.66 2.03 13.61
N GLU A 240 -34.78 1.32 13.56
CA GLU A 240 -36.06 1.98 13.40
C GLU A 240 -36.13 3.05 14.47
N VAL A 241 -36.30 4.28 14.03
CA VAL A 241 -36.48 5.41 14.94
C VAL A 241 -37.90 5.96 14.78
N ILE A 242 -38.54 6.20 15.91
CA ILE A 242 -39.90 6.76 15.96
C ILE A 242 -39.99 7.75 17.12
N GLU A 243 -40.24 9.03 16.82
CA GLU A 243 -40.45 10.04 17.87
C GLU A 243 -41.87 10.00 18.45
N HIS A 244 -41.96 10.06 19.78
CA HIS A 244 -43.25 10.03 20.49
C HIS A 244 -43.78 11.44 20.75
N SER A 245 -44.90 11.52 21.45
CA SER A 245 -45.60 12.79 21.65
C SER A 245 -44.67 13.96 21.97
N SER A 246 -43.65 13.71 22.77
CA SER A 246 -42.72 14.76 23.17
C SER A 246 -41.30 14.53 22.65
N GLY A 247 -40.60 15.64 22.41
CA GLY A 247 -39.18 15.67 22.02
C GLY A 247 -38.51 14.41 21.54
N LEU A 248 -38.15 13.54 22.48
CA LEU A 248 -37.24 12.42 22.25
C LEU A 248 -37.72 11.40 21.20
N LYS A 249 -36.77 10.90 20.41
CA LYS A 249 -37.02 9.85 19.41
C LYS A 249 -36.59 8.46 19.93
N LEU A 250 -37.50 7.50 19.77
CA LEU A 250 -37.39 6.15 20.38
C LEU A 250 -36.92 5.10 19.38
N VAL A 251 -36.16 4.11 19.86
CA VAL A 251 -35.57 3.07 19.00
C VAL A 251 -36.35 1.76 19.03
N ARG A 252 -37.11 1.53 17.97
CA ARG A 252 -37.91 0.32 17.85
C ARG A 252 -37.13 -0.80 17.20
N GLU A 253 -37.56 -2.04 17.48
CA GLU A 253 -36.94 -3.28 16.96
C GLU A 253 -35.51 -3.52 17.51
N TRP A 254 -35.41 -3.57 18.84
CA TRP A 254 -34.17 -3.88 19.56
C TRP A 254 -33.60 -5.22 19.16
N ASP A 255 -34.46 -6.24 19.20
CA ASP A 255 -34.02 -7.63 19.22
C ASP A 255 -33.14 -8.05 18.06
N VAL A 256 -33.44 -7.58 16.85
CA VAL A 256 -32.72 -8.07 15.66
C VAL A 256 -31.23 -7.77 15.70
N LEU A 257 -30.91 -6.51 15.98
CA LEU A 257 -29.53 -6.09 16.14
C LEU A 257 -28.92 -6.77 17.39
N GLU A 258 -29.73 -6.84 18.45
CA GLU A 258 -29.37 -7.43 19.74
C GLU A 258 -28.93 -8.85 19.56
N GLN A 259 -29.66 -9.59 18.72
CA GLN A 259 -29.40 -11.01 18.48
C GLN A 259 -28.18 -11.17 17.58
N ALA A 260 -28.19 -10.39 16.49
CA ALA A 260 -27.16 -10.48 15.47
C ALA A 260 -25.78 -10.27 16.05
N CYS A 261 -25.65 -9.27 16.92
CA CYS A 261 -24.40 -8.96 17.59
C CYS A 261 -23.85 -10.17 18.37
N LYS A 262 -24.70 -10.80 19.16
CA LYS A 262 -24.33 -11.97 19.97
C LYS A 262 -23.94 -13.16 19.10
N GLU A 263 -24.68 -13.35 18.01
CA GLU A 263 -24.42 -14.40 17.00
C GLU A 263 -23.07 -14.22 16.32
N ASP A 264 -22.86 -13.01 15.81
CA ASP A 264 -21.63 -12.60 15.14
C ASP A 264 -20.44 -12.61 16.07
N LEU A 265 -20.70 -12.42 17.35
CA LEU A 265 -19.64 -12.45 18.36
C LEU A 265 -19.25 -13.88 18.66
N GLU A 266 -20.24 -14.78 18.66
CA GLU A 266 -20.00 -16.21 18.89
C GLU A 266 -19.27 -16.82 17.71
N GLU A 267 -19.47 -16.25 16.53
CA GLU A 267 -18.83 -16.70 15.29
C GLU A 267 -17.34 -16.50 15.37
N LEU A 268 -16.94 -15.36 15.93
CA LEU A 268 -15.53 -14.99 16.03
C LEU A 268 -14.79 -15.80 17.11
N VAL A 269 -15.53 -16.23 18.13
CA VAL A 269 -14.96 -17.10 19.16
C VAL A 269 -14.73 -18.51 18.59
N SER A 270 -15.65 -18.98 17.76
CA SER A 270 -15.51 -20.29 17.06
C SER A 270 -14.43 -20.25 15.97
N MET A 271 -14.03 -19.04 15.55
CA MET A 271 -12.95 -18.84 14.58
C MET A 271 -11.59 -19.16 15.16
N LYS A 272 -11.49 -19.07 16.48
CA LYS A 272 -10.27 -19.40 17.20
C LYS A 272 -9.97 -20.90 17.20
N ALA A 273 -11.00 -21.72 17.03
CA ALA A 273 -10.83 -23.17 16.97
C ALA A 273 -10.12 -23.64 15.68
N SER A 274 -10.23 -22.85 14.62
CA SER A 274 -9.60 -23.20 13.34
C SER A 274 -8.08 -23.05 13.39
N ASN A 275 -7.38 -23.91 12.67
CA ASN A 275 -5.93 -23.81 12.56
C ASN A 275 -5.43 -22.63 11.70
N TYR A 276 -6.22 -22.25 10.70
CA TYR A 276 -5.77 -21.37 9.61
C TYR A 276 -6.04 -19.87 9.81
N TYR A 277 -6.39 -19.48 11.03
CA TYR A 277 -6.81 -18.11 11.29
C TYR A 277 -5.71 -17.22 11.93
N LYS A 278 -4.48 -17.71 12.00
CA LYS A 278 -3.47 -17.14 12.93
C LYS A 278 -3.10 -15.65 12.80
N ILE A 279 -2.73 -15.23 11.60
CA ILE A 279 -2.33 -13.82 11.45
C ILE A 279 -3.53 -13.07 10.91
N PHE A 280 -4.31 -13.74 10.06
CA PHE A 280 -5.62 -13.24 9.68
C PHE A 280 -6.46 -13.05 10.96
N GLU A 281 -6.10 -13.79 12.00
CA GLU A 281 -6.77 -13.75 13.30
C GLU A 281 -6.75 -12.41 14.01
N GLN A 282 -5.62 -11.70 13.92
CA GLN A 282 -5.49 -10.45 14.71
C GLN A 282 -6.59 -9.45 14.40
N ASP A 283 -6.88 -9.30 13.10
CA ASP A 283 -7.99 -8.51 12.59
C ASP A 283 -9.33 -8.87 13.26
N CYS A 284 -9.63 -10.17 13.38
CA CYS A 284 -10.88 -10.63 14.03
C CYS A 284 -10.96 -10.21 15.49
N LEU A 285 -9.81 -10.23 16.18
CA LEU A 285 -9.69 -9.79 17.59
C LEU A 285 -10.07 -8.32 17.77
N ASP A 286 -9.79 -7.52 16.73
CA ASP A 286 -10.14 -6.11 16.70
C ASP A 286 -11.63 -5.92 16.52
N LEU A 287 -12.21 -6.76 15.66
CA LEU A 287 -13.66 -6.78 15.43
C LEU A 287 -14.42 -7.33 16.65
N GLU A 288 -13.75 -8.20 17.41
CA GLU A 288 -14.31 -8.77 18.65
C GLU A 288 -14.42 -7.69 19.73
N SER A 289 -13.37 -6.88 19.86
CA SER A 289 -13.31 -5.81 20.85
C SER A 289 -14.29 -4.68 20.54
N LYS A 290 -14.54 -4.49 19.25
CA LYS A 290 -15.49 -3.49 18.76
C LYS A 290 -16.97 -3.85 19.08
N LEU A 291 -17.32 -5.11 18.87
CA LEU A 291 -18.68 -5.58 19.12
C LEU A 291 -18.96 -5.94 20.60
N THR A 292 -17.97 -6.42 21.35
CA THR A 292 -18.18 -6.66 22.79
C THR A 292 -18.38 -5.35 23.52
N LYS A 293 -17.87 -4.27 22.93
CA LYS A 293 -18.13 -2.93 23.45
C LYS A 293 -19.51 -2.45 23.03
N LEU A 294 -19.96 -2.88 21.85
CA LEU A 294 -21.29 -2.57 21.37
C LEU A 294 -22.37 -3.30 22.18
N SER A 295 -22.08 -4.49 22.69
CA SER A 295 -23.04 -5.22 23.52
C SER A 295 -23.08 -4.65 24.94
N GLU A 296 -21.94 -4.10 25.38
CA GLU A 296 -21.81 -3.39 26.66
C GLU A 296 -22.79 -2.21 26.71
N ILE A 297 -22.86 -1.48 25.61
CA ILE A 297 -23.75 -0.32 25.47
C ILE A 297 -25.13 -0.70 24.93
N GLN A 298 -25.26 -1.91 24.41
CA GLN A 298 -26.55 -2.48 23.94
C GLN A 298 -27.43 -2.83 25.13
N VAL A 299 -26.83 -3.46 26.14
CA VAL A 299 -27.49 -3.91 27.37
C VAL A 299 -28.05 -2.70 28.12
N ASN A 300 -27.22 -1.67 28.30
CA ASN A 300 -27.58 -0.51 29.08
C ASN A 300 -28.58 0.38 28.39
N TRP A 301 -28.50 0.48 27.07
CA TRP A 301 -29.36 1.39 26.31
C TRP A 301 -30.82 0.91 26.28
N VAL A 302 -31.04 -0.40 26.21
CA VAL A 302 -32.41 -0.95 26.24
C VAL A 302 -33.04 -0.73 27.62
N GLU A 303 -32.22 -0.83 28.66
CA GLU A 303 -32.67 -0.59 30.03
C GLU A 303 -33.08 0.86 30.20
N VAL A 304 -32.25 1.78 29.71
CA VAL A 304 -32.56 3.21 29.78
C VAL A 304 -33.88 3.51 29.03
N GLN A 305 -33.96 3.01 27.80
CA GLN A 305 -35.14 3.17 26.93
C GLN A 305 -36.41 2.69 27.62
N PHE A 306 -36.31 1.55 28.32
CA PHE A 306 -37.40 0.95 29.08
C PHE A 306 -37.79 1.79 30.30
N TYR A 307 -36.84 2.04 31.21
CA TYR A 307 -37.10 2.74 32.48
C TYR A 307 -37.47 4.20 32.28
N TRP A 308 -36.93 4.87 31.26
CA TRP A 308 -37.35 6.25 30.95
C TRP A 308 -38.80 6.29 30.46
N LEU A 309 -39.11 5.41 29.51
CA LEU A 309 -40.41 5.41 28.86
C LEU A 309 -41.55 5.10 29.84
N ASP A 310 -41.24 4.23 30.80
CA ASP A 310 -42.12 3.89 31.94
C ASP A 310 -42.33 5.10 32.83
N LEU A 311 -41.23 5.72 33.24
CA LEU A 311 -41.27 6.91 34.10
C LEU A 311 -41.91 8.12 33.43
N TYR A 312 -41.94 8.15 32.10
CA TYR A 312 -42.60 9.23 31.34
C TYR A 312 -44.10 9.20 31.53
N GLY A 313 -44.65 7.98 31.59
CA GLY A 313 -46.05 7.79 31.93
C GLY A 313 -46.33 8.41 33.28
N ILE A 314 -45.48 8.09 34.25
CA ILE A 314 -45.67 8.53 35.65
C ILE A 314 -45.48 10.06 35.95
N LEU A 315 -44.42 10.67 35.41
CA LEU A 315 -44.04 12.06 35.79
C LEU A 315 -44.01 13.06 34.64
N GLY A 316 -43.63 12.59 33.45
CA GLY A 316 -43.53 13.43 32.27
C GLY A 316 -44.71 14.33 31.91
N GLU A 317 -45.93 13.86 32.16
CA GLU A 317 -47.12 14.61 31.70
C GLU A 317 -47.89 15.44 32.74
N ASN A 318 -48.22 14.85 33.89
CA ASN A 318 -49.05 15.53 34.90
C ASN A 318 -48.34 16.65 35.67
N LEU A 319 -49.13 17.63 36.10
CA LEU A 319 -48.63 18.72 36.95
C LEU A 319 -48.84 18.39 38.41
N ASP A 320 -49.90 17.62 38.70
CA ASP A 320 -50.22 17.25 40.07
C ASP A 320 -49.19 16.28 40.62
N ILE A 321 -48.79 15.33 39.79
CA ILE A 321 -47.80 14.33 40.21
C ILE A 321 -46.40 14.97 40.43
N GLN A 322 -46.01 15.90 39.58
CA GLN A 322 -44.73 16.58 39.74
C GLN A 322 -44.74 17.62 40.87
N ASN A 323 -45.93 18.08 41.23
CA ASN A 323 -46.14 18.96 42.39
C ASN A 323 -45.86 18.22 43.70
N PHE A 324 -46.34 16.98 43.78
CA PHE A 324 -46.15 16.10 44.94
C PHE A 324 -44.73 15.57 45.07
N LEU A 325 -44.09 15.31 43.94
CA LEU A 325 -42.71 14.85 43.91
C LEU A 325 -41.84 15.92 43.24
N PRO A 326 -41.32 16.85 44.05
CA PRO A 326 -40.56 17.97 43.50
C PRO A 326 -39.11 17.58 43.17
N LEU A 327 -38.48 16.87 44.11
CA LEU A 327 -37.11 16.41 43.97
C LEU A 327 -36.98 15.39 42.83
N GLU A 328 -38.05 14.62 42.63
CA GLU A 328 -38.11 13.56 41.62
C GLU A 328 -38.29 14.09 40.19
N THR A 329 -39.09 15.13 40.01
CA THR A 329 -39.31 15.68 38.66
C THR A 329 -38.19 16.62 38.21
N SER A 330 -37.54 17.27 39.18
CA SER A 330 -36.36 18.09 38.91
C SER A 330 -35.19 17.23 38.43
N LYS A 331 -35.14 15.98 38.88
CA LYS A 331 -34.09 15.04 38.51
C LYS A 331 -34.42 14.23 37.26
N PHE A 332 -35.71 14.02 36.99
CA PHE A 332 -36.18 13.35 35.77
C PHE A 332 -35.89 14.23 34.53
N LYS A 333 -36.28 15.50 34.62
CA LYS A 333 -36.15 16.45 33.51
C LYS A 333 -34.69 16.70 33.11
N SER A 334 -33.80 16.67 34.10
CA SER A 334 -32.35 16.81 33.87
C SER A 334 -31.73 15.66 33.06
N LEU A 335 -32.23 14.45 33.31
CA LEU A 335 -31.83 13.26 32.57
C LEU A 335 -32.50 13.20 31.21
N THR A 336 -33.73 13.69 31.12
CA THR A 336 -34.47 13.82 29.86
C THR A 336 -33.70 14.65 28.83
N SER A 337 -33.03 15.71 29.30
CA SER A 337 -32.24 16.58 28.44
C SER A 337 -31.05 15.82 27.87
N GLU A 338 -30.25 15.22 28.75
CA GLU A 338 -29.03 14.48 28.38
C GLU A 338 -29.28 13.37 27.37
N TYR A 339 -30.23 12.50 27.67
CA TYR A 339 -30.57 11.33 26.83
C TYR A 339 -31.14 11.77 25.46
N LYS A 340 -31.82 12.93 25.41
CA LYS A 340 -32.30 13.54 24.16
C LYS A 340 -31.16 13.89 23.20
N MET A 341 -30.05 14.41 23.76
CA MET A 341 -28.86 14.80 23.00
C MET A 341 -28.05 13.56 22.58
N ILE A 342 -28.01 12.58 23.48
CA ILE A 342 -27.27 11.34 23.26
C ILE A 342 -27.86 10.46 22.14
N THR A 343 -29.20 10.42 22.04
CA THR A 343 -29.93 9.68 20.99
C THR A 343 -29.79 10.33 19.60
N THR A 344 -30.04 11.63 19.56
CA THR A 344 -30.02 12.40 18.33
C THR A 344 -28.61 12.53 17.74
N ARG A 345 -27.60 12.54 18.63
CA ARG A 345 -26.18 12.49 18.26
C ARG A 345 -25.83 11.13 17.67
N ALA A 346 -26.40 10.08 18.25
CA ALA A 346 -26.13 8.73 17.80
C ALA A 346 -26.90 8.34 16.52
N PHE A 347 -28.10 8.89 16.31
CA PHE A 347 -28.90 8.57 15.10
C PHE A 347 -28.33 9.20 13.82
N GLN A 348 -27.92 10.48 13.92
CA GLN A 348 -27.30 11.19 12.82
C GLN A 348 -25.99 10.55 12.33
N LEU A 349 -25.37 9.74 13.20
CA LEU A 349 -24.17 9.01 12.84
C LEU A 349 -24.47 8.07 11.66
N ASP A 350 -25.65 7.46 11.68
CA ASP A 350 -26.10 6.63 10.55
C ASP A 350 -25.42 5.28 10.48
N THR A 351 -24.79 4.86 11.57
CA THR A 351 -24.24 3.52 11.69
C THR A 351 -24.32 3.18 13.15
N THR A 352 -25.01 2.10 13.46
CA THR A 352 -25.19 1.72 14.83
C THR A 352 -23.84 1.39 15.46
N ILE A 353 -22.99 0.70 14.70
CA ILE A 353 -21.67 0.34 15.20
C ILE A 353 -20.86 1.61 15.52
N GLU A 354 -20.95 2.61 14.66
CA GLU A 354 -20.25 3.90 14.85
C GLU A 354 -20.45 4.51 16.25
N VAL A 355 -21.49 4.02 16.94
CA VAL A 355 -21.88 4.51 18.24
C VAL A 355 -20.84 4.21 19.35
N ILE A 356 -20.07 3.14 19.19
CA ILE A 356 -19.06 2.79 20.17
C ILE A 356 -17.90 3.78 20.20
N HIS A 357 -17.72 4.49 19.07
CA HIS A 357 -16.66 5.48 18.90
C HIS A 357 -17.02 6.81 19.56
N ILE A 358 -18.31 7.01 19.86
CA ILE A 358 -18.84 8.23 20.52
C ILE A 358 -18.34 8.35 21.98
N PRO A 359 -17.95 9.57 22.39
CA PRO A 359 -17.36 9.75 23.71
C PRO A 359 -18.35 9.54 24.84
N ASN A 360 -17.90 8.92 25.93
CA ASN A 360 -18.68 8.73 27.17
C ASN A 360 -20.06 8.07 27.04
N PHE A 361 -20.11 6.91 26.38
CA PHE A 361 -21.41 6.31 26.11
C PHE A 361 -21.82 5.28 27.14
N ASP A 362 -20.90 4.38 27.45
CA ASP A 362 -21.13 3.38 28.51
C ASP A 362 -21.22 4.06 29.87
N THR A 363 -20.43 5.10 30.06
CA THR A 363 -20.45 5.91 31.27
C THR A 363 -21.74 6.74 31.39
N THR A 364 -22.16 7.41 30.30
CA THR A 364 -23.42 8.18 30.20
C THR A 364 -24.64 7.35 30.56
N LEU A 365 -24.83 6.24 29.84
CA LEU A 365 -26.01 5.41 30.00
C LEU A 365 -26.05 4.71 31.34
N LYS A 366 -24.90 4.18 31.79
CA LYS A 366 -24.80 3.58 33.14
C LYS A 366 -25.16 4.58 34.27
N LEU A 367 -24.80 5.85 34.09
CA LEU A 367 -25.18 6.91 35.04
C LEU A 367 -26.64 7.33 34.91
N THR A 368 -27.15 7.35 33.68
CA THR A 368 -28.56 7.67 33.39
C THR A 368 -29.52 6.61 33.94
N ILE A 369 -29.22 5.34 33.65
CA ILE A 369 -30.00 4.21 34.15
C ILE A 369 -30.00 4.15 35.69
N ASP A 370 -28.86 4.46 36.31
CA ASP A 370 -28.75 4.51 37.77
C ASP A 370 -29.66 5.57 38.39
N SER A 371 -29.70 6.74 37.75
CA SER A 371 -30.53 7.84 38.21
C SER A 371 -32.01 7.60 37.91
N LEU A 372 -32.29 6.95 36.77
CA LEU A 372 -33.64 6.52 36.43
C LEU A 372 -34.18 5.48 37.41
N LYS A 373 -33.29 4.61 37.90
CA LYS A 373 -33.62 3.61 38.92
C LYS A 373 -33.83 4.24 40.29
N MET A 374 -33.18 5.36 40.55
CA MET A 374 -33.29 6.05 41.83
C MET A 374 -34.61 6.80 41.95
N ILE A 375 -35.12 7.28 40.82
CA ILE A 375 -36.46 7.91 40.76
C ILE A 375 -37.59 6.87 40.99
N LYS A 376 -37.52 5.74 40.27
CA LYS A 376 -38.45 4.63 40.43
C LYS A 376 -38.42 4.05 41.86
N SER A 377 -37.23 4.00 42.44
CA SER A 377 -37.05 3.56 43.82
C SER A 377 -37.63 4.56 44.84
N SER A 378 -37.55 5.85 44.50
CA SER A 378 -38.09 6.86 45.39
C SER A 378 -39.60 6.91 45.34
N LEU A 379 -40.19 6.76 44.15
CA LEU A 379 -41.64 6.59 43.98
C LEU A 379 -42.13 5.41 44.77
N SER A 380 -41.38 4.31 44.70
CA SER A 380 -41.70 3.08 45.41
C SER A 380 -41.74 3.25 46.93
N THR A 381 -40.84 4.08 47.47
CA THR A 381 -40.82 4.41 48.92
C THR A 381 -42.00 5.31 49.31
N PHE A 382 -42.34 6.25 48.42
CA PHE A 382 -43.49 7.15 48.59
C PHE A 382 -44.82 6.40 48.61
N LEU A 383 -45.02 5.54 47.60
CA LEU A 383 -46.27 4.79 47.43
C LEU A 383 -46.52 3.79 48.56
N GLU A 384 -45.47 3.13 49.04
CA GLU A 384 -45.65 2.17 50.12
C GLU A 384 -45.87 2.85 51.46
N ARG A 385 -45.28 4.04 51.65
CA ARG A 385 -45.51 4.84 52.86
C ARG A 385 -46.88 5.45 52.86
N GLN A 386 -47.41 5.67 51.66
CA GLN A 386 -48.76 6.15 51.47
C GLN A 386 -49.74 5.01 51.77
N ARG A 387 -49.41 3.83 51.27
CA ARG A 387 -50.20 2.62 51.49
C ARG A 387 -50.25 2.20 52.93
N ARG A 388 -49.15 2.36 53.64
CA ARG A 388 -49.11 1.92 55.02
C ARG A 388 -49.96 2.82 55.92
N GLN A 389 -50.16 4.06 55.50
CA GLN A 389 -51.01 5.01 56.23
C GLN A 389 -52.49 4.67 56.13
N PHE A 390 -52.96 4.38 54.92
CA PHE A 390 -54.31 3.92 54.68
C PHE A 390 -54.29 2.54 54.00
N PRO A 391 -54.17 1.43 54.78
CA PRO A 391 -53.98 0.11 54.15
C PRO A 391 -55.09 -0.38 53.19
N ARG A 392 -56.07 0.45 52.87
CA ARG A 392 -56.97 0.16 51.76
C ARG A 392 -56.24 0.23 50.42
N PHE A 393 -55.34 1.21 50.34
CA PHE A 393 -54.46 1.46 49.22
C PHE A 393 -53.64 0.23 48.81
N TYR A 394 -53.46 -0.70 49.73
CA TYR A 394 -52.86 -1.99 49.40
C TYR A 394 -53.73 -2.69 48.37
N PHE A 395 -55.05 -2.58 48.50
CA PHE A 395 -55.94 -3.18 47.49
C PHE A 395 -55.85 -2.47 46.15
N LEU A 396 -55.59 -1.18 46.17
CA LEU A 396 -55.52 -0.40 44.93
C LEU A 396 -54.40 -0.73 43.88
N GLY A 397 -53.15 -0.75 44.36
CA GLY A 397 -52.01 -0.86 43.47
C GLY A 397 -51.49 0.48 42.97
N ASN A 398 -50.31 0.46 42.36
CA ASN A 398 -49.61 1.69 42.00
C ASN A 398 -50.32 2.60 41.05
N ASP A 399 -50.75 2.07 39.90
CA ASP A 399 -51.29 2.96 38.89
C ASP A 399 -52.57 3.63 39.37
N ASP A 400 -53.48 2.83 39.92
CA ASP A 400 -54.72 3.34 40.53
C ASP A 400 -54.43 4.35 41.64
N LEU A 401 -53.42 4.04 42.45
CA LEU A 401 -53.08 4.87 43.60
C LEU A 401 -52.57 6.23 43.12
N LEU A 402 -51.76 6.23 42.07
CA LEU A 402 -51.25 7.47 41.50
C LEU A 402 -52.38 8.35 40.98
N LYS A 403 -53.41 7.73 40.41
CA LYS A 403 -54.55 8.49 39.91
C LYS A 403 -55.27 9.21 41.05
N ILE A 404 -55.27 8.60 42.24
CA ILE A 404 -55.93 9.15 43.46
C ILE A 404 -55.17 10.37 44.02
N ILE A 405 -53.85 10.25 44.11
CA ILE A 405 -52.96 11.35 44.49
C ILE A 405 -53.06 12.50 43.45
N GLY A 406 -53.12 12.11 42.18
CA GLY A 406 -53.27 13.06 41.07
C GLY A 406 -54.65 13.72 41.01
N SER A 407 -55.67 12.97 41.38
CA SER A 407 -57.05 13.41 41.24
C SER A 407 -57.54 14.14 42.49
N GLY A 408 -56.61 14.42 43.42
CA GLY A 408 -56.92 15.02 44.72
C GLY A 408 -57.69 16.32 44.61
N LYS A 409 -57.20 17.20 43.72
CA LYS A 409 -57.88 18.45 43.37
C LYS A 409 -59.38 18.20 43.22
N HIS A 410 -59.72 17.22 42.39
CA HIS A 410 -61.11 16.88 42.09
C HIS A 410 -61.88 16.23 43.25
N HIS A 411 -61.25 15.29 43.95
CA HIS A 411 -61.90 14.56 45.05
C HIS A 411 -62.98 13.57 44.60
N ASP A 412 -63.95 14.05 43.83
CA ASP A 412 -65.04 13.22 43.32
C ASP A 412 -64.56 12.04 42.47
N GLN A 413 -63.36 12.15 41.90
CA GLN A 413 -62.81 11.09 41.05
C GLN A 413 -62.25 9.89 41.86
N VAL A 414 -62.16 10.02 43.18
CA VAL A 414 -61.77 8.90 44.06
C VAL A 414 -62.87 7.84 44.19
N SER A 415 -64.14 8.25 44.06
CA SER A 415 -65.30 7.35 44.22
C SER A 415 -65.22 6.08 43.37
N LYS A 416 -64.64 6.19 42.17
CA LYS A 416 -64.39 5.05 41.26
C LYS A 416 -63.59 3.92 41.93
N PHE A 417 -62.51 4.32 42.59
CA PHE A 417 -61.54 3.41 43.22
C PHE A 417 -62.00 2.82 44.56
N MET A 418 -63.01 3.44 45.17
CA MET A 418 -63.55 2.95 46.44
C MET A 418 -64.15 1.57 46.32
N LYS A 419 -64.85 1.33 45.22
CA LYS A 419 -65.48 0.05 44.96
C LYS A 419 -64.50 -1.12 45.20
N LYS A 420 -63.22 -0.84 44.98
CA LYS A 420 -62.13 -1.81 45.02
C LYS A 420 -61.64 -1.97 46.41
N MET A 421 -61.34 -0.82 47.01
CA MET A 421 -60.75 -0.82 48.34
C MET A 421 -61.75 -0.96 49.47
N PHE A 422 -63.05 -1.05 49.16
CA PHE A 422 -64.08 -1.31 50.19
C PHE A 422 -64.85 -2.59 49.95
N GLY A 423 -65.37 -2.75 48.74
CA GLY A 423 -65.96 -4.01 48.31
C GLY A 423 -67.46 -3.94 48.36
N SER A 424 -67.96 -3.23 49.36
CA SER A 424 -69.38 -3.09 49.55
C SER A 424 -69.88 -1.83 48.84
N ILE A 425 -69.14 -0.73 48.93
CA ILE A 425 -69.63 0.55 48.43
C ILE A 425 -69.24 0.73 46.94
N GLU A 426 -69.96 1.56 46.21
CA GLU A 426 -69.65 1.83 44.80
C GLU A 426 -69.16 3.25 44.54
N SER A 427 -69.88 4.25 45.06
CA SER A 427 -69.55 5.66 44.84
C SER A 427 -69.86 6.47 46.08
N ILE A 428 -69.16 7.59 46.24
CA ILE A 428 -69.24 8.35 47.49
C ILE A 428 -70.05 9.65 47.26
N ILE A 429 -70.81 10.07 48.29
CA ILE A 429 -71.71 11.24 48.21
C ILE A 429 -71.12 12.48 48.91
N PHE A 430 -71.12 13.60 48.18
CA PHE A 430 -70.61 14.86 48.69
C PHE A 430 -71.68 15.95 48.69
N LEU A 431 -71.42 16.98 49.51
CA LEU A 431 -71.96 18.32 49.31
C LEU A 431 -70.81 19.24 48.89
N GLU A 432 -69.81 18.57 48.31
CA GLU A 432 -68.58 19.20 47.82
C GLU A 432 -67.59 19.53 48.93
N ASP A 433 -67.95 20.49 49.79
CA ASP A 433 -67.08 20.80 50.92
C ASP A 433 -67.16 19.67 51.94
N PHE A 434 -68.32 19.02 52.00
CA PHE A 434 -68.67 18.02 53.03
C PHE A 434 -69.12 16.66 52.45
N ILE A 435 -68.74 15.54 53.09
CA ILE A 435 -69.13 14.18 52.66
C ILE A 435 -70.38 13.76 53.39
N THR A 436 -71.51 13.75 52.69
CA THR A 436 -72.79 13.43 53.34
C THR A 436 -72.98 11.93 53.59
N GLY A 437 -72.34 11.10 52.79
CA GLY A 437 -72.37 9.66 52.97
C GLY A 437 -71.75 8.89 51.81
N VAL A 438 -72.17 7.63 51.67
CA VAL A 438 -71.64 6.71 50.66
C VAL A 438 -72.79 5.87 50.11
N ARG A 439 -72.69 5.42 48.87
CA ARG A 439 -73.68 4.43 48.39
C ARG A 439 -73.07 3.09 47.97
N SER A 440 -73.76 1.98 48.28
CA SER A 440 -73.22 0.64 48.05
C SER A 440 -73.43 0.18 46.62
N VAL A 441 -72.68 -0.85 46.22
CA VAL A 441 -72.74 -1.45 44.88
C VAL A 441 -74.13 -2.02 44.59
N GLU A 442 -74.90 -2.17 45.65
CA GLU A 442 -76.24 -2.72 45.62
C GLU A 442 -77.29 -1.61 45.30
N GLY A 443 -76.92 -0.34 45.58
CA GLY A 443 -77.79 0.86 45.38
C GLY A 443 -78.24 1.53 46.68
N GLU A 444 -77.96 0.90 47.83
CA GLU A 444 -78.41 1.39 49.12
C GLU A 444 -77.59 2.61 49.51
N VAL A 445 -78.26 3.67 49.97
CA VAL A 445 -77.59 4.92 50.43
C VAL A 445 -77.35 5.01 51.96
N LEU A 446 -76.09 5.04 52.36
CA LEU A 446 -75.73 5.23 53.76
C LEU A 446 -75.29 6.65 53.99
N ASN A 447 -75.89 7.33 54.97
CA ASN A 447 -75.51 8.70 55.33
C ASN A 447 -74.77 8.69 56.64
N LEU A 448 -73.67 9.44 56.73
CA LEU A 448 -72.88 9.49 57.95
C LEU A 448 -73.49 10.38 59.02
N ASN A 449 -73.03 10.23 60.27
CA ASN A 449 -73.50 11.04 61.39
C ASN A 449 -72.95 12.45 61.26
N GLU A 450 -71.63 12.54 61.26
CA GLU A 450 -70.92 13.77 60.98
C GLU A 450 -70.52 13.80 59.50
N LYS A 451 -70.97 14.82 58.75
CA LYS A 451 -70.43 15.00 57.40
C LYS A 451 -68.99 15.54 57.43
N ILE A 452 -68.04 14.75 56.91
CA ILE A 452 -66.60 15.06 56.98
C ILE A 452 -66.20 16.26 56.08
N GLU A 453 -65.65 17.27 56.73
CA GLU A 453 -65.25 18.52 56.09
C GLU A 453 -63.99 18.33 55.24
N LEU A 454 -63.95 19.01 54.10
CA LEU A 454 -62.81 18.94 53.17
C LEU A 454 -62.28 20.32 52.82
N LYS A 455 -60.96 20.42 52.72
CA LYS A 455 -60.34 21.58 52.05
C LYS A 455 -59.44 21.12 50.89
N ASP A 456 -59.14 22.03 49.98
CA ASP A 456 -58.31 21.69 48.81
C ASP A 456 -56.98 21.00 49.17
N SER A 457 -56.16 21.64 50.01
CA SER A 457 -54.91 21.05 50.52
C SER A 457 -55.12 20.08 51.71
N ILE A 458 -55.86 19.01 51.45
CA ILE A 458 -56.07 17.90 52.37
C ILE A 458 -55.68 16.65 51.57
N GLN A 459 -55.09 15.68 52.25
CA GLN A 459 -54.72 14.45 51.60
C GLN A 459 -55.80 13.38 51.63
N ALA A 460 -55.78 12.58 50.57
CA ALA A 460 -56.73 11.52 50.39
C ALA A 460 -56.59 10.62 51.57
N GLN A 461 -55.34 10.28 51.91
CA GLN A 461 -55.11 9.29 52.97
C GLN A 461 -55.74 9.75 54.27
N GLU A 462 -55.63 11.05 54.54
CA GLU A 462 -56.19 11.61 55.75
C GLU A 462 -57.74 11.63 55.76
N TRP A 463 -58.37 12.10 54.68
CA TRP A 463 -59.83 12.24 54.68
C TRP A 463 -60.59 10.89 54.61
N LEU A 464 -60.03 9.95 53.85
CA LEU A 464 -60.58 8.60 53.62
C LEU A 464 -60.49 7.74 54.85
N ASN A 465 -59.47 8.00 55.66
CA ASN A 465 -59.24 7.21 56.86
C ASN A 465 -60.30 7.52 57.90
N ILE A 466 -60.74 8.78 57.89
CA ILE A 466 -61.83 9.27 58.75
C ILE A 466 -63.15 8.63 58.31
N LEU A 467 -63.33 8.50 56.99
CA LEU A 467 -64.52 7.91 56.40
C LEU A 467 -64.73 6.45 56.77
N ASP A 468 -63.66 5.64 56.69
CA ASP A 468 -63.66 4.23 57.15
C ASP A 468 -64.13 4.12 58.60
N THR A 469 -63.68 5.06 59.43
CA THR A 469 -64.03 5.08 60.84
C THR A 469 -65.51 5.47 61.01
N GLU A 470 -65.89 6.58 60.40
CA GLU A 470 -67.25 7.11 60.45
C GLU A 470 -68.30 6.18 59.81
N ILE A 471 -67.89 5.46 58.75
CA ILE A 471 -68.78 4.52 58.01
C ILE A 471 -69.21 3.42 58.96
N LYS A 472 -68.31 2.99 59.86
CA LYS A 472 -68.57 1.92 60.86
C LYS A 472 -69.40 2.43 62.01
N LEU A 473 -69.09 3.65 62.45
CA LEU A 473 -69.82 4.34 63.52
C LEU A 473 -71.24 4.61 63.09
N SER A 474 -71.37 5.03 61.84
CA SER A 474 -72.64 5.37 61.27
C SER A 474 -73.60 4.13 61.21
N VAL A 475 -72.99 2.97 61.01
CA VAL A 475 -73.69 1.70 61.07
C VAL A 475 -74.13 1.35 62.52
N PHE A 476 -73.28 1.60 63.52
CA PHE A 476 -73.66 1.42 64.93
C PHE A 476 -74.83 2.31 65.31
N THR A 477 -74.73 3.57 64.91
CA THR A 477 -75.78 4.55 65.15
C THR A 477 -77.08 4.01 64.56
N GLN A 478 -77.11 3.78 63.24
CA GLN A 478 -78.30 3.22 62.61
C GLN A 478 -78.76 1.88 63.21
N PHE A 479 -77.86 1.15 63.86
CA PHE A 479 -78.21 -0.11 64.51
C PHE A 479 -78.87 0.16 65.85
N ARG A 480 -78.21 0.92 66.74
CA ARG A 480 -78.77 1.18 68.08
C ARG A 480 -80.12 1.92 68.01
N ASP A 481 -80.18 2.91 67.12
CA ASP A 481 -81.40 3.68 66.82
C ASP A 481 -82.57 2.77 66.46
N CYS A 482 -82.28 1.85 65.56
CA CYS A 482 -83.22 0.87 65.13
C CYS A 482 -83.52 -0.19 66.20
N LEU A 483 -82.49 -0.81 66.79
CA LEU A 483 -82.74 -1.88 67.76
C LEU A 483 -83.67 -1.38 68.85
N GLY A 484 -83.35 -0.19 69.37
CA GLY A 484 -84.16 0.47 70.38
C GLY A 484 -85.59 0.66 69.95
N GLN A 485 -85.81 0.99 68.68
CA GLN A 485 -87.17 1.15 68.18
C GLN A 485 -88.02 -0.10 68.24
N ILE A 486 -87.47 -1.22 67.78
CA ILE A 486 -88.19 -2.51 67.77
C ILE A 486 -88.45 -2.97 69.20
N LYS A 487 -87.50 -2.69 70.09
CA LYS A 487 -87.68 -3.04 71.47
C LYS A 487 -88.91 -2.32 72.02
N ASP A 488 -89.11 -1.10 71.56
CA ASP A 488 -90.31 -0.32 71.84
C ASP A 488 -91.39 -0.70 70.82
N GLY A 489 -91.72 -1.99 70.78
CA GLY A 489 -92.87 -2.52 70.06
C GLY A 489 -93.24 -1.88 68.72
N THR A 490 -92.26 -1.75 67.83
CA THR A 490 -92.50 -1.12 66.54
C THR A 490 -92.53 -2.16 65.39
N ASP A 491 -93.56 -2.10 64.56
CA ASP A 491 -93.65 -3.08 63.48
C ASP A 491 -92.51 -2.95 62.51
N ILE A 492 -91.98 -4.11 62.11
CA ILE A 492 -90.80 -4.17 61.28
C ILE A 492 -91.00 -3.45 59.92
N GLU A 493 -92.24 -3.41 59.43
CA GLU A 493 -92.60 -2.71 58.18
C GLU A 493 -92.31 -1.21 58.23
N VAL A 494 -92.37 -0.68 59.45
CA VAL A 494 -92.09 0.72 59.76
C VAL A 494 -90.59 0.99 59.61
N VAL A 495 -89.82 0.15 60.26
CA VAL A 495 -88.36 0.28 60.34
C VAL A 495 -87.65 0.21 58.98
N VAL A 496 -88.06 -0.76 58.16
CA VAL A 496 -87.46 -1.03 56.85
C VAL A 496 -87.31 0.25 56.03
N SER A 497 -88.37 1.06 56.02
CA SER A 497 -88.44 2.28 55.23
C SER A 497 -87.42 3.37 55.61
N LYS A 498 -86.89 3.30 56.83
CA LYS A 498 -85.96 4.34 57.28
C LYS A 498 -84.54 3.93 57.64
N TYR A 499 -84.30 2.64 57.78
CA TYR A 499 -83.00 2.14 58.15
C TYR A 499 -82.32 1.28 57.06
N ILE A 500 -81.02 1.48 56.87
CA ILE A 500 -80.17 0.63 56.01
C ILE A 500 -80.24 -0.85 56.45
N PHE A 501 -80.17 -1.78 55.46
CA PHE A 501 -80.41 -3.20 55.69
C PHE A 501 -79.46 -3.76 56.72
N GLN A 502 -78.18 -3.42 56.56
CA GLN A 502 -77.16 -3.94 57.46
C GLN A 502 -77.55 -3.71 58.94
N ALA A 503 -78.08 -2.52 59.21
CA ALA A 503 -78.52 -2.11 60.54
C ALA A 503 -79.73 -2.89 61.01
N ILE A 504 -80.82 -2.83 60.21
CA ILE A 504 -82.07 -3.52 60.55
C ILE A 504 -81.90 -5.03 60.75
N LEU A 505 -81.00 -5.63 59.95
CA LEU A 505 -80.71 -7.05 60.06
C LEU A 505 -80.17 -7.42 61.44
N LEU A 506 -79.19 -6.62 61.89
CA LEU A 506 -78.51 -6.82 63.18
C LEU A 506 -79.45 -6.62 64.39
N SER A 507 -80.34 -5.62 64.25
CA SER A 507 -81.35 -5.26 65.22
C SER A 507 -82.39 -6.36 65.45
N ALA A 508 -82.78 -6.97 64.34
CA ALA A 508 -83.68 -8.11 64.33
C ALA A 508 -83.05 -9.27 65.06
N GLN A 509 -81.86 -9.65 64.61
CA GLN A 509 -81.06 -10.71 65.19
C GLN A 509 -80.90 -10.60 66.72
N VAL A 510 -80.67 -9.38 67.22
CA VAL A 510 -80.37 -9.16 68.63
C VAL A 510 -81.62 -9.23 69.46
N MET A 511 -82.70 -8.73 68.87
CA MET A 511 -83.96 -8.76 69.58
C MET A 511 -84.56 -10.14 69.54
N TRP A 512 -84.40 -10.79 68.39
CA TRP A 512 -84.90 -12.13 68.18
C TRP A 512 -84.26 -12.98 69.24
N THR A 513 -82.93 -12.88 69.30
CA THR A 513 -82.17 -13.75 70.15
C THR A 513 -82.62 -13.54 71.61
N GLU A 514 -82.74 -12.26 72.01
CA GLU A 514 -83.19 -11.87 73.35
C GLU A 514 -84.57 -12.45 73.68
N LEU A 515 -85.49 -12.36 72.69
CA LEU A 515 -86.89 -12.80 72.83
C LEU A 515 -87.04 -14.30 72.86
N VAL A 516 -86.10 -15.01 72.26
CA VAL A 516 -86.21 -16.46 72.26
C VAL A 516 -85.48 -17.00 73.49
N GLU A 517 -84.46 -16.26 73.94
CA GLU A 517 -83.64 -16.65 75.08
C GLU A 517 -84.51 -16.80 76.32
N LYS A 518 -85.40 -15.83 76.49
CA LYS A 518 -86.38 -15.84 77.59
C LYS A 518 -87.51 -16.85 77.38
N CYS A 519 -87.82 -17.07 76.11
CA CYS A 519 -88.86 -17.97 75.71
C CYS A 519 -88.43 -19.45 75.95
N LEU A 520 -87.14 -19.75 76.01
CA LEU A 520 -86.69 -21.10 76.38
C LEU A 520 -87.00 -21.44 77.81
N GLN A 521 -86.96 -20.40 78.67
CA GLN A 521 -87.23 -20.54 80.10
C GLN A 521 -88.73 -20.76 80.38
N THR A 522 -89.55 -19.85 79.89
CA THR A 522 -91.00 -19.94 80.03
C THR A 522 -91.67 -21.06 79.21
N ASN A 523 -91.10 -21.42 78.05
CA ASN A 523 -91.71 -22.33 77.06
C ASN A 523 -92.94 -21.73 76.36
N GLN A 524 -92.90 -20.41 76.12
CA GLN A 524 -93.99 -19.62 75.52
C GLN A 524 -93.85 -19.46 74.00
N PHE A 525 -93.25 -20.51 73.41
CA PHE A 525 -92.92 -20.56 72.01
C PHE A 525 -94.06 -20.21 71.06
N SER A 526 -95.25 -20.72 71.35
CA SER A 526 -96.39 -20.58 70.46
C SER A 526 -96.79 -19.10 70.35
N LYS A 527 -96.68 -18.38 71.46
CA LYS A 527 -97.11 -16.99 71.55
C LYS A 527 -96.18 -16.13 70.69
N TYR A 528 -94.89 -16.52 70.68
CA TYR A 528 -93.84 -15.79 69.93
C TYR A 528 -93.82 -16.19 68.48
N TRP A 529 -94.19 -17.44 68.23
CA TRP A 529 -94.15 -18.03 66.90
C TRP A 529 -95.11 -17.31 65.95
N LYS A 530 -96.39 -17.21 66.35
CA LYS A 530 -97.42 -16.59 65.51
C LYS A 530 -97.05 -15.15 65.25
N GLU A 531 -96.67 -14.51 66.35
CA GLU A 531 -96.09 -13.20 66.38
C GLU A 531 -95.03 -13.02 65.28
N VAL A 532 -94.15 -14.00 65.14
CA VAL A 532 -93.07 -13.91 64.14
C VAL A 532 -93.62 -14.16 62.75
N ASP A 533 -94.49 -15.18 62.69
CA ASP A 533 -95.14 -15.63 61.47
C ASP A 533 -95.95 -14.50 60.83
N MET A 534 -96.49 -13.64 61.68
CA MET A 534 -97.27 -12.51 61.23
C MET A 534 -96.41 -11.42 60.65
N LYS A 535 -95.24 -11.20 61.27
CA LYS A 535 -94.28 -10.26 60.75
C LYS A 535 -93.80 -10.73 59.36
N ILE A 536 -93.75 -12.06 59.16
CA ILE A 536 -93.31 -12.66 57.87
C ILE A 536 -94.32 -12.36 56.81
N LYS A 537 -95.59 -12.70 57.07
CA LYS A 537 -96.70 -12.41 56.16
C LYS A 537 -96.81 -10.91 55.88
N GLY A 538 -96.70 -10.13 56.95
CA GLY A 538 -96.70 -8.67 56.86
C GLY A 538 -95.63 -8.12 55.95
N LEU A 539 -94.43 -8.71 56.00
CA LEU A 539 -93.30 -8.29 55.14
C LEU A 539 -93.54 -8.67 53.69
N LEU A 540 -94.19 -9.82 53.50
CA LEU A 540 -94.42 -10.40 52.20
C LEU A 540 -95.34 -9.53 51.38
N ASP A 541 -96.45 -9.12 51.99
CA ASP A 541 -97.45 -8.35 51.25
C ASP A 541 -96.94 -6.93 50.99
N LYS A 542 -96.09 -6.43 51.88
CA LYS A 542 -95.40 -5.13 51.72
C LYS A 542 -94.50 -5.10 50.49
N LEU A 543 -93.93 -6.25 50.18
CA LEU A 543 -92.96 -6.41 49.11
C LEU A 543 -93.58 -6.25 47.72
N ASN A 544 -94.81 -6.74 47.57
CA ASN A 544 -95.55 -6.77 46.30
C ASN A 544 -95.85 -5.36 45.78
N LYS A 545 -96.00 -4.44 46.71
CA LYS A 545 -96.40 -3.08 46.46
C LYS A 545 -95.19 -2.13 46.58
N SER A 546 -93.97 -2.65 46.63
CA SER A 546 -92.78 -1.86 47.01
C SER A 546 -91.86 -1.40 45.85
N SER A 547 -91.11 -0.32 46.07
CA SER A 547 -90.13 0.19 45.09
C SER A 547 -88.92 -0.74 44.93
N ASP A 548 -88.52 -1.00 43.68
CA ASP A 548 -87.46 -1.98 43.40
C ASP A 548 -86.27 -1.94 44.35
N ASN A 549 -85.82 -0.74 44.71
CA ASN A 549 -84.69 -0.62 45.63
C ASN A 549 -84.97 -1.24 47.01
N VAL A 550 -86.06 -0.81 47.66
CA VAL A 550 -86.47 -1.38 48.95
C VAL A 550 -86.96 -2.82 48.82
N LYS A 551 -87.26 -3.23 47.58
CA LYS A 551 -87.64 -4.60 47.22
C LYS A 551 -86.52 -5.60 47.53
N LYS A 552 -85.27 -5.15 47.34
CA LYS A 552 -84.08 -5.95 47.65
C LYS A 552 -83.98 -6.15 49.16
N LYS A 553 -84.23 -5.07 49.87
CA LYS A 553 -84.06 -4.99 51.31
C LYS A 553 -85.02 -5.93 52.08
N ILE A 554 -86.28 -5.94 51.63
CA ILE A 554 -87.35 -6.82 52.17
C ILE A 554 -87.05 -8.32 51.96
N GLU A 555 -86.66 -8.62 50.72
CA GLU A 555 -86.32 -9.98 50.34
C GLU A 555 -85.17 -10.52 51.16
N ALA A 556 -84.15 -9.66 51.36
CA ALA A 556 -82.96 -9.97 52.15
C ALA A 556 -83.28 -10.26 53.60
N LEU A 557 -84.26 -9.49 54.09
CA LEU A 557 -84.77 -9.64 55.46
C LEU A 557 -85.64 -10.83 55.59
N LEU A 558 -86.26 -11.22 54.47
CA LEU A 558 -87.17 -12.33 54.54
C LEU A 558 -86.41 -13.62 54.81
N VAL A 559 -85.22 -13.69 54.22
CA VAL A 559 -84.36 -14.85 54.33
C VAL A 559 -84.15 -15.11 55.81
N GLU A 560 -83.99 -14.00 56.56
CA GLU A 560 -83.67 -13.99 58.01
C GLU A 560 -84.86 -14.28 58.89
N TYR A 561 -85.97 -13.63 58.60
CA TYR A 561 -87.17 -13.85 59.38
C TYR A 561 -87.67 -15.27 59.26
N LEU A 562 -87.42 -15.89 58.12
CA LEU A 562 -87.81 -17.28 57.92
C LEU A 562 -86.99 -18.18 58.80
N HIS A 563 -85.73 -17.78 58.99
CA HIS A 563 -84.74 -18.48 59.79
C HIS A 563 -85.20 -18.41 61.23
N PHE A 564 -85.59 -17.20 61.63
CA PHE A 564 -86.10 -16.96 62.99
C PHE A 564 -87.22 -17.93 63.28
N ASN A 565 -88.28 -17.89 62.45
CA ASN A 565 -89.45 -18.68 62.75
C ASN A 565 -89.16 -20.16 62.67
N ASN A 566 -88.41 -20.57 61.65
CA ASN A 566 -87.99 -21.98 61.54
C ASN A 566 -87.37 -22.52 62.84
N VAL A 567 -86.48 -21.72 63.46
CA VAL A 567 -85.71 -22.18 64.62
C VAL A 567 -86.67 -22.29 65.79
N ILE A 568 -87.56 -21.30 65.91
CA ILE A 568 -88.55 -21.26 66.99
C ILE A 568 -89.49 -22.47 66.88
N GLY A 569 -89.93 -22.77 65.66
CA GLY A 569 -90.83 -23.88 65.43
C GLY A 569 -90.16 -25.17 65.82
N GLN A 570 -88.91 -25.32 65.43
CA GLN A 570 -88.12 -26.46 65.83
C GLN A 570 -88.00 -26.56 67.35
N LEU A 571 -87.90 -25.41 67.98
CA LEU A 571 -87.75 -25.32 69.42
C LEU A 571 -89.04 -25.65 70.13
N LYS A 572 -90.18 -25.32 69.49
CA LYS A 572 -91.50 -25.61 70.06
C LYS A 572 -91.62 -27.13 70.18
N ASN A 573 -91.06 -27.81 69.18
CA ASN A 573 -91.26 -29.24 68.97
C ASN A 573 -90.45 -30.14 69.89
N CYS A 574 -89.45 -29.60 70.55
CA CYS A 574 -88.53 -30.39 71.36
C CYS A 574 -89.22 -31.19 72.50
N SER A 575 -88.79 -32.44 72.69
CA SER A 575 -89.36 -33.37 73.69
C SER A 575 -89.25 -32.85 75.12
N THR A 576 -88.15 -32.17 75.41
CA THR A 576 -87.73 -31.63 76.71
C THR A 576 -87.03 -30.28 76.55
N LYS A 577 -86.62 -29.69 77.66
CA LYS A 577 -85.89 -28.43 77.65
C LYS A 577 -84.40 -28.60 77.33
N GLU A 578 -83.85 -29.77 77.66
CA GLU A 578 -82.45 -30.10 77.31
C GLU A 578 -82.30 -30.17 75.78
N GLU A 579 -83.32 -30.73 75.14
CA GLU A 579 -83.43 -30.87 73.69
C GLU A 579 -83.42 -29.49 73.04
N ALA A 580 -84.05 -28.54 73.71
CA ALA A 580 -84.16 -27.17 73.23
C ALA A 580 -82.89 -26.41 73.44
N ARG A 581 -82.19 -26.72 74.53
CA ARG A 581 -80.92 -26.05 74.79
C ARG A 581 -79.81 -26.55 73.89
N LEU A 582 -79.94 -27.80 73.41
CA LEU A 582 -79.03 -28.40 72.40
C LEU A 582 -79.17 -27.72 71.03
N LEU A 583 -80.41 -27.59 70.60
CA LEU A 583 -80.72 -26.98 69.31
C LEU A 583 -80.29 -25.50 69.26
N TRP A 584 -80.46 -24.83 70.40
CA TRP A 584 -80.20 -23.42 70.51
C TRP A 584 -78.67 -23.16 70.47
N ALA A 585 -77.93 -24.07 71.07
CA ALA A 585 -76.48 -24.01 71.05
C ALA A 585 -75.85 -24.09 69.62
N LYS A 586 -76.54 -24.76 68.72
CA LYS A 586 -76.01 -24.95 67.39
C LYS A 586 -76.22 -23.68 66.58
N VAL A 587 -77.17 -22.87 67.04
CA VAL A 587 -77.54 -21.70 66.27
C VAL A 587 -76.61 -20.51 66.54
N GLN A 588 -76.57 -19.57 65.58
CA GLN A 588 -75.80 -18.33 65.68
C GLN A 588 -76.63 -17.33 66.41
N LYS A 589 -76.22 -17.03 67.65
CA LYS A 589 -76.98 -16.19 68.59
C LYS A 589 -76.28 -14.84 68.68
N PHE A 590 -77.03 -13.76 68.40
CA PHE A 590 -76.46 -12.39 68.33
C PHE A 590 -76.66 -11.57 69.56
N TYR A 591 -75.64 -11.54 70.41
CA TYR A 591 -75.73 -10.82 71.65
C TYR A 591 -75.10 -9.42 71.59
N GLN A 592 -75.64 -8.58 72.49
CA GLN A 592 -75.13 -7.25 72.74
C GLN A 592 -74.75 -7.15 74.20
N LYS A 593 -73.72 -6.36 74.46
CA LYS A 593 -73.32 -6.12 75.81
C LYS A 593 -74.01 -4.83 76.26
N ASN A 594 -74.99 -5.02 77.16
CA ASN A 594 -75.60 -3.98 77.99
C ASN A 594 -74.77 -4.00 79.28
N ASP A 595 -73.59 -3.39 79.15
CA ASP A 595 -72.57 -3.34 80.21
C ASP A 595 -71.61 -2.16 79.95
N THR A 596 -71.31 -1.85 78.68
CA THR A 596 -69.96 -1.41 78.30
C THR A 596 -69.83 -0.33 77.23
N LEU A 597 -68.60 0.20 77.13
CA LEU A 597 -68.11 1.30 76.22
C LEU A 597 -67.44 0.71 74.93
N ASP A 598 -66.94 1.54 74.01
CA ASP A 598 -66.23 1.05 72.78
C ASP A 598 -67.20 0.44 71.78
N ASP A 599 -68.32 1.10 71.61
CA ASP A 599 -69.52 0.51 71.05
C ASP A 599 -69.27 -0.38 69.83
N LEU A 600 -68.36 0.01 68.97
CA LEU A 600 -67.99 -0.85 67.83
C LEU A 600 -67.72 -2.27 68.31
N ASN A 601 -67.19 -2.39 69.50
CA ASN A 601 -66.94 -3.69 70.11
C ASN A 601 -68.08 -4.23 70.98
N SER A 602 -69.22 -3.52 71.01
CA SER A 602 -70.38 -3.93 71.83
C SER A 602 -71.15 -5.16 71.38
N VAL A 603 -71.25 -5.41 70.06
CA VAL A 603 -72.00 -6.59 69.55
C VAL A 603 -71.08 -7.77 69.31
N PHE A 604 -71.49 -8.93 69.82
CA PHE A 604 -70.72 -10.17 69.71
C PHE A 604 -71.66 -11.34 69.32
N ILE A 605 -71.11 -12.45 68.80
CA ILE A 605 -71.97 -13.53 68.33
C ILE A 605 -71.56 -14.87 68.94
N SER A 606 -72.54 -15.57 69.51
CA SER A 606 -72.30 -16.89 70.11
C SER A 606 -72.81 -18.07 69.32
N GLN A 607 -72.02 -19.15 69.31
CA GLN A 607 -72.32 -20.38 68.54
C GLN A 607 -71.41 -21.51 69.00
N SER A 608 -72.03 -22.63 69.31
CA SER A 608 -71.35 -23.79 69.88
C SER A 608 -70.52 -23.48 71.16
N GLY A 609 -70.91 -22.41 71.87
CA GLY A 609 -70.19 -22.00 73.07
C GLY A 609 -69.17 -20.92 72.82
N TYR A 610 -68.85 -20.66 71.55
CA TYR A 610 -67.76 -19.73 71.19
C TYR A 610 -68.27 -18.41 70.77
N LEU A 611 -67.48 -17.39 71.10
CA LEU A 611 -67.93 -16.01 70.86
C LEU A 611 -67.09 -15.32 69.81
N LEU A 612 -67.64 -14.29 69.14
CA LEU A 612 -66.99 -13.70 67.97
C LEU A 612 -67.50 -12.32 67.74
N GLN A 613 -66.61 -11.35 67.81
CA GLN A 613 -67.10 -9.97 67.92
C GLN A 613 -67.51 -9.48 66.56
N TYR A 614 -68.69 -8.89 66.47
CA TYR A 614 -69.13 -8.23 65.24
C TYR A 614 -68.29 -6.98 65.09
N LYS A 615 -67.47 -6.96 64.04
CA LYS A 615 -66.83 -5.77 63.53
C LYS A 615 -67.87 -4.93 62.72
N PHE A 616 -67.79 -3.61 62.67
CA PHE A 616 -68.98 -2.87 62.23
C PHE A 616 -69.02 -2.50 60.74
N GLU A 617 -68.15 -3.13 59.95
CA GLU A 617 -68.01 -2.78 58.52
C GLU A 617 -69.31 -2.77 57.74
N TYR A 618 -69.47 -1.81 56.83
CA TYR A 618 -70.66 -1.82 55.96
C TYR A 618 -70.66 -3.06 55.05
N ILE A 619 -71.82 -3.71 54.87
CA ILE A 619 -71.95 -4.89 53.97
C ILE A 619 -72.87 -4.57 52.81
N GLY A 620 -73.59 -3.47 52.93
CA GLY A 620 -74.60 -3.10 51.94
C GLY A 620 -75.79 -4.04 52.06
N ILE A 621 -76.44 -4.32 50.94
CA ILE A 621 -77.57 -5.30 50.92
C ILE A 621 -77.27 -6.43 49.94
N PRO A 622 -76.50 -7.44 50.40
CA PRO A 622 -76.17 -8.54 49.50
C PRO A 622 -77.25 -9.62 49.42
N GLU A 623 -77.24 -10.38 48.32
CA GLU A 623 -78.05 -11.60 48.14
C GLU A 623 -77.75 -12.58 49.24
N ARG A 624 -78.69 -12.74 50.17
CA ARG A 624 -78.48 -13.52 51.39
C ARG A 624 -78.85 -14.96 51.17
N LEU A 625 -77.98 -15.88 51.56
CA LEU A 625 -78.20 -17.31 51.34
C LEU A 625 -79.32 -17.82 52.24
N ILE A 626 -80.22 -18.65 51.72
CA ILE A 626 -81.25 -19.33 52.56
C ILE A 626 -80.62 -20.18 53.73
N TYR A 627 -81.16 -20.06 54.93
CA TYR A 627 -80.52 -20.74 56.04
C TYR A 627 -80.80 -22.22 56.01
N THR A 628 -79.76 -23.04 56.01
CA THR A 628 -79.92 -24.48 56.02
C THR A 628 -79.19 -25.04 57.24
N PRO A 629 -79.51 -26.28 57.62
CA PRO A 629 -78.79 -26.85 58.77
C PRO A 629 -77.35 -26.95 58.42
N LEU A 630 -77.13 -27.38 57.19
CA LEU A 630 -75.82 -27.45 56.57
C LEU A 630 -75.09 -26.11 56.64
N LEU A 631 -75.80 -25.00 56.43
CA LEU A 631 -75.15 -23.68 56.46
C LEU A 631 -74.66 -23.39 57.86
N LEU A 632 -75.53 -23.59 58.85
CA LEU A 632 -75.14 -23.40 60.25
C LEU A 632 -73.95 -24.25 60.65
N ILE A 633 -73.89 -25.48 60.17
CA ILE A 633 -72.79 -26.35 60.50
C ILE A 633 -71.51 -25.77 59.91
N GLY A 634 -71.63 -25.13 58.77
CA GLY A 634 -70.45 -24.55 58.14
C GLY A 634 -69.93 -23.35 58.91
N PHE A 635 -70.89 -22.52 59.28
CA PHE A 635 -70.70 -21.41 60.21
C PHE A 635 -70.07 -21.91 61.54
N ALA A 636 -70.49 -23.08 62.00
CA ALA A 636 -70.02 -23.64 63.24
C ALA A 636 -68.61 -24.12 63.15
N THR A 637 -68.20 -24.67 62.01
CA THR A 637 -66.79 -25.10 61.79
C THR A 637 -65.90 -23.87 61.65
N LEU A 638 -66.41 -22.85 60.95
CA LEU A 638 -65.65 -21.64 60.76
C LEU A 638 -65.39 -20.95 62.07
N THR A 639 -66.37 -20.96 62.96
CA THR A 639 -66.22 -20.32 64.27
C THR A 639 -65.28 -21.16 65.17
N ASP A 640 -65.37 -22.49 65.08
CA ASP A 640 -64.50 -23.38 65.84
C ASP A 640 -62.98 -23.22 65.44
N SER A 641 -62.69 -22.97 64.15
CA SER A 641 -61.31 -22.78 63.66
C SER A 641 -60.83 -21.44 64.13
N LEU A 642 -61.58 -20.37 63.80
CA LEU A 642 -61.23 -19.01 64.22
C LEU A 642 -60.99 -18.78 65.73
N HIS A 643 -61.80 -19.43 66.58
CA HIS A 643 -61.69 -19.36 68.05
C HIS A 643 -60.31 -19.80 68.53
N GLN A 644 -59.69 -20.74 67.83
CA GLN A 644 -58.37 -21.27 68.19
C GLN A 644 -57.30 -20.68 67.25
N LYS A 645 -57.58 -19.51 66.64
CA LYS A 645 -56.68 -18.82 65.72
C LYS A 645 -56.11 -19.63 64.51
N TYR A 646 -56.94 -20.51 63.97
CA TYR A 646 -56.66 -21.35 62.83
C TYR A 646 -57.47 -20.88 61.62
N GLY A 647 -57.00 -21.23 60.42
CA GLY A 647 -57.64 -20.87 59.14
C GLY A 647 -58.77 -21.82 58.80
N GLY A 648 -59.85 -21.26 58.25
CA GLY A 648 -61.00 -22.06 57.84
C GLY A 648 -60.77 -22.61 56.44
N CYS A 649 -61.06 -23.88 56.24
CA CYS A 649 -60.90 -24.49 54.93
C CYS A 649 -61.97 -25.55 54.62
N PHE A 650 -62.80 -25.26 53.62
CA PHE A 650 -63.58 -26.34 53.12
C PHE A 650 -63.40 -26.77 51.69
N PHE A 651 -63.09 -28.05 51.59
CA PHE A 651 -63.02 -28.80 50.38
C PHE A 651 -64.38 -29.38 50.01
N GLY A 652 -64.56 -29.68 48.71
CA GLY A 652 -65.76 -30.29 48.19
C GLY A 652 -66.08 -29.92 46.74
N PRO A 653 -67.11 -30.60 46.15
CA PRO A 653 -67.41 -30.50 44.73
C PRO A 653 -67.93 -29.14 44.33
N ALA A 654 -67.74 -28.74 43.08
CA ALA A 654 -68.11 -27.37 42.69
C ALA A 654 -69.58 -27.29 42.70
N GLY A 655 -70.07 -26.11 43.09
CA GLY A 655 -71.49 -25.80 43.18
C GLY A 655 -72.07 -26.05 44.55
N THR A 656 -71.22 -26.38 45.51
CA THR A 656 -71.64 -26.53 46.93
C THR A 656 -71.60 -25.23 47.75
N GLY A 657 -71.30 -24.09 47.09
CA GLY A 657 -71.33 -22.75 47.71
C GLY A 657 -70.33 -22.47 48.84
N LYS A 658 -69.15 -23.08 48.79
CA LYS A 658 -68.12 -22.90 49.84
C LYS A 658 -67.62 -21.46 49.96
N THR A 659 -67.46 -20.73 48.86
CA THR A 659 -67.01 -19.36 49.03
C THR A 659 -68.16 -18.50 49.48
N GLU A 660 -69.36 -18.77 48.95
CA GLU A 660 -70.58 -18.05 49.33
C GLU A 660 -70.82 -18.11 50.81
N THR A 661 -70.56 -19.28 51.37
CA THR A 661 -70.55 -19.48 52.81
C THR A 661 -69.60 -18.50 53.49
N VAL A 662 -68.36 -18.45 53.02
CA VAL A 662 -67.37 -17.62 53.67
C VAL A 662 -67.74 -16.15 53.50
N LYS A 663 -68.37 -15.81 52.40
CA LYS A 663 -68.90 -14.47 52.18
C LYS A 663 -69.99 -14.14 53.24
N ALA A 664 -70.91 -15.09 53.41
CA ALA A 664 -72.07 -14.98 54.32
C ALA A 664 -71.68 -14.99 55.75
N PHE A 665 -70.75 -15.87 56.12
CA PHE A 665 -70.21 -15.97 57.49
C PHE A 665 -69.58 -14.67 57.94
N GLY A 666 -68.97 -14.00 56.96
CA GLY A 666 -68.43 -12.65 57.10
C GLY A 666 -69.53 -11.64 57.36
N GLN A 667 -70.52 -11.60 56.47
CA GLN A 667 -71.66 -10.68 56.57
C GLN A 667 -72.38 -10.73 57.88
N ASN A 668 -72.65 -11.96 58.33
CA ASN A 668 -73.28 -12.19 59.63
C ASN A 668 -72.57 -11.51 60.77
N LEU A 669 -71.27 -11.28 60.57
CA LEU A 669 -70.38 -10.67 61.55
C LEU A 669 -69.94 -9.31 61.12
N GLY A 670 -70.58 -8.74 60.09
CA GLY A 670 -70.33 -7.36 59.66
C GLY A 670 -68.94 -7.20 59.08
N ARG A 671 -68.66 -8.03 58.09
CA ARG A 671 -67.37 -8.06 57.46
C ARG A 671 -67.61 -8.29 55.98
N VAL A 672 -66.89 -7.51 55.19
CA VAL A 672 -66.79 -7.73 53.76
C VAL A 672 -65.50 -8.50 53.44
N VAL A 673 -65.68 -9.80 53.17
CA VAL A 673 -64.63 -10.75 52.84
C VAL A 673 -64.03 -10.41 51.45
N VAL A 674 -62.70 -10.41 51.37
CA VAL A 674 -62.04 -10.30 50.05
C VAL A 674 -61.80 -11.71 49.51
N VAL A 675 -62.32 -11.95 48.30
CA VAL A 675 -62.23 -13.27 47.71
C VAL A 675 -61.18 -13.18 46.63
N PHE A 676 -60.19 -14.06 46.69
CA PHE A 676 -59.22 -14.17 45.63
C PHE A 676 -59.63 -15.34 44.74
N ASN A 677 -60.13 -15.05 43.52
CA ASN A 677 -60.31 -16.14 42.50
C ASN A 677 -58.95 -16.46 41.96
N CYS A 678 -58.53 -17.65 42.31
CA CYS A 678 -57.15 -18.05 42.14
C CYS A 678 -57.02 -18.76 40.80
N ASP A 679 -56.01 -18.31 40.06
CA ASP A 679 -55.59 -18.93 38.81
C ASP A 679 -56.48 -18.60 37.61
N ASP A 680 -57.35 -17.62 37.77
CA ASP A 680 -57.98 -16.98 36.61
C ASP A 680 -56.97 -16.05 35.93
N SER A 681 -55.84 -16.60 35.53
CA SER A 681 -54.70 -15.83 35.03
C SER A 681 -54.37 -14.66 35.98
N PHE A 682 -54.28 -14.98 37.26
CA PHE A 682 -54.08 -13.98 38.29
C PHE A 682 -52.60 -13.84 38.71
N ASP A 683 -52.07 -12.62 38.72
CA ASP A 683 -50.66 -12.34 39.05
C ASP A 683 -50.31 -12.65 40.50
N TYR A 684 -49.11 -13.16 40.76
CA TYR A 684 -48.63 -13.33 42.17
C TYR A 684 -48.32 -12.00 42.86
N GLN A 685 -47.85 -11.05 42.07
CA GLN A 685 -47.44 -9.73 42.57
C GLN A 685 -48.61 -8.98 43.17
N VAL A 686 -49.77 -9.04 42.51
CA VAL A 686 -50.98 -8.43 43.02
C VAL A 686 -51.46 -9.08 44.33
N LEU A 687 -51.47 -10.40 44.37
CA LEU A 687 -51.91 -11.15 45.55
C LEU A 687 -51.00 -10.86 46.74
N SER A 688 -49.71 -10.74 46.48
CA SER A 688 -48.76 -10.47 47.55
C SER A 688 -49.00 -9.11 48.19
N ARG A 689 -49.49 -8.16 47.39
CA ARG A 689 -49.83 -6.83 47.84
C ARG A 689 -51.08 -6.94 48.72
N LEU A 690 -52.09 -7.59 48.17
CA LEU A 690 -53.40 -7.78 48.82
C LEU A 690 -53.27 -8.51 50.16
N LEU A 691 -52.33 -9.44 50.27
CA LEU A 691 -52.07 -10.15 51.51
C LEU A 691 -51.50 -9.24 52.60
N VAL A 692 -50.65 -8.30 52.22
CA VAL A 692 -50.13 -7.35 53.19
C VAL A 692 -51.30 -6.49 53.67
N GLY A 693 -52.13 -6.05 52.74
CA GLY A 693 -53.28 -5.21 53.06
C GLY A 693 -54.31 -5.86 53.97
N ILE A 694 -54.50 -7.14 53.80
CA ILE A 694 -55.43 -7.88 54.60
C ILE A 694 -54.86 -8.05 56.03
N THR A 695 -53.55 -8.25 56.17
CA THR A 695 -52.91 -8.41 57.50
C THR A 695 -52.83 -7.08 58.28
N GLN A 696 -52.83 -5.99 57.54
CA GLN A 696 -52.82 -4.68 58.16
C GLN A 696 -54.23 -4.25 58.53
N ILE A 697 -55.12 -4.27 57.56
CA ILE A 697 -56.52 -3.87 57.73
C ILE A 697 -57.31 -4.89 58.59
N GLY A 698 -56.75 -6.08 58.85
CA GLY A 698 -57.35 -7.12 59.70
C GLY A 698 -58.59 -7.76 59.12
N ALA A 699 -58.60 -7.87 57.79
CA ALA A 699 -59.73 -8.43 57.02
C ALA A 699 -59.70 -9.99 56.88
N TRP A 700 -60.75 -10.52 56.28
CA TRP A 700 -60.88 -11.92 55.95
C TRP A 700 -60.69 -12.08 54.44
N GLY A 701 -59.78 -12.99 54.11
CA GLY A 701 -59.53 -13.36 52.74
C GLY A 701 -59.92 -14.81 52.54
N CYS A 702 -60.58 -15.03 51.41
CA CYS A 702 -60.95 -16.35 51.02
C CYS A 702 -60.23 -16.63 49.73
N PHE A 703 -59.57 -17.79 49.70
CA PHE A 703 -58.98 -18.30 48.48
C PHE A 703 -59.99 -19.21 47.75
N ASP A 704 -60.62 -18.65 46.72
CA ASP A 704 -61.74 -19.28 46.00
C ASP A 704 -61.16 -20.28 45.03
N GLU A 705 -61.33 -21.56 45.30
CA GLU A 705 -60.73 -22.62 44.45
C GLU A 705 -59.18 -22.61 44.45
N PHE A 706 -58.59 -22.68 45.65
CA PHE A 706 -57.13 -22.52 45.87
C PHE A 706 -56.33 -23.54 45.10
N ASN A 707 -56.97 -24.69 44.90
CA ASN A 707 -56.37 -25.83 44.23
C ASN A 707 -55.86 -25.45 42.86
N ARG A 708 -56.62 -24.62 42.15
CA ARG A 708 -56.24 -24.26 40.83
C ARG A 708 -55.18 -23.15 40.82
N LEU A 709 -53.94 -23.48 41.23
CA LEU A 709 -52.80 -22.55 41.10
C LEU A 709 -51.63 -23.24 40.41
N ASP A 710 -50.72 -22.50 39.77
CA ASP A 710 -49.52 -23.16 39.19
C ASP A 710 -48.38 -23.37 40.17
N GLU A 711 -47.76 -24.54 40.13
CA GLU A 711 -46.85 -25.00 41.19
C GLU A 711 -45.86 -23.97 41.76
N LYS A 712 -45.29 -23.15 40.89
CA LYS A 712 -44.37 -22.10 41.34
C LYS A 712 -45.10 -21.06 42.21
N VAL A 713 -46.27 -20.63 41.74
CA VAL A 713 -47.14 -19.69 42.44
C VAL A 713 -47.56 -20.33 43.75
N LEU A 714 -48.16 -21.51 43.65
CA LEU A 714 -48.69 -22.24 44.80
C LEU A 714 -47.71 -22.39 45.96
N SER A 715 -46.44 -22.64 45.65
CA SER A 715 -45.38 -22.77 46.67
C SER A 715 -45.22 -21.47 47.42
N ALA A 716 -44.96 -20.43 46.62
CA ALA A 716 -44.79 -19.06 47.07
C ALA A 716 -45.95 -18.52 47.92
N VAL A 717 -47.17 -18.74 47.44
CA VAL A 717 -48.39 -18.31 48.12
C VAL A 717 -48.60 -19.09 49.40
N SER A 718 -48.61 -20.41 49.30
CA SER A 718 -48.74 -21.30 50.46
C SER A 718 -47.76 -21.00 51.61
N ALA A 719 -46.53 -20.63 51.27
CA ALA A 719 -45.53 -20.29 52.28
C ALA A 719 -45.88 -18.97 53.02
N ASN A 720 -46.26 -17.95 52.24
CA ASN A 720 -46.81 -16.67 52.74
C ASN A 720 -47.98 -16.82 53.69
N ILE A 721 -48.93 -17.67 53.32
CA ILE A 721 -50.14 -17.87 54.08
C ILE A 721 -49.74 -18.43 55.44
N GLN A 722 -48.78 -19.35 55.46
CA GLN A 722 -48.29 -19.90 56.71
C GLN A 722 -47.82 -18.78 57.65
N GLN A 723 -47.15 -17.76 57.10
CA GLN A 723 -46.63 -16.63 57.89
C GLN A 723 -47.76 -16.01 58.68
N ILE A 724 -48.82 -15.65 57.95
CA ILE A 724 -50.06 -15.10 58.51
C ILE A 724 -50.69 -16.01 59.59
N GLN A 725 -51.02 -17.22 59.23
CA GLN A 725 -51.59 -18.15 60.21
C GLN A 725 -50.64 -18.55 61.35
N ASN A 726 -49.33 -18.55 61.11
CA ASN A 726 -48.38 -18.82 62.20
C ASN A 726 -48.18 -17.59 63.07
N GLY A 727 -48.32 -16.43 62.44
CA GLY A 727 -48.27 -15.15 63.13
C GLY A 727 -49.43 -14.99 64.07
N LEU A 728 -50.60 -15.44 63.63
CA LEU A 728 -51.82 -15.37 64.45
C LEU A 728 -51.82 -16.36 65.62
N GLN A 729 -51.51 -17.61 65.34
CA GLN A 729 -51.50 -18.67 66.37
C GLN A 729 -50.59 -18.31 67.58
N VAL A 730 -49.38 -17.84 67.27
CA VAL A 730 -48.43 -17.24 68.21
C VAL A 730 -48.84 -15.84 68.67
N GLY A 731 -49.46 -15.06 67.78
CA GLY A 731 -49.88 -13.70 68.11
C GLY A 731 -48.80 -12.65 67.91
N LYS A 732 -47.75 -12.99 67.17
CA LYS A 732 -46.71 -12.03 66.86
C LYS A 732 -47.30 -10.68 66.38
N SER A 733 -46.86 -9.60 66.98
CA SER A 733 -47.29 -8.27 66.62
C SER A 733 -46.94 -7.91 65.16
N HIS A 734 -45.70 -8.20 64.76
CA HIS A 734 -45.26 -7.99 63.40
C HIS A 734 -44.79 -9.34 62.87
N ILE A 735 -45.12 -9.65 61.61
CA ILE A 735 -44.61 -10.85 60.91
C ILE A 735 -43.97 -10.45 59.61
N THR A 736 -42.96 -11.22 59.20
CA THR A 736 -42.32 -10.91 57.95
C THR A 736 -42.78 -11.78 56.77
N LEU A 737 -43.24 -11.10 55.74
CA LEU A 737 -43.67 -11.72 54.48
C LEU A 737 -43.35 -10.73 53.36
N LEU A 738 -43.04 -11.28 52.19
CA LEU A 738 -42.55 -10.50 51.03
C LEU A 738 -41.26 -9.73 51.41
N GLU A 739 -40.42 -10.39 52.21
CA GLU A 739 -39.16 -9.87 52.79
C GLU A 739 -39.13 -8.41 53.26
N GLU A 740 -40.14 -8.08 54.06
CA GLU A 740 -40.29 -6.80 54.73
C GLU A 740 -41.08 -7.04 56.06
N GLU A 741 -40.77 -6.22 57.07
CA GLU A 741 -41.43 -6.25 58.38
C GLU A 741 -42.74 -5.47 58.33
N THR A 742 -43.85 -6.21 58.28
CA THR A 742 -45.19 -5.61 58.27
C THR A 742 -45.99 -6.05 59.53
N PRO A 743 -46.84 -5.13 60.09
CA PRO A 743 -47.57 -5.49 61.31
C PRO A 743 -48.79 -6.35 61.02
N LEU A 744 -49.18 -7.17 62.00
CA LEU A 744 -50.29 -8.12 61.81
C LEU A 744 -51.42 -7.87 62.78
N SER A 745 -52.59 -7.51 62.24
CA SER A 745 -53.84 -7.44 63.00
C SER A 745 -54.25 -8.82 63.39
N PRO A 746 -54.83 -8.96 64.59
CA PRO A 746 -55.16 -10.31 65.00
C PRO A 746 -56.60 -10.64 64.64
N HIS A 747 -57.31 -9.64 64.11
CA HIS A 747 -58.61 -9.83 63.46
C HIS A 747 -58.55 -10.56 62.10
N THR A 748 -57.37 -10.56 61.46
CA THR A 748 -57.04 -11.26 60.19
C THR A 748 -57.36 -12.75 60.18
N ALA A 749 -57.85 -13.24 59.05
CA ALA A 749 -58.11 -14.66 58.79
C ALA A 749 -57.99 -14.99 57.30
N VAL A 750 -57.53 -16.21 57.08
CA VAL A 750 -57.36 -16.77 55.75
C VAL A 750 -58.31 -17.98 55.57
N PHE A 751 -59.10 -17.96 54.50
CA PHE A 751 -60.01 -19.09 54.20
C PHE A 751 -59.67 -19.74 52.86
N ILE A 752 -59.68 -21.08 52.81
CA ILE A 752 -59.33 -21.77 51.59
C ILE A 752 -60.44 -22.73 51.14
N THR A 753 -60.99 -22.46 49.96
CA THR A 753 -61.98 -23.39 49.37
C THR A 753 -61.25 -24.30 48.39
N LEU A 754 -61.54 -25.59 48.47
CA LEU A 754 -60.82 -26.56 47.70
C LEU A 754 -61.72 -27.42 46.84
N ASN A 755 -61.96 -26.96 45.61
CA ASN A 755 -62.56 -27.77 44.52
C ASN A 755 -61.78 -29.05 44.16
N PRO A 756 -62.50 -30.11 43.74
CA PRO A 756 -61.73 -31.32 43.54
C PRO A 756 -61.11 -31.39 42.13
N GLY A 757 -60.06 -32.17 41.96
CA GLY A 757 -59.47 -32.42 40.63
C GLY A 757 -60.10 -33.63 39.95
N TYR A 758 -59.48 -34.15 38.90
CA TYR A 758 -59.95 -35.39 38.23
C TYR A 758 -59.58 -36.59 39.10
N ASN A 759 -58.49 -36.39 39.85
CA ASN A 759 -57.83 -37.40 40.69
C ASN A 759 -58.58 -37.63 41.98
N GLY A 760 -59.01 -36.54 42.62
CA GLY A 760 -59.71 -36.62 43.87
C GLY A 760 -60.05 -35.27 44.44
N ARG A 761 -60.66 -35.29 45.62
CA ARG A 761 -60.92 -34.08 46.38
C ARG A 761 -59.57 -33.56 46.84
N SER A 762 -59.27 -32.31 46.49
CA SER A 762 -57.92 -31.74 46.68
C SER A 762 -57.44 -31.67 48.16
N GLU A 763 -56.16 -31.38 48.31
CA GLU A 763 -55.58 -31.26 49.63
C GLU A 763 -54.86 -29.93 49.80
N LEU A 764 -54.63 -29.54 51.05
CA LEU A 764 -53.82 -28.36 51.30
C LEU A 764 -52.37 -28.77 51.22
N PRO A 765 -51.49 -27.83 50.84
CA PRO A 765 -50.03 -28.12 50.87
C PRO A 765 -49.59 -28.48 52.29
N GLU A 766 -48.49 -29.21 52.47
CA GLU A 766 -48.21 -29.80 53.81
C GLU A 766 -48.17 -28.79 54.95
N ASN A 767 -47.50 -27.67 54.70
CA ASN A 767 -47.26 -26.65 55.71
C ASN A 767 -48.60 -26.08 56.28
N LEU A 768 -49.58 -25.97 55.39
CA LEU A 768 -50.89 -25.45 55.72
C LEU A 768 -51.74 -26.43 56.51
N LYS A 769 -51.31 -27.69 56.55
CA LYS A 769 -52.10 -28.74 57.19
C LYS A 769 -52.20 -28.56 58.73
N LYS A 770 -51.14 -28.11 59.38
CA LYS A 770 -51.23 -27.80 60.80
C LYS A 770 -51.53 -26.32 61.07
N SER A 771 -52.06 -25.61 60.08
CA SER A 771 -52.39 -24.17 60.16
C SER A 771 -53.86 -23.91 59.85
N PHE A 772 -54.50 -24.89 59.19
CA PHE A 772 -55.91 -24.86 58.77
C PHE A 772 -56.73 -26.03 59.30
N ARG A 773 -58.05 -25.94 59.14
CA ARG A 773 -58.97 -27.00 59.58
C ARG A 773 -59.90 -27.37 58.44
N GLU A 774 -59.69 -28.55 57.87
CA GLU A 774 -60.40 -28.92 56.66
C GLU A 774 -61.80 -29.47 56.99
N PHE A 775 -62.79 -29.04 56.20
CA PHE A 775 -64.17 -29.49 56.32
C PHE A 775 -64.84 -29.94 54.97
N SER A 776 -65.78 -30.91 55.01
CA SER A 776 -66.43 -31.42 53.78
C SER A 776 -67.80 -30.87 53.47
N MET A 777 -67.85 -29.93 52.53
CA MET A 777 -69.12 -29.37 52.04
C MET A 777 -69.88 -30.42 51.26
N LYS A 778 -71.18 -30.47 51.48
CA LYS A 778 -72.06 -31.46 50.88
C LYS A 778 -73.29 -30.68 50.36
N SER A 779 -73.91 -31.17 49.30
CA SER A 779 -75.09 -30.53 48.76
C SER A 779 -76.18 -30.55 49.84
N PRO A 780 -77.00 -29.48 49.93
CA PRO A 780 -77.97 -29.46 51.04
C PRO A 780 -79.05 -30.50 50.83
N GLN A 781 -79.39 -31.27 51.86
CA GLN A 781 -80.62 -32.09 51.81
C GLN A 781 -81.72 -31.08 51.45
N SER A 782 -82.48 -31.37 50.41
CA SER A 782 -83.22 -30.30 49.75
C SER A 782 -84.45 -29.87 50.52
N GLY A 783 -85.05 -30.80 51.25
CA GLY A 783 -86.31 -30.53 51.95
C GLY A 783 -86.38 -29.17 52.61
N THR A 784 -85.30 -28.78 53.27
CA THR A 784 -85.26 -27.52 54.04
C THR A 784 -85.31 -26.32 53.11
N ILE A 785 -84.62 -26.41 51.97
CA ILE A 785 -84.63 -25.33 50.97
C ILE A 785 -86.03 -25.18 50.37
N ALA A 786 -86.60 -26.31 49.97
CA ALA A 786 -87.96 -26.37 49.43
C ALA A 786 -89.05 -25.71 50.28
N GLU A 787 -89.00 -25.95 51.59
CA GLU A 787 -90.03 -25.43 52.48
C GLU A 787 -90.00 -23.91 52.51
N MET A 788 -88.80 -23.34 52.56
CA MET A 788 -88.64 -21.87 52.66
C MET A 788 -89.13 -21.22 51.37
N ILE A 789 -88.80 -21.86 50.24
CA ILE A 789 -89.12 -21.32 48.94
C ILE A 789 -90.62 -21.31 48.80
N LEU A 790 -91.26 -22.37 49.29
CA LEU A 790 -92.71 -22.41 49.29
C LEU A 790 -93.26 -21.35 50.23
N GLN A 791 -92.58 -21.10 51.35
CA GLN A 791 -93.02 -20.08 52.29
C GLN A 791 -93.04 -18.68 51.65
N ILE A 792 -92.02 -18.37 50.87
CA ILE A 792 -91.87 -17.04 50.31
C ILE A 792 -92.96 -16.73 49.29
N MET A 793 -93.35 -17.73 48.50
CA MET A 793 -94.30 -17.50 47.40
C MET A 793 -95.70 -17.22 47.91
N GLY A 794 -96.04 -17.80 49.04
CA GLY A 794 -97.41 -17.70 49.53
C GLY A 794 -97.75 -19.13 49.81
N PHE A 795 -97.53 -19.49 51.05
CA PHE A 795 -97.34 -20.87 51.49
C PHE A 795 -98.48 -21.86 51.29
N GLU A 796 -99.70 -21.53 51.68
CA GLU A 796 -100.65 -22.59 51.95
C GLU A 796 -99.92 -23.42 53.02
N ASP A 797 -99.76 -24.72 52.79
CA ASP A 797 -99.05 -25.58 53.74
C ASP A 797 -97.71 -25.83 53.15
N SER A 798 -96.70 -25.08 53.59
CA SER A 798 -95.39 -25.16 52.97
C SER A 798 -94.66 -26.41 53.45
N LYS A 799 -94.90 -26.78 54.71
CA LYS A 799 -94.26 -27.97 55.25
C LYS A 799 -94.68 -29.25 54.55
N SER A 800 -95.98 -29.43 54.33
CA SER A 800 -96.46 -30.63 53.64
C SER A 800 -96.01 -30.69 52.20
N LEU A 801 -96.03 -29.57 51.49
CA LEU A 801 -95.60 -29.57 50.09
C LEU A 801 -94.13 -29.88 49.93
N ALA A 802 -93.32 -29.28 50.79
CA ALA A 802 -91.91 -29.49 50.71
C ALA A 802 -91.58 -30.96 50.97
N SER A 803 -92.28 -31.62 51.90
CA SER A 803 -92.04 -33.03 52.20
C SER A 803 -92.50 -33.87 51.06
N LYS A 804 -93.70 -33.56 50.59
CA LYS A 804 -94.33 -34.28 49.50
C LYS A 804 -93.60 -34.11 48.16
N ILE A 805 -93.28 -32.88 47.75
CA ILE A 805 -92.48 -32.66 46.52
C ILE A 805 -91.15 -33.43 46.52
N VAL A 806 -90.40 -33.28 47.60
CA VAL A 806 -89.15 -33.97 47.71
C VAL A 806 -89.32 -35.48 47.67
N HIS A 807 -90.28 -36.01 48.42
CA HIS A 807 -90.51 -37.48 48.44
C HIS A 807 -90.75 -37.96 47.05
N PHE A 808 -91.62 -37.23 46.32
CA PHE A 808 -91.98 -37.59 44.96
C PHE A 808 -90.78 -37.56 44.03
N LEU A 809 -90.02 -36.47 44.07
CA LEU A 809 -88.82 -36.35 43.22
C LEU A 809 -87.80 -37.44 43.55
N GLU A 810 -87.63 -37.68 44.84
CA GLU A 810 -86.76 -38.70 45.33
C GLU A 810 -87.27 -40.08 44.88
N LEU A 811 -88.60 -40.22 44.86
CA LEU A 811 -89.24 -41.48 44.55
C LEU A 811 -89.07 -41.79 43.08
N LEU A 812 -89.30 -40.78 42.20
CA LEU A 812 -89.08 -40.91 40.79
C LEU A 812 -87.67 -41.41 40.49
N SER A 813 -86.69 -40.80 41.15
CA SER A 813 -85.32 -41.17 41.00
C SER A 813 -85.09 -42.67 41.25
N SER A 814 -85.66 -43.22 42.32
CA SER A 814 -85.51 -44.64 42.62
C SER A 814 -86.38 -45.52 41.73
N LYS A 815 -87.48 -44.96 41.22
CA LYS A 815 -88.48 -45.74 40.50
C LYS A 815 -88.40 -45.67 38.97
N CYS A 816 -87.99 -44.53 38.42
CA CYS A 816 -87.69 -44.44 36.98
C CYS A 816 -86.41 -45.20 36.59
N SER A 817 -86.23 -45.41 35.28
CA SER A 817 -84.98 -45.94 34.74
C SER A 817 -83.87 -44.93 34.91
N SER A 818 -82.66 -45.41 35.14
CA SER A 818 -81.47 -44.57 35.08
C SER A 818 -81.25 -44.17 33.61
N MET A 819 -81.62 -42.95 33.30
CA MET A 819 -81.50 -42.38 31.95
C MET A 819 -80.58 -41.15 32.05
N ASN A 820 -79.81 -40.86 31.01
CA ASN A 820 -78.70 -39.91 31.14
C ASN A 820 -79.08 -38.50 31.55
N HIS A 821 -80.15 -38.02 30.93
CA HIS A 821 -80.48 -36.62 31.01
C HIS A 821 -81.42 -36.39 32.17
N TYR A 822 -81.87 -37.48 32.83
CA TYR A 822 -82.71 -37.37 34.04
C TYR A 822 -81.99 -36.76 35.24
N HIS A 823 -82.46 -35.62 35.73
CA HIS A 823 -81.96 -35.01 36.98
C HIS A 823 -83.12 -34.79 37.95
N PHE A 824 -83.05 -35.46 39.09
CA PHE A 824 -84.08 -35.34 40.10
C PHE A 824 -83.47 -34.73 41.38
N GLY A 825 -82.29 -34.13 41.18
CA GLY A 825 -81.59 -33.28 42.15
C GLY A 825 -82.36 -32.01 42.41
N LEU A 826 -81.93 -31.27 43.42
CA LEU A 826 -82.69 -30.11 43.92
C LEU A 826 -82.86 -29.00 42.90
N ARG A 827 -81.88 -28.94 42.00
CA ARG A 827 -81.82 -27.98 40.91
C ARG A 827 -83.19 -28.02 40.22
N THR A 828 -83.60 -29.27 40.01
CA THR A 828 -84.83 -29.69 39.44
C THR A 828 -86.00 -29.21 40.28
N LEU A 829 -86.00 -29.42 41.61
CA LEU A 829 -87.08 -28.87 42.43
C LEU A 829 -87.12 -27.34 42.57
N LYS A 830 -85.97 -26.70 42.54
CA LYS A 830 -85.94 -25.25 42.44
C LYS A 830 -86.61 -24.77 41.16
N GLY A 831 -86.45 -25.57 40.11
CA GLY A 831 -87.03 -25.29 38.83
C GLY A 831 -88.52 -25.48 38.82
N VAL A 832 -88.99 -26.58 39.46
CA VAL A 832 -90.42 -26.87 39.60
C VAL A 832 -91.04 -25.68 40.31
N LEU A 833 -90.34 -25.24 41.37
CA LEU A 833 -90.75 -24.13 42.23
C LEU A 833 -90.69 -22.80 41.50
N ARG A 834 -89.69 -22.61 40.64
CA ARG A 834 -89.57 -21.38 39.85
C ARG A 834 -90.72 -21.27 38.85
N ASN A 835 -91.04 -22.40 38.21
CA ASN A 835 -92.14 -22.54 37.26
C ASN A 835 -93.50 -22.36 37.95
N CYS A 836 -93.47 -22.57 39.28
CA CYS A 836 -94.67 -22.58 40.08
C CYS A 836 -95.32 -21.20 40.22
N SER A 837 -94.48 -20.15 40.33
CA SER A 837 -94.93 -18.76 40.56
C SER A 837 -95.95 -18.22 39.55
N PRO A 838 -95.67 -18.35 38.23
CA PRO A 838 -96.70 -17.93 37.27
C PRO A 838 -97.92 -18.85 37.37
N LEU A 839 -97.66 -20.12 37.68
CA LEU A 839 -98.73 -21.12 37.79
C LEU A 839 -99.68 -20.76 38.91
N ILE A 840 -99.13 -20.30 40.03
CA ILE A 840 -99.93 -19.89 41.20
C ILE A 840 -100.89 -18.80 40.75
N SER A 841 -100.41 -17.88 39.93
CA SER A 841 -101.24 -16.81 39.38
C SER A 841 -102.49 -17.38 38.69
N GLU A 842 -102.34 -18.50 38.02
CA GLU A 842 -103.47 -19.11 37.33
C GLU A 842 -104.42 -19.83 38.30
N PHE A 843 -103.87 -20.54 39.28
CA PHE A 843 -104.68 -21.37 40.16
C PHE A 843 -104.63 -20.99 41.65
N GLY A 844 -103.71 -21.58 42.41
CA GLY A 844 -103.67 -21.31 43.85
C GLY A 844 -102.28 -21.50 44.42
N GLU A 845 -102.01 -20.95 45.61
CA GLU A 845 -100.83 -21.34 46.35
C GLU A 845 -101.21 -22.64 47.06
N GLY A 846 -101.61 -23.63 46.27
CA GLY A 846 -102.05 -24.94 46.73
C GLY A 846 -101.16 -26.04 46.17
N GLU A 847 -101.42 -27.27 46.57
CA GLU A 847 -100.61 -28.36 46.03
C GLU A 847 -100.87 -28.52 44.57
N LYS A 848 -102.12 -28.27 44.18
CA LYS A 848 -102.56 -28.42 42.81
C LYS A 848 -101.65 -27.63 41.89
N THR A 849 -101.31 -26.39 42.26
CA THR A 849 -100.35 -25.64 41.44
C THR A 849 -98.94 -26.23 41.36
N VAL A 850 -98.52 -26.83 42.47
CA VAL A 850 -97.30 -27.62 42.52
C VAL A 850 -97.41 -28.87 41.61
N VAL A 851 -98.51 -29.62 41.72
CA VAL A 851 -98.78 -30.81 40.92
C VAL A 851 -98.63 -30.50 39.44
N GLU A 852 -99.23 -29.39 39.01
CA GLU A 852 -99.15 -29.00 37.61
C GLU A 852 -97.75 -28.63 37.21
N SER A 853 -97.05 -27.97 38.11
CA SER A 853 -95.69 -27.63 37.78
C SER A 853 -94.80 -28.82 37.74
N LEU A 854 -95.10 -29.87 38.50
CA LEU A 854 -94.32 -31.10 38.35
C LEU A 854 -94.44 -31.68 36.94
N LYS A 855 -95.66 -31.70 36.43
CA LYS A 855 -95.90 -32.28 35.12
C LYS A 855 -95.57 -31.31 33.99
N ARG A 856 -95.46 -30.03 34.34
CA ARG A 856 -94.95 -29.09 33.34
C ARG A 856 -93.44 -29.19 33.09
N VAL A 857 -92.66 -29.54 34.10
CA VAL A 857 -91.21 -29.70 33.98
C VAL A 857 -90.72 -31.15 33.85
N ILE A 858 -91.04 -31.97 34.83
CA ILE A 858 -90.57 -33.34 34.87
C ILE A 858 -91.11 -34.19 33.71
N LEU A 859 -92.36 -34.00 33.30
CA LEU A 859 -92.97 -34.86 32.30
C LEU A 859 -92.51 -34.69 30.86
N PRO A 860 -92.28 -33.46 30.40
CA PRO A 860 -91.77 -33.31 29.02
C PRO A 860 -90.40 -33.98 28.73
N SER A 861 -89.67 -34.30 29.81
CA SER A 861 -88.35 -34.94 29.67
C SER A 861 -88.35 -36.42 29.93
N LEU A 862 -89.49 -36.94 30.30
CA LEU A 862 -89.59 -38.37 30.51
C LEU A 862 -89.98 -39.18 29.25
N GLY A 863 -89.55 -40.45 29.25
CA GLY A 863 -89.87 -41.40 28.19
C GLY A 863 -90.80 -42.53 28.61
N ASP A 864 -91.58 -43.02 27.65
CA ASP A 864 -92.78 -43.79 27.91
C ASP A 864 -92.79 -44.71 29.13
N THR A 865 -91.74 -45.50 29.39
CA THR A 865 -91.83 -46.39 30.58
C THR A 865 -91.94 -45.57 31.86
N ASP A 866 -91.05 -44.59 31.95
CA ASP A 866 -90.95 -43.66 33.07
C ASP A 866 -92.11 -42.69 33.12
N GLU A 867 -92.85 -42.59 32.02
CA GLU A 867 -93.91 -41.62 31.92
C GLU A 867 -95.08 -42.03 32.80
N LEU A 868 -95.23 -43.34 33.04
CA LEU A 868 -96.30 -43.77 33.93
C LEU A 868 -95.85 -43.74 35.37
N VAL A 869 -94.61 -44.16 35.59
CA VAL A 869 -94.03 -44.09 36.93
C VAL A 869 -94.29 -42.72 37.55
N PHE A 870 -94.14 -41.66 36.74
CA PHE A 870 -94.45 -40.29 37.14
C PHE A 870 -95.88 -40.11 37.50
N LYS A 871 -96.76 -40.67 36.65
CA LYS A 871 -98.20 -40.52 36.87
C LYS A 871 -98.70 -41.37 38.04
N ASP A 872 -98.16 -42.58 38.16
CA ASP A 872 -98.52 -43.49 39.23
C ASP A 872 -98.15 -42.99 40.60
N GLU A 873 -96.93 -42.47 40.73
CA GLU A 873 -96.40 -42.02 42.03
C GLU A 873 -96.80 -40.59 42.30
N LEU A 874 -97.24 -39.81 41.31
CA LEU A 874 -97.72 -38.46 41.55
C LEU A 874 -99.04 -38.54 42.24
N SER A 875 -99.92 -39.40 41.74
CA SER A 875 -101.21 -39.63 42.38
C SER A 875 -101.10 -40.41 43.71
N LYS A 876 -100.08 -41.27 43.79
CA LYS A 876 -99.73 -42.02 45.02
C LYS A 876 -99.34 -41.14 46.18
N ILE A 877 -98.70 -40.02 45.89
CA ILE A 877 -98.21 -39.10 46.91
C ILE A 877 -99.22 -38.00 47.12
N PHE A 878 -99.69 -37.35 46.06
CA PHE A 878 -100.74 -36.34 46.24
C PHE A 878 -101.73 -36.19 45.10
N ASP A 879 -103.03 -36.21 45.40
CA ASP A 879 -104.02 -36.02 44.32
C ASP A 879 -104.72 -34.68 44.40
N SER A 880 -104.69 -33.91 43.30
CA SER A 880 -105.09 -32.51 43.33
C SER A 880 -106.40 -32.19 42.64
N ALA A 881 -106.57 -32.60 41.39
CA ALA A 881 -107.67 -32.07 40.55
C ALA A 881 -108.05 -32.90 39.32
N GLY A 882 -109.22 -32.61 38.78
CA GLY A 882 -109.75 -33.30 37.62
C GLY A 882 -109.50 -32.60 36.29
N THR A 883 -109.59 -31.27 36.27
CA THR A 883 -109.65 -30.52 34.98
C THR A 883 -108.61 -29.43 34.82
N PRO A 884 -108.16 -29.25 33.57
CA PRO A 884 -107.14 -28.28 33.16
C PRO A 884 -107.60 -27.01 32.41
N LEU A 885 -107.02 -25.87 32.79
CA LEU A 885 -107.27 -24.58 32.12
C LEU A 885 -106.47 -24.50 30.82
N ASN A 886 -106.86 -23.58 29.92
CA ASN A 886 -106.26 -23.53 28.58
C ASN A 886 -106.35 -24.86 27.84
N SER A 887 -107.48 -25.54 27.98
CA SER A 887 -107.66 -26.89 27.43
C SER A 887 -108.25 -26.89 26.02
N LYS A 888 -109.31 -26.12 25.79
CA LYS A 888 -109.97 -26.03 24.48
C LYS A 888 -109.23 -25.08 23.55
N ALA A 889 -108.86 -23.93 24.08
CA ALA A 889 -108.56 -22.75 23.27
C ALA A 889 -107.29 -22.89 22.44
N ILE A 890 -106.23 -23.38 23.06
CA ILE A 890 -104.94 -23.64 22.41
C ILE A 890 -105.11 -24.73 21.40
N VAL A 891 -105.91 -25.74 21.76
CA VAL A 891 -105.98 -26.98 21.02
C VAL A 891 -106.60 -26.80 19.62
N GLN A 892 -107.67 -26.02 19.52
CA GLN A 892 -108.28 -25.71 18.23
C GLN A 892 -107.34 -24.80 17.42
N CYS A 893 -106.51 -23.99 18.08
CA CYS A 893 -105.53 -23.17 17.36
C CYS A 893 -104.36 -24.03 16.87
N LEU A 894 -104.20 -25.20 17.49
CA LEU A 894 -103.14 -26.14 17.12
C LEU A 894 -103.60 -27.08 16.01
N LYS A 895 -104.85 -27.55 16.11
CA LYS A 895 -105.45 -28.39 15.06
C LYS A 895 -105.53 -27.62 13.74
N ASP A 896 -105.95 -26.36 13.80
CA ASP A 896 -106.10 -25.50 12.64
C ASP A 896 -104.78 -25.16 11.94
N ALA A 897 -103.71 -25.16 12.70
CA ALA A 897 -102.37 -24.82 12.19
C ALA A 897 -101.78 -25.98 11.46
N GLY A 898 -102.02 -27.19 11.99
CA GLY A 898 -101.52 -28.42 11.37
C GLY A 898 -102.24 -28.88 10.12
N GLN A 899 -103.56 -28.68 10.08
CA GLN A 899 -104.38 -28.97 8.89
C GLN A 899 -103.85 -28.15 7.73
N ARG A 900 -103.47 -26.92 8.05
CA ARG A 900 -102.88 -25.97 7.13
C ARG A 900 -101.44 -26.35 6.73
N SER A 901 -100.68 -26.85 7.70
CA SER A 901 -99.29 -27.28 7.47
C SER A 901 -99.17 -28.63 6.75
N GLY A 902 -100.22 -29.44 6.78
CA GLY A 902 -100.11 -30.77 6.19
C GLY A 902 -100.16 -31.90 7.21
N PHE A 903 -99.94 -31.58 8.49
CA PHE A 903 -99.77 -32.62 9.54
C PHE A 903 -101.06 -33.29 10.07
N SER A 904 -100.87 -34.44 10.74
CA SER A 904 -101.93 -35.24 11.38
C SER A 904 -101.81 -35.13 12.92
N MET A 905 -102.83 -34.63 13.63
CA MET A 905 -102.86 -34.52 15.12
C MET A 905 -103.08 -35.86 15.79
N SER A 906 -101.99 -36.57 16.03
CA SER A 906 -102.01 -37.89 16.65
C SER A 906 -101.96 -37.72 18.14
N GLU A 907 -102.19 -38.80 18.88
CA GLU A 907 -101.96 -38.80 20.33
C GLU A 907 -100.74 -37.95 20.65
N GLU A 908 -99.62 -38.42 20.09
CA GLU A 908 -98.29 -37.96 20.41
C GLU A 908 -98.02 -36.58 19.86
N PHE A 909 -98.49 -36.27 18.66
CA PHE A 909 -98.20 -34.97 18.07
C PHE A 909 -98.93 -33.86 18.79
N LEU A 910 -100.15 -34.14 19.22
CA LEU A 910 -100.88 -33.22 20.09
C LEU A 910 -100.16 -33.03 21.44
N LYS A 911 -99.75 -34.16 22.02
CA LYS A 911 -99.04 -34.21 23.31
C LYS A 911 -97.77 -33.36 23.30
N LYS A 912 -96.85 -33.69 22.42
CA LYS A 912 -95.59 -32.96 22.33
C LYS A 912 -95.80 -31.52 21.85
N CYS A 913 -96.92 -31.21 21.21
CA CYS A 913 -97.28 -29.83 20.86
C CYS A 913 -97.76 -29.09 22.11
N MET A 914 -98.46 -29.81 22.98
CA MET A 914 -99.00 -29.24 24.23
C MET A 914 -97.86 -28.98 25.19
N GLN A 915 -97.03 -30.01 25.44
CA GLN A 915 -95.80 -29.92 26.27
C GLN A 915 -94.94 -28.71 25.91
N PHE A 916 -94.68 -28.55 24.61
CA PHE A 916 -94.00 -27.37 24.08
C PHE A 916 -94.72 -26.06 24.37
N TYR A 917 -96.01 -25.95 24.06
CA TYR A 917 -96.74 -24.67 24.24
C TYR A 917 -96.62 -24.11 25.66
N TYR A 918 -96.83 -25.01 26.62
CA TYR A 918 -96.82 -24.68 28.01
C TYR A 918 -95.42 -24.30 28.49
N MET A 919 -94.39 -24.84 27.86
CA MET A 919 -93.01 -24.51 28.24
C MET A 919 -92.49 -23.17 27.76
N GLN A 920 -92.84 -22.74 26.55
CA GLN A 920 -92.30 -21.48 26.05
C GLN A 920 -92.68 -20.38 27.03
N LYS A 921 -93.88 -20.53 27.60
CA LYS A 921 -94.44 -19.58 28.56
C LYS A 921 -93.44 -19.21 29.66
N THR A 922 -93.02 -20.25 30.39
CA THR A 922 -92.03 -20.22 31.49
C THR A 922 -90.56 -20.10 31.06
N GLN A 923 -90.15 -21.01 30.18
CA GLN A 923 -88.76 -21.10 29.72
C GLN A 923 -88.46 -20.27 28.44
N GLN A 924 -87.25 -19.71 28.39
CA GLN A 924 -86.84 -18.84 27.29
C GLN A 924 -85.84 -19.59 26.42
N ALA A 925 -85.13 -20.53 27.04
CA ALA A 925 -84.33 -21.53 26.31
C ALA A 925 -85.06 -22.88 26.34
N LEU A 926 -85.35 -23.39 25.15
CA LEU A 926 -85.99 -24.69 24.96
C LEU A 926 -85.11 -25.71 24.21
N ILE A 927 -85.07 -26.96 24.69
CA ILE A 927 -84.35 -28.06 24.05
C ILE A 927 -85.36 -29.12 23.55
N LEU A 928 -85.20 -29.57 22.30
CA LEU A 928 -85.97 -30.69 21.74
C LEU A 928 -85.02 -31.79 21.30
N VAL A 929 -85.12 -32.92 21.97
CA VAL A 929 -84.26 -34.03 21.72
C VAL A 929 -85.08 -35.19 21.16
N GLY A 930 -84.56 -35.85 20.12
CA GLY A 930 -85.27 -36.98 19.49
C GLY A 930 -84.48 -37.65 18.36
N LYS A 931 -84.95 -38.80 17.87
CA LYS A 931 -84.31 -39.43 16.69
C LYS A 931 -84.52 -38.54 15.48
N ALA A 932 -83.64 -38.69 14.51
CA ALA A 932 -83.81 -38.02 13.24
C ALA A 932 -85.13 -38.43 12.59
N GLY A 933 -85.99 -37.44 12.39
CA GLY A 933 -87.34 -37.64 11.90
C GLY A 933 -88.35 -37.98 12.97
N CYS A 934 -88.25 -37.35 14.14
CA CYS A 934 -89.16 -37.60 15.24
C CYS A 934 -90.39 -36.80 14.98
N GLY A 935 -90.17 -35.53 14.65
CA GLY A 935 -91.24 -34.54 14.43
C GLY A 935 -90.98 -33.17 15.06
N LYS A 936 -89.78 -32.97 15.60
CA LYS A 936 -89.43 -31.72 16.28
C LYS A 936 -89.73 -30.47 15.46
N THR A 937 -89.04 -30.34 14.33
CA THR A 937 -89.23 -29.21 13.44
C THR A 937 -90.73 -29.03 13.20
N ALA A 938 -91.47 -30.14 13.12
CA ALA A 938 -92.92 -30.10 12.94
C ALA A 938 -93.65 -29.59 14.19
N THR A 939 -93.21 -30.04 15.37
CA THR A 939 -93.83 -29.63 16.64
C THR A 939 -93.68 -28.12 16.85
N TRP A 940 -92.45 -27.63 16.85
CA TRP A 940 -92.28 -26.23 17.10
C TRP A 940 -92.82 -25.38 15.97
N LYS A 941 -92.55 -25.74 14.73
CA LYS A 941 -93.13 -24.99 13.59
C LYS A 941 -94.66 -24.99 13.56
N THR A 942 -95.25 -25.98 14.21
CA THR A 942 -96.70 -26.08 14.31
C THR A 942 -97.20 -25.21 15.46
N VAL A 943 -96.50 -25.24 16.60
CA VAL A 943 -96.94 -24.52 17.83
C VAL A 943 -96.77 -23.02 17.66
N ILE A 944 -95.58 -22.62 17.27
CA ILE A 944 -95.26 -21.24 16.93
C ILE A 944 -96.28 -20.63 15.93
N ASP A 945 -96.73 -21.43 14.98
CA ASP A 945 -97.73 -21.03 13.99
C ASP A 945 -99.12 -20.84 14.62
N ALA A 946 -99.42 -21.67 15.62
CA ALA A 946 -100.71 -21.69 16.32
C ALA A 946 -100.84 -20.51 17.28
N MET A 947 -99.71 -19.95 17.69
CA MET A 947 -99.67 -18.84 18.62
C MET A 947 -99.92 -17.53 17.90
N ALA A 948 -99.60 -17.45 16.62
CA ALA A 948 -99.93 -16.25 15.83
C ALA A 948 -101.44 -16.15 15.51
N ILE A 949 -102.14 -17.27 15.69
CA ILE A 949 -103.59 -17.42 15.50
C ILE A 949 -104.30 -17.06 16.80
N PHE A 950 -103.75 -17.54 17.90
CA PHE A 950 -104.31 -17.38 19.24
C PHE A 950 -104.00 -16.05 19.95
N ASP A 951 -102.75 -15.60 19.89
CA ASP A 951 -102.34 -14.31 20.45
C ASP A 951 -102.58 -13.16 19.45
N GLY A 952 -102.23 -13.39 18.19
CA GLY A 952 -102.23 -12.35 17.17
C GLY A 952 -100.85 -11.75 17.01
N HIS A 953 -99.86 -12.38 17.67
CA HIS A 953 -98.46 -11.95 17.60
C HIS A 953 -97.76 -12.72 16.51
N ALA A 954 -97.10 -12.00 15.60
CA ALA A 954 -96.28 -12.63 14.56
C ALA A 954 -94.99 -13.16 15.17
N ASN A 955 -94.36 -14.07 14.43
CA ASN A 955 -93.09 -14.67 14.86
C ASN A 955 -92.03 -14.34 13.85
N VAL A 956 -90.78 -14.28 14.30
CA VAL A 956 -89.68 -14.09 13.38
C VAL A 956 -88.64 -15.14 13.72
N VAL A 957 -88.62 -16.18 12.91
CA VAL A 957 -87.76 -17.33 13.14
C VAL A 957 -86.42 -17.26 12.41
N TYR A 958 -85.35 -17.57 13.14
CA TYR A 958 -84.00 -17.67 12.60
C TYR A 958 -83.51 -19.08 12.89
N VAL A 959 -83.52 -19.96 11.89
CA VAL A 959 -82.99 -21.32 12.05
C VAL A 959 -81.51 -21.30 11.65
N ILE A 960 -80.63 -21.60 12.62
CA ILE A 960 -79.20 -21.59 12.38
C ILE A 960 -78.65 -22.99 12.66
N ASP A 961 -77.88 -23.56 11.73
CA ASP A 961 -77.08 -24.73 12.05
C ASP A 961 -75.90 -24.35 12.95
N THR A 962 -75.95 -24.81 14.20
CA THR A 962 -75.03 -24.42 15.27
C THR A 962 -73.56 -24.72 14.93
N LYS A 963 -73.30 -25.90 14.37
CA LYS A 963 -71.95 -26.43 14.26
C LYS A 963 -71.36 -26.36 12.85
N VAL A 964 -72.16 -25.91 11.88
CA VAL A 964 -71.66 -25.51 10.54
C VAL A 964 -70.72 -24.31 10.65
N LEU A 965 -71.08 -23.31 11.47
CA LEU A 965 -70.28 -22.10 11.71
C LEU A 965 -69.38 -22.27 12.94
N THR A 966 -68.27 -21.52 12.98
CA THR A 966 -67.36 -21.50 14.15
C THR A 966 -67.91 -20.59 15.26
N LYS A 967 -67.37 -20.74 16.48
CA LYS A 967 -67.78 -19.90 17.63
C LYS A 967 -67.58 -18.42 17.29
N GLU A 968 -66.58 -18.20 16.45
CA GLU A 968 -66.19 -16.89 15.92
C GLU A 968 -67.16 -16.42 14.83
N SER A 969 -67.62 -17.32 13.98
CA SER A 969 -68.58 -16.96 12.93
C SER A 969 -69.96 -16.65 13.54
N LEU A 970 -70.21 -17.26 14.71
CA LEU A 970 -71.54 -17.28 15.30
C LEU A 970 -71.74 -16.28 16.45
N TYR A 971 -70.82 -16.26 17.41
CA TYR A 971 -70.97 -15.35 18.56
C TYR A 971 -70.34 -13.98 18.30
N GLY A 972 -69.14 -13.97 17.73
CA GLY A 972 -68.36 -12.74 17.51
C GLY A 972 -66.89 -13.07 17.60
N SER A 973 -66.15 -12.81 16.52
CA SER A 973 -64.73 -13.14 16.43
C SER A 973 -63.88 -11.87 16.48
N MET A 974 -62.88 -11.91 17.37
CA MET A 974 -61.92 -10.83 17.62
C MET A 974 -60.56 -11.25 17.07
N LEU A 975 -59.85 -10.31 16.43
CA LEU A 975 -58.56 -10.57 15.80
C LEU A 975 -57.40 -10.12 16.72
N LYS A 976 -56.50 -11.04 17.05
CA LYS A 976 -55.55 -10.88 18.17
C LYS A 976 -54.76 -9.57 18.26
N ALA A 977 -54.37 -9.01 17.12
CA ALA A 977 -53.53 -7.82 17.10
C ALA A 977 -54.26 -6.47 16.91
N THR A 978 -55.09 -6.36 15.86
CA THR A 978 -55.81 -5.11 15.59
C THR A 978 -57.05 -5.00 16.45
N LEU A 979 -57.35 -6.07 17.18
CA LEU A 979 -58.50 -6.10 18.06
C LEU A 979 -59.75 -5.56 17.36
N GLU A 980 -59.94 -5.94 16.10
CA GLU A 980 -61.03 -5.38 15.31
C GLU A 980 -62.26 -6.24 15.46
N TRP A 981 -63.35 -5.63 15.91
CA TRP A 981 -64.54 -6.37 16.30
C TRP A 981 -65.61 -6.35 15.22
N ARG A 982 -65.89 -7.51 14.67
CA ARG A 982 -66.98 -7.69 13.73
C ARG A 982 -68.02 -8.63 14.30
N ASP A 983 -69.28 -8.44 13.86
CA ASP A 983 -70.50 -8.96 14.52
C ASP A 983 -70.74 -10.45 14.78
N GLY A 984 -70.55 -11.28 13.77
CA GLY A 984 -70.98 -12.67 13.84
C GLY A 984 -72.38 -12.93 13.30
N LEU A 985 -72.97 -14.02 13.77
CA LEU A 985 -74.31 -14.42 13.31
C LEU A 985 -75.40 -14.34 14.39
N PHE A 986 -75.13 -14.93 15.56
CA PHE A 986 -76.09 -14.99 16.68
C PHE A 986 -76.29 -13.63 17.32
N THR A 987 -75.19 -12.86 17.37
CA THR A 987 -75.16 -11.52 17.96
C THR A 987 -75.74 -10.49 17.00
N SER A 988 -75.52 -10.66 15.69
CA SER A 988 -75.96 -9.70 14.68
C SER A 988 -77.46 -9.66 14.46
N ILE A 989 -78.13 -10.81 14.63
CA ILE A 989 -79.59 -10.88 14.51
C ILE A 989 -80.30 -10.34 15.74
N LEU A 990 -79.57 -10.25 16.85
CA LEU A 990 -80.07 -9.66 18.10
C LEU A 990 -80.06 -8.14 18.04
N ARG A 991 -79.04 -7.57 17.39
CA ARG A 991 -78.93 -6.12 17.17
C ARG A 991 -80.06 -5.52 16.34
N ARG A 992 -80.74 -6.35 15.55
CA ARG A 992 -81.96 -5.92 14.88
C ARG A 992 -83.04 -5.62 15.92
N VAL A 993 -83.20 -6.53 16.87
CA VAL A 993 -84.20 -6.37 17.94
C VAL A 993 -83.84 -5.32 19.01
N ASN A 994 -82.58 -5.30 19.45
CA ASN A 994 -82.15 -4.49 20.60
C ASN A 994 -81.73 -3.08 20.23
N ASP A 995 -80.70 -3.01 19.37
CA ASP A 995 -80.02 -1.79 18.98
C ASP A 995 -80.93 -0.89 18.16
N ASP A 996 -81.56 -1.45 17.14
CA ASP A 996 -82.46 -0.68 16.28
C ASP A 996 -83.75 -1.41 15.92
N ILE A 997 -84.72 -1.40 16.81
CA ILE A 997 -86.04 -1.97 16.48
C ILE A 997 -86.83 -1.01 15.59
N THR A 998 -86.33 -0.82 14.36
CA THR A 998 -86.85 0.16 13.41
C THR A 998 -88.26 -0.18 12.92
N GLY A 999 -88.50 -1.45 12.61
CA GLY A 999 -89.84 -1.91 12.27
C GLY A 999 -90.59 -2.41 13.50
N THR A 1000 -91.42 -3.41 13.29
CA THR A 1000 -92.19 -3.97 14.38
C THR A 1000 -91.52 -5.20 14.97
N PHE A 1001 -90.92 -5.03 16.14
CA PHE A 1001 -90.37 -6.13 16.89
C PHE A 1001 -91.03 -6.30 18.25
N LYS A 1002 -91.58 -5.19 18.75
CA LYS A 1002 -92.26 -5.11 20.04
C LYS A 1002 -93.39 -6.14 20.10
N ASN A 1003 -94.20 -6.17 19.04
CA ASN A 1003 -95.39 -7.02 18.98
C ASN A 1003 -95.10 -8.38 18.34
N SER A 1004 -93.86 -8.54 17.89
CA SER A 1004 -93.45 -9.79 17.27
C SER A 1004 -92.80 -10.74 18.29
N ARG A 1005 -92.79 -12.02 17.94
CA ARG A 1005 -92.06 -13.03 18.71
C ARG A 1005 -90.86 -13.51 17.93
N ILE A 1006 -89.69 -13.42 18.55
CA ILE A 1006 -88.47 -13.79 17.87
C ILE A 1006 -88.00 -15.14 18.40
N TRP A 1007 -87.70 -16.05 17.47
CA TRP A 1007 -87.22 -17.38 17.84
C TRP A 1007 -85.91 -17.66 17.11
N VAL A 1008 -84.84 -17.93 17.84
CA VAL A 1008 -83.63 -18.33 17.17
C VAL A 1008 -83.38 -19.82 17.42
N VAL A 1009 -83.57 -20.61 16.35
CA VAL A 1009 -83.44 -22.07 16.43
C VAL A 1009 -82.03 -22.56 16.08
N PHE A 1010 -81.50 -23.47 16.91
CA PHE A 1010 -80.28 -24.17 16.53
C PHE A 1010 -80.57 -25.61 16.15
N ASP A 1011 -80.50 -25.93 14.85
CA ASP A 1011 -80.89 -27.25 14.32
C ASP A 1011 -79.79 -28.27 14.47
N SER A 1012 -78.56 -27.81 14.67
CA SER A 1012 -77.42 -28.75 14.72
C SER A 1012 -77.09 -29.24 16.10
N ASP A 1013 -76.23 -30.25 16.18
CA ASP A 1013 -75.86 -30.85 17.47
C ASP A 1013 -75.22 -29.82 18.41
N LEU A 1014 -75.60 -29.84 19.70
CA LEU A 1014 -75.10 -28.81 20.62
C LEU A 1014 -73.98 -29.33 21.52
N ASP A 1015 -72.98 -28.47 21.73
CA ASP A 1015 -71.78 -28.85 22.50
C ASP A 1015 -71.37 -27.83 23.56
N PRO A 1016 -70.62 -28.28 24.60
CA PRO A 1016 -70.20 -27.36 25.67
C PRO A 1016 -69.63 -26.01 25.19
N GLU A 1017 -68.56 -26.06 24.41
CA GLU A 1017 -67.89 -24.87 23.90
C GLU A 1017 -68.83 -23.78 23.33
N TYR A 1018 -69.87 -24.19 22.61
CA TYR A 1018 -70.81 -23.23 22.02
C TYR A 1018 -71.83 -22.71 23.02
N VAL A 1019 -72.39 -23.59 23.88
CA VAL A 1019 -73.37 -23.17 24.90
C VAL A 1019 -72.72 -22.36 26.04
N GLU A 1020 -71.45 -22.65 26.34
CA GLU A 1020 -70.68 -21.91 27.35
C GLU A 1020 -70.49 -20.45 26.96
N ALA A 1021 -70.39 -20.21 25.65
CA ALA A 1021 -70.25 -18.87 25.07
C ALA A 1021 -71.58 -18.13 25.02
N MET A 1022 -72.63 -18.77 25.52
CA MET A 1022 -73.94 -18.15 25.63
C MET A 1022 -74.59 -18.36 27.01
N ASN A 1023 -73.86 -19.03 27.92
CA ASN A 1023 -74.42 -19.49 29.19
C ASN A 1023 -75.11 -18.40 30.00
N SER A 1024 -74.70 -17.15 29.77
CA SER A 1024 -75.24 -15.95 30.42
C SER A 1024 -76.69 -15.65 30.05
N VAL A 1025 -77.10 -16.02 28.84
CA VAL A 1025 -78.50 -15.89 28.40
C VAL A 1025 -79.38 -17.00 29.02
N LEU A 1026 -78.78 -18.18 29.15
CA LEU A 1026 -79.36 -19.33 29.85
C LEU A 1026 -79.46 -19.12 31.37
N ASP A 1027 -78.62 -18.23 31.90
CA ASP A 1027 -78.64 -17.82 33.32
C ASP A 1027 -79.84 -16.92 33.60
N ASP A 1028 -80.08 -16.62 34.88
CA ASP A 1028 -81.17 -15.71 35.26
C ASP A 1028 -80.90 -14.27 34.78
N ASN A 1029 -79.68 -14.04 34.28
CA ASN A 1029 -79.21 -12.75 33.73
C ASN A 1029 -80.00 -12.23 32.53
N LYS A 1030 -80.18 -13.09 31.52
CA LYS A 1030 -80.81 -12.76 30.22
C LYS A 1030 -80.08 -11.63 29.47
N ILE A 1031 -78.76 -11.77 29.42
CA ILE A 1031 -77.87 -10.82 28.76
C ILE A 1031 -76.73 -11.62 28.10
N LEU A 1032 -76.22 -11.08 27.00
CA LEU A 1032 -75.17 -11.71 26.21
C LEU A 1032 -73.84 -11.02 26.50
N THR A 1033 -72.84 -11.82 26.85
CA THR A 1033 -71.54 -11.29 27.25
C THR A 1033 -70.53 -11.48 26.11
N LEU A 1034 -69.97 -10.37 25.61
CA LEU A 1034 -69.00 -10.40 24.51
C LEU A 1034 -67.62 -10.88 24.96
N PRO A 1035 -66.82 -11.41 24.01
CA PRO A 1035 -65.46 -11.81 24.35
C PRO A 1035 -64.70 -10.54 24.69
N ASN A 1036 -64.93 -9.50 23.90
CA ASN A 1036 -64.45 -8.18 24.20
C ASN A 1036 -65.46 -7.08 23.85
N GLY A 1037 -65.77 -6.26 24.85
CA GLY A 1037 -66.54 -5.05 24.62
C GLY A 1037 -67.92 -4.85 25.26
N GLU A 1038 -68.71 -5.91 25.45
CA GLU A 1038 -70.12 -5.66 25.80
C GLU A 1038 -70.95 -6.77 26.44
N ARG A 1039 -72.11 -6.36 26.97
CA ARG A 1039 -73.20 -7.27 27.31
C ARG A 1039 -74.46 -6.74 26.64
N LEU A 1040 -75.12 -7.59 25.86
CA LEU A 1040 -76.37 -7.21 25.19
C LEU A 1040 -77.56 -7.94 25.81
N PRO A 1041 -78.55 -7.17 26.28
CA PRO A 1041 -79.68 -7.81 26.97
C PRO A 1041 -80.73 -8.38 26.01
N ILE A 1042 -81.30 -9.55 26.34
CA ILE A 1042 -82.31 -10.19 25.47
C ILE A 1042 -83.77 -9.96 25.96
N PRO A 1043 -84.67 -9.50 25.08
CA PRO A 1043 -86.08 -9.22 25.44
C PRO A 1043 -86.91 -10.46 25.76
N PRO A 1044 -88.13 -10.28 26.27
CA PRO A 1044 -88.92 -11.47 26.59
C PRO A 1044 -89.50 -12.16 25.35
N ASN A 1045 -89.55 -11.43 24.22
CA ASN A 1045 -89.98 -11.99 22.93
C ASN A 1045 -89.01 -13.03 22.38
N PHE A 1046 -87.73 -12.73 22.56
CA PHE A 1046 -86.63 -13.49 21.98
C PHE A 1046 -86.39 -14.86 22.68
N ARG A 1047 -86.92 -15.93 22.08
CA ARG A 1047 -86.66 -17.27 22.57
C ARG A 1047 -85.65 -18.11 21.74
N ILE A 1048 -84.75 -18.82 22.43
CA ILE A 1048 -83.75 -19.68 21.79
C ILE A 1048 -84.20 -21.14 21.92
N LEU A 1049 -84.41 -21.80 20.79
CA LEU A 1049 -84.70 -23.26 20.74
C LEU A 1049 -83.50 -24.08 20.30
N PHE A 1050 -83.46 -25.33 20.73
CA PHE A 1050 -82.39 -26.24 20.36
C PHE A 1050 -83.07 -27.54 19.89
N GLU A 1051 -83.06 -27.83 18.58
CA GLU A 1051 -83.50 -29.16 18.14
C GLU A 1051 -82.29 -30.00 17.86
N THR A 1052 -82.21 -31.15 18.54
CA THR A 1052 -81.11 -32.03 18.31
C THR A 1052 -81.45 -33.51 18.52
N ASP A 1053 -80.52 -34.38 18.11
CA ASP A 1053 -80.76 -35.80 18.11
C ASP A 1053 -80.27 -36.49 19.36
N ASN A 1054 -79.16 -36.01 19.92
CA ASN A 1054 -78.61 -36.55 21.16
C ASN A 1054 -78.12 -35.45 22.09
N LEU A 1055 -77.83 -35.84 23.33
CA LEU A 1055 -77.30 -34.92 24.33
C LEU A 1055 -75.88 -35.22 24.83
N ASP A 1056 -75.36 -36.42 24.56
CA ASP A 1056 -74.25 -36.96 25.35
C ASP A 1056 -73.22 -35.93 25.81
N HIS A 1057 -72.91 -34.97 24.94
CA HIS A 1057 -71.91 -33.97 25.28
C HIS A 1057 -72.29 -32.94 26.31
N THR A 1058 -73.51 -32.43 26.23
CA THR A 1058 -73.97 -31.38 27.14
C THR A 1058 -73.96 -31.71 28.67
N THR A 1059 -73.74 -30.67 29.48
CA THR A 1059 -73.59 -30.72 30.94
C THR A 1059 -74.95 -30.71 31.60
N PRO A 1060 -75.13 -31.41 32.74
CA PRO A 1060 -76.43 -31.35 33.47
C PRO A 1060 -76.84 -29.93 33.86
N ALA A 1061 -75.85 -29.04 33.97
CA ALA A 1061 -76.09 -27.64 34.29
C ALA A 1061 -76.76 -26.88 33.15
N THR A 1062 -76.37 -27.25 31.94
CA THR A 1062 -76.95 -26.68 30.73
C THR A 1062 -78.45 -27.06 30.50
N ILE A 1063 -78.76 -28.35 30.69
CA ILE A 1063 -80.14 -28.91 30.68
C ILE A 1063 -81.04 -28.16 31.64
N THR A 1064 -80.62 -28.04 32.89
CA THR A 1064 -81.45 -27.52 33.99
C THR A 1064 -81.70 -25.99 33.95
N ARG A 1065 -80.90 -25.27 33.16
CA ARG A 1065 -81.22 -23.87 32.87
C ARG A 1065 -82.33 -23.75 31.82
N CYS A 1066 -82.40 -24.75 30.92
CA CYS A 1066 -83.34 -24.77 29.79
C CYS A 1066 -84.48 -25.74 30.03
N GLY A 1067 -85.45 -25.69 29.14
CA GLY A 1067 -86.59 -26.55 29.22
C GLY A 1067 -86.38 -27.66 28.24
N LEU A 1068 -86.45 -28.90 28.73
CA LEU A 1068 -86.15 -30.07 27.94
C LEU A 1068 -87.36 -30.92 27.51
N LEU A 1069 -87.44 -31.22 26.22
CA LEU A 1069 -88.61 -31.85 25.61
C LEU A 1069 -88.18 -33.12 24.88
N TRP A 1070 -88.32 -34.27 25.53
CA TRP A 1070 -87.72 -35.52 25.03
C TRP A 1070 -88.73 -36.20 24.19
N PHE A 1071 -88.38 -36.50 22.94
CA PHE A 1071 -89.32 -37.12 22.00
C PHE A 1071 -89.00 -38.60 22.02
N SER A 1072 -89.74 -39.30 22.88
CA SER A 1072 -89.61 -40.73 23.13
C SER A 1072 -89.76 -41.55 21.85
N THR A 1073 -90.78 -41.23 21.03
CA THR A 1073 -91.02 -41.82 19.69
C THR A 1073 -91.57 -40.76 18.73
N ASP A 1074 -91.64 -41.13 17.43
CA ASP A 1074 -92.06 -40.24 16.33
C ASP A 1074 -93.48 -39.84 16.59
N VAL A 1075 -93.75 -38.57 16.31
CA VAL A 1075 -95.05 -38.01 16.59
C VAL A 1075 -96.14 -38.76 15.82
N CYS A 1076 -95.83 -39.31 14.64
CA CYS A 1076 -96.84 -39.60 13.60
C CYS A 1076 -96.86 -41.02 13.04
N SER A 1077 -98.04 -41.45 12.60
CA SER A 1077 -98.24 -42.79 11.98
C SER A 1077 -97.67 -42.92 10.58
N ILE A 1078 -97.21 -44.14 10.23
CA ILE A 1078 -96.54 -44.34 8.93
C ILE A 1078 -97.40 -43.76 7.82
N SER A 1079 -98.68 -44.18 7.83
CA SER A 1079 -99.71 -43.72 6.91
C SER A 1079 -99.81 -42.19 6.89
N SER A 1080 -100.05 -41.60 8.06
CA SER A 1080 -100.21 -40.17 8.23
C SER A 1080 -99.05 -39.40 7.62
N LYS A 1081 -97.86 -40.02 7.62
CA LYS A 1081 -96.63 -39.40 7.07
C LYS A 1081 -96.77 -39.27 5.58
N ILE A 1082 -97.13 -40.42 5.00
CA ILE A 1082 -97.39 -40.61 3.57
C ILE A 1082 -98.39 -39.55 3.10
N ASP A 1083 -99.50 -39.48 3.83
CA ASP A 1083 -100.59 -38.60 3.56
C ASP A 1083 -100.08 -37.19 3.39
N HIS A 1084 -99.30 -36.73 4.37
CA HIS A 1084 -98.78 -35.38 4.33
C HIS A 1084 -97.80 -35.24 3.17
N LEU A 1085 -96.91 -36.24 3.06
CA LEU A 1085 -95.89 -36.29 2.02
C LEU A 1085 -96.42 -36.15 0.59
N LEU A 1086 -97.51 -36.90 0.32
CA LEU A 1086 -98.26 -36.87 -0.95
C LEU A 1086 -98.66 -35.45 -1.27
N ASN A 1087 -99.39 -34.86 -0.34
CA ASN A 1087 -99.96 -33.55 -0.54
C ASN A 1087 -98.89 -32.49 -0.70
N LYS A 1088 -97.75 -32.70 -0.03
CA LYS A 1088 -96.62 -31.78 -0.10
C LYS A 1088 -96.05 -31.83 -1.51
N SER A 1089 -96.05 -33.04 -2.08
CA SER A 1089 -95.56 -33.33 -3.45
C SER A 1089 -96.50 -32.77 -4.50
N TYR A 1090 -97.81 -32.93 -4.28
CA TYR A 1090 -98.84 -32.37 -5.17
C TYR A 1090 -98.75 -30.84 -5.32
N GLU A 1091 -98.43 -30.15 -4.23
CA GLU A 1091 -98.31 -28.68 -4.27
C GLU A 1091 -97.20 -28.18 -5.19
N ALA A 1092 -96.07 -28.88 -5.21
CA ALA A 1092 -94.97 -28.63 -6.16
C ALA A 1092 -95.42 -28.72 -7.61
N LEU A 1093 -96.24 -29.75 -7.87
CA LEU A 1093 -96.78 -30.02 -9.21
C LEU A 1093 -97.76 -28.97 -9.71
N ASP A 1094 -98.55 -28.38 -8.81
CA ASP A 1094 -99.55 -27.35 -9.16
C ASP A 1094 -98.91 -26.14 -9.88
N ASN A 1095 -97.66 -25.81 -9.52
CA ASN A 1095 -96.91 -24.74 -10.15
C ASN A 1095 -96.46 -25.07 -11.59
N LYS A 1096 -96.50 -26.36 -11.96
CA LYS A 1096 -96.03 -26.85 -13.28
C LYS A 1096 -96.96 -27.88 -13.93
N LEU A 1097 -98.21 -27.91 -13.48
CA LEU A 1097 -99.22 -28.86 -13.97
C LEU A 1097 -100.66 -28.35 -13.81
N SER A 1098 -101.43 -28.45 -14.90
CA SER A 1098 -102.83 -28.02 -14.93
C SER A 1098 -103.70 -28.77 -13.90
N MET A 1099 -104.74 -28.09 -13.44
CA MET A 1099 -105.60 -28.60 -12.37
C MET A 1099 -106.35 -29.87 -12.78
N PHE A 1100 -106.71 -29.94 -14.06
CA PHE A 1100 -107.39 -31.10 -14.66
C PHE A 1100 -106.49 -32.34 -14.62
N GLU A 1101 -105.20 -32.12 -14.93
CA GLU A 1101 -104.19 -33.16 -14.92
C GLU A 1101 -103.98 -33.60 -13.48
N LEU A 1102 -103.76 -32.61 -12.62
CA LEU A 1102 -103.51 -32.80 -11.19
C LEU A 1102 -104.61 -33.55 -10.48
N ASP A 1103 -105.86 -33.19 -10.79
CA ASP A 1103 -107.03 -33.76 -10.12
C ASP A 1103 -107.15 -35.24 -10.42
N LYS A 1104 -106.82 -35.56 -11.67
CA LYS A 1104 -106.92 -36.91 -12.15
C LYS A 1104 -105.79 -37.78 -11.60
N LEU A 1105 -104.59 -37.20 -11.52
CA LEU A 1105 -103.42 -37.95 -11.07
C LEU A 1105 -103.43 -38.19 -9.60
N LYS A 1106 -104.02 -37.28 -8.82
CA LYS A 1106 -104.12 -37.49 -7.38
C LYS A 1106 -105.16 -38.53 -7.04
N ASP A 1107 -106.10 -38.70 -7.96
CA ASP A 1107 -107.14 -39.69 -7.80
C ASP A 1107 -106.54 -41.07 -7.98
N LEU A 1108 -105.60 -41.16 -8.93
CA LEU A 1108 -104.95 -42.43 -9.27
C LEU A 1108 -104.19 -43.05 -8.11
N ILE A 1109 -103.45 -42.17 -7.43
CA ILE A 1109 -102.52 -42.54 -6.40
C ILE A 1109 -103.30 -43.15 -5.22
N SER A 1110 -104.42 -42.51 -4.89
CA SER A 1110 -105.24 -42.89 -3.75
C SER A 1110 -105.81 -44.30 -3.86
N ASP A 1111 -106.20 -44.69 -5.08
CA ASP A 1111 -106.83 -45.99 -5.34
C ASP A 1111 -105.88 -47.12 -5.65
N SER A 1112 -104.66 -46.79 -6.08
CA SER A 1112 -103.66 -47.80 -6.36
C SER A 1112 -103.04 -48.37 -5.07
N PHE A 1113 -102.55 -47.50 -4.18
CA PHE A 1113 -101.93 -48.01 -2.94
C PHE A 1113 -102.62 -47.71 -1.62
N ASP A 1114 -103.02 -48.81 -0.97
CA ASP A 1114 -103.69 -48.83 0.34
C ASP A 1114 -102.70 -49.21 1.42
N MET A 1115 -102.95 -48.73 2.62
CA MET A 1115 -102.02 -48.90 3.73
C MET A 1115 -101.91 -50.36 4.18
N ALA A 1116 -103.02 -51.08 4.16
CA ALA A 1116 -103.05 -52.47 4.64
C ALA A 1116 -101.98 -53.37 3.99
N SER A 1117 -101.77 -53.18 2.69
CA SER A 1117 -100.76 -53.93 1.94
C SER A 1117 -99.33 -53.53 2.37
N LEU A 1118 -99.07 -52.22 2.36
CA LEU A 1118 -97.76 -51.65 2.65
C LEU A 1118 -97.25 -51.93 4.05
N THR A 1119 -98.17 -52.11 4.99
CA THR A 1119 -97.81 -52.34 6.37
C THR A 1119 -96.89 -53.54 6.47
N ASN A 1120 -97.24 -54.65 5.81
CA ASN A 1120 -96.35 -55.83 5.79
C ASN A 1120 -95.04 -55.59 5.05
N ILE A 1121 -95.13 -54.84 3.96
CA ILE A 1121 -93.96 -54.48 3.16
C ILE A 1121 -92.89 -53.72 3.98
N PHE A 1122 -93.33 -52.72 4.76
CA PHE A 1122 -92.44 -51.95 5.63
C PHE A 1122 -91.91 -52.80 6.79
N THR A 1123 -92.68 -53.81 7.19
CA THR A 1123 -92.33 -54.70 8.30
C THR A 1123 -91.27 -55.66 7.81
N CYS A 1124 -91.40 -56.07 6.55
CA CYS A 1124 -90.47 -57.02 5.98
C CYS A 1124 -89.16 -56.34 5.62
N SER A 1125 -89.21 -55.01 5.49
CA SER A 1125 -88.04 -54.18 5.20
C SER A 1125 -86.99 -54.34 6.30
N ASN A 1126 -87.43 -54.45 7.54
CA ASN A 1126 -86.53 -54.67 8.65
C ASN A 1126 -85.87 -56.02 8.65
N ASP A 1127 -86.61 -57.03 8.22
CA ASP A 1127 -86.06 -58.36 8.12
C ASP A 1127 -85.20 -58.38 6.85
N LEU A 1128 -84.16 -57.56 6.81
CA LEU A 1128 -83.31 -57.43 5.64
C LEU A 1128 -82.02 -56.66 5.96
N VAL A 1129 -80.91 -57.07 5.37
CA VAL A 1129 -79.62 -56.46 5.60
C VAL A 1129 -79.41 -55.19 4.75
N HIS A 1130 -79.29 -54.07 5.46
CA HIS A 1130 -79.25 -52.74 4.84
C HIS A 1130 -77.85 -52.05 4.91
N ILE A 1131 -77.14 -51.89 3.80
CA ILE A 1131 -75.87 -51.11 3.82
C ILE A 1131 -76.12 -49.62 3.95
N LEU A 1132 -75.40 -48.96 4.86
CA LEU A 1132 -75.66 -47.54 5.17
C LEU A 1132 -77.08 -47.43 5.75
N GLY A 1133 -77.29 -48.11 6.89
CA GLY A 1133 -78.61 -48.25 7.54
C GLY A 1133 -79.32 -46.95 7.87
N VAL A 1134 -80.62 -46.89 7.55
CA VAL A 1134 -81.50 -45.74 7.79
C VAL A 1134 -82.86 -46.33 8.14
N ARG A 1135 -83.58 -45.77 9.09
CA ARG A 1135 -84.82 -46.40 9.53
C ARG A 1135 -85.98 -46.18 8.55
N THR A 1136 -86.90 -47.16 8.60
CA THR A 1136 -88.04 -47.31 7.67
C THR A 1136 -88.76 -45.99 7.50
N PHE A 1137 -89.02 -45.32 8.63
CA PHE A 1137 -89.84 -44.14 8.69
C PHE A 1137 -89.22 -43.00 7.89
N ASN A 1138 -87.90 -42.90 7.93
CA ASN A 1138 -87.21 -41.85 7.19
C ASN A 1138 -87.00 -42.13 5.70
N LYS A 1139 -87.18 -43.42 5.36
CA LYS A 1139 -87.10 -43.87 3.98
C LYS A 1139 -88.39 -43.50 3.20
N LEU A 1140 -89.47 -43.23 3.93
CA LEU A 1140 -90.76 -42.93 3.32
C LEU A 1140 -90.77 -41.79 2.30
N GLU A 1141 -90.09 -40.70 2.60
CA GLU A 1141 -90.14 -39.54 1.71
C GLU A 1141 -89.60 -39.96 0.38
N THR A 1142 -88.61 -40.88 0.40
CA THR A 1142 -87.95 -41.45 -0.80
C THR A 1142 -88.96 -42.14 -1.71
N ALA A 1143 -89.87 -42.95 -1.14
CA ALA A 1143 -90.96 -43.61 -1.93
C ALA A 1143 -91.89 -42.61 -2.62
N VAL A 1144 -92.57 -41.81 -1.82
CA VAL A 1144 -93.61 -40.94 -2.27
C VAL A 1144 -93.11 -39.90 -3.26
N GLN A 1145 -91.94 -39.33 -3.00
CA GLN A 1145 -91.39 -38.35 -3.94
C GLN A 1145 -91.09 -38.96 -5.32
N LEU A 1146 -90.62 -40.21 -5.31
CA LEU A 1146 -90.29 -41.00 -6.52
C LEU A 1146 -91.57 -41.35 -7.23
N ALA A 1147 -92.43 -42.08 -6.51
CA ALA A 1147 -93.74 -42.53 -6.99
C ALA A 1147 -94.54 -41.43 -7.68
N VAL A 1148 -94.67 -40.28 -7.05
CA VAL A 1148 -95.43 -39.19 -7.62
C VAL A 1148 -94.73 -38.65 -8.88
N HIS A 1149 -93.41 -38.57 -8.87
CA HIS A 1149 -92.70 -38.16 -10.07
C HIS A 1149 -92.81 -39.17 -11.22
N LEU A 1150 -92.79 -40.47 -10.91
CA LEU A 1150 -92.91 -41.50 -11.94
C LEU A 1150 -94.29 -41.46 -12.60
N ILE A 1151 -95.33 -41.18 -11.81
CA ILE A 1151 -96.69 -41.08 -12.35
C ILE A 1151 -96.85 -39.74 -13.08
N SER A 1152 -96.37 -38.62 -12.55
CA SER A 1152 -96.41 -37.36 -13.30
C SER A 1152 -95.55 -37.39 -14.57
N SER A 1153 -94.75 -38.46 -14.70
CA SER A 1153 -93.90 -38.69 -15.86
C SER A 1153 -94.75 -39.09 -17.05
N TYR A 1154 -95.62 -40.07 -16.80
CA TYR A 1154 -96.47 -40.67 -17.82
C TYR A 1154 -97.87 -40.04 -17.89
N ARG A 1155 -97.96 -38.75 -17.53
CA ARG A 1155 -99.24 -38.04 -17.38
C ARG A 1155 -100.00 -37.95 -18.71
N GLN A 1156 -99.26 -37.76 -19.81
CA GLN A 1156 -99.87 -37.54 -21.12
C GLN A 1156 -100.53 -38.80 -21.64
N TRP A 1157 -99.90 -39.94 -21.35
CA TRP A 1157 -100.37 -41.25 -21.82
C TRP A 1157 -101.47 -41.78 -20.90
N PHE A 1158 -101.94 -40.94 -19.97
CA PHE A 1158 -103.02 -41.30 -19.05
C PHE A 1158 -104.34 -40.71 -19.50
N GLN A 1159 -104.26 -39.81 -20.48
CA GLN A 1159 -105.40 -39.17 -21.15
C GLN A 1159 -106.22 -40.17 -21.98
N ASN A 1160 -105.55 -40.94 -22.84
CA ASN A 1160 -106.19 -41.86 -23.77
C ASN A 1160 -106.08 -43.35 -23.47
N LEU A 1161 -105.23 -43.75 -22.53
CA LEU A 1161 -105.03 -45.18 -22.21
C LEU A 1161 -106.21 -45.86 -21.46
N ASP A 1162 -106.30 -47.19 -21.59
CA ASP A 1162 -107.33 -48.06 -20.96
C ASP A 1162 -107.30 -47.99 -19.45
N ASP A 1163 -108.45 -47.84 -18.82
CA ASP A 1163 -108.52 -47.71 -17.35
C ASP A 1163 -108.02 -48.91 -16.55
N LYS A 1164 -108.13 -50.11 -17.10
CA LYS A 1164 -107.54 -51.28 -16.43
C LYS A 1164 -106.04 -51.32 -16.62
N SER A 1165 -105.60 -51.05 -17.84
CA SER A 1165 -104.19 -50.91 -18.20
C SER A 1165 -103.47 -49.75 -17.48
N LEU A 1166 -104.19 -48.66 -17.21
CA LEU A 1166 -103.66 -47.49 -16.48
C LEU A 1166 -103.23 -47.88 -15.11
N LYS A 1167 -104.08 -48.63 -14.41
CA LYS A 1167 -103.80 -49.14 -13.05
C LYS A 1167 -102.55 -50.02 -13.02
N ASP A 1168 -102.32 -50.74 -14.11
CA ASP A 1168 -101.15 -51.58 -14.20
C ASP A 1168 -99.86 -50.76 -14.32
N VAL A 1169 -99.89 -49.68 -15.08
CA VAL A 1169 -98.77 -48.72 -15.16
C VAL A 1169 -98.51 -48.07 -13.77
N ILE A 1170 -99.58 -47.71 -13.07
CA ILE A 1170 -99.48 -47.12 -11.73
C ILE A 1170 -98.87 -48.13 -10.77
N THR A 1171 -99.52 -49.29 -10.61
CA THR A 1171 -99.05 -50.32 -9.69
C THR A 1171 -97.60 -50.75 -9.92
N LEU A 1172 -97.20 -50.91 -11.17
CA LEU A 1172 -95.80 -51.21 -11.47
C LEU A 1172 -94.85 -50.14 -10.96
N LEU A 1173 -95.11 -48.88 -11.32
CA LEU A 1173 -94.29 -47.76 -10.83
C LEU A 1173 -94.19 -47.68 -9.29
N ILE A 1174 -95.31 -47.91 -8.66
CA ILE A 1174 -95.40 -47.81 -7.23
C ILE A 1174 -94.68 -49.00 -6.63
N LYS A 1175 -94.72 -50.15 -7.29
CA LYS A 1175 -94.03 -51.31 -6.77
C LYS A 1175 -92.54 -51.12 -6.94
N ARG A 1176 -92.14 -50.51 -8.06
CA ARG A 1176 -90.75 -50.13 -8.28
C ARG A 1176 -90.23 -49.11 -7.25
N SER A 1177 -90.94 -47.97 -7.13
CA SER A 1177 -90.47 -46.84 -6.31
C SER A 1177 -90.39 -47.27 -4.86
N LEU A 1178 -91.18 -48.26 -4.53
CA LEU A 1178 -91.28 -48.72 -3.17
C LEU A 1178 -90.07 -49.60 -2.86
N LEU A 1179 -89.47 -50.14 -3.91
CA LEU A 1179 -88.42 -51.14 -3.79
C LEU A 1179 -87.13 -50.46 -3.46
N TYR A 1180 -86.73 -49.52 -4.31
CA TYR A 1180 -85.52 -48.77 -4.07
C TYR A 1180 -85.55 -47.93 -2.78
N ALA A 1181 -86.75 -47.55 -2.34
CA ALA A 1181 -86.87 -46.80 -1.12
C ALA A 1181 -86.71 -47.65 0.17
N LEU A 1182 -86.98 -48.95 0.09
CA LEU A 1182 -86.77 -49.87 1.20
C LEU A 1182 -85.54 -50.77 1.00
N ALA A 1183 -85.33 -51.26 -0.22
CA ALA A 1183 -84.32 -52.29 -0.49
C ALA A 1183 -83.25 -51.79 -1.43
N GLY A 1184 -83.25 -50.50 -1.73
CA GLY A 1184 -82.28 -49.93 -2.65
C GLY A 1184 -80.86 -49.97 -2.11
N ASP A 1185 -80.75 -49.79 -0.81
CA ASP A 1185 -79.50 -49.91 -0.16
C ASP A 1185 -79.21 -51.37 0.21
N SER A 1186 -79.99 -52.33 -0.29
CA SER A 1186 -79.78 -53.74 0.04
C SER A 1186 -78.88 -54.47 -0.95
N THR A 1187 -78.57 -55.73 -0.64
CA THR A 1187 -77.56 -56.48 -1.41
C THR A 1187 -77.97 -56.60 -2.88
N GLY A 1188 -79.27 -56.75 -3.13
CA GLY A 1188 -79.76 -56.91 -4.49
C GLY A 1188 -79.91 -58.38 -4.73
N GLU A 1189 -79.15 -59.15 -3.97
CA GLU A 1189 -79.42 -60.54 -3.75
C GLU A 1189 -80.64 -60.48 -2.85
N SER A 1190 -80.69 -59.47 -1.98
CA SER A 1190 -81.83 -59.20 -1.08
C SER A 1190 -82.88 -58.48 -1.83
N GLN A 1191 -82.51 -57.65 -2.82
CA GLN A 1191 -83.49 -56.89 -3.61
C GLN A 1191 -84.42 -57.84 -4.32
N ARG A 1192 -83.80 -58.82 -4.98
CA ARG A 1192 -84.49 -59.85 -5.71
C ARG A 1192 -85.47 -60.56 -4.80
N ALA A 1193 -85.01 -60.86 -3.58
CA ALA A 1193 -85.84 -61.48 -2.54
C ALA A 1193 -87.01 -60.60 -2.10
N PHE A 1194 -86.75 -59.31 -1.97
CA PHE A 1194 -87.75 -58.34 -1.56
C PHE A 1194 -88.74 -58.07 -2.68
N ILE A 1195 -88.29 -58.27 -3.91
CA ILE A 1195 -89.16 -58.01 -5.04
C ILE A 1195 -90.35 -58.94 -4.89
N GLN A 1196 -90.07 -60.21 -4.57
CA GLN A 1196 -91.13 -61.20 -4.34
C GLN A 1196 -92.00 -60.84 -3.12
N THR A 1197 -91.36 -60.26 -2.11
CA THR A 1197 -92.06 -59.84 -0.89
C THR A 1197 -93.04 -58.71 -1.21
N ILE A 1198 -92.66 -57.78 -2.08
CA ILE A 1198 -93.58 -56.72 -2.55
C ILE A 1198 -94.79 -57.34 -3.27
N ASN A 1199 -94.51 -58.15 -4.28
CA ASN A 1199 -95.50 -58.91 -5.06
C ASN A 1199 -96.47 -59.72 -4.19
N THR A 1200 -95.90 -60.43 -3.21
CA THR A 1200 -96.69 -61.16 -2.23
C THR A 1200 -97.77 -60.32 -1.57
N TYR A 1201 -97.37 -59.23 -0.93
CA TYR A 1201 -98.28 -58.40 -0.15
C TYR A 1201 -99.20 -57.44 -0.93
N PHE A 1202 -98.77 -57.08 -2.13
CA PHE A 1202 -99.64 -56.38 -3.04
C PHE A 1202 -100.64 -57.37 -3.65
N GLY A 1203 -101.72 -56.82 -4.24
CA GLY A 1203 -102.76 -57.62 -4.85
C GLY A 1203 -102.18 -58.60 -5.85
N HIS A 1204 -102.62 -59.87 -5.78
CA HIS A 1204 -102.09 -60.95 -6.60
C HIS A 1204 -102.26 -60.71 -8.10
N ASP A 1205 -103.40 -60.18 -8.50
CA ASP A 1205 -103.67 -59.93 -9.92
C ASP A 1205 -102.79 -58.80 -10.52
N SER A 1206 -102.47 -57.79 -9.72
CA SER A 1206 -101.68 -56.59 -10.12
C SER A 1206 -100.31 -56.88 -10.73
N GLN A 1207 -99.88 -56.05 -11.69
CA GLN A 1207 -98.63 -56.27 -12.44
C GLN A 1207 -97.46 -56.50 -11.51
N GLU A 1208 -96.92 -57.72 -11.62
CA GLU A 1208 -95.85 -58.19 -10.77
C GLU A 1208 -94.53 -57.54 -11.12
N LEU A 1209 -93.63 -57.48 -10.14
CA LEU A 1209 -92.33 -56.90 -10.34
C LEU A 1209 -91.31 -57.96 -10.77
N SER A 1210 -90.52 -57.64 -11.81
CA SER A 1210 -89.36 -58.46 -12.19
C SER A 1210 -88.08 -57.71 -11.79
N ASP A 1211 -86.95 -58.44 -11.68
CA ASP A 1211 -85.65 -57.80 -11.39
C ASP A 1211 -85.34 -56.59 -12.29
N TYR A 1212 -85.54 -56.77 -13.60
CA TYR A 1212 -85.26 -55.71 -14.55
C TYR A 1212 -86.49 -55.12 -15.21
N SER A 1213 -87.67 -55.39 -14.66
CA SER A 1213 -88.98 -54.91 -15.17
C SER A 1213 -89.04 -53.43 -15.61
N THR A 1214 -89.46 -53.16 -16.85
CA THR A 1214 -89.55 -51.77 -17.33
C THR A 1214 -90.78 -51.50 -18.17
N ILE A 1215 -91.18 -50.24 -18.22
CA ILE A 1215 -92.32 -49.71 -18.99
C ILE A 1215 -91.75 -48.94 -20.19
N VAL A 1216 -92.24 -49.26 -21.39
CA VAL A 1216 -91.69 -48.66 -22.62
C VAL A 1216 -92.76 -48.02 -23.56
N ILE A 1217 -92.38 -46.87 -24.14
CA ILE A 1217 -93.22 -46.12 -25.10
C ILE A 1217 -92.42 -45.76 -26.37
N ALA A 1218 -93.14 -45.60 -27.49
CA ALA A 1218 -92.52 -45.46 -28.83
C ALA A 1218 -91.72 -44.19 -29.10
N ASN A 1219 -90.74 -44.35 -30.00
CA ASN A 1219 -89.90 -43.27 -30.52
C ASN A 1219 -90.71 -42.22 -31.31
N ASP A 1220 -91.57 -42.67 -32.22
CA ASP A 1220 -92.27 -41.77 -33.15
C ASP A 1220 -93.80 -41.71 -32.99
N LYS A 1221 -94.37 -42.44 -32.04
CA LYS A 1221 -95.83 -42.53 -31.91
C LYS A 1221 -96.23 -42.91 -30.50
N LEU A 1222 -97.30 -42.33 -29.95
CA LEU A 1222 -97.75 -42.76 -28.61
C LEU A 1222 -98.16 -44.24 -28.63
N SER A 1223 -97.60 -45.04 -27.71
CA SER A 1223 -97.80 -46.49 -27.68
C SER A 1223 -97.82 -47.02 -26.23
N PHE A 1224 -98.02 -48.30 -26.01
CA PHE A 1224 -97.83 -48.82 -24.65
C PHE A 1224 -97.63 -50.32 -24.52
N SER A 1225 -96.46 -50.69 -23.98
CA SER A 1225 -96.03 -52.09 -23.87
C SER A 1225 -95.00 -52.17 -22.77
N SER A 1226 -94.84 -53.37 -22.18
CA SER A 1226 -93.85 -53.59 -21.11
C SER A 1226 -92.66 -54.53 -21.44
N PHE A 1227 -91.53 -53.93 -21.78
CA PHE A 1227 -90.31 -54.65 -22.19
C PHE A 1227 -89.10 -54.19 -21.39
N CYS A 1228 -88.18 -55.11 -21.11
CA CYS A 1228 -87.07 -54.84 -20.23
C CYS A 1228 -85.72 -55.24 -20.79
N SER A 1229 -84.69 -54.49 -20.39
CA SER A 1229 -83.26 -54.81 -20.62
C SER A 1229 -82.67 -54.68 -22.05
N GLU A 1230 -82.81 -53.49 -22.65
CA GLU A 1230 -82.33 -53.25 -24.01
C GLU A 1230 -81.09 -52.38 -24.05
N ILE A 1231 -80.08 -52.81 -24.78
CA ILE A 1231 -78.74 -52.24 -24.67
C ILE A 1231 -78.15 -51.75 -25.99
N PRO A 1232 -77.66 -50.50 -26.02
CA PRO A 1232 -76.85 -49.99 -27.14
C PRO A 1232 -75.46 -50.62 -27.09
N SER A 1233 -74.83 -50.85 -28.24
CA SER A 1233 -73.61 -51.67 -28.26
C SER A 1233 -72.35 -50.86 -28.57
N VAL A 1234 -71.32 -51.02 -27.75
CA VAL A 1234 -70.17 -50.10 -27.78
C VAL A 1234 -68.93 -50.61 -28.49
N SER A 1235 -68.43 -49.81 -29.43
CA SER A 1235 -67.15 -50.05 -30.10
C SER A 1235 -66.23 -48.86 -29.90
N LEU A 1236 -65.04 -49.12 -29.35
CA LEU A 1236 -64.11 -48.03 -29.03
C LEU A 1236 -62.73 -48.33 -29.53
N GLU A 1237 -62.02 -47.28 -29.90
CA GLU A 1237 -60.70 -47.46 -30.44
C GLU A 1237 -59.66 -47.68 -29.37
N ALA A 1238 -58.47 -48.05 -29.78
CA ALA A 1238 -57.36 -48.35 -28.88
C ALA A 1238 -57.03 -47.21 -27.91
N HIS A 1239 -56.95 -46.00 -28.45
CA HIS A 1239 -56.63 -44.82 -27.67
C HIS A 1239 -57.69 -44.50 -26.62
N GLU A 1240 -58.93 -44.82 -26.94
CA GLU A 1240 -60.07 -44.58 -26.04
C GLU A 1240 -60.07 -45.42 -24.76
N VAL A 1241 -59.22 -46.46 -24.70
CA VAL A 1241 -59.34 -47.55 -23.73
C VAL A 1241 -59.32 -47.09 -22.28
N MET A 1242 -58.43 -46.17 -21.97
CA MET A 1242 -58.41 -45.63 -20.65
C MET A 1242 -58.66 -44.18 -20.75
N ARG A 1243 -59.69 -43.79 -20.02
CA ARG A 1243 -60.21 -42.48 -20.08
C ARG A 1243 -61.09 -42.34 -18.84
N PRO A 1244 -61.00 -41.18 -18.18
CA PRO A 1244 -61.78 -41.00 -16.95
C PRO A 1244 -63.31 -41.01 -17.16
N ASP A 1245 -63.73 -41.19 -18.42
CA ASP A 1245 -65.12 -41.13 -18.78
C ASP A 1245 -65.42 -42.17 -19.83
N ILE A 1246 -65.28 -43.44 -19.45
CA ILE A 1246 -65.55 -44.51 -20.42
C ILE A 1246 -66.43 -45.63 -19.83
N VAL A 1247 -67.62 -45.80 -20.40
CA VAL A 1247 -68.52 -46.84 -19.89
C VAL A 1247 -68.95 -47.85 -20.97
N ILE A 1248 -68.68 -49.10 -20.62
CA ILE A 1248 -69.12 -50.23 -21.34
C ILE A 1248 -70.42 -50.69 -20.69
N PRO A 1249 -71.55 -50.27 -21.25
CA PRO A 1249 -72.83 -50.46 -20.56
C PRO A 1249 -73.25 -51.93 -20.36
N THR A 1250 -73.78 -52.24 -19.19
CA THR A 1250 -74.17 -53.60 -18.80
C THR A 1250 -75.69 -53.61 -18.61
N ILE A 1251 -76.30 -54.78 -18.46
CA ILE A 1251 -77.73 -54.91 -18.12
C ILE A 1251 -78.04 -54.09 -16.84
N ASP A 1252 -77.03 -54.01 -15.98
CA ASP A 1252 -77.07 -53.40 -14.66
C ASP A 1252 -76.59 -51.96 -14.62
N THR A 1253 -75.66 -51.60 -15.51
CA THR A 1253 -75.29 -50.21 -15.62
C THR A 1253 -76.51 -49.38 -16.01
N ILE A 1254 -77.30 -49.87 -16.99
CA ILE A 1254 -78.54 -49.21 -17.45
C ILE A 1254 -79.60 -49.18 -16.35
N LYS A 1255 -79.72 -50.29 -15.62
CA LYS A 1255 -80.65 -50.42 -14.48
C LYS A 1255 -80.41 -49.35 -13.40
N HIS A 1256 -79.14 -49.21 -12.97
CA HIS A 1256 -78.72 -48.20 -11.98
C HIS A 1256 -78.79 -46.82 -12.56
N GLU A 1257 -78.29 -46.60 -13.77
CA GLU A 1257 -78.30 -45.27 -14.36
C GLU A 1257 -79.73 -44.75 -14.52
N LYS A 1258 -80.67 -45.63 -14.83
CA LYS A 1258 -82.06 -45.20 -14.92
C LYS A 1258 -82.61 -44.74 -13.56
N ILE A 1259 -82.54 -45.60 -12.54
CA ILE A 1259 -83.02 -45.26 -11.17
C ILE A 1259 -82.33 -44.05 -10.63
N PHE A 1260 -81.01 -43.98 -10.75
CA PHE A 1260 -80.21 -42.82 -10.31
C PHE A 1260 -80.71 -41.49 -10.91
N TYR A 1261 -81.00 -41.52 -12.20
CA TYR A 1261 -81.56 -40.38 -12.90
C TYR A 1261 -82.96 -40.04 -12.45
N ASP A 1262 -83.79 -41.07 -12.19
CA ASP A 1262 -85.15 -40.89 -11.67
C ASP A 1262 -85.19 -40.17 -10.34
N LEU A 1263 -84.29 -40.50 -9.43
CA LEU A 1263 -84.24 -39.86 -8.15
C LEU A 1263 -83.93 -38.36 -8.27
N LEU A 1264 -83.03 -38.00 -9.18
CA LEU A 1264 -82.71 -36.60 -9.38
C LEU A 1264 -83.90 -35.83 -9.94
N ASN A 1265 -84.72 -36.50 -10.76
CA ASN A 1265 -85.94 -35.87 -11.28
C ASN A 1265 -86.83 -35.53 -10.10
N SER A 1266 -86.84 -36.42 -9.11
CA SER A 1266 -87.49 -36.12 -7.84
C SER A 1266 -86.76 -35.00 -7.11
N LYS A 1267 -85.45 -34.94 -7.33
CA LYS A 1267 -84.60 -33.90 -6.73
C LYS A 1267 -84.24 -34.26 -5.28
N ARG A 1268 -84.62 -35.46 -4.85
CA ARG A 1268 -84.07 -36.03 -3.64
C ARG A 1268 -82.56 -36.36 -3.78
N GLY A 1269 -81.80 -36.07 -2.74
CA GLY A 1269 -80.37 -36.31 -2.72
C GLY A 1269 -80.09 -37.81 -2.76
N ILE A 1270 -78.95 -38.13 -3.37
CA ILE A 1270 -78.62 -39.53 -3.58
C ILE A 1270 -77.33 -39.90 -2.88
N ILE A 1271 -77.31 -41.04 -2.20
CA ILE A 1271 -76.05 -41.60 -1.70
C ILE A 1271 -75.87 -42.93 -2.38
N LEU A 1272 -74.80 -42.98 -3.16
CA LEU A 1272 -74.36 -44.20 -3.81
C LEU A 1272 -73.30 -44.80 -2.90
N CYS A 1273 -73.65 -45.87 -2.22
CA CYS A 1273 -72.74 -46.49 -1.30
C CYS A 1273 -72.31 -47.78 -1.95
N GLY A 1274 -71.03 -48.11 -1.86
CA GLY A 1274 -70.53 -49.33 -2.42
C GLY A 1274 -69.03 -49.43 -2.39
N PRO A 1275 -68.51 -50.65 -2.65
CA PRO A 1275 -67.10 -50.99 -2.61
C PRO A 1275 -66.31 -50.18 -3.60
N PRO A 1276 -64.97 -50.17 -3.43
CA PRO A 1276 -64.17 -49.40 -4.35
C PRO A 1276 -64.11 -50.13 -5.70
N GLY A 1277 -64.32 -49.37 -6.77
CA GLY A 1277 -64.36 -49.92 -8.13
C GLY A 1277 -65.66 -50.62 -8.48
N SER A 1278 -66.72 -50.34 -7.73
CA SER A 1278 -68.05 -50.88 -8.04
C SER A 1278 -68.77 -50.08 -9.11
N GLY A 1279 -68.18 -48.96 -9.52
CA GLY A 1279 -68.74 -48.06 -10.54
C GLY A 1279 -69.72 -46.98 -10.09
N LYS A 1280 -69.74 -46.65 -8.79
CA LYS A 1280 -70.74 -45.72 -8.25
C LYS A 1280 -70.51 -44.32 -8.78
N THR A 1281 -69.25 -44.03 -9.09
CA THR A 1281 -68.85 -42.70 -9.54
C THR A 1281 -69.20 -42.56 -11.00
N MET A 1282 -68.91 -43.61 -11.78
CA MET A 1282 -69.16 -43.65 -13.25
C MET A 1282 -70.62 -43.65 -13.59
N ILE A 1283 -71.41 -44.50 -12.92
CA ILE A 1283 -72.87 -44.53 -13.12
C ILE A 1283 -73.48 -43.12 -12.92
N MET A 1284 -73.00 -42.43 -11.91
CA MET A 1284 -73.45 -41.10 -11.60
C MET A 1284 -73.02 -40.11 -12.68
N ASN A 1285 -71.73 -40.20 -13.04
CA ASN A 1285 -71.10 -39.34 -14.03
C ASN A 1285 -71.63 -39.52 -15.44
N ASN A 1286 -71.73 -40.75 -15.91
CA ASN A 1286 -72.17 -41.03 -17.28
C ASN A 1286 -73.63 -40.76 -17.56
N ALA A 1287 -74.49 -40.98 -16.57
CA ALA A 1287 -75.92 -40.64 -16.71
C ALA A 1287 -76.13 -39.13 -16.87
N LEU A 1288 -75.18 -38.34 -16.37
CA LEU A 1288 -75.27 -36.87 -16.37
C LEU A 1288 -74.35 -36.14 -17.37
N ARG A 1289 -73.19 -36.74 -17.68
CA ARG A 1289 -72.28 -36.27 -18.77
C ARG A 1289 -72.98 -36.37 -20.12
N ASN A 1290 -74.01 -37.21 -20.18
CA ASN A 1290 -74.87 -37.38 -21.34
C ASN A 1290 -75.99 -36.35 -21.54
N SER A 1291 -76.73 -36.01 -20.47
CA SER A 1291 -77.91 -35.10 -20.53
C SER A 1291 -77.60 -33.59 -20.50
N SER A 1292 -78.40 -32.82 -21.23
CA SER A 1292 -78.30 -31.37 -21.30
C SER A 1292 -78.78 -30.65 -20.02
N LEU A 1293 -79.72 -31.28 -19.33
CA LEU A 1293 -80.37 -30.75 -18.11
C LEU A 1293 -79.42 -30.50 -16.93
N TYR A 1294 -78.75 -31.53 -16.47
CA TYR A 1294 -77.86 -31.44 -15.33
C TYR A 1294 -76.38 -31.28 -15.71
N ASP A 1295 -75.62 -30.60 -14.86
CA ASP A 1295 -74.17 -30.43 -15.02
C ASP A 1295 -73.44 -30.74 -13.72
N VAL A 1296 -72.46 -31.64 -13.78
CA VAL A 1296 -71.74 -32.17 -12.60
C VAL A 1296 -70.53 -31.33 -12.15
N VAL A 1297 -70.28 -31.33 -10.83
CA VAL A 1297 -69.18 -30.58 -10.20
C VAL A 1297 -68.57 -31.52 -9.14
N GLY A 1298 -67.30 -31.88 -9.32
CA GLY A 1298 -66.66 -32.89 -8.48
C GLY A 1298 -65.83 -32.37 -7.33
N ILE A 1299 -66.27 -32.71 -6.12
CA ILE A 1299 -65.48 -32.46 -4.93
C ILE A 1299 -65.07 -33.77 -4.26
N ASN A 1300 -63.77 -33.98 -4.05
CA ASN A 1300 -63.31 -35.08 -3.17
C ASN A 1300 -63.10 -34.62 -1.75
N PHE A 1301 -63.65 -35.40 -0.86
CA PHE A 1301 -63.53 -35.15 0.54
C PHE A 1301 -62.28 -35.91 1.05
N SER A 1302 -61.59 -35.33 2.03
CA SER A 1302 -60.52 -36.01 2.79
C SER A 1302 -60.73 -35.88 4.30
N LYS A 1303 -59.92 -36.61 5.06
CA LYS A 1303 -60.17 -36.80 6.48
C LYS A 1303 -60.50 -35.45 7.15
N ASP A 1304 -59.81 -34.39 6.73
CA ASP A 1304 -60.08 -33.05 7.23
C ASP A 1304 -60.30 -32.05 6.07
N THR A 1305 -61.49 -32.07 5.49
CA THR A 1305 -61.98 -31.07 4.48
C THR A 1305 -62.99 -30.06 5.08
N THR A 1306 -62.88 -28.79 4.71
CA THR A 1306 -63.76 -27.74 5.23
C THR A 1306 -64.94 -27.37 4.31
N THR A 1307 -65.93 -26.71 4.93
CA THR A 1307 -67.18 -26.27 4.26
C THR A 1307 -66.98 -25.13 3.28
N GLU A 1308 -65.82 -24.51 3.37
CA GLU A 1308 -65.42 -23.44 2.47
C GLU A 1308 -64.93 -24.06 1.17
N HIS A 1309 -64.25 -25.22 1.25
CA HIS A 1309 -63.75 -25.90 0.04
C HIS A 1309 -64.96 -26.21 -0.86
N ILE A 1310 -66.09 -26.56 -0.23
CA ILE A 1310 -67.33 -26.86 -0.95
C ILE A 1310 -67.85 -25.60 -1.67
N LEU A 1311 -67.79 -24.49 -0.97
CA LEU A 1311 -68.23 -23.21 -1.49
C LEU A 1311 -67.36 -22.72 -2.63
N SER A 1312 -66.04 -22.80 -2.44
CA SER A 1312 -65.06 -22.39 -3.44
C SER A 1312 -65.21 -23.21 -4.73
N ALA A 1313 -65.36 -24.52 -4.60
CA ALA A 1313 -65.65 -25.40 -5.75
C ALA A 1313 -66.97 -25.04 -6.44
N LEU A 1314 -67.99 -24.63 -5.68
CA LEU A 1314 -69.25 -24.16 -6.26
C LEU A 1314 -69.12 -22.80 -6.94
N HIS A 1315 -68.36 -21.87 -6.34
CA HIS A 1315 -68.18 -20.49 -6.89
C HIS A 1315 -67.66 -20.42 -8.32
N ARG A 1316 -66.93 -21.48 -8.69
CA ARG A 1316 -66.33 -21.70 -10.00
C ARG A 1316 -67.43 -21.94 -11.06
N HIS A 1317 -68.53 -22.59 -10.67
CA HIS A 1317 -69.66 -22.96 -11.56
C HIS A 1317 -70.97 -22.23 -11.13
N THR A 1318 -70.91 -21.31 -10.16
CA THR A 1318 -72.13 -20.62 -9.68
C THR A 1318 -72.06 -19.11 -9.59
N ASN A 1319 -73.23 -18.48 -9.85
CA ASN A 1319 -73.39 -17.05 -9.92
C ASN A 1319 -74.52 -16.59 -9.00
N TYR A 1320 -74.16 -15.89 -7.92
CA TYR A 1320 -75.11 -15.21 -7.02
C TYR A 1320 -75.87 -14.11 -7.73
N VAL A 1321 -77.19 -14.07 -7.56
CA VAL A 1321 -77.98 -12.94 -8.05
C VAL A 1321 -78.79 -12.30 -6.94
N THR A 1322 -78.68 -10.99 -6.80
CA THR A 1322 -79.44 -10.24 -5.80
C THR A 1322 -80.80 -9.78 -6.37
N THR A 1323 -81.73 -10.73 -6.38
CA THR A 1323 -83.12 -10.51 -6.78
C THR A 1323 -83.91 -10.26 -5.51
N SER A 1324 -84.79 -9.25 -5.50
CA SER A 1324 -85.61 -8.94 -4.30
C SER A 1324 -86.56 -10.08 -3.86
N LYS A 1325 -86.82 -11.03 -4.77
CA LYS A 1325 -87.63 -12.24 -4.53
C LYS A 1325 -87.12 -13.18 -3.41
N GLY A 1326 -85.83 -13.49 -3.42
CA GLY A 1326 -85.23 -14.32 -2.38
C GLY A 1326 -84.09 -13.61 -1.65
N LEU A 1327 -84.01 -12.29 -1.83
CA LEU A 1327 -82.81 -11.53 -1.47
C LEU A 1327 -81.65 -12.17 -2.25
N THR A 1328 -80.55 -12.48 -1.59
CA THR A 1328 -79.50 -13.25 -2.24
C THR A 1328 -79.97 -14.67 -2.60
N LEU A 1329 -79.52 -15.13 -3.77
CA LEU A 1329 -79.77 -16.49 -4.24
C LEU A 1329 -78.49 -17.01 -4.85
N LEU A 1330 -78.33 -18.32 -4.90
CA LEU A 1330 -77.13 -18.87 -5.51
C LEU A 1330 -77.54 -19.92 -6.52
N PRO A 1331 -78.01 -19.49 -7.72
CA PRO A 1331 -78.17 -20.50 -8.76
C PRO A 1331 -76.84 -20.78 -9.47
N LYS A 1332 -76.90 -21.65 -10.45
CA LYS A 1332 -75.70 -22.04 -11.19
C LYS A 1332 -75.35 -20.95 -12.17
N SER A 1333 -74.07 -20.86 -12.54
CA SER A 1333 -73.59 -19.80 -13.43
C SER A 1333 -74.19 -19.85 -14.85
N ASP A 1334 -74.72 -21.01 -15.21
CA ASP A 1334 -75.47 -21.21 -16.46
C ASP A 1334 -76.91 -21.60 -16.13
N ILE A 1335 -77.80 -21.44 -17.11
CA ILE A 1335 -79.23 -21.59 -16.88
C ILE A 1335 -79.72 -22.95 -16.35
N LYS A 1336 -79.25 -24.06 -16.90
CA LYS A 1336 -79.75 -25.40 -16.48
C LYS A 1336 -79.08 -26.06 -15.26
N ASN A 1337 -79.78 -27.02 -14.64
CA ASN A 1337 -79.47 -27.56 -13.28
C ASN A 1337 -78.08 -28.13 -13.01
N LEU A 1338 -77.62 -27.93 -11.77
CA LEU A 1338 -76.26 -28.24 -11.36
C LEU A 1338 -76.25 -29.37 -10.32
N VAL A 1339 -75.25 -30.25 -10.40
CA VAL A 1339 -75.13 -31.38 -9.48
C VAL A 1339 -73.75 -31.40 -8.82
N LEU A 1340 -73.72 -31.19 -7.50
CA LEU A 1340 -72.52 -31.45 -6.70
C LEU A 1340 -72.32 -32.93 -6.46
N PHE A 1341 -71.20 -33.43 -6.96
CA PHE A 1341 -70.79 -34.74 -6.59
C PHE A 1341 -69.71 -34.72 -5.47
N CYS A 1342 -70.16 -35.06 -4.27
CA CYS A 1342 -69.30 -35.22 -3.14
C CYS A 1342 -68.82 -36.69 -2.97
N ASP A 1343 -67.61 -36.95 -3.48
CA ASP A 1343 -67.00 -38.25 -3.34
C ASP A 1343 -66.28 -38.43 -1.99
N GLU A 1344 -66.41 -39.62 -1.39
CA GLU A 1344 -65.85 -39.98 -0.06
C GLU A 1344 -66.45 -39.14 1.08
N ILE A 1345 -67.78 -39.08 1.07
CA ILE A 1345 -68.58 -38.27 1.97
C ILE A 1345 -68.45 -38.74 3.44
N ASN A 1346 -68.08 -40.01 3.62
CA ASN A 1346 -67.91 -40.53 4.96
C ASN A 1346 -66.47 -40.51 5.34
N LEU A 1347 -65.72 -39.58 4.74
CA LEU A 1347 -64.30 -39.44 5.08
C LEU A 1347 -63.97 -38.30 6.05
N PRO A 1348 -64.64 -37.12 5.93
CA PRO A 1348 -64.25 -36.02 6.84
C PRO A 1348 -64.54 -36.34 8.28
N LYS A 1349 -63.62 -35.90 9.14
CA LYS A 1349 -63.60 -36.30 10.52
C LYS A 1349 -64.40 -35.30 11.29
N LEU A 1350 -64.57 -35.64 12.55
CA LEU A 1350 -65.55 -35.04 13.41
C LEU A 1350 -64.89 -34.36 14.61
N ASP A 1351 -65.54 -33.31 15.13
CA ASP A 1351 -65.10 -32.61 16.34
C ASP A 1351 -64.84 -33.59 17.48
N LYS A 1352 -63.99 -33.21 18.43
CA LYS A 1352 -63.64 -34.17 19.45
C LYS A 1352 -64.88 -34.67 20.17
N TYR A 1353 -65.88 -33.78 20.27
CA TYR A 1353 -67.21 -34.19 20.65
C TYR A 1353 -67.70 -35.26 19.70
N GLY A 1354 -67.48 -35.04 18.41
CA GLY A 1354 -67.77 -36.06 17.40
C GLY A 1354 -68.86 -35.66 16.41
N SER A 1355 -68.66 -34.55 15.73
CA SER A 1355 -69.67 -33.97 14.89
C SER A 1355 -69.05 -33.36 13.63
N GLN A 1356 -69.32 -33.98 12.48
CA GLN A 1356 -68.68 -33.60 11.19
C GLN A 1356 -69.48 -32.50 10.53
N ASN A 1357 -68.88 -31.33 10.44
CA ASN A 1357 -69.63 -30.13 10.10
C ASN A 1357 -69.97 -30.05 8.60
N VAL A 1358 -69.07 -30.62 7.83
CA VAL A 1358 -69.12 -30.61 6.38
C VAL A 1358 -70.37 -31.32 5.89
N VAL A 1359 -70.65 -32.50 6.48
CA VAL A 1359 -71.90 -33.27 6.33
C VAL A 1359 -73.18 -32.48 6.77
N LEU A 1360 -73.09 -31.78 7.91
CA LEU A 1360 -74.20 -30.93 8.41
C LEU A 1360 -74.48 -29.72 7.52
N PHE A 1361 -73.45 -29.34 6.77
CA PHE A 1361 -73.55 -28.23 5.83
C PHE A 1361 -74.34 -28.71 4.64
N LEU A 1362 -74.07 -29.93 4.20
CA LEU A 1362 -74.80 -30.52 3.08
C LEU A 1362 -76.23 -30.73 3.50
N ARG A 1363 -76.38 -31.20 4.73
CA ARG A 1363 -77.69 -31.38 5.33
C ARG A 1363 -78.44 -30.03 5.36
N GLN A 1364 -77.72 -28.95 5.62
CA GLN A 1364 -78.32 -27.61 5.57
C GLN A 1364 -78.84 -27.29 4.19
N LEU A 1365 -78.05 -27.64 3.17
CA LEU A 1365 -78.42 -27.38 1.78
C LEU A 1365 -79.60 -28.26 1.34
N MET A 1366 -79.57 -29.53 1.74
CA MET A 1366 -80.64 -30.47 1.42
C MET A 1366 -81.95 -30.12 2.08
N GLU A 1367 -81.93 -29.79 3.37
CA GLU A 1367 -83.18 -29.54 4.10
C GLU A 1367 -83.63 -28.08 4.00
N LYS A 1368 -82.74 -27.14 4.36
CA LYS A 1368 -83.11 -25.72 4.42
C LYS A 1368 -83.20 -25.14 3.03
N GLN A 1369 -82.31 -25.57 2.14
CA GLN A 1369 -82.30 -25.08 0.77
C GLN A 1369 -81.62 -23.74 0.66
N GLY A 1370 -81.00 -23.33 1.75
CA GLY A 1370 -80.30 -22.06 1.80
C GLY A 1370 -79.33 -22.13 2.95
N PHE A 1371 -78.29 -21.32 2.88
CA PHE A 1371 -77.29 -21.33 3.93
C PHE A 1371 -76.93 -19.91 4.38
N TRP A 1372 -76.31 -19.80 5.55
CA TRP A 1372 -75.90 -18.50 6.07
C TRP A 1372 -74.48 -18.20 5.63
N LYS A 1373 -74.23 -16.97 5.16
CA LYS A 1373 -72.88 -16.54 4.78
C LYS A 1373 -71.92 -16.40 5.96
N THR A 1374 -70.77 -17.09 5.89
CA THR A 1374 -69.81 -17.16 7.01
C THR A 1374 -69.16 -15.79 7.37
N PRO A 1375 -68.65 -15.03 6.37
CA PRO A 1375 -68.14 -13.70 6.74
C PRO A 1375 -69.21 -12.58 6.73
N GLU A 1376 -69.93 -12.42 5.62
CA GLU A 1376 -70.86 -11.30 5.45
C GLU A 1376 -72.10 -11.36 6.34
N ASN A 1377 -72.43 -12.55 6.84
CA ASN A 1377 -73.59 -12.81 7.74
C ASN A 1377 -75.00 -12.54 7.16
N LYS A 1378 -75.32 -13.21 6.06
CA LYS A 1378 -76.68 -13.14 5.49
C LYS A 1378 -77.17 -14.46 4.87
N TRP A 1379 -78.50 -14.60 4.75
CA TRP A 1379 -79.12 -15.82 4.18
C TRP A 1379 -79.17 -15.78 2.67
N VAL A 1380 -78.59 -16.80 2.06
CA VAL A 1380 -78.60 -16.98 0.62
C VAL A 1380 -79.32 -18.26 0.33
N THR A 1381 -80.38 -18.19 -0.47
CA THR A 1381 -81.17 -19.37 -0.81
C THR A 1381 -80.79 -19.98 -2.15
N ILE A 1382 -80.17 -21.16 -2.09
CA ILE A 1382 -79.68 -21.87 -3.28
C ILE A 1382 -80.81 -22.37 -4.14
N GLU A 1383 -80.67 -22.05 -5.42
CA GLU A 1383 -81.67 -22.37 -6.41
C GLU A 1383 -81.19 -23.46 -7.31
N ARG A 1384 -82.08 -24.44 -7.46
CA ARG A 1384 -81.86 -25.52 -8.43
C ARG A 1384 -80.49 -26.20 -8.33
N ILE A 1385 -80.02 -26.51 -7.12
CA ILE A 1385 -78.75 -27.23 -7.01
C ILE A 1385 -78.98 -28.57 -6.32
N HIS A 1386 -78.35 -29.62 -6.85
CA HIS A 1386 -78.50 -30.99 -6.34
C HIS A 1386 -77.28 -31.59 -5.62
N ILE A 1387 -77.53 -32.34 -4.55
CA ILE A 1387 -76.45 -32.99 -3.79
C ILE A 1387 -76.46 -34.49 -4.01
N VAL A 1388 -75.34 -34.98 -4.54
CA VAL A 1388 -75.15 -36.41 -4.70
C VAL A 1388 -73.80 -36.81 -4.10
N GLY A 1389 -73.78 -37.97 -3.47
CA GLY A 1389 -72.59 -38.45 -2.82
C GLY A 1389 -72.31 -39.91 -3.07
N ALA A 1390 -71.02 -40.21 -3.10
CA ALA A 1390 -70.57 -41.59 -3.07
C ALA A 1390 -69.81 -41.84 -1.80
N CYS A 1391 -70.02 -43.00 -1.21
CA CYS A 1391 -69.21 -43.36 -0.09
C CYS A 1391 -68.97 -44.85 -0.07
N ASN A 1392 -67.97 -45.25 0.69
CA ASN A 1392 -67.73 -46.65 0.95
C ASN A 1392 -68.51 -47.18 2.14
N PRO A 1393 -68.70 -48.49 2.22
CA PRO A 1393 -69.40 -49.05 3.38
C PRO A 1393 -68.71 -48.62 4.65
N PRO A 1394 -69.47 -48.24 5.70
CA PRO A 1394 -68.68 -47.70 6.81
C PRO A 1394 -68.14 -48.80 7.72
N THR A 1395 -68.30 -50.06 7.28
CA THR A 1395 -67.59 -51.18 7.89
C THR A 1395 -66.11 -51.21 7.45
N ASP A 1396 -65.81 -50.56 6.31
CA ASP A 1396 -64.46 -50.38 5.75
C ASP A 1396 -63.59 -49.49 6.67
N PRO A 1397 -62.26 -49.72 6.69
CA PRO A 1397 -61.36 -48.84 7.47
C PRO A 1397 -61.22 -47.46 6.82
N GLY A 1398 -60.97 -46.45 7.66
CA GLY A 1398 -60.86 -45.04 7.25
C GLY A 1398 -62.20 -44.30 7.41
N ARG A 1399 -63.27 -45.08 7.40
CA ARG A 1399 -64.62 -44.56 7.30
C ARG A 1399 -65.23 -44.14 8.64
N ILE A 1400 -66.01 -43.06 8.56
CA ILE A 1400 -66.66 -42.35 9.65
C ILE A 1400 -68.19 -42.57 9.58
N PRO A 1401 -68.87 -42.92 10.72
CA PRO A 1401 -70.34 -43.08 10.72
C PRO A 1401 -71.07 -41.75 10.51
N MET A 1402 -72.01 -41.69 9.55
CA MET A 1402 -72.81 -40.48 9.23
C MET A 1402 -74.10 -40.25 10.04
N SER A 1403 -74.47 -38.97 10.24
CA SER A 1403 -75.64 -38.64 11.07
C SER A 1403 -76.90 -38.88 10.32
N GLU A 1404 -77.79 -39.64 10.97
CA GLU A 1404 -79.11 -39.99 10.41
C GLU A 1404 -79.88 -38.76 9.97
N ARG A 1405 -79.49 -37.60 10.50
CA ARG A 1405 -80.17 -36.34 10.32
C ARG A 1405 -79.86 -35.78 8.97
N PHE A 1406 -78.71 -36.21 8.46
CA PHE A 1406 -78.30 -35.97 7.05
C PHE A 1406 -78.71 -37.07 6.05
N THR A 1407 -78.37 -38.33 6.34
CA THR A 1407 -78.84 -39.43 5.46
C THR A 1407 -80.35 -39.65 5.28
N ARG A 1408 -81.15 -38.94 6.05
CA ARG A 1408 -82.61 -39.04 5.96
C ARG A 1408 -83.11 -38.36 4.71
N HIS A 1409 -82.29 -37.44 4.19
CA HIS A 1409 -82.68 -36.70 3.00
C HIS A 1409 -82.05 -37.29 1.76
N ALA A 1410 -81.48 -38.48 1.91
CA ALA A 1410 -80.86 -39.17 0.79
C ALA A 1410 -81.51 -40.51 0.41
N ALA A 1411 -81.50 -40.76 -0.89
CA ALA A 1411 -81.89 -42.06 -1.39
C ALA A 1411 -80.60 -42.82 -1.43
N ILE A 1412 -80.58 -44.01 -0.87
CA ILE A 1412 -79.33 -44.76 -0.84
C ILE A 1412 -79.41 -45.98 -1.80
N LEU A 1413 -78.47 -46.02 -2.74
CA LEU A 1413 -78.35 -47.17 -3.63
C LEU A 1413 -77.01 -47.82 -3.37
N TYR A 1414 -77.04 -49.02 -2.79
CA TYR A 1414 -75.86 -49.84 -2.67
C TYR A 1414 -75.57 -50.55 -3.99
N LEU A 1415 -74.52 -50.13 -4.69
CA LEU A 1415 -74.03 -50.81 -5.87
C LEU A 1415 -72.77 -51.67 -5.54
N GLY A 1416 -72.81 -52.99 -5.77
CA GLY A 1416 -71.63 -53.85 -5.58
C GLY A 1416 -70.79 -54.15 -6.85
N TYR A 1417 -69.88 -55.13 -6.71
CA TYR A 1417 -69.05 -55.62 -7.83
C TYR A 1417 -69.86 -56.47 -8.73
N PRO A 1418 -69.46 -56.53 -10.00
CA PRO A 1418 -70.23 -57.28 -10.98
C PRO A 1418 -69.78 -58.70 -11.37
N SER A 1419 -70.53 -59.73 -10.99
CA SER A 1419 -70.52 -61.03 -11.70
C SER A 1419 -69.27 -61.93 -11.63
N GLY A 1420 -68.12 -61.42 -12.05
CA GLY A 1420 -66.99 -62.29 -12.38
C GLY A 1420 -67.22 -62.90 -13.75
N LYS A 1421 -68.45 -62.75 -14.24
CA LYS A 1421 -68.79 -63.12 -15.61
C LYS A 1421 -69.10 -61.85 -16.44
N SER A 1422 -69.52 -60.76 -15.78
CA SER A 1422 -69.66 -59.42 -16.44
C SER A 1422 -68.26 -58.80 -16.53
N LEU A 1423 -67.45 -59.03 -15.50
CA LEU A 1423 -66.09 -58.55 -15.51
C LEU A 1423 -65.32 -59.16 -16.64
N SER A 1424 -65.54 -60.45 -16.89
CA SER A 1424 -64.91 -61.14 -18.00
C SER A 1424 -65.35 -60.55 -19.34
N GLN A 1425 -66.65 -60.29 -19.44
CA GLN A 1425 -67.24 -59.71 -20.61
C GLN A 1425 -66.85 -58.26 -20.84
N ILE A 1426 -66.70 -57.50 -19.76
CA ILE A 1426 -66.46 -56.08 -19.90
C ILE A 1426 -65.04 -55.84 -20.40
N TYR A 1427 -64.09 -56.64 -19.89
CA TYR A 1427 -62.68 -56.49 -20.29
C TYR A 1427 -62.35 -57.13 -21.63
N GLU A 1428 -63.23 -58.01 -22.13
CA GLU A 1428 -63.15 -58.49 -23.51
C GLU A 1428 -63.26 -57.30 -24.45
N ILE A 1429 -64.25 -56.45 -24.19
CA ILE A 1429 -64.49 -55.23 -24.98
C ILE A 1429 -63.36 -54.24 -24.83
N TYR A 1430 -62.65 -54.36 -23.72
CA TYR A 1430 -61.46 -53.54 -23.44
C TYR A 1430 -60.28 -54.04 -24.21
N TYR A 1431 -60.13 -55.36 -24.26
CA TYR A 1431 -59.07 -55.94 -25.06
C TYR A 1431 -59.38 -55.79 -26.57
N LYS A 1432 -60.65 -55.91 -26.93
CA LYS A 1432 -61.11 -55.73 -28.29
C LYS A 1432 -60.63 -54.40 -28.85
N ALA A 1433 -60.87 -53.33 -28.11
CA ALA A 1433 -60.37 -52.01 -28.46
C ALA A 1433 -58.84 -51.88 -28.61
N ILE A 1434 -58.08 -52.50 -27.71
CA ILE A 1434 -56.63 -52.35 -27.76
C ILE A 1434 -56.01 -53.30 -28.76
N PHE A 1435 -56.72 -54.37 -29.12
CA PHE A 1435 -56.22 -55.30 -30.14
C PHE A 1435 -56.50 -54.83 -31.59
N LYS A 1436 -56.98 -53.59 -31.73
CA LYS A 1436 -57.04 -52.87 -33.02
C LYS A 1436 -55.64 -52.54 -33.52
N LEU A 1437 -54.70 -52.58 -32.57
CA LEU A 1437 -53.32 -52.25 -32.80
C LEU A 1437 -52.51 -53.52 -33.05
N VAL A 1438 -53.03 -54.66 -32.62
CA VAL A 1438 -52.45 -55.97 -33.03
C VAL A 1438 -53.55 -56.85 -33.63
N PRO A 1439 -53.91 -56.56 -34.91
CA PRO A 1439 -55.06 -57.25 -35.52
C PRO A 1439 -54.82 -58.73 -35.77
N GLU A 1440 -53.56 -59.16 -35.72
CA GLU A 1440 -53.18 -60.54 -36.00
C GLU A 1440 -53.55 -61.45 -34.83
N PHE A 1441 -53.94 -60.85 -33.71
CA PHE A 1441 -54.31 -61.59 -32.51
C PHE A 1441 -55.69 -61.22 -31.99
N ARG A 1442 -56.52 -60.68 -32.88
CA ARG A 1442 -57.91 -60.30 -32.63
C ARG A 1442 -58.73 -61.46 -32.02
N SER A 1443 -58.32 -62.68 -32.35
CA SER A 1443 -58.94 -63.91 -31.84
C SER A 1443 -58.48 -64.24 -30.41
N TYR A 1444 -57.44 -63.54 -29.96
CA TYR A 1444 -56.92 -63.73 -28.62
C TYR A 1444 -57.51 -62.83 -27.51
N THR A 1445 -58.47 -61.96 -27.86
CA THR A 1445 -59.02 -61.01 -26.87
C THR A 1445 -59.80 -61.70 -25.78
N GLU A 1446 -60.60 -62.70 -26.14
CA GLU A 1446 -61.38 -63.38 -25.10
C GLU A 1446 -60.55 -64.20 -24.10
N PRO A 1447 -59.56 -64.98 -24.56
CA PRO A 1447 -58.86 -65.73 -23.52
C PRO A 1447 -57.96 -64.81 -22.66
N PHE A 1448 -57.62 -63.63 -23.17
CA PHE A 1448 -56.88 -62.64 -22.38
C PHE A 1448 -57.77 -62.03 -21.30
N ALA A 1449 -58.99 -61.65 -21.69
CA ALA A 1449 -60.00 -61.11 -20.80
C ALA A 1449 -60.42 -62.13 -19.72
N ARG A 1450 -60.49 -63.39 -20.10
CA ARG A 1450 -60.82 -64.43 -19.17
C ARG A 1450 -59.65 -64.74 -18.22
N ALA A 1451 -58.43 -64.59 -18.72
CA ALA A 1451 -57.23 -64.81 -17.93
C ALA A 1451 -57.03 -63.68 -16.89
N SER A 1452 -57.22 -62.44 -17.35
CA SER A 1452 -57.08 -61.24 -16.51
C SER A 1452 -58.04 -61.30 -15.33
N VAL A 1453 -59.28 -61.66 -15.62
CA VAL A 1453 -60.29 -61.84 -14.59
C VAL A 1453 -60.00 -63.02 -13.66
N HIS A 1454 -59.46 -64.09 -14.22
CA HIS A 1454 -59.05 -65.21 -13.42
C HIS A 1454 -57.93 -64.82 -12.44
N LEU A 1455 -56.99 -64.05 -12.95
CA LEU A 1455 -55.84 -63.64 -12.16
C LEU A 1455 -56.29 -62.75 -11.00
N TYR A 1456 -57.26 -61.91 -11.33
CA TYR A 1456 -57.86 -61.02 -10.36
C TYR A 1456 -58.60 -61.79 -9.27
N ASN A 1457 -59.46 -62.71 -9.69
CA ASN A 1457 -60.24 -63.51 -8.77
C ASN A 1457 -59.32 -64.29 -7.86
N GLU A 1458 -58.18 -64.70 -8.37
CA GLU A 1458 -57.30 -65.51 -7.58
C GLU A 1458 -56.47 -64.67 -6.63
N CYS A 1459 -55.95 -63.56 -7.10
CA CYS A 1459 -55.17 -62.70 -6.22
C CYS A 1459 -56.00 -62.22 -5.05
N LYS A 1460 -57.24 -61.82 -5.34
CA LYS A 1460 -58.20 -61.38 -4.33
C LYS A 1460 -58.44 -62.45 -3.28
N ALA A 1461 -58.48 -63.71 -3.74
CA ALA A 1461 -58.64 -64.90 -2.89
C ALA A 1461 -57.39 -65.36 -2.13
N ARG A 1462 -56.24 -65.41 -2.81
CA ARG A 1462 -54.98 -65.84 -2.19
C ARG A 1462 -54.36 -64.83 -1.20
N TYR A 1463 -54.44 -63.55 -1.52
CA TYR A 1463 -53.80 -62.50 -0.69
C TYR A 1463 -54.87 -61.57 -0.17
N SER A 1464 -55.23 -61.80 1.08
CA SER A 1464 -56.32 -61.07 1.72
C SER A 1464 -55.83 -60.10 2.78
N THR A 1465 -56.73 -59.26 3.28
CA THR A 1465 -56.37 -58.28 4.28
C THR A 1465 -56.05 -58.93 5.63
N GLY A 1466 -56.21 -60.25 5.69
CA GLY A 1466 -55.87 -61.03 6.87
C GLY A 1466 -54.37 -61.24 6.99
N LEU A 1467 -53.68 -61.36 5.86
CA LEU A 1467 -52.22 -61.47 5.83
C LEU A 1467 -51.59 -60.08 5.92
N GLN A 1468 -51.98 -59.20 4.99
CA GLN A 1468 -51.50 -57.81 4.94
C GLN A 1468 -52.64 -56.88 4.59
N SER A 1469 -52.63 -55.71 5.23
CA SER A 1469 -53.70 -54.74 5.13
C SER A 1469 -53.84 -54.20 3.72
N HIS A 1470 -52.71 -53.99 3.05
CA HIS A 1470 -52.72 -53.46 1.70
C HIS A 1470 -53.16 -54.47 0.64
N TYR A 1471 -53.41 -55.72 1.02
CA TYR A 1471 -53.85 -56.73 0.06
C TYR A 1471 -55.33 -56.51 -0.26
N LEU A 1472 -55.61 -55.55 -1.13
CA LEU A 1472 -56.96 -55.10 -1.43
C LEU A 1472 -57.17 -54.97 -2.95
N PHE A 1473 -57.91 -55.90 -3.55
CA PHE A 1473 -58.07 -55.92 -5.03
C PHE A 1473 -59.50 -55.59 -5.47
N SER A 1474 -59.65 -55.04 -6.65
CA SER A 1474 -60.93 -54.55 -7.17
C SER A 1474 -60.83 -54.50 -8.68
N PRO A 1475 -61.93 -54.30 -9.40
CA PRO A 1475 -61.83 -54.19 -10.83
C PRO A 1475 -60.97 -53.01 -11.31
N ARG A 1476 -60.59 -52.12 -10.41
CA ARG A 1476 -59.66 -51.07 -10.79
C ARG A 1476 -58.32 -51.68 -11.20
N GLU A 1477 -57.93 -52.78 -10.56
CA GLU A 1477 -56.71 -53.53 -10.93
C GLU A 1477 -56.79 -54.01 -12.35
N LEU A 1478 -57.94 -54.56 -12.69
CA LEU A 1478 -58.24 -55.03 -14.03
C LEU A 1478 -58.05 -53.92 -15.05
N THR A 1479 -58.64 -52.76 -14.74
CA THR A 1479 -58.58 -51.57 -15.57
C THR A 1479 -57.12 -51.08 -15.67
N ARG A 1480 -56.37 -51.32 -14.59
CA ARG A 1480 -54.97 -50.90 -14.51
C ARG A 1480 -54.15 -51.75 -15.43
N LEU A 1481 -54.45 -53.04 -15.38
CA LEU A 1481 -53.81 -54.03 -16.20
C LEU A 1481 -54.13 -53.84 -17.67
N VAL A 1482 -55.40 -53.64 -17.99
CA VAL A 1482 -55.83 -53.51 -19.38
C VAL A 1482 -55.21 -52.31 -20.01
N ARG A 1483 -55.16 -51.20 -19.28
CA ARG A 1483 -54.53 -49.99 -19.80
C ARG A 1483 -53.02 -50.11 -19.87
N GLY A 1484 -52.44 -50.72 -18.82
CA GLY A 1484 -51.00 -51.01 -18.76
C GLY A 1484 -50.56 -51.83 -19.95
N VAL A 1485 -51.43 -52.76 -20.40
CA VAL A 1485 -51.24 -53.58 -21.62
C VAL A 1485 -51.26 -52.69 -22.87
N TYR A 1486 -52.33 -51.93 -23.10
CA TYR A 1486 -52.37 -50.97 -24.23
C TYR A 1486 -51.16 -50.08 -24.40
N THR A 1487 -50.76 -49.39 -23.34
CA THR A 1487 -49.64 -48.44 -23.39
C THR A 1487 -48.35 -49.16 -23.86
N ALA A 1488 -48.17 -50.41 -23.46
CA ALA A 1488 -47.03 -51.22 -23.94
C ALA A 1488 -47.08 -51.56 -25.44
N ILE A 1489 -48.28 -51.88 -25.90
CA ILE A 1489 -48.57 -52.17 -27.31
C ILE A 1489 -48.44 -50.90 -28.13
N ASN A 1490 -49.20 -49.86 -27.80
CA ASN A 1490 -49.19 -48.57 -28.49
C ASN A 1490 -47.81 -47.96 -28.63
N THR A 1491 -46.88 -48.35 -27.76
CA THR A 1491 -45.53 -47.91 -27.96
C THR A 1491 -44.45 -49.04 -28.03
N GLY A 1492 -44.83 -50.16 -28.63
CA GLY A 1492 -43.94 -51.32 -28.80
C GLY A 1492 -43.72 -51.89 -30.21
N PRO A 1493 -42.76 -52.82 -30.36
CA PRO A 1493 -42.45 -53.49 -31.62
C PRO A 1493 -43.66 -54.30 -32.05
N ARG A 1494 -43.87 -54.50 -33.35
CA ARG A 1494 -44.93 -55.41 -33.78
C ARG A 1494 -44.82 -56.76 -33.06
N GLN A 1495 -45.95 -57.30 -32.58
CA GLN A 1495 -45.90 -58.24 -31.46
C GLN A 1495 -46.14 -59.69 -31.87
N THR A 1496 -45.29 -60.60 -31.43
CA THR A 1496 -45.63 -62.03 -31.50
C THR A 1496 -46.61 -62.45 -30.36
N LEU A 1497 -47.28 -63.60 -30.50
CA LEU A 1497 -48.15 -64.11 -29.43
C LEU A 1497 -47.36 -64.37 -28.18
N ARG A 1498 -46.11 -64.75 -28.36
CA ARG A 1498 -45.23 -64.94 -27.24
C ARG A 1498 -44.88 -63.61 -26.58
N SER A 1499 -44.80 -62.55 -27.37
CA SER A 1499 -44.64 -61.17 -26.88
C SER A 1499 -45.82 -60.77 -26.01
N LEU A 1500 -47.02 -60.77 -26.60
CA LEU A 1500 -48.21 -60.25 -25.95
C LEU A 1500 -48.50 -60.91 -24.62
N ILE A 1501 -48.41 -62.25 -24.52
CA ILE A 1501 -48.64 -62.91 -23.24
C ILE A 1501 -47.59 -62.45 -22.23
N ARG A 1502 -46.35 -62.22 -22.67
CA ARG A 1502 -45.27 -61.77 -21.75
C ARG A 1502 -45.44 -60.29 -21.38
N LEU A 1503 -45.93 -59.51 -22.37
CA LEU A 1503 -46.34 -58.12 -22.21
C LEU A 1503 -47.45 -58.00 -21.16
N TRP A 1504 -48.38 -58.96 -21.23
CA TRP A 1504 -49.52 -59.07 -20.35
C TRP A 1504 -49.03 -59.52 -19.00
N ALA A 1505 -48.12 -60.46 -19.01
CA ALA A 1505 -47.56 -61.00 -17.78
C ALA A 1505 -46.75 -59.95 -16.99
N TYR A 1506 -46.11 -59.02 -17.71
CA TYR A 1506 -45.33 -57.99 -17.06
C TYR A 1506 -46.23 -57.09 -16.26
N GLU A 1507 -47.32 -56.67 -16.90
CA GLU A 1507 -48.28 -55.79 -16.29
C GLU A 1507 -48.94 -56.52 -15.14
N ALA A 1508 -49.23 -57.80 -15.33
CA ALA A 1508 -49.83 -58.63 -14.27
C ALA A 1508 -48.99 -58.66 -13.01
N TRP A 1509 -47.68 -58.63 -13.20
CA TRP A 1509 -46.76 -58.68 -12.08
C TRP A 1509 -46.76 -57.36 -11.34
N ARG A 1510 -46.74 -56.26 -12.11
CA ARG A 1510 -46.59 -54.89 -11.57
C ARG A 1510 -47.86 -54.42 -10.90
N ILE A 1511 -48.99 -55.01 -11.30
CA ILE A 1511 -50.31 -54.60 -10.84
C ILE A 1511 -50.71 -55.43 -9.62
N PHE A 1512 -50.43 -56.71 -9.65
CA PHE A 1512 -50.91 -57.58 -8.60
C PHE A 1512 -49.84 -57.97 -7.57
N ALA A 1513 -48.56 -58.04 -7.97
CA ALA A 1513 -47.56 -58.72 -7.14
C ALA A 1513 -46.43 -57.85 -6.54
N ASP A 1514 -46.27 -56.63 -7.03
CA ASP A 1514 -45.28 -55.68 -6.50
C ASP A 1514 -45.55 -55.34 -5.03
N ARG A 1515 -46.83 -55.32 -4.69
CA ARG A 1515 -47.35 -55.06 -3.34
C ARG A 1515 -47.19 -56.22 -2.39
N LEU A 1516 -46.93 -57.40 -2.95
CA LEU A 1516 -46.81 -58.60 -2.14
C LEU A 1516 -45.55 -58.55 -1.28
N VAL A 1517 -45.69 -58.84 0.02
CA VAL A 1517 -44.54 -58.93 0.94
C VAL A 1517 -43.92 -60.33 0.97
N GLY A 1518 -42.66 -60.40 1.37
CA GLY A 1518 -42.03 -61.70 1.56
C GLY A 1518 -42.01 -62.55 0.31
N VAL A 1519 -41.93 -63.87 0.48
CA VAL A 1519 -41.57 -64.69 -0.64
C VAL A 1519 -42.52 -65.84 -0.86
N LYS A 1520 -43.15 -66.32 0.21
CA LYS A 1520 -44.10 -67.44 0.10
C LYS A 1520 -45.30 -67.07 -0.77
N GLU A 1521 -45.79 -65.84 -0.57
CA GLU A 1521 -46.87 -65.25 -1.35
C GLU A 1521 -46.37 -64.83 -2.74
N LYS A 1522 -45.13 -64.36 -2.83
CA LYS A 1522 -44.57 -63.90 -4.11
C LYS A 1522 -44.37 -65.03 -5.08
N ASN A 1523 -44.00 -66.19 -4.53
CA ASN A 1523 -43.81 -67.41 -5.33
C ASN A 1523 -45.14 -68.03 -5.70
N SER A 1524 -46.12 -67.86 -4.81
CA SER A 1524 -47.50 -68.27 -5.04
C SER A 1524 -48.08 -67.64 -6.30
N PHE A 1525 -47.77 -66.37 -6.54
CA PHE A 1525 -48.22 -65.66 -7.74
C PHE A 1525 -47.47 -66.17 -8.97
N GLU A 1526 -46.20 -66.53 -8.81
CA GLU A 1526 -45.45 -67.03 -9.96
C GLU A 1526 -46.14 -68.29 -10.49
N GLN A 1527 -46.60 -69.12 -9.57
CA GLN A 1527 -47.24 -70.38 -9.90
C GLN A 1527 -48.61 -70.11 -10.48
N LEU A 1528 -49.34 -69.17 -9.87
CA LEU A 1528 -50.66 -68.74 -10.36
C LEU A 1528 -50.64 -68.22 -11.80
N LEU A 1529 -49.65 -67.36 -12.11
CA LEU A 1529 -49.48 -66.79 -13.44
C LEU A 1529 -49.25 -67.91 -14.43
N TYR A 1530 -48.42 -68.88 -14.02
CA TYR A 1530 -48.15 -70.07 -14.83
C TYR A 1530 -49.42 -70.89 -15.06
N GLU A 1531 -50.17 -71.09 -13.96
CA GLU A 1531 -51.43 -71.83 -13.94
C GLU A 1531 -52.51 -71.21 -14.85
N THR A 1532 -52.49 -69.89 -14.95
CA THR A 1532 -53.48 -69.15 -15.74
C THR A 1532 -53.22 -69.19 -17.22
N VAL A 1533 -51.95 -69.05 -17.62
CA VAL A 1533 -51.59 -69.08 -19.04
C VAL A 1533 -51.90 -70.47 -19.60
N ASP A 1534 -51.54 -71.48 -18.82
CA ASP A 1534 -51.75 -72.89 -19.16
C ASP A 1534 -53.22 -73.22 -19.35
N LYS A 1535 -54.09 -72.54 -18.58
CA LYS A 1535 -55.56 -72.73 -18.61
C LYS A 1535 -56.28 -71.94 -19.73
N TYR A 1536 -55.72 -70.83 -20.20
CA TYR A 1536 -56.41 -69.96 -21.17
C TYR A 1536 -55.66 -69.70 -22.46
N LEU A 1537 -54.33 -69.72 -22.40
CA LEU A 1537 -53.48 -69.45 -23.55
C LEU A 1537 -52.42 -70.56 -23.72
N PRO A 1538 -52.82 -71.73 -24.27
CA PRO A 1538 -51.91 -72.88 -24.17
C PRO A 1538 -50.81 -72.90 -25.26
N ASN A 1539 -49.62 -72.50 -24.83
CA ASN A 1539 -48.44 -72.41 -25.66
C ASN A 1539 -47.24 -73.03 -24.96
N GLN A 1540 -46.31 -73.53 -25.76
CA GLN A 1540 -45.00 -74.00 -25.26
C GLN A 1540 -43.89 -72.98 -25.55
N ASP A 1541 -44.26 -71.78 -26.00
CA ASP A 1541 -43.31 -70.76 -26.40
C ASP A 1541 -42.91 -69.85 -25.27
N LEU A 1542 -43.67 -69.85 -24.18
CA LEU A 1542 -43.34 -69.07 -22.99
C LEU A 1542 -41.98 -69.42 -22.41
N GLY A 1543 -41.43 -68.48 -21.64
CA GLY A 1543 -40.16 -68.65 -20.96
C GLY A 1543 -40.33 -68.60 -19.47
N ASN A 1544 -39.30 -68.12 -18.78
CA ASN A 1544 -39.40 -67.95 -17.34
C ASN A 1544 -40.24 -66.70 -17.09
N ILE A 1545 -41.38 -66.89 -16.45
CA ILE A 1545 -42.37 -65.84 -16.29
C ILE A 1545 -42.16 -65.00 -15.03
N SER A 1546 -41.23 -65.43 -14.16
CA SER A 1546 -40.82 -64.67 -12.96
C SER A 1546 -40.35 -63.26 -13.35
N SER A 1547 -40.64 -62.28 -12.48
CA SER A 1547 -40.41 -60.86 -12.77
C SER A 1547 -38.95 -60.50 -13.12
N THR A 1548 -38.04 -61.27 -12.50
CA THR A 1548 -36.59 -61.17 -12.66
C THR A 1548 -36.17 -61.49 -14.11
N SER A 1549 -36.91 -62.39 -14.75
CA SER A 1549 -36.64 -62.80 -16.13
C SER A 1549 -37.38 -62.03 -17.23
N LEU A 1550 -38.58 -61.52 -16.96
CA LEU A 1550 -39.19 -60.57 -17.93
C LEU A 1550 -38.96 -59.11 -17.55
N LEU A 1551 -38.08 -58.48 -18.31
CA LEU A 1551 -37.70 -57.10 -18.14
C LEU A 1551 -38.00 -56.39 -19.43
N PHE A 1552 -38.87 -55.40 -19.29
CA PHE A 1552 -39.40 -54.63 -20.38
C PHE A 1552 -39.00 -53.21 -20.12
N SER A 1553 -38.50 -52.53 -21.15
CA SER A 1553 -38.03 -51.17 -21.00
C SER A 1553 -38.04 -50.32 -22.28
N GLY A 1554 -38.06 -49.00 -22.08
CA GLY A 1554 -37.87 -48.04 -23.16
C GLY A 1554 -36.63 -47.19 -22.93
N LEU A 1555 -35.67 -47.75 -22.19
CA LEU A 1555 -34.42 -47.06 -21.92
C LEU A 1555 -33.39 -47.42 -22.99
N LEU A 1556 -33.49 -48.66 -23.46
CA LEU A 1556 -32.57 -49.20 -24.45
C LEU A 1556 -33.14 -49.11 -25.84
N SER A 1557 -34.42 -49.43 -26.00
CA SER A 1557 -35.09 -49.30 -27.29
C SER A 1557 -35.90 -47.98 -27.40
N LEU A 1558 -36.20 -47.54 -28.63
CA LEU A 1558 -37.12 -46.42 -28.86
C LEU A 1558 -38.57 -46.90 -28.65
N ASP A 1559 -38.81 -48.20 -28.87
CA ASP A 1559 -40.11 -48.83 -28.65
C ASP A 1559 -40.06 -49.64 -27.36
N PHE A 1560 -41.16 -49.62 -26.60
CA PHE A 1560 -41.27 -50.42 -25.38
C PHE A 1560 -41.22 -51.93 -25.72
N LYS A 1561 -40.08 -52.56 -25.40
CA LYS A 1561 -39.79 -53.94 -25.80
C LYS A 1561 -39.14 -54.69 -24.66
N GLU A 1562 -39.21 -56.02 -24.68
CA GLU A 1562 -38.47 -56.85 -23.70
C GLU A 1562 -36.98 -56.73 -24.02
N VAL A 1563 -36.18 -56.46 -22.99
CA VAL A 1563 -34.77 -56.20 -23.20
C VAL A 1563 -33.94 -57.34 -22.61
N ASN A 1564 -32.69 -57.44 -23.09
CA ASN A 1564 -31.70 -58.39 -22.61
C ASN A 1564 -31.06 -58.00 -21.27
N LYS A 1565 -30.98 -58.97 -20.35
CA LYS A 1565 -30.44 -58.78 -18.99
C LYS A 1565 -29.03 -58.21 -19.01
N THR A 1566 -28.20 -58.72 -19.93
CA THR A 1566 -26.80 -58.27 -20.11
C THR A 1566 -26.74 -56.87 -20.72
N ASP A 1567 -27.58 -56.63 -21.73
CA ASP A 1567 -27.73 -55.32 -22.34
C ASP A 1567 -28.20 -54.23 -21.34
N LEU A 1568 -29.13 -54.57 -20.43
CA LEU A 1568 -29.66 -53.61 -19.43
C LEU A 1568 -28.66 -53.25 -18.34
N VAL A 1569 -28.03 -54.26 -17.76
CA VAL A 1569 -27.12 -54.07 -16.62
C VAL A 1569 -25.99 -53.10 -16.98
N ASN A 1570 -25.45 -53.29 -18.18
CA ASN A 1570 -24.38 -52.47 -18.73
C ASN A 1570 -24.85 -51.05 -19.00
N PHE A 1571 -26.11 -50.92 -19.43
CA PHE A 1571 -26.73 -49.61 -19.70
C PHE A 1571 -26.92 -48.81 -18.41
N ILE A 1572 -27.32 -49.51 -17.34
CA ILE A 1572 -27.46 -48.88 -16.03
C ILE A 1572 -26.08 -48.47 -15.49
N GLU A 1573 -25.11 -49.36 -15.65
CA GLU A 1573 -23.76 -49.14 -15.17
C GLU A 1573 -23.11 -47.87 -15.77
N GLU A 1574 -23.32 -47.65 -17.06
CA GLU A 1574 -22.79 -46.45 -17.72
C GLU A 1574 -23.54 -45.17 -17.35
N ARG A 1575 -24.81 -45.33 -16.97
CA ARG A 1575 -25.65 -44.19 -16.61
C ARG A 1575 -25.55 -43.85 -15.14
N PHE A 1576 -25.23 -44.84 -14.30
CA PHE A 1576 -25.11 -44.61 -12.87
C PHE A 1576 -23.82 -43.86 -12.54
N LYS A 1577 -22.73 -44.22 -13.23
CA LYS A 1577 -21.47 -43.51 -13.08
C LYS A 1577 -21.65 -42.04 -13.42
N THR A 1578 -22.37 -41.79 -14.52
CA THR A 1578 -22.72 -40.46 -14.99
C THR A 1578 -23.55 -39.70 -13.96
N PHE A 1579 -24.62 -40.34 -13.49
CA PHE A 1579 -25.45 -39.83 -12.40
C PHE A 1579 -24.63 -39.69 -11.10
N CYS A 1580 -23.70 -40.63 -10.87
CA CYS A 1580 -22.78 -40.51 -9.75
C CYS A 1580 -21.87 -39.29 -9.96
N ASP A 1581 -21.28 -39.13 -11.14
CA ASP A 1581 -20.44 -37.95 -11.43
C ASP A 1581 -21.21 -36.63 -11.44
N GLU A 1582 -22.30 -36.57 -12.19
CA GLU A 1582 -23.06 -35.34 -12.38
C GLU A 1582 -23.81 -34.85 -11.13
N GLU A 1583 -24.43 -35.79 -10.41
CA GLU A 1583 -25.20 -35.48 -9.20
C GLU A 1583 -24.37 -35.82 -7.95
N LEU A 1584 -25.03 -36.05 -6.81
CA LEU A 1584 -24.38 -36.42 -5.55
C LEU A 1584 -23.51 -37.68 -5.68
N GLU A 1585 -22.27 -37.60 -5.19
CA GLU A 1585 -21.28 -38.70 -5.26
C GLU A 1585 -21.52 -39.75 -4.17
N VAL A 1586 -22.15 -40.86 -4.55
CA VAL A 1586 -22.35 -42.02 -3.67
C VAL A 1586 -22.18 -43.32 -4.47
N PRO A 1587 -21.15 -44.13 -4.15
CA PRO A 1587 -20.94 -45.37 -4.90
C PRO A 1587 -21.75 -46.56 -4.35
N MET A 1588 -22.37 -47.31 -5.25
CA MET A 1588 -23.04 -48.56 -4.89
C MET A 1588 -22.84 -49.71 -5.89
N VAL A 1589 -23.24 -50.91 -5.45
CA VAL A 1589 -23.19 -52.14 -6.26
C VAL A 1589 -24.53 -52.38 -6.95
N ILE A 1590 -24.54 -52.36 -8.29
CA ILE A 1590 -25.76 -52.56 -9.07
C ILE A 1590 -26.00 -54.07 -9.17
N HIS A 1591 -27.12 -54.54 -8.63
CA HIS A 1591 -27.39 -55.98 -8.48
C HIS A 1591 -28.78 -56.42 -9.00
N GLU A 1592 -28.99 -57.74 -9.09
CA GLU A 1592 -30.20 -58.28 -9.71
C GLU A 1592 -31.51 -57.63 -9.24
N SER A 1593 -31.65 -57.39 -7.94
CA SER A 1593 -32.88 -56.76 -7.41
C SER A 1593 -33.05 -55.36 -7.98
N MET A 1594 -31.93 -54.66 -8.05
CA MET A 1594 -31.93 -53.25 -8.34
C MET A 1594 -32.35 -52.95 -9.78
N VAL A 1595 -31.95 -53.82 -10.71
CA VAL A 1595 -32.35 -53.66 -12.11
C VAL A 1595 -33.87 -53.81 -12.23
N ASP A 1596 -34.41 -54.87 -11.60
CA ASP A 1596 -35.86 -55.11 -11.60
C ASP A 1596 -36.62 -53.90 -11.04
N HIS A 1597 -36.05 -53.32 -9.97
CA HIS A 1597 -36.67 -52.15 -9.33
C HIS A 1597 -36.54 -50.86 -10.11
N ILE A 1598 -35.48 -50.73 -10.90
CA ILE A 1598 -35.27 -49.51 -11.67
C ILE A 1598 -36.38 -49.34 -12.72
N LEU A 1599 -36.72 -50.45 -13.39
CA LEU A 1599 -37.85 -50.53 -14.33
C LEU A 1599 -39.20 -50.29 -13.69
N ARG A 1600 -39.41 -50.84 -12.49
CA ARG A 1600 -40.64 -50.60 -11.73
C ARG A 1600 -40.89 -49.13 -11.44
N ILE A 1601 -39.88 -48.41 -10.92
CA ILE A 1601 -39.97 -46.96 -10.72
C ILE A 1601 -40.13 -46.21 -12.05
N ASP A 1602 -39.45 -46.71 -13.07
CA ASP A 1602 -39.45 -46.10 -14.39
C ASP A 1602 -40.88 -46.09 -14.96
N ARG A 1603 -41.59 -47.23 -14.88
CA ARG A 1603 -42.95 -47.32 -15.41
C ARG A 1603 -43.89 -46.38 -14.68
N ALA A 1604 -43.66 -46.29 -13.38
CA ALA A 1604 -44.48 -45.49 -12.49
C ALA A 1604 -44.30 -44.05 -12.90
N LEU A 1605 -43.04 -43.60 -12.90
CA LEU A 1605 -42.74 -42.21 -13.22
C LEU A 1605 -43.06 -41.83 -14.66
N LYS A 1606 -43.33 -42.82 -15.52
CA LYS A 1606 -43.72 -42.56 -16.91
C LYS A 1606 -45.24 -42.25 -17.02
N GLN A 1607 -46.09 -42.99 -16.29
CA GLN A 1607 -47.56 -42.89 -16.45
C GLN A 1607 -48.06 -41.55 -16.07
N VAL A 1608 -49.24 -41.16 -16.57
CA VAL A 1608 -49.75 -39.78 -16.53
C VAL A 1608 -49.77 -39.33 -15.13
N GLN A 1609 -50.43 -40.14 -14.32
CA GLN A 1609 -50.34 -39.99 -12.88
C GLN A 1609 -49.49 -41.10 -12.36
N GLY A 1610 -48.41 -40.70 -11.71
CA GLY A 1610 -47.33 -41.61 -11.33
C GLY A 1610 -47.14 -41.39 -9.88
N HIS A 1611 -47.49 -42.39 -9.11
CA HIS A 1611 -47.39 -42.33 -7.69
C HIS A 1611 -46.98 -43.73 -7.34
N MET A 1612 -45.81 -43.82 -6.72
CA MET A 1612 -45.36 -45.10 -6.28
C MET A 1612 -44.88 -44.87 -4.89
N MET A 1613 -45.34 -45.67 -3.93
CA MET A 1613 -44.74 -45.70 -2.60
C MET A 1613 -43.91 -46.97 -2.37
N LEU A 1614 -42.61 -46.79 -2.03
CA LEU A 1614 -41.57 -47.83 -1.90
C LEU A 1614 -41.44 -48.29 -0.47
N ILE A 1615 -41.53 -49.59 -0.19
CA ILE A 1615 -41.45 -50.03 1.21
C ILE A 1615 -40.14 -50.82 1.51
N GLY A 1616 -39.11 -50.15 2.01
CA GLY A 1616 -37.76 -50.68 1.82
C GLY A 1616 -36.88 -50.96 3.01
N ALA A 1617 -37.48 -51.03 4.19
CA ALA A 1617 -36.69 -51.07 5.41
C ALA A 1617 -35.80 -49.84 5.43
N SER A 1618 -34.50 -50.05 5.54
CA SER A 1618 -33.58 -48.93 5.53
C SER A 1618 -32.25 -49.33 4.93
N ARG A 1619 -31.68 -48.42 4.14
CA ARG A 1619 -30.35 -48.65 3.56
C ARG A 1619 -30.46 -49.60 2.38
N THR A 1620 -31.68 -50.10 2.12
CA THR A 1620 -31.95 -50.87 0.90
C THR A 1620 -31.53 -50.08 -0.32
N GLY A 1621 -31.67 -48.76 -0.23
CA GLY A 1621 -31.27 -47.85 -1.32
C GLY A 1621 -32.46 -47.23 -2.00
N LYS A 1622 -33.64 -47.46 -1.43
CA LYS A 1622 -34.85 -46.98 -2.07
C LYS A 1622 -34.77 -45.46 -2.37
N THR A 1623 -34.19 -44.68 -1.46
CA THR A 1623 -34.12 -43.22 -1.72
C THR A 1623 -33.16 -42.85 -2.86
N ILE A 1624 -32.06 -43.60 -2.97
CA ILE A 1624 -31.07 -43.36 -4.05
C ILE A 1624 -31.55 -43.73 -5.47
N LEU A 1625 -32.19 -44.90 -5.59
CA LEU A 1625 -32.76 -45.35 -6.87
C LEU A 1625 -33.80 -44.38 -7.40
N THR A 1626 -34.62 -43.87 -6.49
CA THR A 1626 -35.63 -42.89 -6.81
C THR A 1626 -34.98 -41.65 -7.42
N ARG A 1627 -33.94 -41.14 -6.77
CA ARG A 1627 -33.23 -39.98 -7.30
C ARG A 1627 -32.66 -40.25 -8.69
N PHE A 1628 -32.20 -41.48 -8.89
CA PHE A 1628 -31.64 -41.91 -10.16
C PHE A 1628 -32.64 -41.97 -11.29
N VAL A 1629 -33.69 -42.77 -11.10
CA VAL A 1629 -34.67 -43.03 -12.15
C VAL A 1629 -35.36 -41.70 -12.51
N ALA A 1630 -35.45 -40.80 -11.54
CA ALA A 1630 -36.08 -39.49 -11.76
C ALA A 1630 -35.20 -38.67 -12.67
N TRP A 1631 -33.89 -38.86 -12.48
CA TRP A 1631 -32.89 -38.16 -13.26
C TRP A 1631 -32.87 -38.70 -14.71
N LEU A 1632 -33.13 -40.01 -14.88
CA LEU A 1632 -33.22 -40.64 -16.20
C LEU A 1632 -34.44 -40.17 -16.93
N ASN A 1633 -35.51 -39.96 -16.19
CA ASN A 1633 -36.75 -39.49 -16.77
C ASN A 1633 -36.76 -37.98 -16.92
N GLY A 1634 -35.72 -37.33 -16.40
CA GLY A 1634 -35.59 -35.88 -16.54
C GLY A 1634 -36.53 -35.11 -15.65
N LEU A 1635 -36.64 -35.59 -14.42
CA LEU A 1635 -37.45 -34.95 -13.41
C LEU A 1635 -36.60 -34.21 -12.36
N LYS A 1636 -37.04 -32.97 -12.06
CA LYS A 1636 -36.51 -32.19 -10.95
C LYS A 1636 -36.81 -32.95 -9.67
N ILE A 1637 -35.79 -33.29 -8.87
CA ILE A 1637 -36.01 -34.02 -7.62
C ILE A 1637 -36.13 -33.01 -6.49
N VAL A 1638 -37.33 -32.86 -5.98
CA VAL A 1638 -37.67 -32.00 -4.85
C VAL A 1638 -37.75 -32.90 -3.63
N GLN A 1639 -37.06 -32.54 -2.56
CA GLN A 1639 -37.15 -33.28 -1.29
C GLN A 1639 -37.39 -32.31 -0.15
N PRO A 1640 -38.62 -32.32 0.40
CA PRO A 1640 -38.99 -31.38 1.44
C PRO A 1640 -37.93 -31.23 2.52
N LYS A 1641 -37.48 -29.99 2.67
CA LYS A 1641 -36.52 -29.65 3.70
C LYS A 1641 -37.29 -29.42 5.00
N ILE A 1642 -37.75 -30.48 5.64
CA ILE A 1642 -38.35 -30.34 7.01
C ILE A 1642 -37.31 -30.52 8.15
N HIS A 1643 -37.70 -30.10 9.37
CA HIS A 1643 -36.88 -30.20 10.61
C HIS A 1643 -37.80 -30.07 11.83
N ARG A 1644 -37.28 -30.39 13.02
CA ARG A 1644 -38.09 -30.36 14.24
C ARG A 1644 -38.90 -29.07 14.40
N HIS A 1645 -38.35 -27.98 13.90
CA HIS A 1645 -39.01 -26.68 14.04
C HIS A 1645 -39.58 -26.23 12.70
N SER A 1646 -40.15 -27.18 11.97
CA SER A 1646 -40.91 -26.89 10.76
C SER A 1646 -42.42 -26.89 11.04
N ASN A 1647 -43.06 -25.83 10.54
CA ASN A 1647 -44.48 -25.55 10.63
C ASN A 1647 -45.18 -26.19 9.43
N LEU A 1648 -46.51 -26.26 9.43
CA LEU A 1648 -47.26 -26.66 8.23
C LEU A 1648 -47.08 -25.65 7.08
N SER A 1649 -47.10 -24.37 7.41
CA SER A 1649 -46.82 -23.28 6.49
C SER A 1649 -45.55 -23.47 5.65
N ASP A 1650 -44.49 -24.01 6.26
CA ASP A 1650 -43.22 -24.33 5.58
C ASP A 1650 -43.44 -25.35 4.45
N PHE A 1651 -44.03 -26.47 4.84
CA PHE A 1651 -44.42 -27.55 3.95
C PHE A 1651 -45.41 -27.03 2.91
N ASP A 1652 -46.36 -26.21 3.34
CA ASP A 1652 -47.27 -25.58 2.40
C ASP A 1652 -46.49 -24.86 1.31
N MET A 1653 -45.59 -23.98 1.70
CA MET A 1653 -44.72 -23.27 0.75
C MET A 1653 -43.95 -24.19 -0.22
N ILE A 1654 -43.35 -25.25 0.32
CA ILE A 1654 -42.59 -26.27 -0.42
C ILE A 1654 -43.51 -26.84 -1.50
N LEU A 1655 -44.77 -27.14 -1.10
CA LEU A 1655 -45.81 -27.74 -1.99
C LEU A 1655 -46.31 -26.74 -3.06
N LYS A 1656 -46.80 -25.60 -2.60
CA LYS A 1656 -47.21 -24.52 -3.50
C LYS A 1656 -46.24 -24.21 -4.65
N LYS A 1657 -44.96 -24.01 -4.32
CA LYS A 1657 -43.95 -23.76 -5.33
C LYS A 1657 -43.90 -24.90 -6.34
N ALA A 1658 -43.75 -26.12 -5.83
CA ALA A 1658 -43.67 -27.31 -6.68
C ALA A 1658 -44.89 -27.44 -7.62
N ILE A 1659 -46.04 -26.98 -7.15
CA ILE A 1659 -47.29 -26.99 -7.93
C ILE A 1659 -47.27 -25.89 -8.98
N SER A 1660 -46.93 -24.66 -8.59
CA SER A 1660 -46.88 -23.50 -9.50
C SER A 1660 -45.85 -23.65 -10.59
N ASP A 1661 -44.72 -24.24 -10.24
CA ASP A 1661 -43.70 -24.57 -11.24
C ASP A 1661 -44.16 -25.66 -12.24
N CYS A 1662 -44.99 -26.58 -11.78
CA CYS A 1662 -45.43 -27.69 -12.63
C CYS A 1662 -46.44 -27.31 -13.69
N SER A 1663 -47.22 -26.26 -13.42
CA SER A 1663 -48.21 -25.82 -14.39
C SER A 1663 -47.84 -24.54 -15.11
N LEU A 1664 -47.42 -23.55 -14.35
CA LEU A 1664 -47.13 -22.24 -14.90
C LEU A 1664 -45.67 -22.08 -15.39
N LYS A 1665 -44.84 -23.09 -15.15
CA LYS A 1665 -43.47 -23.11 -15.65
C LYS A 1665 -43.17 -24.43 -16.39
N GLU A 1666 -44.12 -25.35 -16.34
CA GLU A 1666 -44.03 -26.66 -17.00
C GLU A 1666 -42.78 -27.42 -16.55
N SER A 1667 -42.60 -27.58 -15.22
CA SER A 1667 -41.34 -28.04 -14.61
C SER A 1667 -41.04 -29.52 -14.63
N ARG A 1668 -42.05 -30.35 -14.41
CA ARG A 1668 -41.85 -31.82 -14.35
C ARG A 1668 -41.01 -32.29 -13.14
N THR A 1669 -41.52 -31.98 -11.95
CA THR A 1669 -40.85 -32.27 -10.68
C THR A 1669 -41.23 -33.65 -10.14
N CYS A 1670 -40.29 -34.30 -9.46
CA CYS A 1670 -40.51 -35.52 -8.72
C CYS A 1670 -40.28 -35.22 -7.23
N LEU A 1671 -41.37 -35.35 -6.49
CA LEU A 1671 -41.39 -35.06 -5.09
C LEU A 1671 -41.12 -36.34 -4.31
N ILE A 1672 -39.93 -36.47 -3.70
CA ILE A 1672 -39.66 -37.55 -2.74
C ILE A 1672 -40.04 -37.21 -1.29
N ILE A 1673 -41.06 -37.86 -0.77
CA ILE A 1673 -41.54 -37.65 0.60
C ILE A 1673 -41.16 -38.89 1.40
N ASP A 1674 -40.43 -38.66 2.48
CA ASP A 1674 -40.07 -39.75 3.37
C ASP A 1674 -41.08 -39.76 4.51
N GLU A 1675 -41.16 -40.85 5.26
CA GLU A 1675 -42.05 -40.95 6.42
C GLU A 1675 -41.73 -39.91 7.51
N SER A 1676 -40.46 -39.55 7.63
CA SER A 1676 -39.97 -38.53 8.56
C SER A 1676 -40.55 -37.14 8.28
N ASN A 1677 -40.79 -36.85 7.00
CA ASN A 1677 -41.32 -35.57 6.52
C ASN A 1677 -42.74 -35.30 6.99
N ILE A 1678 -43.56 -36.35 7.09
CA ILE A 1678 -44.89 -36.15 7.66
C ILE A 1678 -44.77 -35.98 9.20
N LEU A 1679 -44.73 -34.72 9.62
CA LEU A 1679 -44.66 -34.33 11.04
C LEU A 1679 -46.02 -34.32 11.82
N GLU A 1680 -47.11 -33.90 11.19
CA GLU A 1680 -48.43 -33.95 11.78
C GLU A 1680 -49.43 -34.74 10.90
N THR A 1681 -50.68 -34.93 11.37
CA THR A 1681 -51.88 -35.35 10.56
C THR A 1681 -52.05 -34.51 9.30
N ALA A 1682 -51.85 -33.20 9.40
CA ALA A 1682 -52.28 -32.31 8.32
C ALA A 1682 -51.36 -32.44 7.14
N PHE A 1683 -50.10 -32.73 7.45
CA PHE A 1683 -49.04 -32.84 6.47
C PHE A 1683 -49.40 -33.99 5.54
N LEU A 1684 -49.82 -35.10 6.15
CA LEU A 1684 -50.29 -36.24 5.39
C LEU A 1684 -51.63 -35.92 4.68
N GLU A 1685 -52.51 -35.15 5.30
CA GLU A 1685 -53.72 -34.71 4.62
C GLU A 1685 -53.46 -33.86 3.39
N ARG A 1686 -52.45 -33.00 3.46
CA ARG A 1686 -52.03 -32.22 2.30
C ARG A 1686 -51.58 -33.15 1.18
N MET A 1687 -50.89 -34.22 1.53
CA MET A 1687 -50.41 -35.17 0.54
C MET A 1687 -51.54 -35.93 -0.11
N ASN A 1688 -52.62 -36.11 0.63
CA ASN A 1688 -53.80 -36.78 0.12
C ASN A 1688 -54.53 -35.95 -0.92
N THR A 1689 -54.72 -34.68 -0.60
CA THR A 1689 -55.39 -33.75 -1.48
C THR A 1689 -54.63 -33.65 -2.82
N LEU A 1690 -53.31 -33.84 -2.74
CA LEU A 1690 -52.42 -33.80 -3.89
C LEU A 1690 -52.48 -35.06 -4.71
N LEU A 1691 -53.04 -36.13 -4.14
CA LEU A 1691 -53.31 -37.35 -4.95
C LEU A 1691 -54.79 -37.68 -5.32
N ALA A 1692 -55.76 -37.54 -4.41
CA ALA A 1692 -57.21 -37.71 -4.76
C ALA A 1692 -57.69 -36.71 -5.81
N ASN A 1693 -57.40 -35.44 -5.58
CA ASN A 1693 -57.49 -34.42 -6.61
C ASN A 1693 -56.07 -34.20 -7.04
N ALA A 1694 -55.84 -33.41 -8.07
CA ALA A 1694 -54.46 -33.06 -8.33
C ALA A 1694 -54.21 -31.60 -8.06
N ASP A 1695 -54.93 -31.05 -7.09
CA ASP A 1695 -54.58 -29.74 -6.56
C ASP A 1695 -54.82 -29.71 -5.07
N ILE A 1696 -54.12 -28.82 -4.39
CA ILE A 1696 -54.44 -28.52 -3.02
C ILE A 1696 -55.20 -27.19 -3.05
N PRO A 1697 -56.50 -27.27 -2.80
CA PRO A 1697 -57.43 -26.18 -2.86
C PRO A 1697 -57.02 -24.99 -2.02
N ASP A 1698 -56.56 -25.29 -0.80
CA ASP A 1698 -56.25 -24.29 0.18
C ASP A 1698 -55.15 -23.36 -0.22
N LEU A 1699 -54.12 -23.91 -0.84
CA LEU A 1699 -52.96 -23.13 -1.25
C LEU A 1699 -53.37 -21.96 -2.14
N PHE A 1700 -54.31 -22.21 -3.06
CA PHE A 1700 -54.82 -21.19 -3.99
C PHE A 1700 -56.30 -20.92 -3.73
N GLN A 1701 -56.56 -19.99 -2.81
CA GLN A 1701 -57.92 -19.56 -2.51
C GLN A 1701 -57.96 -18.04 -2.33
N GLY A 1702 -59.14 -17.46 -2.51
CA GLY A 1702 -59.31 -16.01 -2.41
C GLY A 1702 -58.46 -15.24 -3.41
N GLU A 1703 -57.74 -14.26 -2.90
CA GLU A 1703 -56.92 -13.39 -3.75
C GLU A 1703 -55.82 -14.20 -4.44
N GLU A 1704 -55.26 -15.15 -3.71
CA GLU A 1704 -54.25 -16.00 -4.27
C GLU A 1704 -54.83 -16.95 -5.32
N TYR A 1705 -56.16 -17.03 -5.35
CA TYR A 1705 -56.91 -17.77 -6.38
C TYR A 1705 -56.97 -16.91 -7.63
N ASP A 1706 -57.20 -15.60 -7.42
CA ASP A 1706 -57.31 -14.62 -8.49
C ASP A 1706 -55.96 -14.38 -9.16
N LYS A 1707 -54.90 -14.37 -8.37
CA LYS A 1707 -53.55 -14.22 -8.91
C LYS A 1707 -53.15 -15.45 -9.73
N LEU A 1708 -53.42 -16.64 -9.20
CA LEU A 1708 -53.27 -17.90 -9.95
C LEU A 1708 -54.10 -17.89 -11.24
N LEU A 1709 -55.35 -17.46 -11.11
CA LEU A 1709 -56.28 -17.42 -12.22
C LEU A 1709 -55.81 -16.48 -13.31
N ASN A 1710 -55.21 -15.36 -12.90
CA ASN A 1710 -54.61 -14.40 -13.84
C ASN A 1710 -53.42 -15.03 -14.55
N ASN A 1711 -52.46 -15.54 -13.78
CA ASN A 1711 -51.26 -16.16 -14.33
C ASN A 1711 -51.55 -17.33 -15.22
N LEU A 1712 -52.65 -18.03 -14.93
CA LEU A 1712 -53.12 -19.19 -15.68
C LEU A 1712 -53.52 -18.79 -17.09
N ARG A 1713 -54.26 -17.69 -17.20
CA ARG A 1713 -54.72 -17.18 -18.47
C ARG A 1713 -53.53 -16.75 -19.37
N ASN A 1714 -52.49 -16.17 -18.75
CA ASN A 1714 -51.25 -15.78 -19.44
C ASN A 1714 -50.56 -16.94 -20.12
N LYS A 1715 -50.30 -18.02 -19.35
CA LYS A 1715 -49.57 -19.20 -19.85
C LYS A 1715 -50.40 -19.99 -20.84
N THR A 1716 -51.70 -20.07 -20.60
CA THR A 1716 -52.59 -20.81 -21.47
C THR A 1716 -52.55 -20.21 -22.88
N ARG A 1717 -52.60 -18.88 -22.95
CA ARG A 1717 -52.57 -18.20 -24.23
C ARG A 1717 -51.19 -18.29 -24.88
N SER A 1718 -50.14 -18.17 -24.08
CA SER A 1718 -48.76 -18.33 -24.54
C SER A 1718 -48.55 -19.67 -25.25
N LEU A 1719 -49.19 -20.71 -24.73
CA LEU A 1719 -49.10 -22.05 -25.32
C LEU A 1719 -49.94 -22.11 -26.59
N GLY A 1720 -50.95 -21.24 -26.66
CA GLY A 1720 -51.77 -21.08 -27.87
C GLY A 1720 -53.21 -21.55 -27.78
N LEU A 1721 -53.79 -21.52 -26.59
CA LEU A 1721 -55.16 -22.01 -26.40
C LEU A 1721 -55.90 -21.02 -25.51
N LEU A 1722 -56.98 -20.43 -25.98
CA LEU A 1722 -57.86 -19.68 -25.07
C LEU A 1722 -59.08 -20.53 -24.74
N LEU A 1723 -59.48 -20.43 -23.49
CA LEU A 1723 -60.49 -21.28 -22.90
C LEU A 1723 -61.70 -20.41 -22.60
N ASP A 1724 -62.90 -20.70 -23.25
CA ASP A 1724 -64.17 -19.94 -23.05
C ASP A 1724 -64.46 -19.63 -21.53
N THR A 1725 -64.63 -20.68 -20.71
CA THR A 1725 -65.15 -20.51 -19.35
C THR A 1725 -64.09 -20.55 -18.21
N GLU A 1726 -64.47 -20.11 -17.00
CA GLU A 1726 -63.61 -20.18 -15.77
C GLU A 1726 -63.30 -21.64 -15.38
N GLN A 1727 -64.23 -22.53 -15.72
CA GLN A 1727 -64.10 -23.95 -15.44
C GLN A 1727 -63.10 -24.62 -16.39
N GLU A 1728 -63.19 -24.27 -17.70
CA GLU A 1728 -62.27 -24.71 -18.80
C GLU A 1728 -60.77 -24.45 -18.35
N LEU A 1729 -60.51 -23.32 -17.67
CA LEU A 1729 -59.17 -22.90 -17.17
C LEU A 1729 -58.60 -23.74 -16.04
N TYR A 1730 -59.41 -23.95 -15.01
CA TYR A 1730 -58.94 -24.67 -13.83
C TYR A 1730 -58.60 -26.13 -14.16
N ASP A 1731 -59.38 -26.69 -15.08
CA ASP A 1731 -59.24 -28.08 -15.43
C ASP A 1731 -57.96 -28.30 -16.25
N TRP A 1732 -57.45 -27.25 -16.90
CA TRP A 1732 -56.11 -27.27 -17.56
C TRP A 1732 -55.05 -27.34 -16.47
N PHE A 1733 -55.17 -26.40 -15.52
CA PHE A 1733 -54.27 -26.27 -14.39
C PHE A 1733 -54.07 -27.60 -13.63
N VAL A 1734 -55.19 -28.19 -13.22
CA VAL A 1734 -55.20 -29.46 -12.48
C VAL A 1734 -54.63 -30.60 -13.34
N GLY A 1735 -55.07 -30.66 -14.59
CA GLY A 1735 -54.57 -31.66 -15.51
C GLY A 1735 -53.08 -31.56 -15.78
N GLU A 1736 -52.53 -30.35 -15.64
CA GLU A 1736 -51.11 -30.13 -15.86
C GLU A 1736 -50.29 -30.68 -14.69
N ILE A 1737 -50.84 -30.47 -13.49
CA ILE A 1737 -50.24 -30.97 -12.27
C ILE A 1737 -50.23 -32.49 -12.31
N ALA A 1738 -51.36 -33.08 -12.66
CA ALA A 1738 -51.56 -34.53 -12.72
C ALA A 1738 -50.61 -35.23 -13.61
N LYS A 1739 -50.00 -34.48 -14.53
CA LYS A 1739 -49.13 -35.11 -15.51
C LYS A 1739 -47.66 -34.70 -15.36
N ASN A 1740 -47.42 -33.63 -14.61
CA ASN A 1740 -46.05 -33.15 -14.34
C ASN A 1740 -45.46 -33.41 -12.94
N LEU A 1741 -46.31 -33.52 -11.93
CA LEU A 1741 -45.88 -33.82 -10.56
C LEU A 1741 -46.01 -35.29 -10.24
N HIS A 1742 -44.93 -35.82 -9.68
CA HIS A 1742 -44.80 -37.24 -9.41
C HIS A 1742 -44.30 -37.48 -8.00
N VAL A 1743 -45.11 -38.14 -7.19
CA VAL A 1743 -44.77 -38.33 -5.78
C VAL A 1743 -44.30 -39.75 -5.52
N VAL A 1744 -43.12 -39.86 -4.95
CA VAL A 1744 -42.64 -41.16 -4.49
C VAL A 1744 -42.52 -41.11 -2.99
N PHE A 1745 -43.19 -42.04 -2.31
CA PHE A 1745 -43.03 -42.20 -0.87
C PHE A 1745 -42.01 -43.30 -0.51
N THR A 1746 -41.18 -43.04 0.50
CA THR A 1746 -40.24 -44.04 0.94
C THR A 1746 -40.57 -44.25 2.39
N ILE A 1747 -41.26 -45.35 2.65
CA ILE A 1747 -41.48 -45.73 4.04
C ILE A 1747 -40.69 -46.97 4.41
N CYS A 1748 -40.03 -46.89 5.59
CA CYS A 1748 -39.06 -47.89 6.07
C CYS A 1748 -39.69 -48.95 6.93
N ASP A 1749 -40.29 -48.56 8.04
CA ASP A 1749 -41.09 -49.55 8.76
C ASP A 1749 -42.58 -49.29 8.60
N PRO A 1750 -43.25 -50.05 7.73
CA PRO A 1750 -44.70 -49.96 7.58
C PRO A 1750 -45.44 -50.40 8.87
N THR A 1751 -44.70 -51.02 9.78
CA THR A 1751 -45.20 -51.45 11.09
C THR A 1751 -45.47 -50.26 12.02
N ASN A 1752 -44.62 -49.23 11.94
CA ASN A 1752 -44.81 -47.95 12.65
C ASN A 1752 -46.22 -47.38 12.44
N ASN A 1753 -46.84 -46.90 13.51
CA ASN A 1753 -48.22 -46.38 13.44
C ASN A 1753 -48.38 -45.11 12.57
N LYS A 1754 -47.32 -44.30 12.46
CA LYS A 1754 -47.35 -43.13 11.59
C LYS A 1754 -47.19 -43.47 10.12
N SER A 1755 -46.38 -44.50 9.85
CA SER A 1755 -46.17 -45.03 8.51
C SER A 1755 -47.29 -45.96 8.11
N SER A 1756 -48.03 -46.47 9.07
CA SER A 1756 -49.20 -47.29 8.78
C SER A 1756 -50.28 -46.37 8.19
N ALA A 1757 -50.39 -45.17 8.74
CA ALA A 1757 -51.34 -44.15 8.31
C ALA A 1757 -51.19 -43.74 6.84
N MET A 1758 -49.97 -43.85 6.30
CA MET A 1758 -49.66 -43.60 4.90
C MET A 1758 -50.39 -44.60 4.00
N ILE A 1759 -50.10 -45.88 4.26
CA ILE A 1759 -50.72 -46.98 3.52
C ILE A 1759 -52.23 -47.04 3.70
N SER A 1760 -52.68 -46.78 4.93
CA SER A 1760 -54.08 -46.63 5.26
C SER A 1760 -54.75 -45.62 4.35
N SER A 1761 -54.19 -44.41 4.33
CA SER A 1761 -54.83 -43.30 3.65
C SER A 1761 -55.29 -43.77 2.31
N PRO A 1762 -56.60 -43.65 2.05
CA PRO A 1762 -57.22 -44.07 0.82
C PRO A 1762 -56.63 -43.34 -0.39
N ALA A 1763 -56.55 -42.03 -0.31
CA ALA A 1763 -56.02 -41.24 -1.41
C ALA A 1763 -54.70 -41.81 -1.91
N LEU A 1764 -53.78 -41.99 -0.97
CA LEU A 1764 -52.47 -42.52 -1.29
C LEU A 1764 -52.58 -43.96 -1.75
N PHE A 1765 -53.42 -44.76 -1.13
CA PHE A 1765 -53.47 -46.20 -1.45
C PHE A 1765 -53.97 -46.47 -2.88
N ASN A 1766 -55.01 -45.75 -3.28
CA ASN A 1766 -55.58 -45.88 -4.61
C ASN A 1766 -54.68 -45.32 -5.73
N ARG A 1767 -54.15 -44.11 -5.55
CA ARG A 1767 -53.34 -43.43 -6.60
C ARG A 1767 -51.84 -43.69 -6.54
N CYS A 1768 -51.39 -44.47 -5.56
CA CYS A 1768 -50.01 -44.94 -5.54
C CYS A 1768 -49.85 -46.39 -6.02
N ILE A 1769 -48.64 -46.66 -6.47
CA ILE A 1769 -48.24 -48.00 -6.82
C ILE A 1769 -47.43 -48.45 -5.63
N ILE A 1770 -47.96 -49.41 -4.90
CA ILE A 1770 -47.28 -49.91 -3.72
C ILE A 1770 -46.22 -50.91 -4.21
N ASN A 1771 -45.00 -50.76 -3.72
CA ASN A 1771 -43.89 -51.60 -4.14
C ASN A 1771 -43.09 -52.11 -2.92
N TRP A 1772 -42.70 -53.38 -2.90
CA TRP A 1772 -42.01 -53.95 -1.73
C TRP A 1772 -40.57 -54.41 -1.89
N MET A 1773 -39.69 -53.86 -1.06
CA MET A 1773 -38.26 -54.05 -1.11
C MET A 1773 -37.77 -54.40 0.33
N GLY A 1774 -38.70 -54.86 1.17
CA GLY A 1774 -38.54 -54.91 2.64
C GLY A 1774 -37.30 -55.55 3.28
N ASP A 1775 -36.64 -56.42 2.53
CA ASP A 1775 -35.49 -57.15 3.03
C ASP A 1775 -34.49 -57.41 1.92
N TRP A 1776 -33.21 -57.46 2.27
CA TRP A 1776 -32.22 -58.02 1.37
C TRP A 1776 -32.13 -59.54 1.47
N ASP A 1777 -32.31 -60.18 0.33
CA ASP A 1777 -32.17 -61.62 0.22
C ASP A 1777 -30.70 -62.03 0.27
N THR A 1778 -30.48 -63.28 0.65
CA THR A 1778 -29.16 -63.88 0.78
C THR A 1778 -28.29 -63.75 -0.51
N LYS A 1779 -28.88 -63.88 -1.67
CA LYS A 1779 -28.19 -63.67 -2.95
C LYS A 1779 -27.74 -62.23 -3.14
N THR A 1780 -28.60 -61.29 -2.81
CA THR A 1780 -28.31 -59.87 -3.01
C THR A 1780 -27.29 -59.41 -1.96
N MET A 1781 -27.29 -60.10 -0.81
CA MET A 1781 -26.31 -59.82 0.25
C MET A 1781 -24.94 -60.25 -0.20
N SER A 1782 -24.86 -61.44 -0.79
CA SER A 1782 -23.60 -61.99 -1.29
C SER A 1782 -23.08 -61.16 -2.44
N GLN A 1783 -23.97 -60.67 -3.30
CA GLN A 1783 -23.57 -59.88 -4.46
C GLN A 1783 -22.88 -58.62 -3.98
N VAL A 1784 -23.44 -58.02 -2.94
CA VAL A 1784 -22.97 -56.74 -2.40
C VAL A 1784 -21.69 -56.94 -1.60
N ALA A 1785 -21.68 -57.97 -0.74
CA ALA A 1785 -20.51 -58.35 0.06
C ALA A 1785 -19.27 -58.55 -0.78
N ASN A 1786 -19.45 -59.30 -1.88
CA ASN A 1786 -18.36 -59.66 -2.76
C ASN A 1786 -17.67 -58.48 -3.36
N ASN A 1787 -18.44 -57.52 -3.89
CA ASN A 1787 -17.90 -56.31 -4.51
C ASN A 1787 -17.22 -55.37 -3.52
N MET A 1788 -17.57 -55.50 -2.25
CA MET A 1788 -16.95 -54.72 -1.16
C MET A 1788 -15.65 -55.30 -0.67
N VAL A 1789 -15.51 -56.63 -0.74
CA VAL A 1789 -14.23 -57.30 -0.45
C VAL A 1789 -13.46 -57.67 -1.74
N ASP A 1790 -13.76 -56.96 -2.83
CA ASP A 1790 -13.13 -57.15 -4.15
C ASP A 1790 -11.64 -56.93 -4.05
N VAL A 1791 -11.25 -55.96 -3.22
CA VAL A 1791 -9.86 -55.70 -2.85
C VAL A 1791 -9.33 -56.93 -2.10
N ILE A 1792 -8.21 -57.49 -2.56
CA ILE A 1792 -7.73 -58.78 -2.05
C ILE A 1792 -6.35 -58.73 -1.39
N PRO A 1793 -6.33 -58.42 -0.08
CA PRO A 1793 -5.14 -58.57 0.73
C PRO A 1793 -4.71 -60.03 0.89
N MET A 1794 -5.66 -60.95 0.78
CA MET A 1794 -5.50 -62.33 1.29
C MET A 1794 -4.57 -63.33 0.58
N GLU A 1795 -4.26 -64.38 1.35
CA GLU A 1795 -3.38 -65.48 0.97
C GLU A 1795 -3.99 -66.83 1.29
N PHE A 1796 -3.55 -67.84 0.54
CA PHE A 1796 -4.16 -69.18 0.53
C PHE A 1796 -4.41 -69.82 1.89
N THR A 1797 -5.59 -70.43 1.99
CA THR A 1797 -6.07 -71.14 3.19
C THR A 1797 -6.74 -72.49 2.81
N ASP A 1798 -7.07 -73.28 3.84
CA ASP A 1798 -7.44 -74.70 3.78
C ASP A 1798 -8.66 -75.13 2.93
N PHE A 1799 -9.74 -74.35 3.00
CA PHE A 1799 -11.10 -74.71 2.48
C PHE A 1799 -11.63 -76.10 2.91
N THR A 1816 -12.92 -71.78 -1.09
CA THR A 1816 -12.28 -70.51 -1.42
C THR A 1816 -12.19 -69.56 -0.23
N ILE A 1817 -11.23 -68.64 -0.30
CA ILE A 1817 -10.96 -67.74 0.79
C ILE A 1817 -11.94 -66.54 0.85
N ARG A 1818 -12.10 -65.79 -0.25
CA ARG A 1818 -13.09 -64.71 -0.32
C ARG A 1818 -14.52 -65.22 -0.15
N ASP A 1819 -14.80 -66.37 -0.77
CA ASP A 1819 -16.10 -67.03 -0.76
C ASP A 1819 -16.52 -67.43 0.67
N ALA A 1820 -15.53 -67.78 1.48
CA ALA A 1820 -15.77 -68.17 2.87
C ALA A 1820 -16.15 -66.99 3.75
N VAL A 1821 -15.36 -65.91 3.64
CA VAL A 1821 -15.55 -64.69 4.42
C VAL A 1821 -16.98 -64.15 4.26
N VAL A 1822 -17.42 -64.04 3.01
CA VAL A 1822 -18.76 -63.48 2.72
C VAL A 1822 -19.86 -64.37 3.27
N ASN A 1823 -19.69 -65.68 3.15
CA ASN A 1823 -20.65 -66.63 3.69
C ASN A 1823 -20.77 -66.61 5.21
N ILE A 1824 -19.69 -66.24 5.90
CA ILE A 1824 -19.72 -66.12 7.36
C ILE A 1824 -20.56 -64.93 7.78
N LEU A 1825 -20.25 -63.78 7.20
CA LEU A 1825 -20.94 -62.52 7.50
C LEU A 1825 -22.47 -62.55 7.27
N ILE A 1826 -22.87 -63.24 6.20
CA ILE A 1826 -24.25 -63.54 5.92
C ILE A 1826 -24.83 -64.45 6.99
N HIS A 1827 -24.11 -65.50 7.34
CA HIS A 1827 -24.57 -66.41 8.36
C HIS A 1827 -24.49 -65.78 9.76
N PHE A 1828 -23.74 -64.69 9.91
CA PHE A 1828 -23.75 -64.00 11.19
C PHE A 1828 -24.90 -63.04 11.28
N ASP A 1829 -25.12 -62.25 10.21
CA ASP A 1829 -26.24 -61.31 10.12
C ASP A 1829 -27.57 -62.04 10.26
N ARG A 1830 -27.68 -63.19 9.59
CA ARG A 1830 -28.84 -64.10 9.72
C ARG A 1830 -29.07 -64.64 11.14
N ASN A 1831 -27.98 -64.79 11.89
CA ASN A 1831 -28.03 -65.30 13.26
C ASN A 1831 -28.22 -64.18 14.26
N PHE A 1832 -27.78 -62.98 13.89
CA PHE A 1832 -27.87 -61.82 14.78
C PHE A 1832 -29.31 -61.41 14.93
N TYR A 1833 -30.00 -61.22 13.79
CA TYR A 1833 -31.38 -60.75 13.82
C TYR A 1833 -32.29 -61.85 14.34
N GLN A 1834 -31.93 -63.09 14.01
CA GLN A 1834 -32.67 -64.26 14.51
C GLN A 1834 -32.63 -64.46 16.02
N LYS A 1835 -31.52 -64.10 16.66
CA LYS A 1835 -31.39 -64.30 18.10
C LYS A 1835 -31.77 -63.03 18.85
N MET A 1836 -31.25 -61.88 18.42
CA MET A 1836 -31.38 -60.65 19.20
C MET A 1836 -32.73 -59.96 19.04
N LYS A 1837 -33.04 -59.57 17.81
CA LYS A 1837 -34.23 -58.80 17.50
C LYS A 1837 -35.50 -59.61 17.65
N VAL A 1838 -36.55 -58.92 18.11
CA VAL A 1838 -37.88 -59.48 18.32
C VAL A 1838 -38.85 -58.62 17.52
N GLY A 1839 -40.03 -59.17 17.26
CA GLY A 1839 -40.98 -58.51 16.37
C GLY A 1839 -40.82 -59.08 14.98
N VAL A 1840 -41.85 -58.92 14.16
CA VAL A 1840 -41.87 -59.61 12.87
C VAL A 1840 -41.33 -58.77 11.71
N ASN A 1841 -40.10 -59.06 11.33
CA ASN A 1841 -39.52 -58.56 10.08
C ASN A 1841 -39.68 -57.06 9.85
N PRO A 1842 -39.47 -56.23 10.90
CA PRO A 1842 -39.48 -54.79 10.64
C PRO A 1842 -38.15 -54.28 10.06
N ARG A 1843 -37.04 -54.91 10.47
CA ARG A 1843 -35.67 -54.42 10.25
C ARG A 1843 -34.84 -55.35 9.32
N SER A 1844 -33.92 -54.75 8.56
CA SER A 1844 -33.14 -55.44 7.54
C SER A 1844 -31.76 -54.75 7.27
N PRO A 1845 -30.96 -55.41 6.38
CA PRO A 1845 -29.52 -55.26 6.23
C PRO A 1845 -29.06 -53.84 6.29
N GLY A 1846 -28.20 -53.60 7.26
CA GLY A 1846 -27.55 -52.32 7.46
C GLY A 1846 -26.21 -52.58 8.07
N TYR A 1847 -26.20 -53.12 9.30
CA TYR A 1847 -24.98 -53.51 10.01
C TYR A 1847 -24.09 -54.30 9.09
N PHE A 1848 -24.68 -55.16 8.26
CA PHE A 1848 -23.98 -55.97 7.24
C PHE A 1848 -23.03 -55.17 6.32
N ILE A 1849 -23.54 -54.07 5.77
CA ILE A 1849 -22.77 -53.14 4.94
C ILE A 1849 -21.61 -52.53 5.76
N ASP A 1850 -21.93 -52.05 6.96
CA ASP A 1850 -20.98 -51.36 7.83
C ASP A 1850 -20.02 -52.33 8.49
N GLY A 1851 -20.45 -53.58 8.61
CA GLY A 1851 -19.61 -54.65 9.12
C GLY A 1851 -18.55 -55.05 8.11
N LEU A 1852 -18.94 -55.15 6.83
CA LEU A 1852 -17.99 -55.28 5.71
C LEU A 1852 -17.03 -54.09 5.60
N ARG A 1853 -17.54 -52.87 5.75
CA ARG A 1853 -16.68 -51.68 5.67
C ARG A 1853 -15.67 -51.55 6.80
N ALA A 1854 -16.01 -52.12 7.94
CA ALA A 1854 -15.11 -52.16 9.08
C ALA A 1854 -13.98 -53.16 8.82
N LEU A 1855 -14.32 -54.32 8.25
CA LEU A 1855 -13.37 -55.41 7.91
C LEU A 1855 -12.27 -54.97 6.93
N VAL A 1856 -12.70 -54.32 5.85
CA VAL A 1856 -11.81 -53.74 4.86
C VAL A 1856 -10.86 -52.73 5.52
N LYS A 1857 -11.38 -51.88 6.39
CA LYS A 1857 -10.52 -50.87 7.04
C LYS A 1857 -9.60 -51.49 8.06
N LEU A 1858 -10.03 -52.63 8.62
CA LEU A 1858 -9.29 -53.31 9.67
C LEU A 1858 -8.25 -54.27 9.16
N VAL A 1859 -8.57 -55.04 8.11
CA VAL A 1859 -7.57 -55.89 7.44
C VAL A 1859 -6.40 -55.07 6.86
N THR A 1860 -6.70 -53.98 6.16
CA THR A 1860 -5.70 -53.05 5.61
C THR A 1860 -4.79 -52.46 6.71
N ALA A 1861 -5.38 -52.14 7.85
CA ALA A 1861 -4.64 -51.60 8.97
C ALA A 1861 -3.77 -52.65 9.65
N LYS A 1862 -4.20 -53.91 9.60
CA LYS A 1862 -3.51 -55.00 10.29
C LYS A 1862 -2.49 -55.69 9.42
N TYR A 1863 -2.80 -55.88 8.15
CA TYR A 1863 -1.85 -56.48 7.19
C TYR A 1863 -0.68 -55.55 6.90
N GLN A 1864 -0.92 -54.24 6.93
CA GLN A 1864 0.17 -53.29 6.75
C GLN A 1864 1.01 -53.12 7.99
N ASP A 1865 0.44 -53.48 9.14
CA ASP A 1865 1.19 -53.53 10.38
C ASP A 1865 1.85 -54.88 10.67
N LEU A 1866 1.33 -55.97 10.11
CA LEU A 1866 2.00 -57.29 10.16
C LEU A 1866 3.23 -57.28 9.30
N GLN A 1867 3.12 -56.69 8.11
CA GLN A 1867 4.24 -56.58 7.17
C GLN A 1867 5.29 -55.56 7.62
N GLU A 1868 4.87 -54.66 8.48
CA GLU A 1868 5.75 -53.69 9.07
C GLU A 1868 6.61 -54.32 10.20
N ASN A 1869 6.04 -55.23 10.99
CA ASN A 1869 6.79 -55.94 12.03
C ASN A 1869 7.62 -57.06 11.47
N GLN A 1870 7.22 -57.60 10.33
CA GLN A 1870 7.96 -58.62 9.61
C GLN A 1870 9.20 -57.98 8.96
N ARG A 1871 9.06 -56.69 8.60
CA ARG A 1871 10.15 -55.89 8.05
C ARG A 1871 11.11 -55.43 9.16
N PHE A 1872 10.60 -55.32 10.39
CA PHE A 1872 11.40 -54.95 11.55
C PHE A 1872 12.25 -56.11 12.07
N VAL A 1873 11.80 -57.36 11.87
CA VAL A 1873 12.62 -58.54 12.20
C VAL A 1873 13.56 -58.98 11.05
N ASN A 1874 13.22 -58.62 9.80
CA ASN A 1874 14.11 -58.86 8.64
C ASN A 1874 15.31 -57.90 8.57
N VAL A 1875 15.10 -56.67 9.05
CA VAL A 1875 16.17 -55.65 9.11
C VAL A 1875 17.14 -55.95 10.27
N GLY A 1876 16.65 -56.64 11.31
CA GLY A 1876 17.45 -57.10 12.43
C GLY A 1876 18.19 -58.40 12.14
N LEU A 1877 17.73 -59.13 11.12
CA LEU A 1877 18.36 -60.37 10.64
C LEU A 1877 19.63 -60.09 9.82
N GLU A 1878 19.61 -58.99 9.07
CA GLU A 1878 20.75 -58.54 8.27
C GLU A 1878 21.83 -57.89 9.14
N LYS A 1879 21.40 -57.29 10.24
CA LYS A 1879 22.34 -56.64 11.16
C LYS A 1879 23.10 -57.59 12.10
N LEU A 1880 22.46 -58.69 12.50
CA LEU A 1880 23.14 -59.73 13.30
C LEU A 1880 24.08 -60.63 12.50
N ASN A 1881 23.75 -60.87 11.23
CA ASN A 1881 24.61 -61.64 10.32
C ASN A 1881 25.91 -60.93 9.93
N GLU A 1882 25.86 -59.60 9.89
CA GLU A 1882 27.03 -58.72 9.69
C GLU A 1882 28.07 -58.86 10.83
N SER A 1883 27.59 -58.95 12.06
CA SER A 1883 28.43 -59.04 13.25
C SER A 1883 29.16 -60.40 13.39
N VAL A 1884 28.44 -61.51 13.15
CA VAL A 1884 29.02 -62.87 13.20
C VAL A 1884 29.64 -63.29 11.87
N LYS A 1900 30.32 -62.34 20.72
CA LYS A 1900 29.75 -63.39 19.88
C LYS A 1900 28.91 -64.41 20.66
N SER A 1901 29.09 -64.45 21.98
CA SER A 1901 28.55 -65.50 22.87
C SER A 1901 27.02 -65.52 23.01
N LEU A 1902 26.41 -64.34 23.06
CA LEU A 1902 24.94 -64.22 23.24
C LEU A 1902 24.21 -64.05 21.91
N THR A 1903 24.90 -63.45 20.93
CA THR A 1903 24.30 -63.07 19.65
C THR A 1903 23.78 -64.24 18.81
N PHE A 1904 24.25 -65.46 19.06
CA PHE A 1904 23.75 -66.61 18.30
C PHE A 1904 22.40 -67.13 18.80
N GLU A 1905 22.05 -66.83 20.05
CA GLU A 1905 20.66 -67.00 20.50
C GLU A 1905 19.72 -66.04 19.76
N LYS A 1906 20.17 -64.80 19.57
CA LYS A 1906 19.39 -63.78 18.86
C LYS A 1906 19.13 -64.20 17.41
N GLU A 1907 20.16 -64.76 16.78
CA GLU A 1907 20.05 -65.32 15.45
C GLU A 1907 19.01 -66.44 15.42
N ARG A 1908 18.99 -67.25 16.46
CA ARG A 1908 18.07 -68.39 16.46
C ARG A 1908 16.65 -67.89 16.18
N TRP A 1909 16.42 -66.59 16.39
CA TRP A 1909 15.06 -66.04 16.45
C TRP A 1909 14.29 -66.25 15.15
N LEU A 1910 14.08 -67.53 14.89
CA LEU A 1910 13.19 -68.10 13.90
C LEU A 1910 11.91 -68.59 14.58
N ASN A 1911 11.95 -68.76 15.90
CA ASN A 1911 10.74 -69.04 16.68
C ASN A 1911 9.76 -67.93 16.37
N THR A 1912 10.24 -66.68 16.44
CA THR A 1912 9.46 -65.52 16.03
C THR A 1912 9.21 -65.52 14.52
N THR A 1913 10.25 -65.85 13.75
CA THR A 1913 10.14 -65.91 12.30
C THR A 1913 9.18 -67.01 11.86
N LYS A 1914 9.27 -68.16 12.54
CA LYS A 1914 8.31 -69.26 12.37
C LYS A 1914 6.92 -68.85 12.86
N GLN A 1915 6.89 -68.04 13.90
CA GLN A 1915 5.64 -67.60 14.52
C GLN A 1915 4.78 -66.74 13.59
N PHE A 1916 5.42 -65.92 12.75
CA PHE A 1916 4.72 -64.98 11.86
C PHE A 1916 3.68 -65.64 10.96
N SER A 1917 4.00 -66.79 10.37
CA SER A 1917 3.05 -67.48 9.47
C SER A 1917 1.76 -67.84 10.19
N LYS A 1918 1.87 -68.34 11.42
CA LYS A 1918 0.70 -68.67 12.25
C LYS A 1918 -0.10 -67.41 12.64
N THR A 1919 0.60 -66.31 12.92
CA THR A 1919 0.02 -64.98 13.22
C THR A 1919 -0.76 -64.42 12.03
N SER A 1920 -0.21 -64.56 10.81
CA SER A 1920 -0.88 -64.10 9.60
C SER A 1920 -2.11 -64.95 9.23
N GLN A 1921 -2.09 -66.26 9.58
CA GLN A 1921 -3.21 -67.20 9.32
C GLN A 1921 -4.54 -66.77 9.97
N GLU A 1922 -4.40 -66.18 11.15
CA GLU A 1922 -5.53 -65.83 11.99
C GLU A 1922 -6.00 -64.40 11.82
N LEU A 1923 -5.22 -63.52 11.18
CA LEU A 1923 -5.55 -62.08 11.11
C LEU A 1923 -6.81 -61.72 10.30
N ILE A 1924 -7.15 -62.58 9.34
CA ILE A 1924 -8.37 -62.38 8.52
C ILE A 1924 -9.60 -62.68 9.36
N GLY A 1925 -9.59 -63.83 10.04
CA GLY A 1925 -10.66 -64.20 10.96
C GLY A 1925 -10.72 -63.39 12.27
N ASN A 1926 -9.57 -62.83 12.67
CA ASN A 1926 -9.50 -61.92 13.83
C ASN A 1926 -10.11 -60.57 13.54
N CYS A 1927 -9.96 -60.15 12.28
CA CYS A 1927 -10.59 -58.92 11.82
C CYS A 1927 -12.12 -59.05 11.66
N ILE A 1928 -12.57 -60.24 11.26
CA ILE A 1928 -13.97 -60.63 11.29
C ILE A 1928 -14.61 -60.36 12.68
N ILE A 1929 -13.97 -60.84 13.75
CA ILE A 1929 -14.51 -60.66 15.11
C ILE A 1929 -14.48 -59.19 15.55
N SER A 1930 -13.39 -58.52 15.22
CA SER A 1930 -13.20 -57.12 15.60
C SER A 1930 -14.24 -56.22 14.93
N SER A 1931 -14.54 -56.49 13.67
CA SER A 1931 -15.54 -55.74 12.93
C SER A 1931 -16.94 -55.99 13.43
N ILE A 1932 -17.24 -57.25 13.69
CA ILE A 1932 -18.51 -57.63 14.30
C ILE A 1932 -18.74 -56.95 15.68
N TYR A 1933 -17.72 -56.89 16.52
CA TYR A 1933 -17.78 -56.15 17.80
C TYR A 1933 -18.08 -54.68 17.65
N GLU A 1934 -17.46 -54.05 16.65
CA GLU A 1934 -17.61 -52.63 16.44
C GLU A 1934 -19.01 -52.31 15.96
N THR A 1935 -19.57 -53.19 15.13
CA THR A 1935 -20.83 -52.90 14.44
C THR A 1935 -22.09 -53.47 15.11
N TYR A 1936 -22.06 -54.77 15.40
CA TYR A 1936 -23.22 -55.51 15.91
C TYR A 1936 -23.39 -55.47 17.43
N PHE A 1937 -22.28 -55.28 18.12
CA PHE A 1937 -22.25 -55.46 19.55
C PHE A 1937 -22.55 -54.17 20.34
N GLY A 1938 -22.32 -52.99 19.73
CA GLY A 1938 -22.32 -51.73 20.52
C GLY A 1938 -23.42 -51.57 21.57
N HIS A 1939 -24.62 -52.01 21.21
CA HIS A 1939 -25.82 -51.88 22.03
C HIS A 1939 -26.24 -53.23 22.69
N LEU A 1940 -25.36 -54.24 22.73
CA LEU A 1940 -25.70 -55.54 23.37
C LEU A 1940 -25.23 -55.66 24.84
N ASN A 1941 -25.83 -56.59 25.59
CA ASN A 1941 -25.52 -56.78 27.03
C ASN A 1941 -24.23 -57.54 27.21
N GLU A 1942 -23.66 -57.48 28.41
CA GLU A 1942 -22.46 -58.24 28.77
C GLU A 1942 -22.64 -59.69 28.27
N ARG A 1943 -23.75 -60.31 28.67
CA ARG A 1943 -24.03 -61.71 28.30
C ARG A 1943 -24.45 -61.85 26.84
N GLU A 1944 -25.11 -60.83 26.31
CA GLU A 1944 -25.60 -60.86 24.91
C GLU A 1944 -24.44 -60.82 23.91
N ARG A 1945 -23.35 -60.17 24.32
CA ARG A 1945 -22.18 -60.03 23.48
C ARG A 1945 -21.43 -61.33 23.46
N ALA A 1946 -21.15 -61.86 24.65
CA ALA A 1946 -20.43 -63.13 24.84
C ALA A 1946 -21.11 -64.27 24.08
N ASP A 1947 -22.44 -64.33 24.17
CA ASP A 1947 -23.18 -65.41 23.57
C ASP A 1947 -23.15 -65.37 22.04
N MET A 1948 -23.22 -64.17 21.46
CA MET A 1948 -23.09 -63.99 19.99
C MET A 1948 -21.69 -64.32 19.52
N LEU A 1949 -20.71 -64.00 20.36
CA LEU A 1949 -19.31 -64.28 20.09
C LEU A 1949 -19.08 -65.77 19.91
N VAL A 1950 -19.71 -66.57 20.74
CA VAL A 1950 -19.66 -68.02 20.65
C VAL A 1950 -20.23 -68.50 19.32
N ILE A 1951 -21.34 -67.92 18.91
CA ILE A 1951 -21.99 -68.29 17.66
C ILE A 1951 -21.13 -67.86 16.48
N LEU A 1952 -20.42 -66.74 16.66
CA LEU A 1952 -19.46 -66.29 15.67
C LEU A 1952 -18.22 -67.22 15.64
N LYS A 1953 -17.68 -67.56 16.81
CA LYS A 1953 -16.53 -68.47 16.92
C LYS A 1953 -16.79 -69.87 16.36
N ARG A 1954 -17.99 -70.39 16.60
CA ARG A 1954 -18.33 -71.69 16.04
C ARG A 1954 -18.64 -71.59 14.54
N LEU A 1955 -19.01 -70.40 14.07
CA LEU A 1955 -19.11 -70.12 12.61
C LEU A 1955 -17.74 -70.00 11.97
N LEU A 1956 -16.81 -69.44 12.73
CA LEU A 1956 -15.42 -69.36 12.32
C LEU A 1956 -14.80 -70.76 12.38
N GLY A 1957 -15.41 -71.63 13.18
CA GLY A 1957 -14.98 -73.02 13.33
C GLY A 1957 -15.40 -73.93 12.20
N LYS A 1958 -16.59 -73.68 11.64
CA LYS A 1958 -17.14 -74.42 10.49
C LYS A 1958 -16.38 -74.07 9.22
N PHE A 1959 -16.07 -72.79 9.09
CA PHE A 1959 -15.42 -72.31 7.89
C PHE A 1959 -13.93 -72.40 8.14
N ALA A 1960 -13.19 -72.65 7.08
CA ALA A 1960 -11.75 -72.78 7.22
C ALA A 1960 -11.09 -71.41 7.22
N VAL A 1961 -11.35 -70.67 8.29
CA VAL A 1961 -10.61 -69.50 8.66
C VAL A 1961 -10.12 -69.80 10.07
N LYS A 1962 -8.92 -69.32 10.39
CA LYS A 1962 -8.31 -69.53 11.70
C LYS A 1962 -8.48 -68.28 12.53
N TYR A 1963 -8.86 -68.46 13.79
CA TYR A 1963 -8.94 -67.36 14.73
C TYR A 1963 -8.10 -67.65 15.99
N ASP A 1964 -7.77 -66.60 16.72
CA ASP A 1964 -7.03 -66.74 17.96
C ASP A 1964 -7.97 -67.29 19.04
N VAL A 1965 -7.63 -68.42 19.64
CA VAL A 1965 -8.51 -69.02 20.66
C VAL A 1965 -8.49 -68.18 21.94
N ASN A 1966 -7.29 -67.78 22.37
CA ASN A 1966 -7.19 -66.82 23.45
C ASN A 1966 -7.20 -65.41 22.88
N TYR A 1967 -8.40 -64.92 22.54
CA TYR A 1967 -8.60 -63.59 21.95
C TYR A 1967 -9.38 -62.68 22.87
N ARG A 1968 -9.00 -61.41 22.85
CA ARG A 1968 -9.58 -60.41 23.73
C ARG A 1968 -9.73 -59.14 22.89
N PHE A 1969 -10.98 -58.67 22.75
CA PHE A 1969 -11.28 -57.52 21.90
C PHE A 1969 -10.57 -56.27 22.40
N ILE A 1970 -10.52 -56.11 23.72
CA ILE A 1970 -9.86 -54.95 24.31
C ILE A 1970 -8.38 -54.88 23.85
N ASP A 1971 -7.57 -55.88 24.24
CA ASP A 1971 -6.14 -55.95 23.92
C ASP A 1971 -5.85 -55.91 22.42
N TYR A 1972 -6.75 -56.46 21.61
CA TYR A 1972 -6.54 -56.48 20.16
C TYR A 1972 -6.70 -55.14 19.44
N LEU A 1973 -7.64 -54.30 19.90
CA LEU A 1973 -7.80 -52.99 19.28
C LEU A 1973 -7.42 -51.79 20.14
N VAL A 1974 -7.33 -51.96 21.46
CA VAL A 1974 -6.86 -50.85 22.32
C VAL A 1974 -5.34 -50.87 22.51
N THR A 1975 -4.75 -49.69 22.47
CA THR A 1975 -3.33 -49.53 22.80
C THR A 1975 -3.21 -49.03 24.24
N LEU A 1976 -2.21 -49.53 24.95
CA LEU A 1976 -1.97 -49.19 26.36
C LEU A 1976 -1.87 -47.68 26.64
N ASP A 1977 -1.37 -46.92 25.66
CA ASP A 1977 -1.28 -45.44 25.73
C ASP A 1977 -2.65 -44.79 25.71
N GLU A 1978 -3.51 -45.28 24.83
CA GLU A 1978 -4.90 -44.83 24.74
C GLU A 1978 -5.76 -45.33 25.91
N LYS A 1979 -5.56 -46.58 26.31
CA LYS A 1979 -6.31 -47.17 27.44
C LYS A 1979 -6.07 -46.37 28.74
N MET A 1980 -4.86 -45.82 28.87
CA MET A 1980 -4.46 -44.96 29.99
C MET A 1980 -5.13 -43.60 29.86
N LYS A 1981 -5.11 -43.06 28.63
CA LYS A 1981 -5.67 -41.73 28.30
C LYS A 1981 -7.16 -41.65 28.65
N TRP A 1982 -7.89 -42.71 28.30
CA TRP A 1982 -9.33 -42.84 28.56
C TRP A 1982 -9.66 -42.80 30.03
N LEU A 1983 -8.96 -43.62 30.79
CA LEU A 1983 -9.21 -43.73 32.21
C LEU A 1983 -8.84 -42.44 32.92
N GLU A 1984 -7.80 -41.77 32.40
CA GLU A 1984 -7.33 -40.50 32.96
C GLU A 1984 -8.45 -39.47 32.92
N CYS A 1985 -9.22 -39.46 31.83
CA CYS A 1985 -10.40 -38.62 31.73
C CYS A 1985 -11.44 -39.04 32.75
N GLY A 1986 -11.59 -40.33 32.95
CA GLY A 1986 -12.48 -40.79 34.00
C GLY A 1986 -13.43 -41.85 33.54
N LEU A 1987 -12.99 -42.63 32.59
CA LEU A 1987 -13.78 -43.76 32.15
C LEU A 1987 -13.79 -44.84 33.27
N ASP A 1988 -14.90 -45.54 33.45
CA ASP A 1988 -15.00 -46.55 34.52
C ASP A 1988 -14.11 -47.81 34.25
N LYS A 1989 -13.72 -48.51 35.32
CA LYS A 1989 -12.76 -49.66 35.24
C LYS A 1989 -13.25 -50.85 34.40
N ASN A 1990 -14.57 -51.06 34.36
CA ASN A 1990 -15.19 -52.27 33.79
C ASN A 1990 -14.74 -52.62 32.37
N ASP A 1991 -14.53 -53.90 32.09
CA ASP A 1991 -14.31 -54.43 30.72
C ASP A 1991 -15.38 -53.98 29.73
N TYR A 1992 -16.65 -54.03 30.16
CA TYR A 1992 -17.79 -53.61 29.35
C TYR A 1992 -17.63 -52.17 28.90
N PHE A 1993 -17.32 -51.31 29.85
CA PHE A 1993 -17.08 -49.89 29.56
C PHE A 1993 -15.82 -49.58 28.76
N LEU A 1994 -14.90 -50.52 28.72
CA LEU A 1994 -13.70 -50.36 27.92
C LEU A 1994 -14.03 -50.65 26.48
N GLU A 1995 -14.70 -51.80 26.25
CA GLU A 1995 -15.16 -52.24 24.91
C GLU A 1995 -15.98 -51.16 24.27
N ASN A 1996 -16.89 -50.58 25.06
CA ASN A 1996 -17.78 -49.51 24.62
C ASN A 1996 -16.99 -48.32 24.12
N MET A 1997 -16.03 -47.87 24.92
CA MET A 1997 -15.21 -46.70 24.57
C MET A 1997 -14.36 -46.99 23.33
N SER A 1998 -13.84 -48.21 23.25
CA SER A 1998 -13.10 -48.67 22.07
C SER A 1998 -13.96 -48.64 20.83
N ILE A 1999 -15.20 -49.13 20.94
CA ILE A 1999 -16.17 -49.10 19.84
C ILE A 1999 -16.47 -47.68 19.36
N VAL A 2000 -16.61 -46.75 20.31
CA VAL A 2000 -16.83 -45.34 19.98
C VAL A 2000 -15.68 -44.72 19.21
N MET A 2001 -14.48 -44.85 19.76
CA MET A 2001 -13.31 -44.21 19.17
C MET A 2001 -12.86 -44.91 17.88
N ASN A 2002 -12.46 -46.18 18.01
CA ASN A 2002 -11.75 -46.87 16.96
C ASN A 2002 -12.33 -46.72 15.58
N SER A 2003 -13.66 -46.85 15.48
CA SER A 2003 -14.30 -46.61 14.19
C SER A 2003 -15.14 -45.35 14.19
N GLN A 2004 -14.77 -44.45 13.28
CA GLN A 2004 -15.51 -43.23 13.05
C GLN A 2004 -15.63 -42.99 11.54
N ASP A 2005 -16.22 -43.96 10.85
CA ASP A 2005 -16.75 -43.78 9.52
C ASP A 2005 -18.22 -43.37 9.68
N ALA A 2006 -18.73 -43.48 10.91
CA ALA A 2006 -20.12 -43.18 11.28
C ALA A 2006 -20.17 -42.48 12.64
N VAL A 2007 -21.15 -41.57 12.78
CA VAL A 2007 -21.41 -40.82 14.03
C VAL A 2007 -21.84 -41.77 15.14
N PRO A 2008 -21.23 -41.65 16.33
CA PRO A 2008 -21.60 -42.60 17.36
C PRO A 2008 -22.70 -42.02 18.24
N PHE A 2009 -23.56 -42.95 18.68
CA PHE A 2009 -24.67 -42.62 19.53
C PHE A 2009 -24.36 -43.22 20.86
N LEU A 2010 -24.07 -42.34 21.82
CA LEU A 2010 -23.76 -42.74 23.16
C LEU A 2010 -25.04 -42.60 23.97
N LEU A 2011 -25.40 -43.71 24.62
CA LEU A 2011 -26.47 -43.74 25.57
C LEU A 2011 -25.89 -44.03 26.96
N ASP A 2012 -26.03 -43.06 27.86
CA ASP A 2012 -25.71 -43.27 29.28
C ASP A 2012 -26.58 -42.43 30.17
N PRO A 2013 -27.19 -43.08 31.16
CA PRO A 2013 -27.99 -42.34 32.09
C PRO A 2013 -27.16 -41.27 32.78
N SER A 2014 -26.06 -41.68 33.42
CA SER A 2014 -25.21 -40.76 34.14
C SER A 2014 -24.35 -40.09 33.13
N SER A 2015 -24.55 -38.78 32.90
CA SER A 2015 -23.78 -38.08 31.86
C SER A 2015 -22.36 -37.93 32.30
N HIS A 2016 -21.72 -39.06 32.56
CA HIS A 2016 -20.34 -39.11 33.03
C HIS A 2016 -19.48 -39.26 31.80
N MET A 2017 -20.12 -39.69 30.73
CA MET A 2017 -19.50 -39.86 29.43
C MET A 2017 -19.34 -38.55 28.72
N ILE A 2018 -20.26 -37.61 28.94
CA ILE A 2018 -20.22 -36.30 28.30
C ILE A 2018 -18.99 -35.51 28.74
N THR A 2019 -18.48 -35.84 29.93
CA THR A 2019 -17.22 -35.26 30.41
C THR A 2019 -16.00 -36.03 29.90
N VAL A 2020 -16.11 -37.35 29.76
CA VAL A 2020 -14.95 -38.17 29.32
C VAL A 2020 -14.42 -37.72 27.96
N ILE A 2021 -15.33 -37.55 27.04
CA ILE A 2021 -14.99 -37.11 25.72
C ILE A 2021 -14.57 -35.63 25.71
N SER A 2022 -15.10 -34.85 26.65
CA SER A 2022 -14.71 -33.44 26.83
C SER A 2022 -13.25 -33.27 27.29
N ASN A 2023 -12.80 -34.16 28.18
CA ASN A 2023 -11.43 -34.15 28.68
C ASN A 2023 -10.43 -34.55 27.63
N TYR A 2024 -10.89 -35.33 26.68
CA TYR A 2024 -10.05 -35.89 25.66
C TYR A 2024 -9.81 -34.88 24.54
N TYR A 2025 -10.82 -34.07 24.19
CA TYR A 2025 -10.66 -33.08 23.12
C TYR A 2025 -10.46 -31.63 23.65
N GLY A 2026 -10.65 -31.43 24.97
CA GLY A 2026 -10.36 -30.17 25.67
C GLY A 2026 -11.03 -28.86 25.22
N ASN A 2027 -10.21 -27.90 24.74
CA ASN A 2027 -10.66 -26.60 24.22
C ASN A 2027 -11.62 -26.76 23.06
N LYS A 2028 -11.26 -27.71 22.18
CA LYS A 2028 -11.97 -28.04 20.95
C LYS A 2028 -13.42 -28.49 21.23
N THR A 2029 -13.67 -29.00 22.43
CA THR A 2029 -15.00 -29.52 22.83
C THR A 2029 -16.04 -28.41 22.98
N VAL A 2030 -17.00 -28.42 22.06
CA VAL A 2030 -18.12 -27.48 22.05
C VAL A 2030 -19.37 -28.32 22.23
N LEU A 2031 -20.14 -28.01 23.28
CA LEU A 2031 -21.29 -28.82 23.64
C LEU A 2031 -22.60 -28.16 23.24
N LEU A 2032 -23.44 -28.96 22.60
CA LEU A 2032 -24.74 -28.53 22.15
C LEU A 2032 -25.81 -29.53 22.56
N SER A 2033 -27.05 -29.13 22.36
CA SER A 2033 -28.20 -30.01 22.62
C SER A 2033 -29.26 -29.62 21.64
N PHE A 2034 -29.93 -30.64 21.11
CA PHE A 2034 -30.93 -30.48 20.08
C PHE A 2034 -32.07 -29.60 20.48
N LEU A 2035 -32.18 -29.32 21.78
CA LEU A 2035 -33.26 -28.51 22.31
C LEU A 2035 -33.03 -26.98 22.32
N GLU A 2036 -31.77 -26.53 22.40
CA GLU A 2036 -31.42 -25.07 22.45
C GLU A 2036 -31.77 -24.28 21.17
N GLU A 2037 -32.01 -22.97 21.31
CA GLU A 2037 -32.40 -22.09 20.19
C GLU A 2037 -31.30 -21.89 19.15
N GLY A 2038 -30.11 -21.66 19.67
CA GLY A 2038 -29.00 -21.33 18.81
C GLY A 2038 -28.38 -22.54 18.17
N PHE A 2039 -28.95 -23.72 18.40
CA PHE A 2039 -28.48 -25.00 17.87
C PHE A 2039 -28.25 -24.98 16.35
N VAL A 2040 -29.21 -24.39 15.63
CA VAL A 2040 -29.20 -24.36 14.16
C VAL A 2040 -27.95 -23.64 13.63
N LYS A 2041 -27.55 -22.56 14.30
CA LYS A 2041 -26.43 -21.71 13.90
C LYS A 2041 -25.13 -22.17 14.54
N ARG A 2042 -25.19 -22.62 15.78
CA ARG A 2042 -24.02 -23.00 16.53
C ARG A 2042 -23.36 -24.24 15.97
N LEU A 2043 -24.14 -25.05 15.27
CA LEU A 2043 -23.58 -26.22 14.59
C LEU A 2043 -22.86 -25.85 13.29
N GLU A 2044 -23.43 -24.87 12.60
CA GLU A 2044 -22.82 -24.32 11.40
C GLU A 2044 -21.46 -23.63 11.69
N ASN A 2045 -21.28 -23.13 12.92
CA ASN A 2045 -20.02 -22.53 13.36
C ASN A 2045 -19.06 -23.59 13.83
N ALA A 2046 -19.63 -24.68 14.32
CA ALA A 2046 -18.86 -25.81 14.83
C ALA A 2046 -18.28 -26.59 13.69
N ILE A 2047 -19.04 -26.70 12.61
CA ILE A 2047 -18.60 -27.41 11.41
C ILE A 2047 -17.57 -26.61 10.59
N ARG A 2048 -17.72 -25.28 10.53
CA ARG A 2048 -16.86 -24.40 9.74
C ARG A 2048 -15.42 -24.33 10.25
N PHE A 2049 -15.26 -24.40 11.56
CA PHE A 2049 -13.93 -24.26 12.14
C PHE A 2049 -13.51 -25.46 13.02
N GLY A 2050 -13.91 -26.68 12.62
CA GLY A 2050 -13.32 -27.92 13.14
C GLY A 2050 -13.54 -28.27 14.61
N SER A 2051 -14.58 -27.67 15.17
CA SER A 2051 -14.94 -27.89 16.57
C SER A 2051 -15.47 -29.32 16.80
N VAL A 2052 -14.97 -29.99 17.84
CA VAL A 2052 -15.46 -31.32 18.23
C VAL A 2052 -16.76 -31.18 19.03
N VAL A 2053 -17.84 -31.75 18.51
CA VAL A 2053 -19.18 -31.51 19.07
C VAL A 2053 -19.80 -32.76 19.68
N ILE A 2054 -20.36 -32.59 20.88
CA ILE A 2054 -21.24 -33.58 21.54
C ILE A 2054 -22.65 -33.01 21.63
N ILE A 2055 -23.64 -33.75 21.13
CA ILE A 2055 -25.04 -33.29 21.19
C ILE A 2055 -25.84 -33.97 22.30
N GLN A 2056 -26.20 -33.15 23.30
CA GLN A 2056 -26.59 -33.60 24.63
C GLN A 2056 -27.95 -34.32 24.70
N ASP A 2057 -28.84 -34.04 23.75
CA ASP A 2057 -30.14 -34.70 23.78
C ASP A 2057 -30.46 -35.50 22.56
N GLY A 2058 -30.06 -36.76 22.52
CA GLY A 2058 -30.09 -37.54 21.27
C GLY A 2058 -31.46 -38.03 20.89
N GLU A 2059 -32.29 -38.22 21.92
CA GLU A 2059 -33.69 -38.65 21.80
C GLU A 2059 -34.43 -37.74 20.82
N PHE A 2060 -34.35 -36.43 21.08
CA PHE A 2060 -34.86 -35.37 20.19
C PHE A 2060 -33.81 -35.06 19.13
N PHE A 2061 -34.18 -35.00 17.86
CA PHE A 2061 -33.18 -34.90 16.81
C PHE A 2061 -33.93 -34.35 15.65
N ASP A 2062 -33.50 -33.20 15.15
CA ASP A 2062 -34.14 -32.64 13.95
C ASP A 2062 -33.55 -33.22 12.69
N PRO A 2063 -34.33 -33.17 11.61
CA PRO A 2063 -33.99 -33.62 10.29
C PRO A 2063 -32.72 -33.02 9.74
N ILE A 2064 -32.43 -31.74 10.02
CA ILE A 2064 -31.37 -31.03 9.27
C ILE A 2064 -29.94 -31.56 9.40
N ILE A 2065 -29.56 -31.89 10.62
CA ILE A 2065 -28.30 -32.58 10.83
C ILE A 2065 -28.16 -33.71 9.81
N SER A 2066 -29.30 -34.18 9.34
CA SER A 2066 -29.45 -35.40 8.57
C SER A 2066 -28.32 -35.67 7.56
N ARG A 2067 -28.03 -34.71 6.69
CA ARG A 2067 -26.96 -34.86 5.71
C ARG A 2067 -25.59 -34.97 6.41
N LEU A 2068 -25.49 -34.47 7.63
CA LEU A 2068 -24.24 -34.59 8.41
C LEU A 2068 -24.12 -35.98 9.03
N ILE A 2069 -25.25 -36.66 9.23
CA ILE A 2069 -25.23 -38.01 9.76
C ILE A 2069 -24.88 -39.03 8.67
N SER A 2070 -25.67 -39.07 7.59
CA SER A 2070 -25.27 -39.77 6.35
C SER A 2070 -24.05 -39.01 5.85
N ARG A 2071 -23.01 -39.66 5.35
CA ARG A 2071 -21.86 -38.84 4.92
C ARG A 2071 -22.11 -38.29 3.54
N GLU A 2072 -22.81 -37.19 3.47
CA GLU A 2072 -23.07 -36.54 2.19
C GLU A 2072 -22.39 -35.21 2.09
N PHE A 2073 -21.69 -35.02 0.98
CA PHE A 2073 -21.01 -33.77 0.72
C PHE A 2073 -20.94 -33.44 -0.78
N ASN A 2074 -20.78 -32.15 -1.05
CA ASN A 2074 -20.53 -31.61 -2.39
C ASN A 2074 -19.10 -31.08 -2.45
N HIS A 2075 -18.21 -31.83 -3.09
CA HIS A 2075 -16.80 -31.48 -3.05
C HIS A 2075 -16.41 -30.44 -4.12
N ALA A 2076 -15.44 -29.62 -3.74
CA ALA A 2076 -14.96 -28.47 -4.49
C ALA A 2076 -13.45 -28.59 -4.62
N GLY A 2077 -12.82 -27.65 -5.34
CA GLY A 2077 -11.35 -27.62 -5.47
C GLY A 2077 -10.55 -27.77 -4.16
N ASN A 2078 -10.91 -26.95 -3.17
CA ASN A 2078 -10.39 -26.98 -1.77
C ASN A 2078 -11.50 -27.14 -0.72
N ARG A 2079 -12.66 -26.54 -0.98
CA ARG A 2079 -13.80 -26.54 -0.04
C ARG A 2079 -14.72 -27.75 -0.15
N VAL A 2080 -15.23 -28.20 1.00
CA VAL A 2080 -16.16 -29.32 1.11
C VAL A 2080 -17.46 -28.80 1.72
N THR A 2081 -18.54 -28.79 0.94
CA THR A 2081 -19.80 -28.20 1.47
C THR A 2081 -20.88 -29.23 1.81
N VAL A 2082 -21.63 -28.93 2.87
CA VAL A 2082 -22.77 -29.74 3.32
C VAL A 2082 -24.03 -28.87 3.41
N GLU A 2083 -25.15 -29.40 2.93
CA GLU A 2083 -26.41 -28.64 2.96
C GLU A 2083 -27.10 -28.88 4.28
N ILE A 2084 -27.37 -27.80 4.98
CA ILE A 2084 -28.10 -27.88 6.23
C ILE A 2084 -29.33 -27.00 6.11
N GLY A 2085 -30.49 -27.66 6.03
CA GLY A 2085 -31.75 -26.98 5.92
C GLY A 2085 -31.90 -26.03 4.75
N ASP A 2086 -30.94 -25.12 4.59
CA ASP A 2086 -30.98 -24.11 3.53
C ASP A 2086 -29.57 -23.82 3.08
N HIS A 2087 -28.82 -23.16 3.97
CA HIS A 2087 -27.47 -22.70 3.71
C HIS A 2087 -26.53 -23.89 3.46
N GLU A 2088 -25.62 -23.72 2.51
CA GLU A 2088 -24.57 -24.69 2.26
C GLU A 2088 -23.36 -24.28 3.12
N VAL A 2089 -22.98 -25.09 4.10
CA VAL A 2089 -21.81 -24.72 4.92
C VAL A 2089 -20.59 -25.61 4.79
N ASP A 2090 -19.43 -24.99 4.93
CA ASP A 2090 -18.16 -25.64 4.73
C ASP A 2090 -17.79 -26.50 5.93
N VAL A 2091 -17.33 -27.70 5.62
CA VAL A 2091 -16.92 -28.65 6.63
C VAL A 2091 -15.42 -28.58 6.75
N SER A 2092 -14.96 -28.67 7.99
CA SER A 2092 -13.55 -28.63 8.27
C SER A 2092 -12.83 -29.95 8.01
N GLY A 2093 -13.19 -31.00 8.72
CA GLY A 2093 -12.38 -32.22 8.70
C GLY A 2093 -11.60 -32.39 10.00
N ASP A 2094 -11.30 -31.27 10.66
CA ASP A 2094 -10.92 -31.34 12.06
C ASP A 2094 -12.14 -31.50 13.00
N PHE A 2095 -13.32 -31.26 12.40
CA PHE A 2095 -14.65 -31.38 13.02
C PHE A 2095 -15.05 -32.82 13.31
N LYS A 2096 -15.59 -33.05 14.51
CA LYS A 2096 -16.07 -34.35 14.96
C LYS A 2096 -17.48 -34.21 15.50
N LEU A 2097 -18.26 -35.27 15.41
CA LEU A 2097 -19.61 -35.28 15.97
C LEU A 2097 -19.88 -36.50 16.87
N PHE A 2098 -20.52 -36.25 18.01
CA PHE A 2098 -21.00 -37.28 18.92
C PHE A 2098 -22.44 -36.94 19.27
N ILE A 2099 -23.33 -37.92 19.30
CA ILE A 2099 -24.66 -37.67 19.85
C ILE A 2099 -24.86 -38.49 21.13
N HIS A 2100 -25.29 -37.76 22.16
CA HIS A 2100 -25.44 -38.28 23.50
C HIS A 2100 -26.90 -38.26 23.97
N SER A 2101 -27.32 -39.37 24.58
CA SER A 2101 -28.68 -39.51 25.08
C SER A 2101 -28.62 -40.04 26.48
N CYS A 2102 -29.66 -39.76 27.26
CA CYS A 2102 -29.68 -40.12 28.68
C CYS A 2102 -30.67 -41.23 28.98
N ASP A 2103 -31.80 -41.26 28.30
CA ASP A 2103 -32.80 -42.29 28.61
C ASP A 2103 -32.94 -43.30 27.49
N PRO A 2104 -32.85 -44.60 27.84
CA PRO A 2104 -33.06 -45.67 26.85
C PRO A 2104 -34.52 -45.79 26.42
N SER A 2105 -35.42 -45.23 27.23
CA SER A 2105 -36.86 -45.23 26.98
C SER A 2105 -37.20 -44.43 25.74
N GLY A 2106 -36.44 -43.36 25.53
CA GLY A 2106 -36.69 -42.44 24.40
C GLY A 2106 -36.24 -43.05 23.10
N ASP A 2107 -37.12 -43.08 22.12
CA ASP A 2107 -36.84 -43.74 20.85
C ASP A 2107 -36.36 -42.76 19.77
N ILE A 2108 -35.24 -43.10 19.14
CA ILE A 2108 -34.67 -42.29 18.07
C ILE A 2108 -35.20 -42.71 16.71
N PRO A 2109 -35.27 -41.75 15.77
CA PRO A 2109 -35.70 -42.04 14.38
C PRO A 2109 -34.93 -43.18 13.70
N ILE A 2110 -35.65 -44.05 12.97
CA ILE A 2110 -35.03 -45.08 12.12
C ILE A 2110 -33.92 -44.58 11.16
N PHE A 2111 -34.06 -43.37 10.62
CA PHE A 2111 -32.98 -42.75 9.81
C PHE A 2111 -31.66 -42.71 10.57
N LEU A 2112 -31.68 -42.09 11.73
CA LEU A 2112 -30.52 -42.00 12.60
C LEU A 2112 -30.04 -43.38 13.07
N ARG A 2113 -30.87 -44.13 13.77
CA ARG A 2113 -30.50 -45.49 14.24
C ARG A 2113 -29.76 -46.37 13.24
N SER A 2114 -30.03 -46.23 11.94
CA SER A 2114 -29.33 -46.99 10.91
C SER A 2114 -27.98 -46.41 10.52
N ARG A 2115 -27.82 -45.09 10.55
CA ARG A 2115 -26.55 -44.45 10.18
C ARG A 2115 -25.63 -44.22 11.39
N VAL A 2116 -26.14 -44.57 12.57
CA VAL A 2116 -25.51 -44.15 13.83
C VAL A 2116 -24.94 -45.36 14.52
N ARG A 2117 -23.74 -45.25 15.13
CA ARG A 2117 -23.18 -46.38 15.90
C ARG A 2117 -23.65 -46.36 17.33
N LEU A 2118 -24.62 -47.23 17.63
CA LEU A 2118 -25.29 -47.26 18.92
C LEU A 2118 -24.41 -48.04 19.87
N VAL A 2119 -24.01 -47.38 20.95
CA VAL A 2119 -23.16 -47.92 22.01
C VAL A 2119 -23.83 -47.65 23.38
N HIS A 2120 -23.99 -48.70 24.17
CA HIS A 2120 -24.63 -48.56 25.48
C HIS A 2120 -23.68 -48.46 26.67
N PHE A 2121 -23.50 -47.25 27.19
CA PHE A 2121 -22.86 -47.04 28.46
C PHE A 2121 -23.90 -47.10 29.59
N VAL A 2122 -24.34 -48.31 29.89
CA VAL A 2122 -25.40 -48.49 30.85
C VAL A 2122 -24.95 -49.50 31.90
N THR A 2123 -25.11 -49.14 33.17
CA THR A 2123 -24.74 -50.01 34.28
C THR A 2123 -25.94 -50.91 34.61
N ASN A 2124 -26.12 -51.98 33.83
CA ASN A 2124 -27.35 -52.80 33.85
C ASN A 2124 -27.48 -53.73 35.05
N LYS A 2125 -28.55 -54.52 35.09
CA LYS A 2125 -28.63 -55.65 36.03
C LYS A 2125 -27.69 -56.77 35.55
N GLU A 2126 -27.36 -56.80 34.27
CA GLU A 2126 -26.44 -57.80 33.73
C GLU A 2126 -25.01 -57.54 34.25
N SER A 2127 -24.73 -56.27 34.47
CA SER A 2127 -23.45 -55.81 35.00
C SER A 2127 -23.18 -56.32 36.41
N ILE A 2128 -24.23 -56.72 37.12
CA ILE A 2128 -24.15 -57.21 38.50
C ILE A 2128 -23.56 -58.61 38.54
N GLU A 2129 -23.93 -59.45 37.58
CA GLU A 2129 -23.42 -60.81 37.52
C GLU A 2129 -21.90 -60.81 37.32
N THR A 2130 -21.45 -59.98 36.38
CA THR A 2130 -20.02 -59.78 36.07
C THR A 2130 -19.30 -59.26 37.33
N ARG A 2131 -19.88 -58.28 38.01
CA ARG A 2131 -19.19 -57.63 39.11
C ARG A 2131 -19.24 -58.39 40.44
N ILE A 2132 -20.20 -59.31 40.63
CA ILE A 2132 -20.19 -60.13 41.88
C ILE A 2132 -19.09 -61.22 41.83
N PHE A 2133 -18.84 -61.81 40.66
CA PHE A 2133 -17.71 -62.74 40.43
C PHE A 2133 -16.35 -62.15 40.80
N ASP A 2134 -16.05 -60.92 40.37
CA ASP A 2134 -14.82 -60.22 40.78
C ASP A 2134 -14.67 -60.05 42.30
N ILE A 2135 -15.77 -59.78 42.99
CA ILE A 2135 -15.78 -59.63 44.45
C ILE A 2135 -15.68 -61.00 45.14
N THR A 2136 -16.41 -62.00 44.63
CA THR A 2136 -16.36 -63.41 45.07
C THR A 2136 -14.95 -64.00 44.99
N LEU A 2137 -14.29 -63.81 43.86
CA LEU A 2137 -12.97 -64.39 43.61
C LEU A 2137 -11.86 -63.76 44.43
N THR A 2138 -12.05 -62.48 44.76
CA THR A 2138 -11.12 -61.80 45.64
C THR A 2138 -11.17 -62.37 47.08
N GLU A 2139 -12.33 -62.89 47.47
CA GLU A 2139 -12.53 -63.51 48.78
C GLU A 2139 -12.54 -65.04 48.74
N GLU A 2140 -12.46 -65.62 47.54
CA GLU A 2140 -12.41 -67.07 47.42
C GLU A 2140 -11.03 -67.61 47.02
N ASN A 2141 -10.45 -67.11 45.94
CA ASN A 2141 -9.08 -67.45 45.58
C ASN A 2141 -8.26 -66.23 45.24
N ALA A 2142 -7.83 -65.53 46.30
CA ALA A 2142 -7.07 -64.29 46.16
C ALA A 2142 -5.73 -64.46 45.40
N GLU A 2143 -5.16 -65.68 45.39
CA GLU A 2143 -3.90 -65.92 44.65
C GLU A 2143 -4.06 -65.84 43.13
N MET A 2144 -5.19 -66.31 42.63
CA MET A 2144 -5.42 -66.31 41.19
C MET A 2144 -6.07 -65.03 40.65
N GLN A 2145 -6.81 -64.30 41.48
CA GLN A 2145 -7.34 -62.98 41.10
C GLN A 2145 -6.24 -61.92 41.06
N ARG A 2146 -5.22 -62.06 41.94
CA ARG A 2146 -3.98 -61.23 41.95
C ARG A 2146 -3.19 -61.45 40.66
N LYS A 2147 -3.05 -62.70 40.27
CA LYS A 2147 -2.24 -63.03 39.11
C LYS A 2147 -2.97 -62.84 37.78
N ARG A 2148 -4.29 -62.64 37.84
CA ARG A 2148 -5.12 -62.43 36.65
C ARG A 2148 -4.80 -61.11 35.96
N GLU A 2149 -4.70 -60.05 36.78
CA GLU A 2149 -4.46 -58.69 36.31
C GLU A 2149 -3.06 -58.59 35.67
N ASP A 2150 -2.04 -59.09 36.37
CA ASP A 2150 -0.66 -59.07 35.85
C ASP A 2150 -0.37 -60.02 34.67
N LEU A 2151 -1.20 -61.05 34.52
CA LEU A 2151 -1.08 -62.05 33.45
C LEU A 2151 -1.27 -61.44 32.06
N ILE A 2152 -2.27 -60.59 31.93
CA ILE A 2152 -2.57 -59.94 30.66
C ILE A 2152 -1.82 -58.58 30.60
N LYS A 2153 -1.51 -58.03 31.78
CA LYS A 2153 -0.73 -56.77 31.91
C LYS A 2153 0.70 -56.96 31.43
N LEU A 2154 1.38 -57.97 31.98
CA LEU A 2154 2.78 -58.22 31.65
C LEU A 2154 2.93 -58.95 30.32
N ASN A 2155 1.85 -59.58 29.85
CA ASN A 2155 1.74 -60.04 28.45
C ASN A 2155 1.96 -58.89 27.47
N THR A 2156 1.18 -57.82 27.66
CA THR A 2156 1.26 -56.63 26.81
C THR A 2156 2.46 -55.72 27.15
N GLU A 2157 2.75 -55.56 28.45
CA GLU A 2157 3.88 -54.72 28.92
C GLU A 2157 5.26 -55.25 28.49
N TYR A 2158 5.53 -56.54 28.68
CA TYR A 2158 6.80 -57.14 28.25
C TYR A 2158 6.98 -57.12 26.74
N LYS A 2159 5.88 -57.31 26.01
CA LYS A 2159 5.91 -57.22 24.53
C LYS A 2159 6.12 -55.78 24.06
N LEU A 2160 5.59 -54.80 24.79
CA LEU A 2160 5.88 -53.37 24.55
C LEU A 2160 7.31 -52.98 24.98
N LYS A 2161 7.83 -53.66 25.99
CA LYS A 2161 9.22 -53.48 26.43
C LYS A 2161 10.23 -54.25 25.55
N LEU A 2162 9.77 -55.34 24.93
CA LEU A 2162 10.52 -56.06 23.91
C LEU A 2162 10.67 -55.21 22.64
N LYS A 2163 9.63 -54.43 22.32
CA LYS A 2163 9.65 -53.47 21.22
C LYS A 2163 10.38 -52.17 21.58
N ASN A 2164 10.37 -51.84 22.87
CA ASN A 2164 11.12 -50.71 23.40
C ASN A 2164 12.63 -50.98 23.49
N LEU A 2165 13.02 -52.21 23.79
CA LEU A 2165 14.44 -52.59 23.83
C LEU A 2165 15.08 -52.87 22.45
N GLU A 2166 14.27 -53.32 21.48
CA GLU A 2166 14.70 -53.52 20.09
C GLU A 2166 15.07 -52.17 19.44
N LYS A 2167 14.28 -51.14 19.78
CA LYS A 2167 14.54 -49.76 19.33
C LYS A 2167 15.78 -49.14 19.97
N ARG A 2168 16.01 -49.44 21.25
CA ARG A 2168 17.20 -49.00 22.00
C ARG A 2168 18.49 -49.63 21.49
N LEU A 2169 18.38 -50.89 21.04
CA LEU A 2169 19.49 -51.64 20.47
C LEU A 2169 19.92 -51.12 19.10
N LEU A 2170 18.94 -50.81 18.25
CA LEU A 2170 19.19 -50.30 16.91
C LEU A 2170 19.73 -48.85 16.87
N GLU A 2171 19.24 -48.03 17.81
CA GLU A 2171 19.71 -46.63 18.02
C GLU A 2171 21.22 -46.57 18.36
N GLU A 2172 21.64 -47.44 19.27
CA GLU A 2172 23.03 -47.45 19.75
C GLU A 2172 23.98 -48.21 18.81
N LEU A 2173 23.48 -49.22 18.10
CA LEU A 2173 24.28 -49.97 17.13
C LEU A 2173 24.76 -49.10 15.94
N ASN A 2174 23.93 -48.13 15.56
CA ASN A 2174 24.24 -47.17 14.49
C ASN A 2174 25.09 -45.97 14.92
N ASN A 2175 24.95 -45.58 16.19
CA ASN A 2175 25.71 -44.49 16.81
C ASN A 2175 27.10 -44.91 17.30
N SER A 2176 27.17 -46.10 17.91
CA SER A 2176 28.42 -46.59 18.50
C SER A 2176 29.11 -47.73 17.73
N GLN A 2177 29.01 -47.65 16.40
CA GLN A 2177 29.77 -48.51 15.49
C GLN A 2177 31.18 -47.93 15.25
N GLY A 2178 31.29 -46.59 15.20
CA GLY A 2178 32.57 -45.89 15.08
C GLY A 2178 33.20 -45.54 16.43
N ASN A 2179 32.39 -45.60 17.49
CA ASN A 2179 32.79 -45.39 18.89
C ASN A 2179 33.27 -46.74 19.51
N MET A 2180 33.62 -46.74 20.81
CA MET A 2180 34.01 -47.95 21.57
C MET A 2180 32.85 -48.92 21.69
N LEU A 2181 33.11 -50.12 22.23
CA LEU A 2181 32.08 -51.18 22.20
C LEU A 2181 30.97 -50.99 23.27
N GLU A 2182 30.25 -49.88 23.15
CA GLU A 2182 29.17 -49.47 24.05
C GLU A 2182 28.00 -50.45 23.95
N ASN A 2183 27.70 -50.90 22.74
CA ASN A 2183 26.59 -51.83 22.50
C ASN A 2183 26.54 -52.93 23.54
N ASP A 2184 27.72 -53.26 24.08
CA ASP A 2184 27.93 -54.24 25.17
C ASP A 2184 27.21 -53.81 26.46
N GLU A 2185 27.13 -52.50 26.68
CA GLU A 2185 26.43 -51.92 27.83
C GLU A 2185 24.92 -52.06 27.72
N LEU A 2186 24.44 -52.22 26.49
CA LEU A 2186 23.04 -52.57 26.23
C LEU A 2186 22.88 -54.08 26.07
N MET A 2187 23.99 -54.77 25.81
CA MET A 2187 23.95 -56.23 25.65
C MET A 2187 23.85 -56.95 27.00
N VAL A 2188 24.28 -56.29 28.08
CA VAL A 2188 24.06 -56.79 29.46
C VAL A 2188 22.61 -56.51 29.91
N THR A 2189 21.97 -55.54 29.26
CA THR A 2189 20.54 -55.28 29.39
C THR A 2189 19.77 -56.27 28.50
N LEU A 2190 20.43 -56.70 27.43
CA LEU A 2190 19.91 -57.75 26.55
C LEU A 2190 20.15 -59.14 27.14
N ASN A 2191 21.08 -59.22 28.09
CA ASN A 2191 21.33 -60.41 28.91
C ASN A 2191 20.24 -60.52 29.97
N ASN A 2192 19.75 -59.37 30.41
CA ASN A 2192 18.61 -59.26 31.30
C ASN A 2192 17.33 -59.61 30.56
N LEU A 2193 17.33 -59.36 29.25
CA LEU A 2193 16.23 -59.71 28.35
C LEU A 2193 16.04 -61.23 28.19
N LYS A 2194 17.10 -62.00 28.48
CA LYS A 2194 17.03 -63.48 28.47
C LYS A 2194 16.11 -64.03 29.58
N LYS A 2195 15.93 -63.23 30.64
CA LYS A 2195 14.84 -63.43 31.61
C LYS A 2195 13.53 -62.97 31.01
N GLU A 2196 13.55 -61.81 30.34
CA GLU A 2196 12.35 -61.16 29.81
C GLU A 2196 11.71 -61.89 28.63
N ALA A 2197 12.53 -62.34 27.68
CA ALA A 2197 12.03 -63.10 26.53
C ALA A 2197 11.45 -64.42 27.01
N MET A 2198 12.12 -65.02 27.99
CA MET A 2198 11.75 -66.31 28.54
C MET A 2198 10.78 -66.18 29.72
N ASN A 2199 10.62 -64.96 30.24
CA ASN A 2199 9.59 -64.61 31.23
C ASN A 2199 8.22 -64.76 30.60
N ILE A 2200 8.15 -64.34 29.34
CA ILE A 2200 6.96 -64.45 28.50
C ILE A 2200 6.62 -65.93 28.30
N GLU A 2201 7.64 -66.74 28.01
CA GLU A 2201 7.53 -68.20 27.90
C GLU A 2201 7.10 -68.83 29.23
N LYS A 2202 7.59 -68.27 30.34
CA LYS A 2202 7.23 -68.70 31.70
C LYS A 2202 5.77 -68.40 32.00
N LYS A 2203 5.31 -67.24 31.51
CA LYS A 2203 3.95 -66.78 31.76
C LYS A 2203 2.94 -67.45 30.82
N LEU A 2204 3.36 -67.73 29.58
CA LEU A 2204 2.48 -68.41 28.61
C LEU A 2204 2.22 -69.87 29.01
N SER A 2205 3.23 -70.47 29.67
CA SER A 2205 3.14 -71.84 30.15
C SER A 2205 2.14 -71.98 31.29
N GLU A 2206 2.19 -71.02 32.22
CA GLU A 2206 1.29 -70.99 33.38
C GLU A 2206 -0.12 -70.47 33.02
N SER A 2207 -0.23 -69.82 31.86
CA SER A 2207 -1.51 -69.35 31.34
C SER A 2207 -2.40 -70.52 30.93
N GLU A 2208 -1.81 -71.48 30.22
CA GLU A 2208 -2.50 -72.69 29.77
C GLU A 2208 -2.96 -73.55 30.95
N GLU A 2209 -2.50 -73.17 32.15
CA GLU A 2209 -2.86 -73.82 33.43
C GLU A 2209 -3.87 -72.99 34.21
N PHE A 2210 -3.79 -71.66 34.04
CA PHE A 2210 -4.63 -70.68 34.73
C PHE A 2210 -6.01 -70.51 34.09
N PHE A 2211 -6.05 -70.32 32.76
CA PHE A 2211 -7.29 -70.18 31.98
C PHE A 2211 -8.34 -71.29 32.21
N PRO A 2212 -7.95 -72.59 32.11
CA PRO A 2212 -8.97 -73.63 32.34
C PRO A 2212 -9.48 -73.68 33.79
N GLN A 2213 -8.67 -73.20 34.73
CA GLN A 2213 -9.08 -73.05 36.14
C GLN A 2213 -10.00 -71.84 36.36
N PHE A 2214 -9.78 -70.78 35.60
CA PHE A 2214 -10.63 -69.58 35.61
C PHE A 2214 -12.03 -69.91 35.10
N ASP A 2215 -12.08 -70.71 34.03
CA ASP A 2215 -13.33 -71.17 33.42
C ASP A 2215 -14.10 -72.20 34.26
N ASN A 2216 -13.40 -72.83 35.21
CA ASN A 2216 -13.96 -73.80 36.15
C ASN A 2216 -14.63 -73.05 37.31
N LEU A 2217 -14.13 -71.84 37.55
CA LEU A 2217 -14.60 -71.00 38.65
C LEU A 2217 -15.75 -70.05 38.23
N VAL A 2218 -15.95 -69.93 36.92
CA VAL A 2218 -17.07 -69.15 36.41
C VAL A 2218 -18.38 -69.85 36.74
N GLU A 2219 -18.38 -71.18 36.74
CA GLU A 2219 -19.63 -71.97 36.94
C GLU A 2219 -20.29 -71.82 38.31
N GLU A 2220 -19.47 -71.92 39.36
CA GLU A 2220 -19.95 -71.76 40.72
C GLU A 2220 -20.54 -70.37 40.96
N TYR A 2221 -19.83 -69.38 40.45
CA TYR A 2221 -20.24 -67.99 40.60
C TYR A 2221 -21.46 -67.68 39.74
N SER A 2222 -21.60 -68.39 38.63
CA SER A 2222 -22.80 -68.35 37.81
C SER A 2222 -23.99 -68.83 38.64
N ILE A 2223 -23.78 -69.90 39.42
CA ILE A 2223 -24.80 -70.39 40.32
C ILE A 2223 -25.13 -69.32 41.38
N ILE A 2224 -24.11 -68.65 41.90
CA ILE A 2224 -24.31 -67.49 42.76
C ILE A 2224 -24.90 -66.33 41.98
N GLY A 2225 -24.39 -66.12 40.78
CA GLY A 2225 -24.69 -64.95 39.96
C GLY A 2225 -26.15 -64.88 39.53
N LYS A 2226 -26.70 -66.03 39.18
CA LYS A 2226 -28.04 -66.07 38.64
C LYS A 2226 -29.07 -65.73 39.71
N HIS A 2227 -28.86 -66.16 40.94
CA HIS A 2227 -29.78 -65.79 42.04
C HIS A 2227 -29.74 -64.32 42.40
N SER A 2228 -28.54 -63.73 42.43
CA SER A 2228 -28.36 -62.32 42.82
C SER A 2228 -29.08 -61.32 41.87
N VAL A 2229 -29.06 -61.57 40.57
CA VAL A 2229 -29.82 -60.70 39.64
C VAL A 2229 -31.35 -60.76 39.88
N LYS A 2230 -31.87 -61.98 40.04
CA LYS A 2230 -33.28 -62.19 40.40
C LYS A 2230 -33.68 -61.49 41.73
N ILE A 2231 -32.71 -61.34 42.62
CA ILE A 2231 -32.93 -60.67 43.89
C ILE A 2231 -32.91 -59.17 43.64
N PHE A 2232 -31.90 -58.68 42.90
CA PHE A 2232 -31.82 -57.25 42.53
C PHE A 2232 -33.01 -56.79 41.72
N SER A 2233 -33.47 -57.65 40.81
CA SER A 2233 -34.67 -57.41 40.01
C SER A 2233 -35.88 -57.17 40.92
N MET A 2234 -36.00 -58.02 41.93
CA MET A 2234 -37.08 -57.95 42.88
C MET A 2234 -37.03 -56.65 43.70
N LEU A 2235 -35.84 -56.26 44.16
CA LEU A 2235 -35.64 -55.02 44.93
C LEU A 2235 -35.75 -53.77 44.07
N GLU A 2236 -35.33 -53.89 42.82
CA GLU A 2236 -35.54 -52.86 41.82
C GLU A 2236 -37.03 -52.61 41.59
N LYS A 2237 -37.79 -53.70 41.46
CA LYS A 2237 -39.24 -53.63 41.26
C LYS A 2237 -40.09 -52.97 42.37
N PHE A 2238 -39.55 -52.89 43.58
CA PHE A 2238 -40.21 -52.18 44.68
C PHE A 2238 -40.11 -50.67 44.46
N GLY A 2239 -39.05 -50.26 43.77
CA GLY A 2239 -38.79 -48.86 43.49
C GLY A 2239 -39.68 -48.35 42.42
N GLN A 2240 -40.17 -49.29 41.60
CA GLN A 2240 -41.15 -48.99 40.58
C GLN A 2240 -42.53 -48.74 41.17
N PHE A 2241 -42.91 -49.53 42.17
CA PHE A 2241 -44.16 -49.29 42.92
C PHE A 2241 -44.06 -48.03 43.78
N HIS A 2242 -42.98 -47.88 44.53
CA HIS A 2242 -42.85 -46.73 45.41
C HIS A 2242 -41.51 -46.03 45.35
N TRP A 2243 -41.61 -44.70 45.45
CA TRP A 2243 -40.50 -43.79 45.20
C TRP A 2243 -39.37 -43.95 46.22
N PHE A 2244 -39.75 -44.11 47.49
CA PHE A 2244 -38.83 -44.33 48.62
C PHE A 2244 -38.10 -45.68 48.58
N TYR A 2245 -38.65 -46.65 47.84
CA TYR A 2245 -38.05 -47.99 47.74
C TYR A 2245 -37.04 -48.12 46.64
N GLY A 2246 -36.02 -47.27 46.68
CA GLY A 2246 -34.92 -47.32 45.75
C GLY A 2246 -33.75 -48.19 46.21
N ILE A 2247 -33.05 -48.74 45.24
CA ILE A 2247 -31.81 -49.45 45.47
C ILE A 2247 -30.79 -49.17 44.35
N SER A 2248 -29.55 -48.89 44.72
CA SER A 2248 -28.47 -48.77 43.72
C SER A 2248 -27.77 -50.11 43.52
N ILE A 2249 -27.00 -50.29 42.44
CA ILE A 2249 -26.21 -51.53 42.30
C ILE A 2249 -25.14 -51.63 43.40
N GLY A 2250 -24.56 -50.47 43.76
CA GLY A 2250 -23.53 -50.36 44.79
C GLY A 2250 -24.00 -50.79 46.16
N GLN A 2251 -25.28 -50.55 46.46
CA GLN A 2251 -25.89 -50.99 47.71
C GLN A 2251 -25.94 -52.51 47.80
N PHE A 2252 -26.20 -53.16 46.68
CA PHE A 2252 -26.19 -54.63 46.62
C PHE A 2252 -24.77 -55.22 46.67
N LEU A 2253 -23.83 -54.52 46.07
CA LEU A 2253 -22.44 -54.93 46.08
C LEU A 2253 -21.86 -54.83 47.49
N SER A 2254 -22.00 -53.66 48.11
CA SER A 2254 -21.55 -53.44 49.49
C SER A 2254 -22.15 -54.44 50.48
N CYS A 2255 -23.41 -54.82 50.22
CA CYS A 2255 -24.09 -55.86 51.00
C CYS A 2255 -23.48 -57.25 50.74
N PHE A 2256 -23.15 -57.55 49.49
CA PHE A 2256 -22.57 -58.85 49.18
C PHE A 2256 -21.14 -59.00 49.67
N LYS A 2257 -20.42 -57.89 49.81
CA LYS A 2257 -19.08 -57.90 50.40
C LYS A 2257 -19.11 -58.33 51.87
N ARG A 2258 -20.12 -57.85 52.59
CA ARG A 2258 -20.38 -58.18 54.00
C ARG A 2258 -20.69 -59.67 54.21
N VAL A 2259 -21.08 -60.36 53.14
CA VAL A 2259 -21.41 -61.80 53.17
C VAL A 2259 -20.20 -62.68 53.53
N PHE A 2260 -18.99 -62.19 53.23
CA PHE A 2260 -17.72 -62.86 53.60
C PHE A 2260 -17.18 -62.38 54.96
N ILE A 2261 -16.84 -61.09 55.02
CA ILE A 2261 -16.11 -60.52 56.15
C ILE A 2261 -17.10 -60.08 57.21
N THR A 2272 -20.97 -77.52 48.21
CA THR A 2272 -21.64 -77.06 49.43
C THR A 2272 -21.12 -75.71 49.95
N ARG A 2273 -19.87 -75.34 49.63
CA ARG A 2273 -19.34 -73.98 49.96
C ARG A 2273 -20.11 -72.92 49.18
N VAL A 2274 -20.38 -73.24 47.93
CA VAL A 2274 -21.16 -72.38 47.06
C VAL A 2274 -22.61 -72.30 47.56
N ASP A 2275 -23.11 -73.43 48.06
CA ASP A 2275 -24.45 -73.55 48.63
C ASP A 2275 -24.61 -72.75 49.93
N GLU A 2276 -23.56 -72.70 50.76
CA GLU A 2276 -23.58 -71.96 52.00
C GLU A 2276 -23.46 -70.44 51.75
N ILE A 2277 -22.58 -70.05 50.84
CA ILE A 2277 -22.43 -68.64 50.45
C ILE A 2277 -23.73 -68.08 49.84
N LEU A 2278 -24.38 -68.88 48.99
CA LEU A 2278 -25.70 -68.57 48.49
C LEU A 2278 -26.69 -68.26 49.64
N TRP A 2279 -26.74 -69.14 50.64
CA TRP A 2279 -27.59 -68.94 51.80
C TRP A 2279 -27.17 -67.73 52.63
N LEU A 2280 -25.88 -67.38 52.56
CA LEU A 2280 -25.32 -66.19 53.21
C LEU A 2280 -25.79 -64.87 52.58
N LEU A 2281 -25.94 -64.92 51.25
CA LEU A 2281 -26.43 -63.80 50.42
C LEU A 2281 -27.87 -63.46 50.76
N TYR A 2282 -28.76 -64.45 50.61
CA TYR A 2282 -30.19 -64.29 50.87
C TYR A 2282 -30.47 -63.71 52.25
N GLN A 2283 -29.62 -64.10 53.20
CA GLN A 2283 -29.76 -63.68 54.57
C GLN A 2283 -29.33 -62.23 54.73
N GLU A 2284 -28.17 -61.91 54.16
CA GLU A 2284 -27.61 -60.57 54.27
C GLU A 2284 -28.44 -59.53 53.51
N VAL A 2285 -29.05 -59.95 52.40
CA VAL A 2285 -29.95 -59.08 51.66
C VAL A 2285 -31.25 -58.81 52.44
N TYR A 2286 -31.79 -59.87 53.08
CA TYR A 2286 -32.97 -59.76 53.95
C TYR A 2286 -32.66 -58.90 55.14
N CYS A 2287 -31.41 -58.91 55.56
CA CYS A 2287 -30.99 -58.21 56.73
C CYS A 2287 -30.90 -56.69 56.48
N GLN A 2288 -30.37 -56.28 55.33
CA GLN A 2288 -30.10 -54.84 55.07
C GLN A 2288 -31.23 -54.09 54.37
N PHE A 2289 -31.92 -54.78 53.49
CA PHE A 2289 -32.91 -54.15 52.66
C PHE A 2289 -34.34 -54.32 53.21
N SER A 2290 -34.50 -55.12 54.27
CA SER A 2290 -35.80 -55.27 54.95
C SER A 2290 -36.15 -53.99 55.71
N THR A 2291 -35.11 -53.30 56.12
CA THR A 2291 -35.20 -52.10 56.92
C THR A 2291 -35.82 -50.90 56.18
N ALA A 2292 -35.52 -50.76 54.88
CA ALA A 2292 -36.02 -49.62 54.08
C ALA A 2292 -37.39 -49.88 53.45
N LEU A 2293 -38.02 -50.98 53.84
CA LEU A 2293 -39.37 -51.33 53.40
C LEU A 2293 -40.42 -51.30 54.54
N ASP A 2294 -41.69 -51.10 54.19
CA ASP A 2294 -42.77 -51.19 55.15
C ASP A 2294 -43.23 -52.65 55.36
N LYS A 2295 -43.95 -52.91 56.45
CA LYS A 2295 -44.46 -54.25 56.80
C LYS A 2295 -45.06 -55.08 55.65
N LYS A 2296 -45.72 -54.43 54.70
CA LYS A 2296 -46.31 -55.17 53.57
C LYS A 2296 -45.22 -55.68 52.65
N PHE A 2297 -44.29 -54.78 52.31
CA PHE A 2297 -43.20 -55.12 51.42
C PHE A 2297 -42.10 -55.97 52.09
N LYS A 2298 -42.07 -55.95 53.44
CA LYS A 2298 -41.24 -56.88 54.18
C LYS A 2298 -41.74 -58.28 53.95
N MET A 2299 -43.04 -58.46 54.12
CA MET A 2299 -43.67 -59.76 53.93
C MET A 2299 -43.63 -60.25 52.47
N ILE A 2300 -43.70 -59.30 51.55
CA ILE A 2300 -43.64 -59.61 50.14
C ILE A 2300 -42.23 -60.10 49.81
N MET A 2301 -41.21 -59.38 50.29
CA MET A 2301 -39.82 -59.77 50.02
C MET A 2301 -39.40 -61.05 50.74
N ALA A 2302 -40.11 -61.36 51.82
CA ALA A 2302 -39.90 -62.58 52.55
C ALA A 2302 -40.36 -63.80 51.72
N MET A 2303 -41.63 -63.81 51.37
CA MET A 2303 -42.21 -64.91 50.62
C MET A 2303 -41.51 -65.11 49.27
N THR A 2304 -41.10 -64.00 48.64
CA THR A 2304 -40.45 -64.03 47.34
C THR A 2304 -39.08 -64.65 47.46
N MET A 2305 -38.27 -64.09 48.37
CA MET A 2305 -36.89 -64.54 48.53
C MET A 2305 -36.82 -66.01 49.00
N PHE A 2306 -37.85 -66.44 49.71
CA PHE A 2306 -37.97 -67.82 50.16
C PHE A 2306 -38.15 -68.74 48.97
N CYS A 2307 -38.96 -68.31 48.01
CA CYS A 2307 -39.21 -69.12 46.84
C CYS A 2307 -38.06 -69.03 45.83
N LEU A 2308 -37.37 -67.88 45.84
CA LEU A 2308 -36.16 -67.68 45.04
C LEU A 2308 -35.02 -68.64 45.41
N TYR A 2309 -34.95 -69.01 46.69
CA TYR A 2309 -33.96 -69.98 47.18
C TYR A 2309 -34.45 -71.42 47.01
N LYS A 2310 -35.56 -71.75 47.66
CA LYS A 2310 -36.08 -73.10 47.67
C LYS A 2310 -36.54 -73.74 46.33
N PHE A 2311 -36.84 -72.94 45.30
CA PHE A 2311 -37.21 -73.54 44.01
C PHE A 2311 -36.03 -74.16 43.26
N ASP A 2312 -34.85 -73.57 43.46
CA ASP A 2312 -33.60 -74.08 42.92
C ASP A 2312 -33.05 -75.21 43.79
N ILE A 2313 -33.19 -75.06 45.09
CA ILE A 2313 -32.61 -75.96 46.08
C ILE A 2313 -33.45 -77.21 46.32
N GLU A 2314 -34.74 -77.07 46.55
CA GLU A 2314 -35.55 -78.26 46.88
C GLU A 2314 -36.20 -78.94 45.65
N SER A 2315 -37.05 -79.94 45.95
CA SER A 2315 -37.66 -80.83 44.94
C SER A 2315 -38.67 -80.13 44.05
N GLU A 2316 -39.04 -80.77 42.94
CA GLU A 2316 -40.10 -80.25 42.07
C GLU A 2316 -41.47 -80.46 42.74
N GLN A 2317 -41.53 -81.46 43.60
CA GLN A 2317 -42.75 -81.74 44.35
C GLN A 2317 -42.97 -80.71 45.44
N TYR A 2318 -41.87 -80.17 45.95
CA TYR A 2318 -41.84 -79.04 46.89
C TYR A 2318 -42.41 -77.79 46.24
N LYS A 2319 -41.98 -77.54 45.00
CA LYS A 2319 -42.29 -76.33 44.23
C LYS A 2319 -43.79 -76.14 44.04
N GLU A 2320 -44.49 -77.17 43.55
CA GLU A 2320 -45.91 -77.04 43.32
C GLU A 2320 -46.73 -77.05 44.61
N ALA A 2321 -46.22 -77.72 45.64
CA ALA A 2321 -46.88 -77.75 46.96
C ALA A 2321 -46.97 -76.38 47.66
N VAL A 2322 -45.84 -75.69 47.75
CA VAL A 2322 -45.75 -74.32 48.31
C VAL A 2322 -46.50 -73.32 47.41
N LEU A 2323 -46.40 -73.49 46.10
CA LEU A 2323 -47.09 -72.63 45.14
C LEU A 2323 -48.58 -72.85 45.11
N THR A 2324 -49.03 -74.06 45.41
CA THR A 2324 -50.46 -74.30 45.49
C THR A 2324 -50.99 -73.76 46.83
N MET A 2325 -50.10 -73.59 47.81
CA MET A 2325 -50.42 -72.92 49.06
C MET A 2325 -50.50 -71.39 48.93
N ILE A 2326 -49.51 -70.79 48.27
CA ILE A 2326 -49.48 -69.34 48.01
C ILE A 2326 -50.68 -68.94 47.14
N GLY A 2327 -51.16 -69.90 46.36
CA GLY A 2327 -52.37 -69.75 45.58
C GLY A 2327 -53.63 -69.70 46.43
N VAL A 2328 -53.62 -70.40 47.57
CA VAL A 2328 -54.76 -70.40 48.49
C VAL A 2328 -54.83 -69.12 49.30
N LEU A 2329 -53.67 -68.60 49.72
CA LEU A 2329 -53.58 -67.32 50.44
C LEU A 2329 -54.06 -66.14 49.57
N SER A 2330 -53.72 -66.23 48.29
CA SER A 2330 -54.22 -65.35 47.24
C SER A 2330 -55.56 -65.93 46.75
N GLU A 2331 -56.23 -65.25 45.83
CA GLU A 2331 -57.50 -65.78 45.33
C GLU A 2331 -57.31 -66.45 43.96
N SER A 2332 -56.07 -66.84 43.66
CA SER A 2332 -55.74 -67.51 42.40
C SER A 2332 -56.38 -68.89 42.29
N SER A 2333 -56.25 -69.67 43.35
CA SER A 2333 -56.70 -71.05 43.37
C SER A 2333 -56.78 -71.61 44.80
N ASP A 2334 -57.56 -72.67 44.98
CA ASP A 2334 -57.62 -73.36 46.27
C ASP A 2334 -57.36 -74.83 46.03
N GLY A 2335 -56.41 -75.38 46.78
CA GLY A 2335 -56.08 -76.79 46.66
C GLY A 2335 -55.47 -77.34 47.93
N VAL A 2336 -55.39 -78.66 48.01
CA VAL A 2336 -54.64 -79.31 49.05
C VAL A 2336 -53.37 -79.83 48.40
N PRO A 2337 -52.19 -79.42 48.91
CA PRO A 2337 -50.90 -79.85 48.34
C PRO A 2337 -50.65 -81.36 48.49
N LYS A 2338 -49.69 -81.88 47.71
CA LYS A 2338 -49.39 -83.33 47.57
C LYS A 2338 -48.75 -83.84 48.85
N LEU A 2339 -49.37 -84.82 49.51
CA LEU A 2339 -49.00 -85.17 50.89
C LEU A 2339 -48.28 -86.51 51.02
N THR A 2340 -47.11 -86.47 51.66
CA THR A 2340 -46.19 -87.61 51.75
C THR A 2340 -45.69 -87.71 53.17
N VAL A 2341 -45.81 -88.92 53.72
CA VAL A 2341 -45.42 -89.19 55.09
C VAL A 2341 -43.97 -88.79 55.30
N ASP A 2342 -43.75 -87.84 56.20
CA ASP A 2342 -42.41 -87.41 56.59
C ASP A 2342 -41.65 -86.75 55.43
N THR A 2343 -42.28 -86.70 54.27
CA THR A 2343 -41.61 -86.24 53.04
C THR A 2343 -41.12 -84.81 53.17
N ASN A 2344 -42.01 -83.93 53.66
CA ASN A 2344 -41.64 -82.57 54.02
C ASN A 2344 -42.31 -82.23 55.36
N ASN A 2345 -41.57 -81.63 56.31
CA ASN A 2345 -42.17 -81.28 57.61
C ASN A 2345 -42.38 -79.80 57.89
N ASP A 2346 -41.43 -78.95 57.44
CA ASP A 2346 -41.58 -77.48 57.52
C ASP A 2346 -42.76 -76.99 56.68
N LEU A 2347 -42.90 -77.57 55.49
CA LEU A 2347 -43.96 -77.30 54.53
C LEU A 2347 -45.30 -77.82 55.02
N ARG A 2348 -45.26 -78.90 55.79
CA ARG A 2348 -46.46 -79.51 56.35
C ARG A 2348 -46.98 -78.69 57.55
N TYR A 2349 -46.05 -78.00 58.20
CA TYR A 2349 -46.30 -77.10 59.32
C TYR A 2349 -46.92 -75.76 58.82
N LEU A 2350 -46.51 -75.30 57.63
CA LEU A 2350 -47.05 -74.09 56.98
C LEU A 2350 -48.51 -74.25 56.62
N TRP A 2351 -48.88 -75.31 55.90
CA TRP A 2351 -50.27 -75.52 55.45
C TRP A 2351 -51.23 -75.59 56.63
N ASP A 2352 -50.72 -76.02 57.77
CA ASP A 2352 -51.47 -76.04 59.02
C ASP A 2352 -51.88 -74.63 59.44
N TYR A 2353 -51.02 -73.64 59.20
CA TYR A 2353 -51.34 -72.21 59.43
C TYR A 2353 -52.43 -71.70 58.45
N VAL A 2354 -52.31 -72.07 57.19
CA VAL A 2354 -53.27 -71.66 56.14
C VAL A 2354 -54.63 -72.32 56.30
N THR A 2355 -54.62 -73.59 56.69
CA THR A 2355 -55.88 -74.31 56.85
C THR A 2355 -56.62 -73.89 58.14
N THR A 2356 -55.88 -73.41 59.13
CA THR A 2356 -56.48 -72.93 60.40
C THR A 2356 -57.08 -71.54 60.27
N LYS A 2357 -57.16 -71.03 59.03
CA LYS A 2357 -57.70 -69.70 58.69
C LYS A 2357 -56.89 -68.57 59.35
N SER A 2358 -55.67 -68.88 59.76
CA SER A 2358 -54.82 -67.90 60.44
C SER A 2358 -53.83 -67.31 59.46
N TYR A 2359 -54.06 -66.04 59.10
CA TYR A 2359 -53.40 -65.44 57.94
C TYR A 2359 -52.11 -64.78 58.28
N ILE A 2360 -52.12 -63.97 59.34
CA ILE A 2360 -50.94 -63.19 59.72
C ILE A 2360 -49.79 -64.13 60.03
N SER A 2361 -50.11 -65.26 60.65
CA SER A 2361 -49.13 -66.29 61.01
C SER A 2361 -48.45 -66.93 59.81
N ALA A 2362 -49.23 -67.29 58.80
CA ALA A 2362 -48.71 -67.90 57.58
C ALA A 2362 -47.80 -66.94 56.76
N LEU A 2363 -48.05 -65.64 56.87
CA LEU A 2363 -47.25 -64.61 56.18
C LEU A 2363 -45.90 -64.38 56.84
N ASN A 2364 -45.87 -64.50 58.16
CA ASN A 2364 -44.66 -64.31 58.94
C ASN A 2364 -43.79 -65.58 58.94
N TRP A 2365 -44.37 -66.70 58.51
CA TRP A 2365 -43.70 -68.00 58.43
C TRP A 2365 -42.42 -67.92 57.61
N PHE A 2366 -42.52 -67.21 56.49
CA PHE A 2366 -41.42 -67.07 55.53
C PHE A 2366 -40.29 -66.18 56.10
N LYS A 2367 -40.62 -65.36 57.10
CA LYS A 2367 -39.67 -64.46 57.73
C LYS A 2367 -38.79 -65.25 58.68
N ASN A 2368 -39.42 -66.12 59.46
CA ASN A 2368 -38.77 -67.02 60.43
C ASN A 2368 -37.86 -68.06 59.76
N GLU A 2369 -38.28 -68.48 58.58
CA GLU A 2369 -37.54 -69.43 57.75
C GLU A 2369 -36.22 -68.84 57.18
N PHE A 2370 -36.01 -67.53 57.32
CA PHE A 2370 -34.75 -66.92 56.86
C PHE A 2370 -33.64 -67.06 57.88
N PHE A 2371 -34.09 -67.27 59.12
CA PHE A 2371 -33.24 -67.46 60.30
C PHE A 2371 -32.30 -66.24 60.51
N VAL A 2372 -32.83 -65.04 60.27
CA VAL A 2372 -32.06 -63.78 60.31
C VAL A 2372 -32.50 -62.98 61.53
N ASP A 2373 -31.58 -62.25 62.15
CA ASP A 2373 -31.95 -61.18 63.09
C ASP A 2373 -32.52 -59.95 62.34
N GLU A 2374 -33.84 -59.76 62.38
CA GLU A 2374 -34.47 -58.56 61.82
C GLU A 2374 -34.06 -57.28 62.55
N TRP A 2375 -33.17 -56.53 61.91
CA TRP A 2375 -32.48 -55.36 62.50
C TRP A 2375 -33.34 -54.21 62.96
N ASN A 2376 -33.14 -53.83 64.22
CA ASN A 2376 -33.80 -52.74 64.94
C ASN A 2376 -33.20 -51.44 64.45
N ILE A 2377 -33.98 -50.37 64.23
CA ILE A 2377 -33.43 -49.14 63.63
C ILE A 2377 -32.08 -48.74 64.25
N ALA A 2378 -31.93 -48.96 65.55
CA ALA A 2378 -30.66 -48.72 66.27
C ALA A 2378 -29.49 -49.51 65.65
N ASP A 2379 -29.68 -50.82 65.51
CA ASP A 2379 -28.66 -51.70 64.96
C ASP A 2379 -28.31 -51.25 63.56
N VAL A 2380 -29.33 -50.95 62.76
CA VAL A 2380 -29.11 -50.49 61.40
C VAL A 2380 -28.29 -49.22 61.42
N VAL A 2381 -28.70 -48.27 62.23
CA VAL A 2381 -28.01 -46.99 62.32
C VAL A 2381 -26.58 -47.19 62.75
N ALA A 2382 -26.38 -48.05 63.75
CA ALA A 2382 -25.04 -48.31 64.30
C ALA A 2382 -24.12 -48.90 63.23
N ASN A 2383 -24.61 -49.90 62.50
CA ASN A 2383 -23.87 -50.52 61.42
C ASN A 2383 -23.60 -49.51 60.34
N SER A 2384 -24.63 -48.73 60.01
CA SER A 2384 -24.58 -47.80 58.89
C SER A 2384 -23.44 -46.84 59.05
N ASP A 2385 -22.81 -46.58 57.91
CA ASP A 2385 -21.61 -45.80 57.89
C ASP A 2385 -21.80 -44.60 57.00
N ASN A 2386 -22.71 -43.74 57.44
CA ASN A 2386 -23.01 -42.47 56.80
C ASN A 2386 -23.58 -41.50 57.83
N ASN A 2387 -23.45 -40.20 57.58
CA ASN A 2387 -23.98 -39.20 58.51
C ASN A 2387 -25.41 -38.77 58.22
N TYR A 2388 -26.03 -39.40 57.22
CA TYR A 2388 -27.37 -39.04 56.77
C TYR A 2388 -28.34 -40.23 56.79
N PHE A 2389 -29.59 -39.94 57.10
CA PHE A 2389 -30.66 -40.94 57.14
C PHE A 2389 -31.98 -40.22 56.87
N THR A 2390 -32.83 -40.88 56.09
CA THR A 2390 -34.22 -40.46 55.92
C THR A 2390 -35.14 -41.62 56.35
N MET A 2391 -35.88 -41.41 57.44
CA MET A 2391 -36.87 -42.40 57.81
C MET A 2391 -38.32 -41.95 57.57
N ALA A 2392 -38.93 -42.50 56.53
CA ALA A 2392 -40.33 -42.30 56.25
C ALA A 2392 -41.17 -43.25 57.11
N SER A 2393 -42.46 -42.88 57.19
CA SER A 2393 -43.47 -43.57 57.99
C SER A 2393 -44.87 -43.13 57.58
N GLU A 2394 -45.90 -43.92 57.92
CA GLU A 2394 -47.32 -43.53 57.71
C GLU A 2394 -47.70 -42.34 58.59
N ARG A 2395 -48.66 -41.51 58.18
CA ARG A 2395 -49.02 -40.34 59.00
C ARG A 2395 -49.59 -40.66 60.41
N ASP A 2396 -49.96 -41.93 60.68
CA ASP A 2396 -50.51 -42.34 61.99
C ASP A 2396 -49.51 -42.09 63.11
N VAL A 2397 -48.23 -42.34 62.79
CA VAL A 2397 -47.14 -42.29 63.77
C VAL A 2397 -45.98 -41.43 63.27
N ASP A 2398 -45.03 -41.14 64.17
CA ASP A 2398 -43.77 -40.45 63.82
C ASP A 2398 -42.66 -40.98 64.72
N GLY A 2399 -41.57 -41.43 64.09
CA GLY A 2399 -40.44 -42.00 64.81
C GLY A 2399 -39.58 -40.97 65.54
N THR A 2400 -40.06 -39.71 65.59
CA THR A 2400 -39.43 -38.61 66.32
C THR A 2400 -39.12 -39.00 67.76
N PHE A 2401 -40.05 -39.71 68.40
CA PHE A 2401 -39.93 -40.13 69.79
C PHE A 2401 -39.10 -41.39 69.98
N LYS A 2402 -39.01 -42.21 68.94
CA LYS A 2402 -38.09 -43.36 68.88
C LYS A 2402 -36.65 -42.90 68.81
N LEU A 2403 -36.43 -41.79 68.11
CA LEU A 2403 -35.09 -41.20 67.96
C LEU A 2403 -34.56 -40.58 69.26
N ILE A 2404 -35.47 -40.12 70.11
CA ILE A 2404 -35.14 -39.56 71.42
C ILE A 2404 -34.53 -40.65 72.31
N GLU A 2405 -35.19 -41.81 72.36
CA GLU A 2405 -34.71 -42.96 73.14
C GLU A 2405 -33.50 -43.66 72.49
N LEU A 2406 -33.35 -43.49 71.18
CA LEU A 2406 -32.21 -44.03 70.43
C LEU A 2406 -30.95 -43.24 70.71
N ALA A 2407 -31.09 -41.92 70.84
CA ALA A 2407 -30.00 -41.03 71.17
C ALA A 2407 -29.61 -41.11 72.67
N LYS A 2408 -30.61 -41.19 73.53
CA LYS A 2408 -30.42 -41.33 74.98
C LYS A 2408 -29.62 -42.60 75.34
N ALA A 2409 -29.94 -43.73 74.71
CA ALA A 2409 -29.30 -45.02 75.03
C ALA A 2409 -27.84 -45.12 74.53
N SER A 2410 -27.47 -44.29 73.56
CA SER A 2410 -26.10 -44.23 73.02
C SER A 2410 -25.75 -42.89 72.34
N LYS A 2411 -24.73 -42.21 72.86
CA LYS A 2411 -24.17 -41.00 72.21
C LYS A 2411 -24.96 -39.70 72.39
N GLU A 2412 -26.09 -39.75 73.11
CA GLU A 2412 -26.85 -38.53 73.44
C GLU A 2412 -27.04 -37.59 72.26
N SER A 2413 -26.77 -36.30 72.49
CA SER A 2413 -26.68 -35.27 71.45
C SER A 2413 -27.91 -35.17 70.55
N LEU A 2414 -29.11 -35.17 71.14
CA LEU A 2414 -30.38 -35.08 70.40
C LEU A 2414 -30.81 -33.63 70.16
N LYS A 2415 -30.98 -33.25 68.90
CA LYS A 2415 -31.45 -31.91 68.53
C LYS A 2415 -32.62 -32.01 67.55
N ILE A 2416 -33.83 -31.75 68.02
CA ILE A 2416 -35.04 -31.77 67.16
C ILE A 2416 -35.24 -30.41 66.50
N ILE A 2417 -35.34 -30.40 65.17
CA ILE A 2417 -35.45 -29.14 64.40
C ILE A 2417 -36.70 -29.20 63.51
N PRO A 2418 -37.76 -28.46 63.89
CA PRO A 2418 -38.91 -28.38 63.01
C PRO A 2418 -38.57 -27.47 61.83
N LEU A 2419 -38.95 -27.89 60.63
CA LEU A 2419 -38.89 -27.00 59.48
C LEU A 2419 -40.26 -26.36 59.34
N GLY A 2420 -40.47 -25.15 59.87
CA GLY A 2420 -41.78 -24.49 59.82
C GLY A 2420 -41.99 -23.34 58.82
N SER A 2421 -41.45 -22.17 59.18
CA SER A 2421 -41.56 -20.94 58.42
C SER A 2421 -40.16 -20.51 57.96
N ILE A 2422 -39.95 -19.26 57.58
CA ILE A 2422 -38.60 -18.79 57.19
C ILE A 2422 -37.64 -18.94 58.36
N GLU A 2423 -38.12 -18.60 59.55
CA GLU A 2423 -37.36 -18.67 60.78
C GLU A 2423 -36.81 -20.08 61.06
N ASN A 2424 -37.67 -21.08 60.93
CA ASN A 2424 -37.24 -22.44 61.22
C ASN A 2424 -36.21 -22.97 60.21
N LEU A 2425 -36.47 -22.77 58.92
CA LEU A 2425 -35.50 -23.13 57.87
C LEU A 2425 -34.23 -22.31 58.03
N ASN A 2426 -34.37 -21.04 58.36
CA ASN A 2426 -33.23 -20.15 58.54
C ASN A 2426 -32.39 -20.47 59.77
N TYR A 2427 -33.05 -20.73 60.91
CA TYR A 2427 -32.38 -21.24 62.10
C TYR A 2427 -31.83 -22.62 61.79
N ALA A 2428 -32.58 -23.40 61.02
CA ALA A 2428 -32.23 -24.78 60.69
C ALA A 2428 -30.86 -24.88 60.01
N GLN A 2429 -30.67 -24.13 58.93
CA GLN A 2429 -29.42 -24.13 58.19
C GLN A 2429 -28.20 -23.68 58.99
N GLU A 2430 -28.45 -22.85 60.01
CA GLU A 2430 -27.45 -22.45 60.99
C GLU A 2430 -27.05 -23.59 61.93
N GLU A 2431 -28.05 -24.29 62.47
CA GLU A 2431 -27.84 -25.44 63.35
C GLU A 2431 -27.27 -26.67 62.66
N ILE A 2432 -27.43 -26.74 61.35
CA ILE A 2432 -26.89 -27.85 60.57
C ILE A 2432 -25.36 -27.75 60.45
N SER A 2433 -24.86 -26.61 59.94
CA SER A 2433 -23.42 -26.36 59.75
C SER A 2433 -22.61 -26.39 61.06
N LYS A 2434 -23.24 -26.03 62.17
CA LYS A 2434 -22.59 -25.97 63.49
C LYS A 2434 -22.59 -27.31 64.21
N SER A 2435 -23.63 -28.12 64.01
CA SER A 2435 -23.72 -29.45 64.64
C SER A 2435 -22.73 -30.47 64.10
N LYS A 2436 -22.40 -30.38 62.81
CA LYS A 2436 -21.40 -31.28 62.19
C LYS A 2436 -19.97 -31.07 62.71
N ILE A 2437 -19.65 -29.81 63.01
CA ILE A 2437 -18.38 -29.39 63.63
C ILE A 2437 -18.37 -29.84 65.10
N GLU A 2438 -19.50 -29.63 65.77
CA GLU A 2438 -19.74 -30.08 67.15
C GLU A 2438 -19.86 -31.62 67.25
N GLY A 2439 -20.49 -32.25 66.27
CA GLY A 2439 -20.71 -33.71 66.28
C GLY A 2439 -22.00 -34.20 66.90
N GLY A 2440 -22.89 -33.26 67.23
CA GLY A 2440 -24.19 -33.60 67.79
C GLY A 2440 -25.13 -34.21 66.77
N TRP A 2441 -26.04 -35.06 67.23
CA TRP A 2441 -27.11 -35.57 66.37
C TRP A 2441 -28.11 -34.47 66.06
N ILE A 2442 -28.71 -34.56 64.87
CA ILE A 2442 -29.72 -33.60 64.45
C ILE A 2442 -30.91 -34.30 63.80
N LEU A 2443 -32.10 -33.75 64.00
CA LEU A 2443 -33.33 -34.26 63.37
C LEU A 2443 -34.05 -33.19 62.58
N LEU A 2444 -34.49 -33.53 61.37
CA LEU A 2444 -35.22 -32.58 60.58
C LEU A 2444 -36.65 -33.08 60.40
N GLN A 2445 -37.53 -32.62 61.29
CA GLN A 2445 -38.94 -32.99 61.33
C GLN A 2445 -39.69 -32.58 60.06
N ASN A 2446 -40.34 -33.58 59.45
CA ASN A 2446 -41.29 -33.41 58.33
C ASN A 2446 -40.81 -32.52 57.18
N ILE A 2447 -39.67 -32.87 56.60
CA ILE A 2447 -39.10 -32.11 55.51
C ILE A 2447 -40.07 -31.90 54.33
N GLN A 2448 -40.90 -32.90 54.07
CA GLN A 2448 -41.71 -32.91 52.86
C GLN A 2448 -42.40 -31.59 52.63
N MET A 2449 -42.88 -30.97 53.73
CA MET A 2449 -43.59 -29.67 53.70
C MET A 2449 -42.72 -28.49 53.28
N SER A 2450 -41.49 -28.51 53.74
CA SER A 2450 -40.56 -27.45 53.43
C SER A 2450 -39.74 -27.78 52.18
N LEU A 2451 -40.17 -28.79 51.41
CA LEU A 2451 -39.36 -29.38 50.32
C LEU A 2451 -38.78 -28.41 49.26
N SER A 2452 -39.53 -27.39 48.87
CA SER A 2452 -39.05 -26.53 47.79
C SER A 2452 -37.62 -26.10 48.13
N TRP A 2453 -37.36 -25.89 49.41
CA TRP A 2453 -36.05 -25.50 49.95
C TRP A 2453 -35.03 -26.60 49.79
N VAL A 2454 -35.45 -27.85 50.01
CA VAL A 2454 -34.57 -29.02 49.92
C VAL A 2454 -33.76 -29.02 48.62
N LYS A 2455 -34.44 -28.96 47.49
CA LYS A 2455 -33.81 -28.97 46.14
C LYS A 2455 -32.77 -27.86 45.92
N THR A 2456 -32.97 -26.72 46.59
CA THR A 2456 -32.03 -25.59 46.52
C THR A 2456 -30.91 -25.66 47.57
N TYR A 2457 -31.25 -25.73 48.86
CA TYR A 2457 -30.24 -25.70 49.95
C TYR A 2457 -29.70 -27.07 50.45
N LEU A 2458 -30.60 -27.97 50.84
CA LEU A 2458 -30.24 -29.31 51.32
C LEU A 2458 -29.64 -30.24 50.26
N HIS A 2459 -30.21 -30.22 49.05
CA HIS A 2459 -29.73 -31.03 47.93
C HIS A 2459 -28.29 -30.71 47.57
N LYS A 2460 -27.97 -29.42 47.52
CA LYS A 2460 -26.58 -28.98 47.29
C LYS A 2460 -25.70 -29.18 48.53
N HIS A 2461 -26.22 -28.77 49.69
CA HIS A 2461 -25.53 -28.86 50.99
C HIS A 2461 -25.02 -30.27 51.37
N VAL A 2462 -25.90 -31.27 51.27
CA VAL A 2462 -25.58 -32.67 51.58
C VAL A 2462 -24.62 -33.28 50.53
N GLU A 2463 -24.80 -32.86 49.27
CA GLU A 2463 -23.95 -33.28 48.15
C GLU A 2463 -22.51 -32.75 48.33
N GLU A 2464 -22.41 -31.47 48.69
CA GLU A 2464 -21.13 -30.82 48.90
C GLU A 2464 -20.38 -31.37 50.10
N THR A 2465 -21.12 -31.76 51.14
CA THR A 2465 -20.52 -32.23 52.40
C THR A 2465 -19.96 -33.65 52.33
N LYS A 2466 -18.86 -33.82 51.60
CA LYS A 2466 -18.07 -35.05 51.63
C LYS A 2466 -17.02 -34.92 52.74
N ALA A 2467 -16.91 -33.69 53.25
CA ALA A 2467 -16.13 -33.36 54.44
C ALA A 2467 -16.91 -33.70 55.73
N ALA A 2468 -18.19 -34.05 55.58
CA ALA A 2468 -19.01 -34.54 56.70
C ALA A 2468 -18.49 -35.89 57.21
N GLU A 2469 -17.86 -36.64 56.31
CA GLU A 2469 -17.09 -37.85 56.66
C GLU A 2469 -15.87 -37.47 57.49
N GLU A 2470 -15.19 -36.40 57.07
CA GLU A 2470 -14.06 -35.82 57.80
C GLU A 2470 -14.48 -35.25 59.17
N HIS A 2471 -15.66 -34.62 59.23
CA HIS A 2471 -16.20 -33.98 60.44
C HIS A 2471 -16.48 -34.97 61.57
N GLU A 2472 -16.65 -34.43 62.79
CA GLU A 2472 -16.82 -35.23 64.00
C GLU A 2472 -17.98 -36.20 63.86
N LYS A 2473 -17.93 -37.31 64.59
CA LYS A 2473 -19.04 -38.22 64.58
C LYS A 2473 -20.25 -37.33 64.76
N PHE A 2474 -21.09 -37.31 63.73
CA PHE A 2474 -22.37 -36.62 63.73
C PHE A 2474 -23.29 -37.42 62.85
N LYS A 2475 -24.58 -37.42 63.19
CA LYS A 2475 -25.59 -38.07 62.37
C LYS A 2475 -26.84 -37.21 62.20
N MET A 2476 -27.21 -36.95 60.95
CA MET A 2476 -28.43 -36.21 60.60
C MET A 2476 -29.55 -37.16 60.19
N PHE A 2477 -30.73 -36.95 60.76
CA PHE A 2477 -31.90 -37.73 60.45
C PHE A 2477 -32.98 -36.83 59.86
N MET A 2478 -33.73 -37.35 58.90
CA MET A 2478 -34.87 -36.66 58.33
C MET A 2478 -36.14 -37.55 58.39
N THR A 2479 -37.27 -36.97 58.79
CA THR A 2479 -38.52 -37.71 58.82
C THR A 2479 -39.37 -37.37 57.59
N CYS A 2480 -39.83 -38.42 56.90
CA CYS A 2480 -40.77 -38.30 55.80
C CYS A 2480 -42.08 -38.93 56.12
N HIS A 2481 -42.98 -38.77 55.16
CA HIS A 2481 -44.26 -39.46 55.13
C HIS A 2481 -44.38 -40.14 53.78
N LEU A 2482 -44.69 -41.44 53.82
CA LEU A 2482 -44.67 -42.22 52.60
C LEU A 2482 -45.77 -41.78 51.64
N THR A 2483 -46.93 -41.52 52.20
CA THR A 2483 -48.07 -40.99 51.47
C THR A 2483 -47.85 -39.50 51.51
N GLY A 2484 -47.39 -38.93 50.42
CA GLY A 2484 -46.93 -37.58 50.53
C GLY A 2484 -45.93 -37.22 49.47
N ASP A 2485 -45.48 -35.97 49.53
CA ASP A 2485 -44.65 -35.39 48.49
C ASP A 2485 -43.34 -36.16 48.31
N LYS A 2486 -43.05 -36.42 47.03
CA LYS A 2486 -41.98 -37.30 46.59
C LYS A 2486 -40.66 -36.60 46.67
N LEU A 2487 -39.77 -37.18 47.44
CA LEU A 2487 -38.47 -36.60 47.64
C LEU A 2487 -37.61 -36.74 46.39
N PRO A 2488 -36.68 -35.78 46.19
CA PRO A 2488 -35.72 -35.92 45.09
C PRO A 2488 -35.01 -37.28 45.16
N ALA A 2489 -35.00 -38.01 44.05
CA ALA A 2489 -34.40 -39.35 44.00
C ALA A 2489 -32.88 -39.36 44.27
N PRO A 2490 -32.15 -38.39 43.67
CA PRO A 2490 -30.71 -38.31 43.90
C PRO A 2490 -30.34 -38.10 45.35
N LEU A 2491 -31.02 -37.19 46.05
CA LEU A 2491 -30.80 -37.03 47.50
C LEU A 2491 -31.17 -38.30 48.24
N LEU A 2492 -32.27 -38.92 47.82
CA LEU A 2492 -32.76 -40.13 48.47
C LEU A 2492 -31.77 -41.30 48.36
N GLN A 2493 -31.20 -41.49 47.18
CA GLN A 2493 -30.29 -42.62 46.96
C GLN A 2493 -28.99 -42.50 47.78
N ARG A 2494 -28.46 -41.27 47.86
CA ARG A 2494 -27.29 -40.91 48.67
C ARG A 2494 -27.51 -41.24 50.16
N THR A 2495 -28.71 -41.00 50.67
CA THR A 2495 -28.98 -41.17 52.09
C THR A 2495 -29.62 -42.52 52.46
N ASP A 2496 -29.25 -43.07 53.62
CA ASP A 2496 -29.80 -44.35 54.10
C ASP A 2496 -31.28 -44.23 54.40
N ARG A 2497 -32.02 -45.33 54.30
CA ARG A 2497 -33.49 -45.29 54.42
C ARG A 2497 -34.09 -46.32 55.39
N PHE A 2498 -35.07 -45.87 56.18
CA PHE A 2498 -35.79 -46.75 57.11
C PHE A 2498 -37.25 -46.44 57.13
N VAL A 2499 -38.06 -47.44 57.42
CA VAL A 2499 -39.49 -47.23 57.57
C VAL A 2499 -39.88 -47.55 59.00
N TYR A 2500 -40.28 -46.51 59.74
CA TYR A 2500 -40.85 -46.70 61.07
C TYR A 2500 -42.28 -47.40 61.02
N GLU A 2501 -42.33 -48.70 61.24
CA GLU A 2501 -43.59 -49.46 61.15
C GLU A 2501 -44.16 -49.86 62.50
N ASP A 2502 -43.81 -49.11 63.53
CA ASP A 2502 -44.14 -49.51 64.89
C ASP A 2502 -45.43 -48.84 65.39
N ILE A 2503 -46.50 -49.66 65.44
CA ILE A 2503 -47.88 -49.27 65.78
C ILE A 2503 -48.19 -49.58 67.23
N PRO A 2504 -48.57 -48.54 68.02
CA PRO A 2504 -48.92 -48.79 69.43
C PRO A 2504 -50.30 -49.34 69.62
N GLY A 2505 -50.48 -50.15 70.66
CA GLY A 2505 -51.79 -50.69 71.03
C GLY A 2505 -52.74 -49.59 71.51
N ILE A 2506 -54.01 -49.95 71.66
CA ILE A 2506 -55.00 -48.99 72.13
C ILE A 2506 -54.59 -48.44 73.50
N LEU A 2507 -54.42 -49.35 74.45
CA LEU A 2507 -54.13 -49.00 75.83
C LEU A 2507 -52.86 -48.17 75.95
N ASP A 2508 -51.86 -48.55 75.16
CA ASP A 2508 -50.56 -47.87 75.16
C ASP A 2508 -50.73 -46.43 74.72
N THR A 2509 -51.56 -46.22 73.69
CA THR A 2509 -51.81 -44.86 73.18
C THR A 2509 -52.63 -44.05 74.14
N VAL A 2510 -53.55 -44.70 74.86
CA VAL A 2510 -54.35 -44.02 75.90
C VAL A 2510 -53.37 -43.47 76.94
N LYS A 2511 -52.47 -44.36 77.42
CA LYS A 2511 -51.44 -44.02 78.42
C LYS A 2511 -50.52 -42.92 77.95
N ASP A 2512 -50.25 -42.87 76.65
CA ASP A 2512 -49.37 -41.87 76.04
C ASP A 2512 -50.07 -40.53 75.83
N LEU A 2513 -51.38 -40.57 75.63
CA LEU A 2513 -52.18 -39.35 75.53
C LEU A 2513 -52.32 -38.69 76.87
N TRP A 2514 -52.71 -39.49 77.85
CA TRP A 2514 -52.90 -39.07 79.25
C TRP A 2514 -51.62 -38.60 79.92
N GLY A 2515 -50.51 -39.17 79.50
CA GLY A 2515 -49.19 -38.88 80.05
C GLY A 2515 -48.77 -37.43 80.01
N SER A 2516 -48.93 -36.77 78.86
CA SER A 2516 -48.52 -35.38 78.74
C SER A 2516 -49.44 -34.46 79.54
N GLN A 2517 -50.73 -34.80 79.54
CA GLN A 2517 -51.79 -33.98 80.14
C GLN A 2517 -51.51 -33.33 81.51
N PHE A 2518 -50.62 -33.93 82.31
CA PHE A 2518 -50.20 -33.34 83.59
C PHE A 2518 -49.25 -32.12 83.45
N PHE A 2519 -48.56 -32.02 82.31
CA PHE A 2519 -47.60 -30.93 82.02
C PHE A 2519 -48.29 -29.57 81.82
N THR A 2520 -49.57 -29.60 81.44
CA THR A 2520 -50.35 -28.37 81.16
C THR A 2520 -50.57 -27.47 82.41
N GLY A 2521 -50.45 -28.07 83.60
CA GLY A 2521 -50.59 -27.34 84.86
C GLY A 2521 -51.94 -27.66 85.44
N LYS A 2522 -52.60 -26.64 85.99
CA LYS A 2522 -53.97 -26.73 86.50
C LYS A 2522 -54.71 -25.40 86.30
N ILE A 2523 -55.77 -25.41 85.51
CA ILE A 2523 -56.54 -24.18 85.17
C ILE A 2523 -58.07 -24.38 85.24
N SER A 2524 -58.49 -25.64 85.34
CA SER A 2524 -59.87 -26.10 85.14
C SER A 2524 -60.37 -26.88 86.36
N GLY A 2525 -61.62 -27.37 86.34
CA GLY A 2525 -62.17 -28.23 87.41
C GLY A 2525 -61.53 -29.63 87.61
N VAL A 2526 -61.78 -30.27 88.76
CA VAL A 2526 -61.36 -31.70 88.94
C VAL A 2526 -62.12 -32.55 87.97
N TRP A 2527 -63.38 -32.19 87.81
CA TRP A 2527 -64.29 -32.86 86.89
C TRP A 2527 -63.77 -32.93 85.45
N SER A 2528 -63.22 -31.82 84.97
CA SER A 2528 -62.57 -31.74 83.68
C SER A 2528 -61.54 -32.84 83.40
N VAL A 2529 -60.59 -33.04 84.30
CA VAL A 2529 -59.64 -34.14 84.15
C VAL A 2529 -60.32 -35.49 83.82
N TYR A 2530 -61.55 -35.68 84.27
CA TYR A 2530 -62.32 -36.87 83.89
C TYR A 2530 -62.72 -36.89 82.40
N CYS A 2531 -63.12 -35.71 81.91
CA CYS A 2531 -63.44 -35.51 80.50
C CYS A 2531 -62.21 -35.58 79.61
N THR A 2532 -61.07 -35.09 80.13
CA THR A 2532 -59.79 -35.19 79.43
C THR A 2532 -59.35 -36.64 79.36
N PHE A 2533 -59.66 -37.41 80.41
CA PHE A 2533 -59.46 -38.86 80.41
C PHE A 2533 -60.37 -39.59 79.41
N LEU A 2534 -61.63 -39.15 79.36
CA LEU A 2534 -62.60 -39.67 78.41
C LEU A 2534 -62.13 -39.51 76.97
N LEU A 2535 -61.73 -38.27 76.62
CA LEU A 2535 -61.14 -37.95 75.31
C LEU A 2535 -59.89 -38.77 74.99
N SER A 2536 -59.01 -38.94 75.98
CA SER A 2536 -57.85 -39.84 75.85
C SER A 2536 -58.24 -41.22 75.33
N TRP A 2537 -59.25 -41.81 75.95
CA TRP A 2537 -59.71 -43.09 75.47
C TRP A 2537 -60.33 -42.99 74.09
N PHE A 2538 -61.20 -42.01 73.90
CA PHE A 2538 -61.87 -41.81 72.63
C PHE A 2538 -60.90 -41.69 71.47
N HIS A 2539 -59.92 -40.80 71.58
CA HIS A 2539 -58.95 -40.54 70.51
C HIS A 2539 -58.17 -41.78 70.19
N ALA A 2540 -57.74 -42.49 71.22
CA ALA A 2540 -57.05 -43.75 71.03
C ALA A 2540 -57.91 -44.88 70.47
N LEU A 2541 -59.22 -44.73 70.55
CA LEU A 2541 -60.13 -45.70 69.96
C LEU A 2541 -60.43 -45.44 68.45
N ILE A 2542 -60.62 -44.18 68.04
CA ILE A 2542 -60.78 -43.88 66.61
C ILE A 2542 -59.48 -44.05 65.79
N THR A 2543 -58.34 -43.79 66.43
CA THR A 2543 -57.07 -43.92 65.75
C THR A 2543 -56.83 -45.40 65.46
N ALA A 2544 -57.20 -46.22 66.44
CA ALA A 2544 -57.13 -47.68 66.31
C ALA A 2544 -58.01 -48.19 65.19
N ARG A 2545 -59.14 -47.53 64.95
CA ARG A 2545 -60.09 -47.89 63.88
C ARG A 2545 -59.61 -47.44 62.50
N THR A 2546 -58.94 -46.29 62.47
CA THR A 2546 -58.36 -45.71 61.25
C THR A 2546 -57.57 -46.67 60.34
N ARG A 2547 -56.70 -47.49 60.92
CA ARG A 2547 -55.95 -48.48 60.15
C ARG A 2547 -56.83 -49.60 59.58
N LEU A 2548 -57.80 -50.05 60.38
CA LEU A 2548 -58.65 -51.17 59.93
C LEU A 2548 -59.67 -50.80 58.81
N VAL A 2549 -59.23 -50.85 57.57
CA VAL A 2549 -60.15 -50.51 56.51
C VAL A 2549 -59.83 -51.34 55.32
N PRO A 2550 -60.83 -51.61 54.48
CA PRO A 2550 -62.13 -50.99 54.53
C PRO A 2550 -62.93 -51.47 55.72
N HIS A 2551 -62.83 -52.75 56.05
CA HIS A 2551 -63.62 -53.18 57.20
C HIS A 2551 -63.22 -52.24 58.32
N GLY A 2552 -64.15 -51.49 58.89
CA GLY A 2552 -63.81 -50.58 59.99
C GLY A 2552 -64.18 -49.14 59.68
N PHE A 2553 -63.26 -48.35 59.13
CA PHE A 2553 -63.65 -47.11 58.42
C PHE A 2553 -63.61 -47.31 56.88
N SER A 2554 -64.51 -46.66 56.14
CA SER A 2554 -64.51 -46.71 54.66
C SER A 2554 -63.18 -46.31 53.96
N LYS A 2555 -62.52 -45.26 54.44
CA LYS A 2555 -61.26 -44.84 53.85
C LYS A 2555 -60.22 -44.68 54.98
N LYS A 2556 -58.94 -44.55 54.62
CA LYS A 2556 -57.98 -44.09 55.61
C LYS A 2556 -58.20 -42.60 55.95
N TYR A 2557 -58.57 -42.38 57.21
CA TYR A 2557 -58.70 -41.05 57.77
C TYR A 2557 -57.52 -40.80 58.70
N TYR A 2558 -56.98 -39.59 58.68
CA TYR A 2558 -55.91 -39.27 59.59
C TYR A 2558 -56.39 -38.33 60.70
N PHE A 2559 -56.20 -38.73 61.95
CA PHE A 2559 -56.57 -37.92 63.11
C PHE A 2559 -55.32 -37.49 63.88
N ASN A 2560 -55.30 -36.23 64.32
CA ASN A 2560 -54.09 -35.63 64.84
C ASN A 2560 -54.13 -35.34 66.33
N ASP A 2561 -52.97 -34.99 66.85
CA ASP A 2561 -52.89 -34.39 68.15
C ASP A 2561 -53.58 -33.01 68.13
N CYS A 2562 -53.83 -32.48 66.92
CA CYS A 2562 -54.58 -31.26 66.71
C CYS A 2562 -56.06 -31.52 66.93
N ASP A 2563 -56.52 -32.72 66.61
CA ASP A 2563 -57.92 -33.14 66.75
C ASP A 2563 -58.29 -33.34 68.21
N PHE A 2564 -57.31 -33.80 68.98
CA PHE A 2564 -57.44 -33.92 70.42
C PHE A 2564 -57.50 -32.54 71.07
N GLN A 2565 -56.65 -31.64 70.57
CA GLN A 2565 -56.49 -30.28 71.08
C GLN A 2565 -57.75 -29.49 70.85
N PHE A 2566 -58.30 -29.57 69.63
CA PHE A 2566 -59.55 -28.90 69.29
C PHE A 2566 -60.75 -29.49 70.06
N ALA A 2567 -60.63 -30.76 70.45
CA ALA A 2567 -61.70 -31.43 71.23
C ALA A 2567 -61.62 -31.07 72.68
N SER A 2568 -60.41 -31.06 73.22
CA SER A 2568 -60.21 -30.69 74.62
C SER A 2568 -60.53 -29.21 74.85
N VAL A 2569 -60.20 -28.38 73.88
CA VAL A 2569 -60.52 -26.94 73.94
C VAL A 2569 -62.04 -26.73 74.08
N TYR A 2570 -62.82 -27.49 73.30
CA TYR A 2570 -64.28 -27.48 73.36
C TYR A 2570 -64.75 -28.00 74.73
N LEU A 2571 -64.07 -29.01 75.26
CA LEU A 2571 -64.45 -29.54 76.55
C LEU A 2571 -64.22 -28.53 77.67
N GLU A 2572 -63.06 -27.87 77.69
CA GLU A 2572 -62.77 -26.79 78.68
C GLU A 2572 -63.80 -25.72 78.58
N ASN A 2573 -64.13 -25.33 77.35
CA ASN A 2573 -65.14 -24.31 77.09
C ASN A 2573 -66.56 -24.70 77.56
N VAL A 2574 -67.02 -25.93 77.32
CA VAL A 2574 -68.36 -26.38 77.80
C VAL A 2574 -68.45 -26.46 79.35
N LEU A 2575 -67.37 -26.88 80.00
CA LEU A 2575 -67.37 -26.94 81.43
C LEU A 2575 -67.22 -25.51 82.01
N ALA A 2576 -66.47 -24.65 81.32
CA ALA A 2576 -66.34 -23.23 81.69
C ALA A 2576 -67.63 -22.42 81.55
N THR A 2577 -68.47 -22.76 80.58
CA THR A 2577 -69.69 -22.00 80.32
C THR A 2577 -70.94 -22.59 80.97
N ASN A 2578 -70.87 -23.87 81.34
CA ASN A 2578 -71.95 -24.53 82.08
C ASN A 2578 -71.69 -24.75 83.58
N SER A 2579 -72.69 -25.25 84.30
CA SER A 2579 -72.51 -25.67 85.71
C SER A 2579 -71.83 -27.05 85.80
N THR A 2580 -71.41 -27.45 86.98
CA THR A 2580 -70.71 -28.74 87.14
C THR A 2580 -71.66 -29.95 87.06
N ASN A 2581 -72.97 -29.70 87.02
CA ASN A 2581 -73.94 -30.77 86.75
C ASN A 2581 -73.53 -31.59 85.51
N ASN A 2582 -73.60 -32.91 85.61
CA ASN A 2582 -73.15 -33.77 84.52
C ASN A 2582 -73.94 -33.59 83.22
N ILE A 2583 -75.23 -33.29 83.29
CA ILE A 2583 -76.09 -33.31 82.06
C ILE A 2583 -75.71 -32.45 80.79
N PRO A 2584 -74.66 -31.56 80.84
CA PRO A 2584 -74.27 -30.83 79.58
C PRO A 2584 -73.98 -31.72 78.35
N TRP A 2585 -73.88 -33.03 78.61
CA TRP A 2585 -73.36 -34.14 77.75
C TRP A 2585 -73.88 -34.27 76.32
N ALA A 2586 -75.07 -33.73 76.08
CA ALA A 2586 -75.76 -33.90 74.80
C ALA A 2586 -75.04 -33.25 73.63
N GLN A 2587 -74.69 -31.99 73.79
CA GLN A 2587 -74.06 -31.21 72.73
C GLN A 2587 -72.58 -31.33 72.75
N VAL A 2588 -72.07 -32.01 73.77
CA VAL A 2588 -70.66 -32.37 73.82
C VAL A 2588 -70.36 -33.42 72.72
N ARG A 2589 -71.28 -34.39 72.60
CA ARG A 2589 -71.16 -35.44 71.62
C ARG A 2589 -71.30 -34.89 70.22
N ASP A 2590 -72.35 -34.10 70.00
CA ASP A 2590 -72.63 -33.58 68.68
C ASP A 2590 -71.46 -32.80 68.13
N HIS A 2591 -70.90 -31.93 68.97
CA HIS A 2591 -69.83 -31.05 68.51
C HIS A 2591 -68.51 -31.79 68.27
N ILE A 2592 -68.21 -32.77 69.12
CA ILE A 2592 -67.03 -33.65 68.93
C ILE A 2592 -67.20 -34.53 67.69
N ALA A 2593 -68.37 -35.18 67.55
CA ALA A 2593 -68.66 -36.13 66.45
C ALA A 2593 -68.92 -35.55 65.04
N THR A 2594 -69.23 -34.25 64.95
CA THR A 2594 -69.55 -33.63 63.65
C THR A 2594 -68.68 -32.45 63.18
N ILE A 2595 -68.10 -31.68 64.11
CA ILE A 2595 -67.22 -30.60 63.70
C ILE A 2595 -65.72 -30.90 63.95
N VAL A 2596 -65.44 -31.36 65.16
CA VAL A 2596 -64.08 -31.57 65.59
C VAL A 2596 -63.48 -32.75 64.86
N TYR A 2597 -64.17 -33.89 64.88
CA TYR A 2597 -63.65 -35.08 64.21
C TYR A 2597 -64.39 -35.43 62.91
N GLY A 2598 -65.70 -35.21 62.86
CA GLY A 2598 -66.51 -35.45 61.66
C GLY A 2598 -66.30 -34.46 60.51
N GLY A 2599 -65.34 -33.56 60.71
CA GLY A 2599 -65.09 -32.50 59.76
C GLY A 2599 -64.48 -33.01 58.48
N LYS A 2600 -63.49 -33.85 58.62
CA LYS A 2600 -62.74 -34.35 57.50
C LYS A 2600 -63.57 -35.44 56.85
N ILE A 2601 -64.34 -36.18 57.66
CA ILE A 2601 -65.23 -37.22 57.14
C ILE A 2601 -66.20 -36.63 56.11
N ASP A 2602 -66.29 -37.30 54.98
CA ASP A 2602 -67.15 -36.87 53.88
C ASP A 2602 -68.23 -37.92 53.59
N GLU A 2603 -67.89 -39.20 53.78
CA GLU A 2603 -68.81 -40.33 53.56
C GLU A 2603 -69.81 -40.47 54.70
N GLU A 2604 -71.08 -40.66 54.37
CA GLU A 2604 -72.10 -40.69 55.41
C GLU A 2604 -71.98 -41.92 56.31
N LYS A 2605 -71.56 -43.02 55.69
CA LYS A 2605 -71.29 -44.30 56.35
C LYS A 2605 -70.41 -44.13 57.60
N ASP A 2606 -69.29 -43.42 57.41
CA ASP A 2606 -68.30 -43.22 58.45
C ASP A 2606 -68.69 -42.18 59.48
N LEU A 2607 -69.54 -41.24 59.09
CA LEU A 2607 -69.96 -40.17 60.00
C LEU A 2607 -70.80 -40.70 61.15
N GLU A 2608 -71.49 -41.81 60.86
CA GLU A 2608 -72.37 -42.49 61.79
C GLU A 2608 -71.51 -43.23 62.82
N VAL A 2609 -70.35 -43.72 62.36
CA VAL A 2609 -69.40 -44.47 63.21
C VAL A 2609 -68.76 -43.57 64.27
N VAL A 2610 -68.40 -42.36 63.87
CA VAL A 2610 -67.82 -41.39 64.80
C VAL A 2610 -68.86 -41.00 65.86
N ALA A 2611 -70.11 -40.80 65.41
CA ALA A 2611 -71.24 -40.55 66.31
C ALA A 2611 -71.50 -41.70 67.27
N LYS A 2612 -71.61 -42.92 66.75
CA LYS A 2612 -71.83 -44.09 67.61
C LYS A 2612 -70.67 -44.33 68.60
N LEU A 2613 -69.46 -43.83 68.29
CA LEU A 2613 -68.37 -43.88 69.27
C LEU A 2613 -68.56 -42.89 70.39
N CYS A 2614 -69.01 -41.70 70.03
CA CYS A 2614 -69.31 -40.67 71.01
C CYS A 2614 -70.47 -41.05 71.91
N ALA A 2615 -71.43 -41.81 71.37
CA ALA A 2615 -72.57 -42.34 72.10
C ALA A 2615 -72.13 -43.12 73.32
N HIS A 2616 -71.11 -43.95 73.10
CA HIS A 2616 -70.55 -44.85 74.10
C HIS A 2616 -69.50 -44.19 74.98
N VAL A 2617 -68.57 -43.44 74.39
CA VAL A 2617 -67.53 -42.77 75.17
C VAL A 2617 -68.05 -41.63 76.03
N PHE A 2618 -68.98 -40.82 75.54
CA PHE A 2618 -69.38 -39.64 76.32
C PHE A 2618 -70.58 -39.74 77.25
N CYS A 2619 -71.75 -40.03 76.72
CA CYS A 2619 -72.86 -40.28 77.62
C CYS A 2619 -72.64 -41.52 78.48
N GLY A 2620 -72.69 -41.31 79.79
CA GLY A 2620 -72.50 -42.42 80.70
C GLY A 2620 -72.59 -42.06 82.15
N SER A 2621 -73.62 -42.61 82.78
CA SER A 2621 -73.96 -42.32 84.15
C SER A 2621 -73.42 -43.38 85.10
N ASP A 2622 -72.62 -42.93 86.05
CA ASP A 2622 -72.06 -43.75 87.10
C ASP A 2622 -71.00 -44.70 86.56
N ASN A 2623 -71.35 -45.51 85.58
CA ASN A 2623 -70.39 -46.45 84.99
C ASN A 2623 -70.38 -46.34 83.50
N LEU A 2624 -69.18 -46.36 82.93
CA LEU A 2624 -69.02 -46.18 81.49
C LEU A 2624 -68.63 -47.48 80.85
N GLN A 2625 -67.58 -48.09 81.37
CA GLN A 2625 -67.07 -49.36 80.82
C GLN A 2625 -66.51 -49.24 79.38
N ILE A 2626 -65.60 -48.28 79.17
CA ILE A 2626 -65.07 -47.99 77.84
C ILE A 2626 -64.79 -49.28 77.10
N VAL A 2627 -63.97 -50.12 77.72
CA VAL A 2627 -63.68 -51.45 77.20
C VAL A 2627 -64.31 -52.53 78.09
N PRO A 2628 -64.27 -53.82 77.65
CA PRO A 2628 -64.93 -54.87 78.43
C PRO A 2628 -64.39 -54.94 79.86
N GLY A 2629 -63.07 -54.88 79.98
CA GLY A 2629 -62.47 -55.05 81.29
C GLY A 2629 -62.53 -53.81 82.18
N VAL A 2630 -62.50 -52.62 81.58
CA VAL A 2630 -62.27 -51.40 82.34
C VAL A 2630 -63.50 -50.55 82.45
N ARG A 2631 -63.81 -50.16 83.68
CA ARG A 2631 -64.94 -49.30 84.01
C ARG A 2631 -64.40 -47.99 84.47
N ILE A 2632 -64.98 -46.90 83.99
CA ILE A 2632 -64.63 -45.62 84.54
C ILE A 2632 -65.80 -45.03 85.31
N PRO A 2633 -65.65 -44.88 86.63
CA PRO A 2633 -66.68 -44.21 87.37
C PRO A 2633 -66.45 -42.70 87.36
N GLN A 2634 -67.56 -41.98 87.44
CA GLN A 2634 -67.56 -40.53 87.49
C GLN A 2634 -66.94 -40.05 88.79
N PRO A 2635 -66.36 -38.84 88.77
CA PRO A 2635 -65.71 -38.26 89.93
C PRO A 2635 -66.45 -38.47 91.26
N LEU A 2636 -65.67 -38.82 92.27
CA LEU A 2636 -66.10 -38.94 93.66
C LEU A 2636 -66.41 -37.58 94.32
N LEU A 2637 -67.18 -37.63 95.42
CA LEU A 2637 -67.64 -36.43 96.13
C LEU A 2637 -66.49 -35.71 96.81
N GLN A 2638 -65.46 -36.49 97.15
CA GLN A 2638 -64.26 -35.97 97.82
C GLN A 2638 -63.70 -34.81 97.00
N GLN A 2639 -63.71 -34.95 95.69
CA GLN A 2639 -63.39 -33.86 94.77
C GLN A 2639 -61.95 -33.41 94.85
N SER A 2640 -61.08 -34.38 95.13
CA SER A 2640 -59.65 -34.17 95.05
C SER A 2640 -59.16 -34.26 93.59
N GLU A 2641 -58.51 -33.19 93.11
CA GLU A 2641 -58.04 -33.18 91.71
C GLU A 2641 -56.71 -33.92 91.53
N GLU A 2642 -55.92 -33.93 92.58
CA GLU A 2642 -54.66 -34.66 92.57
C GLU A 2642 -54.87 -36.18 92.66
N GLU A 2643 -55.85 -36.61 93.49
CA GLU A 2643 -56.29 -38.02 93.71
C GLU A 2643 -56.89 -38.60 92.43
N GLU A 2644 -57.66 -37.77 91.74
CA GLU A 2644 -58.40 -38.23 90.59
C GLU A 2644 -57.49 -38.49 89.40
N ARG A 2645 -56.47 -37.63 89.19
CA ARG A 2645 -55.37 -37.88 88.23
C ARG A 2645 -54.78 -39.26 88.49
N ALA A 2646 -54.35 -39.44 89.74
CA ALA A 2646 -53.74 -40.68 90.20
C ALA A 2646 -54.68 -41.88 90.15
N ARG A 2647 -55.98 -41.64 90.33
CA ARG A 2647 -57.00 -42.69 90.24
C ARG A 2647 -57.17 -43.13 88.80
N LEU A 2648 -57.27 -42.14 87.92
CA LEU A 2648 -57.45 -42.41 86.50
C LEU A 2648 -56.17 -42.93 85.86
N THR A 2649 -55.01 -42.61 86.42
CA THR A 2649 -53.79 -43.22 85.93
C THR A 2649 -53.75 -44.67 86.38
N ALA A 2650 -54.22 -44.89 87.60
CA ALA A 2650 -54.23 -46.22 88.20
C ALA A 2650 -55.12 -47.18 87.45
N ILE A 2651 -56.21 -46.68 86.86
CA ILE A 2651 -57.16 -47.52 86.14
C ILE A 2651 -56.53 -48.06 84.84
N LEU A 2652 -55.60 -47.27 84.29
CA LEU A 2652 -54.81 -47.69 83.14
C LEU A 2652 -53.80 -48.78 83.51
N SER A 2653 -53.12 -48.57 84.65
CA SER A 2653 -52.12 -49.51 85.15
C SER A 2653 -52.70 -50.85 85.61
N ASN A 2654 -53.98 -50.85 85.98
CA ASN A 2654 -54.73 -52.08 86.33
C ASN A 2654 -55.00 -52.99 85.14
N THR A 2655 -55.32 -52.40 83.99
CA THR A 2655 -55.69 -53.17 82.82
C THR A 2655 -54.52 -53.63 81.90
N ILE A 2656 -54.71 -54.79 81.26
CA ILE A 2656 -53.77 -55.34 80.27
C ILE A 2656 -54.59 -55.76 79.04
N GLU A 2657 -54.19 -55.23 77.86
CA GLU A 2657 -54.94 -55.28 76.58
C GLU A 2657 -55.07 -56.70 76.10
N PRO A 2658 -56.31 -57.19 75.82
CA PRO A 2658 -56.50 -58.62 75.50
C PRO A 2658 -55.96 -58.98 74.14
N ALA A 2659 -56.02 -60.27 73.85
CA ALA A 2659 -55.57 -60.85 72.61
C ALA A 2659 -56.42 -60.35 71.45
N ASP A 2660 -57.72 -60.25 71.71
CA ASP A 2660 -58.73 -59.94 70.72
C ASP A 2660 -59.09 -58.44 70.66
N SER A 2661 -58.18 -57.60 71.14
CA SER A 2661 -58.47 -56.18 71.31
C SER A 2661 -59.21 -55.48 70.17
N LEU A 2662 -58.77 -55.70 68.93
CA LEU A 2662 -59.38 -54.97 67.81
C LEU A 2662 -60.86 -55.29 67.62
N SER A 2663 -61.30 -56.45 68.12
CA SER A 2663 -62.70 -56.83 68.04
C SER A 2663 -63.46 -56.62 69.36
N SER A 2664 -62.78 -56.79 70.49
CA SER A 2664 -63.41 -56.63 71.79
C SER A 2664 -63.52 -55.14 72.18
N TRP A 2665 -62.43 -54.40 71.99
CA TRP A 2665 -62.30 -52.99 72.40
C TRP A 2665 -62.96 -52.05 71.42
N LEU A 2666 -62.59 -52.13 70.14
CA LEU A 2666 -63.29 -51.40 69.09
C LEU A 2666 -64.47 -52.30 68.82
N GLN A 2667 -65.68 -51.82 69.05
CA GLN A 2667 -66.80 -52.75 69.19
C GLN A 2667 -67.18 -53.56 67.93
N LEU A 2668 -66.44 -53.35 66.84
CA LEU A 2668 -66.56 -54.10 65.57
C LEU A 2668 -66.34 -55.63 65.67
N PRO A 2669 -67.02 -56.42 64.82
CA PRO A 2669 -67.02 -57.89 65.02
C PRO A 2669 -65.72 -58.56 64.68
N ARG A 2670 -65.56 -59.79 65.20
CA ARG A 2670 -64.33 -60.60 65.07
C ARG A 2670 -64.17 -61.08 63.64
N GLU A 2671 -65.33 -61.34 63.03
CA GLU A 2671 -65.38 -61.85 61.69
C GLU A 2671 -64.91 -60.80 60.69
N SER A 2672 -65.05 -59.51 61.02
CA SER A 2672 -64.52 -58.41 60.20
C SER A 2672 -63.02 -58.33 60.26
N ILE A 2673 -62.46 -58.54 61.44
CA ILE A 2673 -61.02 -58.56 61.61
C ILE A 2673 -60.39 -59.66 60.77
N LEU A 2674 -60.98 -60.86 60.79
CA LEU A 2674 -60.50 -61.98 59.97
C LEU A 2674 -60.59 -61.69 58.48
N ASN A 2675 -61.68 -61.05 58.06
CA ASN A 2675 -61.87 -60.62 56.68
C ASN A 2675 -60.72 -59.71 56.27
N TYR A 2676 -60.34 -58.79 57.16
CA TYR A 2676 -59.21 -57.89 56.92
C TYR A 2676 -57.85 -58.60 56.90
N GLU A 2677 -57.65 -59.50 57.84
CA GLU A 2677 -56.45 -60.31 57.88
C GLU A 2677 -56.28 -61.10 56.58
N ARG A 2678 -57.39 -61.63 56.06
CA ARG A 2678 -57.42 -62.40 54.82
C ARG A 2678 -56.98 -61.54 53.63
N LEU A 2679 -57.44 -60.30 53.61
CA LEU A 2679 -57.18 -59.41 52.48
C LEU A 2679 -55.74 -58.92 52.41
N GLN A 2680 -55.14 -58.60 53.55
CA GLN A 2680 -53.73 -58.22 53.57
C GLN A 2680 -52.82 -59.40 53.28
N ALA A 2681 -53.35 -60.61 53.50
CA ALA A 2681 -52.68 -61.85 53.13
C ALA A 2681 -52.67 -61.95 51.61
N LYS A 2682 -53.88 -61.83 51.04
CA LYS A 2682 -54.08 -61.83 49.60
C LYS A 2682 -53.17 -60.83 48.87
N GLU A 2683 -52.98 -59.65 49.44
CA GLU A 2683 -52.14 -58.62 48.83
C GLU A 2683 -50.64 -59.00 48.78
N VAL A 2684 -50.18 -59.71 49.81
CA VAL A 2684 -48.77 -60.12 49.88
C VAL A 2684 -48.52 -61.29 48.96
N ALA A 2685 -49.41 -62.28 49.06
CA ALA A 2685 -49.41 -63.49 48.23
C ALA A 2685 -49.51 -63.21 46.72
N SER A 2686 -50.33 -62.21 46.35
CA SER A 2686 -50.50 -61.80 44.96
C SER A 2686 -49.23 -61.22 44.42
N SER A 2687 -48.73 -60.20 45.09
CA SER A 2687 -47.58 -59.44 44.63
C SER A 2687 -46.30 -60.29 44.52
N THR A 2688 -46.26 -61.40 45.25
CA THR A 2688 -45.13 -62.33 45.20
C THR A 2688 -45.21 -63.20 43.93
N GLU A 2689 -46.38 -63.79 43.68
CA GLU A 2689 -46.61 -64.56 42.45
C GLU A 2689 -46.31 -63.75 41.21
N GLN A 2690 -46.76 -62.50 41.23
CA GLN A 2690 -46.54 -61.52 40.16
C GLN A 2690 -45.05 -61.34 39.93
N LEU A 2691 -44.30 -61.22 41.03
CA LEU A 2691 -42.85 -61.03 40.99
C LEU A 2691 -42.07 -62.22 40.45
N LEU A 2692 -42.46 -63.43 40.83
CA LEU A 2692 -41.80 -64.67 40.37
C LEU A 2692 -41.91 -64.87 38.84
N GLN A 2693 -43.13 -64.72 38.33
CA GLN A 2693 -43.42 -64.87 36.92
C GLN A 2693 -42.76 -63.81 36.04
N GLU A 2694 -42.57 -62.62 36.59
CA GLU A 2694 -41.91 -61.52 35.90
C GLU A 2694 -40.41 -61.76 35.62
N MET A 2695 -39.78 -62.70 36.35
CA MET A 2695 -38.35 -63.00 36.19
C MET A 2695 -38.06 -64.43 35.78
N SER B 1 -22.24 0.41 -46.65
CA SER B 1 -20.90 0.65 -46.03
C SER B 1 -20.92 0.28 -44.55
N PRO B 2 -20.08 -0.69 -44.15
CA PRO B 2 -19.87 -1.14 -42.76
C PRO B 2 -19.50 0.02 -41.84
N ILE B 3 -19.72 -0.15 -40.53
CA ILE B 3 -19.54 0.94 -39.57
C ILE B 3 -18.65 0.55 -38.39
N LEU B 4 -17.56 1.29 -38.23
CA LEU B 4 -16.57 1.03 -37.18
C LEU B 4 -16.53 2.17 -36.18
N GLY B 5 -16.86 1.88 -34.92
CA GLY B 5 -16.91 2.89 -33.86
C GLY B 5 -15.78 2.78 -32.85
N TYR B 6 -15.08 3.90 -32.65
CA TYR B 6 -13.97 3.97 -31.69
C TYR B 6 -13.62 5.41 -31.32
N TRP B 7 -12.84 5.57 -30.25
CA TRP B 7 -12.36 6.89 -29.85
C TRP B 7 -11.42 7.42 -30.94
N LYS B 8 -11.35 8.75 -31.06
CA LYS B 8 -10.41 9.38 -31.96
C LYS B 8 -9.04 9.44 -31.27
N ILE B 9 -8.52 8.25 -31.01
CA ILE B 9 -7.16 8.08 -30.53
C ILE B 9 -6.61 6.84 -31.24
N LYS B 10 -5.29 6.79 -31.36
CA LYS B 10 -4.65 5.75 -32.15
C LYS B 10 -4.96 4.36 -31.61
N GLY B 11 -4.65 4.17 -30.33
CA GLY B 11 -4.85 2.88 -29.66
C GLY B 11 -4.59 1.68 -30.54
N LEU B 12 -5.47 0.69 -30.41
CA LEU B 12 -5.30 -0.59 -31.07
C LEU B 12 -5.91 -0.64 -32.48
N VAL B 13 -6.48 0.48 -32.94
CA VAL B 13 -7.20 0.48 -34.22
C VAL B 13 -6.53 1.22 -35.39
N GLN B 14 -5.50 2.01 -35.12
CA GLN B 14 -4.86 2.84 -36.16
C GLN B 14 -4.43 2.06 -37.41
N PRO B 15 -3.60 1.01 -37.22
CA PRO B 15 -3.17 0.23 -38.37
C PRO B 15 -4.38 -0.26 -39.14
N THR B 16 -5.34 -0.88 -38.45
CA THR B 16 -6.59 -1.33 -39.07
C THR B 16 -7.22 -0.27 -39.96
N ARG B 17 -7.44 0.94 -39.44
CA ARG B 17 -7.97 2.04 -40.25
C ARG B 17 -7.18 2.21 -41.55
N LEU B 18 -5.86 2.14 -41.47
CA LEU B 18 -5.00 2.25 -42.65
C LEU B 18 -5.25 1.09 -43.62
N LEU B 19 -5.13 -0.14 -43.12
CA LEU B 19 -5.39 -1.34 -43.90
C LEU B 19 -6.69 -1.20 -44.67
N LEU B 20 -7.79 -0.93 -43.98
CA LEU B 20 -9.08 -0.70 -44.64
C LEU B 20 -8.89 0.25 -45.81
N GLU B 21 -8.33 1.43 -45.54
CA GLU B 21 -8.10 2.43 -46.58
C GLU B 21 -7.15 1.92 -47.68
N TYR B 22 -6.23 1.04 -47.28
CA TYR B 22 -5.28 0.44 -48.23
C TYR B 22 -6.00 -0.44 -49.24
N LEU B 23 -6.88 -1.30 -48.75
CA LEU B 23 -7.73 -2.11 -49.61
C LEU B 23 -8.65 -1.20 -50.40
N GLU B 24 -9.06 -0.10 -49.76
CA GLU B 24 -10.10 0.76 -50.29
C GLU B 24 -11.44 0.11 -49.94
N GLU B 25 -11.36 -0.96 -49.16
CA GLU B 25 -12.51 -1.69 -48.67
C GLU B 25 -13.47 -0.73 -47.96
N LYS B 26 -14.74 -0.75 -48.38
CA LYS B 26 -15.73 0.28 -48.02
C LYS B 26 -16.16 0.22 -46.56
N TYR B 27 -16.29 1.40 -45.95
CA TYR B 27 -16.73 1.56 -44.55
C TYR B 27 -16.82 3.04 -44.18
N GLU B 28 -17.42 3.30 -43.04
CA GLU B 28 -17.41 4.61 -42.41
C GLU B 28 -16.99 4.44 -40.96
N GLU B 29 -16.31 5.45 -40.43
CA GLU B 29 -15.88 5.43 -39.03
C GLU B 29 -16.67 6.42 -38.20
N HIS B 30 -17.02 6.01 -36.99
CA HIS B 30 -17.68 6.86 -36.03
C HIS B 30 -16.65 7.19 -34.97
N LEU B 31 -16.09 8.38 -35.07
CA LEU B 31 -15.02 8.82 -34.17
C LEU B 31 -15.54 9.61 -32.96
N TYR B 32 -15.32 9.05 -31.77
CA TYR B 32 -15.77 9.67 -30.52
C TYR B 32 -14.70 10.61 -29.97
N GLU B 33 -15.08 11.89 -29.85
CA GLU B 33 -14.19 12.96 -29.41
C GLU B 33 -13.72 12.78 -27.97
N ARG B 34 -12.84 13.69 -27.51
CA ARG B 34 -12.28 13.63 -26.16
C ARG B 34 -13.33 13.61 -25.04
N ASP B 35 -14.41 14.38 -25.20
CA ASP B 35 -15.41 14.55 -24.14
C ASP B 35 -16.64 13.64 -24.20
N GLU B 36 -16.62 12.64 -25.09
CA GLU B 36 -17.80 11.83 -25.39
C GLU B 36 -17.86 10.54 -24.56
N GLY B 37 -17.29 10.54 -23.36
CA GLY B 37 -17.29 9.36 -22.49
C GLY B 37 -18.68 8.86 -22.17
N ASP B 38 -19.65 9.75 -22.31
CA ASP B 38 -21.05 9.41 -22.06
C ASP B 38 -21.63 8.68 -23.26
N LYS B 39 -21.54 9.30 -24.42
CA LYS B 39 -22.18 8.77 -25.61
C LYS B 39 -21.79 7.30 -25.74
N TRP B 40 -20.55 6.98 -25.38
CA TRP B 40 -20.09 5.61 -25.46
C TRP B 40 -20.90 4.70 -24.55
N ARG B 41 -20.91 5.03 -23.26
CA ARG B 41 -21.70 4.27 -22.28
C ARG B 41 -23.16 4.24 -22.71
N ASN B 42 -23.56 5.22 -23.53
CA ASN B 42 -24.90 5.26 -24.09
C ASN B 42 -25.10 4.20 -25.17
N LYS B 43 -24.04 3.89 -25.91
CA LYS B 43 -24.11 2.93 -27.02
C LYS B 43 -23.27 1.68 -26.76
N LYS B 44 -22.67 1.63 -25.57
CA LYS B 44 -21.89 0.46 -25.17
C LYS B 44 -22.63 -0.86 -25.45
N PHE B 45 -23.95 -0.86 -25.26
CA PHE B 45 -24.76 -2.05 -25.48
C PHE B 45 -25.69 -1.99 -26.70
N GLU B 46 -25.73 -0.84 -27.38
CA GLU B 46 -26.65 -0.64 -28.49
C GLU B 46 -25.93 -0.69 -29.84
N LEU B 47 -24.94 -1.57 -29.91
CA LEU B 47 -24.19 -1.81 -31.14
C LEU B 47 -24.36 -3.26 -31.62
N GLY B 48 -24.92 -4.09 -30.74
CA GLY B 48 -25.19 -5.51 -31.02
C GLY B 48 -23.94 -6.30 -31.33
N LEU B 49 -22.93 -6.17 -30.47
CA LEU B 49 -21.63 -6.76 -30.70
C LEU B 49 -21.46 -8.08 -29.97
N GLU B 50 -20.69 -9.00 -30.55
CA GLU B 50 -20.41 -10.31 -29.93
C GLU B 50 -19.60 -10.24 -28.62
N PHE B 51 -18.89 -9.13 -28.42
CA PHE B 51 -18.23 -8.83 -27.15
C PHE B 51 -18.36 -7.34 -26.85
N PRO B 52 -19.57 -6.91 -26.42
CA PRO B 52 -19.83 -5.47 -26.28
C PRO B 52 -18.70 -4.75 -25.55
N ASN B 53 -18.26 -3.66 -26.16
CA ASN B 53 -17.10 -2.90 -25.71
C ASN B 53 -16.75 -1.87 -26.78
N LEU B 54 -15.60 -1.22 -26.66
CA LEU B 54 -15.11 -0.33 -27.72
C LEU B 54 -13.69 -0.70 -28.13
N PRO B 55 -13.44 -0.75 -29.43
CA PRO B 55 -14.34 -0.39 -30.52
C PRO B 55 -15.31 -1.50 -30.94
N TYR B 56 -16.37 -1.13 -31.67
CA TYR B 56 -17.29 -2.11 -32.27
C TYR B 56 -17.53 -1.87 -33.76
N TYR B 57 -17.60 -2.97 -34.51
CA TYR B 57 -17.79 -2.91 -35.95
C TYR B 57 -19.01 -3.73 -36.32
N ILE B 58 -19.79 -3.23 -37.27
CA ILE B 58 -21.03 -3.88 -37.66
C ILE B 58 -21.39 -3.63 -39.12
N ASP B 59 -21.67 -4.72 -39.83
CA ASP B 59 -22.13 -4.65 -41.21
C ASP B 59 -23.49 -5.32 -41.33
N GLY B 60 -23.58 -6.33 -42.20
CA GLY B 60 -24.79 -7.14 -42.34
C GLY B 60 -24.83 -8.25 -41.31
N ASP B 61 -25.06 -7.87 -40.05
CA ASP B 61 -24.99 -8.78 -38.92
C ASP B 61 -23.62 -9.44 -38.81
N VAL B 62 -22.60 -8.71 -39.25
CA VAL B 62 -21.20 -9.09 -39.06
C VAL B 62 -20.81 -8.28 -37.85
N LYS B 63 -20.83 -8.95 -36.71
CA LYS B 63 -20.74 -8.25 -35.46
C LYS B 63 -19.37 -8.46 -34.84
N LEU B 64 -18.65 -7.35 -34.64
CA LEU B 64 -17.30 -7.41 -34.10
C LEU B 64 -16.96 -6.42 -32.98
N THR B 65 -16.18 -6.93 -32.05
CA THR B 65 -15.47 -6.13 -31.07
C THR B 65 -14.12 -6.82 -30.95
N GLN B 66 -13.09 -6.08 -30.50
CA GLN B 66 -11.73 -6.61 -30.40
C GLN B 66 -10.92 -6.36 -31.69
N SER B 67 -9.92 -5.48 -31.59
CA SER B 67 -9.11 -5.05 -32.74
C SER B 67 -8.71 -6.18 -33.69
N MET B 68 -8.26 -7.29 -33.13
CA MET B 68 -7.75 -8.39 -33.92
C MET B 68 -8.85 -9.12 -34.67
N ALA B 69 -9.91 -9.48 -33.95
CA ALA B 69 -11.06 -10.16 -34.54
C ALA B 69 -11.62 -9.31 -35.68
N ILE B 70 -11.63 -8.00 -35.50
CA ILE B 70 -12.15 -7.09 -36.51
C ILE B 70 -11.27 -7.11 -37.76
N ILE B 71 -10.02 -6.68 -37.61
CA ILE B 71 -9.08 -6.62 -38.74
C ILE B 71 -9.08 -7.95 -39.51
N ARG B 72 -8.94 -9.05 -38.78
CA ARG B 72 -8.92 -10.38 -39.39
C ARG B 72 -10.18 -10.64 -40.22
N TYR B 73 -11.33 -10.18 -39.71
CA TYR B 73 -12.60 -10.34 -40.43
C TYR B 73 -12.52 -9.69 -41.80
N ILE B 74 -12.32 -8.38 -41.84
CA ILE B 74 -12.19 -7.67 -43.10
C ILE B 74 -11.19 -8.42 -43.99
N ALA B 75 -10.07 -8.82 -43.41
CA ALA B 75 -9.04 -9.55 -44.14
C ALA B 75 -9.56 -10.87 -44.70
N ASP B 76 -10.27 -11.62 -43.86
CA ASP B 76 -10.81 -12.94 -44.22
C ASP B 76 -11.91 -12.84 -45.26
N LYS B 77 -12.67 -11.76 -45.21
CA LYS B 77 -13.74 -11.53 -46.18
C LYS B 77 -13.16 -11.31 -47.58
N HIS B 78 -11.83 -11.24 -47.66
CA HIS B 78 -11.13 -11.08 -48.94
C HIS B 78 -10.06 -12.15 -49.15
N ASN B 79 -10.13 -13.22 -48.36
CA ASN B 79 -9.11 -14.27 -48.37
C ASN B 79 -7.72 -13.62 -48.38
N MET B 80 -7.35 -13.04 -47.23
CA MET B 80 -6.06 -12.38 -47.06
C MET B 80 -5.31 -12.82 -45.78
N LEU B 81 -6.00 -13.55 -44.92
CA LEU B 81 -5.45 -14.02 -43.65
C LEU B 81 -4.45 -15.15 -43.82
N GLY B 82 -4.41 -15.73 -45.02
CA GLY B 82 -3.53 -16.86 -45.29
C GLY B 82 -4.32 -18.00 -45.90
N GLY B 83 -3.62 -18.95 -46.49
CA GLY B 83 -4.26 -20.02 -47.23
C GLY B 83 -4.59 -21.26 -46.41
N CYS B 84 -3.70 -21.59 -45.49
CA CYS B 84 -3.85 -22.79 -44.67
C CYS B 84 -2.98 -22.65 -43.43
N PRO B 85 -2.97 -23.68 -42.57
CA PRO B 85 -2.26 -23.74 -41.31
C PRO B 85 -0.98 -22.90 -41.32
N LYS B 86 0.01 -23.33 -42.10
CA LYS B 86 1.34 -22.71 -42.11
C LYS B 86 1.32 -21.21 -42.47
N GLU B 87 0.75 -20.86 -43.63
CA GLU B 87 0.74 -19.45 -44.07
C GLU B 87 -0.19 -18.60 -43.21
N ARG B 88 -1.20 -19.26 -42.63
CA ARG B 88 -2.16 -18.57 -41.77
C ARG B 88 -1.55 -18.34 -40.41
N ALA B 89 -0.79 -19.32 -39.92
CA ALA B 89 -0.10 -19.19 -38.64
C ALA B 89 1.04 -18.18 -38.74
N GLU B 90 1.66 -18.06 -39.92
CA GLU B 90 2.72 -17.10 -40.16
C GLU B 90 2.19 -15.67 -40.04
N ILE B 91 1.05 -15.46 -40.67
CA ILE B 91 0.40 -14.16 -40.63
C ILE B 91 -0.13 -13.85 -39.23
N SER B 92 -0.46 -14.89 -38.46
CA SER B 92 -0.94 -14.73 -37.09
C SER B 92 0.21 -14.46 -36.15
N MET B 93 1.39 -15.00 -36.46
CA MET B 93 2.59 -14.73 -35.70
C MET B 93 2.96 -13.27 -35.83
N LEU B 94 2.70 -12.67 -36.99
CA LEU B 94 2.89 -11.24 -37.16
C LEU B 94 1.90 -10.48 -36.28
N GLU B 95 0.63 -10.91 -36.35
CA GLU B 95 -0.42 -10.37 -35.51
C GLU B 95 0.01 -10.39 -34.04
N GLY B 96 0.44 -11.56 -33.60
CA GLY B 96 0.90 -11.80 -32.24
C GLY B 96 2.02 -10.88 -31.79
N ALA B 97 3.10 -10.82 -32.55
CA ALA B 97 4.24 -9.96 -32.21
C ALA B 97 3.89 -8.48 -32.17
N VAL B 98 2.93 -8.05 -33.00
CA VAL B 98 2.44 -6.67 -32.94
C VAL B 98 1.72 -6.41 -31.62
N LEU B 99 0.90 -7.37 -31.20
CA LEU B 99 0.18 -7.27 -29.92
C LEU B 99 1.13 -7.38 -28.72
N ASP B 100 2.21 -8.14 -28.88
CA ASP B 100 3.19 -8.26 -27.81
C ASP B 100 3.90 -6.92 -27.58
N ILE B 101 3.59 -5.95 -28.44
CA ILE B 101 4.09 -4.58 -28.31
C ILE B 101 2.96 -3.68 -27.83
N ARG B 102 1.81 -3.73 -28.50
CA ARG B 102 0.65 -2.96 -28.07
C ARG B 102 0.22 -3.30 -26.64
N TYR B 103 0.24 -4.59 -26.29
CA TYR B 103 -0.12 -5.04 -24.92
C TYR B 103 0.97 -4.70 -23.90
N GLY B 104 2.22 -4.91 -24.31
CA GLY B 104 3.35 -4.56 -23.47
C GLY B 104 3.21 -3.15 -22.95
N VAL B 105 2.71 -2.26 -23.81
CA VAL B 105 2.46 -0.87 -23.44
C VAL B 105 1.44 -0.79 -22.32
N SER B 106 0.26 -1.38 -22.53
CA SER B 106 -0.86 -1.30 -21.56
C SER B 106 -0.59 -1.88 -20.16
N ARG B 107 0.29 -2.88 -20.08
CA ARG B 107 0.64 -3.47 -18.78
C ARG B 107 1.42 -2.53 -17.86
N ILE B 108 2.19 -1.60 -18.42
CA ILE B 108 2.92 -0.62 -17.61
C ILE B 108 2.38 0.81 -17.79
N ALA B 109 1.19 0.91 -18.39
CA ALA B 109 0.58 2.22 -18.68
C ALA B 109 -0.31 2.79 -17.59
N TYR B 110 -0.93 1.91 -16.80
CA TYR B 110 -1.75 2.35 -15.68
C TYR B 110 -0.89 2.66 -14.45
N SER B 111 0.31 2.10 -14.42
CA SER B 111 1.20 2.21 -13.27
C SER B 111 1.59 3.65 -12.96
N LYS B 112 1.66 3.92 -11.66
CA LYS B 112 2.08 5.19 -11.10
C LYS B 112 3.59 5.32 -11.28
N ASP B 113 4.28 4.20 -11.35
CA ASP B 113 5.74 4.23 -11.37
C ASP B 113 6.33 4.33 -12.78
N PHE B 114 5.47 4.50 -13.78
CA PHE B 114 5.86 4.27 -15.18
C PHE B 114 7.23 4.83 -15.60
N GLU B 115 7.53 6.07 -15.18
CA GLU B 115 8.83 6.74 -15.49
C GLU B 115 10.07 5.93 -15.01
N THR B 116 9.85 4.89 -14.19
CA THR B 116 10.97 4.07 -13.69
C THR B 116 10.90 2.62 -14.19
N LEU B 117 9.71 2.20 -14.62
CA LEU B 117 9.44 0.81 -14.97
C LEU B 117 9.84 0.49 -16.40
N LYS B 118 9.69 1.50 -17.27
CA LYS B 118 10.00 1.37 -18.69
C LYS B 118 11.43 0.86 -18.87
N VAL B 119 12.31 1.22 -17.94
CA VAL B 119 13.71 0.80 -17.95
C VAL B 119 13.86 -0.71 -18.05
N ASP B 120 13.13 -1.43 -17.22
CA ASP B 120 13.24 -2.89 -17.23
C ASP B 120 12.45 -3.51 -18.39
N PHE B 121 11.51 -2.75 -18.96
CA PHE B 121 10.72 -3.22 -20.10
C PHE B 121 11.55 -3.16 -21.38
N LEU B 122 12.24 -2.03 -21.54
CA LEU B 122 13.10 -1.77 -22.69
C LEU B 122 14.33 -2.68 -22.74
N SER B 123 14.68 -3.25 -21.59
CA SER B 123 15.79 -4.20 -21.51
C SER B 123 15.35 -5.56 -22.06
N LYS B 124 14.10 -5.94 -21.82
CA LYS B 124 13.56 -7.20 -22.32
C LYS B 124 13.17 -7.08 -23.81
N LEU B 125 12.70 -5.89 -24.16
CA LEU B 125 12.16 -5.56 -25.49
C LEU B 125 13.01 -6.05 -26.66
N PRO B 126 14.35 -5.91 -26.54
CA PRO B 126 15.33 -6.31 -27.55
C PRO B 126 15.03 -7.71 -28.09
N GLU B 127 14.97 -8.68 -27.19
CA GLU B 127 14.70 -10.09 -27.53
C GLU B 127 13.49 -10.26 -28.45
N MET B 128 12.45 -9.47 -28.18
CA MET B 128 11.23 -9.54 -28.97
C MET B 128 11.40 -8.84 -30.32
N LEU B 129 11.93 -7.62 -30.27
CA LEU B 129 12.14 -6.80 -31.46
C LEU B 129 13.03 -7.52 -32.48
N LYS B 130 14.09 -8.15 -31.97
CA LYS B 130 15.06 -8.86 -32.81
C LYS B 130 14.37 -9.77 -33.83
N MET B 131 13.51 -10.65 -33.35
CA MET B 131 12.78 -11.59 -34.20
C MET B 131 12.18 -10.90 -35.43
N PHE B 132 11.64 -9.69 -35.23
CA PHE B 132 11.04 -8.91 -36.30
C PHE B 132 12.07 -8.31 -37.25
N GLU B 133 13.20 -7.90 -36.70
CA GLU B 133 14.29 -7.33 -37.50
C GLU B 133 14.81 -8.37 -38.49
N ASP B 134 14.91 -9.61 -38.02
CA ASP B 134 15.36 -10.73 -38.83
C ASP B 134 14.35 -11.02 -39.93
N ARG B 135 13.11 -11.29 -39.53
CA ARG B 135 12.03 -11.54 -40.47
C ARG B 135 12.07 -10.52 -41.61
N LEU B 136 12.44 -9.28 -41.27
CA LEU B 136 12.46 -8.19 -42.25
C LEU B 136 13.69 -8.17 -43.18
N CYS B 137 14.63 -9.09 -42.93
CA CYS B 137 15.86 -9.20 -43.72
C CYS B 137 15.59 -10.05 -44.95
N HIS B 138 15.81 -9.46 -46.12
CA HIS B 138 15.61 -10.14 -47.41
C HIS B 138 14.14 -10.34 -47.76
N LYS B 139 13.25 -9.72 -46.98
CA LYS B 139 11.81 -9.75 -47.25
C LYS B 139 11.25 -8.34 -47.25
N THR B 140 10.20 -8.14 -48.04
CA THR B 140 9.58 -6.84 -48.27
C THR B 140 8.56 -6.52 -47.18
N TYR B 141 7.90 -7.57 -46.71
CA TYR B 141 6.93 -7.49 -45.63
C TYR B 141 7.11 -8.75 -44.79
N LEU B 142 6.67 -8.73 -43.53
CA LEU B 142 6.62 -9.96 -42.75
C LEU B 142 5.76 -10.94 -43.53
N ASN B 143 6.02 -12.22 -43.39
CA ASN B 143 5.31 -13.21 -44.18
C ASN B 143 5.35 -12.89 -45.69
N GLY B 144 6.55 -12.64 -46.21
CA GLY B 144 6.81 -12.69 -47.66
C GLY B 144 7.06 -11.47 -48.53
N ASP B 145 7.11 -11.72 -49.84
CA ASP B 145 7.35 -10.71 -50.86
C ASP B 145 6.06 -10.03 -51.32
N HIS B 146 4.92 -10.60 -50.93
CA HIS B 146 3.61 -9.98 -51.14
C HIS B 146 3.11 -9.32 -49.85
N VAL B 147 2.67 -8.07 -49.98
CA VAL B 147 2.36 -7.22 -48.83
C VAL B 147 1.18 -7.72 -48.01
N THR B 148 1.38 -7.77 -46.70
CA THR B 148 0.33 -8.20 -45.77
C THR B 148 -0.03 -7.05 -44.84
N HIS B 149 -1.06 -7.27 -44.02
CA HIS B 149 -1.50 -6.28 -43.03
C HIS B 149 -0.41 -5.99 -41.99
N PRO B 150 0.39 -7.01 -41.66
CA PRO B 150 1.54 -6.84 -40.78
C PRO B 150 2.45 -5.67 -41.15
N ASP B 151 2.51 -5.28 -42.43
CA ASP B 151 3.38 -4.16 -42.85
C ASP B 151 2.82 -2.85 -42.33
N PHE B 152 1.50 -2.75 -42.27
CA PHE B 152 0.82 -1.55 -41.78
C PHE B 152 0.81 -1.53 -40.25
N MET B 153 1.00 -2.71 -39.66
CA MET B 153 1.09 -2.86 -38.21
C MET B 153 2.46 -2.35 -37.78
N LEU B 154 3.52 -2.91 -38.35
CA LEU B 154 4.90 -2.54 -38.03
C LEU B 154 5.13 -1.04 -38.17
N TYR B 155 4.50 -0.44 -39.17
CA TYR B 155 4.59 1.00 -39.43
C TYR B 155 4.05 1.82 -38.25
N ASP B 156 2.90 1.39 -37.75
CA ASP B 156 2.23 2.05 -36.64
C ASP B 156 3.05 1.83 -35.38
N ALA B 157 3.46 0.58 -35.17
CA ALA B 157 4.28 0.21 -34.02
C ALA B 157 5.50 1.11 -33.98
N LEU B 158 6.28 1.12 -35.06
CA LEU B 158 7.53 1.90 -35.11
C LEU B 158 7.31 3.38 -34.82
N ASP B 159 6.26 3.94 -35.41
CA ASP B 159 5.84 5.32 -35.12
C ASP B 159 5.54 5.51 -33.63
N VAL B 160 4.95 4.50 -32.99
CA VAL B 160 4.52 4.60 -31.60
C VAL B 160 5.65 4.35 -30.60
N VAL B 161 6.51 3.37 -30.87
CA VAL B 161 7.57 3.02 -29.93
C VAL B 161 8.67 4.07 -29.88
N LEU B 162 8.77 4.89 -30.92
CA LEU B 162 9.78 5.95 -30.96
C LEU B 162 9.45 7.09 -29.99
N TYR B 163 8.16 7.27 -29.73
CA TYR B 163 7.67 8.27 -28.78
C TYR B 163 7.97 7.79 -27.37
N MET B 164 7.81 6.48 -27.15
CA MET B 164 8.06 5.85 -25.86
C MET B 164 9.55 5.77 -25.56
N ASP B 165 10.32 5.49 -26.61
CA ASP B 165 11.77 5.59 -26.61
C ASP B 165 12.16 6.20 -27.95
N PRO B 166 12.92 7.29 -27.90
CA PRO B 166 13.49 7.91 -29.08
C PRO B 166 14.58 7.06 -29.77
N MET B 167 15.25 6.16 -29.03
CA MET B 167 16.32 5.32 -29.63
C MET B 167 15.91 3.88 -29.97
N CYS B 168 14.67 3.49 -29.68
CA CYS B 168 14.25 2.10 -29.84
C CYS B 168 14.33 1.59 -31.27
N LEU B 169 14.10 2.44 -32.27
CA LEU B 169 14.09 1.99 -33.67
C LEU B 169 15.41 2.18 -34.41
N ASP B 170 16.22 3.14 -33.96
CA ASP B 170 17.50 3.46 -34.60
C ASP B 170 18.36 2.21 -34.83
N ALA B 171 18.19 1.22 -33.96
CA ALA B 171 18.93 -0.04 -34.05
C ALA B 171 18.24 -1.06 -34.96
N PHE B 172 17.10 -0.64 -35.52
CA PHE B 172 16.39 -1.43 -36.52
C PHE B 172 16.07 -0.52 -37.69
N PRO B 173 17.09 -0.26 -38.54
CA PRO B 173 16.86 0.58 -39.71
C PRO B 173 15.93 -0.11 -40.69
N LYS B 174 15.87 -1.45 -40.63
CA LYS B 174 15.00 -2.24 -41.50
C LYS B 174 13.53 -1.95 -41.25
N LEU B 175 13.21 -1.53 -40.02
CA LEU B 175 11.84 -1.20 -39.65
C LEU B 175 11.56 0.26 -39.98
N VAL B 176 12.55 1.12 -39.73
CA VAL B 176 12.45 2.54 -40.08
C VAL B 176 12.11 2.64 -41.54
N CYS B 177 12.65 1.69 -42.31
CA CYS B 177 12.40 1.61 -43.74
C CYS B 177 10.96 1.18 -43.96
N PHE B 178 10.63 -0.01 -43.48
CA PHE B 178 9.32 -0.59 -43.75
C PHE B 178 8.28 0.47 -43.44
N LYS B 179 8.55 1.26 -42.40
CA LYS B 179 7.63 2.31 -41.99
C LYS B 179 7.44 3.35 -43.10
N LYS B 180 8.54 3.87 -43.65
CA LYS B 180 8.48 4.85 -44.72
C LYS B 180 7.88 4.25 -45.99
N ARG B 181 8.21 2.98 -46.20
CA ARG B 181 7.67 2.23 -47.34
C ARG B 181 6.16 2.24 -47.30
N ILE B 182 5.59 1.82 -46.18
CA ILE B 182 4.14 1.80 -46.02
C ILE B 182 3.57 3.17 -46.27
N GLU B 183 4.13 4.18 -45.60
CA GLU B 183 3.69 5.56 -45.76
C GLU B 183 3.75 6.02 -47.22
N ALA B 184 4.52 5.31 -48.03
CA ALA B 184 4.67 5.62 -49.45
C ALA B 184 3.50 5.11 -50.32
N ILE B 185 2.88 4.00 -49.90
CA ILE B 185 1.74 3.43 -50.62
C ILE B 185 0.65 4.49 -50.79
N PRO B 186 0.32 4.82 -52.04
CA PRO B 186 -0.55 5.96 -52.35
C PRO B 186 -1.83 6.03 -51.52
N GLN B 187 -2.53 4.90 -51.34
CA GLN B 187 -3.76 4.89 -50.56
C GLN B 187 -3.49 5.26 -49.10
N ILE B 188 -2.49 4.62 -48.51
CA ILE B 188 -2.06 4.90 -47.14
C ILE B 188 -1.65 6.36 -46.93
N ASP B 189 -0.71 6.84 -47.74
CA ASP B 189 -0.24 8.24 -47.69
C ASP B 189 -1.39 9.25 -47.83
N LYS B 190 -2.35 8.94 -48.70
CA LYS B 190 -3.53 9.78 -48.88
C LYS B 190 -4.37 9.79 -47.60
N TYR B 191 -4.34 8.66 -46.90
CA TYR B 191 -5.07 8.48 -45.65
C TYR B 191 -4.45 9.30 -44.52
N LEU B 192 -3.15 9.11 -44.28
CA LEU B 192 -2.43 9.84 -43.23
C LEU B 192 -2.66 11.34 -43.35
N LYS B 193 -2.86 11.83 -44.57
CA LYS B 193 -3.10 13.25 -44.79
C LYS B 193 -4.59 13.59 -44.67
N SER B 194 -5.43 12.57 -44.64
CA SER B 194 -6.89 12.74 -44.59
C SER B 194 -7.39 13.09 -43.19
N SER B 195 -8.69 13.39 -43.12
CA SER B 195 -9.35 13.77 -41.88
C SER B 195 -9.55 12.58 -40.93
N LYS B 196 -9.67 11.37 -41.48
CA LYS B 196 -9.89 10.15 -40.69
C LYS B 196 -8.69 9.78 -39.81
N TYR B 197 -7.53 10.32 -40.12
CA TYR B 197 -6.31 9.97 -39.39
C TYR B 197 -6.25 10.66 -38.04
N ILE B 198 -6.11 9.87 -36.98
CA ILE B 198 -5.93 10.41 -35.64
C ILE B 198 -4.44 10.59 -35.35
N ALA B 199 -3.99 11.84 -35.30
CA ALA B 199 -2.58 12.15 -35.08
C ALA B 199 -2.07 11.89 -33.65
N TRP B 200 -2.97 11.94 -32.66
CA TRP B 200 -2.68 11.73 -31.23
C TRP B 200 -3.96 11.86 -30.40
N PRO B 201 -3.99 11.30 -29.16
CA PRO B 201 -3.08 10.56 -28.30
C PRO B 201 -2.91 9.10 -28.72
N LEU B 202 -2.03 8.40 -28.02
CA LEU B 202 -1.69 7.02 -28.34
C LEU B 202 -2.64 6.07 -27.64
N GLN B 203 -2.94 6.35 -26.38
CA GLN B 203 -3.91 5.55 -25.62
C GLN B 203 -5.15 6.38 -25.29
N GLY B 204 -6.04 5.81 -24.48
CA GLY B 204 -7.15 6.56 -23.92
C GLY B 204 -6.60 7.68 -23.06
N TRP B 205 -7.21 8.86 -23.15
CA TRP B 205 -6.69 10.03 -22.47
C TRP B 205 -6.28 9.69 -21.04
N GLN B 206 -7.09 8.84 -20.40
CA GLN B 206 -6.89 8.46 -19.00
C GLN B 206 -5.53 7.81 -18.71
N ALA B 207 -4.96 7.13 -19.71
CA ALA B 207 -3.72 6.36 -19.51
C ALA B 207 -2.55 7.24 -19.04
N THR B 208 -1.64 6.67 -18.23
CA THR B 208 -0.44 7.42 -17.84
C THR B 208 0.43 7.55 -19.09
N PHE B 209 0.76 6.43 -19.72
CA PHE B 209 1.48 6.44 -21.00
C PHE B 209 0.61 6.95 -22.16
N GLY B 210 1.20 7.79 -23.02
CA GLY B 210 0.53 8.33 -24.21
C GLY B 210 -0.91 8.81 -24.05
N GLY B 211 -1.19 9.49 -22.94
CA GLY B 211 -2.51 10.08 -22.70
C GLY B 211 -2.59 11.58 -22.99
N GLY B 212 -3.50 12.27 -22.31
CA GLY B 212 -3.61 13.73 -22.38
C GLY B 212 -4.02 14.31 -23.72
N ASP B 213 -4.67 15.47 -23.68
CA ASP B 213 -5.18 16.11 -24.87
C ASP B 213 -4.31 17.31 -25.26
N HIS B 214 -3.25 17.54 -24.47
CA HIS B 214 -2.47 18.76 -24.61
C HIS B 214 -1.35 18.70 -25.65
N PRO B 215 -1.72 18.72 -26.94
CA PRO B 215 -0.71 18.67 -28.01
C PRO B 215 0.45 19.64 -27.74
N PRO B 216 1.68 19.16 -27.89
CA PRO B 216 2.93 19.77 -27.49
C PRO B 216 3.63 20.55 -28.60
N PHE B 221 7.63 20.32 -24.95
CA PHE B 221 7.45 19.45 -23.79
C PHE B 221 8.73 18.78 -23.42
N VAL B 222 9.03 18.87 -22.14
CA VAL B 222 10.28 18.37 -21.58
C VAL B 222 10.23 18.55 -20.08
N ILE B 223 9.09 19.02 -19.55
CA ILE B 223 8.95 19.24 -18.12
C ILE B 223 8.92 17.92 -17.37
N GLU B 224 8.23 16.93 -17.94
CA GLU B 224 8.12 15.60 -17.33
C GLU B 224 9.37 14.75 -17.56
N LYS B 225 9.86 14.76 -18.80
CA LYS B 225 11.09 14.06 -19.20
C LYS B 225 12.30 14.41 -18.32
N SER B 226 12.42 15.69 -17.97
CA SER B 226 13.47 16.18 -17.08
C SER B 226 13.23 15.80 -15.61
N LEU B 227 12.01 16.05 -15.12
CA LEU B 227 11.64 15.72 -13.74
C LEU B 227 11.72 14.23 -13.40
N ASN B 228 11.52 13.38 -14.41
CA ASN B 228 11.74 11.93 -14.28
C ASN B 228 13.22 11.62 -14.09
N ARG B 229 14.08 12.32 -14.83
CA ARG B 229 15.55 12.21 -14.71
C ARG B 229 16.09 12.80 -13.40
N ILE B 230 15.38 13.78 -12.85
CA ILE B 230 15.75 14.39 -11.57
C ILE B 230 15.44 13.42 -10.44
N LYS B 231 14.21 12.92 -10.38
CA LYS B 231 13.82 11.96 -9.37
C LYS B 231 14.61 10.67 -9.46
N LYS B 232 14.91 10.20 -10.67
CA LYS B 232 15.76 9.01 -10.91
C LYS B 232 17.17 9.19 -10.33
N PHE B 233 17.72 10.39 -10.50
CA PHE B 233 19.03 10.78 -10.01
C PHE B 233 19.10 10.80 -8.48
N TRP B 234 18.02 11.17 -7.83
CA TRP B 234 18.03 11.30 -6.37
C TRP B 234 17.67 10.00 -5.64
N LYS B 235 17.29 8.97 -6.39
CA LYS B 235 17.09 7.61 -5.85
C LYS B 235 18.29 6.73 -6.21
N GLU B 236 19.40 7.36 -6.59
CA GLU B 236 20.67 6.70 -6.91
C GLU B 236 21.82 7.48 -6.23
N ALA B 237 21.47 8.43 -5.36
CA ALA B 237 22.47 9.21 -4.64
C ALA B 237 23.37 8.28 -3.84
N GLN B 238 24.68 8.43 -4.02
CA GLN B 238 25.66 7.56 -3.41
C GLN B 238 26.70 8.43 -2.74
N TYR B 239 26.97 8.19 -1.47
CA TYR B 239 28.10 8.82 -0.81
C TYR B 239 29.24 7.84 -0.59
N GLU B 240 30.40 8.09 -1.19
CA GLU B 240 31.58 7.29 -0.85
C GLU B 240 31.69 7.37 0.66
N VAL B 241 31.60 6.23 1.34
CA VAL B 241 31.81 6.16 2.79
C VAL B 241 33.12 5.43 3.11
N ILE B 242 33.95 6.05 3.95
CA ILE B 242 35.27 5.52 4.28
C ILE B 242 35.56 5.79 5.77
N GLU B 243 35.64 4.72 6.57
CA GLU B 243 35.92 4.89 8.02
C GLU B 243 37.41 5.08 8.30
N HIS B 244 37.73 6.05 9.15
CA HIS B 244 39.12 6.37 9.47
C HIS B 244 39.61 5.60 10.71
N SER B 245 40.85 5.88 11.11
CA SER B 245 41.51 5.12 12.17
C SER B 245 40.61 4.85 13.37
N SER B 246 39.76 5.82 13.73
CA SER B 246 38.87 5.64 14.89
C SER B 246 37.38 5.64 14.51
N GLY B 247 36.60 4.91 15.31
CA GLY B 247 35.14 4.82 15.20
C GLY B 247 34.43 5.35 13.95
N LEU B 248 34.29 6.67 13.88
CA LEU B 248 33.43 7.32 12.89
C LEU B 248 33.79 7.07 11.42
N LYS B 249 32.75 6.98 10.59
CA LYS B 249 32.91 6.80 9.13
C LYS B 249 32.75 8.12 8.38
N LEU B 250 33.69 8.39 7.47
CA LEU B 250 33.74 9.68 6.77
C LEU B 250 33.12 9.63 5.37
N VAL B 251 32.48 10.73 4.97
CA VAL B 251 31.87 10.85 3.64
C VAL B 251 32.79 11.55 2.64
N ARG B 252 33.40 10.77 1.75
CA ARG B 252 34.36 11.30 0.76
C ARG B 252 33.65 11.73 -0.52
N GLU B 253 34.26 12.71 -1.20
CA GLU B 253 33.82 13.25 -2.49
C GLU B 253 32.49 14.02 -2.45
N TRP B 254 32.51 15.05 -1.63
CA TRP B 254 31.38 15.93 -1.38
C TRP B 254 30.87 16.60 -2.64
N ASP B 255 31.79 17.21 -3.39
CA ASP B 255 31.48 18.20 -4.43
C ASP B 255 30.50 17.71 -5.49
N VAL B 256 30.64 16.47 -5.91
CA VAL B 256 29.82 15.89 -6.96
C VAL B 256 28.29 16.00 -6.71
N LEU B 257 27.86 15.52 -5.55
CA LEU B 257 26.47 15.64 -5.12
C LEU B 257 26.16 17.09 -4.82
N GLU B 258 27.13 17.78 -4.20
CA GLU B 258 27.05 19.20 -3.86
C GLU B 258 26.74 20.03 -5.10
N GLN B 259 27.39 19.69 -6.22
CA GLN B 259 27.21 20.39 -7.50
C GLN B 259 25.86 20.08 -8.09
N ALA B 260 25.56 18.78 -8.14
CA ALA B 260 24.35 18.29 -8.74
C ALA B 260 23.08 18.92 -8.13
N CYS B 261 23.06 19.03 -6.80
CA CYS B 261 21.96 19.64 -6.06
C CYS B 261 21.73 21.09 -6.50
N LYS B 262 22.81 21.87 -6.51
CA LYS B 262 22.76 23.27 -6.95
C LYS B 262 22.27 23.42 -8.40
N GLU B 263 22.74 22.54 -9.28
CA GLU B 263 22.34 22.53 -10.69
C GLU B 263 20.88 22.19 -10.86
N ASP B 264 20.46 21.09 -10.22
CA ASP B 264 19.08 20.62 -10.25
C ASP B 264 18.11 21.61 -9.61
N LEU B 265 18.64 22.45 -8.72
CA LEU B 265 17.85 23.49 -8.06
C LEU B 265 17.65 24.68 -9.00
N GLU B 266 18.71 25.02 -9.75
CA GLU B 266 18.66 26.06 -10.79
C GLU B 266 17.72 25.69 -11.92
N GLU B 267 17.65 24.37 -12.20
CA GLU B 267 16.80 23.82 -13.25
C GLU B 267 15.32 24.09 -12.97
N LEU B 268 14.91 23.88 -11.72
CA LEU B 268 13.53 24.06 -11.29
C LEU B 268 13.09 25.52 -11.29
N VAL B 269 14.05 26.42 -11.04
CA VAL B 269 13.76 27.85 -11.06
C VAL B 269 13.51 28.31 -12.50
N SER B 270 14.31 27.79 -13.44
CA SER B 270 14.14 28.08 -14.88
C SER B 270 12.89 27.43 -15.48
N MET B 271 12.34 26.44 -14.77
CA MET B 271 11.10 25.77 -15.16
C MET B 271 9.89 26.65 -14.92
N LYS B 272 10.03 27.66 -14.05
CA LYS B 272 8.97 28.62 -13.81
C LYS B 272 8.77 29.57 -15.00
N ALA B 273 9.84 29.76 -15.77
CA ALA B 273 9.80 30.57 -17.00
C ALA B 273 8.91 29.96 -18.10
N SER B 274 8.79 28.63 -18.09
CA SER B 274 8.00 27.89 -19.07
C SER B 274 6.50 28.12 -18.94
N ASN B 275 5.83 28.10 -20.08
CA ASN B 275 4.38 28.26 -20.17
C ASN B 275 3.59 27.05 -19.69
N TYR B 276 4.11 25.85 -19.99
CA TYR B 276 3.36 24.59 -19.84
C TYR B 276 3.53 23.87 -18.49
N TYR B 277 4.18 24.54 -17.53
CA TYR B 277 4.48 23.91 -16.25
C TYR B 277 3.43 24.16 -15.16
N LYS B 278 2.36 24.88 -15.49
CA LYS B 278 1.47 25.48 -14.49
C LYS B 278 0.81 24.53 -13.48
N ILE B 279 0.25 23.43 -13.98
CA ILE B 279 -0.50 22.51 -13.12
C ILE B 279 0.46 21.40 -12.72
N PHE B 280 1.24 20.94 -13.70
CA PHE B 280 2.33 20.01 -13.46
C PHE B 280 3.29 20.65 -12.47
N GLU B 281 3.25 21.99 -12.41
CA GLU B 281 4.13 22.77 -11.57
C GLU B 281 4.02 22.45 -10.10
N GLN B 282 2.80 22.26 -9.60
CA GLN B 282 2.64 22.08 -8.14
C GLN B 282 3.54 21.01 -7.52
N ASP B 283 3.61 19.85 -8.17
CA ASP B 283 4.49 18.76 -7.77
C ASP B 283 5.95 19.20 -7.77
N CYS B 284 6.36 19.95 -8.79
CA CYS B 284 7.76 20.43 -8.85
C CYS B 284 8.11 21.34 -7.68
N LEU B 285 7.14 22.13 -7.22
CA LEU B 285 7.27 22.98 -6.04
C LEU B 285 7.52 22.15 -4.78
N ASP B 286 6.95 20.94 -4.75
CA ASP B 286 7.20 19.98 -3.68
C ASP B 286 8.61 19.40 -3.78
N LEU B 287 9.08 19.18 -5.00
CA LEU B 287 10.46 18.73 -5.23
C LEU B 287 11.44 19.87 -5.00
N GLU B 288 10.98 21.11 -5.16
CA GLU B 288 11.76 22.30 -4.84
C GLU B 288 11.97 22.42 -3.33
N SER B 289 10.90 22.19 -2.56
CA SER B 289 10.94 22.20 -1.09
C SER B 289 11.82 21.07 -0.54
N LYS B 290 11.87 19.96 -1.27
CA LYS B 290 12.66 18.80 -0.85
C LYS B 290 14.17 19.01 -1.06
N LEU B 291 14.53 19.63 -2.18
CA LEU B 291 15.94 19.88 -2.50
C LEU B 291 16.52 21.13 -1.84
N THR B 292 15.70 22.16 -1.66
CA THR B 292 16.11 23.37 -0.93
C THR B 292 16.41 23.00 0.53
N LYS B 293 15.75 21.97 1.03
CA LYS B 293 16.02 21.43 2.36
C LYS B 293 17.28 20.56 2.35
N LEU B 294 17.54 19.88 1.23
CA LEU B 294 18.74 19.06 1.07
C LEU B 294 20.03 19.89 0.97
N SER B 295 19.95 21.08 0.39
CA SER B 295 21.10 22.00 0.33
C SER B 295 21.33 22.70 1.67
N GLU B 296 20.24 22.94 2.41
CA GLU B 296 20.25 23.50 3.77
C GLU B 296 21.09 22.61 4.70
N ILE B 297 20.88 21.30 4.60
CA ILE B 297 21.62 20.32 5.40
C ILE B 297 22.97 19.93 4.78
N GLN B 298 23.14 20.21 3.48
CA GLN B 298 24.38 19.93 2.74
C GLN B 298 25.47 20.91 3.13
N VAL B 299 25.08 22.17 3.28
CA VAL B 299 25.97 23.27 3.63
C VAL B 299 26.60 23.03 5.02
N ASN B 300 25.75 22.74 5.99
CA ASN B 300 26.17 22.55 7.36
C ASN B 300 26.96 21.26 7.59
N TRP B 301 26.60 20.21 6.87
CA TRP B 301 27.21 18.90 7.05
C TRP B 301 28.67 18.86 6.61
N VAL B 302 29.01 19.55 5.52
CA VAL B 302 30.40 19.59 5.08
C VAL B 302 31.28 20.40 6.05
N GLU B 303 30.69 21.45 6.63
CA GLU B 303 31.32 22.25 7.68
C GLU B 303 31.67 21.37 8.89
N VAL B 304 30.70 20.60 9.36
CA VAL B 304 30.88 19.71 10.50
C VAL B 304 31.99 18.69 10.22
N GLN B 305 31.87 18.02 9.07
CA GLN B 305 32.80 16.99 8.62
C GLN B 305 34.24 17.52 8.56
N PHE B 306 34.36 18.75 8.06
CA PHE B 306 35.65 19.41 7.90
C PHE B 306 36.25 19.79 9.25
N TYR B 307 35.50 20.56 10.04
CA TYR B 307 35.94 21.08 11.35
C TYR B 307 36.23 19.97 12.37
N TRP B 308 35.49 18.87 12.33
CA TRP B 308 35.76 17.72 13.21
C TRP B 308 37.09 17.04 12.86
N LEU B 309 37.28 16.75 11.57
CA LEU B 309 38.49 16.08 11.07
C LEU B 309 39.79 16.85 11.35
N ASP B 310 39.71 18.17 11.26
CA ASP B 310 40.82 19.07 11.62
C ASP B 310 41.12 19.00 13.13
N LEU B 311 40.07 19.20 13.95
CA LEU B 311 40.15 19.13 15.42
C LEU B 311 40.61 17.76 15.94
N TYR B 312 40.35 16.70 15.18
CA TYR B 312 40.79 15.35 15.50
C TYR B 312 42.32 15.22 15.48
N GLY B 313 42.97 15.88 14.53
CA GLY B 313 44.43 15.93 14.52
C GLY B 313 44.93 16.54 15.83
N ILE B 314 44.31 17.65 16.21
CA ILE B 314 44.74 18.48 17.36
C ILE B 314 44.50 17.89 18.77
N LEU B 315 43.30 17.34 19.02
CA LEU B 315 42.96 16.84 20.36
C LEU B 315 42.59 15.37 20.44
N GLY B 316 42.02 14.82 19.37
CA GLY B 316 41.58 13.41 19.34
C GLY B 316 42.62 12.36 19.73
N GLU B 317 43.89 12.64 19.46
CA GLU B 317 44.96 11.63 19.65
C GLU B 317 45.84 11.73 20.90
N ASN B 318 46.43 12.91 21.17
CA ASN B 318 47.32 13.08 22.36
C ASN B 318 46.61 13.08 23.73
N LEU B 319 47.35 12.65 24.76
CA LEU B 319 46.92 12.71 26.14
C LEU B 319 47.35 14.03 26.77
N ASP B 320 48.49 14.54 26.30
CA ASP B 320 49.11 15.74 26.84
C ASP B 320 48.29 16.98 26.50
N ILE B 321 47.82 17.06 25.26
CA ILE B 321 47.00 18.18 24.80
C ILE B 321 45.62 18.20 25.49
N GLN B 322 45.00 17.04 25.65
CA GLN B 322 43.70 16.96 26.33
C GLN B 322 43.82 17.13 27.85
N ASN B 323 45.03 16.92 28.39
CA ASN B 323 45.37 17.16 29.80
C ASN B 323 45.36 18.66 30.10
N PHE B 324 45.94 19.44 29.19
CA PHE B 324 45.99 20.90 29.29
C PHE B 324 44.62 21.56 29.08
N LEU B 325 43.84 20.97 28.18
CA LEU B 325 42.47 21.43 27.88
C LEU B 325 41.43 20.37 28.30
N PRO B 326 41.00 20.38 29.57
CA PRO B 326 40.05 19.37 30.03
C PRO B 326 38.60 19.65 29.64
N LEU B 327 38.17 20.91 29.79
CA LEU B 327 36.82 21.33 29.42
C LEU B 327 36.57 21.22 27.91
N GLU B 328 37.65 21.42 27.14
CA GLU B 328 37.63 21.34 25.66
C GLU B 328 37.48 19.92 25.12
N THR B 329 38.20 18.97 25.72
CA THR B 329 38.16 17.57 25.29
C THR B 329 36.90 16.84 25.80
N SER B 330 36.39 17.25 26.96
CA SER B 330 35.13 16.70 27.48
C SER B 330 33.91 17.14 26.65
N LYS B 331 34.03 18.30 25.99
CA LYS B 331 32.98 18.81 25.10
C LYS B 331 33.10 18.31 23.66
N PHE B 332 34.33 17.99 23.24
CA PHE B 332 34.60 17.37 21.94
C PHE B 332 34.03 15.95 21.88
N LYS B 333 34.35 15.15 22.91
CA LYS B 333 33.90 13.75 23.04
C LYS B 333 32.38 13.58 23.08
N SER B 334 31.69 14.52 23.72
CA SER B 334 30.21 14.56 23.78
C SER B 334 29.55 14.75 22.40
N LEU B 335 30.17 15.58 21.56
CA LEU B 335 29.73 15.77 20.18
C LEU B 335 30.14 14.61 19.29
N THR B 336 31.29 14.00 19.61
CA THR B 336 31.82 12.82 18.88
C THR B 336 30.84 11.64 18.97
N SER B 337 30.19 11.49 20.12
CA SER B 337 29.14 10.48 20.33
C SER B 337 27.93 10.71 19.41
N GLU B 338 27.34 11.90 19.51
CA GLU B 338 26.16 12.30 18.71
C GLU B 338 26.34 12.13 17.21
N TYR B 339 27.43 12.70 16.67
CA TYR B 339 27.75 12.64 15.24
C TYR B 339 28.03 11.22 14.73
N LYS B 340 28.57 10.36 15.59
CA LYS B 340 28.80 8.94 15.27
C LYS B 340 27.49 8.20 15.00
N MET B 341 26.47 8.54 15.80
CA MET B 341 25.11 7.98 15.67
C MET B 341 24.36 8.62 14.49
N ILE B 342 24.57 9.92 14.30
CA ILE B 342 23.97 10.70 13.20
C ILE B 342 24.42 10.22 11.80
N THR B 343 25.71 9.85 11.66
CA THR B 343 26.28 9.34 10.39
C THR B 343 25.81 7.94 10.03
N THR B 344 25.92 7.04 11.01
CA THR B 344 25.56 5.64 10.85
C THR B 344 24.05 5.47 10.65
N ARG B 345 23.24 6.36 11.26
CA ARG B 345 21.78 6.41 11.03
C ARG B 345 21.45 6.94 9.64
N ALA B 346 22.22 7.93 9.18
CA ALA B 346 22.02 8.53 7.87
C ALA B 346 22.51 7.67 6.71
N PHE B 347 23.63 6.96 6.87
CA PHE B 347 24.17 6.08 5.82
C PHE B 347 23.29 4.84 5.60
N GLN B 348 22.84 4.21 6.68
CA GLN B 348 21.99 3.03 6.59
C GLN B 348 20.63 3.28 5.94
N LEU B 349 20.21 4.55 5.88
CA LEU B 349 19.01 4.92 5.13
C LEU B 349 19.18 4.51 3.67
N ASP B 350 20.39 4.69 3.14
CA ASP B 350 20.73 4.23 1.78
C ASP B 350 20.16 5.14 0.71
N THR B 351 19.76 6.34 1.11
CA THR B 351 19.37 7.38 0.15
C THR B 351 19.74 8.70 0.78
N THR B 352 20.60 9.44 0.10
CA THR B 352 21.04 10.70 0.61
C THR B 352 19.84 11.65 0.73
N ILE B 353 18.94 11.64 -0.26
CA ILE B 353 17.74 12.47 -0.19
C ILE B 353 16.88 12.11 1.02
N GLU B 354 16.72 10.82 1.28
CA GLU B 354 15.90 10.35 2.42
C GLU B 354 16.34 10.98 3.75
N VAL B 355 17.53 11.58 3.74
CA VAL B 355 18.14 12.20 4.93
C VAL B 355 17.34 13.40 5.44
N ILE B 356 16.70 14.14 4.52
CA ILE B 356 15.86 15.29 4.91
C ILE B 356 14.64 14.89 5.76
N HIS B 357 14.21 13.64 5.60
CA HIS B 357 13.08 13.07 6.36
C HIS B 357 13.43 12.64 7.78
N ILE B 358 14.72 12.51 8.08
CA ILE B 358 15.24 12.13 9.42
C ILE B 358 14.99 13.25 10.46
N PRO B 359 14.59 12.87 11.69
CA PRO B 359 14.28 13.86 12.72
C PRO B 359 15.51 14.65 13.15
N ASN B 360 15.33 15.96 13.30
CA ASN B 360 16.37 16.89 13.80
C ASN B 360 17.76 16.88 13.16
N PHE B 361 17.82 17.02 11.84
CA PHE B 361 19.11 16.98 11.16
C PHE B 361 19.75 18.35 10.96
N ASP B 362 18.98 19.29 10.42
CA ASP B 362 19.41 20.68 10.23
C ASP B 362 19.66 21.35 11.58
N THR B 363 18.82 21.02 12.56
CA THR B 363 18.92 21.58 13.90
C THR B 363 20.11 20.95 14.63
N THR B 364 20.26 19.62 14.53
CA THR B 364 21.42 18.87 15.10
C THR B 364 22.77 19.42 14.61
N LEU B 365 22.95 19.47 13.30
CA LEU B 365 24.22 19.89 12.73
C LEU B 365 24.55 21.38 12.95
N LYS B 366 23.55 22.25 12.85
CA LYS B 366 23.71 23.69 13.19
C LYS B 366 24.19 23.89 14.64
N LEU B 367 23.69 23.06 15.54
CA LEU B 367 24.09 23.10 16.95
C LEU B 367 25.46 22.46 17.19
N THR B 368 25.75 21.39 16.43
CA THR B 368 27.06 20.69 16.47
C THR B 368 28.20 21.59 15.97
N ILE B 369 27.98 22.22 14.82
CA ILE B 369 28.96 23.14 14.25
C ILE B 369 29.24 24.36 15.15
N ASP B 370 28.21 24.85 15.85
CA ASP B 370 28.34 25.94 16.84
C ASP B 370 29.28 25.55 17.99
N SER B 371 29.10 24.33 18.48
CA SER B 371 29.90 23.80 19.58
C SER B 371 31.32 23.45 19.12
N LEU B 372 31.43 22.95 17.89
CA LEU B 372 32.72 22.65 17.26
C LEU B 372 33.55 23.92 17.06
N LYS B 373 32.86 25.02 16.75
CA LYS B 373 33.46 26.35 16.60
C LYS B 373 33.92 26.94 17.92
N MET B 374 33.23 26.59 19.01
CA MET B 374 33.57 27.08 20.35
C MET B 374 34.84 26.44 20.88
N ILE B 375 35.07 25.18 20.50
CA ILE B 375 36.28 24.44 20.87
C ILE B 375 37.50 24.97 20.09
N LYS B 376 37.34 25.12 18.78
CA LYS B 376 38.36 25.67 17.87
C LYS B 376 38.73 27.12 18.26
N SER B 377 37.73 27.89 18.69
CA SER B 377 37.90 29.26 19.19
C SER B 377 38.63 29.29 20.52
N SER B 378 38.37 28.29 21.36
CA SER B 378 39.01 28.22 22.66
C SER B 378 40.48 27.80 22.55
N LEU B 379 40.76 26.86 21.65
CA LEU B 379 42.14 26.48 21.30
C LEU B 379 42.91 27.65 20.76
N SER B 380 42.27 28.42 19.89
CA SER B 380 42.83 29.64 19.31
C SER B 380 43.20 30.69 20.36
N THR B 381 42.38 30.80 21.41
CA THR B 381 42.67 31.71 22.53
C THR B 381 43.80 31.17 23.41
N PHE B 382 43.88 29.84 23.54
CA PHE B 382 44.94 29.15 24.29
C PHE B 382 46.32 29.38 23.64
N LEU B 383 46.42 29.14 22.33
CA LEU B 383 47.68 29.28 21.57
C LEU B 383 48.22 30.71 21.58
N GLU B 384 47.32 31.67 21.41
CA GLU B 384 47.69 33.09 21.37
C GLU B 384 48.12 33.60 22.75
N ARG B 385 47.45 33.09 23.80
CA ARG B 385 47.80 33.43 25.17
C ARG B 385 49.07 32.71 25.62
N GLN B 386 49.38 31.58 24.98
CA GLN B 386 50.63 30.86 25.19
C GLN B 386 51.77 31.62 24.52
N ARG B 387 51.51 32.08 23.30
CA ARG B 387 52.44 32.88 22.53
C ARG B 387 52.75 34.23 23.18
N ARG B 388 51.75 34.86 23.79
CA ARG B 388 51.97 36.17 24.41
C ARG B 388 52.82 36.06 25.69
N GLN B 389 52.81 34.89 26.31
CA GLN B 389 53.62 34.64 27.51
C GLN B 389 55.11 34.48 27.15
N PHE B 390 55.40 33.70 26.11
CA PHE B 390 56.76 33.57 25.58
C PHE B 390 56.79 33.99 24.10
N PRO B 391 56.99 35.30 23.82
CA PRO B 391 56.86 35.82 22.45
C PRO B 391 57.76 35.22 21.35
N ARG B 392 58.61 34.25 21.67
CA ARG B 392 59.27 33.46 20.63
C ARG B 392 58.29 32.59 19.80
N PHE B 393 57.31 32.04 20.51
CA PHE B 393 56.26 31.14 19.96
C PHE B 393 55.51 31.80 18.81
N TYR B 394 55.54 33.12 18.77
CA TYR B 394 55.04 33.85 17.64
C TYR B 394 55.82 33.49 16.39
N PHE B 395 57.13 33.28 16.52
CA PHE B 395 57.93 32.81 15.38
C PHE B 395 57.55 31.40 14.94
N LEU B 396 57.25 30.53 15.89
CA LEU B 396 57.05 29.10 15.60
C LEU B 396 55.85 28.67 14.74
N GLY B 397 54.64 29.16 15.06
CA GLY B 397 53.41 28.82 14.33
C GLY B 397 52.63 27.71 15.01
N ASN B 398 51.38 27.52 14.61
CA ASN B 398 50.49 26.58 15.31
C ASN B 398 50.96 25.12 15.39
N ASP B 399 51.33 24.56 14.25
CA ASP B 399 51.77 23.17 14.18
C ASP B 399 52.94 22.90 15.13
N ASP B 400 53.98 23.72 15.01
CA ASP B 400 55.19 23.52 15.77
C ASP B 400 54.93 23.78 17.24
N LEU B 401 54.08 24.78 17.50
CA LEU B 401 53.71 25.16 18.86
C LEU B 401 53.03 23.99 19.59
N LEU B 402 52.12 23.32 18.88
CA LEU B 402 51.36 22.23 19.48
C LEU B 402 52.28 21.07 19.87
N LYS B 403 53.28 20.81 19.02
CA LYS B 403 54.28 19.77 19.30
C LYS B 403 55.06 20.05 20.59
N ILE B 404 55.36 21.33 20.82
CA ILE B 404 56.11 21.79 22.00
C ILE B 404 55.30 21.63 23.31
N ILE B 405 54.02 22.00 23.27
CA ILE B 405 53.12 21.83 24.43
C ILE B 405 52.86 20.34 24.70
N GLY B 406 52.72 19.57 23.63
CA GLY B 406 52.56 18.12 23.73
C GLY B 406 53.83 17.42 24.21
N SER B 407 54.98 17.95 23.80
CA SER B 407 56.28 17.35 24.08
C SER B 407 56.88 17.81 25.41
N GLY B 408 56.11 18.56 26.20
CA GLY B 408 56.60 19.13 27.45
C GLY B 408 57.16 18.11 28.42
N LYS B 409 56.42 17.02 28.59
CA LYS B 409 56.86 15.92 29.41
C LYS B 409 58.30 15.52 29.06
N HIS B 410 58.58 15.38 27.77
CA HIS B 410 59.91 15.04 27.26
C HIS B 410 60.97 16.15 27.45
N HIS B 411 60.59 17.40 27.16
CA HIS B 411 61.49 18.57 27.25
C HIS B 411 62.53 18.61 26.12
N ASP B 412 63.33 17.54 26.04
CA ASP B 412 64.48 17.46 25.12
C ASP B 412 64.13 17.65 23.64
N GLN B 413 62.87 17.38 23.29
CA GLN B 413 62.37 17.43 21.91
C GLN B 413 62.22 18.85 21.34
N VAL B 414 62.26 19.86 22.22
CA VAL B 414 62.07 21.26 21.83
C VAL B 414 63.29 21.83 21.06
N SER B 415 64.48 21.25 21.29
CA SER B 415 65.74 21.68 20.66
C SER B 415 65.70 21.88 19.13
N LYS B 416 64.94 21.02 18.46
CA LYS B 416 64.77 21.05 17.00
C LYS B 416 64.10 22.35 16.52
N PHE B 417 63.06 22.77 17.25
CA PHE B 417 62.30 23.99 16.96
C PHE B 417 63.00 25.31 17.33
N MET B 418 63.98 25.24 18.23
CA MET B 418 64.67 26.43 18.72
C MET B 418 65.41 27.16 17.60
N LYS B 419 66.04 26.38 16.72
CA LYS B 419 66.77 26.91 15.57
C LYS B 419 65.95 27.93 14.79
N LYS B 420 64.63 27.75 14.82
CA LYS B 420 63.68 28.61 14.11
C LYS B 420 63.30 29.83 14.94
N MET B 421 62.95 29.60 16.20
CA MET B 421 62.51 30.70 17.08
C MET B 421 63.65 31.53 17.68
N PHE B 422 64.89 31.21 17.31
CA PHE B 422 66.08 32.00 17.67
C PHE B 422 66.89 32.50 16.48
N GLY B 423 67.31 31.57 15.62
CA GLY B 423 68.06 31.91 14.41
C GLY B 423 69.58 31.86 14.59
N SER B 424 70.05 32.10 15.81
CA SER B 424 71.47 31.93 16.08
C SER B 424 71.80 30.52 16.57
N ILE B 425 71.00 29.95 17.48
CA ILE B 425 71.27 28.60 18.03
C ILE B 425 70.65 27.46 17.22
N GLU B 426 71.16 26.25 17.42
CA GLU B 426 70.66 25.06 16.74
C GLU B 426 69.95 24.02 17.66
N SER B 427 70.58 23.69 18.79
CA SER B 427 70.05 22.71 19.76
C SER B 427 70.49 23.07 21.18
N ILE B 428 69.73 22.55 22.14
CA ILE B 428 69.94 22.82 23.57
C ILE B 428 70.57 21.62 24.30
N ILE B 429 71.45 21.91 25.28
CA ILE B 429 72.18 20.87 26.06
C ILE B 429 71.61 20.72 27.49
N PHE B 430 71.36 19.46 27.88
CA PHE B 430 70.78 19.11 29.21
C PHE B 430 71.70 18.23 30.07
N LEU B 431 71.36 18.16 31.36
CA LEU B 431 71.70 17.06 32.25
C LEU B 431 70.35 16.39 32.55
N GLU B 432 69.35 16.77 31.76
CA GLU B 432 67.96 16.38 31.96
C GLU B 432 67.29 17.16 33.10
N ASP B 433 67.82 17.01 34.31
CA ASP B 433 67.35 17.78 35.47
C ASP B 433 67.66 19.27 35.27
N PHE B 434 68.85 19.53 34.73
CA PHE B 434 69.42 20.87 34.59
C PHE B 434 69.87 21.15 33.14
N ILE B 435 69.74 22.40 32.71
CA ILE B 435 70.20 22.82 31.37
C ILE B 435 71.62 23.37 31.49
N THR B 436 72.60 22.66 30.92
CA THR B 436 74.01 23.07 31.01
C THR B 436 74.39 24.18 30.02
N GLY B 437 73.76 24.20 28.84
CA GLY B 437 74.02 25.23 27.83
C GLY B 437 73.23 25.07 26.54
N VAL B 438 73.71 25.76 25.49
CA VAL B 438 73.12 25.77 24.14
C VAL B 438 74.22 25.86 23.08
N ARG B 439 74.00 25.31 21.90
CA ARG B 439 74.98 25.50 20.82
C ARG B 439 74.39 26.15 19.55
N SER B 440 75.22 26.98 18.90
CA SER B 440 74.78 27.76 17.74
C SER B 440 74.84 26.94 16.46
N VAL B 441 74.11 27.40 15.44
CA VAL B 441 74.09 26.79 14.10
C VAL B 441 75.48 26.76 13.45
N GLU B 442 76.38 27.60 13.97
CA GLU B 442 77.76 27.72 13.50
C GLU B 442 78.68 26.67 14.10
N GLY B 443 78.30 26.15 15.27
CA GLY B 443 79.07 25.11 15.98
C GLY B 443 79.53 25.53 17.36
N GLU B 444 79.49 26.83 17.61
CA GLU B 444 79.99 27.39 18.86
C GLU B 444 79.08 27.04 20.06
N VAL B 445 79.71 26.54 21.13
CA VAL B 445 78.98 26.11 22.32
C VAL B 445 79.01 27.18 23.45
N LEU B 446 77.82 27.64 23.80
CA LEU B 446 77.63 28.57 24.93
C LEU B 446 77.11 27.82 26.16
N ASN B 447 77.84 27.91 27.27
CA ASN B 447 77.40 27.30 28.54
C ASN B 447 76.98 28.37 29.53
N LEU B 448 75.83 28.17 30.17
CA LEU B 448 75.26 29.17 31.07
C LEU B 448 75.96 29.23 32.43
N ASN B 449 75.76 30.34 33.13
CA ASN B 449 76.25 30.53 34.49
C ASN B 449 75.44 29.67 35.46
N GLU B 450 74.14 29.96 35.53
CA GLU B 450 73.21 29.19 36.34
C GLU B 450 72.50 28.15 35.48
N LYS B 451 72.66 26.87 35.81
CA LYS B 451 71.96 25.80 35.08
C LYS B 451 70.50 25.72 35.54
N ILE B 452 69.57 25.90 34.61
CA ILE B 452 68.13 26.00 34.95
C ILE B 452 67.51 24.64 35.30
N GLU B 453 66.97 24.56 36.52
CA GLU B 453 66.36 23.33 37.05
C GLU B 453 65.01 23.06 36.38
N LEU B 454 64.72 21.77 36.18
CA LEU B 454 63.48 21.30 35.53
C LEU B 454 62.80 20.19 36.32
N LYS B 455 61.47 20.24 36.36
CA LYS B 455 60.65 19.15 36.90
C LYS B 455 59.50 18.90 35.94
N ASP B 456 58.89 17.72 36.03
CA ASP B 456 57.79 17.34 35.13
C ASP B 456 56.65 18.39 35.02
N SER B 457 56.06 18.81 36.14
CA SER B 457 55.06 19.90 36.14
C SER B 457 55.64 21.34 36.15
N ILE B 458 56.34 21.68 35.07
CA ILE B 458 56.82 23.03 34.76
C ILE B 458 56.42 23.22 33.30
N GLN B 459 56.06 24.44 32.89
CA GLN B 459 55.60 24.64 31.51
C GLN B 459 56.73 25.08 30.58
N ALA B 460 56.57 24.77 29.29
CA ALA B 460 57.57 25.14 28.30
C ALA B 460 57.75 26.64 28.34
N GLN B 461 56.62 27.34 28.40
CA GLN B 461 56.65 28.79 28.40
C GLN B 461 57.44 29.31 29.60
N GLU B 462 57.25 28.69 30.76
CA GLU B 462 57.99 29.08 31.98
C GLU B 462 59.51 28.81 31.88
N TRP B 463 59.89 27.60 31.45
CA TRP B 463 61.31 27.24 31.46
C TRP B 463 62.14 27.93 30.38
N LEU B 464 61.55 28.08 29.20
CA LEU B 464 62.20 28.70 28.03
C LEU B 464 62.41 30.20 28.19
N ASN B 465 61.49 30.83 28.92
CA ASN B 465 61.55 32.26 29.20
C ASN B 465 62.76 32.61 30.08
N ILE B 466 63.08 31.69 31.01
CA ILE B 466 64.24 31.80 31.92
C ILE B 466 65.53 31.66 31.10
N LEU B 467 65.50 30.74 30.15
CA LEU B 467 66.63 30.47 29.26
C LEU B 467 67.05 31.68 28.41
N ASP B 468 66.07 32.33 27.78
CA ASP B 468 66.29 33.57 27.00
C ASP B 468 66.94 34.68 27.84
N THR B 469 66.53 34.79 29.10
CA THR B 469 67.09 35.75 30.04
C THR B 469 68.55 35.40 30.36
N GLU B 470 68.77 34.17 30.80
CA GLU B 470 70.08 33.66 31.20
C GLU B 470 71.07 33.58 30.02
N ILE B 471 70.54 33.32 28.83
CA ILE B 471 71.38 33.23 27.62
C ILE B 471 72.03 34.58 27.27
N LYS B 472 71.31 35.67 27.55
CA LYS B 472 71.83 37.02 27.36
C LYS B 472 72.78 37.44 28.49
N LEU B 473 72.43 37.00 29.72
CA LEU B 473 73.28 37.19 30.90
C LEU B 473 74.60 36.43 30.77
N SER B 474 74.54 35.24 30.19
CA SER B 474 75.72 34.41 29.93
C SER B 474 76.71 35.08 28.98
N VAL B 475 76.17 35.82 28.02
CA VAL B 475 76.97 36.59 27.09
C VAL B 475 77.66 37.78 27.78
N PHE B 476 76.95 38.46 28.69
CA PHE B 476 77.56 39.54 29.47
C PHE B 476 78.70 39.03 30.33
N THR B 477 78.46 37.90 30.99
CA THR B 477 79.45 37.27 31.85
C THR B 477 80.70 37.03 31.01
N GLN B 478 80.57 36.26 29.94
CA GLN B 478 81.67 36.01 29.02
C GLN B 478 82.32 37.28 28.41
N PHE B 479 81.56 38.36 28.34
CA PHE B 479 82.12 39.65 27.89
C PHE B 479 82.96 40.31 28.97
N ARG B 480 82.37 40.55 30.15
CA ARG B 480 83.10 41.21 31.26
C ARG B 480 84.35 40.44 31.71
N ASP B 481 84.21 39.12 31.83
CA ASP B 481 85.32 38.20 32.15
C ASP B 481 86.48 38.39 31.20
N CYS B 482 86.14 38.43 29.91
CA CYS B 482 87.11 38.63 28.86
C CYS B 482 87.67 40.04 28.82
N LEU B 483 86.79 41.05 28.80
CA LEU B 483 87.20 42.46 28.77
C LEU B 483 88.26 42.76 29.85
N GLY B 484 87.97 42.38 31.08
CA GLY B 484 88.90 42.53 32.21
C GLY B 484 90.25 41.87 32.01
N GLN B 485 90.25 40.69 31.37
CA GLN B 485 91.49 39.96 31.09
C GLN B 485 92.43 40.70 30.15
N ILE B 486 91.89 41.18 29.02
CA ILE B 486 92.70 41.92 28.04
C ILE B 486 93.17 43.26 28.61
N LYS B 487 92.36 43.87 29.48
CA LYS B 487 92.76 45.10 30.17
C LYS B 487 94.05 44.87 30.93
N ASP B 488 94.15 43.69 31.54
CA ASP B 488 95.39 43.23 32.17
C ASP B 488 96.27 42.51 31.13
N GLY B 489 96.61 43.21 30.06
CA GLY B 489 97.55 42.76 29.01
C GLY B 489 97.71 41.28 28.68
N THR B 490 96.61 40.58 28.40
CA THR B 490 96.71 39.14 28.09
C THR B 490 96.74 38.87 26.57
N ASP B 491 97.53 37.87 26.15
CA ASP B 491 97.64 37.48 24.72
C ASP B 491 96.27 37.17 24.14
N ILE B 492 95.94 37.77 22.99
CA ILE B 492 94.64 37.51 22.36
C ILE B 492 94.47 36.03 21.95
N GLU B 493 95.60 35.38 21.67
CA GLU B 493 95.67 33.96 21.31
C GLU B 493 95.18 33.06 22.45
N VAL B 494 95.37 33.54 23.68
CA VAL B 494 94.89 32.85 24.90
C VAL B 494 93.37 32.95 25.00
N VAL B 495 92.85 34.16 24.83
CA VAL B 495 91.43 34.49 24.98
C VAL B 495 90.54 33.70 24.02
N VAL B 496 90.94 33.64 22.75
CA VAL B 496 90.22 32.93 21.67
C VAL B 496 89.78 31.52 22.13
N SER B 497 90.73 30.75 22.65
CA SER B 497 90.49 29.37 23.07
C SER B 497 89.50 29.19 24.23
N LYS B 498 89.18 30.26 24.94
CA LYS B 498 88.35 30.16 26.14
C LYS B 498 87.04 30.94 26.11
N TYR B 499 86.95 31.94 25.24
CA TYR B 499 85.76 32.81 25.15
C TYR B 499 85.07 32.73 23.79
N ILE B 500 83.74 32.70 23.83
CA ILE B 500 82.91 32.71 22.61
C ILE B 500 83.16 33.98 21.78
N PHE B 501 83.07 33.86 20.46
CA PHE B 501 83.41 34.95 19.53
C PHE B 501 82.68 36.26 19.84
N GLN B 502 81.37 36.16 20.04
CA GLN B 502 80.54 37.32 20.27
C GLN B 502 81.13 38.18 21.41
N ALA B 503 81.59 37.50 22.45
CA ALA B 503 82.18 38.14 23.63
C ALA B 503 83.53 38.81 23.34
N ILE B 504 84.47 38.04 22.78
CA ILE B 504 85.81 38.54 22.43
C ILE B 504 85.78 39.69 21.42
N LEU B 505 84.84 39.64 20.48
CA LEU B 505 84.68 40.70 19.48
C LEU B 505 84.39 42.04 20.16
N LEU B 506 83.40 42.03 21.04
CA LEU B 506 82.93 43.23 21.75
C LEU B 506 83.98 43.80 22.73
N SER B 507 84.70 42.89 23.40
CA SER B 507 85.79 43.23 24.33
C SER B 507 86.98 43.91 23.61
N ALA B 508 87.28 43.43 22.40
CA ALA B 508 88.30 44.03 21.52
C ALA B 508 87.91 45.44 21.12
N GLN B 509 86.67 45.58 20.63
CA GLN B 509 86.10 46.87 20.20
C GLN B 509 86.13 47.96 21.29
N VAL B 510 85.83 47.57 22.53
CA VAL B 510 85.79 48.51 23.67
C VAL B 510 87.21 48.88 24.13
N MET B 511 88.11 47.91 24.12
CA MET B 511 89.50 48.17 24.45
C MET B 511 90.22 48.95 23.34
N TRP B 512 89.97 48.57 22.08
CA TRP B 512 90.52 49.28 20.92
C TRP B 512 90.12 50.75 21.02
N THR B 513 88.83 50.99 21.16
CA THR B 513 88.32 52.36 21.23
C THR B 513 89.02 53.16 22.35
N GLU B 514 89.11 52.58 23.54
CA GLU B 514 89.78 53.21 24.68
C GLU B 514 91.26 53.52 24.41
N LEU B 515 91.96 52.59 23.78
CA LEU B 515 93.38 52.75 23.44
C LEU B 515 93.64 53.72 22.28
N VAL B 516 92.65 53.88 21.40
CA VAL B 516 92.80 54.82 20.28
C VAL B 516 92.31 56.23 20.66
N GLU B 517 91.28 56.30 21.51
CA GLU B 517 90.77 57.58 22.05
C GLU B 517 91.88 58.39 22.71
N LYS B 518 92.72 57.71 23.49
CA LYS B 518 93.89 58.33 24.13
C LYS B 518 95.01 58.62 23.13
N CYS B 519 95.10 57.79 22.09
CA CYS B 519 96.09 57.95 21.03
C CYS B 519 95.85 59.21 20.18
N LEU B 520 94.60 59.65 20.11
CA LEU B 520 94.25 60.90 19.42
C LEU B 520 94.82 62.13 20.11
N GLN B 521 94.91 62.07 21.44
CA GLN B 521 95.47 63.14 22.26
C GLN B 521 97.00 63.18 22.15
N THR B 522 97.63 62.03 22.39
CA THR B 522 99.09 61.87 22.35
C THR B 522 99.71 61.99 20.94
N ASN B 523 98.98 61.52 19.92
CA ASN B 523 99.48 61.40 18.52
C ASN B 523 100.62 60.37 18.37
N GLN B 524 100.53 59.28 19.13
CA GLN B 524 101.54 58.21 19.16
C GLN B 524 101.11 56.99 18.32
N PHE B 525 100.40 57.29 17.24
CA PHE B 525 99.76 56.30 16.36
C PHE B 525 100.68 55.17 15.89
N SER B 526 101.90 55.54 15.51
CA SER B 526 102.91 54.59 15.02
C SER B 526 103.21 53.49 16.04
N LYS B 527 103.30 53.89 17.30
CA LYS B 527 103.60 52.98 18.41
C LYS B 527 102.52 51.93 18.64
N TYR B 528 101.26 52.33 18.46
CA TYR B 528 100.08 51.45 18.61
C TYR B 528 99.80 50.63 17.33
N TRP B 529 100.17 51.18 16.18
CA TRP B 529 99.99 50.53 14.86
C TRP B 529 100.73 49.18 14.73
N LYS B 530 102.05 49.19 14.91
CA LYS B 530 102.87 47.97 14.78
C LYS B 530 102.48 46.93 15.86
N GLU B 531 102.29 47.44 17.07
CA GLU B 531 101.61 46.74 18.15
C GLU B 531 100.35 45.96 17.72
N VAL B 532 99.46 46.62 16.98
CA VAL B 532 98.24 45.99 16.44
C VAL B 532 98.59 45.01 15.31
N ASP B 533 99.48 45.44 14.42
CA ASP B 533 100.03 44.65 13.30
C ASP B 533 100.60 43.28 13.74
N MET B 534 101.18 43.26 14.93
CA MET B 534 101.77 42.05 15.50
C MET B 534 100.70 41.06 15.97
N LYS B 535 99.63 41.59 16.56
CA LYS B 535 98.47 40.80 16.96
C LYS B 535 97.78 40.16 15.76
N ILE B 536 97.82 40.88 14.64
CA ILE B 536 97.27 40.44 13.37
C ILE B 536 98.04 39.20 12.88
N LYS B 537 99.35 39.34 12.76
CA LYS B 537 100.23 38.25 12.33
C LYS B 537 100.13 37.07 13.29
N GLY B 538 100.12 37.39 14.58
CA GLY B 538 99.95 36.39 15.64
C GLY B 538 98.68 35.55 15.52
N LEU B 539 97.57 36.20 15.14
CA LEU B 539 96.31 35.50 14.94
C LEU B 539 96.30 34.65 13.67
N LEU B 540 97.00 35.13 12.63
CA LEU B 540 97.10 34.45 11.33
C LEU B 540 97.80 33.10 11.40
N ASP B 541 98.97 33.07 12.02
CA ASP B 541 99.74 31.84 12.13
C ASP B 541 99.07 30.83 13.11
N LYS B 542 98.38 31.34 14.14
CA LYS B 542 97.63 30.47 15.06
C LYS B 542 96.44 29.77 14.40
N LEU B 543 95.93 30.37 13.32
CA LEU B 543 94.82 29.81 12.52
C LEU B 543 95.16 28.48 11.79
N ASN B 544 96.38 28.41 11.28
CA ASN B 544 96.93 27.25 10.55
C ASN B 544 96.99 25.97 11.40
N LYS B 545 97.23 26.15 12.69
CA LYS B 545 97.41 25.09 13.67
C LYS B 545 96.15 24.98 14.57
N SER B 546 95.01 25.46 14.08
CA SER B 546 93.77 25.53 14.88
C SER B 546 92.72 24.52 14.46
N SER B 547 91.88 24.10 15.43
CA SER B 547 90.77 23.19 15.19
C SER B 547 89.66 23.87 14.39
N ASP B 548 89.10 23.15 13.40
CA ASP B 548 88.16 23.74 12.45
C ASP B 548 87.14 24.69 13.09
N ASN B 549 86.60 24.29 14.24
CA ASN B 549 85.63 25.12 14.97
C ASN B 549 86.17 26.51 15.31
N VAL B 550 87.27 26.52 16.06
CA VAL B 550 87.94 27.75 16.47
C VAL B 550 88.58 28.47 15.27
N LYS B 551 88.75 27.73 14.16
CA LYS B 551 89.23 28.24 12.88
C LYS B 551 88.28 29.30 12.27
N LYS B 552 86.99 29.11 12.46
CA LYS B 552 85.99 30.08 12.04
C LYS B 552 86.06 31.37 12.89
N LYS B 553 86.28 31.17 14.19
CA LYS B 553 86.32 32.22 15.19
C LYS B 553 87.47 33.21 14.95
N ILE B 554 88.66 32.67 14.65
CA ILE B 554 89.87 33.46 14.33
C ILE B 554 89.69 34.25 13.04
N GLU B 555 89.16 33.58 12.01
CA GLU B 555 88.89 34.21 10.71
C GLU B 555 87.94 35.41 10.83
N ALA B 556 86.88 35.23 11.61
CA ALA B 556 85.89 36.27 11.91
C ALA B 556 86.50 37.46 12.69
N LEU B 557 87.43 37.14 13.59
CA LEU B 557 88.18 38.12 14.37
C LEU B 557 89.26 38.84 13.54
N LEU B 558 89.73 38.17 12.50
CA LEU B 558 90.72 38.76 11.59
C LEU B 558 90.13 39.94 10.82
N VAL B 559 88.89 39.76 10.37
CA VAL B 559 88.08 40.79 9.67
C VAL B 559 88.15 42.12 10.43
N GLU B 560 87.97 42.03 11.75
CA GLU B 560 87.90 43.18 12.66
C GLU B 560 89.25 43.80 13.01
N TYR B 561 90.25 42.97 13.31
CA TYR B 561 91.59 43.46 13.64
C TYR B 561 92.25 44.19 12.48
N LEU B 562 91.90 43.78 11.26
CA LEU B 562 92.38 44.47 10.07
C LEU B 562 91.77 45.86 9.94
N HIS B 563 90.51 45.98 10.36
CA HIS B 563 89.77 47.23 10.37
C HIS B 563 90.40 48.18 11.40
N PHE B 564 90.68 47.64 12.60
CA PHE B 564 91.33 48.36 13.69
C PHE B 564 92.59 49.05 13.16
N ASN B 565 93.52 48.26 12.62
CA ASN B 565 94.78 48.79 12.12
C ASN B 565 94.60 49.80 10.98
N ASN B 566 93.73 49.46 10.03
CA ASN B 566 93.44 50.33 8.90
C ASN B 566 93.05 51.76 9.32
N VAL B 567 92.18 51.85 10.33
CA VAL B 567 91.66 53.13 10.83
C VAL B 567 92.77 53.94 11.53
N ILE B 568 93.58 53.26 12.35
CA ILE B 568 94.74 53.86 13.01
C ILE B 568 95.74 54.40 11.97
N GLY B 569 96.01 53.59 10.93
CA GLY B 569 96.87 54.02 9.81
C GLY B 569 96.33 55.26 9.13
N GLN B 570 95.03 55.26 8.85
CA GLN B 570 94.34 56.42 8.28
C GLN B 570 94.49 57.65 9.18
N LEU B 571 94.42 57.42 10.49
CA LEU B 571 94.56 58.47 11.50
C LEU B 571 95.99 59.01 11.61
N LYS B 572 96.97 58.13 11.45
CA LYS B 572 98.38 58.50 11.46
C LYS B 572 98.69 59.46 10.30
N ASN B 573 98.00 59.26 9.18
CA ASN B 573 98.14 60.07 7.95
C ASN B 573 97.69 61.53 8.03
N CYS B 574 96.67 61.81 8.85
CA CYS B 574 95.89 63.07 8.80
C CYS B 574 96.68 64.38 8.91
N SER B 575 96.32 65.35 8.05
CA SER B 575 96.97 66.67 7.93
C SER B 575 96.99 67.46 9.24
N THR B 576 95.84 67.46 9.91
CA THR B 576 95.56 68.25 11.10
C THR B 576 94.82 67.40 12.15
N LYS B 577 94.56 67.99 13.32
CA LYS B 577 93.78 67.34 14.38
C LYS B 577 92.27 67.32 14.05
N GLU B 578 91.83 68.32 13.27
CA GLU B 578 90.43 68.40 12.79
C GLU B 578 90.12 67.26 11.83
N GLU B 579 91.09 66.92 10.99
CA GLU B 579 91.01 65.80 10.06
C GLU B 579 90.88 64.46 10.78
N ALA B 580 91.56 64.35 11.92
CA ALA B 580 91.52 63.16 12.80
C ALA B 580 90.21 63.07 13.54
N ARG B 581 89.69 64.23 13.96
CA ARG B 581 88.44 64.29 14.69
C ARG B 581 87.22 64.10 13.80
N LEU B 582 87.35 64.41 12.51
CA LEU B 582 86.30 64.14 11.48
C LEU B 582 86.20 62.64 11.17
N LEU B 583 87.36 62.04 10.90
CA LEU B 583 87.53 60.60 10.66
C LEU B 583 86.97 59.75 11.80
N TRP B 584 87.28 60.16 13.03
CA TRP B 584 86.82 59.46 14.24
C TRP B 584 85.29 59.50 14.48
N ALA B 585 84.67 60.63 14.18
CA ALA B 585 83.20 60.79 14.24
C ALA B 585 82.45 59.85 13.29
N LYS B 586 83.05 59.58 12.13
CA LYS B 586 82.50 58.64 11.13
C LYS B 586 82.50 57.17 11.60
N VAL B 587 83.47 56.83 12.47
CA VAL B 587 83.71 55.46 12.92
C VAL B 587 82.70 55.04 13.98
N GLN B 588 82.44 53.74 14.04
CA GLN B 588 81.68 53.14 15.12
C GLN B 588 82.59 52.96 16.33
N LYS B 589 82.33 53.76 17.36
CA LYS B 589 83.12 53.76 18.59
C LYS B 589 82.31 53.09 19.71
N PHE B 590 82.88 52.02 20.29
CA PHE B 590 82.18 51.15 21.27
C PHE B 590 82.55 51.46 22.72
N TYR B 591 81.69 52.22 23.42
CA TYR B 591 81.97 52.56 24.82
C TYR B 591 81.20 51.69 25.82
N GLN B 592 81.69 51.73 27.07
CA GLN B 592 81.06 51.06 28.21
C GLN B 592 80.81 52.08 29.32
N LYS B 593 79.70 51.94 30.02
CA LYS B 593 79.37 52.84 31.12
C LYS B 593 79.97 52.35 32.43
N ASN B 594 80.83 53.18 33.03
CA ASN B 594 81.43 52.89 34.33
C ASN B 594 80.62 53.52 35.46
N ASP B 595 79.42 53.95 35.08
CA ASP B 595 78.50 54.73 35.91
C ASP B 595 77.39 53.83 36.47
N THR B 596 76.84 52.98 35.61
CA THR B 596 75.54 52.38 35.84
C THR B 596 75.51 50.86 35.71
N LEU B 597 74.58 50.24 36.44
CA LEU B 597 74.32 48.78 36.38
C LEU B 597 73.04 48.47 35.57
N ASP B 598 72.45 47.29 35.77
CA ASP B 598 71.50 46.71 34.77
C ASP B 598 72.28 46.34 33.51
N ASP B 599 73.31 45.55 33.78
CA ASP B 599 74.44 45.39 32.90
C ASP B 599 74.04 45.16 31.46
N LEU B 600 72.97 44.39 31.25
CA LEU B 600 72.51 44.19 29.88
C LEU B 600 72.28 45.52 29.14
N ASN B 601 72.31 46.63 29.87
CA ASN B 601 72.21 47.98 29.29
C ASN B 601 73.53 48.75 29.34
N SER B 602 74.57 48.08 29.84
CA SER B 602 75.85 48.74 30.15
C SER B 602 76.72 49.18 28.97
N VAL B 603 76.69 48.42 27.87
CA VAL B 603 77.49 48.77 26.67
C VAL B 603 76.68 49.59 25.66
N PHE B 604 77.29 50.69 25.18
CA PHE B 604 76.70 51.55 24.14
C PHE B 604 77.68 51.84 22.99
N ILE B 605 77.15 52.24 21.83
CA ILE B 605 78.00 52.51 20.64
C ILE B 605 77.75 53.93 20.06
N SER B 606 78.84 54.67 19.84
CA SER B 606 78.77 56.03 19.28
C SER B 606 79.22 56.12 17.84
N GLN B 607 78.48 56.90 17.04
CA GLN B 607 78.74 57.18 15.61
C GLN B 607 77.99 58.44 15.16
N SER B 608 78.70 59.36 14.50
CA SER B 608 78.13 60.62 13.97
C SER B 608 77.45 61.50 15.04
N GLY B 609 77.94 61.36 16.27
CA GLY B 609 77.41 62.08 17.43
C GLY B 609 76.31 61.30 18.14
N TYR B 610 75.92 60.19 17.53
CA TYR B 610 74.76 59.43 17.98
C TYR B 610 75.17 58.15 18.73
N LEU B 611 74.42 57.82 19.78
CA LEU B 611 74.70 56.62 20.61
C LEU B 611 73.64 55.53 20.45
N LEU B 612 74.06 54.28 20.59
CA LEU B 612 73.18 53.11 20.40
C LEU B 612 73.51 52.01 21.40
N GLN B 613 72.57 51.72 22.30
CA GLN B 613 72.80 50.72 23.36
C GLN B 613 72.89 49.32 22.79
N TYR B 614 74.01 48.66 23.05
CA TYR B 614 74.25 47.25 22.66
C TYR B 614 73.31 46.35 23.46
N LYS B 615 72.44 45.64 22.74
CA LYS B 615 71.63 44.59 23.32
C LYS B 615 72.44 43.29 23.38
N PHE B 616 72.14 42.41 24.33
CA PHE B 616 73.03 41.27 24.64
C PHE B 616 72.85 40.01 23.81
N GLU B 617 71.92 40.04 22.86
CA GLU B 617 71.47 38.83 22.16
C GLU B 617 72.61 38.05 21.50
N TYR B 618 72.52 36.74 21.57
CA TYR B 618 73.55 35.91 20.99
C TYR B 618 73.52 36.03 19.48
N ILE B 619 74.70 36.15 18.85
CA ILE B 619 74.84 36.19 17.37
C ILE B 619 75.55 34.95 16.82
N GLY B 620 76.20 34.22 17.71
CA GLY B 620 77.00 33.08 17.34
C GLY B 620 78.30 33.54 16.72
N ILE B 621 78.79 32.77 15.75
CA ILE B 621 79.98 33.16 15.01
C ILE B 621 79.69 33.22 13.49
N PRO B 622 79.03 34.31 13.03
CA PRO B 622 78.72 34.43 11.59
C PRO B 622 79.85 34.99 10.71
N GLU B 623 79.74 34.76 9.39
CA GLU B 623 80.65 35.32 8.38
C GLU B 623 80.64 36.84 8.40
N ARG B 624 81.78 37.42 8.77
CA ARG B 624 81.88 38.85 9.00
C ARG B 624 82.22 39.67 7.77
N LEU B 625 81.46 40.75 7.58
CA LEU B 625 81.59 41.65 6.43
C LEU B 625 82.88 42.46 6.51
N ILE B 626 83.68 42.46 5.44
CA ILE B 626 84.94 43.22 5.37
C ILE B 626 84.69 44.73 5.38
N TYR B 627 85.38 45.45 6.27
CA TYR B 627 85.16 46.87 6.46
C TYR B 627 85.68 47.71 5.28
N THR B 628 84.80 48.55 4.74
CA THR B 628 85.14 49.50 3.66
C THR B 628 84.70 50.91 4.09
N PRO B 629 85.23 51.97 3.43
CA PRO B 629 84.74 53.31 3.80
C PRO B 629 83.23 53.39 3.58
N LEU B 630 82.83 52.87 2.43
CA LEU B 630 81.44 52.72 2.04
C LEU B 630 80.61 51.95 3.09
N LEU B 631 81.21 50.90 3.69
CA LEU B 631 80.56 50.11 4.75
C LEU B 631 80.19 51.02 5.93
N LEU B 632 81.19 51.76 6.41
CA LEU B 632 81.04 52.66 7.55
C LEU B 632 79.95 53.69 7.32
N ILE B 633 79.89 54.21 6.09
CA ILE B 633 78.87 55.18 5.69
C ILE B 633 77.46 54.58 5.82
N GLY B 634 77.32 53.30 5.47
CA GLY B 634 76.03 52.61 5.53
C GLY B 634 75.57 52.44 6.98
N PHE B 635 76.51 52.01 7.83
CA PHE B 635 76.36 51.92 9.28
C PHE B 635 75.97 53.32 9.84
N ALA B 636 76.56 54.36 9.26
CA ALA B 636 76.30 55.76 9.63
C ALA B 636 74.88 56.23 9.32
N THR B 637 74.36 55.85 8.16
CA THR B 637 72.98 56.20 7.77
C THR B 637 72.01 55.40 8.62
N LEU B 638 72.32 54.12 8.86
CA LEU B 638 71.47 53.26 9.67
C LEU B 638 71.26 53.84 11.07
N THR B 639 72.33 54.38 11.65
CA THR B 639 72.28 54.98 12.98
C THR B 639 71.50 56.33 12.94
N ASP B 640 71.72 57.12 11.88
CA ASP B 640 71.03 58.41 11.70
C ASP B 640 69.49 58.25 11.59
N SER B 641 69.03 57.17 10.94
CA SER B 641 67.59 56.86 10.83
C SER B 641 67.02 56.51 12.19
N LEU B 642 67.62 55.49 12.79
CA LEU B 642 67.21 54.96 14.10
C LEU B 642 67.14 56.00 15.22
N HIS B 643 68.12 56.91 15.26
CA HIS B 643 68.22 57.99 16.26
C HIS B 643 66.95 58.85 16.34
N GLN B 644 66.31 59.08 15.20
CA GLN B 644 65.10 59.90 15.11
C GLN B 644 63.84 59.02 15.01
N LYS B 645 63.97 57.74 15.41
CA LYS B 645 62.91 56.70 15.32
C LYS B 645 62.26 56.50 13.92
N TYR B 646 63.15 56.51 12.93
CA TYR B 646 62.85 56.26 11.53
C TYR B 646 63.37 54.88 11.13
N GLY B 647 62.72 54.29 10.12
CA GLY B 647 63.15 53.01 9.57
C GLY B 647 64.31 53.15 8.59
N GLY B 648 65.23 52.17 8.62
CA GLY B 648 66.37 52.15 7.72
C GLY B 648 65.94 51.53 6.41
N CYS B 649 66.40 52.11 5.31
CA CYS B 649 66.08 51.60 3.97
C CYS B 649 67.14 51.89 2.91
N PHE B 650 67.83 50.86 2.43
CA PHE B 650 68.56 51.08 1.19
C PHE B 650 68.12 50.34 -0.08
N PHE B 651 67.80 51.18 -1.07
CA PHE B 651 67.65 50.77 -2.45
C PHE B 651 69.02 50.69 -3.13
N GLY B 652 69.09 49.87 -4.17
CA GLY B 652 70.34 49.67 -4.91
C GLY B 652 70.36 48.37 -5.70
N PRO B 653 71.35 48.23 -6.62
CA PRO B 653 71.42 47.06 -7.49
C PRO B 653 71.67 45.79 -6.70
N ALA B 654 71.16 44.66 -7.20
CA ALA B 654 71.48 43.37 -6.61
C ALA B 654 73.01 43.14 -6.65
N GLY B 655 73.54 42.58 -5.57
CA GLY B 655 74.97 42.33 -5.46
C GLY B 655 75.69 43.35 -4.60
N THR B 656 74.99 44.39 -4.15
CA THR B 656 75.58 45.44 -3.33
C THR B 656 75.57 45.12 -1.82
N GLY B 657 74.96 44.00 -1.43
CA GLY B 657 75.01 43.51 -0.04
C GLY B 657 74.23 44.31 0.98
N LYS B 658 73.09 44.85 0.55
CA LYS B 658 72.19 45.65 1.39
C LYS B 658 71.62 44.92 2.61
N THR B 659 71.22 43.65 2.43
CA THR B 659 70.73 42.90 3.60
C THR B 659 71.88 42.52 4.51
N GLU B 660 73.02 42.13 3.91
CA GLU B 660 74.25 41.80 4.63
C GLU B 660 74.69 42.92 5.57
N THR B 661 74.60 44.15 5.07
CA THR B 661 74.80 45.37 5.85
C THR B 661 73.87 45.46 7.08
N VAL B 662 72.58 45.31 6.86
CA VAL B 662 71.60 45.29 7.94
C VAL B 662 71.85 44.14 8.95
N LYS B 663 72.27 42.98 8.43
CA LYS B 663 72.67 41.85 9.25
C LYS B 663 73.93 42.19 10.07
N ALA B 664 74.96 42.73 9.41
CA ALA B 664 76.23 43.13 10.05
C ALA B 664 76.09 44.26 11.08
N PHE B 665 75.37 45.31 10.71
CA PHE B 665 75.03 46.43 11.61
C PHE B 665 74.27 45.95 12.87
N GLY B 666 73.42 44.93 12.73
CA GLY B 666 72.74 44.29 13.86
C GLY B 666 73.71 43.56 14.76
N GLN B 667 74.47 42.63 14.20
CA GLN B 667 75.51 41.87 14.91
C GLN B 667 76.49 42.73 15.69
N ASN B 668 76.99 43.80 15.04
CA ASN B 668 77.87 44.80 15.66
C ASN B 668 77.27 45.41 16.94
N LEU B 669 75.94 45.32 17.04
CA LEU B 669 75.17 45.86 18.17
C LEU B 669 74.52 44.73 18.96
N GLY B 670 74.91 43.49 18.66
CA GLY B 670 74.45 42.31 19.40
C GLY B 670 72.96 42.07 19.20
N ARG B 671 72.60 41.99 17.93
CA ARG B 671 71.24 41.74 17.51
C ARG B 671 71.28 40.72 16.37
N VAL B 672 70.38 39.75 16.47
CA VAL B 672 70.14 38.78 15.42
C VAL B 672 68.97 39.28 14.59
N VAL B 673 69.30 39.81 13.41
CA VAL B 673 68.30 40.42 12.55
C VAL B 673 67.50 39.29 11.90
N VAL B 674 66.16 39.33 12.04
CA VAL B 674 65.32 38.38 11.29
C VAL B 674 65.07 38.94 9.91
N VAL B 675 65.48 38.17 8.92
CA VAL B 675 65.41 38.60 7.55
C VAL B 675 64.20 37.90 6.98
N PHE B 676 63.31 38.69 6.41
CA PHE B 676 62.15 38.16 5.72
C PHE B 676 62.49 38.13 4.24
N ASN B 677 62.63 36.93 3.68
CA ASN B 677 62.70 36.79 2.23
C ASN B 677 61.28 36.92 1.68
N CYS B 678 61.07 38.01 0.95
CA CYS B 678 59.73 38.37 0.53
C CYS B 678 59.37 37.78 -0.83
N ASP B 679 58.21 37.13 -0.89
CA ASP B 679 57.60 36.63 -2.13
C ASP B 679 58.15 35.28 -2.66
N ASP B 680 58.98 34.63 -1.85
CA ASP B 680 59.38 33.24 -2.13
C ASP B 680 58.30 32.28 -1.65
N SER B 681 57.11 32.39 -2.25
CA SER B 681 55.95 31.62 -1.83
C SER B 681 55.73 31.80 -0.32
N PHE B 682 55.86 33.04 0.15
CA PHE B 682 55.74 33.38 1.56
C PHE B 682 54.31 33.83 1.89
N ASP B 683 53.65 33.15 2.82
CA ASP B 683 52.27 33.47 3.23
C ASP B 683 52.21 34.81 3.97
N TYR B 684 51.12 35.55 3.80
CA TYR B 684 50.87 36.76 4.61
C TYR B 684 50.55 36.41 6.06
N GLN B 685 49.89 35.27 6.26
CA GLN B 685 49.51 34.79 7.60
C GLN B 685 50.73 34.54 8.51
N VAL B 686 51.77 33.92 7.95
CA VAL B 686 53.01 33.73 8.71
C VAL B 686 53.73 35.06 9.03
N LEU B 687 53.82 35.97 8.06
CA LEU B 687 54.47 37.26 8.28
C LEU B 687 53.72 38.11 9.30
N SER B 688 52.39 38.09 9.23
CA SER B 688 51.54 38.78 10.21
C SER B 688 51.80 38.31 11.64
N ARG B 689 52.08 37.02 11.79
CA ARG B 689 52.43 36.43 13.06
C ARG B 689 53.83 36.88 13.47
N LEU B 690 54.80 36.75 12.55
CA LEU B 690 56.19 37.21 12.76
C LEU B 690 56.29 38.68 13.18
N LEU B 691 55.44 39.53 12.59
CA LEU B 691 55.40 40.95 12.93
C LEU B 691 54.94 41.20 14.35
N VAL B 692 53.96 40.42 14.81
CA VAL B 692 53.51 40.53 16.20
C VAL B 692 54.68 40.14 17.12
N GLY B 693 55.34 39.03 16.77
CA GLY B 693 56.48 38.51 17.52
C GLY B 693 57.67 39.45 17.60
N ILE B 694 57.90 40.17 16.51
CA ILE B 694 58.97 41.14 16.46
C ILE B 694 58.68 42.39 17.34
N THR B 695 57.43 42.86 17.32
CA THR B 695 57.00 44.01 18.13
C THR B 695 56.94 43.69 19.64
N GLN B 696 56.73 42.42 19.97
CA GLN B 696 56.70 42.00 21.36
C GLN B 696 58.11 41.76 21.87
N ILE B 697 58.88 40.94 21.16
CA ILE B 697 60.26 40.61 21.56
C ILE B 697 61.26 41.78 21.35
N GLY B 698 60.84 42.80 20.59
CA GLY B 698 61.63 44.02 20.37
C GLY B 698 62.81 43.80 19.44
N ALA B 699 62.61 42.93 18.45
CA ALA B 699 63.66 42.49 17.54
C ALA B 699 63.81 43.39 16.29
N TRP B 700 64.87 43.12 15.52
CA TRP B 700 65.13 43.80 14.24
C TRP B 700 64.75 42.92 13.05
N GLY B 701 63.91 43.49 12.18
CA GLY B 701 63.42 42.79 11.01
C GLY B 701 63.87 43.49 9.75
N CYS B 702 64.42 42.70 8.83
CA CYS B 702 64.85 43.21 7.55
C CYS B 702 64.03 42.56 6.44
N PHE B 703 63.47 43.40 5.57
CA PHE B 703 62.72 42.92 4.42
C PHE B 703 63.68 42.80 3.22
N ASP B 704 64.14 41.57 3.00
CA ASP B 704 65.09 41.23 1.94
C ASP B 704 64.42 41.29 0.57
N GLU B 705 64.72 42.33 -0.20
CA GLU B 705 64.11 42.57 -1.53
C GLU B 705 62.59 42.80 -1.49
N PHE B 706 62.18 43.79 -0.69
CA PHE B 706 60.77 44.14 -0.39
C PHE B 706 59.88 44.24 -1.65
N ASN B 707 60.52 44.73 -2.71
CA ASN B 707 59.84 45.07 -3.94
C ASN B 707 59.06 43.90 -4.54
N ARG B 708 59.61 42.70 -4.45
CA ARG B 708 58.95 41.54 -5.05
C ARG B 708 57.80 40.97 -4.19
N LEU B 709 56.69 41.70 -4.09
CA LEU B 709 55.49 41.25 -3.34
C LEU B 709 54.22 41.61 -4.09
N ASP B 710 53.16 40.81 -3.93
CA ASP B 710 51.93 40.93 -4.74
C ASP B 710 50.94 41.95 -4.22
N GLU B 711 50.38 42.75 -5.12
CA GLU B 711 49.70 44.00 -4.77
C GLU B 711 48.80 43.99 -3.51
N LYS B 712 47.93 42.99 -3.39
CA LYS B 712 47.05 42.93 -2.22
C LYS B 712 47.84 42.65 -0.94
N VAL B 713 48.82 41.75 -1.03
CA VAL B 713 49.75 41.45 0.08
C VAL B 713 50.56 42.69 0.44
N LEU B 714 51.26 43.27 -0.55
CA LEU B 714 52.09 44.45 -0.35
C LEU B 714 51.36 45.61 0.33
N SER B 715 50.09 45.84 -0.02
CA SER B 715 49.24 46.85 0.64
C SER B 715 49.09 46.52 2.13
N ALA B 716 48.60 45.32 2.40
CA ALA B 716 48.35 44.83 3.76
C ALA B 716 49.60 44.81 4.66
N VAL B 717 50.73 44.40 4.10
CA VAL B 717 52.01 44.39 4.82
C VAL B 717 52.48 45.83 5.08
N SER B 718 52.56 46.62 4.01
CA SER B 718 52.97 48.02 4.11
C SER B 718 52.12 48.84 5.08
N ALA B 719 50.83 48.49 5.19
CA ALA B 719 49.93 49.12 6.18
C ALA B 719 50.32 48.78 7.64
N ASN B 720 50.60 47.49 7.86
CA ASN B 720 51.06 46.95 9.15
C ASN B 720 52.37 47.58 9.60
N ILE B 721 53.30 47.73 8.65
CA ILE B 721 54.61 48.29 8.94
C ILE B 721 54.42 49.73 9.40
N GLN B 722 53.50 50.45 8.75
CA GLN B 722 53.22 51.83 9.13
C GLN B 722 52.85 51.93 10.61
N GLN B 723 52.03 50.98 11.08
CA GLN B 723 51.58 50.98 12.48
C GLN B 723 52.79 50.96 13.40
N ILE B 724 53.71 50.01 13.15
CA ILE B 724 54.99 49.88 13.87
C ILE B 724 55.81 51.18 13.83
N GLN B 725 56.12 51.68 12.64
CA GLN B 725 56.90 52.91 12.55
C GLN B 725 56.18 54.17 13.08
N ASN B 726 54.86 54.20 12.98
CA ASN B 726 54.10 55.32 13.56
C ASN B 726 54.00 55.16 15.07
N GLY B 727 53.99 53.90 15.51
CA GLY B 727 53.92 53.55 16.92
C GLY B 727 55.20 53.94 17.65
N LEU B 728 56.33 53.73 16.98
CA LEU B 728 57.62 54.07 17.57
C LEU B 728 57.88 55.58 17.53
N GLN B 729 57.62 56.22 16.39
CA GLN B 729 57.78 57.68 16.21
C GLN B 729 57.08 58.48 17.32
N VAL B 730 55.83 58.08 17.60
CA VAL B 730 55.05 58.56 18.75
C VAL B 730 55.51 57.92 20.08
N GLY B 731 55.92 56.65 20.04
CA GLY B 731 56.34 55.94 21.24
C GLY B 731 55.24 55.13 21.92
N LYS B 732 54.04 55.17 21.33
CA LYS B 732 52.85 54.47 21.85
C LYS B 732 53.17 53.09 22.46
N SER B 733 52.74 52.89 23.70
CA SER B 733 53.00 51.67 24.45
C SER B 733 52.36 50.46 23.79
N HIS B 734 51.09 50.60 23.43
CA HIS B 734 50.37 49.56 22.71
C HIS B 734 49.90 50.11 21.39
N ILE B 735 50.15 49.37 20.32
CA ILE B 735 49.66 49.75 18.99
C ILE B 735 48.77 48.66 18.43
N THR B 736 47.82 49.05 17.60
CA THR B 736 46.95 48.02 17.04
C THR B 736 47.37 47.59 15.62
N LEU B 737 47.57 46.27 15.48
CA LEU B 737 47.86 45.61 14.21
C LEU B 737 47.25 44.20 14.24
N LEU B 738 46.81 43.71 13.08
CA LEU B 738 46.13 42.41 12.94
C LEU B 738 44.86 42.29 13.81
N GLU B 739 44.04 43.36 13.79
CA GLU B 739 42.77 43.47 14.53
C GLU B 739 42.82 43.08 16.02
N GLU B 740 43.86 43.55 16.70
CA GLU B 740 44.11 43.27 18.12
C GLU B 740 45.01 44.33 18.76
N GLU B 741 44.77 44.64 20.03
CA GLU B 741 45.63 45.52 20.80
C GLU B 741 46.82 44.73 21.35
N THR B 742 47.96 44.87 20.68
CA THR B 742 49.20 44.19 21.08
C THR B 742 50.26 45.21 21.53
N PRO B 743 51.09 44.84 22.54
CA PRO B 743 52.09 45.82 23.00
C PRO B 743 53.30 45.95 22.07
N LEU B 744 53.88 47.15 22.03
CA LEU B 744 55.05 47.42 21.22
C LEU B 744 56.28 47.75 22.06
N SER B 745 57.33 46.95 21.91
CA SER B 745 58.63 47.27 22.48
C SER B 745 59.22 48.41 21.69
N PRO B 746 59.95 49.32 22.36
CA PRO B 746 60.56 50.46 21.67
C PRO B 746 61.90 50.10 21.03
N HIS B 747 62.42 48.92 21.37
CA HIS B 747 63.66 48.40 20.75
C HIS B 747 63.48 47.88 19.32
N THR B 748 62.23 47.61 18.94
CA THR B 748 61.80 47.16 17.59
C THR B 748 62.28 48.12 16.47
N ALA B 749 62.71 47.55 15.34
CA ALA B 749 63.12 48.32 14.15
C ALA B 749 62.90 47.56 12.84
N VAL B 750 62.51 48.29 11.81
CA VAL B 750 62.14 47.72 10.51
C VAL B 750 63.07 48.24 9.43
N PHE B 751 63.66 47.32 8.68
CA PHE B 751 64.60 47.64 7.61
C PHE B 751 64.13 47.10 6.27
N ILE B 752 64.29 47.91 5.23
CA ILE B 752 63.81 47.55 3.90
C ILE B 752 64.97 47.67 2.91
N THR B 753 65.30 46.55 2.28
CA THR B 753 66.19 46.58 1.11
C THR B 753 65.34 46.59 -0.17
N LEU B 754 65.70 47.49 -1.10
CA LEU B 754 64.94 47.66 -2.34
C LEU B 754 65.74 47.45 -3.61
N ASN B 755 65.72 46.21 -4.09
CA ASN B 755 66.28 45.87 -5.38
C ASN B 755 65.51 46.56 -6.50
N PRO B 756 66.22 46.98 -7.59
CA PRO B 756 65.53 47.67 -8.67
C PRO B 756 64.70 46.75 -9.57
N GLY B 757 63.63 47.31 -10.13
CA GLY B 757 62.75 46.54 -11.01
C GLY B 757 63.15 46.64 -12.47
N TYR B 758 62.22 46.29 -13.35
CA TYR B 758 62.47 46.38 -14.78
C TYR B 758 62.30 47.82 -15.29
N ASN B 759 61.54 48.63 -14.54
CA ASN B 759 61.39 50.08 -14.74
C ASN B 759 62.66 50.88 -14.38
N GLY B 760 63.20 50.60 -13.19
CA GLY B 760 64.32 51.34 -12.58
C GLY B 760 64.46 51.01 -11.09
N ARG B 761 65.14 51.87 -10.33
CA ARG B 761 65.31 51.67 -8.88
C ARG B 761 64.00 51.74 -8.13
N SER B 762 63.67 50.67 -7.39
CA SER B 762 62.37 50.54 -6.71
C SER B 762 62.10 51.63 -5.69
N GLU B 763 60.82 51.82 -5.39
CA GLU B 763 60.39 52.83 -4.43
C GLU B 763 59.45 52.24 -3.38
N LEU B 764 59.42 52.88 -2.21
CA LEU B 764 58.55 52.48 -1.12
C LEU B 764 57.17 52.97 -1.43
N PRO B 765 56.13 52.28 -0.95
CA PRO B 765 54.76 52.79 -1.03
C PRO B 765 54.71 54.15 -0.32
N GLU B 766 53.76 55.01 -0.70
CA GLU B 766 53.71 56.40 -0.21
C GLU B 766 53.76 56.52 1.32
N ASN B 767 52.99 55.68 2.00
CA ASN B 767 52.86 55.73 3.45
C ASN B 767 54.20 55.53 4.18
N LEU B 768 55.01 54.64 3.62
CA LEU B 768 56.33 54.34 4.18
C LEU B 768 57.37 55.42 3.89
N LYS B 769 57.06 56.32 2.96
CA LYS B 769 57.98 57.40 2.55
C LYS B 769 58.25 58.40 3.68
N LYS B 770 57.23 58.77 4.45
CA LYS B 770 57.39 59.66 5.62
C LYS B 770 57.72 58.93 6.93
N SER B 771 58.17 57.68 6.82
CA SER B 771 58.38 56.79 7.96
C SER B 771 59.78 56.16 7.91
N PHE B 772 60.38 56.17 6.72
CA PHE B 772 61.68 55.54 6.45
C PHE B 772 62.69 56.53 5.87
N ARG B 773 63.98 56.14 5.86
CA ARG B 773 65.05 56.97 5.26
C ARG B 773 65.79 56.24 4.15
N GLU B 774 65.47 56.63 2.90
CA GLU B 774 66.00 55.97 1.70
C GLU B 774 67.47 56.33 1.43
N PHE B 775 68.27 55.30 1.14
CA PHE B 775 69.69 55.45 0.84
C PHE B 775 70.14 54.66 -0.41
N SER B 776 71.10 55.20 -1.17
CA SER B 776 71.57 54.52 -2.38
C SER B 776 72.92 53.81 -2.18
N MET B 777 72.82 52.48 -2.10
CA MET B 777 74.01 51.62 -2.06
C MET B 777 74.78 51.78 -3.35
N LYS B 778 76.10 51.86 -3.24
CA LYS B 778 76.97 52.01 -4.41
C LYS B 778 78.09 51.01 -4.29
N SER B 779 78.48 50.43 -5.41
CA SER B 779 79.57 49.46 -5.40
C SER B 779 80.84 50.10 -4.81
N PRO B 780 81.56 49.36 -3.96
CA PRO B 780 82.78 49.94 -3.41
C PRO B 780 83.82 50.11 -4.51
N GLN B 781 84.52 51.24 -4.53
CA GLN B 781 85.69 51.34 -5.37
C GLN B 781 86.58 50.18 -4.94
N SER B 782 87.10 49.42 -5.90
CA SER B 782 87.65 48.10 -5.59
C SER B 782 88.97 48.12 -4.79
N GLY B 783 89.85 49.07 -5.12
CA GLY B 783 91.18 49.16 -4.48
C GLY B 783 91.21 48.86 -2.99
N THR B 784 90.28 49.45 -2.24
CA THR B 784 90.17 49.24 -0.79
C THR B 784 89.91 47.79 -0.38
N ILE B 785 88.99 47.12 -1.08
CA ILE B 785 88.62 45.76 -0.72
C ILE B 785 89.78 44.81 -1.03
N ALA B 786 90.40 45.00 -2.21
CA ALA B 786 91.58 44.23 -2.65
C ALA B 786 92.74 44.22 -1.65
N GLU B 787 93.02 45.39 -1.08
CA GLU B 787 94.05 45.51 -0.08
C GLU B 787 93.79 44.67 1.18
N MET B 788 92.57 44.71 1.71
CA MET B 788 92.15 43.90 2.87
C MET B 788 92.28 42.38 2.60
N ILE B 789 91.80 41.95 1.43
CA ILE B 789 91.79 40.53 1.03
C ILE B 789 93.23 40.04 0.95
N LEU B 790 94.11 40.87 0.40
CA LEU B 790 95.54 40.57 0.37
C LEU B 790 96.09 40.49 1.79
N GLN B 791 95.63 41.38 2.66
CA GLN B 791 96.06 41.41 4.05
C GLN B 791 95.75 40.10 4.78
N ILE B 792 94.53 39.59 4.59
CA ILE B 792 94.07 38.38 5.28
C ILE B 792 94.88 37.12 4.95
N MET B 793 95.22 36.95 3.67
CA MET B 793 95.84 35.71 3.17
C MET B 793 97.22 35.45 3.77
N GLY B 794 97.94 36.52 4.04
CA GLY B 794 99.37 36.45 4.34
C GLY B 794 99.94 37.46 3.36
N PHE B 795 100.05 38.68 3.86
CA PHE B 795 100.13 39.91 3.05
C PHE B 795 101.33 40.07 2.13
N GLU B 796 102.52 39.86 2.66
CA GLU B 796 103.69 40.45 2.03
C GLU B 796 103.32 41.93 2.02
N ASP B 797 103.42 42.60 0.87
CA ASP B 797 102.94 43.96 0.76
C ASP B 797 101.59 44.05 0.04
N SER B 798 100.54 44.26 0.82
CA SER B 798 99.15 44.32 0.31
C SER B 798 98.85 45.57 -0.53
N LYS B 799 99.41 46.70 -0.11
CA LYS B 799 99.13 47.99 -0.74
C LYS B 799 99.60 48.09 -2.20
N SER B 800 100.83 47.66 -2.47
CA SER B 800 101.38 47.68 -3.83
C SER B 800 100.60 46.76 -4.77
N LEU B 801 100.31 45.56 -4.29
CA LEU B 801 99.62 44.56 -5.10
C LEU B 801 98.20 45.01 -5.43
N ALA B 802 97.51 45.55 -4.43
CA ALA B 802 96.12 45.97 -4.62
C ALA B 802 96.01 47.04 -5.71
N SER B 803 96.95 47.99 -5.72
CA SER B 803 96.98 49.07 -6.71
C SER B 803 97.32 48.55 -8.09
N LYS B 804 98.37 47.74 -8.15
CA LYS B 804 98.87 47.18 -9.40
C LYS B 804 97.85 46.22 -10.06
N ILE B 805 97.25 45.33 -9.27
CA ILE B 805 96.20 44.39 -9.72
C ILE B 805 95.01 45.15 -10.33
N VAL B 806 94.49 46.11 -9.58
CA VAL B 806 93.34 46.92 -10.03
C VAL B 806 93.71 47.65 -11.34
N HIS B 807 94.87 48.32 -11.35
CA HIS B 807 95.34 49.04 -12.55
C HIS B 807 95.38 48.13 -13.77
N PHE B 808 95.96 46.95 -13.61
CA PHE B 808 96.04 45.97 -14.69
C PHE B 808 94.67 45.54 -15.22
N LEU B 809 93.76 45.16 -14.32
CA LEU B 809 92.38 44.79 -14.68
C LEU B 809 91.66 45.93 -15.38
N GLU B 810 91.83 47.14 -14.83
CA GLU B 810 91.31 48.39 -15.40
C GLU B 810 91.91 48.64 -16.77
N LEU B 811 93.21 48.35 -16.90
CA LEU B 811 93.99 48.55 -18.11
C LEU B 811 93.51 47.63 -19.21
N LEU B 812 93.35 46.35 -18.87
CA LEU B 812 92.82 45.33 -19.79
C LEU B 812 91.50 45.78 -20.37
N SER B 813 90.62 46.27 -19.50
CA SER B 813 89.30 46.76 -19.88
C SER B 813 89.39 47.80 -21.02
N SER B 814 90.25 48.79 -20.84
CA SER B 814 90.40 49.85 -21.83
C SER B 814 91.25 49.44 -23.05
N LYS B 815 92.11 48.43 -22.88
CA LYS B 815 93.03 47.98 -23.92
C LYS B 815 92.51 46.83 -24.80
N CYS B 816 91.85 45.86 -24.19
CA CYS B 816 91.31 44.70 -24.92
C CYS B 816 90.09 45.10 -25.75
N SER B 817 89.72 44.24 -26.71
CA SER B 817 88.46 44.41 -27.45
C SER B 817 87.29 44.12 -26.51
N SER B 818 86.21 44.89 -26.60
CA SER B 818 85.10 44.64 -25.68
C SER B 818 84.29 43.46 -26.20
N MET B 819 84.45 42.33 -25.52
CA MET B 819 83.90 41.05 -25.93
C MET B 819 82.80 40.60 -24.99
N ASN B 820 81.83 39.80 -25.49
CA ASN B 820 80.65 39.38 -24.70
C ASN B 820 80.94 38.79 -23.33
N HIS B 821 81.91 37.90 -23.31
CA HIS B 821 82.16 37.13 -22.11
C HIS B 821 83.24 37.72 -21.23
N TYR B 822 83.87 38.81 -21.68
CA TYR B 822 84.89 39.49 -20.89
C TYR B 822 84.27 40.24 -19.69
N HIS B 823 84.70 39.94 -18.48
CA HIS B 823 84.33 40.75 -17.29
C HIS B 823 85.59 41.13 -16.49
N PHE B 824 85.81 42.44 -16.30
CA PHE B 824 86.99 42.94 -15.55
C PHE B 824 86.55 43.81 -14.37
N GLY B 825 85.29 43.63 -13.96
CA GLY B 825 84.76 44.20 -12.71
C GLY B 825 85.33 43.46 -11.52
N LEU B 826 85.00 43.94 -10.31
CA LEU B 826 85.66 43.50 -9.07
C LEU B 826 85.46 42.02 -8.75
N ARG B 827 84.30 41.50 -9.13
CA ARG B 827 83.95 40.09 -8.97
C ARG B 827 85.13 39.29 -9.51
N THR B 828 85.59 39.74 -10.67
CA THR B 828 86.72 39.17 -11.36
C THR B 828 88.00 39.25 -10.52
N LEU B 829 88.31 40.40 -9.93
CA LEU B 829 89.49 40.48 -9.06
C LEU B 829 89.32 39.72 -7.74
N LYS B 830 88.09 39.61 -7.23
CA LYS B 830 87.81 38.74 -6.07
C LYS B 830 88.07 37.27 -6.41
N GLY B 831 87.80 36.91 -7.66
CA GLY B 831 88.07 35.57 -8.18
C GLY B 831 89.55 35.28 -8.35
N VAL B 832 90.30 36.27 -8.85
CA VAL B 832 91.77 36.18 -8.97
C VAL B 832 92.38 36.01 -7.57
N LEU B 833 91.86 36.79 -6.63
CA LEU B 833 92.23 36.69 -5.21
C LEU B 833 91.81 35.36 -4.56
N ARG B 834 90.63 34.84 -4.93
CA ARG B 834 90.18 33.51 -4.46
C ARG B 834 91.10 32.40 -4.95
N ASN B 835 91.49 32.48 -6.22
CA ASN B 835 92.45 31.56 -6.87
C ASN B 835 93.85 31.68 -6.25
N CYS B 836 94.15 32.83 -5.65
CA CYS B 836 95.46 33.09 -5.09
C CYS B 836 95.85 32.19 -3.90
N SER B 837 94.87 31.92 -3.03
CA SER B 837 95.11 31.26 -1.74
C SER B 837 95.81 29.87 -1.87
N PRO B 838 95.29 29.01 -2.77
CA PRO B 838 95.97 27.76 -3.08
C PRO B 838 97.34 28.05 -3.69
N LEU B 839 97.41 29.04 -4.55
CA LEU B 839 98.64 29.37 -5.25
C LEU B 839 99.74 29.78 -4.33
N ILE B 840 99.40 30.54 -3.28
CA ILE B 840 100.38 30.96 -2.28
C ILE B 840 101.08 29.73 -1.73
N SER B 841 100.28 28.69 -1.48
CA SER B 841 100.80 27.45 -0.94
C SER B 841 101.88 26.87 -1.88
N GLU B 842 101.73 27.06 -3.18
CA GLU B 842 102.77 26.63 -4.12
C GLU B 842 104.03 27.50 -4.13
N PHE B 843 103.88 28.82 -4.08
CA PHE B 843 105.04 29.73 -4.19
C PHE B 843 105.29 30.64 -2.97
N GLY B 844 104.71 31.83 -2.98
CA GLY B 844 104.91 32.79 -1.89
C GLY B 844 103.70 33.67 -1.68
N GLU B 845 103.62 34.32 -0.52
CA GLU B 845 102.64 35.39 -0.35
C GLU B 845 103.21 36.63 -1.03
N GLY B 846 103.44 36.52 -2.34
CA GLY B 846 104.13 37.56 -3.08
C GLY B 846 103.37 37.99 -4.32
N GLU B 847 103.91 38.99 -5.00
CA GLU B 847 103.34 39.47 -6.26
C GLU B 847 103.34 38.34 -7.28
N LYS B 848 104.40 37.54 -7.24
CA LYS B 848 104.62 36.47 -8.19
C LYS B 848 103.45 35.48 -8.20
N THR B 849 102.99 35.10 -7.01
CA THR B 849 101.79 34.26 -6.88
C THR B 849 100.54 34.92 -7.46
N VAL B 850 100.48 36.25 -7.34
CA VAL B 850 99.39 37.06 -7.91
C VAL B 850 99.45 37.01 -9.45
N VAL B 851 100.65 37.23 -9.98
CA VAL B 851 100.94 37.19 -11.44
C VAL B 851 100.44 35.90 -12.08
N GLU B 852 100.76 34.78 -11.44
CA GLU B 852 100.35 33.47 -11.91
C GLU B 852 98.84 33.30 -11.83
N SER B 853 98.23 33.78 -10.76
CA SER B 853 96.78 33.75 -10.65
C SER B 853 96.08 34.57 -11.73
N LEU B 854 96.67 35.70 -12.13
CA LEU B 854 96.13 36.54 -13.23
C LEU B 854 96.05 35.75 -14.51
N LYS B 855 97.14 35.08 -14.86
CA LYS B 855 97.19 34.29 -16.07
C LYS B 855 96.47 32.95 -15.95
N ARG B 856 96.28 32.48 -14.72
CA ARG B 856 95.49 31.27 -14.50
C ARG B 856 94.01 31.45 -14.85
N VAL B 857 93.46 32.64 -14.53
CA VAL B 857 92.04 32.94 -14.76
C VAL B 857 91.78 33.81 -15.99
N ILE B 858 92.48 34.93 -16.07
CA ILE B 858 92.25 35.90 -17.12
C ILE B 858 92.62 35.40 -18.51
N LEU B 859 93.74 34.66 -18.60
CA LEU B 859 94.26 34.15 -19.89
C LEU B 859 93.45 33.07 -20.59
N PRO B 860 92.95 32.06 -19.84
CA PRO B 860 92.19 31.00 -20.52
C PRO B 860 90.88 31.49 -21.17
N SER B 861 90.44 32.70 -20.81
CA SER B 861 89.21 33.32 -21.35
C SER B 861 89.47 34.26 -22.52
N LEU B 862 90.74 34.56 -22.77
CA LEU B 862 91.10 35.49 -23.86
C LEU B 862 91.31 34.82 -25.23
N GLY B 863 91.06 35.59 -26.30
CA GLY B 863 91.39 35.18 -27.68
C GLY B 863 92.61 35.89 -28.27
N ASP B 864 93.33 35.21 -29.15
CA ASP B 864 94.72 35.56 -29.51
C ASP B 864 95.12 37.04 -29.59
N THR B 865 94.31 37.90 -30.21
CA THR B 865 94.64 39.32 -30.25
C THR B 865 94.79 39.90 -28.83
N ASP B 866 93.76 39.70 -28.01
CA ASP B 866 93.76 40.15 -26.60
C ASP B 866 94.72 39.32 -25.72
N GLU B 867 95.14 38.15 -26.22
CA GLU B 867 96.01 37.25 -25.47
C GLU B 867 97.41 37.81 -25.23
N LEU B 868 97.91 38.59 -26.18
CA LEU B 868 99.19 39.25 -26.00
C LEU B 868 99.04 40.56 -25.20
N VAL B 869 97.98 41.31 -25.45
CA VAL B 869 97.68 42.52 -24.69
C VAL B 869 97.84 42.23 -23.19
N PHE B 870 97.33 41.06 -22.78
CA PHE B 870 97.49 40.54 -21.42
C PHE B 870 98.97 40.34 -21.02
N LYS B 871 99.74 39.69 -21.89
CA LYS B 871 101.19 39.44 -21.68
C LYS B 871 102.02 40.73 -21.64
N ASP B 872 101.74 41.62 -22.61
CA ASP B 872 102.41 42.91 -22.75
C ASP B 872 102.26 43.79 -21.52
N GLU B 873 101.02 43.90 -21.05
CA GLU B 873 100.69 44.81 -19.97
C GLU B 873 100.90 44.20 -18.57
N LEU B 874 100.95 42.87 -18.48
CA LEU B 874 101.24 42.22 -17.20
C LEU B 874 102.71 42.46 -16.80
N SER B 875 103.61 42.23 -17.75
CA SER B 875 105.05 42.47 -17.56
C SER B 875 105.40 43.97 -17.47
N LYS B 876 104.61 44.81 -18.13
CA LYS B 876 104.74 46.26 -18.10
C LYS B 876 104.46 46.84 -16.70
N ILE B 877 103.49 46.24 -16.01
CA ILE B 877 103.10 46.72 -14.68
C ILE B 877 103.92 46.03 -13.59
N PHE B 878 104.04 44.70 -13.64
CA PHE B 878 104.86 43.98 -12.66
C PHE B 878 105.54 42.73 -13.21
N ASP B 879 106.85 42.66 -13.03
CA ASP B 879 107.66 41.57 -13.57
C ASP B 879 108.19 40.70 -12.42
N SER B 880 107.74 39.44 -12.36
CA SER B 880 107.89 38.64 -11.12
C SER B 880 108.88 37.47 -11.14
N ALA B 881 108.80 36.62 -12.17
CA ALA B 881 109.55 35.36 -12.22
C ALA B 881 109.58 34.72 -13.60
N GLY B 882 110.61 33.92 -13.84
CA GLY B 882 110.86 33.36 -15.15
C GLY B 882 110.36 31.94 -15.37
N THR B 883 110.34 31.13 -14.31
CA THR B 883 110.18 29.67 -14.48
C THR B 883 109.02 29.05 -13.72
N PRO B 884 108.44 28.03 -14.32
CA PRO B 884 107.32 27.27 -13.79
C PRO B 884 107.62 25.87 -13.20
N LEU B 885 107.09 25.62 -12.00
CA LEU B 885 107.07 24.28 -11.39
C LEU B 885 106.05 23.38 -12.12
N ASN B 886 106.26 22.06 -12.05
CA ASN B 886 105.40 21.12 -12.79
C ASN B 886 105.36 21.42 -14.29
N SER B 887 106.53 21.72 -14.85
CA SER B 887 106.64 22.14 -16.26
C SER B 887 106.87 20.96 -17.21
N LYS B 888 107.83 20.11 -16.87
CA LYS B 888 108.09 18.90 -17.65
C LYS B 888 107.15 17.76 -17.30
N ALA B 889 106.88 17.61 -16.00
CA ALA B 889 106.09 16.53 -15.43
C ALA B 889 104.70 16.29 -16.05
N ILE B 890 103.90 17.35 -16.15
CA ILE B 890 102.55 17.25 -16.69
C ILE B 890 102.63 16.96 -18.18
N VAL B 891 103.61 17.59 -18.84
CA VAL B 891 103.70 17.60 -20.30
C VAL B 891 103.95 16.21 -20.90
N GLN B 892 104.84 15.44 -20.27
CA GLN B 892 105.12 14.09 -20.70
C GLN B 892 103.91 13.19 -20.43
N CYS B 893 103.15 13.48 -19.37
CA CYS B 893 101.93 12.74 -19.08
C CYS B 893 100.82 13.08 -20.09
N LEU B 894 100.94 14.26 -20.69
CA LEU B 894 100.00 14.74 -21.68
C LEU B 894 100.35 14.27 -23.08
N LYS B 895 101.65 14.30 -23.41
CA LYS B 895 102.13 13.85 -24.72
C LYS B 895 101.82 12.37 -24.88
N ASP B 896 102.11 11.59 -23.84
CA ASP B 896 101.96 10.16 -23.85
C ASP B 896 100.49 9.72 -23.93
N ALA B 897 99.60 10.55 -23.39
CA ALA B 897 98.15 10.29 -23.40
C ALA B 897 97.54 10.53 -24.77
N GLY B 898 97.97 11.61 -25.43
CA GLY B 898 97.48 11.96 -26.75
C GLY B 898 98.00 11.11 -27.88
N GLN B 899 99.28 10.73 -27.81
CA GLN B 899 99.87 9.86 -28.83
C GLN B 899 99.15 8.54 -28.83
N ARG B 900 98.72 8.13 -27.63
CA ARG B 900 97.92 6.95 -27.42
C ARG B 900 96.48 7.11 -27.90
N SER B 901 95.91 8.30 -27.70
CA SER B 901 94.55 8.62 -28.15
C SER B 901 94.45 8.85 -29.66
N GLY B 902 95.57 9.14 -30.31
CA GLY B 902 95.56 9.48 -31.72
C GLY B 902 95.88 10.94 -32.02
N PHE B 903 95.85 11.81 -31.00
CA PHE B 903 95.99 13.28 -31.18
C PHE B 903 97.45 13.73 -31.45
N SER B 904 97.61 14.91 -32.04
CA SER B 904 98.94 15.53 -32.26
C SER B 904 99.17 16.65 -31.24
N MET B 905 100.38 16.76 -30.70
CA MET B 905 100.66 17.84 -29.75
C MET B 905 101.03 19.14 -30.44
N SER B 906 100.02 19.95 -30.75
CA SER B 906 100.22 21.26 -31.40
C SER B 906 100.45 22.33 -30.34
N GLU B 907 100.95 23.49 -30.75
CA GLU B 907 101.10 24.64 -29.87
C GLU B 907 99.81 24.96 -29.09
N GLU B 908 98.71 24.95 -29.84
CA GLU B 908 97.40 25.26 -29.33
C GLU B 908 96.82 24.14 -28.47
N PHE B 909 96.88 22.90 -28.94
CA PHE B 909 96.34 21.79 -28.15
C PHE B 909 97.04 21.61 -26.80
N LEU B 910 98.37 21.72 -26.81
CA LEU B 910 99.17 21.63 -25.60
C LEU B 910 98.79 22.77 -24.66
N LYS B 911 98.64 23.97 -25.24
CA LYS B 911 98.26 25.16 -24.48
C LYS B 911 96.93 25.01 -23.77
N LYS B 912 95.89 24.73 -24.54
CA LYS B 912 94.55 24.57 -23.98
C LYS B 912 94.43 23.33 -23.08
N CYS B 913 95.32 22.35 -23.26
CA CYS B 913 95.44 21.20 -22.36
C CYS B 913 96.10 21.61 -21.05
N MET B 914 97.09 22.49 -21.14
CA MET B 914 97.80 22.99 -19.96
C MET B 914 96.89 23.90 -19.15
N GLN B 915 96.26 24.87 -19.83
CA GLN B 915 95.30 25.81 -19.23
C GLN B 915 94.23 25.07 -18.45
N PHE B 916 93.69 24.01 -19.07
CA PHE B 916 92.70 23.18 -18.43
C PHE B 916 93.25 22.46 -17.19
N TYR B 917 94.38 21.79 -17.34
CA TYR B 917 94.98 21.05 -16.21
C TYR B 917 95.15 21.91 -14.95
N TYR B 918 95.71 23.12 -15.14
CA TYR B 918 95.96 24.04 -14.04
C TYR B 918 94.67 24.60 -13.44
N MET B 919 93.60 24.62 -14.23
CA MET B 919 92.29 25.13 -13.77
C MET B 919 91.52 24.18 -12.86
N GLN B 920 91.52 22.89 -13.17
CA GLN B 920 90.75 21.97 -12.38
C GLN B 920 91.24 22.02 -10.96
N LYS B 921 92.55 22.19 -10.82
CA LYS B 921 93.19 22.26 -9.51
C LYS B 921 92.49 23.23 -8.59
N THR B 922 92.29 24.47 -9.05
CA THR B 922 91.56 25.53 -8.31
C THR B 922 90.02 25.52 -8.42
N GLN B 923 89.53 25.46 -9.66
CA GLN B 923 88.09 25.46 -9.97
C GLN B 923 87.45 24.08 -9.95
N GLN B 924 86.24 24.05 -9.42
CA GLN B 924 85.42 22.84 -9.37
C GLN B 924 84.40 22.87 -10.54
N ALA B 925 83.97 24.05 -10.92
CA ALA B 925 83.08 24.23 -12.06
C ALA B 925 83.88 24.82 -13.25
N LEU B 926 83.88 24.13 -14.40
CA LEU B 926 84.64 24.59 -15.60
C LEU B 926 83.77 24.75 -16.84
N ILE B 927 84.01 25.82 -17.59
CA ILE B 927 83.26 26.10 -18.84
C ILE B 927 84.23 26.07 -20.03
N LEU B 928 83.80 25.44 -21.12
CA LEU B 928 84.61 25.34 -22.32
C LEU B 928 83.77 25.81 -23.50
N VAL B 929 84.17 26.94 -24.05
CA VAL B 929 83.47 27.57 -25.16
C VAL B 929 84.33 27.57 -26.43
N GLY B 930 83.69 27.26 -27.55
CA GLY B 930 84.35 27.26 -28.87
C GLY B 930 83.48 26.85 -30.04
N LYS B 931 84.01 26.94 -31.26
CA LYS B 931 83.27 26.53 -32.47
C LYS B 931 83.10 25.03 -32.47
N ALA B 932 82.06 24.54 -33.13
CA ALA B 932 81.86 23.10 -33.28
C ALA B 932 83.08 22.48 -33.99
N GLY B 933 83.76 21.61 -33.26
CA GLY B 933 84.99 20.96 -33.70
C GLY B 933 86.23 21.76 -33.35
N CYS B 934 86.22 22.42 -32.19
CA CYS B 934 87.37 23.20 -31.72
C CYS B 934 88.40 22.26 -31.19
N GLY B 935 87.94 21.38 -30.29
CA GLY B 935 88.77 20.39 -29.67
C GLY B 935 88.48 20.14 -28.21
N LYS B 936 87.48 20.84 -27.66
CA LYS B 936 87.10 20.71 -26.25
C LYS B 936 86.98 19.26 -25.83
N THR B 937 86.01 18.57 -26.42
CA THR B 937 85.85 17.14 -26.17
C THR B 937 87.21 16.44 -26.08
N ALA B 938 88.10 16.75 -27.02
CA ALA B 938 89.44 16.14 -27.06
C ALA B 938 90.36 16.61 -25.92
N THR B 939 90.27 17.90 -25.58
CA THR B 939 91.08 18.46 -24.54
C THR B 939 90.76 17.81 -23.19
N TRP B 940 89.49 17.83 -22.78
CA TRP B 940 89.18 17.33 -21.43
C TRP B 940 89.33 15.82 -21.39
N LYS B 941 88.86 15.13 -22.43
CA LYS B 941 89.11 13.67 -22.54
C LYS B 941 90.60 13.26 -22.52
N THR B 942 91.46 14.16 -23.02
CA THR B 942 92.91 13.97 -23.03
C THR B 942 93.56 14.31 -21.71
N VAL B 943 93.12 15.38 -21.06
CA VAL B 943 93.73 15.82 -19.80
C VAL B 943 93.31 14.88 -18.68
N ILE B 944 92.02 14.58 -18.62
CA ILE B 944 91.45 13.64 -17.65
C ILE B 944 92.15 12.29 -17.71
N ASP B 945 92.45 11.84 -18.93
CA ASP B 945 93.25 10.63 -19.17
C ASP B 945 94.71 10.75 -18.65
N ALA B 946 95.28 11.95 -18.76
CA ALA B 946 96.67 12.22 -18.40
C ALA B 946 96.85 12.37 -16.87
N MET B 947 95.74 12.62 -16.16
CA MET B 947 95.75 12.73 -14.71
C MET B 947 95.72 11.37 -14.01
N ALA B 948 95.10 10.39 -14.67
CA ALA B 948 95.12 9.00 -14.20
C ALA B 948 96.50 8.36 -14.33
N ILE B 949 97.33 8.95 -15.19
CA ILE B 949 98.71 8.56 -15.42
C ILE B 949 99.64 9.22 -14.39
N PHE B 950 99.42 10.52 -14.15
CA PHE B 950 100.24 11.35 -13.24
C PHE B 950 99.98 11.21 -11.73
N ASP B 951 98.71 11.18 -11.34
CA ASP B 951 98.32 10.91 -9.95
C ASP B 951 98.22 9.42 -9.66
N GLY B 952 97.61 8.66 -10.56
CA GLY B 952 97.28 7.25 -10.33
C GLY B 952 95.85 7.07 -9.88
N HIS B 953 95.13 8.19 -9.86
CA HIS B 953 93.73 8.28 -9.47
C HIS B 953 92.84 8.00 -10.67
N ALA B 954 91.85 7.14 -10.48
CA ALA B 954 90.83 6.86 -11.49
C ALA B 954 89.88 8.05 -11.69
N ASN B 955 89.26 8.12 -12.86
CA ASN B 955 88.23 9.13 -13.14
C ASN B 955 86.93 8.44 -13.51
N VAL B 956 85.82 9.04 -13.13
CA VAL B 956 84.51 8.49 -13.45
C VAL B 956 83.70 9.58 -14.14
N VAL B 957 83.66 9.48 -15.49
CA VAL B 957 82.99 10.48 -16.34
C VAL B 957 81.51 10.19 -16.67
N TYR B 958 80.68 11.21 -16.49
CA TYR B 958 79.27 11.17 -16.85
C TYR B 958 79.01 12.31 -17.83
N VAL B 959 78.86 11.98 -19.11
CA VAL B 959 78.52 13.02 -20.10
C VAL B 959 77.01 13.04 -20.34
N ILE B 960 76.41 14.18 -19.97
CA ILE B 960 74.98 14.40 -20.07
C ILE B 960 74.68 15.55 -21.06
N ASP B 961 73.79 15.33 -22.02
CA ASP B 961 73.28 16.43 -22.83
C ASP B 961 72.31 17.19 -21.96
N THR B 962 72.62 18.47 -21.74
CA THR B 962 71.94 19.31 -20.76
C THR B 962 70.49 19.55 -21.14
N LYS B 963 70.28 19.79 -22.44
CA LYS B 963 68.99 20.27 -22.92
C LYS B 963 68.07 19.19 -23.48
N VAL B 964 68.61 18.00 -23.66
CA VAL B 964 67.82 16.83 -24.05
C VAL B 964 66.83 16.41 -22.94
N LEU B 965 67.26 16.44 -21.68
CA LEU B 965 66.38 16.13 -20.55
C LEU B 965 65.73 17.40 -20.02
N THR B 966 64.53 17.28 -19.40
CA THR B 966 63.91 18.40 -18.66
C THR B 966 64.56 18.64 -17.29
N LYS B 967 64.32 19.81 -16.72
CA LYS B 967 64.84 20.15 -15.40
C LYS B 967 64.38 19.10 -14.37
N GLU B 968 63.19 18.54 -14.61
CA GLU B 968 62.57 17.49 -13.81
C GLU B 968 63.22 16.12 -14.04
N SER B 969 63.59 15.83 -15.29
CA SER B 969 64.28 14.58 -15.62
C SER B 969 65.71 14.58 -15.08
N LEU B 970 66.30 15.78 -14.99
CA LEU B 970 67.72 15.96 -14.67
C LEU B 970 68.02 16.28 -13.20
N TYR B 971 67.32 17.27 -12.62
CA TYR B 971 67.58 17.62 -11.23
C TYR B 971 66.74 16.81 -10.22
N GLY B 972 65.45 16.62 -10.53
CA GLY B 972 64.54 15.86 -9.68
C GLY B 972 63.15 16.46 -9.67
N SER B 973 62.17 15.67 -10.08
CA SER B 973 60.81 16.15 -10.30
C SER B 973 59.85 15.53 -9.29
N MET B 974 58.97 16.37 -8.73
CA MET B 974 57.92 15.92 -7.81
C MET B 974 56.51 16.00 -8.46
N LEU B 975 55.66 15.02 -8.15
CA LEU B 975 54.37 14.82 -8.84
C LEU B 975 53.16 15.38 -8.09
N LYS B 976 52.36 16.20 -8.78
CA LYS B 976 51.36 17.08 -8.13
C LYS B 976 50.45 16.50 -7.04
N ALA B 977 49.94 15.28 -7.26
CA ALA B 977 48.98 14.70 -6.30
C ALA B 977 49.56 13.76 -5.22
N THR B 978 50.37 12.78 -5.65
CA THR B 978 50.97 11.80 -4.73
C THR B 978 52.21 12.35 -4.05
N LEU B 979 52.64 13.54 -4.47
CA LEU B 979 53.80 14.19 -3.86
C LEU B 979 54.98 13.22 -3.74
N GLU B 980 55.21 12.44 -4.79
CA GLU B 980 56.19 11.36 -4.74
C GLU B 980 57.52 11.88 -5.25
N TRP B 981 58.56 11.80 -4.43
CA TRP B 981 59.86 12.30 -4.85
C TRP B 981 60.73 11.21 -5.48
N ARG B 982 61.06 11.38 -6.75
CA ARG B 982 61.95 10.47 -7.45
C ARG B 982 63.22 11.22 -7.83
N ASP B 983 64.33 10.49 -7.87
CA ASP B 983 65.70 11.05 -7.89
C ASP B 983 66.15 11.92 -9.05
N GLY B 984 65.83 11.54 -10.29
CA GLY B 984 66.29 12.27 -11.47
C GLY B 984 67.57 11.72 -12.08
N LEU B 985 68.33 12.61 -12.73
CA LEU B 985 69.59 12.20 -13.38
C LEU B 985 70.86 12.76 -12.72
N PHE B 986 70.87 14.06 -12.43
CA PHE B 986 72.08 14.75 -11.94
C PHE B 986 72.27 14.54 -10.45
N THR B 987 71.14 14.41 -9.75
CA THR B 987 71.14 14.22 -8.31
C THR B 987 71.42 12.77 -7.97
N SER B 988 70.96 11.87 -8.85
CA SER B 988 71.07 10.42 -8.64
C SER B 988 72.48 9.90 -8.84
N ILE B 989 73.25 10.55 -9.72
CA ILE B 989 74.66 10.15 -9.93
C ILE B 989 75.59 10.69 -8.84
N LEU B 990 75.11 11.68 -8.12
CA LEU B 990 75.78 12.21 -6.94
C LEU B 990 75.61 11.27 -5.73
N ARG B 991 74.40 10.76 -5.56
CA ARG B 991 74.10 9.80 -4.49
C ARG B 991 74.88 8.48 -4.55
N ARG B 992 75.39 8.11 -5.72
CA ARG B 992 76.35 7.02 -5.77
C ARG B 992 77.59 7.40 -4.95
N VAL B 993 78.10 8.63 -5.16
CA VAL B 993 79.33 9.12 -4.52
C VAL B 993 79.15 9.45 -3.02
N ASN B 994 78.03 10.09 -2.71
CA ASN B 994 77.76 10.64 -1.40
C ASN B 994 77.12 9.65 -0.45
N ASP B 995 75.96 9.12 -0.84
CA ASP B 995 75.16 8.24 0.00
C ASP B 995 75.82 6.88 0.22
N ASP B 996 76.21 6.23 -0.88
CA ASP B 996 76.80 4.89 -0.80
C ASP B 996 78.01 4.68 -1.71
N ILE B 997 79.20 5.06 -1.27
CA ILE B 997 80.42 4.82 -2.04
C ILE B 997 80.92 3.38 -1.88
N THR B 998 80.13 2.44 -2.41
CA THR B 998 80.35 1.02 -2.22
C THR B 998 81.56 0.50 -2.97
N GLY B 999 81.81 1.01 -4.18
CA GLY B 999 83.07 0.74 -4.90
C GLY B 999 84.24 1.64 -4.48
N THR B 1000 85.20 1.87 -5.37
CA THR B 1000 86.27 2.81 -5.03
C THR B 1000 85.95 4.19 -5.59
N PHE B 1001 85.56 5.11 -4.71
CA PHE B 1001 85.22 6.46 -5.14
C PHE B 1001 86.05 7.53 -4.48
N LYS B 1002 86.53 7.25 -3.26
CA LYS B 1002 87.22 8.31 -2.55
C LYS B 1002 88.53 8.66 -3.22
N ASN B 1003 89.21 7.63 -3.72
CA ASN B 1003 90.45 7.80 -4.47
C ASN B 1003 90.22 8.13 -5.96
N SER B 1004 88.96 8.06 -6.39
CA SER B 1004 88.59 8.36 -7.77
C SER B 1004 88.17 9.83 -7.99
N ARG B 1005 88.19 10.26 -9.25
CA ARG B 1005 87.80 11.61 -9.64
C ARG B 1005 86.56 11.54 -10.48
N ILE B 1006 85.57 12.31 -10.07
CA ILE B 1006 84.26 12.26 -10.72
C ILE B 1006 84.09 13.51 -11.55
N TRP B 1007 83.70 13.32 -12.81
CA TRP B 1007 83.52 14.44 -13.73
C TRP B 1007 82.17 14.33 -14.41
N VAL B 1008 81.34 15.35 -14.22
CA VAL B 1008 80.06 15.34 -14.88
C VAL B 1008 80.05 16.42 -15.96
N VAL B 1009 80.11 15.97 -17.21
CA VAL B 1009 80.10 16.85 -18.40
C VAL B 1009 78.69 17.16 -18.92
N PHE B 1010 78.43 18.44 -19.21
CA PHE B 1010 77.23 18.83 -19.95
C PHE B 1010 77.61 19.29 -21.37
N ASP B 1011 77.35 18.45 -22.36
CA ASP B 1011 77.76 18.72 -23.74
C ASP B 1011 76.87 19.74 -24.45
N SER B 1012 75.59 19.76 -24.11
CA SER B 1012 74.61 20.62 -24.79
C SER B 1012 74.67 22.07 -24.35
N ASP B 1013 74.00 22.93 -25.12
CA ASP B 1013 73.96 24.37 -24.83
C ASP B 1013 73.37 24.62 -23.45
N LEU B 1014 74.01 25.51 -22.70
CA LEU B 1014 73.62 25.79 -21.32
C LEU B 1014 72.78 27.06 -21.24
N ASP B 1015 71.77 27.01 -20.38
CA ASP B 1015 70.83 28.09 -20.26
C ASP B 1015 70.58 28.44 -18.78
N PRO B 1016 70.13 29.67 -18.53
CA PRO B 1016 69.91 30.15 -17.17
C PRO B 1016 69.10 29.16 -16.31
N GLU B 1017 67.90 28.82 -16.77
CA GLU B 1017 67.00 27.94 -16.00
C GLU B 1017 67.66 26.67 -15.44
N TYR B 1018 68.55 26.06 -16.23
CA TYR B 1018 69.23 24.83 -15.82
C TYR B 1018 70.35 25.10 -14.81
N VAL B 1019 71.15 26.15 -15.08
CA VAL B 1019 72.27 26.52 -14.17
C VAL B 1019 71.81 27.12 -12.84
N GLU B 1020 70.70 27.84 -12.88
CA GLU B 1020 70.08 28.45 -11.71
C GLU B 1020 69.59 27.39 -10.73
N ALA B 1021 69.18 26.22 -11.24
CA ALA B 1021 68.72 25.10 -10.40
C ALA B 1021 69.86 24.41 -9.67
N MET B 1022 71.09 24.77 -10.01
CA MET B 1022 72.26 24.19 -9.37
C MET B 1022 73.26 25.27 -8.97
N ASN B 1023 72.82 26.52 -8.98
CA ASN B 1023 73.63 27.65 -8.55
C ASN B 1023 74.27 27.52 -7.15
N SER B 1024 73.63 26.77 -6.24
CA SER B 1024 74.16 26.48 -4.90
C SER B 1024 75.47 25.64 -4.90
N VAL B 1025 75.62 24.80 -5.91
CA VAL B 1025 76.85 23.99 -6.14
C VAL B 1025 77.97 24.88 -6.68
N LEU B 1026 77.57 25.81 -7.56
CA LEU B 1026 78.44 26.85 -8.13
C LEU B 1026 78.88 27.88 -7.09
N ASP B 1027 78.08 28.03 -6.04
CA ASP B 1027 78.39 28.88 -4.88
C ASP B 1027 79.53 28.28 -4.06
N ASP B 1028 80.08 29.07 -3.12
CA ASP B 1028 81.13 28.60 -2.21
C ASP B 1028 80.60 27.53 -1.23
N ASN B 1029 79.26 27.34 -1.20
CA ASN B 1029 78.57 26.27 -0.44
C ASN B 1029 79.01 24.84 -0.76
N LYS B 1030 79.00 24.52 -2.07
CA LYS B 1030 79.26 23.17 -2.61
C LYS B 1030 78.28 22.12 -2.07
N ILE B 1031 77.00 22.48 -2.17
CA ILE B 1031 75.89 21.63 -1.76
C ILE B 1031 74.74 21.79 -2.76
N LEU B 1032 74.00 20.69 -2.96
CA LEU B 1032 72.87 20.67 -3.85
C LEU B 1032 71.58 20.81 -3.06
N THR B 1033 70.75 21.76 -3.48
CA THR B 1033 69.53 22.07 -2.78
C THR B 1033 68.35 21.46 -3.55
N LEU B 1034 67.63 20.58 -2.88
CA LEU B 1034 66.45 19.96 -3.45
C LEU B 1034 65.31 20.95 -3.46
N PRO B 1035 64.39 20.79 -4.43
CA PRO B 1035 63.22 21.65 -4.48
C PRO B 1035 62.41 21.33 -3.23
N ASN B 1036 62.31 20.05 -2.89
CA ASN B 1036 61.80 19.67 -1.60
C ASN B 1036 62.55 18.51 -0.94
N GLY B 1037 63.05 18.79 0.25
CA GLY B 1037 63.53 17.73 1.13
C GLY B 1037 64.98 17.65 1.54
N GLU B 1038 65.89 18.30 0.79
CA GLU B 1038 67.31 18.11 1.09
C GLU B 1038 68.36 19.07 0.53
N ARG B 1039 69.54 19.02 1.13
CA ARG B 1039 70.75 19.53 0.54
C ARG B 1039 71.78 18.42 0.56
N LEU B 1040 72.35 18.11 -0.61
CA LEU B 1040 73.36 17.07 -0.71
C LEU B 1040 74.72 17.69 -1.00
N PRO B 1041 75.71 17.39 -0.15
CA PRO B 1041 77.02 18.05 -0.29
C PRO B 1041 77.89 17.42 -1.38
N ILE B 1042 78.59 18.25 -2.15
CA ILE B 1042 79.43 17.74 -3.26
C ILE B 1042 80.92 17.66 -2.87
N PRO B 1043 81.56 16.50 -3.06
CA PRO B 1043 82.94 16.32 -2.58
C PRO B 1043 83.98 17.11 -3.41
N PRO B 1044 85.25 17.18 -2.95
CA PRO B 1044 86.29 17.79 -3.76
C PRO B 1044 86.61 17.02 -5.06
N ASN B 1045 86.27 15.72 -5.10
CA ASN B 1045 86.43 14.88 -6.30
C ASN B 1045 85.56 15.32 -7.48
N PHE B 1046 84.35 15.73 -7.12
CA PHE B 1046 83.26 15.96 -8.04
C PHE B 1046 83.40 17.26 -8.80
N ARG B 1047 83.86 17.18 -10.05
CA ARG B 1047 83.93 18.34 -10.96
C ARG B 1047 82.89 18.36 -12.10
N ILE B 1048 82.28 19.52 -12.28
CA ILE B 1048 81.29 19.73 -13.34
C ILE B 1048 81.94 20.54 -14.45
N LEU B 1049 81.93 19.97 -15.64
CA LEU B 1049 82.36 20.67 -16.85
C LEU B 1049 81.19 21.06 -17.74
N PHE B 1050 81.38 22.07 -18.58
CA PHE B 1050 80.37 22.50 -19.52
C PHE B 1050 81.08 22.71 -20.84
N GLU B 1051 80.86 21.84 -21.82
CA GLU B 1051 81.36 22.11 -23.17
C GLU B 1051 80.23 22.64 -24.04
N THR B 1052 80.46 23.81 -24.64
CA THR B 1052 79.45 24.45 -25.47
C THR B 1052 80.05 25.35 -26.58
N ASP B 1053 79.18 25.75 -27.51
CA ASP B 1053 79.59 26.51 -28.67
C ASP B 1053 79.47 28.01 -28.50
N ASN B 1054 78.46 28.47 -27.77
CA ASN B 1054 78.24 29.91 -27.52
C ASN B 1054 77.93 30.21 -26.05
N LEU B 1055 77.93 31.50 -25.71
CA LEU B 1055 77.60 31.96 -24.36
C LEU B 1055 76.40 32.89 -24.25
N ASP B 1056 75.91 33.40 -25.38
CA ASP B 1056 74.95 34.51 -25.39
C ASP B 1056 73.92 34.46 -24.26
N HIS B 1057 73.36 33.28 -24.02
CA HIS B 1057 72.33 33.16 -23.00
C HIS B 1057 72.79 33.36 -21.55
N THR B 1058 73.97 32.85 -21.20
CA THR B 1058 74.40 32.81 -19.80
C THR B 1058 74.68 34.19 -19.15
N THR B 1059 74.50 34.25 -17.82
CA THR B 1059 74.68 35.46 -17.01
C THR B 1059 76.15 35.65 -16.63
N PRO B 1060 76.65 36.91 -16.54
CA PRO B 1060 78.02 37.13 -16.04
C PRO B 1060 78.26 36.59 -14.62
N ALA B 1061 77.20 36.45 -13.83
CA ALA B 1061 77.26 35.83 -12.49
C ALA B 1061 77.61 34.33 -12.52
N THR B 1062 77.10 33.65 -13.56
CA THR B 1062 77.36 32.24 -13.81
C THR B 1062 78.82 32.01 -14.21
N ILE B 1063 79.33 32.87 -15.10
CA ILE B 1063 80.73 32.87 -15.55
C ILE B 1063 81.73 33.03 -14.39
N THR B 1064 81.52 34.06 -13.56
CA THR B 1064 82.42 34.40 -12.44
C THR B 1064 82.47 33.36 -11.28
N ARG B 1065 81.49 32.46 -11.21
CA ARG B 1065 81.56 31.33 -10.27
C ARG B 1065 82.42 30.19 -10.82
N CYS B 1066 82.48 30.07 -12.14
CA CYS B 1066 83.17 28.98 -12.86
C CYS B 1066 84.46 29.46 -13.48
N GLY B 1067 85.23 28.50 -13.98
CA GLY B 1067 86.45 28.80 -14.71
C GLY B 1067 86.12 28.70 -16.16
N LEU B 1068 86.53 29.72 -16.90
CA LEU B 1068 86.18 29.82 -18.31
C LEU B 1068 87.36 29.61 -19.26
N LEU B 1069 87.17 28.71 -20.22
CA LEU B 1069 88.21 28.28 -21.15
C LEU B 1069 87.76 28.55 -22.59
N TRP B 1070 88.13 29.71 -23.10
CA TRP B 1070 87.77 30.11 -24.46
C TRP B 1070 88.70 29.48 -25.49
N PHE B 1071 88.11 28.73 -26.44
CA PHE B 1071 88.87 28.10 -27.52
C PHE B 1071 88.92 29.02 -28.72
N SER B 1072 90.06 29.68 -28.89
CA SER B 1072 90.22 30.75 -29.89
C SER B 1072 90.11 30.27 -31.34
N THR B 1073 90.88 29.23 -31.67
CA THR B 1073 90.85 28.57 -32.98
C THR B 1073 91.00 27.05 -32.74
N ASP B 1074 90.93 26.25 -33.79
CA ASP B 1074 90.91 24.80 -33.63
C ASP B 1074 92.24 24.36 -33.06
N VAL B 1075 92.20 23.40 -32.14
CA VAL B 1075 93.39 22.96 -31.44
C VAL B 1075 94.48 22.54 -32.41
N CYS B 1076 94.11 21.83 -33.46
CA CYS B 1076 95.12 21.16 -34.22
C CYS B 1076 94.95 21.16 -35.71
N SER B 1077 96.09 20.99 -36.39
CA SER B 1077 96.28 21.20 -37.82
C SER B 1077 95.47 20.31 -38.75
N ILE B 1078 95.13 20.85 -39.92
CA ILE B 1078 94.28 20.19 -40.88
C ILE B 1078 94.79 18.76 -41.13
N SER B 1079 96.07 18.67 -41.48
CA SER B 1079 96.78 17.40 -41.65
C SER B 1079 96.67 16.51 -40.42
N SER B 1080 97.10 17.06 -39.27
CA SER B 1080 97.07 16.37 -37.96
C SER B 1080 95.72 15.73 -37.64
N LYS B 1081 94.64 16.32 -38.14
CA LYS B 1081 93.28 15.77 -37.98
C LYS B 1081 93.07 14.52 -38.81
N ILE B 1082 93.41 14.61 -40.09
CA ILE B 1082 93.31 13.48 -41.02
C ILE B 1082 94.19 12.34 -40.51
N ASP B 1083 95.42 12.68 -40.11
CA ASP B 1083 96.36 11.75 -39.49
C ASP B 1083 95.70 10.94 -38.41
N HIS B 1084 95.09 11.63 -37.44
CA HIS B 1084 94.35 10.98 -36.35
C HIS B 1084 93.18 10.17 -36.85
N LEU B 1085 92.40 10.78 -37.73
CA LEU B 1085 91.18 10.18 -38.28
C LEU B 1085 91.47 8.83 -38.93
N LEU B 1086 92.55 8.81 -39.71
CA LEU B 1086 93.00 7.61 -40.35
C LEU B 1086 93.35 6.54 -39.32
N ASN B 1087 94.20 6.89 -38.34
CA ASN B 1087 94.60 5.93 -37.29
C ASN B 1087 93.44 5.42 -36.49
N LYS B 1088 92.44 6.27 -36.28
CA LYS B 1088 91.23 5.85 -35.59
C LYS B 1088 90.44 4.86 -36.42
N SER B 1089 90.47 5.05 -37.75
CA SER B 1089 89.82 4.15 -38.74
C SER B 1089 90.53 2.82 -38.89
N TYR B 1090 91.86 2.88 -38.87
CA TYR B 1090 92.74 1.71 -38.93
C TYR B 1090 92.45 0.74 -37.80
N GLU B 1091 92.18 1.28 -36.63
CA GLU B 1091 91.86 0.52 -35.42
C GLU B 1091 90.70 -0.46 -35.62
N ALA B 1092 89.64 -0.06 -36.31
CA ALA B 1092 88.52 -0.96 -36.59
C ALA B 1092 88.98 -2.18 -37.36
N LEU B 1093 89.86 -1.91 -38.34
CA LEU B 1093 90.38 -2.90 -39.27
C LEU B 1093 91.33 -3.91 -38.61
N ASP B 1094 92.11 -3.43 -37.63
CA ASP B 1094 93.08 -4.21 -36.85
C ASP B 1094 92.44 -5.47 -36.24
N ASN B 1095 91.19 -5.36 -35.82
CA ASN B 1095 90.55 -6.49 -35.19
C ASN B 1095 89.90 -7.43 -36.18
N LYS B 1096 89.84 -7.03 -37.45
CA LYS B 1096 89.22 -7.86 -38.48
C LYS B 1096 90.10 -8.05 -39.72
N LEU B 1097 91.40 -7.80 -39.55
CA LEU B 1097 92.35 -7.89 -40.66
C LEU B 1097 93.74 -8.22 -40.14
N SER B 1098 94.41 -9.11 -40.87
CA SER B 1098 95.79 -9.53 -40.57
C SER B 1098 96.77 -8.34 -40.64
N MET B 1099 97.83 -8.40 -39.84
CA MET B 1099 98.88 -7.36 -39.79
C MET B 1099 99.52 -7.05 -41.16
N PHE B 1100 99.73 -8.09 -41.96
CA PHE B 1100 100.36 -7.90 -43.27
C PHE B 1100 99.43 -7.25 -44.29
N GLU B 1101 98.15 -7.59 -44.23
CA GLU B 1101 97.13 -6.89 -45.03
C GLU B 1101 97.05 -5.43 -44.61
N LEU B 1102 96.97 -5.23 -43.29
CA LEU B 1102 96.89 -3.91 -42.66
C LEU B 1102 98.06 -2.99 -43.02
N ASP B 1103 99.26 -3.55 -42.95
CA ASP B 1103 100.48 -2.82 -43.26
C ASP B 1103 100.53 -2.40 -44.73
N LYS B 1104 100.07 -3.27 -45.61
CA LYS B 1104 99.98 -3.04 -47.07
C LYS B 1104 98.97 -1.95 -47.39
N LEU B 1105 97.80 -2.02 -46.74
CA LEU B 1105 96.69 -1.10 -46.99
C LEU B 1105 96.96 0.29 -46.44
N LYS B 1106 97.60 0.35 -45.27
CA LYS B 1106 97.96 1.65 -44.71
C LYS B 1106 99.11 2.32 -45.48
N ASP B 1107 99.92 1.51 -46.16
CA ASP B 1107 101.01 2.00 -47.00
C ASP B 1107 100.44 2.71 -48.21
N LEU B 1108 99.40 2.13 -48.79
CA LEU B 1108 98.72 2.68 -49.96
C LEU B 1108 98.19 4.10 -49.74
N ILE B 1109 97.54 4.26 -48.60
CA ILE B 1109 96.89 5.50 -48.20
C ILE B 1109 97.89 6.65 -48.01
N SER B 1110 99.02 6.35 -47.35
CA SER B 1110 100.09 7.32 -47.11
C SER B 1110 100.72 7.88 -48.39
N ASP B 1111 100.87 7.02 -49.40
CA ASP B 1111 101.53 7.41 -50.66
C ASP B 1111 100.57 7.95 -51.74
N SER B 1112 99.27 7.67 -51.62
CA SER B 1112 98.27 8.25 -52.52
C SER B 1112 98.03 9.73 -52.22
N PHE B 1113 97.76 10.08 -50.96
CA PHE B 1113 97.58 11.50 -50.60
C PHE B 1113 98.58 12.17 -49.63
N ASP B 1114 99.28 13.15 -50.17
CA ASP B 1114 100.17 14.06 -49.43
C ASP B 1114 99.41 15.36 -49.11
N MET B 1115 99.84 16.07 -48.07
CA MET B 1115 99.18 17.32 -47.66
C MET B 1115 99.26 18.44 -48.71
N ALA B 1116 100.42 18.56 -49.38
CA ALA B 1116 100.67 19.62 -50.38
C ALA B 1116 99.57 19.74 -51.43
N SER B 1117 99.06 18.60 -51.92
CA SER B 1117 97.96 18.57 -52.88
C SER B 1117 96.62 19.07 -52.30
N LEU B 1118 96.24 18.47 -51.18
CA LEU B 1118 94.98 18.72 -50.50
C LEU B 1118 94.81 20.14 -49.99
N THR B 1119 95.93 20.79 -49.69
CA THR B 1119 95.93 22.17 -49.19
C THR B 1119 95.14 23.09 -50.11
N ASN B 1120 95.43 23.04 -51.41
CA ASN B 1120 94.71 23.86 -52.39
C ASN B 1120 93.27 23.42 -52.55
N ILE B 1121 93.04 22.11 -52.47
CA ILE B 1121 91.67 21.50 -52.55
C ILE B 1121 90.74 22.00 -51.43
N PHE B 1122 91.24 22.04 -50.20
CA PHE B 1122 90.52 22.57 -49.05
C PHE B 1122 90.35 24.09 -49.13
N THR B 1123 91.28 24.78 -49.80
CA THR B 1123 91.20 26.23 -50.04
C THR B 1123 90.13 26.52 -51.09
N CYS B 1124 90.07 25.66 -52.10
CA CYS B 1124 89.07 25.75 -53.15
C CYS B 1124 87.65 25.40 -52.67
N SER B 1125 87.57 24.63 -51.58
CA SER B 1125 86.29 24.22 -50.98
C SER B 1125 85.48 25.45 -50.56
N ASN B 1126 86.16 26.42 -49.98
CA ASN B 1126 85.54 27.70 -49.58
C ASN B 1126 85.01 28.48 -50.77
N ASP B 1127 85.76 28.46 -51.88
CA ASP B 1127 85.30 29.11 -53.11
C ASP B 1127 84.24 28.23 -53.76
N LEU B 1128 83.14 28.03 -53.05
CA LEU B 1128 82.03 27.25 -53.58
C LEU B 1128 80.78 27.47 -52.73
N VAL B 1129 79.64 27.47 -53.41
CA VAL B 1129 78.33 27.63 -52.78
C VAL B 1129 77.91 26.33 -52.10
N HIS B 1130 77.87 26.37 -50.77
CA HIS B 1130 77.60 25.20 -49.92
C HIS B 1130 76.21 25.19 -49.29
N ILE B 1131 75.31 24.35 -49.78
CA ILE B 1131 73.98 24.24 -49.19
C ILE B 1131 74.04 23.46 -47.89
N LEU B 1132 73.39 23.98 -46.85
CA LEU B 1132 73.44 23.41 -45.50
C LEU B 1132 74.91 23.44 -45.04
N GLY B 1133 75.47 24.65 -45.02
CA GLY B 1133 76.92 24.87 -44.95
C GLY B 1133 77.59 24.30 -43.73
N VAL B 1134 78.74 23.68 -43.96
CA VAL B 1134 79.55 23.10 -42.88
C VAL B 1134 81.00 23.46 -43.14
N ARG B 1135 81.78 23.74 -42.09
CA ARG B 1135 83.13 24.23 -42.30
C ARG B 1135 84.07 23.11 -42.71
N THR B 1136 85.04 23.49 -43.56
CA THR B 1136 86.07 22.63 -44.17
C THR B 1136 86.62 21.55 -43.22
N PHE B 1137 86.97 21.99 -42.00
CA PHE B 1137 87.52 21.14 -40.94
C PHE B 1137 86.59 19.99 -40.58
N ASN B 1138 85.32 20.32 -40.42
CA ASN B 1138 84.32 19.35 -39.96
C ASN B 1138 83.85 18.39 -41.04
N LYS B 1139 84.22 18.70 -42.29
CA LYS B 1139 83.95 17.87 -43.46
C LYS B 1139 84.91 16.66 -43.51
N LEU B 1140 86.11 16.84 -42.94
CA LEU B 1140 87.20 15.84 -43.03
C LEU B 1140 86.84 14.43 -42.61
N GLU B 1141 86.16 14.28 -41.46
CA GLU B 1141 85.73 12.96 -40.96
C GLU B 1141 84.90 12.21 -42.00
N THR B 1142 84.10 12.97 -42.74
CA THR B 1142 83.23 12.43 -43.78
C THR B 1142 84.07 11.79 -44.90
N ALA B 1143 85.15 12.46 -45.32
CA ALA B 1143 86.09 11.91 -46.31
C ALA B 1143 86.73 10.56 -45.86
N VAL B 1144 87.55 10.65 -44.81
CA VAL B 1144 88.32 9.52 -44.29
C VAL B 1144 87.51 8.26 -43.94
N GLN B 1145 86.38 8.41 -43.28
CA GLN B 1145 85.50 7.26 -43.05
C GLN B 1145 85.00 6.57 -44.34
N LEU B 1146 84.73 7.39 -45.38
CA LEU B 1146 84.27 6.88 -46.69
C LEU B 1146 85.44 6.23 -47.38
N ALA B 1147 86.52 7.02 -47.52
CA ALA B 1147 87.79 6.58 -48.12
C ALA B 1147 88.27 5.20 -47.59
N VAL B 1148 88.35 5.05 -46.27
CA VAL B 1148 88.79 3.79 -45.66
C VAL B 1148 87.82 2.66 -45.97
N HIS B 1149 86.52 2.92 -45.94
CA HIS B 1149 85.56 1.87 -46.28
C HIS B 1149 85.59 1.46 -47.76
N LEU B 1150 85.77 2.43 -48.67
CA LEU B 1150 85.82 2.12 -50.11
C LEU B 1150 87.07 1.29 -50.46
N ILE B 1151 88.18 1.60 -49.78
CA ILE B 1151 89.43 0.86 -49.94
C ILE B 1151 89.29 -0.53 -49.33
N SER B 1152 88.78 -0.66 -48.10
CA SER B 1152 88.62 -1.97 -47.44
C SER B 1152 87.61 -2.88 -48.15
N SER B 1153 86.83 -2.27 -49.05
CA SER B 1153 85.85 -2.96 -49.88
C SER B 1153 86.50 -3.88 -50.93
N TYR B 1154 87.41 -3.29 -51.72
CA TYR B 1154 88.07 -3.96 -52.82
C TYR B 1154 89.48 -4.52 -52.42
N ARG B 1155 89.62 -4.97 -51.16
CA ARG B 1155 90.89 -5.51 -50.67
C ARG B 1155 91.39 -6.78 -51.37
N GLN B 1156 90.46 -7.69 -51.74
CA GLN B 1156 90.80 -8.93 -52.46
C GLN B 1156 91.35 -8.66 -53.87
N TRP B 1157 90.83 -7.62 -54.49
CA TRP B 1157 91.22 -7.16 -55.82
C TRP B 1157 92.58 -6.40 -55.82
N PHE B 1158 93.16 -6.22 -54.63
CA PHE B 1158 94.45 -5.54 -54.44
C PHE B 1158 95.61 -6.53 -54.25
N GLN B 1159 95.28 -7.81 -54.26
CA GLN B 1159 96.22 -8.90 -54.02
C GLN B 1159 97.09 -9.14 -55.24
N ASN B 1160 96.42 -9.28 -56.40
CA ASN B 1160 97.08 -9.67 -57.64
C ASN B 1160 97.23 -8.55 -58.67
N LEU B 1161 96.55 -7.42 -58.40
CA LEU B 1161 96.52 -6.31 -59.35
C LEU B 1161 97.86 -5.59 -59.50
N ASP B 1162 98.02 -5.03 -60.71
CA ASP B 1162 99.22 -4.37 -61.21
C ASP B 1162 99.53 -3.12 -60.40
N ASP B 1163 100.80 -2.89 -60.09
CA ASP B 1163 101.24 -1.83 -59.19
C ASP B 1163 100.93 -0.40 -59.64
N LYS B 1164 100.96 -0.18 -60.96
CA LYS B 1164 100.55 1.08 -61.58
C LYS B 1164 99.04 1.24 -61.48
N SER B 1165 98.34 0.16 -61.84
CA SER B 1165 96.88 0.07 -61.80
C SER B 1165 96.28 0.14 -60.39
N LEU B 1166 96.98 -0.40 -59.40
CA LEU B 1166 96.51 -0.41 -58.00
C LEU B 1166 96.37 1.01 -57.47
N LYS B 1167 97.40 1.81 -57.70
CA LYS B 1167 97.42 3.22 -57.31
C LYS B 1167 96.27 4.02 -57.93
N ASP B 1168 95.91 3.65 -59.16
CA ASP B 1168 94.78 4.26 -59.86
C ASP B 1168 93.44 3.95 -59.19
N VAL B 1169 93.24 2.73 -58.70
CA VAL B 1169 92.03 2.37 -57.94
C VAL B 1169 91.93 3.13 -56.60
N ILE B 1170 93.07 3.25 -55.93
CA ILE B 1170 93.20 3.96 -54.66
C ILE B 1170 92.86 5.44 -54.91
N THR B 1171 93.67 6.07 -55.77
CA THR B 1171 93.55 7.49 -56.10
C THR B 1171 92.12 7.87 -56.52
N LEU B 1172 91.49 7.05 -57.35
CA LEU B 1172 90.12 7.31 -57.79
C LEU B 1172 89.12 7.33 -56.64
N LEU B 1173 89.13 6.29 -55.80
CA LEU B 1173 88.22 6.23 -54.64
C LEU B 1173 88.46 7.36 -53.63
N ILE B 1174 89.73 7.70 -53.44
CA ILE B 1174 90.10 8.80 -52.59
C ILE B 1174 89.70 10.15 -53.22
N LYS B 1175 89.78 10.27 -54.55
CA LYS B 1175 89.30 11.46 -55.26
C LYS B 1175 87.78 11.58 -55.10
N ARG B 1176 87.10 10.45 -55.20
CA ARG B 1176 85.65 10.37 -55.02
C ARG B 1176 85.20 10.76 -53.60
N SER B 1177 85.74 10.06 -52.61
CA SER B 1177 85.36 10.28 -51.21
C SER B 1177 85.69 11.70 -50.75
N LEU B 1178 86.73 12.30 -51.34
CA LEU B 1178 87.16 13.67 -51.04
C LEU B 1178 86.23 14.70 -51.69
N LEU B 1179 85.54 14.27 -52.75
CA LEU B 1179 84.61 15.11 -53.48
C LEU B 1179 83.33 15.28 -52.68
N TYR B 1180 82.69 14.15 -52.33
CA TYR B 1180 81.44 14.17 -51.59
C TYR B 1180 81.55 14.79 -50.21
N ALA B 1181 82.74 14.72 -49.64
CA ALA B 1181 83.00 15.37 -48.38
C ALA B 1181 83.21 16.91 -48.45
N LEU B 1182 83.63 17.44 -49.61
CA LEU B 1182 83.77 18.91 -49.85
C LEU B 1182 82.68 19.52 -50.76
N ALA B 1183 82.30 18.78 -51.80
CA ALA B 1183 81.34 19.26 -52.80
C ALA B 1183 80.01 18.51 -52.79
N GLY B 1184 79.78 17.62 -51.84
CA GLY B 1184 78.57 16.77 -51.86
C GLY B 1184 77.30 17.55 -51.63
N ASP B 1185 77.42 18.54 -50.76
CA ASP B 1185 76.36 19.44 -50.43
C ASP B 1185 76.26 20.58 -51.47
N SER B 1186 77.00 20.49 -52.57
CA SER B 1186 77.01 21.57 -53.57
C SER B 1186 76.01 21.31 -54.69
N THR B 1187 75.88 22.30 -55.58
CA THR B 1187 74.88 22.25 -56.64
C THR B 1187 75.07 21.02 -57.54
N GLY B 1188 76.33 20.67 -57.82
CA GLY B 1188 76.62 19.56 -58.74
C GLY B 1188 76.92 20.13 -60.10
N GLU B 1189 76.34 21.30 -60.34
CA GLU B 1189 76.84 22.18 -61.35
C GLU B 1189 78.18 22.65 -60.79
N SER B 1190 78.23 22.82 -59.47
CA SER B 1190 79.44 23.17 -58.72
C SER B 1190 80.33 21.96 -58.47
N GLN B 1191 79.70 20.78 -58.33
CA GLN B 1191 80.44 19.52 -58.13
C GLN B 1191 81.35 19.26 -59.30
N ARG B 1192 80.74 19.32 -60.49
CA ARG B 1192 81.43 19.16 -61.75
C ARG B 1192 82.64 20.08 -61.86
N ALA B 1193 82.47 21.33 -61.42
CA ALA B 1193 83.55 22.31 -61.36
C ALA B 1193 84.66 21.91 -60.38
N PHE B 1194 84.26 21.37 -59.24
CA PHE B 1194 85.18 20.93 -58.20
C PHE B 1194 85.92 19.65 -58.59
N ILE B 1195 85.24 18.79 -59.37
CA ILE B 1195 85.84 17.53 -59.86
C ILE B 1195 87.15 17.83 -60.59
N GLN B 1196 87.10 18.80 -61.51
CA GLN B 1196 88.28 19.18 -62.28
C GLN B 1196 89.31 19.87 -61.39
N THR B 1197 88.81 20.59 -60.38
CA THR B 1197 89.67 21.24 -59.39
C THR B 1197 90.48 20.21 -58.59
N ILE B 1198 89.84 19.10 -58.24
CA ILE B 1198 90.50 17.96 -57.57
C ILE B 1198 91.62 17.41 -58.47
N ASN B 1199 91.26 16.99 -59.70
CA ASN B 1199 92.21 16.48 -60.71
C ASN B 1199 93.41 17.40 -60.94
N THR B 1200 93.13 18.70 -61.05
CA THR B 1200 94.17 19.72 -61.25
C THR B 1200 95.24 19.71 -60.15
N TYR B 1201 94.82 19.81 -58.89
CA TYR B 1201 95.74 19.83 -57.75
C TYR B 1201 96.33 18.48 -57.31
N PHE B 1202 95.66 17.39 -57.70
CA PHE B 1202 96.22 16.04 -57.60
C PHE B 1202 97.25 15.90 -58.71
N GLY B 1203 98.14 14.91 -58.60
CA GLY B 1203 99.12 14.65 -59.66
C GLY B 1203 98.41 14.54 -61.00
N HIS B 1204 98.89 15.27 -62.01
CA HIS B 1204 98.21 15.36 -63.30
C HIS B 1204 98.15 14.01 -64.04
N ASP B 1205 99.20 13.21 -63.95
CA ASP B 1205 99.16 11.85 -64.55
C ASP B 1205 98.12 10.87 -63.95
N SER B 1206 97.90 10.96 -62.62
CA SER B 1206 96.99 10.06 -61.85
C SER B 1206 95.53 10.03 -62.31
N GLN B 1207 94.84 8.92 -62.07
CA GLN B 1207 93.49 8.69 -62.66
C GLN B 1207 92.49 9.80 -62.44
N GLU B 1208 92.06 10.38 -63.55
CA GLU B 1208 91.15 11.51 -63.53
C GLU B 1208 89.72 11.15 -63.09
N LEU B 1209 89.07 12.11 -62.44
CA LEU B 1209 87.70 11.97 -61.98
C LEU B 1209 86.76 12.50 -63.07
N SER B 1210 85.70 11.74 -63.32
CA SER B 1210 84.68 12.13 -64.28
C SER B 1210 83.42 12.52 -63.53
N ASP B 1211 82.51 13.23 -64.20
CA ASP B 1211 81.22 13.61 -63.61
C ASP B 1211 80.43 12.43 -63.08
N TYR B 1212 80.39 11.34 -63.84
CA TYR B 1212 79.71 10.10 -63.45
C TYR B 1212 80.63 8.92 -63.15
N SER B 1213 81.91 9.23 -62.88
CA SER B 1213 83.01 8.25 -62.63
C SER B 1213 82.69 7.09 -61.67
N THR B 1214 82.89 5.86 -62.13
CA THR B 1214 82.62 4.65 -61.33
C THR B 1214 83.64 3.57 -61.61
N ILE B 1215 83.85 2.72 -60.60
CA ILE B 1215 84.73 1.55 -60.67
C ILE B 1215 83.90 0.27 -60.85
N VAL B 1216 84.27 -0.48 -61.89
CA VAL B 1216 83.59 -1.70 -62.28
C VAL B 1216 84.54 -2.92 -62.28
N ILE B 1217 84.00 -4.03 -61.79
CA ILE B 1217 84.68 -5.34 -61.72
C ILE B 1217 83.74 -6.46 -62.21
N ALA B 1218 84.34 -7.49 -62.79
CA ALA B 1218 83.60 -8.66 -63.30
C ALA B 1218 83.05 -9.54 -62.19
N ASN B 1219 81.90 -10.16 -62.46
CA ASN B 1219 81.32 -11.11 -61.51
C ASN B 1219 82.10 -12.43 -61.46
N ASP B 1220 82.49 -12.94 -62.62
CA ASP B 1220 83.08 -14.28 -62.72
C ASP B 1220 84.55 -14.35 -63.16
N LYS B 1221 85.17 -13.20 -63.41
CA LYS B 1221 86.59 -13.16 -63.69
C LYS B 1221 87.20 -11.98 -62.94
N LEU B 1222 88.48 -12.08 -62.62
CA LEU B 1222 89.17 -10.98 -61.94
C LEU B 1222 89.41 -9.87 -62.97
N SER B 1223 88.91 -8.67 -62.68
CA SER B 1223 88.99 -7.59 -63.65
C SER B 1223 89.16 -6.23 -63.01
N PHE B 1224 89.54 -5.29 -63.86
CA PHE B 1224 89.75 -3.91 -63.49
C PHE B 1224 89.31 -3.09 -64.68
N SER B 1225 88.55 -2.04 -64.39
CA SER B 1225 88.07 -1.09 -65.39
C SER B 1225 87.48 0.13 -64.70
N SER B 1226 87.41 1.23 -65.44
CA SER B 1226 86.65 2.41 -65.02
C SER B 1226 85.63 2.86 -66.10
N PHE B 1227 84.40 2.43 -65.94
CA PHE B 1227 83.33 2.78 -66.86
C PHE B 1227 82.14 3.35 -66.13
N CYS B 1228 81.42 4.25 -66.81
CA CYS B 1228 80.33 4.96 -66.19
C CYS B 1228 79.09 5.12 -67.06
N SER B 1229 77.93 5.19 -66.39
CA SER B 1229 76.63 5.66 -66.93
C SER B 1229 75.83 4.83 -67.95
N GLU B 1230 75.52 3.58 -67.62
CA GLU B 1230 74.66 2.76 -68.47
C GLU B 1230 73.31 2.58 -67.84
N ILE B 1231 72.25 2.78 -68.63
CA ILE B 1231 70.89 2.75 -68.11
C ILE B 1231 69.98 1.67 -68.70
N PRO B 1232 69.34 0.85 -67.83
CA PRO B 1232 68.32 -0.11 -68.28
C PRO B 1232 67.02 0.61 -68.59
N SER B 1233 66.20 0.01 -69.45
CA SER B 1233 64.93 0.60 -69.86
C SER B 1233 63.73 -0.06 -69.16
N VAL B 1234 62.87 0.77 -68.55
CA VAL B 1234 61.80 0.25 -67.69
C VAL B 1234 60.45 0.18 -68.39
N SER B 1235 59.82 -0.98 -68.27
CA SER B 1235 58.48 -1.17 -68.75
C SER B 1235 57.56 -1.47 -67.59
N LEU B 1236 56.53 -0.64 -67.47
CA LEU B 1236 55.51 -0.81 -66.47
C LEU B 1236 54.15 -0.62 -67.12
N GLU B 1237 53.17 -1.37 -66.63
CA GLU B 1237 51.83 -1.28 -67.17
C GLU B 1237 51.07 -0.05 -66.64
N ALA B 1238 49.87 0.15 -67.18
CA ALA B 1238 49.02 1.30 -66.86
C ALA B 1238 48.67 1.40 -65.37
N HIS B 1239 48.25 0.29 -64.77
CA HIS B 1239 47.93 0.25 -63.33
C HIS B 1239 49.15 0.55 -62.44
N GLU B 1240 50.33 0.14 -62.91
CA GLU B 1240 51.60 0.33 -62.19
C GLU B 1240 52.04 1.79 -62.06
N VAL B 1241 51.38 2.67 -62.80
CA VAL B 1241 51.86 4.03 -63.07
C VAL B 1241 52.07 4.88 -61.83
N MET B 1242 51.09 4.81 -60.93
CA MET B 1242 51.23 5.48 -59.65
C MET B 1242 51.44 4.47 -58.55
N ARG B 1243 52.58 4.58 -57.87
CA ARG B 1243 52.93 3.66 -56.80
C ARG B 1243 53.91 4.32 -55.81
N PRO B 1244 53.65 4.16 -54.48
CA PRO B 1244 54.52 4.72 -53.45
C PRO B 1244 55.94 4.15 -53.45
N ASP B 1245 56.19 3.18 -54.33
CA ASP B 1245 57.50 2.56 -54.50
C ASP B 1245 57.76 2.30 -55.97
N ILE B 1246 57.92 3.38 -56.75
CA ILE B 1246 58.22 3.23 -58.17
C ILE B 1246 59.26 4.27 -58.60
N VAL B 1247 60.40 3.82 -59.13
CA VAL B 1247 61.45 4.77 -59.56
C VAL B 1247 61.90 4.54 -61.02
N ILE B 1248 61.89 5.62 -61.80
CA ILE B 1248 62.41 5.58 -63.15
C ILE B 1248 63.85 6.03 -63.11
N PRO B 1249 64.78 5.08 -63.32
CA PRO B 1249 66.22 5.39 -63.20
C PRO B 1249 66.70 6.48 -64.16
N THR B 1250 67.51 7.40 -63.62
CA THR B 1250 68.11 8.48 -64.39
C THR B 1250 69.64 8.34 -64.24
N ILE B 1251 70.40 9.09 -65.03
CA ILE B 1251 71.85 9.16 -64.91
C ILE B 1251 72.23 9.61 -63.49
N ASP B 1252 71.35 10.41 -62.87
CA ASP B 1252 71.52 10.95 -61.54
C ASP B 1252 70.84 10.16 -60.43
N THR B 1253 69.79 9.40 -60.76
CA THR B 1253 69.16 8.49 -59.78
C THR B 1253 70.19 7.47 -59.26
N ILE B 1254 70.86 6.79 -60.19
CA ILE B 1254 71.84 5.75 -59.83
C ILE B 1254 73.11 6.35 -59.22
N LYS B 1255 73.53 7.52 -59.74
CA LYS B 1255 74.64 8.29 -59.17
C LYS B 1255 74.45 8.58 -57.66
N HIS B 1256 73.29 9.12 -57.31
CA HIS B 1256 72.96 9.44 -55.93
C HIS B 1256 72.71 8.22 -55.09
N GLU B 1257 71.93 7.26 -55.61
CA GLU B 1257 71.65 6.02 -54.88
C GLU B 1257 72.93 5.27 -54.50
N LYS B 1258 73.92 5.28 -55.40
CA LYS B 1258 75.22 4.67 -55.12
C LYS B 1258 75.93 5.35 -53.97
N ILE B 1259 76.19 6.65 -54.07
CA ILE B 1259 76.84 7.42 -52.98
C ILE B 1259 76.10 7.37 -51.63
N PHE B 1260 74.79 7.58 -51.64
CA PHE B 1260 73.96 7.45 -50.42
C PHE B 1260 74.20 6.11 -49.70
N TYR B 1261 74.23 5.04 -50.48
CA TYR B 1261 74.41 3.70 -49.96
C TYR B 1261 75.81 3.50 -49.37
N ASP B 1262 76.80 4.08 -50.05
CA ASP B 1262 78.18 4.05 -49.60
C ASP B 1262 78.38 4.69 -48.22
N LEU B 1263 77.70 5.80 -47.97
CA LEU B 1263 77.82 6.51 -46.70
C LEU B 1263 77.27 5.68 -45.55
N LEU B 1264 76.19 4.95 -45.80
CA LEU B 1264 75.62 3.98 -44.84
C LEU B 1264 76.60 2.88 -44.45
N ASN B 1265 77.35 2.40 -45.44
CA ASN B 1265 78.36 1.38 -45.20
C ASN B 1265 79.36 1.95 -44.20
N SER B 1266 79.65 3.24 -44.36
CA SER B 1266 80.51 3.92 -43.42
C SER B 1266 79.74 4.05 -42.11
N LYS B 1267 78.43 4.19 -42.23
CA LYS B 1267 77.54 4.33 -41.07
C LYS B 1267 77.44 5.76 -40.58
N ARG B 1268 78.12 6.68 -41.26
CA ARG B 1268 78.04 8.09 -40.93
C ARG B 1268 76.66 8.66 -41.29
N GLY B 1269 76.10 9.49 -40.41
CA GLY B 1269 74.80 10.09 -40.64
C GLY B 1269 74.72 10.84 -41.96
N ILE B 1270 73.59 10.67 -42.64
CA ILE B 1270 73.36 11.29 -43.93
C ILE B 1270 72.29 12.36 -43.82
N ILE B 1271 72.60 13.55 -44.31
CA ILE B 1271 71.62 14.60 -44.45
C ILE B 1271 71.43 14.85 -45.94
N LEU B 1272 70.21 14.57 -46.38
CA LEU B 1272 69.77 14.84 -47.73
C LEU B 1272 69.03 16.18 -47.70
N CYS B 1273 69.66 17.22 -48.24
CA CYS B 1273 69.07 18.55 -48.26
C CYS B 1273 68.68 18.86 -49.68
N GLY B 1274 67.51 19.47 -49.85
CA GLY B 1274 67.02 19.75 -51.19
C GLY B 1274 65.57 20.20 -51.23
N PRO B 1275 65.14 20.75 -52.38
CA PRO B 1275 63.80 21.28 -52.58
C PRO B 1275 62.73 20.19 -52.51
N PRO B 1276 61.45 20.58 -52.33
CA PRO B 1276 60.43 19.54 -52.23
C PRO B 1276 60.11 18.94 -53.61
N GLY B 1277 59.97 17.62 -53.63
CA GLY B 1277 59.79 16.87 -54.87
C GLY B 1277 61.08 16.69 -55.67
N SER B 1278 62.24 16.93 -55.04
CA SER B 1278 63.52 16.69 -55.70
C SER B 1278 63.91 15.21 -55.65
N GLY B 1279 63.14 14.40 -54.91
CA GLY B 1279 63.38 12.93 -54.78
C GLY B 1279 64.38 12.43 -53.73
N LYS B 1280 64.57 13.22 -52.66
CA LYS B 1280 65.47 12.82 -51.59
C LYS B 1280 64.93 11.57 -50.89
N THR B 1281 63.62 11.54 -50.69
CA THR B 1281 62.95 10.43 -49.99
C THR B 1281 63.02 9.16 -50.80
N MET B 1282 62.76 9.25 -52.11
CA MET B 1282 62.83 8.09 -53.03
C MET B 1282 64.22 7.50 -53.27
N ILE B 1283 65.22 8.35 -53.52
CA ILE B 1283 66.62 7.94 -53.58
C ILE B 1283 67.04 7.11 -52.34
N MET B 1284 66.66 7.62 -51.19
CA MET B 1284 66.93 6.94 -49.92
C MET B 1284 66.15 5.62 -49.80
N ASN B 1285 64.87 5.67 -50.13
CA ASN B 1285 63.95 4.52 -50.00
C ASN B 1285 64.24 3.35 -50.93
N ASN B 1286 64.38 3.64 -52.22
CA ASN B 1286 64.55 2.55 -53.19
C ASN B 1286 65.90 1.83 -53.12
N ALA B 1287 66.96 2.59 -52.80
CA ALA B 1287 68.28 2.00 -52.60
C ALA B 1287 68.31 1.01 -51.38
N LEU B 1288 67.38 1.16 -50.44
CA LEU B 1288 67.32 0.33 -49.23
C LEU B 1288 66.15 -0.68 -49.19
N ARG B 1289 65.06 -0.39 -49.90
CA ARG B 1289 63.93 -1.34 -50.02
C ARG B 1289 64.37 -2.55 -50.83
N ASN B 1290 65.43 -2.33 -51.62
CA ASN B 1290 66.08 -3.34 -52.44
C ASN B 1290 67.08 -4.28 -51.69
N SER B 1291 67.91 -3.73 -50.81
CA SER B 1291 68.90 -4.51 -50.05
C SER B 1291 68.33 -5.22 -48.79
N SER B 1292 68.80 -6.44 -48.55
CA SER B 1292 68.42 -7.24 -47.37
C SER B 1292 69.05 -6.72 -46.06
N LEU B 1293 70.21 -6.08 -46.18
CA LEU B 1293 71.00 -5.54 -45.07
C LEU B 1293 70.26 -4.52 -44.17
N TYR B 1294 69.79 -3.44 -44.79
CA TYR B 1294 69.14 -2.39 -44.03
C TYR B 1294 67.61 -2.42 -44.10
N ASP B 1295 66.97 -1.92 -43.05
CA ASP B 1295 65.50 -1.83 -42.93
C ASP B 1295 65.05 -0.43 -42.44
N VAL B 1296 64.15 0.19 -43.21
CA VAL B 1296 63.73 1.59 -43.03
C VAL B 1296 62.58 1.75 -42.03
N VAL B 1297 62.65 2.83 -41.25
CA VAL B 1297 61.61 3.27 -40.32
C VAL B 1297 61.45 4.80 -40.47
N GLY B 1298 60.28 5.22 -40.97
CA GLY B 1298 60.01 6.63 -41.25
C GLY B 1298 59.44 7.41 -40.09
N ILE B 1299 60.15 8.47 -39.68
CA ILE B 1299 59.61 9.46 -38.74
C ILE B 1299 59.44 10.78 -39.46
N ASN B 1300 58.21 11.28 -39.46
CA ASN B 1300 57.91 12.58 -40.02
C ASN B 1300 57.86 13.62 -38.92
N PHE B 1301 58.75 14.60 -39.05
CA PHE B 1301 58.92 15.64 -38.07
C PHE B 1301 57.97 16.81 -38.34
N SER B 1302 57.49 17.43 -37.27
CA SER B 1302 56.65 18.61 -37.36
C SER B 1302 57.20 19.70 -36.44
N LYS B 1303 56.64 20.90 -36.52
CA LYS B 1303 57.18 22.04 -35.80
C LYS B 1303 57.46 21.69 -34.34
N ASP B 1304 56.62 20.84 -33.76
CA ASP B 1304 56.81 20.44 -32.37
C ASP B 1304 56.73 18.94 -32.21
N THR B 1305 57.79 18.25 -32.61
CA THR B 1305 57.89 16.80 -32.38
C THR B 1305 58.76 16.56 -31.15
N THR B 1306 58.33 15.67 -30.26
CA THR B 1306 59.11 15.35 -29.05
C THR B 1306 60.13 14.20 -29.25
N THR B 1307 61.15 14.16 -28.39
CA THR B 1307 62.17 13.12 -28.44
C THR B 1307 61.66 11.75 -27.99
N GLU B 1308 60.50 11.71 -27.35
CA GLU B 1308 59.84 10.44 -27.08
C GLU B 1308 59.17 9.86 -28.33
N HIS B 1309 58.74 10.74 -29.23
CA HIS B 1309 58.18 10.34 -30.53
C HIS B 1309 59.18 9.51 -31.30
N ILE B 1310 60.46 9.91 -31.23
CA ILE B 1310 61.55 9.17 -31.88
C ILE B 1310 61.69 7.78 -31.26
N LEU B 1311 61.64 7.73 -29.95
CA LEU B 1311 61.70 6.49 -29.18
C LEU B 1311 60.52 5.56 -29.44
N SER B 1312 59.31 6.11 -29.44
CA SER B 1312 58.09 5.35 -29.65
C SER B 1312 58.07 4.71 -31.04
N ALA B 1313 58.49 5.48 -32.05
CA ALA B 1313 58.65 4.98 -33.43
C ALA B 1313 59.62 3.80 -33.51
N LEU B 1314 60.72 3.95 -32.76
CA LEU B 1314 61.73 2.92 -32.62
C LEU B 1314 61.24 1.64 -31.95
N HIS B 1315 60.45 1.78 -30.90
CA HIS B 1315 59.97 0.64 -30.11
C HIS B 1315 59.17 -0.43 -30.87
N ARG B 1316 58.52 -0.07 -31.99
CA ARG B 1316 57.82 -1.07 -32.87
C ARG B 1316 58.84 -1.98 -33.62
N HIS B 1317 60.01 -1.42 -33.93
CA HIS B 1317 61.08 -2.05 -34.73
C HIS B 1317 62.38 -2.37 -33.94
N THR B 1318 62.37 -2.10 -32.63
CA THR B 1318 63.58 -2.32 -31.78
C THR B 1318 63.29 -2.96 -30.43
N ASN B 1319 64.28 -3.70 -29.96
CA ASN B 1319 64.13 -4.54 -28.79
C ASN B 1319 65.29 -4.36 -27.83
N TYR B 1320 64.98 -3.98 -26.60
CA TYR B 1320 65.96 -3.75 -25.53
C TYR B 1320 66.59 -5.01 -25.00
N VAL B 1321 67.91 -5.00 -24.78
CA VAL B 1321 68.63 -6.21 -24.39
C VAL B 1321 69.87 -5.87 -23.57
N THR B 1322 70.40 -6.88 -22.87
CA THR B 1322 71.61 -6.72 -22.07
C THR B 1322 72.86 -7.24 -22.77
N THR B 1323 73.81 -6.36 -23.04
CA THR B 1323 74.99 -6.73 -23.82
C THR B 1323 76.26 -6.17 -23.24
N SER B 1324 77.30 -6.98 -23.41
CA SER B 1324 78.61 -6.70 -22.89
C SER B 1324 79.13 -5.33 -23.29
N LYS B 1325 79.06 -4.99 -24.56
CA LYS B 1325 79.63 -3.73 -24.99
C LYS B 1325 78.85 -2.60 -24.34
N GLY B 1326 77.55 -2.78 -24.18
CA GLY B 1326 76.70 -1.67 -23.78
C GLY B 1326 75.91 -1.77 -22.47
N LEU B 1327 76.12 -2.80 -21.67
CA LEU B 1327 75.21 -2.99 -20.54
C LEU B 1327 73.80 -3.00 -21.17
N THR B 1328 72.92 -2.09 -20.73
CA THR B 1328 71.65 -1.94 -21.45
C THR B 1328 71.94 -1.48 -22.85
N LEU B 1329 71.31 -2.19 -23.78
CA LEU B 1329 71.46 -1.92 -25.17
C LEU B 1329 70.11 -1.86 -25.91
N LEU B 1330 70.16 -1.26 -27.11
CA LEU B 1330 68.98 -1.11 -27.93
C LEU B 1330 69.29 -1.43 -29.39
N PRO B 1331 69.45 -2.73 -29.74
CA PRO B 1331 69.60 -3.05 -31.16
C PRO B 1331 68.24 -3.20 -31.83
N LYS B 1332 68.27 -3.44 -33.14
CA LYS B 1332 67.05 -3.63 -33.89
C LYS B 1332 66.33 -4.94 -33.50
N SER B 1333 64.99 -4.95 -33.56
CA SER B 1333 64.19 -6.14 -33.14
C SER B 1333 64.45 -7.38 -34.02
N ASP B 1334 64.98 -7.13 -35.21
CA ASP B 1334 65.39 -8.17 -36.16
C ASP B 1334 66.90 -8.09 -36.35
N ILE B 1335 67.51 -9.18 -36.83
CA ILE B 1335 68.97 -9.27 -36.82
C ILE B 1335 69.75 -8.24 -37.65
N LYS B 1336 69.25 -7.90 -38.84
CA LYS B 1336 69.98 -6.98 -39.73
C LYS B 1336 69.69 -5.47 -39.48
N ASN B 1337 70.64 -4.60 -39.80
CA ASN B 1337 70.58 -3.12 -39.56
C ASN B 1337 69.28 -2.35 -39.77
N LEU B 1338 69.07 -1.35 -38.91
CA LEU B 1338 67.90 -0.44 -38.96
C LEU B 1338 68.26 1.00 -39.28
N VAL B 1339 67.42 1.62 -40.10
CA VAL B 1339 67.63 2.99 -40.56
C VAL B 1339 66.42 3.84 -40.17
N LEU B 1340 66.62 4.82 -39.29
CA LEU B 1340 65.62 5.83 -38.95
C LEU B 1340 65.67 6.98 -39.94
N PHE B 1341 64.57 7.14 -40.66
CA PHE B 1341 64.47 8.19 -41.63
C PHE B 1341 63.67 9.34 -41.04
N CYS B 1342 64.38 10.41 -40.69
CA CYS B 1342 63.77 11.60 -40.10
C CYS B 1342 63.55 12.63 -41.20
N ASP B 1343 62.31 12.65 -41.71
CA ASP B 1343 61.94 13.62 -42.72
C ASP B 1343 61.53 14.94 -42.08
N GLU B 1344 62.03 16.02 -42.66
CA GLU B 1344 61.84 17.40 -42.20
C GLU B 1344 62.54 17.68 -40.85
N ILE B 1345 63.83 17.37 -40.83
CA ILE B 1345 64.67 17.46 -39.64
C ILE B 1345 64.89 18.89 -39.17
N ASN B 1346 64.77 19.83 -40.11
CA ASN B 1346 64.91 21.24 -39.76
C ASN B 1346 63.57 21.90 -39.51
N LEU B 1347 62.59 21.09 -39.13
CA LEU B 1347 61.26 21.59 -38.82
C LEU B 1347 60.93 21.78 -37.33
N PRO B 1348 61.41 20.88 -36.44
CA PRO B 1348 61.08 21.13 -35.03
C PRO B 1348 61.73 22.41 -34.48
N LYS B 1349 60.98 23.09 -33.61
CA LYS B 1349 61.32 24.43 -33.12
C LYS B 1349 62.21 24.37 -31.89
N LEU B 1350 62.59 25.55 -31.40
CA LEU B 1350 63.61 25.70 -30.37
C LEU B 1350 63.13 26.34 -29.07
N ASP B 1351 63.82 26.02 -27.97
CA ASP B 1351 63.47 26.54 -26.66
C ASP B 1351 63.53 28.03 -26.65
N LYS B 1352 62.88 28.57 -25.62
CA LYS B 1352 62.76 29.98 -25.36
C LYS B 1352 64.10 30.64 -25.53
N TYR B 1353 65.13 30.03 -24.99
CA TYR B 1353 66.47 30.51 -25.22
C TYR B 1353 66.81 30.32 -26.68
N GLY B 1354 66.38 29.19 -27.23
CA GLY B 1354 66.61 28.91 -28.65
C GLY B 1354 67.51 27.73 -28.92
N SER B 1355 67.04 26.55 -28.58
CA SER B 1355 67.83 25.34 -28.77
C SER B 1355 66.91 24.13 -29.00
N GLN B 1356 66.97 23.49 -30.18
CA GLN B 1356 66.03 22.40 -30.57
C GLN B 1356 66.53 21.12 -30.01
N ASN B 1357 65.80 20.54 -29.08
CA ASN B 1357 66.37 19.45 -28.27
C ASN B 1357 66.33 18.13 -29.02
N VAL B 1358 65.32 18.01 -29.86
CA VAL B 1358 65.12 16.87 -30.74
C VAL B 1358 66.35 16.63 -31.66
N VAL B 1359 66.86 17.69 -32.28
CA VAL B 1359 68.14 17.68 -33.01
C VAL B 1359 69.38 17.33 -32.15
N LEU B 1360 69.43 17.87 -30.94
CA LEU B 1360 70.52 17.56 -30.00
C LEU B 1360 70.48 16.13 -29.47
N PHE B 1361 69.28 15.53 -29.52
CA PHE B 1361 69.05 14.12 -29.17
C PHE B 1361 69.62 13.22 -30.24
N LEU B 1362 69.43 13.60 -31.50
CA LEU B 1362 70.01 12.89 -32.65
C LEU B 1362 71.52 13.08 -32.60
N ARG B 1363 71.96 14.28 -32.27
CA ARG B 1363 73.37 14.60 -32.10
C ARG B 1363 73.97 13.71 -31.01
N GLN B 1364 73.19 13.49 -29.94
CA GLN B 1364 73.61 12.59 -28.85
C GLN B 1364 73.83 11.19 -29.40
N LEU B 1365 72.90 10.75 -30.24
CA LEU B 1365 72.97 9.41 -30.82
C LEU B 1365 74.13 9.24 -31.81
N MET B 1366 74.39 10.27 -32.59
CA MET B 1366 75.53 10.24 -33.50
C MET B 1366 76.89 10.28 -32.80
N GLU B 1367 77.05 11.15 -31.81
CA GLU B 1367 78.36 11.33 -31.13
C GLU B 1367 78.57 10.34 -29.96
N LYS B 1368 77.62 10.31 -29.02
CA LYS B 1368 77.67 9.37 -27.92
C LYS B 1368 77.40 7.93 -28.36
N GLN B 1369 76.29 7.71 -29.05
CA GLN B 1369 75.91 6.38 -29.51
C GLN B 1369 75.01 5.68 -28.53
N GLY B 1370 74.71 6.38 -27.46
CA GLY B 1370 73.80 5.90 -26.45
C GLY B 1370 73.12 7.12 -25.88
N PHE B 1371 71.92 6.92 -25.36
CA PHE B 1371 71.19 8.01 -24.75
C PHE B 1371 70.81 7.67 -23.28
N TRP B 1372 70.44 8.72 -22.54
CA TRP B 1372 70.03 8.56 -21.14
C TRP B 1372 68.53 8.35 -21.09
N LYS B 1373 68.10 7.34 -20.32
CA LYS B 1373 66.67 7.09 -20.18
C LYS B 1373 66.00 8.10 -19.28
N THR B 1374 64.96 8.72 -19.83
CA THR B 1374 64.30 9.84 -19.18
C THR B 1374 63.58 9.45 -17.86
N PRO B 1375 62.81 8.31 -17.84
CA PRO B 1375 62.25 7.92 -16.55
C PRO B 1375 63.18 7.05 -15.68
N GLU B 1376 63.72 5.99 -16.26
CA GLU B 1376 64.50 4.96 -15.55
C GLU B 1376 65.83 5.45 -14.98
N ASN B 1377 66.40 6.49 -15.60
CA ASN B 1377 67.69 7.10 -15.22
C ASN B 1377 68.91 6.20 -15.34
N LYS B 1378 69.11 5.72 -16.57
CA LYS B 1378 70.23 4.85 -16.92
C LYS B 1378 70.67 5.08 -18.37
N TRP B 1379 71.93 4.73 -18.66
CA TRP B 1379 72.47 4.86 -20.02
C TRP B 1379 72.29 3.54 -20.78
N VAL B 1380 71.54 3.61 -21.89
CA VAL B 1380 71.39 2.49 -22.83
C VAL B 1380 72.07 2.87 -24.14
N THR B 1381 72.91 1.96 -24.65
CA THR B 1381 73.69 2.23 -25.84
C THR B 1381 73.09 1.57 -27.05
N ILE B 1382 72.68 2.37 -28.04
CA ILE B 1382 72.07 1.82 -29.26
C ILE B 1382 73.09 1.08 -30.13
N GLU B 1383 72.72 -0.15 -30.51
CA GLU B 1383 73.52 -1.00 -31.41
C GLU B 1383 72.95 -1.01 -32.81
N ARG B 1384 73.85 -0.75 -33.75
CA ARG B 1384 73.55 -0.91 -35.17
C ARG B 1384 72.25 -0.22 -35.60
N ILE B 1385 72.11 1.04 -35.22
CA ILE B 1385 71.03 1.90 -35.68
C ILE B 1385 71.60 3.14 -36.41
N HIS B 1386 71.00 3.48 -37.56
CA HIS B 1386 71.44 4.61 -38.44
C HIS B 1386 70.52 5.80 -38.51
N ILE B 1387 71.11 6.99 -38.52
CA ILE B 1387 70.33 8.22 -38.58
C ILE B 1387 70.47 8.85 -39.97
N VAL B 1388 69.36 8.92 -40.69
CA VAL B 1388 69.28 9.54 -42.00
C VAL B 1388 68.12 10.55 -42.04
N GLY B 1389 68.44 11.75 -42.53
CA GLY B 1389 67.55 12.90 -42.43
C GLY B 1389 67.45 13.69 -43.71
N ALA B 1390 66.22 14.05 -44.04
CA ALA B 1390 65.90 14.86 -45.19
C ALA B 1390 65.38 16.20 -44.71
N CYS B 1391 65.83 17.27 -45.35
CA CYS B 1391 65.44 18.60 -44.96
C CYS B 1391 65.47 19.54 -46.15
N ASN B 1392 64.75 20.65 -46.03
CA ASN B 1392 64.72 21.66 -47.05
C ASN B 1392 65.78 22.72 -46.84
N PRO B 1393 66.17 23.45 -47.92
CA PRO B 1393 67.17 24.51 -47.73
C PRO B 1393 66.76 25.43 -46.57
N PRO B 1394 67.73 25.90 -45.74
CA PRO B 1394 67.29 26.70 -44.59
C PRO B 1394 66.86 28.14 -44.95
N THR B 1395 66.98 28.50 -46.23
CA THR B 1395 66.53 29.78 -46.76
C THR B 1395 65.02 29.76 -46.98
N ASP B 1396 64.43 28.56 -47.08
CA ASP B 1396 62.98 28.33 -47.19
C ASP B 1396 62.21 28.76 -45.91
N PRO B 1397 60.93 29.17 -46.06
CA PRO B 1397 60.14 29.52 -44.89
C PRO B 1397 59.73 28.28 -44.08
N GLY B 1398 59.56 28.45 -42.76
CA GLY B 1398 59.21 27.36 -41.86
C GLY B 1398 60.45 26.72 -41.24
N ARG B 1399 61.58 26.88 -41.94
CA ARG B 1399 62.83 26.19 -41.62
C ARG B 1399 63.61 26.85 -40.51
N ILE B 1400 64.17 26.00 -39.65
CA ILE B 1400 64.95 26.36 -38.45
C ILE B 1400 66.40 25.98 -38.74
N PRO B 1401 67.37 26.91 -38.53
CA PRO B 1401 68.77 26.56 -38.79
C PRO B 1401 69.31 25.56 -37.76
N MET B 1402 69.97 24.49 -38.25
CA MET B 1402 70.56 23.40 -37.45
C MET B 1402 71.99 23.70 -36.93
N SER B 1403 72.29 23.19 -35.74
CA SER B 1403 73.56 23.49 -35.05
C SER B 1403 74.72 22.73 -35.69
N GLU B 1404 75.78 23.46 -36.02
CA GLU B 1404 77.01 22.87 -36.62
C GLU B 1404 77.58 21.77 -35.75
N ARG B 1405 77.18 21.74 -34.48
CA ARG B 1405 77.56 20.70 -33.52
C ARG B 1405 76.87 19.38 -33.79
N PHE B 1406 75.71 19.44 -34.45
CA PHE B 1406 75.02 18.25 -34.99
C PHE B 1406 75.34 17.92 -36.46
N THR B 1407 75.29 18.92 -37.34
CA THR B 1407 75.69 18.68 -38.75
C THR B 1407 77.16 18.30 -39.09
N ARG B 1408 78.03 18.35 -38.07
CA ARG B 1408 79.43 17.94 -38.22
C ARG B 1408 79.54 16.43 -38.29
N HIS B 1409 78.50 15.75 -37.81
CA HIS B 1409 78.44 14.28 -37.80
C HIS B 1409 77.66 13.75 -39.00
N ALA B 1410 77.39 14.63 -39.96
CA ALA B 1410 76.61 14.21 -41.11
C ALA B 1410 77.28 14.46 -42.46
N ALA B 1411 76.99 13.54 -43.38
CA ALA B 1411 77.37 13.68 -44.76
C ALA B 1411 76.19 14.35 -45.44
N ILE B 1412 76.42 15.53 -46.02
CA ILE B 1412 75.33 16.28 -46.62
C ILE B 1412 75.34 16.17 -48.15
N LEU B 1413 74.21 15.73 -48.68
CA LEU B 1413 74.04 15.53 -50.10
C LEU B 1413 72.92 16.40 -50.60
N TYR B 1414 73.28 17.42 -51.39
CA TYR B 1414 72.26 18.28 -51.99
C TYR B 1414 71.68 17.68 -53.27
N LEU B 1415 70.41 17.26 -53.20
CA LEU B 1415 69.69 16.72 -54.36
C LEU B 1415 68.69 17.76 -54.87
N GLY B 1416 68.84 18.16 -56.12
CA GLY B 1416 68.01 19.18 -56.70
C GLY B 1416 67.00 18.71 -57.73
N TYR B 1417 66.49 19.68 -58.48
CA TYR B 1417 65.60 19.41 -59.58
C TYR B 1417 66.43 19.01 -60.79
N PRO B 1418 65.81 18.27 -61.71
CA PRO B 1418 66.51 17.78 -62.88
C PRO B 1418 66.16 18.37 -64.28
N SER B 1419 67.08 19.14 -64.88
CA SER B 1419 67.13 19.38 -66.34
C SER B 1419 66.06 20.26 -67.02
N GLY B 1420 64.79 19.92 -66.87
CA GLY B 1420 63.74 20.44 -67.74
C GLY B 1420 63.78 19.71 -69.07
N LYS B 1421 64.86 18.95 -69.26
CA LYS B 1421 65.04 18.05 -70.40
C LYS B 1421 64.94 16.56 -69.92
N SER B 1422 65.35 16.28 -68.68
CA SER B 1422 65.21 14.94 -68.01
C SER B 1422 63.79 14.75 -67.57
N LEU B 1423 63.21 15.82 -67.03
CA LEU B 1423 61.82 15.83 -66.60
C LEU B 1423 60.89 15.43 -67.73
N SER B 1424 61.19 15.96 -68.92
CA SER B 1424 60.43 15.62 -70.10
C SER B 1424 60.58 14.15 -70.49
N GLN B 1425 61.82 13.66 -70.44
CA GLN B 1425 62.19 12.25 -70.72
C GLN B 1425 61.54 11.25 -69.77
N ILE B 1426 61.51 11.62 -68.49
CA ILE B 1426 61.01 10.74 -67.42
C ILE B 1426 59.51 10.54 -67.54
N TYR B 1427 58.77 11.62 -67.79
CA TYR B 1427 57.33 11.52 -67.90
C TYR B 1427 56.83 10.99 -69.26
N GLU B 1428 57.70 10.95 -70.27
CA GLU B 1428 57.39 10.29 -71.54
C GLU B 1428 57.13 8.81 -71.27
N ILE B 1429 58.01 8.21 -70.47
CA ILE B 1429 57.92 6.80 -70.08
C ILE B 1429 56.71 6.57 -69.19
N TYR B 1430 56.31 7.64 -68.50
CA TYR B 1430 55.11 7.64 -67.66
C TYR B 1430 53.85 7.69 -68.53
N TYR B 1431 53.93 8.45 -69.62
CA TYR B 1431 52.84 8.49 -70.61
C TYR B 1431 52.75 7.18 -71.39
N LYS B 1432 53.91 6.66 -71.79
CA LYS B 1432 54.03 5.35 -72.43
C LYS B 1432 53.24 4.25 -71.69
N ALA B 1433 53.46 4.14 -70.38
CA ALA B 1433 52.77 3.18 -69.49
C ALA B 1433 51.25 3.36 -69.44
N ILE B 1434 50.77 4.60 -69.34
CA ILE B 1434 49.31 4.85 -69.25
C ILE B 1434 48.60 4.75 -70.60
N PHE B 1435 49.34 4.97 -71.68
CA PHE B 1435 48.84 4.85 -73.05
C PHE B 1435 48.71 3.40 -73.52
N LYS B 1436 48.93 2.44 -72.61
CA LYS B 1436 48.66 1.03 -72.86
C LYS B 1436 47.16 0.78 -72.77
N LEU B 1437 46.44 1.77 -72.23
CA LEU B 1437 44.98 1.76 -72.17
C LEU B 1437 44.35 2.45 -73.38
N VAL B 1438 45.11 3.36 -73.99
CA VAL B 1438 44.76 3.96 -75.29
C VAL B 1438 45.86 3.77 -76.33
N PRO B 1439 45.95 2.54 -76.89
CA PRO B 1439 47.02 2.17 -77.80
C PRO B 1439 47.01 2.93 -79.13
N GLU B 1440 45.84 3.50 -79.48
CA GLU B 1440 45.63 4.19 -80.75
C GLU B 1440 46.37 5.53 -80.81
N PHE B 1441 46.90 5.96 -79.67
CA PHE B 1441 47.56 7.27 -79.55
C PHE B 1441 48.98 7.13 -79.02
N ARG B 1442 49.56 5.97 -79.29
CA ARG B 1442 50.92 5.61 -78.93
C ARG B 1442 52.01 6.62 -79.40
N SER B 1443 51.75 7.27 -80.54
CA SER B 1443 52.64 8.30 -81.12
C SER B 1443 52.57 9.64 -80.41
N TYR B 1444 51.49 9.82 -79.64
CA TYR B 1444 51.20 11.07 -78.97
C TYR B 1444 51.74 11.20 -77.53
N THR B 1445 52.50 10.19 -77.07
CA THR B 1445 53.08 10.23 -75.71
C THR B 1445 54.12 11.33 -75.54
N GLU B 1446 55.00 11.53 -76.53
CA GLU B 1446 56.04 12.57 -76.46
C GLU B 1446 55.51 14.01 -76.43
N PRO B 1447 54.58 14.38 -77.35
CA PRO B 1447 54.04 15.75 -77.23
C PRO B 1447 53.22 16.01 -75.95
N PHE B 1448 52.60 14.97 -75.38
CA PHE B 1448 51.88 15.10 -74.12
C PHE B 1448 52.85 15.32 -72.91
N ALA B 1449 53.94 14.54 -72.88
CA ALA B 1449 54.97 14.65 -71.85
C ALA B 1449 55.69 15.97 -71.93
N ARG B 1450 55.88 16.47 -73.15
CA ARG B 1450 56.56 17.75 -73.35
C ARG B 1450 55.65 18.92 -72.96
N ALA B 1451 54.34 18.74 -73.16
CA ALA B 1451 53.32 19.73 -72.79
C ALA B 1451 53.14 19.85 -71.29
N SER B 1452 53.03 18.70 -70.62
CA SER B 1452 52.94 18.62 -69.17
C SER B 1452 54.10 19.33 -68.50
N VAL B 1453 55.32 19.07 -68.96
CA VAL B 1453 56.51 19.77 -68.47
C VAL B 1453 56.54 21.28 -68.82
N HIS B 1454 56.09 21.64 -70.02
CA HIS B 1454 55.98 23.07 -70.38
C HIS B 1454 54.99 23.84 -69.49
N LEU B 1455 53.82 23.25 -69.25
CA LEU B 1455 52.80 23.83 -68.38
C LEU B 1455 53.33 24.01 -66.96
N TYR B 1456 54.01 22.97 -66.45
CA TYR B 1456 54.72 23.03 -65.18
C TYR B 1456 55.76 24.13 -65.15
N ASN B 1457 56.68 24.15 -66.12
CA ASN B 1457 57.75 25.15 -66.19
C ASN B 1457 57.20 26.56 -66.12
N GLU B 1458 56.08 26.76 -66.81
CA GLU B 1458 55.43 28.05 -66.89
C GLU B 1458 54.67 28.41 -65.60
N CYS B 1459 53.87 27.48 -65.08
CA CYS B 1459 53.18 27.69 -63.81
C CYS B 1459 54.14 28.07 -62.67
N LYS B 1460 55.24 27.33 -62.56
CA LYS B 1460 56.28 27.56 -61.56
C LYS B 1460 56.89 28.93 -61.66
N ALA B 1461 57.07 29.40 -62.90
CA ALA B 1461 57.61 30.73 -63.19
C ALA B 1461 56.59 31.87 -63.08
N ARG B 1462 55.38 31.68 -63.59
CA ARG B 1462 54.32 32.70 -63.55
C ARG B 1462 53.73 32.94 -62.15
N TYR B 1463 53.51 31.86 -61.41
CA TYR B 1463 52.85 31.96 -60.11
C TYR B 1463 53.82 31.53 -59.02
N SER B 1464 54.41 32.54 -58.40
CA SER B 1464 55.50 32.36 -57.48
C SER B 1464 55.11 32.69 -56.03
N THR B 1465 56.01 32.40 -55.09
CA THR B 1465 55.78 32.68 -53.67
C THR B 1465 55.76 34.18 -53.37
N GLY B 1466 56.09 34.97 -54.40
CA GLY B 1466 56.01 36.43 -54.35
C GLY B 1466 54.58 36.94 -54.35
N LEU B 1467 53.67 36.23 -55.02
CA LEU B 1467 52.25 36.54 -54.94
C LEU B 1467 51.61 35.84 -53.73
N GLN B 1468 51.66 34.52 -53.77
CA GLN B 1468 51.00 33.74 -52.75
C GLN B 1468 51.96 32.68 -52.26
N SER B 1469 51.86 32.42 -50.96
CA SER B 1469 52.66 31.47 -50.21
C SER B 1469 52.49 30.08 -50.81
N HIS B 1470 51.24 29.72 -51.10
CA HIS B 1470 50.92 28.39 -51.58
C HIS B 1470 51.27 28.20 -53.06
N TYR B 1471 51.76 29.25 -53.74
CA TYR B 1471 52.25 29.09 -55.13
C TYR B 1471 53.62 28.46 -55.13
N LEU B 1472 53.61 27.14 -55.01
CA LEU B 1472 54.80 26.35 -54.83
C LEU B 1472 54.59 25.13 -55.72
N PHE B 1473 55.26 25.14 -56.88
CA PHE B 1473 55.15 24.04 -57.81
C PHE B 1473 56.41 23.20 -57.78
N SER B 1474 56.20 21.92 -58.07
CA SER B 1474 57.24 20.91 -58.05
C SER B 1474 56.86 19.74 -58.97
N PRO B 1475 57.82 18.84 -59.25
CA PRO B 1475 57.48 17.69 -60.07
C PRO B 1475 56.38 16.80 -59.45
N ARG B 1476 56.04 17.08 -58.18
CA ARG B 1476 54.98 16.36 -57.46
C ARG B 1476 53.67 16.51 -58.21
N GLU B 1477 53.42 17.73 -58.67
CA GLU B 1477 52.22 18.05 -59.40
C GLU B 1477 52.16 17.24 -60.71
N LEU B 1478 53.30 17.18 -61.41
CA LEU B 1478 53.42 16.43 -62.67
C LEU B 1478 52.99 14.98 -62.47
N THR B 1479 53.54 14.35 -61.44
CA THR B 1479 53.23 12.97 -61.10
C THR B 1479 51.77 12.81 -60.64
N ARG B 1480 51.24 13.89 -60.04
CA ARG B 1480 49.84 13.94 -59.63
C ARG B 1480 48.95 14.05 -60.86
N LEU B 1481 49.41 14.85 -61.82
CA LEU B 1481 48.75 15.04 -63.12
C LEU B 1481 48.73 13.76 -63.94
N VAL B 1482 49.89 13.09 -64.05
CA VAL B 1482 50.08 11.82 -64.79
C VAL B 1482 49.14 10.73 -64.27
N ARG B 1483 49.10 10.55 -62.94
CA ARG B 1483 48.14 9.64 -62.30
C ARG B 1483 46.68 10.09 -62.47
N GLY B 1484 46.44 11.39 -62.30
CA GLY B 1484 45.11 11.97 -62.48
C GLY B 1484 44.53 11.72 -63.86
N VAL B 1485 45.41 11.76 -64.86
CA VAL B 1485 45.10 11.38 -66.25
C VAL B 1485 44.69 9.90 -66.33
N TYR B 1486 45.58 9.01 -65.89
CA TYR B 1486 45.33 7.58 -65.88
C TYR B 1486 43.96 7.19 -65.27
N THR B 1487 43.66 7.70 -64.07
CA THR B 1487 42.44 7.31 -63.32
C THR B 1487 41.16 7.62 -64.11
N ALA B 1488 41.19 8.73 -64.85
CA ALA B 1488 40.11 9.12 -65.76
C ALA B 1488 39.97 8.19 -66.96
N ILE B 1489 41.11 7.78 -67.52
CA ILE B 1489 41.18 6.80 -68.62
C ILE B 1489 40.71 5.43 -68.14
N ASN B 1490 41.36 4.89 -67.09
CA ASN B 1490 41.07 3.58 -66.54
C ASN B 1490 39.60 3.36 -66.20
N THR B 1491 38.87 4.45 -66.04
CA THR B 1491 37.43 4.31 -65.83
C THR B 1491 36.59 5.19 -66.79
N GLY B 1492 37.08 5.39 -68.01
CA GLY B 1492 36.40 6.22 -69.00
C GLY B 1492 36.14 5.57 -70.36
N PRO B 1493 35.17 6.12 -71.12
CA PRO B 1493 34.82 5.54 -72.41
C PRO B 1493 35.99 5.71 -73.37
N ARG B 1494 36.13 4.81 -74.33
CA ARG B 1494 37.26 4.87 -75.27
C ARG B 1494 37.43 6.27 -75.85
N GLN B 1495 38.66 6.78 -75.80
CA GLN B 1495 38.91 8.21 -75.90
C GLN B 1495 39.43 8.62 -77.27
N THR B 1496 38.78 9.62 -77.86
CA THR B 1496 39.27 10.31 -79.06
C THR B 1496 40.45 11.26 -78.71
N LEU B 1497 41.24 11.66 -79.69
CA LEU B 1497 42.35 12.63 -79.47
C LEU B 1497 41.83 13.93 -78.87
N ARG B 1498 40.63 14.31 -79.31
CA ARG B 1498 39.90 15.44 -78.75
C ARG B 1498 39.51 15.22 -77.28
N SER B 1499 39.16 13.98 -76.92
CA SER B 1499 38.81 13.63 -75.54
C SER B 1499 40.03 13.71 -74.62
N LEU B 1500 41.09 12.99 -74.99
CA LEU B 1500 42.29 12.89 -74.16
C LEU B 1500 42.91 14.23 -73.84
N ILE B 1501 43.01 15.12 -74.82
CA ILE B 1501 43.54 16.47 -74.52
C ILE B 1501 42.65 17.22 -73.50
N ARG B 1502 41.33 17.08 -73.61
CA ARG B 1502 40.38 17.68 -72.65
C ARG B 1502 40.41 17.00 -71.26
N LEU B 1503 40.64 15.69 -71.27
CA LEU B 1503 40.87 14.89 -70.08
C LEU B 1503 42.16 15.33 -69.39
N TRP B 1504 43.17 15.64 -70.19
CA TRP B 1504 44.46 16.16 -69.71
C TRP B 1504 44.32 17.57 -69.23
N ALA B 1505 43.57 18.37 -69.98
CA ALA B 1505 43.26 19.76 -69.60
C ALA B 1505 42.45 19.88 -68.29
N TYR B 1506 41.51 18.96 -68.07
CA TYR B 1506 40.72 18.94 -66.83
C TYR B 1506 41.62 18.75 -65.63
N GLU B 1507 42.51 17.78 -65.73
CA GLU B 1507 43.47 17.49 -64.70
C GLU B 1507 44.40 18.67 -64.51
N ALA B 1508 44.83 19.28 -65.60
CA ALA B 1508 45.76 20.40 -65.53
C ALA B 1508 45.12 21.57 -64.80
N TRP B 1509 43.80 21.70 -64.92
CA TRP B 1509 43.04 22.75 -64.22
C TRP B 1509 43.03 22.49 -62.74
N ARG B 1510 42.74 21.24 -62.38
CA ARG B 1510 42.60 20.82 -60.98
C ARG B 1510 43.94 20.80 -60.23
N ILE B 1511 45.03 20.64 -60.98
CA ILE B 1511 46.34 20.39 -60.43
C ILE B 1511 47.10 21.70 -60.34
N PHE B 1512 46.98 22.51 -61.38
CA PHE B 1512 47.78 23.75 -61.41
C PHE B 1512 46.98 25.01 -61.05
N ALA B 1513 45.67 25.02 -61.29
CA ALA B 1513 44.93 26.26 -61.22
C ALA B 1513 43.90 26.39 -60.10
N ASP B 1514 43.47 25.30 -59.48
CA ASP B 1514 42.48 25.36 -58.39
C ASP B 1514 43.05 26.13 -57.19
N ARG B 1515 44.38 26.12 -57.08
CA ARG B 1515 45.10 26.83 -56.01
C ARG B 1515 45.25 28.33 -56.28
N LEU B 1516 45.12 28.72 -57.54
CA LEU B 1516 45.22 30.13 -57.97
C LEU B 1516 44.10 30.98 -57.35
N VAL B 1517 44.49 32.13 -56.81
CA VAL B 1517 43.54 33.12 -56.25
C VAL B 1517 43.21 34.13 -57.36
N GLY B 1518 42.10 34.83 -57.22
CA GLY B 1518 41.84 35.93 -58.14
C GLY B 1518 41.64 35.49 -59.58
N VAL B 1519 41.72 36.45 -60.49
CA VAL B 1519 41.27 36.18 -61.84
C VAL B 1519 42.29 36.57 -62.88
N LYS B 1520 43.14 37.55 -62.55
CA LYS B 1520 44.26 37.93 -63.43
C LYS B 1520 45.19 36.75 -63.73
N GLU B 1521 45.49 35.98 -62.68
CA GLU B 1521 46.31 34.79 -62.77
C GLU B 1521 45.49 33.62 -63.32
N LYS B 1522 44.20 33.54 -62.99
CA LYS B 1522 43.36 32.43 -63.45
C LYS B 1522 43.09 32.51 -64.95
N ASN B 1523 43.01 33.73 -65.49
CA ASN B 1523 42.83 33.91 -66.94
C ASN B 1523 44.14 33.70 -67.67
N SER B 1524 45.23 34.02 -66.97
CA SER B 1524 46.59 33.79 -67.43
C SER B 1524 46.83 32.32 -67.72
N PHE B 1525 46.32 31.44 -66.85
CA PHE B 1525 46.39 29.97 -67.05
C PHE B 1525 45.50 29.53 -68.20
N GLU B 1526 44.33 30.16 -68.38
CA GLU B 1526 43.45 29.79 -69.49
C GLU B 1526 44.19 30.00 -70.81
N GLN B 1527 44.87 31.14 -70.93
CA GLN B 1527 45.66 31.45 -72.12
C GLN B 1527 46.89 30.55 -72.21
N LEU B 1528 47.54 30.27 -71.07
CA LEU B 1528 48.71 29.38 -71.05
C LEU B 1528 48.40 27.96 -71.52
N LEU B 1529 47.31 27.38 -71.01
CA LEU B 1529 46.84 26.06 -71.44
C LEU B 1529 46.54 26.07 -72.95
N TYR B 1530 45.93 27.15 -73.44
CA TYR B 1530 45.69 27.40 -74.89
C TYR B 1530 46.99 27.54 -75.68
N GLU B 1531 47.92 28.32 -75.17
CA GLU B 1531 49.28 28.45 -75.73
C GLU B 1531 50.07 27.13 -75.80
N THR B 1532 49.84 26.23 -74.84
CA THR B 1532 50.58 24.97 -74.76
C THR B 1532 50.02 23.92 -75.72
N VAL B 1533 48.70 23.81 -75.81
CA VAL B 1533 48.07 22.93 -76.80
C VAL B 1533 48.44 23.36 -78.24
N ASP B 1534 48.41 24.66 -78.50
CA ASP B 1534 48.80 25.28 -79.78
C ASP B 1534 50.25 24.92 -80.18
N LYS B 1535 51.14 24.73 -79.20
CA LYS B 1535 52.55 24.42 -79.47
C LYS B 1535 52.86 22.91 -79.57
N TYR B 1536 52.05 22.06 -78.94
CA TYR B 1536 52.34 20.62 -78.86
C TYR B 1536 51.28 19.70 -79.41
N LEU B 1537 50.02 20.12 -79.38
CA LEU B 1537 48.92 19.32 -79.94
C LEU B 1537 48.06 20.16 -80.92
N PRO B 1538 48.54 20.41 -82.16
CA PRO B 1538 47.79 21.31 -83.05
C PRO B 1538 46.55 20.68 -83.69
N ASN B 1539 45.40 21.02 -83.13
CA ASN B 1539 44.12 20.52 -83.57
C ASN B 1539 43.12 21.67 -83.68
N GLN B 1540 42.14 21.52 -84.56
CA GLN B 1540 40.98 22.42 -84.60
C GLN B 1540 39.71 21.85 -83.93
N ASP B 1541 39.85 20.68 -83.30
CA ASP B 1541 38.73 20.01 -82.64
C ASP B 1541 38.51 20.41 -81.19
N LEU B 1542 39.47 21.14 -80.60
CA LEU B 1542 39.38 21.74 -79.25
C LEU B 1542 38.15 22.61 -79.07
N GLY B 1543 37.68 22.75 -77.84
CA GLY B 1543 36.58 23.66 -77.53
C GLY B 1543 37.00 24.73 -76.55
N ASN B 1544 36.04 25.25 -75.78
CA ASN B 1544 36.31 26.19 -74.69
C ASN B 1544 37.00 25.46 -73.54
N ILE B 1545 38.25 25.86 -73.29
CA ILE B 1545 39.09 25.16 -72.33
C ILE B 1545 38.94 25.66 -70.88
N SER B 1546 38.17 26.73 -70.66
CA SER B 1546 37.85 27.23 -69.30
C SER B 1546 37.15 26.15 -68.47
N SER B 1547 37.45 26.13 -67.16
CA SER B 1547 37.03 25.02 -66.27
C SER B 1547 35.53 24.87 -66.15
N THR B 1548 34.85 25.99 -66.34
CA THR B 1548 33.42 26.12 -66.28
C THR B 1548 32.76 25.35 -67.45
N SER B 1549 33.45 25.29 -68.59
CA SER B 1549 32.96 24.59 -69.81
C SER B 1549 33.30 23.09 -69.89
N LEU B 1550 34.47 22.71 -69.37
CA LEU B 1550 34.81 21.27 -69.29
C LEU B 1550 34.46 20.66 -67.94
N LEU B 1551 33.37 19.88 -67.93
CA LEU B 1551 32.88 19.23 -66.73
C LEU B 1551 32.88 17.73 -66.95
N PHE B 1552 33.72 17.06 -66.16
CA PHE B 1552 33.92 15.63 -66.24
C PHE B 1552 33.36 15.00 -64.98
N SER B 1553 32.53 13.96 -65.12
CA SER B 1553 31.96 13.25 -63.97
C SER B 1553 31.56 11.79 -64.19
N GLY B 1554 31.48 11.03 -63.10
CA GLY B 1554 30.92 9.68 -63.13
C GLY B 1554 29.70 9.61 -62.22
N LEU B 1555 28.99 10.74 -62.11
CA LEU B 1555 27.76 10.82 -61.32
C LEU B 1555 26.54 10.47 -62.18
N LEU B 1556 26.60 10.84 -63.46
CA LEU B 1556 25.54 10.50 -64.41
C LEU B 1556 25.84 9.22 -65.17
N SER B 1557 27.09 9.09 -65.65
CA SER B 1557 27.52 7.92 -66.40
C SER B 1557 28.20 6.85 -65.55
N LEU B 1558 28.23 5.65 -66.09
CA LEU B 1558 28.86 4.52 -65.47
C LEU B 1558 30.38 4.59 -65.68
N ASP B 1559 30.80 5.29 -66.74
CA ASP B 1559 32.21 5.60 -67.02
C ASP B 1559 32.49 7.09 -66.79
N PHE B 1560 33.72 7.42 -66.38
CA PHE B 1560 34.13 8.83 -66.23
C PHE B 1560 34.25 9.49 -67.61
N LYS B 1561 33.32 10.41 -67.89
CA LYS B 1561 33.19 11.06 -69.20
C LYS B 1561 32.84 12.54 -69.01
N GLU B 1562 33.10 13.36 -70.02
CA GLU B 1562 32.59 14.73 -70.05
C GLU B 1562 31.02 14.75 -70.06
N VAL B 1563 30.38 15.50 -69.16
CA VAL B 1563 28.90 15.49 -69.07
C VAL B 1563 28.33 16.85 -69.53
N ASN B 1564 27.04 16.88 -69.87
CA ASN B 1564 26.31 18.10 -70.23
C ASN B 1564 25.88 18.96 -69.01
N LYS B 1565 26.09 20.27 -69.12
CA LYS B 1565 25.83 21.20 -68.01
C LYS B 1565 24.37 21.19 -67.56
N THR B 1566 23.44 21.07 -68.52
CA THR B 1566 22.01 20.94 -68.20
C THR B 1566 21.68 19.60 -67.54
N ASP B 1567 22.30 18.53 -68.03
CA ASP B 1567 22.14 17.19 -67.48
C ASP B 1567 22.65 17.08 -66.03
N LEU B 1568 23.77 17.75 -65.74
CA LEU B 1568 24.37 17.75 -64.39
C LEU B 1568 23.56 18.54 -63.37
N VAL B 1569 23.16 19.76 -63.75
CA VAL B 1569 22.41 20.66 -62.88
C VAL B 1569 21.09 20.00 -62.37
N ASN B 1570 20.37 19.35 -63.28
CA ASN B 1570 19.14 18.61 -62.96
C ASN B 1570 19.37 17.44 -62.03
N PHE B 1571 20.51 16.77 -62.21
CA PHE B 1571 20.92 15.65 -61.38
C PHE B 1571 21.25 16.09 -59.94
N ILE B 1572 21.92 17.24 -59.80
CA ILE B 1572 22.26 17.80 -58.49
C ILE B 1572 20.98 18.29 -57.79
N GLU B 1573 20.10 18.91 -58.56
CA GLU B 1573 18.84 19.44 -58.06
C GLU B 1573 17.93 18.39 -57.42
N GLU B 1574 17.85 17.22 -58.06
CA GLU B 1574 17.06 16.09 -57.52
C GLU B 1574 17.71 15.46 -56.29
N ARG B 1575 19.04 15.59 -56.21
CA ARG B 1575 19.81 15.01 -55.12
C ARG B 1575 19.89 15.95 -53.91
N PHE B 1576 19.81 17.25 -54.16
CA PHE B 1576 19.86 18.25 -53.09
C PHE B 1576 18.57 18.27 -52.24
N LYS B 1577 17.42 18.15 -52.89
CA LYS B 1577 16.14 18.08 -52.18
C LYS B 1577 16.14 16.88 -51.21
N THR B 1578 16.62 15.76 -51.74
CA THR B 1578 16.77 14.50 -51.02
C THR B 1578 17.71 14.66 -49.81
N PHE B 1579 18.90 15.21 -50.10
CA PHE B 1579 19.90 15.58 -49.10
C PHE B 1579 19.34 16.61 -48.12
N CYS B 1580 18.52 17.53 -48.62
CA CYS B 1580 17.85 18.49 -47.76
C CYS B 1580 16.87 17.79 -46.83
N ASP B 1581 16.02 16.93 -47.39
CA ASP B 1581 15.05 16.22 -46.57
C ASP B 1581 15.69 15.20 -45.63
N GLU B 1582 16.59 14.38 -46.16
CA GLU B 1582 17.22 13.30 -45.38
C GLU B 1582 18.21 13.79 -44.31
N GLU B 1583 19.06 14.76 -44.69
CA GLU B 1583 20.00 15.42 -43.78
C GLU B 1583 19.34 16.58 -43.04
N LEU B 1584 20.03 17.15 -42.04
CA LEU B 1584 19.50 18.30 -41.31
C LEU B 1584 19.27 19.44 -42.30
N GLU B 1585 18.12 20.08 -42.18
CA GLU B 1585 17.65 21.01 -43.20
C GLU B 1585 18.59 22.19 -43.41
N VAL B 1586 18.93 22.42 -44.67
CA VAL B 1586 19.67 23.59 -45.10
C VAL B 1586 19.13 23.95 -46.49
N PRO B 1587 19.00 25.23 -46.77
CA PRO B 1587 18.58 25.68 -48.09
C PRO B 1587 19.65 26.48 -48.85
N MET B 1588 19.89 26.10 -50.09
CA MET B 1588 20.79 26.86 -50.95
C MET B 1588 20.42 26.88 -52.43
N VAL B 1589 20.99 27.87 -53.12
CA VAL B 1589 20.80 28.12 -54.54
C VAL B 1589 21.96 27.50 -55.32
N ILE B 1590 21.63 26.54 -56.18
CA ILE B 1590 22.66 25.84 -56.96
C ILE B 1590 23.04 26.71 -58.16
N HIS B 1591 24.30 27.12 -58.24
CA HIS B 1591 24.77 28.10 -59.23
C HIS B 1591 26.06 27.65 -59.93
N GLU B 1592 26.41 28.32 -61.03
CA GLU B 1592 27.52 27.88 -61.89
C GLU B 1592 28.80 27.52 -61.13
N SER B 1593 29.19 28.35 -60.16
CA SER B 1593 30.42 28.08 -59.40
C SER B 1593 30.31 26.77 -58.63
N MET B 1594 29.14 26.54 -58.05
CA MET B 1594 28.90 25.42 -57.17
C MET B 1594 29.01 24.04 -57.85
N VAL B 1595 28.49 23.95 -59.08
CA VAL B 1595 28.60 22.69 -59.83
C VAL B 1595 30.08 22.40 -60.10
N ASP B 1596 30.81 23.40 -60.58
CA ASP B 1596 32.24 23.22 -60.82
C ASP B 1596 32.99 22.82 -59.56
N HIS B 1597 32.59 23.39 -58.42
CA HIS B 1597 33.19 23.08 -57.12
C HIS B 1597 32.80 21.71 -56.56
N ILE B 1598 31.57 21.26 -56.83
CA ILE B 1598 31.10 19.91 -56.47
C ILE B 1598 32.02 18.81 -57.04
N LEU B 1599 32.38 18.96 -58.32
CA LEU B 1599 33.28 18.06 -59.03
C LEU B 1599 34.69 18.05 -58.49
N ARG B 1600 35.15 19.22 -58.06
CA ARG B 1600 36.45 19.37 -57.40
C ARG B 1600 36.57 18.52 -56.11
N ILE B 1601 35.55 18.60 -55.23
CA ILE B 1601 35.47 17.81 -53.99
C ILE B 1601 35.21 16.34 -54.32
N ASP B 1602 34.42 16.10 -55.37
CA ASP B 1602 34.13 14.74 -55.83
C ASP B 1602 35.41 13.94 -56.22
N ARG B 1603 36.26 14.52 -57.06
CA ARG B 1603 37.55 13.89 -57.42
C ARG B 1603 38.44 13.63 -56.20
N ALA B 1604 38.45 14.59 -55.29
CA ALA B 1604 39.18 14.46 -54.03
C ALA B 1604 38.65 13.30 -53.21
N LEU B 1605 37.36 13.33 -52.89
CA LEU B 1605 36.74 12.27 -52.09
C LEU B 1605 36.71 10.89 -52.75
N LYS B 1606 36.96 10.84 -54.07
CA LYS B 1606 37.08 9.58 -54.80
C LYS B 1606 38.46 8.90 -54.67
N GLN B 1607 39.54 9.68 -54.79
CA GLN B 1607 40.91 9.13 -54.68
C GLN B 1607 41.12 8.40 -53.36
N VAL B 1608 41.95 7.35 -53.39
CA VAL B 1608 42.09 6.43 -52.25
C VAL B 1608 42.52 7.19 -51.02
N GLN B 1609 43.53 8.05 -51.20
CA GLN B 1609 43.90 9.02 -50.19
C GLN B 1609 43.32 10.34 -50.63
N GLY B 1610 42.37 10.84 -49.83
CA GLY B 1610 41.67 12.07 -50.13
C GLY B 1610 41.92 13.10 -49.06
N HIS B 1611 42.65 14.12 -49.47
CA HIS B 1611 42.87 15.30 -48.66
C HIS B 1611 42.66 16.49 -49.55
N MET B 1612 41.77 17.36 -49.12
CA MET B 1612 41.48 18.56 -49.83
C MET B 1612 41.20 19.60 -48.76
N MET B 1613 41.91 20.73 -48.85
CA MET B 1613 41.61 21.91 -48.03
C MET B 1613 40.96 23.02 -48.89
N LEU B 1614 39.74 23.44 -48.49
CA LEU B 1614 38.94 24.50 -49.10
C LEU B 1614 39.22 25.89 -48.50
N ILE B 1615 39.64 26.88 -49.31
CA ILE B 1615 39.83 28.23 -48.77
C ILE B 1615 38.67 29.15 -49.20
N GLY B 1616 37.65 29.33 -48.35
CA GLY B 1616 36.34 29.85 -48.81
C GLY B 1616 35.76 31.18 -48.34
N ALA B 1617 36.59 32.02 -47.73
CA ALA B 1617 36.04 33.18 -47.05
C ALA B 1617 35.02 32.68 -46.03
N SER B 1618 33.77 33.08 -46.17
CA SER B 1618 32.73 32.67 -45.23
C SER B 1618 31.39 32.75 -45.92
N ARG B 1619 30.49 31.83 -45.56
CA ARG B 1619 29.12 31.85 -46.06
C ARG B 1619 29.06 31.44 -47.52
N THR B 1620 30.24 31.26 -48.12
CA THR B 1620 30.41 30.71 -49.46
C THR B 1620 29.63 29.40 -49.53
N GLY B 1621 29.68 28.64 -48.44
CA GLY B 1621 29.04 27.34 -48.36
C GLY B 1621 30.02 26.18 -48.43
N LYS B 1622 31.31 26.48 -48.30
CA LYS B 1622 32.28 25.40 -48.29
C LYS B 1622 31.93 24.24 -47.31
N THR B 1623 31.47 24.54 -46.09
CA THR B 1623 31.03 23.49 -45.15
C THR B 1623 29.84 22.70 -45.64
N ILE B 1624 28.88 23.36 -46.28
CA ILE B 1624 27.71 22.65 -46.79
C ILE B 1624 27.97 21.75 -48.02
N LEU B 1625 28.74 22.25 -49.01
CA LEU B 1625 29.16 21.44 -50.16
C LEU B 1625 29.91 20.15 -49.77
N THR B 1626 30.80 20.28 -48.79
CA THR B 1626 31.55 19.16 -48.29
C THR B 1626 30.60 18.11 -47.72
N ARG B 1627 29.66 18.52 -46.88
CA ARG B 1627 28.66 17.60 -46.31
C ARG B 1627 27.87 16.88 -47.40
N PHE B 1628 27.57 17.62 -48.46
CA PHE B 1628 26.79 17.13 -49.58
C PHE B 1628 27.55 16.11 -50.44
N VAL B 1629 28.71 16.51 -50.98
CA VAL B 1629 29.51 15.61 -51.83
C VAL B 1629 29.92 14.35 -51.05
N ALA B 1630 30.10 14.47 -49.74
CA ALA B 1630 30.38 13.33 -48.85
C ALA B 1630 29.22 12.37 -48.81
N TRP B 1631 28.02 12.93 -48.80
CA TRP B 1631 26.81 12.14 -48.80
C TRP B 1631 26.55 11.47 -50.17
N LEU B 1632 26.94 12.15 -51.24
CA LEU B 1632 26.91 11.58 -52.59
C LEU B 1632 27.95 10.47 -52.78
N ASN B 1633 29.09 10.59 -52.14
CA ASN B 1633 30.12 9.54 -52.15
C ASN B 1633 29.95 8.49 -51.06
N GLY B 1634 28.84 8.63 -50.32
CA GLY B 1634 28.41 7.68 -49.29
C GLY B 1634 29.28 7.66 -48.04
N LEU B 1635 29.62 8.84 -47.54
CA LEU B 1635 30.54 8.99 -46.41
C LEU B 1635 29.84 9.56 -45.17
N LYS B 1636 30.08 8.90 -44.04
CA LYS B 1636 29.64 9.34 -42.72
C LYS B 1636 30.28 10.70 -42.35
N ILE B 1637 29.46 11.69 -41.99
CA ILE B 1637 30.00 13.03 -41.65
C ILE B 1637 30.31 13.19 -40.15
N VAL B 1638 31.61 13.26 -39.86
CA VAL B 1638 32.08 13.54 -38.50
C VAL B 1638 32.59 15.01 -38.43
N GLN B 1639 32.10 15.76 -37.43
CA GLN B 1639 32.53 17.16 -37.22
C GLN B 1639 32.96 17.50 -35.76
N PRO B 1640 34.28 17.54 -35.47
CA PRO B 1640 34.76 17.67 -34.08
C PRO B 1640 34.03 18.72 -33.23
N LYS B 1641 33.41 18.28 -32.16
CA LYS B 1641 32.62 19.19 -31.32
C LYS B 1641 33.49 19.92 -30.28
N ILE B 1642 34.34 20.85 -30.72
CA ILE B 1642 35.21 21.64 -29.82
C ILE B 1642 34.55 22.89 -29.23
N HIS B 1643 35.18 23.44 -28.18
CA HIS B 1643 34.73 24.65 -27.46
C HIS B 1643 35.87 25.24 -26.61
N ARG B 1644 35.71 26.48 -26.13
CA ARG B 1644 36.73 27.18 -25.33
C ARG B 1644 37.36 26.29 -24.28
N HIS B 1645 36.55 25.38 -23.73
CA HIS B 1645 37.00 24.50 -22.66
C HIS B 1645 37.14 23.06 -23.12
N SER B 1646 37.67 22.89 -24.34
CA SER B 1646 38.03 21.58 -24.85
C SER B 1646 39.53 21.32 -24.73
N ASN B 1647 39.84 20.13 -24.22
CA ASN B 1647 41.19 19.65 -23.95
C ASN B 1647 41.77 19.01 -25.20
N LEU B 1648 43.08 18.76 -25.23
CA LEU B 1648 43.70 17.93 -26.29
C LEU B 1648 43.13 16.49 -26.29
N SER B 1649 42.95 15.95 -25.08
CA SER B 1649 42.28 14.68 -24.81
C SER B 1649 40.96 14.52 -25.54
N ASP B 1650 40.17 15.59 -25.58
CA ASP B 1650 38.87 15.58 -26.24
C ASP B 1650 39.05 15.38 -27.72
N PHE B 1651 39.92 16.19 -28.32
CA PHE B 1651 40.26 16.06 -29.74
C PHE B 1651 40.93 14.72 -30.01
N ASP B 1652 41.82 14.30 -29.12
CA ASP B 1652 42.38 12.94 -29.19
C ASP B 1652 41.25 11.91 -29.33
N MET B 1653 40.31 11.92 -28.38
CA MET B 1653 39.15 11.03 -28.40
C MET B 1653 38.34 11.07 -29.71
N ILE B 1654 38.07 12.28 -30.18
CA ILE B 1654 37.28 12.50 -31.39
C ILE B 1654 37.98 11.89 -32.61
N LEU B 1655 39.31 12.06 -32.68
CA LEU B 1655 40.15 11.43 -33.73
C LEU B 1655 40.20 9.90 -33.60
N LYS B 1656 40.62 9.43 -32.43
CA LYS B 1656 40.72 8.01 -32.09
C LYS B 1656 39.51 7.18 -32.54
N LYS B 1657 38.32 7.62 -32.15
CA LYS B 1657 37.08 6.93 -32.55
C LYS B 1657 36.93 6.90 -34.08
N ALA B 1658 37.03 8.06 -34.71
CA ALA B 1658 36.95 8.16 -36.17
C ALA B 1658 37.96 7.26 -36.92
N ILE B 1659 39.14 7.06 -36.32
CA ILE B 1659 40.18 6.17 -36.84
C ILE B 1659 39.78 4.70 -36.62
N SER B 1660 39.36 4.38 -35.39
CA SER B 1660 38.93 3.02 -35.03
C SER B 1660 37.70 2.54 -35.79
N ASP B 1661 36.78 3.45 -36.07
CA ASP B 1661 35.59 3.13 -36.88
C ASP B 1661 35.95 2.89 -38.35
N CYS B 1662 37.00 3.56 -38.83
CA CYS B 1662 37.44 3.40 -40.21
C CYS B 1662 38.12 2.07 -40.52
N SER B 1663 38.80 1.50 -39.52
CA SER B 1663 39.47 0.20 -39.68
C SER B 1663 38.73 -0.99 -39.04
N LEU B 1664 38.33 -0.86 -37.77
CA LEU B 1664 37.64 -1.95 -37.03
C LEU B 1664 36.15 -2.05 -37.30
N LYS B 1665 35.59 -1.05 -37.96
CA LYS B 1665 34.17 -1.06 -38.32
C LYS B 1665 33.95 -0.81 -39.81
N GLU B 1666 35.02 -0.43 -40.52
CA GLU B 1666 35.00 -0.13 -41.96
C GLU B 1666 33.94 0.92 -42.31
N SER B 1667 34.01 2.08 -41.66
CA SER B 1667 32.91 3.07 -41.68
C SER B 1667 32.83 3.96 -42.92
N ARG B 1668 34.00 4.32 -43.48
CA ARG B 1668 34.10 5.29 -44.59
C ARG B 1668 33.66 6.71 -44.20
N THR B 1669 34.34 7.28 -43.20
CA THR B 1669 33.94 8.55 -42.62
C THR B 1669 34.62 9.75 -43.32
N CYS B 1670 33.89 10.87 -43.31
CA CYS B 1670 34.41 12.16 -43.74
C CYS B 1670 34.54 13.10 -42.55
N LEU B 1671 35.78 13.51 -42.30
CA LEU B 1671 36.15 14.34 -41.18
C LEU B 1671 36.32 15.77 -41.64
N ILE B 1672 35.37 16.63 -41.27
CA ILE B 1672 35.43 18.07 -41.57
C ILE B 1672 36.09 18.82 -40.41
N ILE B 1673 37.26 19.39 -40.68
CA ILE B 1673 38.03 20.10 -39.66
C ILE B 1673 38.03 21.56 -40.09
N ASP B 1674 37.53 22.46 -39.22
CA ASP B 1674 37.55 23.92 -39.47
C ASP B 1674 38.76 24.57 -38.81
N GLU B 1675 39.09 25.81 -39.18
CA GLU B 1675 40.21 26.56 -38.58
C GLU B 1675 40.00 26.77 -37.08
N SER B 1676 38.74 26.83 -36.68
CA SER B 1676 38.33 27.02 -35.31
C SER B 1676 38.65 25.82 -34.46
N ASN B 1677 38.57 24.63 -35.06
CA ASN B 1677 38.84 23.35 -34.39
C ASN B 1677 40.30 23.22 -33.94
N ILE B 1678 41.25 23.77 -34.70
CA ILE B 1678 42.62 23.86 -34.18
C ILE B 1678 42.73 24.97 -33.10
N LEU B 1679 42.54 24.56 -31.83
CA LEU B 1679 42.63 25.44 -30.64
C LEU B 1679 44.07 25.71 -30.17
N GLU B 1680 44.86 24.65 -30.06
CA GLU B 1680 46.25 24.74 -29.64
C GLU B 1680 47.15 24.38 -30.83
N THR B 1681 48.46 24.54 -30.65
CA THR B 1681 49.46 24.12 -31.62
C THR B 1681 49.51 22.58 -31.80
N ALA B 1682 49.28 21.84 -30.72
CA ALA B 1682 49.33 20.36 -30.76
C ALA B 1682 48.23 19.73 -31.62
N PHE B 1683 47.07 20.37 -31.60
CA PHE B 1683 45.93 19.99 -32.41
C PHE B 1683 46.29 19.88 -33.90
N LEU B 1684 46.96 20.92 -34.42
CA LEU B 1684 47.48 20.90 -35.79
C LEU B 1684 48.58 19.85 -35.96
N GLU B 1685 49.41 19.68 -34.94
CA GLU B 1685 50.45 18.67 -34.97
C GLU B 1685 49.90 17.23 -35.06
N ARG B 1686 48.78 16.98 -34.38
CA ARG B 1686 48.03 15.71 -34.51
C ARG B 1686 47.50 15.49 -35.92
N MET B 1687 47.06 16.57 -36.55
CA MET B 1687 46.49 16.48 -37.89
C MET B 1687 47.57 16.25 -38.92
N ASN B 1688 48.78 16.69 -38.64
CA ASN B 1688 49.95 16.42 -39.49
C ASN B 1688 50.32 14.94 -39.51
N THR B 1689 50.37 14.37 -38.31
CA THR B 1689 50.66 12.95 -38.09
C THR B 1689 49.69 12.06 -38.90
N LEU B 1690 48.46 12.54 -39.04
CA LEU B 1690 47.38 11.81 -39.70
C LEU B 1690 47.48 11.89 -41.22
N LEU B 1691 48.32 12.79 -41.71
CA LEU B 1691 48.47 12.96 -43.16
C LEU B 1691 49.83 12.50 -43.68
N ALA B 1692 50.92 12.92 -43.03
CA ALA B 1692 52.26 12.51 -43.47
C ALA B 1692 52.51 10.99 -43.27
N ASN B 1693 52.08 10.48 -42.11
CA ASN B 1693 51.90 9.04 -41.89
C ASN B 1693 50.42 8.80 -42.02
N ALA B 1694 49.98 7.56 -42.18
CA ALA B 1694 48.53 7.26 -42.19
C ALA B 1694 47.91 6.82 -40.84
N ASP B 1695 48.61 7.16 -39.74
CA ASP B 1695 48.16 6.81 -38.39
C ASP B 1695 48.69 7.80 -37.35
N ILE B 1696 48.05 7.85 -36.19
CA ILE B 1696 48.60 8.61 -35.07
C ILE B 1696 49.23 7.61 -34.10
N PRO B 1697 50.59 7.53 -34.11
CA PRO B 1697 51.39 6.68 -33.24
C PRO B 1697 51.04 6.84 -31.77
N ASP B 1698 50.97 8.09 -31.35
CA ASP B 1698 50.83 8.41 -29.96
C ASP B 1698 49.47 7.98 -29.40
N LEU B 1699 48.43 8.04 -30.20
CA LEU B 1699 47.08 7.66 -29.74
C LEU B 1699 47.09 6.22 -29.24
N PHE B 1700 47.72 5.35 -30.03
CA PHE B 1700 47.82 3.92 -29.74
C PHE B 1700 49.27 3.52 -29.43
N GLN B 1701 49.60 3.63 -28.14
CA GLN B 1701 50.90 3.23 -27.63
C GLN B 1701 50.71 2.46 -26.30
N GLY B 1702 51.69 1.62 -25.97
CA GLY B 1702 51.62 0.83 -24.74
C GLY B 1702 50.43 -0.12 -24.69
N GLU B 1703 49.70 -0.09 -23.57
CA GLU B 1703 48.57 -1.01 -23.36
C GLU B 1703 47.46 -0.77 -24.39
N GLU B 1704 47.23 0.50 -24.71
CA GLU B 1704 46.27 0.85 -25.74
C GLU B 1704 46.75 0.41 -27.14
N TYR B 1705 48.05 0.09 -27.24
CA TYR B 1705 48.64 -0.51 -28.44
C TYR B 1705 48.26 -1.98 -28.51
N ASP B 1706 48.33 -2.65 -27.34
CA ASP B 1706 48.00 -4.06 -27.16
C ASP B 1706 46.50 -4.34 -27.34
N LYS B 1707 45.66 -3.44 -26.84
CA LYS B 1707 44.21 -3.54 -27.00
C LYS B 1707 43.80 -3.41 -28.47
N LEU B 1708 44.36 -2.40 -29.14
CA LEU B 1708 44.17 -2.19 -30.59
C LEU B 1708 44.67 -3.39 -31.37
N LEU B 1709 45.86 -3.86 -31.00
CA LEU B 1709 46.50 -5.00 -31.63
C LEU B 1709 45.63 -6.26 -31.51
N ASN B 1710 44.94 -6.40 -30.38
CA ASN B 1710 44.02 -7.51 -30.12
C ASN B 1710 42.81 -7.42 -31.02
N ASN B 1711 42.11 -6.29 -30.97
CA ASN B 1711 40.91 -6.06 -31.76
C ASN B 1711 41.17 -6.14 -33.25
N LEU B 1712 42.38 -5.76 -33.66
CA LEU B 1712 42.85 -5.82 -35.04
C LEU B 1712 42.88 -7.25 -35.54
N ARG B 1713 43.36 -8.17 -34.71
CA ARG B 1713 43.47 -9.59 -35.04
C ARG B 1713 42.09 -10.22 -35.30
N ASN B 1714 41.10 -9.82 -34.50
CA ASN B 1714 39.70 -10.28 -34.59
C ASN B 1714 39.11 -10.03 -35.98
N LYS B 1715 39.16 -8.77 -36.41
CA LYS B 1715 38.60 -8.33 -37.67
C LYS B 1715 39.39 -8.83 -38.90
N THR B 1716 40.72 -8.91 -38.79
CA THR B 1716 41.56 -9.35 -39.91
C THR B 1716 41.17 -10.78 -40.31
N ARG B 1717 40.97 -11.63 -39.30
CA ARG B 1717 40.56 -13.01 -39.51
C ARG B 1717 39.14 -13.11 -40.04
N SER B 1718 38.25 -12.31 -39.48
CA SER B 1718 36.84 -12.21 -39.91
C SER B 1718 36.71 -11.90 -41.40
N LEU B 1719 37.58 -11.03 -41.89
CA LEU B 1719 37.64 -10.70 -43.33
C LEU B 1719 38.24 -11.85 -44.14
N GLY B 1720 39.09 -12.66 -43.49
CA GLY B 1720 39.61 -13.86 -44.12
C GLY B 1720 41.10 -14.04 -44.26
N LEU B 1721 41.90 -13.14 -43.69
CA LEU B 1721 43.35 -13.35 -43.70
C LEU B 1721 44.04 -13.20 -42.35
N LEU B 1722 45.04 -14.02 -42.09
CA LEU B 1722 45.96 -13.73 -41.00
C LEU B 1722 47.19 -12.97 -41.51
N LEU B 1723 47.66 -12.12 -40.63
CA LEU B 1723 48.84 -11.36 -40.87
C LEU B 1723 49.93 -11.80 -39.93
N ASP B 1724 51.05 -12.07 -40.56
CA ASP B 1724 52.02 -12.99 -40.08
C ASP B 1724 52.89 -12.35 -38.95
N THR B 1725 53.49 -11.17 -39.18
CA THR B 1725 54.18 -10.41 -38.09
C THR B 1725 53.31 -9.32 -37.38
N GLU B 1726 53.77 -8.77 -36.26
CA GLU B 1726 53.10 -7.65 -35.56
C GLU B 1726 53.06 -6.34 -36.40
N GLN B 1727 54.09 -6.13 -37.21
CA GLN B 1727 54.16 -4.97 -38.12
C GLN B 1727 53.28 -5.17 -39.35
N GLU B 1728 53.09 -6.42 -39.78
CA GLU B 1728 52.17 -6.73 -40.89
C GLU B 1728 50.70 -6.40 -40.60
N LEU B 1729 50.28 -6.53 -39.33
CA LEU B 1729 48.92 -6.19 -38.90
C LEU B 1729 48.67 -4.67 -38.92
N TYR B 1730 49.65 -3.93 -38.40
CA TYR B 1730 49.67 -2.47 -38.40
C TYR B 1730 49.54 -1.88 -39.83
N ASP B 1731 50.22 -2.51 -40.79
CA ASP B 1731 50.17 -2.11 -42.19
C ASP B 1731 48.82 -2.28 -42.88
N TRP B 1732 47.97 -3.19 -42.38
CA TRP B 1732 46.58 -3.25 -42.86
C TRP B 1732 45.77 -2.13 -42.25
N PHE B 1733 45.89 -1.98 -40.93
CA PHE B 1733 45.26 -0.92 -40.15
C PHE B 1733 45.51 0.46 -40.78
N VAL B 1734 46.78 0.79 -41.01
CA VAL B 1734 47.28 2.00 -41.72
C VAL B 1734 46.70 2.15 -43.13
N GLY B 1735 46.82 1.09 -43.92
CA GLY B 1735 46.29 1.04 -45.27
C GLY B 1735 44.78 1.16 -45.32
N GLU B 1736 44.09 0.75 -44.26
CA GLU B 1736 42.62 0.89 -44.17
C GLU B 1736 42.17 2.36 -43.90
N ILE B 1737 42.86 3.03 -42.98
CA ILE B 1737 42.64 4.43 -42.65
C ILE B 1737 42.87 5.26 -43.91
N ALA B 1738 44.01 5.00 -44.57
CA ALA B 1738 44.43 5.71 -45.79
C ALA B 1738 43.40 5.68 -46.92
N LYS B 1739 42.46 4.74 -46.87
CA LYS B 1739 41.48 4.56 -47.94
C LYS B 1739 40.03 4.76 -47.50
N ASN B 1740 39.80 4.87 -46.19
CA ASN B 1740 38.44 5.13 -45.66
C ASN B 1740 38.25 6.51 -44.99
N LEU B 1741 39.34 7.08 -44.48
CA LEU B 1741 39.29 8.36 -43.79
C LEU B 1741 39.59 9.48 -44.75
N HIS B 1742 38.71 10.47 -44.75
CA HIS B 1742 38.81 11.60 -45.65
C HIS B 1742 38.71 12.93 -44.90
N VAL B 1743 39.81 13.68 -44.89
CA VAL B 1743 39.86 14.95 -44.19
C VAL B 1743 39.71 16.15 -45.13
N VAL B 1744 38.65 16.91 -44.91
CA VAL B 1744 38.44 18.16 -45.62
C VAL B 1744 38.51 19.32 -44.63
N PHE B 1745 39.45 20.23 -44.93
CA PHE B 1745 39.71 21.41 -44.13
C PHE B 1745 38.97 22.63 -44.68
N THR B 1746 38.37 23.40 -43.77
CA THR B 1746 37.65 24.61 -44.15
C THR B 1746 38.25 25.83 -43.45
N ILE B 1747 39.11 26.55 -44.18
CA ILE B 1747 39.74 27.75 -43.65
C ILE B 1747 39.31 29.01 -44.42
N CYS B 1748 38.88 30.04 -43.67
CA CYS B 1748 38.21 31.25 -44.22
C CYS B 1748 39.14 32.40 -44.58
N ASP B 1749 39.94 32.89 -43.64
CA ASP B 1749 40.99 33.84 -43.97
C ASP B 1749 42.41 33.26 -43.89
N PRO B 1750 43.00 32.94 -45.05
CA PRO B 1750 44.35 32.36 -45.13
C PRO B 1750 45.44 33.31 -44.63
N THR B 1751 45.08 34.58 -44.53
CA THR B 1751 45.94 35.64 -44.04
C THR B 1751 46.24 35.45 -42.55
N ASN B 1752 45.21 35.05 -41.82
CA ASN B 1752 45.21 34.80 -40.37
C ASN B 1752 46.37 33.91 -39.97
N ASN B 1753 47.03 34.23 -38.87
CA ASN B 1753 48.15 33.43 -38.37
C ASN B 1753 47.88 31.96 -37.99
N LYS B 1754 46.69 31.60 -37.49
CA LYS B 1754 46.32 30.16 -37.27
C LYS B 1754 46.04 29.40 -38.56
N SER B 1755 45.38 30.07 -39.50
CA SER B 1755 45.03 29.50 -40.79
C SER B 1755 46.22 29.57 -41.72
N SER B 1756 47.20 30.38 -41.37
CA SER B 1756 48.44 30.48 -42.13
C SER B 1756 49.20 29.20 -41.84
N ALA B 1757 49.20 28.79 -40.57
CA ALA B 1757 49.92 27.61 -40.09
C ALA B 1757 49.47 26.32 -40.75
N MET B 1758 48.22 26.29 -41.21
CA MET B 1758 47.67 25.15 -41.96
C MET B 1758 48.42 24.99 -43.28
N ILE B 1759 48.41 26.07 -44.05
CA ILE B 1759 49.00 26.12 -45.37
C ILE B 1759 50.53 25.97 -45.25
N SER B 1760 51.09 26.57 -44.20
CA SER B 1760 52.50 26.43 -43.86
C SER B 1760 52.88 24.95 -43.71
N SER B 1761 52.15 24.28 -42.83
CA SER B 1761 52.45 22.91 -42.45
C SER B 1761 52.69 22.14 -43.70
N PRO B 1762 53.87 21.53 -43.83
CA PRO B 1762 54.22 20.73 -45.01
C PRO B 1762 53.29 19.51 -45.15
N ALA B 1763 53.08 18.79 -44.05
CA ALA B 1763 52.23 17.61 -44.05
C ALA B 1763 50.89 17.91 -44.71
N LEU B 1764 50.23 18.97 -44.23
CA LEU B 1764 48.96 19.35 -44.79
C LEU B 1764 49.10 19.88 -46.23
N PHE B 1765 50.11 20.70 -46.49
CA PHE B 1765 50.30 21.32 -47.83
C PHE B 1765 50.51 20.31 -48.95
N ASN B 1766 51.38 19.34 -48.70
CA ASN B 1766 51.68 18.30 -49.67
C ASN B 1766 50.59 17.25 -49.85
N ARG B 1767 50.04 16.73 -48.76
CA ARG B 1767 48.99 15.69 -48.84
C ARG B 1767 47.54 16.20 -49.04
N CYS B 1768 47.35 17.52 -49.10
CA CYS B 1768 46.05 18.13 -49.40
C CYS B 1768 45.91 18.69 -50.82
N ILE B 1769 44.66 18.72 -51.31
CA ILE B 1769 44.31 19.36 -52.58
C ILE B 1769 43.80 20.73 -52.22
N ILE B 1770 44.60 21.75 -52.52
CA ILE B 1770 44.27 23.14 -52.21
C ILE B 1770 43.24 23.62 -53.25
N ASN B 1771 42.12 24.13 -52.74
CA ASN B 1771 41.06 24.69 -53.57
C ASN B 1771 40.73 26.13 -53.12
N TRP B 1772 40.48 27.02 -54.06
CA TRP B 1772 40.14 28.41 -53.71
C TRP B 1772 38.75 28.92 -54.06
N MET B 1773 38.02 29.29 -53.02
CA MET B 1773 36.64 29.78 -53.13
C MET B 1773 36.52 31.19 -52.52
N GLY B 1774 37.68 31.84 -52.34
CA GLY B 1774 37.84 33.09 -51.57
C GLY B 1774 36.90 34.29 -51.74
N ASP B 1775 36.20 34.34 -52.87
CA ASP B 1775 35.27 35.42 -53.13
C ASP B 1775 34.09 34.92 -53.96
N TRP B 1776 32.93 35.48 -53.71
CA TRP B 1776 31.83 35.31 -54.65
C TRP B 1776 31.95 36.28 -55.82
N ASP B 1777 31.92 35.69 -57.01
CA ASP B 1777 31.95 36.42 -58.27
C ASP B 1777 30.66 37.19 -58.49
N THR B 1778 30.74 38.29 -59.23
CA THR B 1778 29.60 39.16 -59.52
C THR B 1778 28.43 38.41 -60.20
N LYS B 1779 28.79 37.48 -61.09
CA LYS B 1779 27.86 36.61 -61.78
C LYS B 1779 27.20 35.65 -60.79
N THR B 1780 27.97 35.08 -59.87
CA THR B 1780 27.42 34.15 -58.87
C THR B 1780 26.56 34.89 -57.82
N MET B 1781 26.85 36.17 -57.61
CA MET B 1781 26.05 37.06 -56.72
C MET B 1781 24.67 37.29 -57.32
N SER B 1782 24.65 37.63 -58.61
CA SER B 1782 23.41 37.86 -59.34
C SER B 1782 22.57 36.60 -59.45
N GLN B 1783 23.24 35.47 -59.67
CA GLN B 1783 22.56 34.19 -59.80
C GLN B 1783 21.84 33.83 -58.50
N VAL B 1784 22.50 34.11 -57.38
CA VAL B 1784 21.98 33.76 -56.05
C VAL B 1784 20.85 34.71 -55.68
N ALA B 1785 21.08 36.00 -55.93
CA ALA B 1785 20.09 37.06 -55.71
C ALA B 1785 18.75 36.79 -56.40
N ASN B 1786 18.83 36.39 -57.66
CA ASN B 1786 17.68 36.11 -58.49
C ASN B 1786 16.77 35.05 -57.92
N ASN B 1787 17.37 33.93 -57.51
CA ASN B 1787 16.63 32.81 -56.96
C ASN B 1787 16.06 33.10 -55.58
N MET B 1788 16.61 34.13 -54.92
CA MET B 1788 16.11 34.56 -53.62
C MET B 1788 14.90 35.46 -53.73
N VAL B 1789 14.83 36.20 -54.84
CA VAL B 1789 13.68 37.07 -55.16
C VAL B 1789 12.73 36.40 -56.15
N ASP B 1790 12.77 35.07 -56.15
CA ASP B 1790 11.90 34.18 -56.91
C ASP B 1790 10.43 34.47 -56.64
N VAL B 1791 10.07 34.77 -55.38
CA VAL B 1791 8.72 35.27 -55.07
C VAL B 1791 8.55 36.65 -55.69
N ILE B 1792 7.44 36.86 -56.39
CA ILE B 1792 7.21 38.15 -57.04
C ILE B 1792 6.03 38.92 -56.45
N PRO B 1793 6.32 39.71 -55.39
CA PRO B 1793 5.44 40.81 -55.04
C PRO B 1793 5.43 41.89 -56.14
N MET B 1794 6.54 42.04 -56.86
CA MET B 1794 6.72 43.10 -57.85
C MET B 1794 5.94 43.06 -59.19
N GLU B 1795 5.82 44.24 -59.82
CA GLU B 1795 4.98 44.53 -60.99
C GLU B 1795 5.72 45.52 -61.92
N PHE B 1796 5.30 45.62 -63.19
CA PHE B 1796 6.03 46.43 -64.20
C PHE B 1796 6.40 47.88 -63.82
N THR B 1797 7.63 48.24 -64.18
CA THR B 1797 8.27 49.54 -63.88
C THR B 1797 9.11 49.97 -65.11
N ASP B 1798 9.62 51.21 -65.07
CA ASP B 1798 10.20 51.95 -66.21
C ASP B 1798 11.44 51.35 -66.90
N PHE B 1799 12.41 50.90 -66.11
CA PHE B 1799 13.77 50.56 -66.57
C PHE B 1799 14.45 51.55 -67.56
N THR B 1816 14.50 45.27 -66.77
CA THR B 1816 13.48 44.55 -65.99
C THR B 1816 13.42 45.04 -64.55
N ILE B 1817 12.33 44.67 -63.89
CA ILE B 1817 12.09 45.08 -62.51
C ILE B 1817 12.94 44.26 -61.50
N ARG B 1818 12.85 42.93 -61.56
CA ARG B 1818 13.63 42.09 -60.65
C ARG B 1818 15.10 42.19 -60.98
N ASP B 1819 15.42 42.30 -62.28
CA ASP B 1819 16.79 42.43 -62.80
C ASP B 1819 17.50 43.68 -62.26
N ALA B 1820 16.72 44.75 -62.07
CA ALA B 1820 17.25 46.01 -61.60
C ALA B 1820 17.56 45.98 -60.09
N VAL B 1821 16.62 45.46 -59.31
CA VAL B 1821 16.76 45.37 -57.84
C VAL B 1821 18.01 44.61 -57.43
N VAL B 1822 18.24 43.46 -58.06
CA VAL B 1822 19.40 42.62 -57.77
C VAL B 1822 20.68 43.34 -58.13
N ASN B 1823 20.68 44.02 -59.28
CA ASN B 1823 21.84 44.79 -59.71
C ASN B 1823 22.23 45.96 -58.78
N ILE B 1824 21.25 46.49 -58.04
CA ILE B 1824 21.51 47.56 -57.08
C ILE B 1824 22.33 47.03 -55.91
N LEU B 1825 21.82 45.95 -55.34
CA LEU B 1825 22.40 45.31 -54.17
C LEU B 1825 23.83 44.86 -54.43
N ILE B 1826 24.07 44.35 -55.65
CA ILE B 1826 25.41 43.98 -56.15
C ILE B 1826 26.30 45.23 -56.16
N HIS B 1827 25.77 46.31 -56.74
CA HIS B 1827 26.51 47.55 -56.87
C HIS B 1827 26.71 48.22 -55.52
N PHE B 1828 25.87 47.85 -54.57
CA PHE B 1828 25.98 48.41 -53.24
C PHE B 1828 27.03 47.66 -52.44
N ASP B 1829 26.96 46.32 -52.49
CA ASP B 1829 27.92 45.46 -51.78
C ASP B 1829 29.34 45.68 -52.32
N ARG B 1830 29.47 45.84 -53.64
CA ARG B 1830 30.73 46.15 -54.30
C ARG B 1830 31.29 47.53 -53.90
N ASN B 1831 30.41 48.43 -53.49
CA ASN B 1831 30.82 49.76 -53.04
C ASN B 1831 31.05 49.82 -51.54
N PHE B 1832 30.36 48.96 -50.81
CA PHE B 1832 30.43 48.93 -49.35
C PHE B 1832 31.80 48.47 -48.93
N TYR B 1833 32.26 47.35 -49.48
CA TYR B 1833 33.57 46.81 -49.14
C TYR B 1833 34.70 47.66 -49.70
N GLN B 1834 34.50 48.22 -50.89
CA GLN B 1834 35.45 49.18 -51.52
C GLN B 1834 35.71 50.44 -50.67
N LYS B 1835 34.66 50.92 -49.99
CA LYS B 1835 34.75 52.17 -49.22
C LYS B 1835 35.07 51.92 -47.74
N MET B 1836 34.28 51.05 -47.11
CA MET B 1836 34.31 50.85 -45.66
C MET B 1836 35.49 50.01 -45.18
N LYS B 1837 35.55 48.75 -45.63
CA LYS B 1837 36.59 47.81 -45.22
C LYS B 1837 37.96 48.17 -45.78
N VAL B 1838 38.98 47.80 -45.01
CA VAL B 1838 40.37 48.06 -45.34
C VAL B 1838 41.08 46.72 -45.40
N GLY B 1839 42.20 46.70 -46.12
CA GLY B 1839 42.92 45.46 -46.32
C GLY B 1839 42.51 44.79 -47.61
N VAL B 1840 43.37 43.91 -48.10
CA VAL B 1840 43.13 43.27 -49.38
C VAL B 1840 42.45 41.91 -49.25
N ASN B 1841 41.16 41.91 -49.59
CA ASN B 1841 40.42 40.67 -49.81
C ASN B 1841 40.52 39.63 -48.69
N PRO B 1842 40.45 40.06 -47.42
CA PRO B 1842 40.28 39.03 -46.40
C PRO B 1842 38.81 38.58 -46.25
N ARG B 1843 37.87 39.52 -46.46
CA ARG B 1843 36.41 39.30 -46.27
C ARG B 1843 35.61 39.24 -47.59
N SER B 1844 34.55 38.45 -47.61
CA SER B 1844 33.68 38.34 -48.78
C SER B 1844 32.20 38.13 -48.38
N PRO B 1845 31.33 38.05 -49.42
CA PRO B 1845 29.94 38.38 -49.19
C PRO B 1845 29.26 37.47 -48.20
N GLY B 1846 28.72 38.10 -47.17
CA GLY B 1846 27.89 37.45 -46.18
C GLY B 1846 26.64 38.27 -46.03
N TYR B 1847 26.80 39.58 -45.85
CA TYR B 1847 25.70 40.51 -45.72
C TYR B 1847 24.76 40.47 -46.93
N PHE B 1848 25.35 40.48 -48.13
CA PHE B 1848 24.57 40.43 -49.38
C PHE B 1848 23.44 39.40 -49.33
N ILE B 1849 23.77 38.23 -48.79
CA ILE B 1849 22.82 37.14 -48.58
C ILE B 1849 21.71 37.55 -47.59
N ASP B 1850 22.14 38.09 -46.44
CA ASP B 1850 21.25 38.55 -45.39
C ASP B 1850 20.44 39.77 -45.81
N GLY B 1851 21.03 40.54 -46.72
CA GLY B 1851 20.38 41.71 -47.33
C GLY B 1851 19.20 41.34 -48.20
N LEU B 1852 19.39 40.32 -49.02
CA LEU B 1852 18.32 39.83 -49.90
C LEU B 1852 17.22 39.18 -49.13
N ARG B 1853 17.58 38.44 -48.09
CA ARG B 1853 16.60 37.76 -47.27
C ARG B 1853 15.77 38.75 -46.45
N ALA B 1854 16.36 39.90 -46.14
CA ALA B 1854 15.68 40.98 -45.42
C ALA B 1854 14.64 41.68 -46.30
N LEU B 1855 15.00 41.88 -47.57
CA LEU B 1855 14.16 42.50 -48.60
C LEU B 1855 12.86 41.71 -48.80
N VAL B 1856 13.00 40.40 -48.97
CA VAL B 1856 11.88 39.52 -49.16
C VAL B 1856 10.94 39.56 -47.94
N LYS B 1857 11.52 39.55 -46.75
CA LYS B 1857 10.76 39.65 -45.49
C LYS B 1857 10.07 41.01 -45.35
N LEU B 1858 10.71 42.06 -45.89
CA LEU B 1858 10.20 43.43 -45.75
C LEU B 1858 9.19 43.85 -46.81
N VAL B 1859 9.43 43.45 -48.06
CA VAL B 1859 8.50 43.75 -49.16
C VAL B 1859 7.16 43.05 -48.96
N THR B 1860 7.20 41.78 -48.61
CA THR B 1860 5.97 41.03 -48.31
C THR B 1860 5.22 41.61 -47.10
N ALA B 1861 5.94 42.09 -46.09
CA ALA B 1861 5.32 42.75 -44.96
C ALA B 1861 4.65 44.09 -45.32
N LYS B 1862 5.19 44.76 -46.34
CA LYS B 1862 4.69 46.09 -46.74
C LYS B 1862 3.60 46.01 -47.82
N TYR B 1863 3.74 45.07 -48.75
CA TYR B 1863 2.73 44.86 -49.79
C TYR B 1863 1.44 44.27 -49.21
N GLN B 1864 1.56 43.45 -48.15
CA GLN B 1864 0.42 42.97 -47.34
C GLN B 1864 -0.29 44.10 -46.60
N ASP B 1865 0.46 45.14 -46.24
CA ASP B 1865 -0.07 46.31 -45.56
C ASP B 1865 -0.61 47.38 -46.50
N LEU B 1866 -0.04 47.48 -47.70
CA LEU B 1866 -0.51 48.41 -48.75
C LEU B 1866 -1.88 48.00 -49.27
N GLN B 1867 -2.05 46.70 -49.52
CA GLN B 1867 -3.29 46.19 -50.10
C GLN B 1867 -4.38 46.04 -49.02
N GLU B 1868 -3.93 46.00 -47.76
CA GLU B 1868 -4.82 46.01 -46.59
C GLU B 1868 -5.48 47.39 -46.39
N ASN B 1869 -4.70 48.46 -46.58
CA ASN B 1869 -5.21 49.82 -46.49
C ASN B 1869 -5.96 50.26 -47.72
N GLN B 1870 -5.68 49.64 -48.85
CA GLN B 1870 -6.45 49.89 -50.06
C GLN B 1870 -7.82 49.25 -49.99
N ARG B 1871 -7.89 48.14 -49.25
CA ARG B 1871 -9.16 47.46 -48.95
C ARG B 1871 -9.97 48.22 -47.87
N PHE B 1872 -9.27 48.94 -47.02
CA PHE B 1872 -9.89 49.76 -45.95
C PHE B 1872 -10.52 51.04 -46.52
N VAL B 1873 -9.98 51.57 -47.62
CA VAL B 1873 -10.55 52.75 -48.29
C VAL B 1873 -11.63 52.38 -49.30
N ASN B 1874 -11.57 51.16 -49.83
CA ASN B 1874 -12.60 50.67 -50.75
C ASN B 1874 -13.88 50.24 -50.05
N VAL B 1875 -13.78 49.76 -48.81
CA VAL B 1875 -14.95 49.38 -47.98
C VAL B 1875 -15.70 50.62 -47.47
N GLY B 1876 -14.96 51.73 -47.32
CA GLY B 1876 -15.55 53.00 -46.91
C GLY B 1876 -16.12 53.77 -48.08
N LEU B 1877 -15.70 53.43 -49.29
CA LEU B 1877 -16.20 54.03 -50.53
C LEU B 1877 -17.59 53.48 -50.90
N GLU B 1878 -17.81 52.21 -50.59
CA GLU B 1878 -19.09 51.55 -50.78
C GLU B 1878 -20.11 51.95 -49.73
N LYS B 1879 -19.63 52.32 -48.54
CA LYS B 1879 -20.50 52.75 -47.45
C LYS B 1879 -21.01 54.19 -47.62
N LEU B 1880 -20.20 55.06 -48.22
CA LEU B 1880 -20.61 56.44 -48.54
C LEU B 1880 -21.57 56.53 -49.73
N ASN B 1881 -21.38 55.67 -50.71
CA ASN B 1881 -22.26 55.59 -51.89
C ASN B 1881 -23.66 55.05 -51.59
N GLU B 1882 -23.73 54.16 -50.61
CA GLU B 1882 -24.98 53.58 -50.12
C GLU B 1882 -25.85 54.62 -49.39
N SER B 1883 -25.22 55.52 -48.64
CA SER B 1883 -25.89 56.64 -47.96
C SER B 1883 -26.52 57.69 -48.89
N VAL B 1884 -25.78 58.15 -49.90
CA VAL B 1884 -26.29 59.13 -50.88
C VAL B 1884 -27.05 58.50 -52.05
N LYS B 1900 -25.96 64.67 -45.56
CA LYS B 1900 -25.51 64.45 -46.95
C LYS B 1900 -24.53 65.55 -47.40
N SER B 1901 -24.53 66.68 -46.68
CA SER B 1901 -23.81 67.89 -47.08
C SER B 1901 -22.29 67.78 -46.94
N LEU B 1902 -21.84 67.08 -45.90
CA LEU B 1902 -20.40 66.92 -45.61
C LEU B 1902 -19.79 65.65 -46.22
N THR B 1903 -20.65 64.63 -46.35
CA THR B 1903 -20.23 63.31 -46.84
C THR B 1903 -19.70 63.36 -48.28
N PHE B 1904 -20.06 64.40 -49.02
CA PHE B 1904 -19.61 64.47 -50.41
C PHE B 1904 -18.18 65.00 -50.57
N GLU B 1905 -17.66 65.69 -49.54
CA GLU B 1905 -16.23 65.94 -49.44
C GLU B 1905 -15.44 64.65 -49.24
N LYS B 1906 -15.96 63.77 -48.38
CA LYS B 1906 -15.37 62.45 -48.12
C LYS B 1906 -15.33 61.60 -49.40
N GLU B 1907 -16.41 61.66 -50.18
CA GLU B 1907 -16.48 60.95 -51.45
C GLU B 1907 -15.39 61.47 -52.39
N ARG B 1908 -15.11 62.75 -52.30
CA ARG B 1908 -14.22 63.31 -53.25
C ARG B 1908 -12.90 62.61 -53.16
N TRP B 1909 -12.66 61.90 -52.06
CA TRP B 1909 -11.34 61.42 -51.62
C TRP B 1909 -10.80 60.36 -52.55
N LEU B 1910 -10.70 60.77 -53.80
CA LEU B 1910 -9.90 60.09 -54.80
C LEU B 1910 -8.44 60.61 -54.79
N ASN B 1911 -8.20 61.72 -54.08
CA ASN B 1911 -6.85 62.14 -53.69
C ASN B 1911 -6.08 60.95 -53.16
N THR B 1912 -6.67 60.30 -52.16
CA THR B 1912 -6.09 59.13 -51.51
C THR B 1912 -6.12 57.94 -52.46
N THR B 1913 -7.24 57.78 -53.16
CA THR B 1913 -7.41 56.69 -54.13
C THR B 1913 -6.40 56.81 -55.27
N LYS B 1914 -6.22 58.04 -55.77
CA LYS B 1914 -5.20 58.31 -56.78
C LYS B 1914 -3.80 58.20 -56.19
N GLN B 1915 -3.67 58.58 -54.93
CA GLN B 1915 -2.37 58.64 -54.25
C GLN B 1915 -1.69 57.27 -54.14
N PHE B 1916 -2.50 56.22 -53.98
CA PHE B 1916 -2.02 54.86 -53.76
C PHE B 1916 -1.00 54.40 -54.81
N SER B 1917 -1.24 54.68 -56.09
CA SER B 1917 -0.35 54.20 -57.16
C SER B 1917 1.05 54.76 -57.00
N LYS B 1918 1.17 56.03 -56.66
CA LYS B 1918 2.47 56.66 -56.41
C LYS B 1918 3.16 56.07 -55.16
N THR B 1919 2.36 55.78 -54.12
CA THR B 1919 2.80 55.16 -52.86
C THR B 1919 3.34 53.74 -53.03
N SER B 1920 2.68 52.97 -53.89
CA SER B 1920 3.04 51.59 -54.20
C SER B 1920 4.33 51.52 -55.01
N GLN B 1921 4.55 52.54 -55.86
CA GLN B 1921 5.71 52.56 -56.75
C GLN B 1921 7.03 52.71 -56.01
N GLU B 1922 6.97 53.41 -54.87
CA GLU B 1922 8.14 53.66 -54.05
C GLU B 1922 8.44 52.62 -52.96
N LEU B 1923 7.49 51.75 -52.60
CA LEU B 1923 7.69 50.71 -51.58
C LEU B 1923 8.80 49.68 -51.86
N ILE B 1924 9.05 49.45 -53.15
CA ILE B 1924 10.07 48.52 -53.61
C ILE B 1924 11.45 49.12 -53.29
N GLY B 1925 11.68 50.35 -53.74
CA GLY B 1925 12.93 51.05 -53.48
C GLY B 1925 13.12 51.50 -52.03
N ASN B 1926 12.03 51.70 -51.31
CA ASN B 1926 12.07 52.02 -49.88
C ASN B 1926 12.49 50.83 -49.03
N CYS B 1927 12.09 49.65 -49.47
CA CYS B 1927 12.46 48.41 -48.83
C CYS B 1927 13.92 48.06 -49.05
N ILE B 1928 14.43 48.43 -50.24
CA ILE B 1928 15.85 48.33 -50.54
C ILE B 1928 16.71 49.06 -49.48
N ILE B 1929 16.32 50.29 -49.15
CA ILE B 1929 17.06 51.08 -48.18
C ILE B 1929 16.91 50.52 -46.77
N SER B 1930 15.70 50.08 -46.44
CA SER B 1930 15.42 49.53 -45.13
C SER B 1930 16.22 48.24 -44.84
N SER B 1931 16.32 47.38 -45.85
CA SER B 1931 17.09 46.16 -45.77
C SER B 1931 18.58 46.44 -45.66
N ILE B 1932 19.05 47.36 -46.48
CA ILE B 1932 20.44 47.81 -46.37
C ILE B 1932 20.83 48.38 -44.99
N TYR B 1933 19.94 49.16 -44.39
CA TYR B 1933 20.16 49.65 -43.03
C TYR B 1933 20.24 48.55 -41.98
N GLU B 1934 19.36 47.54 -42.11
CA GLU B 1934 19.30 46.45 -41.13
C GLU B 1934 20.53 45.60 -41.17
N THR B 1935 21.08 45.45 -42.37
CA THR B 1935 22.20 44.53 -42.62
C THR B 1935 23.57 45.19 -42.63
N TYR B 1936 23.73 46.25 -43.41
CA TYR B 1936 25.06 46.87 -43.59
C TYR B 1936 25.42 47.97 -42.58
N PHE B 1937 24.40 48.58 -41.94
CA PHE B 1937 24.61 49.83 -41.22
C PHE B 1937 24.85 49.66 -39.73
N GLY B 1938 24.32 48.61 -39.12
CA GLY B 1938 24.40 48.46 -37.66
C GLY B 1938 25.70 48.88 -36.96
N HIS B 1939 26.84 48.60 -37.57
CA HIS B 1939 28.17 48.85 -37.00
C HIS B 1939 28.88 50.04 -37.65
N LEU B 1940 28.15 50.87 -38.39
CA LEU B 1940 28.76 52.04 -39.07
C LEU B 1940 28.65 53.35 -38.26
N ASN B 1941 29.55 54.30 -38.56
CA ASN B 1941 29.61 55.58 -37.86
C ASN B 1941 28.50 56.46 -38.29
N GLU B 1942 28.25 57.49 -37.49
CA GLU B 1942 27.25 58.48 -37.78
C GLU B 1942 27.47 59.00 -39.23
N ARG B 1943 28.72 59.37 -39.52
CA ARG B 1943 29.12 59.84 -40.87
C ARG B 1943 29.02 58.73 -41.91
N GLU B 1944 29.40 57.52 -41.49
CA GLU B 1944 29.58 56.43 -42.41
C GLU B 1944 28.26 55.90 -42.88
N ARG B 1945 27.22 56.09 -42.06
CA ARG B 1945 25.87 55.65 -42.41
C ARG B 1945 25.29 56.54 -43.47
N ALA B 1946 25.30 57.84 -43.17
CA ALA B 1946 24.77 58.84 -44.06
C ALA B 1946 25.46 58.80 -45.41
N ASP B 1947 26.77 58.57 -45.41
CA ASP B 1947 27.58 58.64 -46.60
C ASP B 1947 27.24 57.50 -47.52
N MET B 1948 27.00 56.32 -46.94
CA MET B 1948 26.65 55.10 -47.72
C MET B 1948 25.26 55.26 -48.26
N LEU B 1949 24.40 55.90 -47.46
CA LEU B 1949 23.01 56.11 -47.79
C LEU B 1949 22.91 56.95 -49.08
N VAL B 1950 23.80 57.93 -49.21
CA VAL B 1950 23.88 58.79 -50.39
C VAL B 1950 24.29 57.95 -51.60
N ILE B 1951 25.26 57.06 -51.40
CA ILE B 1951 25.74 56.16 -52.47
C ILE B 1951 24.64 55.18 -52.81
N LEU B 1952 23.86 54.77 -51.82
CA LEU B 1952 22.66 53.93 -52.07
C LEU B 1952 21.58 54.69 -52.83
N LYS B 1953 21.24 55.88 -52.36
CA LYS B 1953 20.23 56.73 -52.99
C LYS B 1953 20.58 57.12 -54.43
N ARG B 1954 21.86 57.43 -54.68
CA ARG B 1954 22.28 57.74 -56.05
C ARG B 1954 22.34 56.49 -56.92
N LEU B 1955 22.49 55.33 -56.29
CA LEU B 1955 22.36 54.04 -56.98
C LEU B 1955 20.91 53.69 -57.25
N LEU B 1956 20.02 54.06 -56.33
CA LEU B 1956 18.59 53.95 -56.53
C LEU B 1956 18.15 54.96 -57.56
N GLY B 1957 18.94 56.03 -57.73
CA GLY B 1957 18.63 57.11 -58.66
C GLY B 1957 19.02 56.79 -60.10
N LYS B 1958 20.08 56.01 -60.25
CA LYS B 1958 20.58 55.56 -61.56
C LYS B 1958 19.68 54.48 -62.12
N PHE B 1959 19.23 53.58 -61.26
CA PHE B 1959 18.30 52.51 -61.62
C PHE B 1959 16.89 53.02 -61.56
N ALA B 1960 16.03 52.52 -62.44
CA ALA B 1960 14.67 53.01 -62.45
C ALA B 1960 13.78 52.34 -61.39
N VAL B 1961 14.16 52.54 -60.13
CA VAL B 1961 13.35 52.18 -58.99
C VAL B 1961 13.11 53.52 -58.29
N LYS B 1962 11.90 53.70 -57.75
CA LYS B 1962 11.42 55.00 -57.26
C LYS B 1962 11.43 55.04 -55.73
N TYR B 1963 12.00 56.06 -55.11
CA TYR B 1963 12.07 56.11 -53.65
C TYR B 1963 11.52 57.38 -53.01
N ASP B 1964 11.21 57.30 -51.73
CA ASP B 1964 10.80 58.48 -50.96
C ASP B 1964 12.01 59.38 -50.73
N VAL B 1965 11.94 60.63 -51.20
CA VAL B 1965 13.09 61.54 -51.05
C VAL B 1965 13.22 61.95 -49.58
N ASN B 1966 12.09 62.30 -48.96
CA ASN B 1966 12.04 62.53 -47.52
C ASN B 1966 11.87 61.19 -46.79
N TYR B 1967 12.96 60.45 -46.68
CA TYR B 1967 12.93 59.12 -46.10
C TYR B 1967 13.63 59.11 -44.75
N ARG B 1968 12.97 58.46 -43.81
CA ARG B 1968 13.41 58.45 -42.44
C ARG B 1968 13.31 57.02 -41.93
N PHE B 1969 14.48 56.43 -41.65
CA PHE B 1969 14.54 55.02 -41.28
C PHE B 1969 13.80 54.72 -39.98
N ILE B 1970 13.90 55.63 -39.02
CA ILE B 1970 13.22 55.45 -37.75
C ILE B 1970 11.71 55.35 -37.99
N ASP B 1971 11.09 56.44 -38.48
CA ASP B 1971 9.65 56.49 -38.77
C ASP B 1971 9.11 55.42 -39.71
N TYR B 1972 9.95 54.96 -40.64
CA TYR B 1972 9.54 53.92 -41.60
C TYR B 1972 9.36 52.54 -40.94
N LEU B 1973 10.26 52.17 -40.02
CA LEU B 1973 10.20 50.84 -39.41
C LEU B 1973 9.85 50.80 -37.93
N VAL B 1974 9.99 51.92 -37.21
CA VAL B 1974 9.54 51.96 -35.81
C VAL B 1974 8.08 52.40 -35.68
N THR B 1975 7.37 51.74 -34.78
CA THR B 1975 5.99 52.11 -34.45
C THR B 1975 6.01 52.99 -33.20
N LEU B 1976 5.09 53.95 -33.16
CA LEU B 1976 5.03 54.97 -32.10
C LEU B 1976 4.89 54.37 -30.70
N ASP B 1977 4.24 53.22 -30.64
CA ASP B 1977 4.04 52.46 -29.40
C ASP B 1977 5.35 51.82 -28.93
N GLU B 1978 6.12 51.29 -29.88
CA GLU B 1978 7.45 50.72 -29.61
C GLU B 1978 8.52 51.80 -29.32
N LYS B 1979 8.43 52.92 -30.05
CA LYS B 1979 9.34 54.07 -29.90
C LYS B 1979 9.29 54.60 -28.47
N MET B 1980 8.07 54.61 -27.91
CA MET B 1980 7.79 55.00 -26.52
C MET B 1980 8.39 53.98 -25.55
N LYS B 1981 8.17 52.70 -25.85
CA LYS B 1981 8.53 51.59 -24.97
C LYS B 1981 10.04 51.55 -24.74
N TRP B 1982 10.81 51.75 -25.81
CA TRP B 1982 12.28 51.71 -25.77
C TRP B 1982 12.84 52.81 -24.93
N LEU B 1983 12.38 54.03 -25.18
CA LEU B 1983 12.84 55.20 -24.45
C LEU B 1983 12.48 55.11 -22.97
N GLU B 1984 11.31 54.54 -22.71
CA GLU B 1984 10.77 54.40 -21.37
C GLU B 1984 11.70 53.55 -20.49
N CYS B 1985 12.31 52.52 -21.08
CA CYS B 1985 13.36 51.74 -20.40
C CYS B 1985 14.54 52.64 -20.08
N GLY B 1986 14.88 53.49 -21.04
CA GLY B 1986 16.07 54.30 -20.90
C GLY B 1986 16.99 54.25 -22.10
N LEU B 1987 16.42 54.10 -23.29
CA LEU B 1987 17.19 54.29 -24.49
C LEU B 1987 17.51 55.79 -24.66
N ASP B 1988 18.70 56.12 -25.17
CA ASP B 1988 19.12 57.51 -25.37
C ASP B 1988 18.30 58.24 -26.45
N LYS B 1989 18.21 59.57 -26.33
CA LYS B 1989 17.42 60.40 -27.28
C LYS B 1989 18.00 60.41 -28.70
N ASN B 1990 19.32 60.21 -28.82
CA ASN B 1990 20.05 60.27 -30.09
C ASN B 1990 19.40 59.49 -31.24
N ASP B 1991 19.33 60.07 -32.44
CA ASP B 1991 18.75 59.37 -33.61
C ASP B 1991 19.56 58.12 -33.97
N TYR B 1992 20.89 58.22 -33.83
CA TYR B 1992 21.80 57.09 -33.99
C TYR B 1992 21.40 55.93 -33.08
N PHE B 1993 21.25 56.17 -31.78
CA PHE B 1993 20.78 55.13 -30.85
C PHE B 1993 19.32 54.65 -31.04
N LEU B 1994 18.49 55.41 -31.74
CA LEU B 1994 17.15 54.93 -32.08
C LEU B 1994 17.23 53.90 -33.21
N GLU B 1995 17.95 54.28 -34.28
CA GLU B 1995 18.18 53.42 -35.44
C GLU B 1995 18.79 52.09 -35.03
N ASN B 1996 19.78 52.16 -34.14
CA ASN B 1996 20.48 50.99 -33.60
C ASN B 1996 19.53 50.01 -32.94
N MET B 1997 18.70 50.52 -32.03
CA MET B 1997 17.72 49.71 -31.32
C MET B 1997 16.71 49.08 -32.29
N SER B 1998 16.29 49.85 -33.29
CA SER B 1998 15.43 49.38 -34.37
C SER B 1998 16.05 48.20 -35.10
N ILE B 1999 17.34 48.28 -35.42
CA ILE B 1999 18.05 47.23 -36.14
C ILE B 1999 18.10 45.94 -35.31
N VAL B 2000 18.34 46.09 -34.00
CA VAL B 2000 18.36 44.95 -33.08
C VAL B 2000 17.03 44.22 -33.04
N MET B 2001 15.97 44.97 -32.82
CA MET B 2001 14.64 44.41 -32.68
C MET B 2001 14.10 43.93 -34.02
N ASN B 2002 13.82 44.87 -34.91
CA ASN B 2002 12.99 44.60 -36.08
C ASN B 2002 13.32 43.31 -36.82
N SER B 2003 14.59 43.03 -37.02
CA SER B 2003 15.00 41.77 -37.62
C SER B 2003 15.73 40.83 -36.66
N GLN B 2004 15.16 39.63 -36.52
CA GLN B 2004 15.76 38.57 -35.73
C GLN B 2004 15.59 37.23 -36.43
N ASP B 2005 16.10 37.16 -37.65
CA ASP B 2005 16.30 35.91 -38.36
C ASP B 2005 17.74 35.49 -38.01
N ALA B 2006 18.43 36.35 -37.25
CA ALA B 2006 19.82 36.21 -36.83
C ALA B 2006 20.04 36.92 -35.48
N VAL B 2007 21.00 36.38 -34.71
CA VAL B 2007 21.30 36.85 -33.34
C VAL B 2007 22.02 38.21 -33.42
N PRO B 2008 21.55 39.21 -32.61
CA PRO B 2008 22.25 40.50 -32.62
C PRO B 2008 23.42 40.58 -31.62
N PHE B 2009 24.47 41.27 -32.06
CA PHE B 2009 25.64 41.50 -31.24
C PHE B 2009 25.68 42.98 -30.90
N LEU B 2010 25.50 43.25 -29.60
CA LEU B 2010 25.48 44.60 -29.08
C LEU B 2010 26.85 44.91 -28.48
N LEU B 2011 27.45 46.01 -28.99
CA LEU B 2011 28.66 46.59 -28.42
C LEU B 2011 28.34 47.93 -27.79
N ASP B 2012 28.60 48.01 -26.49
CA ASP B 2012 28.54 49.26 -25.77
C ASP B 2012 29.51 49.23 -24.59
N PRO B 2013 30.38 50.24 -24.52
CA PRO B 2013 31.29 50.34 -23.40
C PRO B 2013 30.53 50.48 -22.08
N SER B 2014 29.66 51.48 -21.98
CA SER B 2014 28.78 51.63 -20.82
C SER B 2014 27.63 50.65 -20.95
N SER B 2015 27.58 49.64 -20.08
CA SER B 2015 26.56 48.60 -20.15
C SER B 2015 25.23 49.16 -19.72
N HIS B 2016 24.76 50.15 -20.48
CA HIS B 2016 23.49 50.83 -20.25
C HIS B 2016 22.44 50.08 -21.02
N MET B 2017 22.90 49.41 -22.07
CA MET B 2017 22.08 48.67 -22.98
C MET B 2017 21.62 47.30 -22.40
N ILE B 2018 22.49 46.66 -21.61
CA ILE B 2018 22.18 45.41 -20.91
C ILE B 2018 20.93 45.49 -20.01
N THR B 2019 20.67 46.69 -19.49
CA THR B 2019 19.52 46.95 -18.63
C THR B 2019 18.31 47.37 -19.45
N VAL B 2020 18.52 48.02 -20.60
CA VAL B 2020 17.43 48.42 -21.49
C VAL B 2020 16.62 47.20 -21.94
N ILE B 2021 17.34 46.17 -22.39
CA ILE B 2021 16.70 44.93 -22.84
C ILE B 2021 16.08 44.17 -21.66
N SER B 2022 16.65 44.35 -20.47
CA SER B 2022 16.14 43.75 -19.23
C SER B 2022 14.78 44.33 -18.81
N ASN B 2023 14.62 45.64 -18.97
CA ASN B 2023 13.37 46.33 -18.66
C ASN B 2023 12.30 45.95 -19.65
N TYR B 2024 12.72 45.56 -20.85
CA TYR B 2024 11.80 45.22 -21.93
C TYR B 2024 11.19 43.80 -21.78
N TYR B 2025 12.01 42.84 -21.37
CA TYR B 2025 11.56 41.44 -21.22
C TYR B 2025 11.25 41.00 -19.75
N GLY B 2026 11.62 41.84 -18.79
CA GLY B 2026 11.24 41.67 -17.36
C GLY B 2026 11.70 40.41 -16.62
N ASN B 2027 10.73 39.62 -16.13
CA ASN B 2027 10.97 38.31 -15.48
C ASN B 2027 11.74 37.35 -16.34
N LYS B 2028 11.35 37.34 -17.62
CA LYS B 2028 11.89 36.44 -18.63
C LYS B 2028 13.39 36.65 -18.85
N THR B 2029 13.90 37.84 -18.49
CA THR B 2029 15.31 38.21 -18.69
C THR B 2029 16.25 37.47 -17.75
N VAL B 2030 17.07 36.62 -18.34
CA VAL B 2030 18.11 35.87 -17.63
C VAL B 2030 19.46 36.28 -18.22
N LEU B 2031 20.33 36.82 -17.38
CA LEU B 2031 21.67 37.26 -17.81
C LEU B 2031 22.75 36.20 -17.55
N LEU B 2032 23.58 36.00 -18.56
CA LEU B 2032 24.69 35.07 -18.49
C LEU B 2032 25.95 35.70 -19.05
N SER B 2033 27.08 35.03 -18.86
CA SER B 2033 28.38 35.51 -19.36
C SER B 2033 29.22 34.32 -19.77
N PHE B 2034 29.86 34.41 -20.94
CA PHE B 2034 30.73 33.33 -21.46
C PHE B 2034 31.85 32.92 -20.50
N LEU B 2035 32.11 33.75 -19.50
CA LEU B 2035 33.19 33.49 -18.55
C LEU B 2035 32.77 32.66 -17.31
N GLU B 2036 31.50 32.72 -16.91
CA GLU B 2036 31.02 31.91 -15.77
C GLU B 2036 31.05 30.42 -16.07
N GLU B 2037 31.16 29.61 -15.01
CA GLU B 2037 31.42 28.17 -15.20
C GLU B 2037 30.13 27.41 -15.53
N GLY B 2038 29.04 27.79 -14.87
CA GLY B 2038 27.74 27.16 -15.09
C GLY B 2038 27.02 27.59 -16.36
N PHE B 2039 27.68 28.45 -17.14
CA PHE B 2039 27.20 28.92 -18.46
C PHE B 2039 26.70 27.79 -19.38
N VAL B 2040 27.48 26.72 -19.43
CA VAL B 2040 27.25 25.61 -20.33
C VAL B 2040 25.89 24.94 -20.07
N LYS B 2041 25.51 24.86 -18.78
CA LYS B 2041 24.27 24.23 -18.33
C LYS B 2041 23.13 25.24 -18.23
N ARG B 2042 23.42 26.44 -17.76
CA ARG B 2042 22.43 27.51 -17.59
C ARG B 2042 21.78 27.95 -18.93
N LEU B 2043 22.52 27.78 -20.03
CA LEU B 2043 21.99 28.09 -21.35
C LEU B 2043 21.04 26.99 -21.83
N GLU B 2044 21.38 25.75 -21.49
CA GLU B 2044 20.54 24.60 -21.78
C GLU B 2044 19.19 24.68 -21.07
N ASN B 2045 19.20 25.32 -19.90
CA ASN B 2045 17.99 25.57 -19.11
C ASN B 2045 17.23 26.77 -19.65
N ALA B 2046 17.98 27.69 -20.26
CA ALA B 2046 17.43 28.91 -20.81
C ALA B 2046 16.72 28.63 -22.14
N ILE B 2047 17.30 27.73 -22.93
CA ILE B 2047 16.74 27.34 -24.23
C ILE B 2047 15.48 26.47 -24.09
N ARG B 2048 15.48 25.60 -23.08
CA ARG B 2048 14.38 24.66 -22.84
C ARG B 2048 13.09 25.31 -22.40
N PHE B 2049 13.18 26.40 -21.63
CA PHE B 2049 11.97 27.02 -21.08
C PHE B 2049 11.78 28.49 -21.49
N GLY B 2050 12.10 28.80 -22.75
CA GLY B 2050 11.78 30.09 -23.40
C GLY B 2050 12.36 31.36 -22.82
N SER B 2051 13.41 31.23 -22.01
CA SER B 2051 14.05 32.34 -21.33
C SER B 2051 14.78 33.27 -22.32
N VAL B 2052 14.58 34.57 -22.16
CA VAL B 2052 15.26 35.58 -22.98
C VAL B 2052 16.67 35.82 -22.40
N VAL B 2053 17.69 35.52 -23.21
CA VAL B 2053 19.08 35.53 -22.71
C VAL B 2053 19.95 36.64 -23.34
N ILE B 2054 20.74 37.33 -22.50
CA ILE B 2054 21.80 38.27 -22.91
C ILE B 2054 23.14 37.74 -22.41
N ILE B 2055 24.13 37.59 -23.30
CA ILE B 2055 25.43 37.05 -22.85
C ILE B 2055 26.53 38.11 -22.72
N GLN B 2056 26.95 38.28 -21.48
CA GLN B 2056 27.67 39.48 -21.02
C GLN B 2056 29.07 39.63 -21.57
N ASP B 2057 29.71 38.54 -21.95
CA ASP B 2057 31.06 38.71 -22.53
C ASP B 2057 31.29 38.26 -23.97
N GLY B 2058 30.93 39.09 -24.94
CA GLY B 2058 30.92 38.70 -26.34
C GLY B 2058 32.28 38.47 -26.98
N GLU B 2059 33.30 39.18 -26.48
CA GLU B 2059 34.69 39.04 -26.94
C GLU B 2059 35.11 37.57 -26.89
N PHE B 2060 34.91 36.97 -25.72
CA PHE B 2060 35.14 35.55 -25.48
C PHE B 2060 33.88 34.79 -25.88
N PHE B 2061 34.02 33.81 -26.75
CA PHE B 2061 32.89 33.02 -27.20
C PHE B 2061 33.46 31.61 -27.38
N ASP B 2062 32.77 30.61 -26.81
CA ASP B 2062 33.06 29.20 -27.12
C ASP B 2062 32.27 28.76 -28.34
N PRO B 2063 32.81 27.76 -29.05
CA PRO B 2063 32.28 27.18 -30.25
C PRO B 2063 30.87 26.64 -30.09
N ILE B 2064 30.52 26.08 -28.93
CA ILE B 2064 29.31 25.22 -28.82
C ILE B 2064 28.01 25.92 -29.11
N ILE B 2065 27.88 27.14 -28.63
CA ILE B 2065 26.67 27.88 -28.92
C ILE B 2065 26.38 27.82 -30.42
N SER B 2066 27.42 27.48 -31.19
CA SER B 2066 27.49 27.72 -32.63
C SER B 2066 26.29 27.25 -33.41
N ARG B 2067 25.81 26.04 -33.10
CA ARG B 2067 24.61 25.54 -33.75
C ARG B 2067 23.37 26.39 -33.38
N LEU B 2068 23.40 27.04 -32.21
CA LEU B 2068 22.33 27.97 -31.77
C LEU B 2068 22.38 29.30 -32.52
N ILE B 2069 23.58 29.71 -32.94
CA ILE B 2069 23.70 30.98 -33.65
C ILE B 2069 23.33 30.78 -35.12
N SER B 2070 24.01 29.87 -35.81
CA SER B 2070 23.55 29.44 -37.13
C SER B 2070 22.20 28.76 -36.94
N ARG B 2071 21.27 28.95 -37.87
CA ARG B 2071 19.96 28.32 -37.73
C ARG B 2071 20.02 26.85 -38.14
N GLU B 2072 20.53 26.01 -37.24
CA GLU B 2072 20.56 24.57 -37.46
C GLU B 2072 19.72 23.85 -36.42
N PHE B 2073 18.82 22.98 -36.92
CA PHE B 2073 17.95 22.20 -36.05
C PHE B 2073 17.57 20.83 -36.61
N ASN B 2074 17.21 19.93 -35.71
CA ASN B 2074 16.75 18.60 -36.02
C ASN B 2074 15.26 18.47 -35.66
N HIS B 2075 14.40 18.44 -36.67
CA HIS B 2075 12.96 18.54 -36.44
C HIS B 2075 12.29 17.21 -36.04
N ALA B 2076 11.30 17.34 -35.16
CA ALA B 2076 10.50 16.22 -34.66
C ALA B 2076 9.02 16.57 -34.79
N GLY B 2077 8.14 15.63 -34.49
CA GLY B 2077 6.68 15.87 -34.54
C GLY B 2077 6.19 17.10 -33.78
N ASN B 2078 6.60 17.18 -32.51
CA ASN B 2078 6.35 18.32 -31.59
C ASN B 2078 7.65 19.02 -31.12
N ARG B 2079 8.69 18.22 -30.87
CA ARG B 2079 9.96 18.73 -30.34
C ARG B 2079 10.96 19.17 -31.41
N VAL B 2080 11.66 20.28 -31.16
CA VAL B 2080 12.73 20.73 -32.05
C VAL B 2080 14.03 20.74 -31.26
N THR B 2081 14.95 19.88 -31.66
CA THR B 2081 16.20 19.70 -30.93
C THR B 2081 17.41 20.37 -31.56
N VAL B 2082 18.29 20.88 -30.69
CA VAL B 2082 19.56 21.49 -31.08
C VAL B 2082 20.72 20.83 -30.34
N GLU B 2083 21.80 20.59 -31.08
CA GLU B 2083 22.96 19.91 -30.54
C GLU B 2083 23.86 20.91 -29.86
N ILE B 2084 24.09 20.69 -28.57
CA ILE B 2084 25.02 21.52 -27.83
C ILE B 2084 26.10 20.68 -27.21
N GLY B 2085 27.32 20.83 -27.73
CA GLY B 2085 28.45 19.98 -27.35
C GLY B 2085 28.26 18.47 -27.50
N ASP B 2086 27.24 17.93 -26.82
CA ASP B 2086 26.94 16.50 -26.86
C ASP B 2086 25.44 16.27 -26.85
N HIS B 2087 24.81 16.61 -25.73
CA HIS B 2087 23.39 16.41 -25.53
C HIS B 2087 22.54 17.24 -26.50
N GLU B 2088 21.46 16.62 -26.94
CA GLU B 2088 20.48 17.24 -27.82
C GLU B 2088 19.42 17.88 -26.93
N VAL B 2089 19.31 19.21 -26.94
CA VAL B 2089 18.29 19.89 -26.10
C VAL B 2089 17.18 20.60 -26.87
N ASP B 2090 15.98 20.59 -26.28
CA ASP B 2090 14.79 21.15 -26.92
C ASP B 2090 14.77 22.67 -26.90
N VAL B 2091 14.43 23.22 -28.05
CA VAL B 2091 14.29 24.67 -28.22
C VAL B 2091 12.84 25.02 -28.04
N SER B 2092 12.62 26.11 -27.30
CA SER B 2092 11.31 26.61 -27.02
C SER B 2092 10.70 27.37 -28.20
N GLY B 2093 11.35 28.46 -28.60
CA GLY B 2093 10.81 29.34 -29.63
C GLY B 2093 10.30 30.65 -29.04
N ASP B 2094 9.99 30.61 -27.75
CA ASP B 2094 9.70 31.81 -26.96
C ASP B 2094 11.00 32.38 -26.39
N PHE B 2095 12.05 31.59 -26.58
CA PHE B 2095 13.44 31.91 -26.25
C PHE B 2095 14.02 32.99 -27.19
N LYS B 2096 14.75 33.95 -26.61
CA LYS B 2096 15.47 35.00 -27.37
C LYS B 2096 16.95 35.03 -26.98
N LEU B 2097 17.82 35.42 -27.91
CA LEU B 2097 19.26 35.47 -27.65
C LEU B 2097 19.86 36.76 -28.12
N PHE B 2098 20.69 37.35 -27.24
CA PHE B 2098 21.42 38.59 -27.46
C PHE B 2098 22.85 38.41 -26.93
N ILE B 2099 23.83 38.92 -27.67
CA ILE B 2099 25.21 38.90 -27.16
C ILE B 2099 25.71 40.33 -26.87
N HIS B 2100 26.28 40.49 -25.68
CA HIS B 2100 26.80 41.77 -25.22
C HIS B 2100 28.32 41.78 -25.06
N SER B 2101 28.95 42.85 -25.53
CA SER B 2101 30.40 43.05 -25.38
C SER B 2101 30.63 44.44 -24.89
N CYS B 2102 31.74 44.64 -24.16
CA CYS B 2102 32.06 45.95 -23.61
C CYS B 2102 33.21 46.62 -24.34
N ASP B 2103 34.23 45.85 -24.74
CA ASP B 2103 35.40 46.45 -25.40
C ASP B 2103 35.52 46.15 -26.88
N PRO B 2104 35.67 47.21 -27.71
CA PRO B 2104 35.86 47.02 -29.13
C PRO B 2104 37.29 46.59 -29.44
N SER B 2105 38.19 46.65 -28.46
CA SER B 2105 39.55 46.10 -28.59
C SER B 2105 39.51 44.57 -28.81
N GLY B 2106 38.54 43.92 -28.18
CA GLY B 2106 38.36 42.48 -28.27
C GLY B 2106 37.82 42.06 -29.63
N ASP B 2107 38.51 41.12 -30.26
CA ASP B 2107 38.08 40.64 -31.58
C ASP B 2107 37.33 39.32 -31.46
N ILE B 2108 36.13 39.29 -32.06
CA ILE B 2108 35.27 38.12 -32.07
C ILE B 2108 35.60 37.19 -33.24
N PRO B 2109 35.41 35.87 -33.05
CA PRO B 2109 35.70 34.91 -34.13
C PRO B 2109 34.87 35.11 -35.41
N ILE B 2110 35.55 34.93 -36.54
CA ILE B 2110 34.96 35.05 -37.90
C ILE B 2110 33.65 34.25 -38.12
N PHE B 2111 33.52 33.07 -37.51
CA PHE B 2111 32.23 32.33 -37.59
C PHE B 2111 31.06 33.15 -37.08
N LEU B 2112 31.20 33.68 -35.88
CA LEU B 2112 30.16 34.48 -35.24
C LEU B 2112 29.86 35.77 -36.01
N ARG B 2113 30.91 36.57 -36.23
CA ARG B 2113 30.82 37.83 -36.97
C ARG B 2113 29.97 37.75 -38.24
N SER B 2114 29.99 36.61 -38.90
CA SER B 2114 29.25 36.41 -40.14
C SER B 2114 27.77 36.08 -39.92
N ARG B 2115 27.43 35.34 -38.88
CA ARG B 2115 26.03 34.99 -38.61
C ARG B 2115 25.34 36.02 -37.69
N VAL B 2116 26.12 37.00 -37.19
CA VAL B 2116 25.65 37.88 -36.09
C VAL B 2116 25.35 39.31 -36.58
N ARG B 2117 24.26 39.93 -36.11
CA ARG B 2117 23.93 41.34 -36.48
C ARG B 2117 24.64 42.37 -35.60
N LEU B 2118 25.71 42.94 -36.15
CA LEU B 2118 26.60 43.79 -35.37
C LEU B 2118 26.03 45.18 -35.31
N VAL B 2119 25.82 45.66 -34.09
CA VAL B 2119 25.22 46.97 -33.84
C VAL B 2119 26.13 47.70 -32.82
N HIS B 2120 26.54 48.92 -33.18
CA HIS B 2120 27.34 49.72 -32.26
C HIS B 2120 26.55 50.77 -31.46
N PHE B 2121 26.40 50.50 -30.17
CA PHE B 2121 25.91 51.49 -29.22
C PHE B 2121 27.10 52.23 -28.63
N VAL B 2122 27.66 53.12 -29.42
CA VAL B 2122 28.88 53.80 -29.03
C VAL B 2122 28.81 55.31 -29.24
N THR B 2123 29.16 56.04 -28.18
CA THR B 2123 29.37 57.48 -28.27
C THR B 2123 30.81 57.77 -28.71
N ASN B 2124 31.01 57.80 -30.03
CA ASN B 2124 32.32 58.05 -30.63
C ASN B 2124 32.71 59.53 -30.63
N LYS B 2125 33.84 59.85 -31.25
CA LYS B 2125 34.20 61.25 -31.58
C LYS B 2125 33.28 61.78 -32.67
N GLU B 2126 32.76 60.88 -33.49
CA GLU B 2126 31.82 61.20 -34.57
C GLU B 2126 30.49 61.71 -34.01
N SER B 2127 30.11 61.15 -32.86
CA SER B 2127 28.92 61.51 -32.14
C SER B 2127 28.92 62.97 -31.67
N ILE B 2128 30.09 63.58 -31.55
CA ILE B 2128 30.24 65.00 -31.19
C ILE B 2128 29.73 65.98 -32.28
N GLU B 2129 30.04 65.67 -33.55
CA GLU B 2129 29.60 66.50 -34.69
C GLU B 2129 28.08 66.57 -34.77
N THR B 2130 27.45 65.41 -34.66
CA THR B 2130 25.99 65.29 -34.66
C THR B 2130 25.37 66.04 -33.47
N ARG B 2131 25.94 65.85 -32.28
CA ARG B 2131 25.32 66.37 -31.05
C ARG B 2131 25.52 67.85 -30.83
N ILE B 2132 26.59 68.44 -31.40
CA ILE B 2132 26.78 69.90 -31.22
C ILE B 2132 25.73 70.72 -32.01
N PHE B 2133 25.35 70.24 -33.20
CA PHE B 2133 24.33 70.86 -34.05
C PHE B 2133 22.97 70.98 -33.34
N ASP B 2134 22.55 69.92 -32.64
CA ASP B 2134 21.31 69.93 -31.84
C ASP B 2134 21.29 71.03 -30.80
N ILE B 2135 22.44 71.23 -30.16
CA ILE B 2135 22.61 72.25 -29.13
C ILE B 2135 22.69 73.66 -29.75
N THR B 2136 23.47 73.77 -30.83
CA THR B 2136 23.63 75.02 -31.60
C THR B 2136 22.31 75.57 -32.15
N LEU B 2137 21.50 74.71 -32.75
CA LEU B 2137 20.26 75.15 -33.41
C LEU B 2137 19.17 75.58 -32.42
N THR B 2138 19.18 74.93 -31.25
CA THR B 2138 18.28 75.28 -30.16
C THR B 2138 18.57 76.72 -29.66
N GLU B 2139 19.82 77.16 -29.78
CA GLU B 2139 20.22 78.52 -29.41
C GLU B 2139 20.32 79.53 -30.57
N GLU B 2140 20.32 79.07 -31.82
CA GLU B 2140 20.48 79.97 -32.98
C GLU B 2140 19.16 80.27 -33.72
N ASN B 2141 18.42 79.22 -34.08
CA ASN B 2141 17.06 79.38 -34.57
C ASN B 2141 16.12 78.43 -33.84
N ALA B 2142 15.77 78.80 -32.61
CA ALA B 2142 14.93 78.00 -31.72
C ALA B 2142 13.55 77.72 -32.29
N GLU B 2143 13.04 78.59 -33.16
CA GLU B 2143 11.73 78.38 -33.80
C GLU B 2143 11.68 77.17 -34.76
N MET B 2144 12.76 76.94 -35.50
CA MET B 2144 12.79 75.79 -36.43
C MET B 2144 13.24 74.45 -35.85
N GLN B 2145 14.07 74.45 -34.79
CA GLN B 2145 14.42 73.21 -34.06
C GLN B 2145 13.25 72.70 -33.21
N ARG B 2146 12.45 73.63 -32.70
CA ARG B 2146 11.23 73.33 -31.93
C ARG B 2146 10.18 72.72 -32.86
N LYS B 2147 10.04 73.27 -34.06
CA LYS B 2147 9.06 72.78 -35.04
C LYS B 2147 9.49 71.52 -35.77
N ARG B 2148 10.76 71.17 -35.67
CA ARG B 2148 11.32 69.98 -36.33
C ARG B 2148 10.76 68.70 -35.71
N GLU B 2149 10.72 68.69 -34.37
CA GLU B 2149 10.24 67.57 -33.56
C GLU B 2149 8.77 67.30 -33.82
N ASP B 2150 7.94 68.34 -33.71
CA ASP B 2150 6.50 68.23 -33.93
C ASP B 2150 6.09 68.01 -35.40
N LEU B 2151 6.98 68.37 -36.34
CA LEU B 2151 6.74 68.22 -37.78
C LEU B 2151 6.56 66.75 -38.16
N ILE B 2152 7.44 65.90 -37.64
CA ILE B 2152 7.39 64.47 -37.92
C ILE B 2152 6.51 63.74 -36.87
N LYS B 2153 6.38 64.36 -35.70
CA LYS B 2153 5.48 63.89 -34.63
C LYS B 2153 4.01 64.02 -35.04
N LEU B 2154 3.60 65.21 -35.50
CA LEU B 2154 2.21 65.44 -35.96
C LEU B 2154 1.91 64.80 -37.31
N ASN B 2155 2.94 64.51 -38.10
CA ASN B 2155 2.83 63.68 -39.31
C ASN B 2155 2.28 62.29 -38.94
N THR B 2156 2.93 61.66 -37.96
CA THR B 2156 2.54 60.34 -37.47
C THR B 2156 1.32 60.38 -36.55
N GLU B 2157 1.23 61.38 -35.67
CA GLU B 2157 0.11 61.58 -34.72
C GLU B 2157 -1.24 61.79 -35.44
N TYR B 2158 -1.27 62.71 -36.42
CA TYR B 2158 -2.51 62.98 -37.16
C TYR B 2158 -2.90 61.81 -38.04
N LYS B 2159 -1.92 61.09 -38.57
CA LYS B 2159 -2.20 59.90 -39.35
C LYS B 2159 -2.67 58.73 -38.48
N LEU B 2160 -2.20 58.68 -37.23
CA LEU B 2160 -2.72 57.73 -36.24
C LEU B 2160 -4.11 58.14 -35.73
N LYS B 2161 -4.38 59.45 -35.68
CA LYS B 2161 -5.72 60.00 -35.37
C LYS B 2161 -6.69 59.88 -36.54
N LEU B 2162 -6.14 59.91 -37.75
CA LEU B 2162 -6.89 59.69 -38.99
C LEU B 2162 -7.35 58.24 -39.09
N LYS B 2163 -6.51 57.34 -38.59
CA LYS B 2163 -6.83 55.91 -38.51
C LYS B 2163 -7.69 55.60 -37.30
N ASN B 2164 -7.54 56.40 -36.25
CA ASN B 2164 -8.31 56.25 -35.02
C ASN B 2164 -9.75 56.72 -35.18
N LEU B 2165 -9.95 57.80 -35.94
CA LEU B 2165 -11.29 58.34 -36.17
C LEU B 2165 -12.07 57.65 -37.30
N GLU B 2166 -11.35 57.07 -38.28
CA GLU B 2166 -11.95 56.27 -39.35
C GLU B 2166 -12.56 54.99 -38.79
N LYS B 2167 -11.87 54.42 -37.79
CA LYS B 2167 -12.34 53.23 -37.08
C LYS B 2167 -13.52 53.53 -36.19
N ARG B 2168 -13.52 54.70 -35.57
CA ARG B 2168 -14.64 55.14 -34.73
C ARG B 2168 -15.90 55.48 -35.54
N LEU B 2169 -15.70 55.93 -36.78
CA LEU B 2169 -16.79 56.21 -37.72
C LEU B 2169 -17.49 54.94 -38.22
N LEU B 2170 -16.69 53.94 -38.57
CA LEU B 2170 -17.21 52.67 -39.06
C LEU B 2170 -17.88 51.82 -37.96
N GLU B 2171 -17.36 51.92 -36.73
CA GLU B 2171 -17.94 51.23 -35.56
C GLU B 2171 -19.34 51.75 -35.20
N GLU B 2172 -19.54 53.08 -35.27
CA GLU B 2172 -20.83 53.68 -34.95
C GLU B 2172 -21.83 53.63 -36.11
N LEU B 2173 -21.32 53.64 -37.35
CA LEU B 2173 -22.16 53.51 -38.54
C LEU B 2173 -22.87 52.15 -38.63
N ASN B 2174 -22.24 51.11 -38.10
CA ASN B 2174 -22.81 49.76 -38.01
C ASN B 2174 -23.71 49.52 -36.78
N ASN B 2175 -23.41 50.23 -35.68
CA ASN B 2175 -24.15 50.16 -34.40
C ASN B 2175 -25.43 51.02 -34.40
N SER B 2176 -25.33 52.22 -34.96
CA SER B 2176 -26.45 53.16 -35.00
C SER B 2176 -27.03 53.34 -36.41
N GLN B 2177 -27.15 52.24 -37.15
CA GLN B 2177 -27.83 52.25 -38.46
C GLN B 2177 -29.34 52.01 -38.33
N GLY B 2178 -29.72 51.15 -37.38
CA GLY B 2178 -31.13 50.91 -37.05
C GLY B 2178 -31.64 51.84 -35.94
N ASN B 2179 -30.70 52.48 -35.26
CA ASN B 2179 -30.98 53.50 -34.23
C ASN B 2179 -31.05 54.89 -34.88
N MET B 2180 -31.20 55.95 -34.08
CA MET B 2180 -31.22 57.34 -34.61
C MET B 2180 -29.87 57.78 -35.19
N LEU B 2181 -29.83 58.95 -35.84
CA LEU B 2181 -28.60 59.41 -36.49
C LEU B 2181 -27.54 59.97 -35.52
N GLU B 2182 -27.03 59.09 -34.65
CA GLU B 2182 -25.90 59.39 -33.75
C GLU B 2182 -24.65 59.68 -34.60
N ASN B 2183 -24.48 58.94 -35.69
CA ASN B 2183 -23.37 59.13 -36.63
C ASN B 2183 -23.06 60.61 -36.88
N ASP B 2184 -24.11 61.43 -36.78
CA ASP B 2184 -24.01 62.88 -36.92
C ASP B 2184 -23.18 63.53 -35.81
N GLU B 2185 -23.21 62.91 -34.62
CA GLU B 2185 -22.41 63.35 -33.46
C GLU B 2185 -20.92 63.03 -33.67
N LEU B 2186 -20.66 62.09 -34.57
CA LEU B 2186 -19.30 61.78 -35.02
C LEU B 2186 -18.97 62.48 -36.34
N MET B 2187 -20.01 62.96 -37.03
CA MET B 2187 -19.83 63.73 -38.27
C MET B 2187 -19.37 65.15 -38.01
N VAL B 2188 -19.71 65.65 -36.83
CA VAL B 2188 -19.18 66.94 -36.35
C VAL B 2188 -17.73 66.77 -35.86
N THR B 2189 -17.35 65.54 -35.51
CA THR B 2189 -15.95 65.17 -35.22
C THR B 2189 -15.22 64.96 -36.55
N LEU B 2190 -15.97 64.59 -37.57
CA LEU B 2190 -15.49 64.49 -38.95
C LEU B 2190 -15.38 65.88 -39.60
N ASN B 2191 -16.13 66.82 -39.06
CA ASN B 2191 -16.04 68.23 -39.42
C ASN B 2191 -14.81 68.87 -38.77
N ASN B 2192 -14.44 68.35 -37.60
CA ASN B 2192 -13.21 68.74 -36.91
C ASN B 2192 -12.01 68.14 -37.64
N LEU B 2193 -12.25 67.00 -38.28
CA LEU B 2193 -11.27 66.32 -39.10
C LEU B 2193 -10.89 67.12 -40.37
N LYS B 2194 -11.75 68.06 -40.75
CA LYS B 2194 -11.48 68.96 -41.89
C LYS B 2194 -10.33 69.94 -41.61
N LYS B 2195 -10.07 70.22 -40.31
CA LYS B 2195 -8.78 70.77 -39.83
C LYS B 2195 -7.70 69.72 -40.02
N GLU B 2196 -7.99 68.51 -39.53
CA GLU B 2196 -7.00 67.45 -39.33
C GLU B 2196 -6.50 66.84 -40.61
N ALA B 2197 -7.43 66.51 -41.51
CA ALA B 2197 -7.07 65.92 -42.80
C ALA B 2197 -6.29 66.93 -43.60
N MET B 2198 -6.72 68.19 -43.50
CA MET B 2198 -6.14 69.28 -44.26
C MET B 2198 -4.96 69.94 -43.55
N ASN B 2199 -4.85 69.68 -42.24
CA ASN B 2199 -3.71 70.07 -41.41
C ASN B 2199 -2.45 69.34 -41.88
N ILE B 2200 -2.63 68.06 -42.22
CA ILE B 2200 -1.57 67.21 -42.78
C ILE B 2200 -1.10 67.78 -44.11
N GLU B 2201 -2.06 68.18 -44.94
CA GLU B 2201 -1.77 68.78 -46.24
C GLU B 2201 -1.09 70.14 -46.11
N LYS B 2202 -1.50 70.86 -45.07
CA LYS B 2202 -0.91 72.14 -44.68
C LYS B 2202 0.52 71.99 -44.20
N LYS B 2203 0.77 70.91 -43.45
CA LYS B 2203 2.10 70.60 -42.93
C LYS B 2203 3.05 70.01 -43.97
N LEU B 2204 2.53 69.21 -44.91
CA LEU B 2204 3.34 68.60 -45.99
C LEU B 2204 3.84 69.69 -46.94
N SER B 2205 3.03 70.72 -47.13
CA SER B 2205 3.36 71.82 -48.03
C SER B 2205 4.49 72.67 -47.47
N GLU B 2206 4.42 72.95 -46.16
CA GLU B 2206 5.45 73.74 -45.44
C GLU B 2206 6.71 72.91 -45.12
N SER B 2207 6.58 71.58 -45.18
CA SER B 2207 7.71 70.66 -44.99
C SER B 2207 8.70 70.76 -46.13
N GLU B 2208 8.17 70.78 -47.34
CA GLU B 2208 8.99 70.85 -48.52
C GLU B 2208 9.66 72.22 -48.68
N GLU B 2209 9.31 73.13 -47.78
CA GLU B 2209 9.90 74.47 -47.63
C GLU B 2209 10.88 74.53 -46.44
N PHE B 2210 10.61 73.75 -45.40
CA PHE B 2210 11.45 73.67 -44.17
C PHE B 2210 12.69 72.78 -44.36
N PHE B 2211 12.52 71.61 -44.97
CA PHE B 2211 13.61 70.66 -45.23
C PHE B 2211 14.82 71.25 -46.01
N PRO B 2212 14.59 71.95 -47.15
CA PRO B 2212 15.76 72.57 -47.84
C PRO B 2212 16.47 73.65 -47.02
N GLN B 2213 15.75 74.26 -46.08
CA GLN B 2213 16.33 75.26 -45.15
C GLN B 2213 17.09 74.59 -43.99
N PHE B 2214 16.63 73.41 -43.58
CA PHE B 2214 17.34 72.57 -42.61
C PHE B 2214 18.69 72.11 -43.18
N ASP B 2215 18.69 71.73 -44.44
CA ASP B 2215 19.90 71.26 -45.13
C ASP B 2215 20.89 72.40 -45.49
N ASN B 2216 20.39 73.63 -45.43
CA ASN B 2216 21.24 74.79 -45.61
C ASN B 2216 21.92 75.17 -44.28
N LEU B 2217 21.29 74.77 -43.17
CA LEU B 2217 21.79 75.06 -41.80
C LEU B 2217 22.78 74.02 -41.28
N VAL B 2218 22.82 72.88 -41.96
CA VAL B 2218 23.80 71.85 -41.68
C VAL B 2218 25.22 72.35 -41.98
N GLU B 2219 25.39 73.15 -43.02
CA GLU B 2219 26.73 73.56 -43.48
C GLU B 2219 27.50 74.49 -42.55
N GLU B 2220 26.79 75.47 -42.01
CA GLU B 2220 27.42 76.41 -41.11
C GLU B 2220 27.91 75.69 -39.83
N TYR B 2221 27.07 74.79 -39.36
CA TYR B 2221 27.37 74.02 -38.17
C TYR B 2221 28.47 72.99 -38.45
N SER B 2222 28.55 72.55 -39.70
CA SER B 2222 29.67 71.72 -40.16
C SER B 2222 30.97 72.49 -40.03
N ILE B 2223 30.94 73.78 -40.36
CA ILE B 2223 32.10 74.67 -40.15
C ILE B 2223 32.46 74.72 -38.67
N ILE B 2224 31.44 74.83 -37.82
CA ILE B 2224 31.64 74.76 -36.39
C ILE B 2224 32.03 73.36 -35.99
N GLY B 2225 31.33 72.40 -36.58
CA GLY B 2225 31.43 70.99 -36.20
C GLY B 2225 32.81 70.41 -36.40
N LYS B 2226 33.43 70.75 -37.53
CA LYS B 2226 34.69 70.16 -37.89
C LYS B 2226 35.80 70.57 -36.95
N HIS B 2227 35.76 71.83 -36.50
CA HIS B 2227 36.75 72.29 -35.56
C HIS B 2227 36.61 71.68 -34.18
N SER B 2228 35.37 71.56 -33.72
CA SER B 2228 35.11 71.01 -32.39
C SER B 2228 35.64 69.57 -32.18
N VAL B 2229 35.48 68.71 -33.18
CA VAL B 2229 36.02 67.34 -33.06
C VAL B 2229 37.54 67.34 -32.93
N LYS B 2230 38.20 68.13 -33.77
CA LYS B 2230 39.65 68.27 -33.74
C LYS B 2230 40.16 68.84 -32.41
N ILE B 2231 39.29 69.62 -31.75
CA ILE B 2231 39.59 70.17 -30.43
C ILE B 2231 39.45 69.06 -29.39
N PHE B 2232 38.34 68.32 -29.45
CA PHE B 2232 38.10 67.18 -28.55
C PHE B 2232 39.21 66.13 -28.68
N SER B 2233 39.63 65.89 -29.92
CA SER B 2233 40.66 64.91 -30.24
C SER B 2233 41.96 65.31 -29.56
N MET B 2234 42.27 66.62 -29.63
CA MET B 2234 43.43 67.19 -28.94
C MET B 2234 43.38 66.99 -27.41
N LEU B 2235 42.22 67.26 -26.82
CA LEU B 2235 42.01 67.11 -25.38
C LEU B 2235 41.99 65.66 -24.94
N GLU B 2236 41.45 64.81 -25.82
CA GLU B 2236 41.42 63.35 -25.64
C GLU B 2236 42.85 62.83 -25.55
N LYS B 2237 43.71 63.34 -26.44
CA LYS B 2237 45.09 62.89 -26.53
C LYS B 2237 45.97 63.24 -25.33
N PHE B 2238 45.57 64.22 -24.53
CA PHE B 2238 46.29 64.54 -23.28
C PHE B 2238 46.00 63.45 -22.24
N GLY B 2239 44.83 62.84 -22.32
CA GLY B 2239 44.41 61.79 -21.39
C GLY B 2239 45.13 60.50 -21.67
N GLN B 2240 45.58 60.37 -22.90
CA GLN B 2240 46.39 59.26 -23.31
C GLN B 2240 47.81 59.39 -22.80
N PHE B 2241 48.35 60.62 -22.81
CA PHE B 2241 49.68 60.93 -22.23
C PHE B 2241 49.63 60.81 -20.72
N HIS B 2242 48.64 61.44 -20.10
CA HIS B 2242 48.54 61.37 -18.64
C HIS B 2242 47.15 61.11 -18.10
N TRP B 2243 47.12 60.34 -17.01
CA TRP B 2243 45.89 59.78 -16.43
C TRP B 2243 44.95 60.85 -15.93
N PHE B 2244 45.54 61.83 -15.25
CA PHE B 2244 44.81 62.95 -14.66
C PHE B 2244 44.15 63.89 -15.69
N TYR B 2245 44.68 63.86 -16.92
CA TYR B 2245 44.15 64.67 -18.03
C TYR B 2245 43.04 63.96 -18.77
N GLY B 2246 41.95 63.71 -18.06
CA GLY B 2246 40.77 63.13 -18.65
C GLY B 2246 39.77 64.17 -19.12
N ILE B 2247 39.01 63.78 -20.14
CA ILE B 2247 37.88 64.56 -20.64
C ILE B 2247 36.77 63.70 -21.22
N SER B 2248 35.54 63.95 -20.80
CA SER B 2248 34.39 63.22 -21.33
C SER B 2248 33.78 64.00 -22.49
N ILE B 2249 32.91 63.37 -23.28
CA ILE B 2249 32.18 64.10 -24.34
C ILE B 2249 31.23 65.14 -23.73
N GLY B 2250 30.57 64.78 -22.63
CA GLY B 2250 29.68 65.68 -21.92
C GLY B 2250 30.37 66.90 -21.33
N GLN B 2251 31.64 66.77 -20.93
CA GLN B 2251 32.40 67.92 -20.45
C GLN B 2251 32.64 68.96 -21.52
N PHE B 2252 32.85 68.50 -22.74
CA PHE B 2252 32.96 69.35 -23.90
C PHE B 2252 31.61 69.98 -24.29
N LEU B 2253 30.52 69.23 -24.13
CA LEU B 2253 29.20 69.75 -24.45
C LEU B 2253 28.75 70.79 -23.45
N SER B 2254 28.90 70.49 -22.14
CA SER B 2254 28.63 71.46 -21.07
C SER B 2254 29.40 72.77 -21.24
N CYS B 2255 30.64 72.65 -21.71
CA CYS B 2255 31.46 73.82 -22.03
C CYS B 2255 30.92 74.56 -23.26
N PHE B 2256 30.48 73.82 -24.27
CA PHE B 2256 29.92 74.44 -25.46
C PHE B 2256 28.56 75.13 -25.23
N LYS B 2257 27.81 74.66 -24.23
CA LYS B 2257 26.53 75.27 -23.86
C LYS B 2257 26.76 76.68 -23.29
N ARG B 2258 27.84 76.82 -22.52
CA ARG B 2258 28.25 78.08 -21.91
C ARG B 2258 28.64 79.14 -22.95
N VAL B 2259 28.91 78.71 -24.17
CA VAL B 2259 29.36 79.61 -25.25
C VAL B 2259 28.24 80.57 -25.71
N PHE B 2260 26.98 80.16 -25.50
CA PHE B 2260 25.81 81.01 -25.78
C PHE B 2260 25.35 81.83 -24.57
N ILE B 2261 25.03 81.12 -23.49
CA ILE B 2261 24.44 81.68 -22.28
C ILE B 2261 25.55 82.22 -21.37
N THR B 2272 29.01 85.82 -40.45
CA THR B 2272 29.96 86.26 -39.42
C THR B 2272 29.52 85.86 -38.01
N ARG B 2273 28.22 85.57 -37.84
CA ARG B 2273 27.68 84.99 -36.59
C ARG B 2273 28.31 83.63 -36.31
N VAL B 2274 28.39 82.80 -37.34
CA VAL B 2274 29.01 81.49 -37.28
C VAL B 2274 30.50 81.64 -36.97
N ASP B 2275 31.11 82.68 -37.54
CA ASP B 2275 32.53 82.95 -37.41
C ASP B 2275 32.86 83.38 -36.00
N GLU B 2276 31.94 84.13 -35.38
CA GLU B 2276 32.18 84.65 -34.04
C GLU B 2276 31.90 83.59 -32.97
N ILE B 2277 30.88 82.77 -33.21
CA ILE B 2277 30.58 81.62 -32.36
C ILE B 2277 31.75 80.60 -32.33
N LEU B 2278 32.33 80.33 -33.50
CA LEU B 2278 33.54 79.50 -33.57
C LEU B 2278 34.66 80.06 -32.68
N TRP B 2279 34.91 81.37 -32.78
CA TRP B 2279 35.90 82.03 -31.94
C TRP B 2279 35.52 82.01 -30.46
N LEU B 2280 34.22 81.94 -30.19
CA LEU B 2280 33.70 81.84 -28.84
C LEU B 2280 33.98 80.48 -28.22
N LEU B 2281 33.95 79.46 -29.08
CA LEU B 2281 34.20 78.07 -28.70
C LEU B 2281 35.66 77.88 -28.27
N TYR B 2282 36.59 78.28 -29.16
CA TYR B 2282 38.03 78.12 -28.90
C TYR B 2282 38.45 78.78 -27.62
N GLN B 2283 37.76 79.88 -27.30
CA GLN B 2283 38.04 80.67 -26.11
C GLN B 2283 37.51 79.97 -24.88
N GLU B 2284 36.25 79.53 -24.94
CA GLU B 2284 35.64 78.80 -23.83
C GLU B 2284 36.30 77.44 -23.51
N VAL B 2285 36.78 76.75 -24.53
CA VAL B 2285 37.52 75.52 -24.33
C VAL B 2285 38.86 75.77 -23.64
N TYR B 2286 39.56 76.84 -24.05
CA TYR B 2286 40.83 77.21 -23.39
C TYR B 2286 40.61 77.71 -21.97
N CYS B 2287 39.44 78.30 -21.75
CA CYS B 2287 39.12 78.90 -20.49
C CYS B 2287 38.89 77.84 -19.41
N GLN B 2288 38.20 76.74 -19.78
CA GLN B 2288 37.78 75.71 -18.83
C GLN B 2288 38.77 74.56 -18.63
N PHE B 2289 39.41 74.16 -19.72
CA PHE B 2289 40.26 72.98 -19.68
C PHE B 2289 41.74 73.30 -19.49
N SER B 2290 42.08 74.60 -19.44
CA SER B 2290 43.43 75.05 -19.12
C SER B 2290 43.78 74.78 -17.66
N THR B 2291 42.75 74.84 -16.83
CA THR B 2291 42.83 74.73 -15.38
C THR B 2291 43.25 73.34 -14.89
N ALA B 2292 42.77 72.32 -15.59
CA ALA B 2292 42.98 70.91 -15.26
C ALA B 2292 44.29 70.30 -15.80
N LEU B 2293 45.11 71.13 -16.44
CA LEU B 2293 46.39 70.70 -17.03
C LEU B 2293 47.55 71.42 -16.37
N ASP B 2294 48.76 70.87 -16.47
CA ASP B 2294 49.96 71.58 -15.98
C ASP B 2294 50.51 72.63 -16.98
N LYS B 2295 51.36 73.53 -16.51
CA LYS B 2295 51.88 74.66 -17.32
C LYS B 2295 52.44 74.26 -18.69
N LYS B 2296 52.98 73.06 -18.79
CA LYS B 2296 53.54 72.56 -20.05
C LYS B 2296 52.41 72.28 -21.01
N PHE B 2297 51.39 71.58 -20.52
CA PHE B 2297 50.25 71.21 -21.34
C PHE B 2297 49.28 72.36 -21.58
N LYS B 2298 49.33 73.41 -20.73
CA LYS B 2298 48.64 74.67 -21.02
C LYS B 2298 49.20 75.27 -22.29
N MET B 2299 50.53 75.38 -22.34
CA MET B 2299 51.26 75.89 -23.50
C MET B 2299 51.17 75.05 -24.76
N ILE B 2300 51.14 73.72 -24.60
CA ILE B 2300 50.97 72.80 -25.73
C ILE B 2300 49.59 73.03 -26.32
N MET B 2301 48.58 73.10 -25.46
CA MET B 2301 47.21 73.30 -25.92
C MET B 2301 46.98 74.71 -26.48
N ALA B 2302 47.83 75.65 -26.06
CA ALA B 2302 47.78 77.02 -26.57
C ALA B 2302 48.24 77.07 -28.02
N MET B 2303 49.46 76.62 -28.26
CA MET B 2303 50.03 76.56 -29.59
C MET B 2303 49.19 75.73 -30.54
N THR B 2304 48.64 74.61 -30.03
CA THR B 2304 47.86 73.70 -30.86
C THR B 2304 46.56 74.32 -31.25
N MET B 2305 45.83 74.79 -30.25
CA MET B 2305 44.54 75.43 -30.47
C MET B 2305 44.63 76.68 -31.35
N PHE B 2306 45.77 77.38 -31.27
CA PHE B 2306 46.05 78.57 -32.07
C PHE B 2306 46.13 78.17 -33.54
N CYS B 2307 46.78 77.05 -33.80
CA CYS B 2307 46.96 76.57 -35.17
C CYS B 2307 45.70 75.91 -35.69
N LEU B 2308 44.93 75.32 -34.78
CA LEU B 2308 43.61 74.76 -35.10
C LEU B 2308 42.61 75.82 -35.63
N TYR B 2309 42.73 77.05 -35.12
CA TYR B 2309 41.89 78.18 -35.55
C TYR B 2309 42.47 78.89 -36.77
N LYS B 2310 43.69 79.43 -36.62
CA LYS B 2310 44.34 80.24 -37.66
C LYS B 2310 44.64 79.57 -39.01
N PHE B 2311 44.78 78.24 -39.04
CA PHE B 2311 45.04 77.58 -40.32
C PHE B 2311 43.81 77.53 -41.23
N ASP B 2312 42.62 77.53 -40.64
CA ASP B 2312 41.36 77.60 -41.39
C ASP B 2312 41.05 79.03 -41.80
N ILE B 2313 41.37 79.96 -40.90
CA ILE B 2313 41.02 81.37 -41.04
C ILE B 2313 42.01 82.17 -41.93
N GLU B 2314 43.32 82.12 -41.63
CA GLU B 2314 44.34 82.90 -42.36
C GLU B 2314 44.86 82.23 -43.65
N SER B 2315 45.82 82.88 -44.31
CA SER B 2315 46.39 82.46 -45.60
C SER B 2315 47.21 81.14 -45.57
N GLU B 2316 47.47 80.59 -46.76
CA GLU B 2316 48.30 79.40 -46.92
C GLU B 2316 49.77 79.77 -46.68
N GLN B 2317 50.10 81.03 -46.98
CA GLN B 2317 51.42 81.61 -46.78
C GLN B 2317 51.73 81.76 -45.31
N TYR B 2318 50.69 82.07 -44.53
CA TYR B 2318 50.72 82.19 -43.07
C TYR B 2318 51.08 80.85 -42.44
N LYS B 2319 50.42 79.79 -42.94
CA LYS B 2319 50.50 78.43 -42.39
C LYS B 2319 51.92 77.90 -42.33
N GLU B 2320 52.63 77.98 -43.45
CA GLU B 2320 54.00 77.45 -43.54
C GLU B 2320 54.99 78.33 -42.76
N ALA B 2321 54.70 79.63 -42.69
CA ALA B 2321 55.55 80.59 -41.99
C ALA B 2321 55.58 80.37 -40.47
N VAL B 2322 54.39 80.26 -39.86
CA VAL B 2322 54.27 79.95 -38.41
C VAL B 2322 54.79 78.54 -38.10
N LEU B 2323 54.50 77.59 -39.00
CA LEU B 2323 54.96 76.22 -38.83
C LEU B 2323 56.46 76.06 -39.04
N THR B 2324 57.05 76.92 -39.87
CA THR B 2324 58.49 76.88 -40.00
C THR B 2324 59.16 77.57 -38.81
N MET B 2325 58.39 78.38 -38.08
CA MET B 2325 58.88 78.94 -36.81
C MET B 2325 58.78 77.94 -35.64
N ILE B 2326 57.64 77.25 -35.53
CA ILE B 2326 57.43 76.18 -34.56
C ILE B 2326 58.45 75.07 -34.79
N GLY B 2327 58.92 74.95 -36.03
CA GLY B 2327 59.98 74.00 -36.39
C GLY B 2327 61.34 74.39 -35.88
N VAL B 2328 61.58 75.71 -35.76
CA VAL B 2328 62.82 76.23 -35.21
C VAL B 2328 62.85 76.03 -33.69
N LEU B 2329 61.71 76.22 -33.04
CA LEU B 2329 61.59 76.04 -31.60
C LEU B 2329 61.78 74.58 -31.23
N SER B 2330 61.30 73.71 -32.12
CA SER B 2330 61.57 72.26 -32.06
C SER B 2330 62.90 71.95 -32.79
N GLU B 2331 63.33 70.70 -32.79
CA GLU B 2331 64.54 70.32 -33.52
C GLU B 2331 64.23 69.75 -34.91
N SER B 2332 63.04 70.04 -35.42
CA SER B 2332 62.61 69.52 -36.70
C SER B 2332 63.36 70.18 -37.84
N SER B 2333 63.49 71.51 -37.75
CA SER B 2333 64.12 72.31 -38.82
C SER B 2333 64.50 73.71 -38.37
N ASP B 2334 65.45 74.34 -39.05
CA ASP B 2334 65.67 75.78 -38.88
C ASP B 2334 65.59 76.45 -40.24
N GLY B 2335 64.72 77.45 -40.33
CA GLY B 2335 64.65 78.29 -41.51
C GLY B 2335 64.27 79.71 -41.14
N VAL B 2336 64.34 80.60 -42.11
CA VAL B 2336 63.72 81.91 -41.97
C VAL B 2336 62.40 81.85 -42.73
N PRO B 2337 61.28 82.18 -42.06
CA PRO B 2337 59.95 82.11 -42.67
C PRO B 2337 59.75 83.13 -43.79
N LYS B 2338 58.64 82.98 -44.52
CA LYS B 2338 58.22 83.96 -45.54
C LYS B 2338 57.82 85.28 -44.83
N LEU B 2339 58.58 86.35 -45.05
CA LEU B 2339 58.35 87.60 -44.34
C LEU B 2339 58.04 88.69 -45.34
N THR B 2340 56.92 89.35 -45.12
CA THR B 2340 56.42 90.37 -46.03
C THR B 2340 56.15 91.59 -45.19
N VAL B 2341 56.68 92.73 -45.64
CA VAL B 2341 56.56 93.97 -44.89
C VAL B 2341 55.07 94.26 -44.71
N ASP B 2342 54.65 94.33 -43.46
CA ASP B 2342 53.29 94.72 -43.11
C ASP B 2342 52.27 93.68 -43.58
N THR B 2343 52.74 92.66 -44.29
CA THR B 2343 51.86 91.59 -44.77
C THR B 2343 51.27 90.85 -43.58
N ASN B 2344 52.17 90.51 -42.64
CA ASN B 2344 51.80 89.97 -41.33
C ASN B 2344 52.62 90.71 -40.29
N ASN B 2345 51.98 91.13 -39.20
CA ASN B 2345 52.67 91.87 -38.15
C ASN B 2345 52.80 91.15 -36.83
N ASP B 2346 51.74 90.41 -36.48
CA ASP B 2346 51.75 89.56 -35.30
C ASP B 2346 52.78 88.43 -35.46
N LEU B 2347 52.83 87.86 -36.67
CA LEU B 2347 53.75 86.80 -37.06
C LEU B 2347 55.19 87.29 -37.12
N ARG B 2348 55.34 88.56 -37.49
CA ARG B 2348 56.63 89.23 -37.59
C ARG B 2348 57.21 89.50 -36.22
N TYR B 2349 56.32 89.70 -35.26
CA TYR B 2349 56.64 90.00 -33.85
C TYR B 2349 57.05 88.74 -33.13
N LEU B 2350 56.43 87.61 -33.50
CA LEU B 2350 56.70 86.28 -32.96
C LEU B 2350 58.10 85.84 -33.31
N TRP B 2351 58.48 85.86 -34.59
CA TRP B 2351 59.82 85.38 -35.05
C TRP B 2351 60.92 86.18 -34.40
N ASP B 2352 60.60 87.43 -34.07
CA ASP B 2352 61.53 88.28 -33.39
C ASP B 2352 61.87 87.78 -31.98
N TYR B 2353 60.85 87.22 -31.29
CA TYR B 2353 61.00 86.56 -30.00
C TYR B 2353 61.87 85.27 -30.13
N VAL B 2354 61.61 84.47 -31.17
CA VAL B 2354 62.31 83.21 -31.45
C VAL B 2354 63.77 83.46 -31.82
N THR B 2355 63.99 84.49 -32.62
CA THR B 2355 65.33 84.78 -33.11
C THR B 2355 66.22 85.41 -32.04
N THR B 2356 65.60 86.13 -31.09
CA THR B 2356 66.31 86.78 -29.98
C THR B 2356 66.71 85.79 -28.87
N LYS B 2357 66.59 84.49 -29.16
CA LYS B 2357 66.92 83.38 -28.24
C LYS B 2357 66.07 83.44 -26.96
N SER B 2358 64.99 84.21 -26.96
CA SER B 2358 64.10 84.32 -25.80
C SER B 2358 62.93 83.33 -25.93
N TYR B 2359 62.97 82.23 -25.18
CA TYR B 2359 62.07 81.07 -25.45
C TYR B 2359 60.71 81.14 -24.77
N ILE B 2360 60.72 81.45 -23.47
CA ILE B 2360 59.50 81.49 -22.67
C ILE B 2360 58.53 82.54 -23.24
N SER B 2361 59.06 83.68 -23.67
CA SER B 2361 58.27 84.74 -24.33
C SER B 2361 57.54 84.29 -25.63
N ALA B 2362 58.22 83.53 -26.48
CA ALA B 2362 57.65 82.99 -27.73
C ALA B 2362 56.53 81.97 -27.47
N LEU B 2363 56.63 81.27 -26.35
CA LEU B 2363 55.66 80.24 -25.96
C LEU B 2363 54.37 80.84 -25.42
N ASN B 2364 54.51 81.96 -24.71
CA ASN B 2364 53.39 82.67 -24.11
C ASN B 2364 52.62 83.47 -25.12
N TRP B 2365 53.26 83.73 -26.24
CA TRP B 2365 52.69 84.46 -27.35
C TRP B 2365 51.36 83.86 -27.80
N PHE B 2366 51.33 82.52 -27.88
CA PHE B 2366 50.16 81.79 -28.33
C PHE B 2366 49.02 81.83 -27.29
N LYS B 2367 49.38 82.03 -26.00
CA LYS B 2367 48.37 82.11 -24.91
C LYS B 2367 47.65 83.43 -24.98
N ASN B 2368 48.42 84.50 -25.18
CA ASN B 2368 47.89 85.85 -25.20
C ASN B 2368 47.10 86.16 -26.47
N GLU B 2369 47.42 85.43 -27.53
CA GLU B 2369 46.70 85.50 -28.79
C GLU B 2369 45.26 84.93 -28.72
N PHE B 2370 44.94 84.20 -27.65
CA PHE B 2370 43.58 83.68 -27.41
C PHE B 2370 42.63 84.70 -26.85
N PHE B 2371 43.24 85.70 -26.20
CA PHE B 2371 42.55 86.82 -25.56
C PHE B 2371 41.52 86.36 -24.50
N VAL B 2372 41.86 85.33 -23.73
CA VAL B 2372 40.93 84.70 -22.78
C VAL B 2372 41.28 85.09 -21.36
N ASP B 2373 40.30 85.11 -20.48
CA ASP B 2373 40.61 85.21 -19.04
C ASP B 2373 41.18 83.87 -18.48
N GLU B 2374 42.47 83.82 -18.18
CA GLU B 2374 43.05 82.62 -17.56
C GLU B 2374 42.50 82.45 -16.14
N TRP B 2375 41.64 81.46 -15.96
CA TRP B 2375 40.97 81.24 -14.66
C TRP B 2375 41.88 80.69 -13.58
N ASN B 2376 41.98 81.42 -12.46
CA ASN B 2376 42.76 81.05 -11.26
C ASN B 2376 41.94 80.06 -10.51
N ILE B 2377 42.54 79.10 -9.79
CA ILE B 2377 41.73 78.07 -9.13
C ILE B 2377 40.51 78.68 -8.42
N ALA B 2378 40.70 79.84 -7.82
CA ALA B 2378 39.63 80.59 -7.17
C ALA B 2378 38.42 80.83 -8.10
N ASP B 2379 38.70 81.38 -9.28
CA ASP B 2379 37.65 81.71 -10.27
C ASP B 2379 36.95 80.41 -10.66
N VAL B 2380 37.75 79.39 -10.92
CA VAL B 2380 37.22 78.11 -11.31
C VAL B 2380 36.33 77.58 -10.22
N VAL B 2381 36.80 77.63 -8.98
CA VAL B 2381 36.01 77.10 -7.87
C VAL B 2381 34.70 77.85 -7.71
N ALA B 2382 34.77 79.17 -7.83
CA ALA B 2382 33.57 80.00 -7.76
C ALA B 2382 32.53 79.64 -8.86
N ASN B 2383 32.98 79.51 -10.11
CA ASN B 2383 32.12 79.11 -11.23
C ASN B 2383 31.56 77.74 -10.95
N SER B 2384 32.43 76.84 -10.49
CA SER B 2384 32.12 75.43 -10.35
C SER B 2384 30.93 75.24 -9.47
N ASP B 2385 30.05 74.38 -9.94
CA ASP B 2385 28.86 74.02 -9.23
C ASP B 2385 28.82 72.51 -9.05
N ASN B 2386 29.86 72.02 -8.39
CA ASN B 2386 29.93 70.66 -7.91
C ASN B 2386 30.64 70.69 -6.56
N ASN B 2387 30.37 69.69 -5.73
CA ASN B 2387 30.90 69.67 -4.38
C ASN B 2387 32.21 68.91 -4.26
N TYR B 2388 32.75 68.46 -5.39
CA TYR B 2388 33.97 67.66 -5.36
C TYR B 2388 35.05 68.23 -6.25
N PHE B 2389 36.30 68.05 -5.82
CA PHE B 2389 37.47 68.50 -6.57
C PHE B 2389 38.68 67.66 -6.23
N THR B 2390 39.47 67.37 -7.24
CA THR B 2390 40.76 66.71 -7.03
C THR B 2390 41.84 67.59 -7.62
N MET B 2391 42.69 68.17 -6.77
CA MET B 2391 43.83 68.89 -7.31
C MET B 2391 45.20 68.19 -7.14
N ALA B 2392 45.71 67.68 -8.26
CA ALA B 2392 47.04 67.09 -8.31
C ALA B 2392 48.10 68.18 -8.44
N SER B 2393 49.31 67.84 -8.00
CA SER B 2393 50.46 68.71 -8.03
C SER B 2393 51.75 67.88 -7.97
N GLU B 2394 52.87 68.48 -8.39
CA GLU B 2394 54.18 67.79 -8.31
C GLU B 2394 54.61 67.71 -6.83
N ARG B 2395 55.48 66.76 -6.48
CA ARG B 2395 55.94 66.62 -5.08
C ARG B 2395 56.69 67.83 -4.49
N ASP B 2396 57.16 68.75 -5.34
CA ASP B 2396 57.83 70.01 -4.94
C ASP B 2396 56.97 70.83 -3.99
N VAL B 2397 55.67 70.90 -4.31
CA VAL B 2397 54.71 71.72 -3.61
C VAL B 2397 53.41 70.98 -3.28
N ASP B 2398 52.51 71.65 -2.57
CA ASP B 2398 51.21 71.10 -2.19
C ASP B 2398 50.21 72.23 -2.04
N GLY B 2399 49.05 72.08 -2.65
CA GLY B 2399 48.07 73.17 -2.68
C GLY B 2399 47.31 73.37 -1.39
N THR B 2400 47.68 72.58 -0.38
CA THR B 2400 47.06 72.59 0.97
C THR B 2400 46.99 73.99 1.57
N PHE B 2401 48.08 74.74 1.46
CA PHE B 2401 48.18 76.07 2.06
C PHE B 2401 47.54 77.15 1.20
N LYS B 2402 47.42 76.89 -0.10
CA LYS B 2402 46.68 77.76 -1.02
C LYS B 2402 45.19 77.67 -0.76
N LEU B 2403 44.74 76.48 -0.37
CA LEU B 2403 43.34 76.21 -0.06
C LEU B 2403 42.91 76.92 1.23
N ILE B 2404 43.85 77.10 2.15
CA ILE B 2404 43.63 77.84 3.39
C ILE B 2404 43.30 79.30 3.10
N GLU B 2405 44.09 79.95 2.27
CA GLU B 2405 43.85 81.35 1.88
C GLU B 2405 42.70 81.52 0.86
N LEU B 2406 42.40 80.44 0.14
CA LEU B 2406 41.26 80.38 -0.78
C LEU B 2406 39.95 80.33 -0.05
N ALA B 2407 39.93 79.59 1.07
CA ALA B 2407 38.79 79.48 1.94
C ALA B 2407 38.61 80.74 2.81
N LYS B 2408 39.72 81.26 3.34
CA LYS B 2408 39.73 82.44 4.21
C LYS B 2408 39.17 83.68 3.52
N ALA B 2409 39.59 83.95 2.28
CA ALA B 2409 39.21 85.18 1.58
C ALA B 2409 37.75 85.16 1.08
N SER B 2410 37.17 83.95 0.96
CA SER B 2410 35.75 83.79 0.61
C SER B 2410 35.12 82.48 1.12
N LYS B 2411 34.08 82.59 1.95
CA LYS B 2411 33.25 81.42 2.36
C LYS B 2411 33.82 80.54 3.48
N GLU B 2412 35.01 80.90 3.96
CA GLU B 2412 35.62 80.27 5.14
C GLU B 2412 35.50 78.74 5.21
N SER B 2413 35.10 78.21 6.36
CA SER B 2413 34.79 76.76 6.55
C SER B 2413 35.91 75.75 6.25
N LEU B 2414 37.13 75.97 6.73
CA LEU B 2414 38.30 75.16 6.29
C LEU B 2414 38.66 73.98 7.20
N LYS B 2415 38.70 72.76 6.65
CA LYS B 2415 38.94 71.53 7.45
C LYS B 2415 39.93 70.56 6.80
N ILE B 2416 41.15 70.55 7.32
CA ILE B 2416 42.23 69.66 6.82
C ILE B 2416 42.21 68.27 7.48
N ILE B 2417 42.19 67.21 6.66
CA ILE B 2417 42.14 65.82 7.16
C ILE B 2417 43.24 64.96 6.51
N PRO B 2418 44.31 64.63 7.27
CA PRO B 2418 45.33 63.73 6.75
C PRO B 2418 44.82 62.30 6.75
N LEU B 2419 45.15 61.56 5.70
CA LEU B 2419 44.94 60.12 5.70
C LEU B 2419 46.25 59.43 6.06
N GLY B 2420 46.40 59.05 7.33
CA GLY B 2420 47.65 58.44 7.80
C GLY B 2420 47.52 56.96 8.16
N SER B 2421 47.13 56.70 9.41
CA SER B 2421 46.90 55.36 9.96
C SER B 2421 45.42 55.17 10.35
N ILE B 2422 44.98 53.93 10.42
CA ILE B 2422 43.54 53.60 10.41
C ILE B 2422 42.66 54.61 11.17
N GLU B 2423 43.19 55.18 12.24
CA GLU B 2423 42.54 56.29 12.96
C GLU B 2423 42.19 57.48 12.05
N ASN B 2424 43.13 57.87 11.21
CA ASN B 2424 42.93 59.03 10.34
C ASN B 2424 41.81 58.76 9.32
N LEU B 2425 41.91 57.62 8.64
CA LEU B 2425 40.87 57.16 7.71
C LEU B 2425 39.52 56.95 8.42
N ASN B 2426 39.59 56.38 9.60
CA ASN B 2426 38.41 56.07 10.41
C ASN B 2426 37.71 57.32 10.93
N TYR B 2427 38.51 58.25 11.46
CA TYR B 2427 38.01 59.57 11.86
C TYR B 2427 37.49 60.31 10.63
N ALA B 2428 38.22 60.12 9.52
CA ALA B 2428 37.95 60.79 8.26
C ALA B 2428 36.53 60.54 7.76
N GLN B 2429 36.15 59.27 7.63
CA GLN B 2429 34.81 58.88 7.15
C GLN B 2429 33.66 59.40 8.03
N GLU B 2430 33.96 59.60 9.31
CA GLU B 2430 33.03 60.23 10.25
C GLU B 2430 32.84 61.74 10.00
N GLU B 2431 33.96 62.45 9.80
CA GLU B 2431 33.98 63.89 9.52
C GLU B 2431 33.42 64.26 8.14
N ILE B 2432 33.41 63.29 7.22
CA ILE B 2432 32.90 63.48 5.84
C ILE B 2432 31.37 63.64 5.82
N SER B 2433 30.69 62.65 6.41
CA SER B 2433 29.24 62.58 6.45
C SER B 2433 28.59 63.74 7.21
N LYS B 2434 29.32 64.30 8.17
CA LYS B 2434 28.87 65.40 9.02
C LYS B 2434 29.01 66.78 8.39
N SER B 2435 30.09 66.95 7.62
CA SER B 2435 30.43 68.23 6.99
C SER B 2435 29.46 68.63 5.88
N LYS B 2436 28.93 67.64 5.16
CA LYS B 2436 27.99 67.91 4.04
C LYS B 2436 26.63 68.47 4.51
N ILE B 2437 26.20 68.01 5.68
CA ILE B 2437 25.01 68.50 6.37
C ILE B 2437 25.26 69.90 6.91
N GLU B 2438 26.44 70.07 7.50
CA GLU B 2438 26.93 71.35 8.04
C GLU B 2438 27.25 72.36 6.94
N GLY B 2439 27.81 71.86 5.84
CA GLY B 2439 28.20 72.72 4.74
C GLY B 2439 29.63 73.27 4.77
N GLY B 2440 30.44 72.79 5.71
CA GLY B 2440 31.85 73.18 5.78
C GLY B 2440 32.70 72.60 4.65
N TRP B 2441 33.75 73.30 4.25
CA TRP B 2441 34.73 72.78 3.28
C TRP B 2441 35.56 71.70 3.92
N ILE B 2442 35.93 70.68 3.16
CA ILE B 2442 36.73 69.56 3.69
C ILE B 2442 37.87 69.17 2.73
N LEU B 2443 39.00 68.72 3.27
CA LEU B 2443 40.17 68.36 2.46
C LEU B 2443 40.71 66.99 2.83
N LEU B 2444 41.05 66.18 1.83
CA LEU B 2444 41.65 64.86 2.05
C LEU B 2444 43.09 64.80 1.56
N GLN B 2445 44.01 65.07 2.48
CA GLN B 2445 45.43 65.20 2.19
C GLN B 2445 46.10 63.90 1.74
N ASN B 2446 46.78 63.99 0.58
CA ASN B 2446 47.64 62.93 0.03
C ASN B 2446 47.01 61.53 -0.07
N ILE B 2447 45.87 61.47 -0.74
CA ILE B 2447 45.07 60.27 -0.80
C ILE B 2447 45.85 59.09 -1.39
N GLN B 2448 46.72 59.38 -2.35
CA GLN B 2448 47.32 58.33 -3.16
C GLN B 2448 47.81 57.12 -2.34
N MET B 2449 48.46 57.41 -1.21
CA MET B 2449 49.02 56.41 -0.26
C MET B 2449 47.96 55.52 0.41
N SER B 2450 46.83 56.12 0.75
CA SER B 2450 45.74 55.44 1.43
C SER B 2450 44.69 54.92 0.43
N LEU B 2451 45.08 54.83 -0.84
CA LEU B 2451 44.12 54.58 -1.94
C LEU B 2451 43.27 53.30 -1.81
N SER B 2452 43.86 52.23 -1.30
CA SER B 2452 43.12 50.97 -1.22
C SER B 2452 41.72 51.24 -0.66
N TRP B 2453 41.65 52.16 0.30
CA TRP B 2453 40.39 52.59 0.92
C TRP B 2453 39.46 53.28 -0.07
N VAL B 2454 40.05 54.13 -0.91
CA VAL B 2454 39.30 54.92 -1.87
C VAL B 2454 38.32 54.07 -2.68
N LYS B 2455 38.83 53.04 -3.33
CA LYS B 2455 38.04 52.14 -4.16
C LYS B 2455 36.88 51.44 -3.42
N THR B 2456 37.02 51.24 -2.11
CA THR B 2456 35.95 50.65 -1.31
C THR B 2456 34.96 51.69 -0.77
N TYR B 2457 35.46 52.72 -0.07
CA TYR B 2457 34.57 53.69 0.61
C TYR B 2457 34.23 54.98 -0.19
N LEU B 2458 35.26 55.63 -0.69
CA LEU B 2458 35.14 56.90 -1.42
C LEU B 2458 34.53 56.75 -2.81
N HIS B 2459 34.97 55.71 -3.54
CA HIS B 2459 34.46 55.37 -4.88
C HIS B 2459 32.94 55.18 -4.86
N LYS B 2460 32.44 54.49 -3.83
CA LYS B 2460 31.01 54.25 -3.65
C LYS B 2460 30.33 55.50 -3.08
N HIS B 2461 30.94 56.06 -2.03
CA HIS B 2461 30.40 57.20 -1.25
C HIS B 2461 30.10 58.44 -2.10
N VAL B 2462 31.09 58.84 -2.92
CA VAL B 2462 30.99 60.02 -3.78
C VAL B 2462 30.02 59.77 -4.94
N GLU B 2463 30.00 58.53 -5.44
CA GLU B 2463 29.07 58.18 -6.51
C GLU B 2463 27.62 58.13 -6.04
N GLU B 2464 27.42 57.61 -4.83
CA GLU B 2464 26.09 57.59 -4.22
C GLU B 2464 25.54 58.98 -3.89
N THR B 2465 26.43 59.88 -3.47
CA THR B 2465 26.05 61.22 -3.02
C THR B 2465 25.66 62.19 -4.15
N LYS B 2466 24.51 61.94 -4.79
CA LYS B 2466 23.94 62.89 -5.77
C LYS B 2466 22.99 63.85 -5.05
N ALA B 2467 22.76 63.50 -3.77
CA ALA B 2467 22.11 64.37 -2.81
C ALA B 2467 23.09 65.43 -2.24
N ALA B 2468 24.37 65.31 -2.59
CA ALA B 2468 25.39 66.31 -2.23
C ALA B 2468 25.13 67.63 -2.95
N GLU B 2469 24.53 67.54 -4.15
CA GLU B 2469 23.98 68.69 -4.90
C GLU B 2469 22.86 69.35 -4.08
N GLU B 2470 22.01 68.49 -3.55
CA GLU B 2470 20.88 68.87 -2.72
C GLU B 2470 21.35 69.44 -1.36
N HIS B 2471 22.44 68.90 -0.79
CA HIS B 2471 23.02 69.34 0.51
C HIS B 2471 23.53 70.78 0.51
N GLU B 2472 23.75 71.31 1.72
CA GLU B 2472 24.21 72.68 1.96
C GLU B 2472 25.46 72.97 1.17
N LYS B 2473 25.65 74.24 0.81
CA LYS B 2473 26.88 74.65 0.19
C LYS B 2473 27.95 73.95 1.00
N PHE B 2474 28.64 73.02 0.35
CA PHE B 2474 29.82 72.33 0.90
C PHE B 2474 30.68 71.96 -0.28
N LYS B 2475 32.00 71.96 -0.07
CA LYS B 2475 32.93 71.53 -1.11
C LYS B 2475 34.03 70.61 -0.56
N MET B 2476 34.16 69.42 -1.16
CA MET B 2476 35.19 68.43 -0.79
C MET B 2476 36.37 68.48 -1.76
N PHE B 2477 37.58 68.52 -1.20
CA PHE B 2477 38.81 68.60 -1.98
C PHE B 2477 39.71 67.39 -1.70
N MET B 2478 40.41 66.91 -2.72
CA MET B 2478 41.42 65.85 -2.60
C MET B 2478 42.74 66.24 -3.25
N THR B 2479 43.84 66.03 -2.53
CA THR B 2479 45.15 66.32 -3.08
C THR B 2479 45.78 65.05 -3.63
N CYS B 2480 46.20 65.14 -4.89
CA CYS B 2480 46.93 64.07 -5.56
C CYS B 2480 48.37 64.47 -5.81
N HIS B 2481 49.11 63.52 -6.36
CA HIS B 2481 50.40 63.76 -6.94
C HIS B 2481 50.40 63.17 -8.36
N LEU B 2482 50.75 64.01 -9.33
CA LEU B 2482 50.83 63.60 -10.74
C LEU B 2482 51.79 62.45 -10.94
N THR B 2483 52.98 62.59 -10.35
CA THR B 2483 53.96 61.52 -10.38
C THR B 2483 53.67 60.59 -9.22
N GLY B 2484 53.20 59.40 -9.54
CA GLY B 2484 52.79 58.47 -8.51
C GLY B 2484 51.53 57.73 -8.89
N ASP B 2485 50.92 57.09 -7.89
CA ASP B 2485 49.84 56.16 -8.10
C ASP B 2485 48.61 56.76 -8.78
N LYS B 2486 48.05 55.99 -9.70
CA LYS B 2486 46.97 56.46 -10.55
C LYS B 2486 45.63 56.33 -9.82
N LEU B 2487 44.86 57.40 -9.79
CA LEU B 2487 43.51 57.32 -9.23
C LEU B 2487 42.55 56.54 -10.14
N PRO B 2488 41.55 55.86 -9.54
CA PRO B 2488 40.46 55.28 -10.34
C PRO B 2488 39.86 56.31 -11.31
N ALA B 2489 39.75 55.92 -12.58
CA ALA B 2489 39.29 56.82 -13.65
C ALA B 2489 37.83 57.28 -13.48
N PRO B 2490 36.93 56.34 -13.11
CA PRO B 2490 35.52 56.70 -12.90
C PRO B 2490 35.34 57.80 -11.86
N LEU B 2491 36.05 57.70 -10.73
CA LEU B 2491 36.01 58.70 -9.67
C LEU B 2491 36.56 60.03 -10.19
N LEU B 2492 37.65 59.91 -10.93
CA LEU B 2492 38.33 61.09 -11.45
C LEU B 2492 37.44 61.88 -12.41
N GLN B 2493 36.74 61.16 -13.29
CA GLN B 2493 35.93 61.80 -14.32
C GLN B 2493 34.76 62.58 -13.70
N ARG B 2494 34.18 62.01 -12.65
CA ARG B 2494 33.05 62.61 -11.92
C ARG B 2494 33.43 63.92 -11.22
N THR B 2495 34.65 63.97 -10.69
CA THR B 2495 35.12 65.13 -9.93
C THR B 2495 35.90 66.15 -10.79
N ASP B 2496 35.71 67.45 -10.49
CA ASP B 2496 36.45 68.53 -11.16
C ASP B 2496 37.95 68.43 -10.91
N ARG B 2497 38.75 68.93 -11.84
CA ARG B 2497 40.20 68.79 -11.72
C ARG B 2497 41.01 70.09 -11.88
N PHE B 2498 42.05 70.22 -11.05
CA PHE B 2498 42.98 71.32 -11.10
C PHE B 2498 44.43 70.87 -10.90
N VAL B 2499 45.36 71.59 -11.50
CA VAL B 2499 46.76 71.36 -11.24
C VAL B 2499 47.34 72.58 -10.51
N TYR B 2500 47.77 72.40 -9.27
CA TYR B 2500 48.46 73.47 -8.55
C TYR B 2500 49.87 73.65 -9.10
N GLU B 2501 50.02 74.66 -9.97
CA GLU B 2501 51.29 74.92 -10.67
C GLU B 2501 52.08 76.08 -10.06
N ASP B 2502 51.85 76.33 -8.79
CA ASP B 2502 52.31 77.56 -8.17
C ASP B 2502 53.60 77.32 -7.38
N ILE B 2503 54.71 77.74 -7.99
CA ILE B 2503 56.06 77.53 -7.46
C ILE B 2503 56.62 78.84 -6.89
N PRO B 2504 57.05 78.85 -5.61
CA PRO B 2504 57.59 80.09 -5.02
C PRO B 2504 59.04 80.36 -5.39
N GLY B 2505 59.42 81.64 -5.39
CA GLY B 2505 60.78 82.11 -5.71
C GLY B 2505 61.74 81.70 -4.64
N ILE B 2506 63.04 81.85 -4.89
CA ILE B 2506 64.07 81.45 -3.92
C ILE B 2506 63.85 82.21 -2.59
N LEU B 2507 63.83 83.55 -2.67
CA LEU B 2507 63.64 84.41 -1.51
C LEU B 2507 62.33 84.13 -0.75
N ASP B 2508 61.24 83.95 -1.49
CA ASP B 2508 59.95 83.59 -0.86
C ASP B 2508 60.04 82.32 -0.09
N THR B 2509 60.71 81.29 -0.64
CA THR B 2509 60.87 80.00 0.05
C THR B 2509 61.75 80.14 1.28
N VAL B 2510 62.80 80.96 1.19
CA VAL B 2510 63.68 81.16 2.35
C VAL B 2510 62.88 81.84 3.45
N LYS B 2511 62.14 82.89 3.08
CA LYS B 2511 61.28 83.62 4.01
C LYS B 2511 60.20 82.74 4.62
N ASP B 2512 59.72 81.76 3.86
CA ASP B 2512 58.67 80.84 4.31
C ASP B 2512 59.23 79.67 5.14
N LEU B 2513 60.48 79.29 4.89
CA LEU B 2513 61.17 78.31 5.73
C LEU B 2513 61.51 78.89 7.08
N TRP B 2514 62.10 80.08 7.08
CA TRP B 2514 62.47 80.80 8.29
C TRP B 2514 61.28 81.25 9.11
N GLY B 2515 60.18 81.55 8.41
CA GLY B 2515 58.93 82.02 9.03
C GLY B 2515 58.34 81.16 10.12
N SER B 2516 58.21 79.86 9.84
CA SER B 2516 57.69 78.90 10.79
C SER B 2516 58.63 78.72 11.98
N GLN B 2517 59.93 78.68 11.69
CA GLN B 2517 60.99 78.38 12.67
C GLN B 2517 60.85 79.00 14.06
N PHE B 2518 60.16 80.14 14.17
CA PHE B 2518 59.90 80.75 15.48
C PHE B 2518 58.79 80.03 16.29
N PHE B 2519 57.93 79.27 15.60
CA PHE B 2519 56.89 78.41 16.19
C PHE B 2519 57.45 77.25 17.03
N THR B 2520 58.65 76.79 16.67
CA THR B 2520 59.27 75.62 17.31
C THR B 2520 59.80 75.94 18.70
N GLY B 2521 60.16 77.21 18.91
CA GLY B 2521 60.69 77.69 20.19
C GLY B 2521 62.19 77.64 20.28
N LYS B 2522 62.67 77.32 21.48
CA LYS B 2522 64.10 77.26 21.77
C LYS B 2522 64.44 76.04 22.63
N ILE B 2523 65.42 75.27 22.18
CA ILE B 2523 66.06 74.20 22.97
C ILE B 2523 67.57 74.48 22.98
N SER B 2524 67.97 75.31 22.02
CA SER B 2524 69.37 75.58 21.64
C SER B 2524 69.84 77.00 22.01
N GLY B 2525 71.13 77.27 21.82
CA GLY B 2525 71.68 78.62 22.03
C GLY B 2525 71.40 79.60 20.92
N VAL B 2526 71.75 80.87 21.12
CA VAL B 2526 71.54 81.91 20.09
C VAL B 2526 72.28 81.56 18.80
N TRP B 2527 73.46 80.96 18.96
CA TRP B 2527 74.33 80.65 17.84
C TRP B 2527 73.66 79.72 16.81
N SER B 2528 72.94 78.73 17.31
CA SER B 2528 72.28 77.77 16.45
C SER B 2528 71.28 78.41 15.51
N VAL B 2529 70.48 79.36 16.02
CA VAL B 2529 69.52 80.07 15.14
C VAL B 2529 70.19 80.62 13.86
N TYR B 2530 71.49 80.89 13.94
CA TYR B 2530 72.29 81.27 12.78
C TYR B 2530 72.46 80.11 11.78
N CYS B 2531 72.73 78.92 12.32
CA CYS B 2531 72.84 77.71 11.52
C CYS B 2531 71.49 77.22 11.00
N THR B 2532 70.42 77.46 11.76
CA THR B 2532 69.05 77.20 11.30
C THR B 2532 68.70 78.14 10.13
N PHE B 2533 69.19 79.37 10.21
CA PHE B 2533 69.03 80.36 9.14
C PHE B 2533 69.83 79.94 7.91
N LEU B 2534 71.04 79.45 8.16
CA LEU B 2534 71.89 78.91 7.10
C LEU B 2534 71.20 77.80 6.34
N LEU B 2535 70.59 76.88 7.10
CA LEU B 2535 69.88 75.74 6.56
C LEU B 2535 68.65 76.20 5.75
N SER B 2536 67.96 77.22 6.24
CA SER B 2536 66.80 77.78 5.52
C SER B 2536 67.20 78.25 4.14
N TRP B 2537 68.34 78.94 4.05
CA TRP B 2537 68.88 79.35 2.75
C TRP B 2537 69.27 78.13 1.92
N PHE B 2538 70.02 77.22 2.56
CA PHE B 2538 70.51 75.99 1.93
C PHE B 2538 69.39 75.20 1.30
N HIS B 2539 68.37 74.88 2.11
CA HIS B 2539 67.24 74.07 1.66
C HIS B 2539 66.53 74.72 0.49
N ALA B 2540 66.30 76.02 0.58
CA ALA B 2540 65.69 76.78 -0.51
C ALA B 2540 66.55 76.87 -1.76
N LEU B 2541 67.85 76.57 -1.62
CA LEU B 2541 68.75 76.60 -2.77
C LEU B 2541 68.81 75.28 -3.52
N ILE B 2542 68.86 74.15 -2.83
CA ILE B 2542 68.78 72.83 -3.50
C ILE B 2542 67.40 72.56 -4.10
N THR B 2543 66.36 73.05 -3.45
CA THR B 2543 65.00 72.87 -3.94
C THR B 2543 64.83 73.67 -5.24
N ALA B 2544 65.42 74.86 -5.25
CA ALA B 2544 65.44 75.69 -6.45
C ALA B 2544 66.18 75.01 -7.60
N ARG B 2545 67.19 74.23 -7.25
CA ARG B 2545 68.00 73.50 -8.24
C ARG B 2545 67.28 72.26 -8.76
N THR B 2546 66.45 71.68 -7.88
CA THR B 2546 65.68 70.46 -8.12
C THR B 2546 64.92 70.47 -9.45
N ARG B 2547 64.25 71.60 -9.71
CA ARG B 2547 63.43 71.77 -10.91
C ARG B 2547 64.27 71.82 -12.18
N LEU B 2548 65.36 72.55 -12.11
CA LEU B 2548 66.17 72.88 -13.29
C LEU B 2548 67.04 71.73 -13.78
N VAL B 2549 66.43 70.72 -14.39
CA VAL B 2549 67.17 69.58 -14.92
C VAL B 2549 66.66 69.36 -16.32
N PRO B 2550 67.51 68.78 -17.19
CA PRO B 2550 68.76 68.17 -16.81
C PRO B 2550 69.78 69.18 -16.33
N HIS B 2551 69.80 70.37 -16.94
CA HIS B 2551 70.87 71.32 -16.72
C HIS B 2551 70.82 71.86 -15.29
N GLY B 2552 71.44 71.18 -14.33
CA GLY B 2552 71.33 71.56 -12.92
C GLY B 2552 71.61 70.34 -12.07
N PHE B 2553 70.57 69.56 -11.80
CA PHE B 2553 70.73 68.18 -11.30
C PHE B 2553 70.46 67.15 -12.43
N SER B 2554 71.20 66.04 -12.42
CA SER B 2554 71.10 65.01 -13.48
C SER B 2554 69.70 64.42 -13.61
N LYS B 2555 69.07 64.12 -12.49
CA LYS B 2555 67.65 63.77 -12.48
C LYS B 2555 66.88 64.56 -11.42
N LYS B 2556 65.55 64.57 -11.52
CA LYS B 2556 64.71 65.20 -10.50
C LYS B 2556 64.79 64.44 -9.18
N TYR B 2557 65.36 65.08 -8.18
CA TYR B 2557 65.32 64.61 -6.80
C TYR B 2557 64.28 65.41 -6.01
N TYR B 2558 63.68 64.77 -5.02
CA TYR B 2558 62.69 65.44 -4.19
C TYR B 2558 63.26 65.69 -2.80
N PHE B 2559 63.28 66.96 -2.38
CA PHE B 2559 63.77 67.31 -1.04
C PHE B 2559 62.65 67.80 -0.14
N ASN B 2560 62.62 67.31 1.10
CA ASN B 2560 61.42 67.45 1.92
C ASN B 2560 61.67 68.22 3.16
N ASP B 2561 60.57 68.48 3.84
CA ASP B 2561 60.56 69.03 5.18
C ASP B 2561 61.22 68.05 6.15
N CYS B 2562 61.26 66.78 5.75
CA CYS B 2562 61.91 65.68 6.48
C CYS B 2562 63.42 65.80 6.42
N ASP B 2563 63.91 66.25 5.27
CA ASP B 2563 65.33 66.40 5.00
C ASP B 2563 65.90 67.59 5.77
N PHE B 2564 65.09 68.62 5.95
CA PHE B 2564 65.45 69.82 6.74
C PHE B 2564 65.48 69.46 8.21
N GLN B 2565 64.49 68.67 8.62
CA GLN B 2565 64.29 68.29 10.01
C GLN B 2565 65.43 67.41 10.50
N PHE B 2566 65.78 66.39 9.71
CA PHE B 2566 66.96 65.53 10.00
C PHE B 2566 68.28 66.28 9.94
N ALA B 2567 68.34 67.35 9.13
CA ALA B 2567 69.51 68.24 9.04
C ALA B 2567 69.66 69.12 10.27
N SER B 2568 68.54 69.73 10.67
CA SER B 2568 68.45 70.58 11.86
C SER B 2568 68.73 69.79 13.14
N VAL B 2569 68.23 68.56 13.20
CA VAL B 2569 68.48 67.65 14.33
C VAL B 2569 69.98 67.38 14.51
N TYR B 2570 70.69 67.12 13.40
CA TYR B 2570 72.14 66.95 13.46
C TYR B 2570 72.87 68.23 13.86
N LEU B 2571 72.33 69.38 13.45
CA LEU B 2571 72.91 70.66 13.82
C LEU B 2571 72.81 70.92 15.31
N GLU B 2572 71.63 70.67 15.88
CA GLU B 2572 71.44 70.80 17.32
C GLU B 2572 72.39 69.89 18.10
N ASN B 2573 72.55 68.66 17.60
CA ASN B 2573 73.44 67.66 18.18
C ASN B 2573 74.92 68.09 18.16
N VAL B 2574 75.40 68.63 17.04
CA VAL B 2574 76.79 69.10 16.93
C VAL B 2574 77.08 70.30 17.83
N LEU B 2575 76.09 71.18 17.99
CA LEU B 2575 76.26 72.33 18.87
C LEU B 2575 76.23 71.90 20.35
N ALA B 2576 75.37 70.93 20.66
CA ALA B 2576 75.26 70.38 22.01
C ALA B 2576 76.51 69.59 22.45
N THR B 2577 77.20 68.94 21.51
CA THR B 2577 78.38 68.11 21.81
C THR B 2577 79.73 68.83 21.63
N ASN B 2578 79.74 69.89 20.83
CA ASN B 2578 80.97 70.67 20.62
C ASN B 2578 80.99 72.02 21.32
N SER B 2579 82.16 72.68 21.30
CA SER B 2579 82.31 74.05 21.80
C SER B 2579 81.70 75.02 20.79
N THR B 2580 81.36 76.24 21.20
CA THR B 2580 80.69 77.16 20.27
C THR B 2580 81.67 77.77 19.28
N ASN B 2581 82.96 77.47 19.42
CA ASN B 2581 83.94 77.84 18.39
C ASN B 2581 83.44 77.42 17.00
N ASN B 2582 83.59 78.32 16.05
CA ASN B 2582 83.06 78.11 14.70
C ASN B 2582 83.58 76.84 14.03
N ILE B 2583 84.84 76.48 14.23
CA ILE B 2583 85.46 75.43 13.39
C ILE B 2583 84.86 73.97 13.35
N PRO B 2584 83.81 73.64 14.15
CA PRO B 2584 83.19 72.29 13.98
C PRO B 2584 82.66 71.98 12.54
N TRP B 2585 82.70 73.00 11.68
CA TRP B 2585 82.11 73.05 10.31
C TRP B 2585 82.49 71.96 9.30
N ALA B 2586 83.62 71.28 9.53
CA ALA B 2586 84.13 70.25 8.62
C ALA B 2586 83.21 69.04 8.53
N GLN B 2587 82.84 68.47 9.68
CA GLN B 2587 81.97 67.30 9.71
C GLN B 2587 80.48 67.62 9.60
N VAL B 2588 80.16 68.91 9.67
CA VAL B 2588 78.80 69.39 9.42
C VAL B 2588 78.45 69.24 7.94
N ARG B 2589 79.41 69.60 7.09
CA ARG B 2589 79.27 69.50 5.65
C ARG B 2589 79.19 68.06 5.21
N ASP B 2590 80.12 67.23 5.66
CA ASP B 2590 80.14 65.81 5.30
C ASP B 2590 78.84 65.10 5.57
N HIS B 2591 78.29 65.26 6.77
CA HIS B 2591 77.07 64.54 7.16
C HIS B 2591 75.83 65.11 6.46
N ILE B 2592 75.78 66.43 6.23
CA ILE B 2592 74.67 67.03 5.48
C ILE B 2592 74.72 66.63 4.00
N ALA B 2593 75.91 66.71 3.39
CA ALA B 2593 76.10 66.42 1.95
C ALA B 2593 76.15 64.95 1.55
N THR B 2594 76.34 64.04 2.51
CA THR B 2594 76.46 62.60 2.18
C THR B 2594 75.42 61.68 2.83
N ILE B 2595 74.90 62.03 4.01
CA ILE B 2595 73.85 61.22 4.67
C ILE B 2595 72.45 61.86 4.64
N VAL B 2596 72.38 63.13 5.03
CA VAL B 2596 71.09 63.81 5.20
C VAL B 2596 70.45 64.12 3.84
N TYR B 2597 71.23 64.70 2.95
CA TYR B 2597 70.75 65.08 1.63
C TYR B 2597 71.32 64.20 0.52
N GLY B 2598 72.61 63.82 0.63
CA GLY B 2598 73.26 62.90 -0.31
C GLY B 2598 72.78 61.46 -0.22
N GLY B 2599 71.79 61.23 0.64
CA GLY B 2599 71.23 59.92 0.89
C GLY B 2599 70.50 59.36 -0.30
N LYS B 2600 69.56 60.13 -0.80
CA LYS B 2600 68.78 59.80 -1.98
C LYS B 2600 69.63 59.80 -3.25
N ILE B 2601 70.62 60.70 -3.29
CA ILE B 2601 71.49 60.82 -4.44
C ILE B 2601 72.19 59.49 -4.71
N ASP B 2602 72.12 59.04 -5.97
CA ASP B 2602 72.81 57.83 -6.44
C ASP B 2602 73.91 58.13 -7.46
N GLU B 2603 73.69 59.15 -8.31
CA GLU B 2603 74.67 59.57 -9.33
C GLU B 2603 75.77 60.37 -8.72
N GLU B 2604 77.02 60.04 -9.05
CA GLU B 2604 78.17 60.72 -8.47
C GLU B 2604 78.24 62.18 -8.89
N LYS B 2605 77.81 62.44 -10.13
CA LYS B 2605 77.72 63.77 -10.72
C LYS B 2605 77.02 64.76 -9.78
N ASP B 2606 75.83 64.36 -9.33
CA ASP B 2606 74.96 65.20 -8.49
C ASP B 2606 75.41 65.23 -7.05
N LEU B 2607 76.12 64.19 -6.62
CA LEU B 2607 76.62 64.12 -5.24
C LEU B 2607 77.67 65.17 -4.97
N GLU B 2608 78.42 65.52 -6.01
CA GLU B 2608 79.44 66.53 -5.96
C GLU B 2608 78.81 67.91 -5.84
N VAL B 2609 77.64 68.07 -6.49
CA VAL B 2609 76.89 69.34 -6.51
C VAL B 2609 76.33 69.71 -5.12
N VAL B 2610 75.82 68.70 -4.41
CA VAL B 2610 75.31 68.88 -3.06
C VAL B 2610 76.48 69.28 -2.18
N ALA B 2611 77.60 68.58 -2.36
CA ALA B 2611 78.82 68.87 -1.60
C ALA B 2611 79.37 70.27 -1.90
N LYS B 2612 79.50 70.62 -3.19
CA LYS B 2612 79.99 71.96 -3.55
C LYS B 2612 79.05 73.07 -3.06
N LEU B 2613 77.78 72.75 -2.86
CA LEU B 2613 76.85 73.71 -2.28
C LEU B 2613 77.12 73.84 -0.79
N CYS B 2614 77.43 72.72 -0.13
CA CYS B 2614 77.76 72.69 1.29
C CYS B 2614 79.04 73.44 1.59
N ALA B 2615 80.00 73.33 0.67
CA ALA B 2615 81.27 74.03 0.71
C ALA B 2615 81.09 75.54 0.85
N HIS B 2616 80.18 76.11 0.05
CA HIS B 2616 79.80 77.54 0.08
C HIS B 2616 78.82 77.92 1.20
N VAL B 2617 77.75 77.14 1.41
CA VAL B 2617 76.72 77.45 2.42
C VAL B 2617 77.23 77.36 3.85
N PHE B 2618 78.00 76.32 4.17
CA PHE B 2618 78.41 76.15 5.58
C PHE B 2618 79.75 76.78 5.99
N CYS B 2619 80.86 76.35 5.37
CA CYS B 2619 82.14 76.93 5.74
C CYS B 2619 82.22 78.38 5.33
N GLY B 2620 82.45 79.21 6.32
CA GLY B 2620 82.58 80.64 6.11
C GLY B 2620 83.24 81.24 7.32
N SER B 2621 83.86 82.38 7.10
CA SER B 2621 84.44 83.18 8.15
C SER B 2621 83.98 84.62 8.03
N ASP B 2622 83.23 85.09 9.02
CA ASP B 2622 82.83 86.50 9.16
C ASP B 2622 81.76 86.94 8.17
N ASN B 2623 82.02 86.70 6.88
CA ASN B 2623 81.04 86.96 5.83
C ASN B 2623 80.84 85.74 4.97
N LEU B 2624 79.58 85.43 4.70
CA LEU B 2624 79.23 84.26 3.92
C LEU B 2624 78.80 84.63 2.51
N GLN B 2625 78.00 85.69 2.39
CA GLN B 2625 77.48 86.14 1.09
C GLN B 2625 76.70 85.05 0.32
N ILE B 2626 75.71 84.42 0.98
CA ILE B 2626 75.03 83.26 0.39
C ILE B 2626 74.76 83.49 -1.07
N VAL B 2627 74.17 84.66 -1.32
CA VAL B 2627 73.83 85.11 -2.67
C VAL B 2627 74.69 86.32 -3.00
N PRO B 2628 74.77 86.69 -4.30
CA PRO B 2628 75.48 87.92 -4.65
C PRO B 2628 74.94 89.13 -3.88
N GLY B 2629 73.62 89.24 -3.78
CA GLY B 2629 72.99 90.37 -3.11
C GLY B 2629 73.16 90.46 -1.59
N VAL B 2630 73.15 89.32 -0.91
CA VAL B 2630 73.04 89.30 0.55
C VAL B 2630 74.25 88.70 1.25
N ARG B 2631 74.73 89.41 2.26
CA ARG B 2631 75.80 88.95 3.13
C ARG B 2631 75.26 88.68 4.52
N ILE B 2632 75.62 87.54 5.09
CA ILE B 2632 75.20 87.18 6.45
C ILE B 2632 76.42 87.10 7.39
N PRO B 2633 76.45 87.99 8.39
CA PRO B 2633 77.55 87.97 9.34
C PRO B 2633 77.30 87.01 10.50
N GLN B 2634 78.41 86.47 11.03
CA GLN B 2634 78.40 85.55 12.18
C GLN B 2634 77.87 86.22 13.45
N PRO B 2635 77.30 85.43 14.38
CA PRO B 2635 76.72 86.00 15.60
C PRO B 2635 77.65 86.95 16.37
N LEU B 2636 77.12 88.11 16.74
CA LEU B 2636 77.90 89.16 17.41
C LEU B 2636 78.05 88.92 18.90
N LEU B 2637 78.98 89.64 19.52
CA LEU B 2637 79.27 89.45 20.95
C LEU B 2637 78.10 89.83 21.86
N GLN B 2638 77.22 90.70 21.36
CA GLN B 2638 75.98 91.06 22.06
C GLN B 2638 75.24 89.82 22.53
N GLN B 2639 75.13 88.83 21.65
CA GLN B 2639 74.62 87.50 22.04
C GLN B 2639 73.14 87.44 22.49
N SER B 2640 72.32 88.32 21.92
CA SER B 2640 70.88 88.27 22.15
C SER B 2640 70.21 87.31 21.15
N GLU B 2641 69.44 86.34 21.67
CA GLU B 2641 68.75 85.36 20.79
C GLU B 2641 67.48 85.91 20.15
N GLU B 2642 66.84 86.83 20.87
CA GLU B 2642 65.64 87.54 20.44
C GLU B 2642 65.97 88.50 19.27
N GLU B 2643 67.06 89.24 19.44
CA GLU B 2643 67.55 90.27 18.49
C GLU B 2643 68.10 89.64 17.20
N GLU B 2644 68.78 88.49 17.34
CA GLU B 2644 69.40 87.83 16.21
C GLU B 2644 68.34 87.29 15.24
N ARG B 2645 67.23 86.77 15.79
CA ARG B 2645 66.05 86.39 14.98
C ARG B 2645 65.59 87.58 14.13
N ALA B 2646 65.36 88.72 14.82
CA ALA B 2646 64.93 89.97 14.19
C ALA B 2646 65.94 90.54 13.19
N ARG B 2647 67.23 90.31 13.48
CA ARG B 2647 68.33 90.71 12.59
C ARG B 2647 68.34 89.88 11.30
N LEU B 2648 68.21 88.56 11.47
CA LEU B 2648 68.20 87.63 10.36
C LEU B 2648 66.89 87.71 9.57
N THR B 2649 65.80 88.14 10.21
CA THR B 2649 64.57 88.40 9.47
C THR B 2649 64.75 89.67 8.63
N ALA B 2650 65.46 90.64 9.19
CA ALA B 2650 65.67 91.94 8.57
C ALA B 2650 66.49 91.85 7.29
N ILE B 2651 67.45 90.92 7.26
CA ILE B 2651 68.30 90.76 6.11
C ILE B 2651 67.52 90.21 4.88
N LEU B 2652 66.48 89.44 5.16
CA LEU B 2652 65.56 88.95 4.12
C LEU B 2652 64.70 90.10 3.56
N SER B 2653 64.17 90.92 4.47
CA SER B 2653 63.29 92.03 4.10
C SER B 2653 64.00 93.13 3.32
N ASN B 2654 65.32 93.25 3.52
CA ASN B 2654 66.17 94.18 2.79
C ASN B 2654 66.34 93.84 1.32
N THR B 2655 66.48 92.53 1.06
CA THR B 2655 66.86 92.05 -0.26
C THR B 2655 65.69 91.85 -1.23
N ILE B 2656 65.99 92.02 -2.51
CA ILE B 2656 65.03 91.92 -3.61
C ILE B 2656 65.58 90.93 -4.64
N GLU B 2657 64.78 89.90 -4.96
CA GLU B 2657 65.21 88.82 -5.86
C GLU B 2657 65.44 89.35 -7.27
N PRO B 2658 66.64 89.12 -7.84
CA PRO B 2658 66.86 89.59 -9.20
C PRO B 2658 66.04 88.77 -10.23
N ALA B 2659 66.03 89.22 -11.48
CA ALA B 2659 65.34 88.46 -12.51
C ALA B 2659 66.18 87.25 -12.92
N ASP B 2660 67.50 87.38 -12.85
CA ASP B 2660 68.44 86.31 -13.21
C ASP B 2660 68.72 85.31 -12.07
N SER B 2661 67.86 85.32 -11.05
CA SER B 2661 68.13 84.62 -9.81
C SER B 2661 68.59 83.17 -10.00
N LEU B 2662 68.00 82.46 -10.94
CA LEU B 2662 68.34 81.06 -11.11
C LEU B 2662 69.79 80.85 -11.56
N SER B 2663 70.40 81.89 -12.15
CA SER B 2663 71.82 81.83 -12.54
C SER B 2663 72.72 82.59 -11.59
N SER B 2664 72.20 83.65 -10.99
CA SER B 2664 72.96 84.48 -10.05
C SER B 2664 73.03 83.83 -8.68
N TRP B 2665 71.88 83.46 -8.13
CA TRP B 2665 71.79 82.91 -6.77
C TRP B 2665 72.24 81.45 -6.70
N LEU B 2666 71.68 80.59 -7.56
CA LEU B 2666 72.18 79.22 -7.72
C LEU B 2666 73.41 79.35 -8.63
N GLN B 2667 74.58 79.01 -8.11
CA GLN B 2667 75.83 79.44 -8.77
C GLN B 2667 76.11 78.91 -10.19
N LEU B 2668 75.19 78.13 -10.75
CA LEU B 2668 75.29 77.65 -12.13
C LEU B 2668 75.19 78.78 -13.21
N PRO B 2669 75.84 78.60 -14.39
CA PRO B 2669 75.87 79.70 -15.38
C PRO B 2669 74.55 79.99 -16.09
N ARG B 2670 74.50 81.18 -16.71
CA ARG B 2670 73.31 81.68 -17.42
C ARG B 2670 73.04 80.90 -18.71
N GLU B 2671 74.13 80.42 -19.31
CA GLU B 2671 74.12 79.58 -20.50
C GLU B 2671 73.28 78.32 -20.27
N SER B 2672 73.35 77.78 -19.06
CA SER B 2672 72.60 76.58 -18.64
C SER B 2672 71.10 76.85 -18.57
N ILE B 2673 70.76 77.99 -17.98
CA ILE B 2673 69.36 78.44 -17.85
C ILE B 2673 68.67 78.55 -19.20
N LEU B 2674 69.33 79.19 -20.15
CA LEU B 2674 68.81 79.36 -21.48
C LEU B 2674 68.71 78.01 -22.25
N ASN B 2675 69.69 77.13 -22.06
CA ASN B 2675 69.64 75.76 -22.61
C ASN B 2675 68.37 75.05 -22.14
N TYR B 2676 68.04 75.22 -20.87
CA TYR B 2676 66.85 74.65 -20.25
C TYR B 2676 65.56 75.27 -20.80
N GLU B 2677 65.55 76.59 -20.93
CA GLU B 2677 64.42 77.30 -21.52
C GLU B 2677 64.14 76.84 -22.96
N ARG B 2678 65.22 76.61 -23.72
CA ARG B 2678 65.16 76.07 -25.08
C ARG B 2678 64.50 74.68 -25.11
N LEU B 2679 64.84 73.84 -24.15
CA LEU B 2679 64.34 72.46 -24.09
C LEU B 2679 62.84 72.37 -23.79
N GLN B 2680 62.36 73.19 -22.86
CA GLN B 2680 60.93 73.18 -22.56
C GLN B 2680 60.10 73.81 -23.68
N ALA B 2681 60.77 74.64 -24.47
CA ALA B 2681 60.18 75.17 -25.69
C ALA B 2681 60.04 74.01 -26.72
N LYS B 2682 61.14 73.29 -26.93
CA LYS B 2682 61.21 72.12 -27.81
C LYS B 2682 60.14 71.07 -27.46
N GLU B 2683 59.87 70.88 -26.16
CA GLU B 2683 58.87 69.91 -25.70
C GLU B 2683 57.45 70.32 -26.06
N VAL B 2684 57.18 71.63 -26.00
CA VAL B 2684 55.87 72.17 -26.33
C VAL B 2684 55.68 72.18 -27.85
N ALA B 2685 56.68 72.69 -28.56
CA ALA B 2685 56.72 72.74 -30.02
C ALA B 2685 56.64 71.36 -30.70
N SER B 2686 57.32 70.36 -30.12
CA SER B 2686 57.27 68.99 -30.65
C SER B 2686 55.88 68.40 -30.53
N SER B 2687 55.38 68.39 -29.29
CA SER B 2687 54.11 67.77 -28.96
C SER B 2687 52.95 68.38 -29.73
N THR B 2688 53.11 69.62 -30.17
CA THR B 2688 52.07 70.31 -30.95
C THR B 2688 52.07 69.84 -32.39
N GLU B 2689 53.25 69.83 -33.02
CA GLU B 2689 53.38 69.34 -34.39
C GLU B 2689 52.86 67.92 -34.52
N GLN B 2690 53.20 67.12 -33.50
CA GLN B 2690 52.79 65.75 -33.37
C GLN B 2690 51.26 65.67 -33.35
N LEU B 2691 50.64 66.55 -32.57
CA LEU B 2691 49.18 66.62 -32.44
C LEU B 2691 48.43 67.03 -33.70
N LEU B 2692 48.94 68.03 -34.42
CA LEU B 2692 48.33 68.54 -35.65
C LEU B 2692 48.30 67.46 -36.75
N GLN B 2693 49.44 66.80 -36.93
CA GLN B 2693 49.58 65.74 -37.92
C GLN B 2693 48.78 64.47 -37.60
N GLU B 2694 48.56 64.21 -36.31
CA GLU B 2694 47.76 63.05 -35.86
C GLU B 2694 46.28 63.16 -36.20
N MET B 2695 45.81 64.38 -36.48
CA MET B 2695 44.40 64.61 -36.85
C MET B 2695 44.21 65.16 -38.29
PG ATP C . -83.98 -34.06 12.69
O1G ATP C . -83.77 -34.59 14.12
O2G ATP C . -82.94 -34.60 11.80
O3G ATP C . -84.11 -32.56 12.55
PB ATP C . -86.66 -34.37 13.17
O1B ATP C . -86.55 -32.95 13.74
O2B ATP C . -86.91 -35.47 14.22
O3B ATP C . -85.35 -34.69 12.26
PA ATP C . -88.64 -33.09 11.72
O1A ATP C . -89.52 -32.72 12.84
O2A ATP C . -87.58 -32.09 11.23
O3A ATP C . -87.90 -34.47 12.15
O5' ATP C . -89.59 -33.21 10.46
C5' ATP C . -90.72 -34.01 10.61
C4' ATP C . -91.03 -34.90 9.40
O4' ATP C . -91.86 -36.00 9.83
C3' ATP C . -91.84 -34.11 8.37
O3' ATP C . -91.21 -33.95 7.14
C2' ATP C . -93.09 -34.89 8.14
O2' ATP C . -93.12 -35.60 6.90
C1' ATP C . -93.15 -35.94 9.21
N9 ATP C . -94.28 -35.61 10.14
C8 ATP C . -94.20 -35.10 11.38
N7 ATP C . -95.41 -34.93 11.93
C5 ATP C . -96.30 -35.36 11.07
C6 ATP C . -97.75 -35.51 11.05
N6 ATP C . -98.50 -35.14 12.10
N1 ATP C . -98.32 -36.01 9.92
C2 ATP C . -97.60 -36.40 8.86
N3 ATP C . -96.26 -36.32 8.84
C4 ATP C . -95.57 -35.79 9.88
S SO4 D . -66.01 -46.30 -8.09
O1 SO4 D . -65.46 -47.45 -7.34
O2 SO4 D . -66.89 -45.43 -7.23
O3 SO4 D . -66.74 -46.84 -9.25
O4 SO4 D . -64.88 -45.52 -8.65
S SO4 E . -32.68 -46.11 1.88
O1 SO4 E . -31.60 -46.45 2.82
O2 SO4 E . -33.60 -45.26 2.70
O3 SO4 E . -33.27 -47.41 1.48
O4 SO4 E . -32.24 -45.33 0.66
S SO4 F . -68.40 -23.35 45.07
O1 SO4 F . -67.61 -23.92 43.96
O2 SO4 F . -69.07 -24.50 45.70
O3 SO4 F . -69.44 -22.42 44.57
O4 SO4 F . -67.52 -22.68 46.07
MG MG G . -85.38 -31.67 11.53
PG ATP H . 81.32 19.64 -29.87
O1G ATP H . 81.34 21.07 -29.39
O2G ATP H . 80.24 19.36 -30.88
O3G ATP H . 81.41 18.60 -28.76
PB ATP H . 84.10 19.70 -29.88
O1B ATP H . 83.98 19.16 -28.47
O2B ATP H . 84.59 21.10 -30.10
O3B ATP H . 82.70 19.52 -30.67
PA ATP H . 85.68 17.37 -30.07
O1A ATP H . 86.72 17.74 -29.08
O2A ATP H . 84.52 16.53 -29.63
O3A ATP H . 85.08 18.72 -30.70
O5' ATP H . 86.31 16.70 -31.38
C5' ATP H . 87.69 16.85 -31.62
C4' ATP H . 87.98 16.59 -33.10
O4' ATP H . 89.05 17.45 -33.53
C3' ATP H . 88.41 15.14 -33.35
O3' ATP H . 87.51 14.53 -34.29
C2' ATP H . 89.79 15.19 -33.95
O2' ATP H . 89.76 14.68 -35.28
C1' ATP H . 90.15 16.67 -34.01
N9 ATP H . 91.37 16.91 -33.21
C8 ATP H . 91.43 17.50 -32.00
N7 ATP H . 92.70 17.60 -31.55
C5 ATP H . 93.49 17.08 -32.50
C6 ATP H . 94.93 16.86 -32.68
N6 ATP H . 95.79 17.26 -31.71
N1 ATP H . 95.34 16.27 -33.83
C2 ATP H . 94.48 15.89 -34.79
N3 ATP H . 93.16 16.06 -34.69
C4 ATP H . 92.61 16.63 -33.59
S SO4 I . 30.78 28.44 -45.02
O1 SO4 I . 31.77 27.81 -44.09
O2 SO4 I . 30.32 29.66 -44.33
O3 SO4 I . 29.59 27.58 -45.29
O4 SO4 I . 31.50 28.78 -46.27
S SO4 J . 61.04 14.66 -51.62
O1 SO4 J . 61.62 14.78 -52.99
O2 SO4 J . 62.07 14.22 -50.65
O3 SO4 J . 59.90 13.71 -51.64
O4 SO4 J . 60.58 16.00 -51.18
S SO4 K . 72.22 42.10 -1.94
O1 SO4 K . 71.09 41.92 -2.86
O2 SO4 K . 73.11 43.16 -2.47
O3 SO4 K . 73.00 40.85 -1.80
O4 SO4 K . 71.68 42.45 -0.62
MG MG L . 81.99 17.10 -27.77
#